data_7XN7
#
_entry.id   7XN7
#
_cell.length_a   1.00
_cell.length_b   1.00
_cell.length_c   1.00
_cell.angle_alpha   90.00
_cell.angle_beta   90.00
_cell.angle_gamma   90.00
#
_symmetry.space_group_name_H-M   'P 1'
#
loop_
_entity.id
_entity.type
_entity.pdbx_description
1 polymer 'DNA-directed RNA polymerase subunit'
2 polymer 'DNA-directed RNA polymerase subunit beta'
3 polymer 'RNA polymerase II third largest subunit B44, part of central core'
4 polymer 'RNA polymerase II subunit B32'
5 polymer 'DNA-directed RNA polymerases I, II, and III subunit RPABC1'
6 polymer 'RNA polymerase subunit ABC23, common to RNA polymerases I, II, and III'
7 polymer 'RNA polymerase II subunit'
8 polymer 'DNA-directed RNA polymerases I, II, and III subunit RPABC3'
9 polymer 'DNA-directed RNA polymerase subunit'
10 polymer 'RNA polymerase subunit ABC10-beta, common to RNA polymerases I, II, and III'
11 polymer 'RNA polymerase II subunit B12.5'
12 polymer 'RNA polymerase subunit ABC10-alpha'
13 polymer 'Transcription elongation factor 1 homolog'
14 polymer 'DNA (198-mer)'
15 polymer "RNA (5'-R(P*AP*AP*GP*CP*CP*UP*GP*GP*UP*GP*UP*CP*UP*UP*GP*GP*GP*UP*G)-3')"
16 polymer 'DNA (198-mer)'
17 polymer 'Transcription elongation factor SPT4'
18 polymer 'Chromatin elongation factor SPT5'
19 polymer 'Transcription elongation factor Spt6'
20 polymer 'Protein that interacts with Spt6p and copurifies with Spt5p and RNA polymerase II'
21 polymer 'Component of the Paf1p complex'
22 polymer 'RNAPII-associated chromatin remodeling Paf1 complex subunit'
23 polymer Leo1
24 polymer 'RNAP II-associated protein'
25 polymer 'Constituent of Paf1 complex with RNA polymerase II, Paf1p, Hpr1p, Ctr9, Leo1, Rtf1 and Ccr4p'
26 non-polymer 'ZINC ION'
27 non-polymer 'MAGNESIUM ION'
#
loop_
_entity_poly.entity_id
_entity_poly.type
_entity_poly.pdbx_seq_one_letter_code
_entity_poly.pdbx_strand_id
1 'polypeptide(L)'
;MSQFPYSSAPLRSVKEVQFGLLSPEEIRAISVVKIEYPEIMDESRQRPREGGLNDPKLGSIDRNFKCQTCGEGMAECPGH
FGHMELAKPVFHIGFIPKIKKVCECICMNCGKLLLDETNPTMAQAIRIRDPKKRFNAVWQLCKTKMVCEADAPVDEYSEQ
KVVSRGGCGNTQPVVRKDGMKLWGTWKKSGFSDRDAQPERKLLTPGEILNVFKHISPEDCFRLGFNEDYARPEWMIITVL
PVPPPQVRPSIAMDETTQGQDDLTHKLSDILKANINVQKLEMDGSPQHIINEVEQLLQFHVATYMDNDIAGQPQALQKSG
RPVKAIRARLKGKEGRLRGNLMGKRVDFSARTVISGDPNLELDQVGVPISIAKTLSYPETVTQYNIHRLTEYVRNGPNEH
PGAKYVIRDNGDRIDLRYHKRAGDIVLQYGWKVERHLMDDDPVLFNRQPSLHKMSMMAHRVKVMPYSTFRLNLSVTSPYN
ADFDGDEMNLHVPQSEETRAELSQLCAVPLQIVSPQSNKPVMGIVQDTLCGVRKMTLRDTFIEYEQVMNMLFWVPSWDGV
VPQPAILKPKPLWTGKQLLSIAIPSGIHLQRTDGGNSLLSPKDNGMLIVDGKVMFGVVDKKTVGSGGGGLIHTVMREKGP
KICAELFGNIQKVVNYWLLHNGFSIGIGDAIADASTMKEITHAISSAKEQVQEIIYKAQHNELELKPGMTLRESFEGEVS
RTLNDARDSAGRSAEMNLKDLNNVKQMVSAGSKGSFINIAQMSACVGQQMVEGKRIAFGFADRSLPHFTKDDFSPESKGF
VENSYLRGLTPQEFFFHAMAGREGLIDTAVKTAETGYIQRRLVKALEDIMVHYDGTTRNSLGDIIQFLYGEDGLDGTQVE
RQTIDTIPGSDKAFHKRYYVDLMDEKNSIKPDVIEYAADILGDVELQKELNSEYEQLVSDRKFLREIVFVNGDHNWPLPV
NLRRIIQNAQQIFHLDRAKASDLTIPEIIHGVRDLCKKLFVLRGENELIKEAQQNATSLFQCLVRARLATRRILEEFRLN
RDAFEWVLGTIEAQFQRSLVHPGEMVGVIAAQSIGEPATQMTLNTFHYAGVSSKNVTLGVPRLKEILNVAKNIKTPALTV
YLDREIALDIEKAKVIQSSIEYTTLKNVTSATEIYYDPDPTSTVIEEDFDTVEAYFSIPDEKVEETIDKQSPWLLRLELD
RARMLDKQLTMNQVADKISEVFSDDLFVMWSEDNADKLIIRCRVIRDPKAMDEELEAEEDQMLKRIEAHMLDLIALRGIP
GISKVYMVKHKVSVPDESGEYKNEELWALETDGINLAEVMAVPGVDSSRTYSNSFVEILSVLGIEATRSSLYKEILNVIA
FDGSYVNYRHMALLVDVMTSRGYLMAITRHGINRADTGALMRCSFEETVEILFEAGAAAELDDCRGVSENVMLGQLAPMG
TGAFDVMIDEKLLTSLPADYAPTMPLFKGKATQGSATPYDNNAQYDDEFNHDDVADVMFSPMAETGSGDDRSGGLTEYAG
IQSPYQPTSPGLSATSPGFAPTSPGFAPTSPRYSPTSPGYSPTSPSYSPTSPSYSPTSPSYSPTSPSYSPTSPSYSPTSP
SYSPTSPSYSPTSPSYSPTSPSYSPTSPQYSPTSPQYSPTSPQYSPTSPQYSPTSPQYSPTSPQYSPTSPQYSPTSPQYS
PTSPQYSPTSPQYSPTSPQYSPTSPQYSPTSPQYSPTSPQYSPASPQYSPSRHSPNGESKEGE
;
A
2 'polypeptide(L)'
;MSYDPYSIDDTITTEDCWTVISAFFEEKGLVSQQLDSFDEFMETSIQDLVWEEPRLILDQPAQHTNEKDNINKRYEIRFG
KIYLSRPTMTEADGTTHAMFPQEARLRNLTYSSPVYLDMEKSMFTSIDDEGNPNATLDWQQVHEPIKDGVEEGNKVHIGK
VPIMLRSKFCSLRTLDEVDLYKMKECPYDMGGYFVINGSEKVLIAQERSAANIVQVFKKAAPSPISHVAEIRSALEKGSR
LISTMQIKLYGREDKGTGRTIKATLPYVKQDIPIVIVFRALGVVPDGEILQHICYDENDWQMLEMLKPCIEEGFVIQDKE
VALDFIGRRGSAALGIRREKRIQYAKDILQKELLPHITQEEGFETRKTFFLGYMVNRLLLCALERKDQDDRDHFGKKRLD
LAGPLLANLFRILFRKLTREIYRYMQRCIETDRDFNLNLAVKSTTITSGLKYSLATGNWGEQKKAMSSRAGVSQVLNRYT
YSSTLSHLRRTNTPIGRDGKLAKPRQLHNTHWGLVCPAETPEGQACGLVKNLSLLSGISIGSPSEPIINFLEEWGMEPLE
DYDPAQHTKSTRIFVNGVWTGIHRDPSMLVSTMRDLRRSGAISPEVSIIRDIREREFKIFTDVGRVYRPLFIVEDDESKD
NKGELRITKEHIRKIQQGYDDDAMNDDSEEQEQDVYGWSSLVTSGVIEYVDGEEEETIMIAMTPEDLQTRSLEQKEIDLN
DTAKRIKPEMSTSSHHTFTHCEIHPSMILGVAASIIPFPDHNQSPRNTYQSAMGKQAMGVFLTNYNVRMDTMANILYYPQ
KPLAKTQAMEYLKFRELPAGQNAIVAIACYSGYNQEDSMIMNQSSIDRGLFRSLFFRSYMDQEKRFGISIVEEFEKPTRA
TTLRLKHGTYEKLDEDGLIAPGVRVSGDDIIIGKTTPIPPDTEELGQRTKYHTKRDASTPLRSTENGIVDQVLLTTNQEG
LKFVKVRMRTTKVPQIGDKFASRHGQKGTIGVTYRHEDMPFSAEGIVPDLIINPHAIPSRMTVAHLIECLLSKVGSIRGY
EGDATPFTDLTVDAVSNLLRDNGYQSRGFEVMYNGHTGKKLMAQVFFGPTYYQRLRHMVDDKIHARARGPVQVLTRQPVE
GRSRDGGLRFGEMERDCMIAHGAAGFLKERLMEASDAFRVHVCGICGLMSVIANLKKNQFECRSCKNKTNIYQLHIPYAA
KLLFQELMAMNIAPRLYTERSGVSMRS
;
B
3 'polypeptide(L)'
;MSKEPKVNIINAQDDEVELMLSDVNLSLANSLRRTMLAEVPTLAIDLVEIKMNTSVLADEFISHRLGLIPLVSEDVEEMK
YSRDCTCEDYCDECSVVLELSARHEGEEGTTDVYSSSLIKVSGPGNLNVGEPVRRDDYDQGILLCKLRNHQELNIRCIAK
KGIAKEHAKWSPCSAIAFEYDPHNKLKHTDFWFEVDAKKEWPDSKYATWEEPPKPGEVFDYKAKPNRFYMTVETTGSLKA
NQVFSRGIKTLQEKLANVLFELENSRPANTTAYGGATAYGGQTVYGRETSYGGNTNYGDYNAPY
;
C
4 'polypeptide(L)'
;MNVSTSTVGARRRRAKQQVDDEENATLLRLGPEFALKQYDHDGNEHDLIALSLSESRLLIREALKARSRARNGGVDIESS
NGEIDDDELAKVTSGAVANGVVKKTLDYLNTFARFKDEETCTAVDQLLHNSSDCSVLHPFEIAQLSSLGCEDVDEAITLI
PSLAAKKEVNLQRILDELNRLEDPYK
;
D
5 'polypeptide(L)'
;MEDNNRIISRLWRSFRTVKEMAADRGYFISQEEMDQSLEEFRSKICDSMGNPQRKLMSFLANPTPEALEKYSDLGTLWVE
FCDEPSVGIKTMRNFCLRIQEKNFSTGIFIYQNNITPSANKMIPTVSPAIIETFQESDLVVNITHHELVPKHIRLSDGEK
SQLLQRYKLKESQLPRIQREDPVARYLGLKRGQVVKIIRRSETSGRYASYRICL
;
E
6 'polypeptide(L)'
;MSEDEAFNEQTENFENFEDEHFSDDNFEDRSTQPEDYAVGVTADGRQIINGDGIQEVNGTIKAHRKRSNKELAILKEERT
TTPYLTKYERARILGTRALQISMNAPVLVDIEGETDPLQIAMKELSQRKIPLVIRRYLPDGSYEDWGCDELIVDN
;
F
7 'polypeptide(L)'
;MFFLKDLSLILTLHPSYFGPQMNQYLREKLLTDVEGTCTGQFGYIVTVLDGMNIDVGKGRIIPGSGSAEFEVKYRAVVWK
PFKGEVVDAIVSNVSPIGFFADVGPLNVFVSTRLIPDNLVYNPSNSPPAYMSNDELITKGSKVRLKVVGTRTDVNEIYAI
GSIKEDFLGAI
;
G
8 'polypeptide(L)'
;MSSALFDDIFTVQTVDNGRYNKVSRIIGISTTNSAIKLTLDINNEMFPVSQDDSLTVTLANSLSLDGEDESANFSKSWRP
PKPTDKSLADDYDYVMFGTVYKFEEGDEDKIKVYVSFGGLLMCLEGGYKSLASLKQDNLYILIRR
;
H
9 'polypeptide(L)'
;MASFRFCLECNNMLYPKEDKENQRLLYSCRNCDYTELAEDPKVYRHELITNIGETAGIVDDIGQDPTLPRSDKECPECHS
RDCVFFQSQQRRKDTNMTLFYVCLNCKKTFRDESE
;
I
10 'polypeptide(L)' MIIPVRCFSCGKVVGDKWDAYLRLLEEGKQEGDALDELKLKRYCCRRMVLTHVDLIEKFLRYNPLEKKDFDS J
11 'polypeptide(L)'
;MNAPDRFELFILPDDVPKLKITPDSRVPNCIIIKFEREDHTLANLLREELALYPDVTFVAYKVEHPLFANFVMRLQTEEG
TRPKQALERACASIINKLKTLDHKFNEEWNIKNFSLND
;
K
12 'polypeptide(L)' MSREGFVAPSGTDLAAAASGVAPNKHYGVKYTCGACAHNFSLNKSDPVRCKECGHRVIYKARTKRMIQFDAR L
13 'polypeptide(L)'
;GPGMGKRKSSARKPAPKIKQKLETQFTCLFCNHDNSVVCTLDKKNSIGLLECKKCNLSFQAPINSLSQPIDIYSDWIDAC
EAVAEENADVNGDNFIENDGADREQDDDYDDEF
;
M
14 'polydeoxyribonucleotide'
;(DG)(DC)(DT)(DT)(DA)(DC)(DG)(DT)(DC)(DA)(DG)(DT)(DC)(DT)(DG)(DG)(DC)(DC)(DA)(DT)
(DC)(DT)(DT)(DT)(DG)(DT)(DG)(DT)(DT)(DT)(DG)(DG)(DT)(DG)(DT)(DG)(DT)(DT)(DT)(DG)
(DG)(DG)(DT)(DG)(DG)(DT)(DG)(DG)(DC)(DC)(DG)(DT)(DT)(DT)(DT)(DC)(DG)(DT)(DT)(DG)
(DT)(DT)(DT)(DT)(DT)(DT)(DT)(DC)(DT)(DG)(DT)(DC)(DT)(DC)(DG)(DT)(DG)(DC)(DC)(DT)
(DG)(DG)(DT)(DG)(DT)(DC)(DT)(DT)(DG)(DG)(DG)(DT)(DG)(DT)(DA)(DA)(DT)(DC)(DC)(DC)
(DC)(DT)(DT)(DG)(DG)(DC)(DG)(DG)(DT)(DT)(DA)(DA)(DA)(DA)(DC)(DG)(DC)(DG)(DG)(DG)
(DG)(DG)(DA)(DC)(DA)(DG)(DC)(DG)(DC)(DG)(DT)(DA)(DC)(DG)(DT)(DG)(DC)(DG)(DT)(DT)
(DT)(DA)(DA)(DG)(DC)(DG)(DG)(DT)(DG)(DC)(DT)(DA)(DG)(DA)(DG)(DC)(DT)(DG)(DT)(DC)
(DT)(DA)(DC)(DG)(DA)(DC)(DC)(DA)(DA)(DT)(DT)(DG)(DA)(DG)(DC)(DG)(DG)(DC)(DC)(DT)
(DC)(DG)(DG)(DC)(DA)(DC)(DC)(DG)(DG)(DG)(DA)(DT)(DT)(DC)(DT)(DG)(DA)(DT)
;
N
15 'polyribonucleotide' UGCCUGGUGUCUUGGGUGU P
16 'polydeoxyribonucleotide'
;(DA)(DT)(DC)(DA)(DG)(DA)(DA)(DT)(DC)(DC)(DC)(DG)(DG)(DT)(DG)(DC)(DC)(DG)(DA)(DG)
(DG)(DC)(DC)(DG)(DC)(DT)(DC)(DA)(DA)(DT)(DT)(DG)(DG)(DT)(DC)(DG)(DT)(DA)(DG)(DA)
(DC)(DA)(DG)(DC)(DT)(DC)(DT)(DA)(DG)(DC)(DA)(DC)(DC)(DG)(DC)(DT)(DT)(DA)(DA)(DA)
(DC)(DG)(DC)(DA)(DC)(DG)(DT)(DA)(DC)(DG)(DC)(DG)(DC)(DT)(DG)(DT)(DC)(DC)(DC)(DC)
(DC)(DG)(DC)(DG)(DT)(DT)(DT)(DT)(DA)(DA)(DC)(DC)(DG)(DC)(DC)(DA)(DA)(DG)(DG)(DG)
(DG)(DA)(DT)(DT)(DA)(DC)(DA)(DC)(DC)(DC)(DA)(DA)(DG)(DA)(DC)(DA)(DC)(DC)(DA)(DG)
(DG)(DC)(DA)(DC)(DG)(DA)(DG)(DA)(DC)(DA)(DG)(DA)(DA)(DA)(DA)(DA)(DA)(DA)(DC)(DA)
(DA)(DC)(DG)(DA)(DA)(DA)(DA)(DC)(DG)(DG)(DC)(DC)(DA)(DC)(DC)(DA)(DC)(DC)(DC)(DA)
(DA)(DA)(DC)(DA)(DC)(DA)(DC)(DC)(DA)(DA)(DA)(DC)(DA)(DC)(DA)(DA)(DG)(DA)(DG)(DC)
(DT)(DA)(DA)(DT)(DT)(DG)(DA)(DC)(DT)(DG)(DA)(DC)(DG)(DT)(DA)(DA)(DG)(DC)
;
T
17 'polypeptide(L)'
;MRERACMLCGIVLPGRVFMQNGCPNCDSVLNLRDSDQATVNECTSSSFEGLVAVGDNEHSWVAKWLRVDRFQPGLYAVRV
DGRLPSDIVAALEQYGVYYRPRDGSVID
;
V
18 'polypeptide(L)'
;GPGMSETHKNQLDKVSTVSPDGPSEAVKEHSLQSKDLSKNDGQFIVPLDRNVIEQEEHKQVKSSAQAHNTTGDAADNEIE
DGVPSEDVEFDKFKEDDYDEDDEVEEEGDIRSRKRRRHNQFLDVEAEVDDEEDDDDDDDDVELKHDFIQDDHIQHETQNE
GFIAGHVDDDRLHRKLDQSREKIADQDAQELADEFKQRYGRSASSKYMGSASTTAPQRLLIPTVDDPGIWGVKVRLGKEK
DVVRQILKKKLAREGTKNPLEIYSAFQRDSFKGHVYIEARKAEAINDALKGNVNVFSNNSKFLVGIVEYKDLLRPVKSSD
VKLTRGSYVRVKNGKFKGDLAQVDEVLENGLEARLKLVPRLDYGKDLSHLSTSSSVDSTKNRRKFYTSKFRPAQRLFSEA
EARVHEPTIRRDRDGFVTYGGEEYYEGFLYKTFRLQNLIVNSINPTLNELSLFQSNEESTTIDLSTIADSLKETAKNLVS
FQPGDNVEIINGELNHLTGTVSSVNQSTIVSVRLHSDDDTINSETVEIPTSDLRKIFNVGDHVRVIHGKHTDDTGLIVEV
NGDKVEFISNQTKRTVIVFSNYLIKSTDSTVSINESGRFELHDLVQVNSDLVGIVIRAQKDSFDVLCSDGKLLSLPPVSI
YSKLNLNPNQQIAIDSNGVEVKVGDTVREFTGERRQGTILHVYRNFLFLRSREIVENQGVFVTSSNRVKTITSKSNGTGG
QISGPDLSRMNPSRVIPPPSIPVANQRMTGRDPTLNKTVKIRQGGYKGKIGIVKEANGDRFRVELHNPNKTIPIPCSFLL
IESTHGWVPYEDFVASDRRGGNIPRHEISGHVQQPQHGRAPAWGSGGKTPAWGSGGKTPAWGSGGSGGKTPAWGSGGKTP
TWGSGAKTPAWGSGSKTPAWSGLDEEDRRDF
;
W
19 'polypeptide(L)'
;GPGMSAPSPSVSEEDINETRNSIDADASTVQDLLDQDAQEGSGSDNEGSNIVDSSEEDDDEDDEEEMQKVREGFIVDDDD
ENDEDGIPSSTKRKHRKKHKKRSAEVVEEVDEDDLQLLMENSGAVPGQQQNVKFKRLKRAEQDEKAQDSDSRGLNDMFSD
EEGPGGVVEEGSEEEGLEDNLTTKTQRSGNLPHDEFDDFIEEDEFSDEDDEARDERLARMRSAKAAPQLAGLQGEQYQEI
IEIFGDGTDYQWTLDAEEEMEQPQQDQEYDEAGEEIKGTTTSLADVFEPSELKEKMLTDEDNVIRVTDLPERFQAYRKSI
KNYKLSDVDYSNERDWIVEQLKLEKRDFLQHLTQAHSSVAHLEEKFEASVKKIVDFIAIESFEVPFIWNHRRDYALHTYN
DDSNNTIIVKLLNEDDLWRIVQLDLDYHSIHDKKAALSSIYKQLDLDVVDPTYEEFFGSARTLSELQDIDDYLTFNYSSQ
VKNLTAVAELSIEGNGSGEDEEQTTKSSFAEVKMKRKYSKYAIYDRIRQDAIYPVVQSIANISQMRENLAQSKRLHQVED
PIESPMDMIADIMSTEKDKTTFISSEKAYQAVKQFFSEQLSYEPFIRKTIRTAFQSFGVINIELTERGKLQIEPESPYFD
FKYAKNRPISALTATPDLYLRMIQAENDGLVNIKVELPMLSTVVDHFYNILKSDGTSEISEKWNALRNDAWKQSLDKLIP
LVQLNVKESIRRDCERVLYFQVKNSFTKKIDQAPYQPPTYAKGTIPRVLTLSFGEGNRGDAVLGVFMDDSGDVKSQIKFD
EDFQSRDFSDSLTRYIKSNNINPDIIGISGFNIHTKKLFDKVNELVNEERLTIEYDNEYGYDREEDGRSDKHLIRVIYVN
DETARLYQHSSKSSAEYPNRPQLAKYCIGLAKYIQSPLLEYLALDESMYSLHIHKHQNLLPREKLIDAVQTSIVDIVNLV
GVDINEAVRAPYHALALPYVCGLGPRKAAGLIQSIQRIGSNLVNRAHLITEQLTSKTVFLNMASFVYIVFDPDVERNPQG
EMDLLDSTRIHPEDYSLARKMAADALDIEDIDDDDESAMRNAIYEMVFPRSPPKDEDDLTFKLDELILDDYATELERKHQ
LKKRSTLQIIKEELQSRYREIRRDFHILNEAEIFQLLTRETVDSFRKGMVIPVYVRKVESSYMSVSTQSLIAGNIQRQDI
LEPNDRRDPREVYSVGQTVRACILDVDYYNFKCQLSLLRQFTENQVAGLNVNRNPKFWDIESENRDRQEEIDKQREESRE
SRVIKHPFFHNMKSKEAEDYLAARPVGDVVIRPSSKGSNHITISWKVAPQLYQHIDVLEENKDDANAIGRVLLVGKYRYH
DLDELLVEYVNNVANKVELMVSHDKFMSDSLDYVKEWLERYSKANGNRSHYIFTFNRKAPGWFFLLFKLNPTSEIKIWNV
KALPDGYLLANNVYPDTNSLCNGFKTLMSSRRQIKQRSNRAGGEYNNSHAGAYDNGYSNAPRY
;
m
20 'polypeptide(L)'
;GPGMSDEESENKKLLDQVLPEKTDQETQPEADAALAEQEAPENEPNEPASDDDSDSDLSDISDVDEEKVAEGLRYLDEQT
AASLSKHKAAQPSSTHKKKEPTRRRPKQQTARETQYEPDVVEDEAARRTRLFEEKLDAAIKRKPNKRKKNDDVDLEQMQD
ELIQQLKLQMEESAIRDANNIEQGKPAIFKLKLLPKVKDILLRANLADSILDNNLLASVRLWLEPLPDASLPAYQIQKVL
FDAIKSLPIKTSHLRESGLGKVMVFYQKSKRVEPNLKRTAEKLISDWTRPIMGASDNYKDMRVRTQQFDPAQFAESLPGR
VSVRPQEAKTLYEEAAERRKRAAIPQARTAAYTIAPQVNTELLMSSARRTLPSGVGSSLSGEDQYKRLNSRLNTMGTKRK
SSAKKGGISIEGRGLPQ
;
n
21 'polypeptide(L)'
;MKDHLIHNHHKHEHAHAEHDYKDDDDKEHLYFQGSSGSSGMSLLDQDYYLSALPEDKRAELVTLQLTIPLKSGDEVVTID
FNEDVDVSQLCVLLESENARPDLWLSAAKVFVSKGNIAGSQEIIRKALQSNVILDSSASVTSLFHNFSFWLSLMEYVSTN
SREDQFLEYASNSLQASNSLDSGLILNGIGNGVLYAKSRRYDEALKEFDNLLKKKSTNILAILGKAQILYKRQKYSQALE
LYQKALTINPLIVPDPRLGIGLCFWHLNNKQLAEQAWHNSLKVHPQNNLNTKILICLAKFDYCFNESKDDDEFTALYRES
LEFLHSCLKEDAKHPLLLMVLASYYFSKEDYEKVEKLCNLVLKENSRNAAFVSASHFWLARVAYHKEDYVQAQKQFKQAE
DSQNSNTLAKLGYAQCLIARNEVGDATIYLEKFFKENQDSKSSEMMLLLGIIYSQSGKSYYKAIIFLEKYVAVCQEENYP
ILPEAYLVLSRVYENKDLNVALDYLMKANDILGDKANVYVLNNLGIYHFFRNNVSQSSDFFAQSLEALNNVSPQNKEALS
ITLHYNKARVEEVSNQSEAEKLYSKLMEKCPGYTSNKIRYIYLLALKSNGNNYADVQQLLDDFPSDLEVRSFYGWFLKRY
GRKNGLKQDLESQHHKDTLINYDKHDCYALLSLGNIYATIAREMKVTDQKQNEIKRQQYLRAAQFYHKVLSIDPKNIYAA
QGIAIIFSDKERTGLALEIFKKVRDTVQDLGTFINLGHCFMEAKQFGKAIESYTIALEKFSNGMDSKLLVLIGRAWYHRG
FYEKSMDAYKKALEVSEQAYQLSKLPALRFNIVFIQFQIADFVKSLPNTQRDLTTLENALSGLNDAIKSLLKLAELEQPP
YPSEDLKARATMGSNTLRNQLERAIQDQQDYEMSIQEKLRTARRKQQLDEEKRLEQEQRRLEEARKRQEAELIKRQELIK
QAEEWNKMDIDAAKDNNDVLSEDGGEGEKKTTKKRKRKQKVSEDIAPDLDRINEENGNTEDYDPILDNEEEENYDEKDSE
NKENGQNGQNEEVYPESEGDDEDDVTNTKRQKRSKGIVDEEDSE
;
q
22 'polypeptide(L)'
;MKDHLIHNHHKHEHAHAEHLYFQGSSGSSGMSDKEQDLDEDLLALAGAGSDSESNSAYSPEQEVSRKSKKIVNDSEDENN
DSDGEQLLNPYPLEDKFKDEADRARLLGLSEMEREAILYERSQEVIKLKEKHLLSLRAKQSQLEKTAREGPKSSKTNKLS
ELKKQREQKSKRQRSDEYSDEEDDYRYEEVGDNDDVEMSDNYIDEDDAVFVEPKKSSRSQELSKPATLSDINKIIFGRTA
MSKYWYYPEFDDVVKGMYLRLNTGSGGNGFSPYKVVEVLGSQRIKGSAYGLNSKENNCDMYLKVAFPNQKEMVRPLFVFS
DSSITHPEFDLFLRELDAEGLSVMDLRDVDYKYHQLKEMSSRSLSNDEVNSIVKMKQSLSSNTGFNTVLKKAQLQEELEE
ARDAHDHERVARIEAELKSIGAESVVASKASSSMLKIDQRNKKLNNRFIRKAEMAAVEKRKLRGTSESDPFYRLATTARM
FYKSANLGADDSNQPKTKAELEEEAKQEKKLEMQKLESMVKSNYRNGGLDRIISKIDFDFDLEL
;
r
23 'polypeptide(L)'
;MKDHLIHNHHKHEHAHAEHLYFQGSSGSSGMSQELEQNRHSGEESPDPVLDANTSDVDDDGLDLFGDDDDEQPEAKPGQL
DDSSNDAEEDEQEKAGKPEAKVTSHTKSVYDNGETLDISLPIHPKSHIPQGKQDRWVVKLPDFLDINAEPFDPRPFEMNV
KTHEDKNQELLDKLIAVNTVRWRYAKSETGGIFKETNSQIIQWEDGTYSLRVGSEIFDMFTTNTDDNYLVSEHNEEGILM
TESTLSKSVKLVPASFQSTTHQKLAKALSAKQKKESYARSVVTKEDPEERQRRLESQENERYRLERRRKQAEEEEDYDSY
AVSTSRSRPSRASQMYNAADEDDDDDDVAIGRTLASRRNNGYEDDGFIIDDEEEEEAVENDSADEESENEGDDDEEDDEE
AAERLNRLKRAGASKYTNEGEQAQSEPVKSEEADNASQRDDAPRKKRRVILDDDEEEEE
;
u
24 'polypeptide(L)'
;GSAMTSSKSRQDYIAKVRYQNDLPAPPCPPKLLKYEIEKEAPQKEFLKDSRLLSALFSKDNFRYLMNETSDGLDVNYLRI
PGIIENEKSLGKLFSSYKNLAIENLHPDDRLLLVDPNKSATLNEESPVFFLRRPQYVSDGEKINLQNFTNKRKHQDMEDT
NPRSQLHSVERTFDEVIDPRNKNRLQSLIHPRKKIKAVKAWHFFPDTSTFDQVFHSLKFVGSASLSKDRPLNEQLGQVSE
TDSTSVNASILTSLFKPIEINPHNKWISLYAVTDKLSAESFRKSFNSIKDDNIVNRHVIYDHIKDFDQMFRGHKKLFEDF
AISFDDISDRAFFVPIVGRLELKKKRIVPGLVDMVNRTNYAHIRMDLRNPSTQETAIRDSRREQYDPVNYSSIQEE
;
v
25 'polypeptide(L)'
;MKDHLIHNHHKHEHAHAEHLYFQGSSGSSGMSEPLIALRQAIKDKKPVGVNEGETIGNAKVLNIGEKQYSLDAPTSFVIN
GKEFNLKVIYQCWVFRDSSSADYITECEKENIDGISFVERSELISWLKGEITSSAFIKGEKVGITEENGKNEGETKSNNK
RKLSDDPLLKEIASNERVLIDHNKVLRGLKPKDFSSVAKDCELRILKEKPANAKSSDSNGRSSTSVSSSSKDARNKEPII
VLSPAASSLVRMSNVKEFLQEGKFLDPSKEPASSSNLLAIQRKSSRFKTPIKLLVVDNVEKLFTKSEYWDRVVAIVTTGK
DWQFKNYKYKDPQILFQKFNGFYFKYKGDAVPASVKSWNVKVLDIDRVERFSDRQVVEQFWDTVENTLVAKRYKS
;
x
#
loop_
_chem_comp.id
_chem_comp.type
_chem_comp.name
_chem_comp.formula
C RNA linking CYTIDINE-5'-MONOPHOSPHATE 'C9 H14 N3 O8 P'
DA DNA linking 2'-DEOXYADENOSINE-5'-MONOPHOSPHATE 'C10 H14 N5 O6 P'
DC DNA linking 2'-DEOXYCYTIDINE-5'-MONOPHOSPHATE 'C9 H14 N3 O7 P'
DG DNA linking 2'-DEOXYGUANOSINE-5'-MONOPHOSPHATE 'C10 H14 N5 O7 P'
DT DNA linking THYMIDINE-5'-MONOPHOSPHATE 'C10 H15 N2 O8 P'
G RNA linking GUANOSINE-5'-MONOPHOSPHATE 'C10 H14 N5 O8 P'
MG non-polymer 'MAGNESIUM ION' 'Mg 2'
U RNA linking URIDINE-5'-MONOPHOSPHATE 'C9 H13 N2 O9 P'
ZN non-polymer 'ZINC ION' 'Zn 2'
#
# COMPACT_ATOMS: atom_id res chain seq x y z
N SER A 2 2.63 21.88 -18.78
CA SER A 2 1.77 22.24 -19.90
C SER A 2 0.31 21.98 -19.57
N GLN A 3 0.06 21.45 -18.37
CA GLN A 3 -1.30 21.22 -17.92
C GLN A 3 -1.92 22.44 -17.27
N PHE A 4 -1.16 23.50 -17.09
CA PHE A 4 -1.61 24.74 -16.49
C PHE A 4 -1.84 25.81 -17.54
N PRO A 5 -2.92 26.58 -17.42
CA PRO A 5 -3.16 27.66 -18.38
C PRO A 5 -2.04 28.68 -18.35
N TYR A 6 -1.80 29.30 -19.51
CA TYR A 6 -0.65 30.18 -19.66
C TYR A 6 -0.74 31.38 -18.73
N SER A 7 0.38 31.69 -18.09
CA SER A 7 0.52 32.88 -17.25
C SER A 7 1.82 33.57 -17.62
N SER A 8 1.76 34.88 -17.81
CA SER A 8 2.91 35.63 -18.30
C SER A 8 4.01 35.79 -17.26
N ALA A 9 3.73 35.49 -16.00
CA ALA A 9 4.77 35.61 -14.98
C ALA A 9 5.86 34.58 -15.23
N PRO A 10 7.12 34.94 -15.00
CA PRO A 10 8.21 33.98 -15.20
C PRO A 10 8.16 32.84 -14.20
N LEU A 11 8.62 31.68 -14.64
CA LEU A 11 8.58 30.47 -13.83
C LEU A 11 9.94 30.23 -13.21
N ARG A 12 10.00 30.22 -11.88
CA ARG A 12 11.25 30.03 -11.15
C ARG A 12 11.01 29.02 -10.05
N SER A 13 12.08 28.62 -9.37
CA SER A 13 12.03 27.60 -8.33
C SER A 13 12.49 28.19 -7.01
N VAL A 14 11.95 27.65 -5.92
CA VAL A 14 12.24 28.18 -4.59
C VAL A 14 13.69 27.91 -4.25
N LYS A 15 14.39 28.96 -3.79
CA LYS A 15 15.76 28.83 -3.34
C LYS A 15 15.95 29.09 -1.85
N GLU A 16 15.00 29.75 -1.19
CA GLU A 16 15.11 30.04 0.22
C GLU A 16 13.71 30.11 0.81
N VAL A 17 13.55 29.63 2.03
CA VAL A 17 12.31 29.75 2.78
C VAL A 17 12.64 30.54 4.03
N GLN A 18 12.11 31.75 4.14
CA GLN A 18 12.35 32.63 5.27
C GLN A 18 11.15 32.56 6.20
N PHE A 19 11.39 32.17 7.45
CA PHE A 19 10.31 32.07 8.41
C PHE A 19 10.18 33.36 9.19
N GLY A 20 9.21 33.39 10.09
CA GLY A 20 8.96 34.58 10.89
C GLY A 20 7.50 34.61 11.31
N LEU A 21 7.15 35.67 12.02
CA LEU A 21 5.78 35.89 12.46
C LEU A 21 5.10 36.89 11.55
N LEU A 22 3.78 36.94 11.64
CA LEU A 22 2.96 37.84 10.83
C LEU A 22 2.56 39.04 11.69
N SER A 23 2.97 40.23 11.25
CA SER A 23 2.57 41.44 11.95
C SER A 23 1.09 41.71 11.69
N PRO A 24 0.40 42.34 12.65
CA PRO A 24 -1.00 42.71 12.40
C PRO A 24 -1.18 43.58 11.18
N GLU A 25 -0.21 44.46 10.91
CA GLU A 25 -0.27 45.27 9.69
C GLU A 25 -0.27 44.40 8.45
N GLU A 26 0.58 43.37 8.43
CA GLU A 26 0.63 42.48 7.27
C GLU A 26 -0.64 41.65 7.15
N ILE A 27 -1.18 41.20 8.28
CA ILE A 27 -2.44 40.45 8.25
C ILE A 27 -3.55 41.30 7.68
N ARG A 28 -3.64 42.56 8.10
CA ARG A 28 -4.65 43.45 7.54
C ARG A 28 -4.38 43.75 6.06
N ALA A 29 -3.11 43.82 5.67
CA ALA A 29 -2.79 44.17 4.29
C ALA A 29 -3.12 43.04 3.33
N ILE A 30 -2.73 41.81 3.66
CA ILE A 30 -2.96 40.69 2.75
C ILE A 30 -4.39 40.20 2.76
N SER A 31 -5.21 40.65 3.70
CA SER A 31 -6.60 40.23 3.75
C SER A 31 -7.40 40.89 2.64
N VAL A 32 -8.51 40.24 2.27
CA VAL A 32 -9.40 40.77 1.25
C VAL A 32 -10.79 41.10 1.77
N VAL A 33 -11.13 40.68 2.99
CA VAL A 33 -12.44 40.95 3.56
C VAL A 33 -12.32 40.83 5.07
N LYS A 34 -13.21 41.50 5.78
CA LYS A 34 -13.24 41.45 7.24
C LYS A 34 -14.40 40.59 7.69
N ILE A 35 -14.11 39.61 8.55
CA ILE A 35 -15.10 38.64 9.00
C ILE A 35 -15.69 39.12 10.32
N GLU A 36 -17.00 39.34 10.34
CA GLU A 36 -17.66 39.86 11.54
C GLU A 36 -18.99 39.20 11.89
N TYR A 37 -19.68 38.56 10.95
CA TYR A 37 -21.00 38.01 11.23
C TYR A 37 -20.90 36.52 11.51
N PRO A 38 -21.31 36.05 12.68
CA PRO A 38 -21.18 34.62 12.99
C PRO A 38 -22.03 33.71 12.13
N GLU A 39 -23.11 34.22 11.54
CA GLU A 39 -23.98 33.37 10.73
C GLU A 39 -23.27 32.93 9.46
N ILE A 40 -23.18 31.62 9.26
CA ILE A 40 -22.53 31.09 8.07
C ILE A 40 -23.34 31.40 6.83
N MET A 41 -24.65 31.17 6.89
CA MET A 41 -25.54 31.31 5.74
C MET A 41 -26.35 32.59 5.86
N ASP A 42 -26.61 33.23 4.72
CA ASP A 42 -27.35 34.49 4.72
C ASP A 42 -28.77 34.27 5.23
N GLU A 43 -29.59 33.55 4.47
CA GLU A 43 -30.95 33.23 4.87
C GLU A 43 -31.30 31.79 4.53
N SER A 44 -30.29 30.92 4.44
CA SER A 44 -30.46 29.54 4.00
C SER A 44 -31.12 29.47 2.64
N ARG A 45 -30.77 30.42 1.77
CA ARG A 45 -31.31 30.54 0.42
C ARG A 45 -30.17 30.75 -0.58
N GLN A 46 -29.13 29.92 -0.45
CA GLN A 46 -27.91 30.05 -1.24
C GLN A 46 -27.26 31.41 -1.00
N ARG A 47 -26.19 31.71 -1.75
CA ARG A 47 -25.53 33.01 -1.67
C ARG A 47 -25.11 33.31 -0.23
N PRO A 48 -24.05 32.67 0.27
CA PRO A 48 -23.67 32.84 1.67
C PRO A 48 -23.38 34.30 2.00
N ARG A 49 -23.71 34.68 3.24
CA ARG A 49 -23.67 36.07 3.65
C ARG A 49 -22.29 36.67 3.44
N GLU A 50 -22.26 37.83 2.80
CA GLU A 50 -21.00 38.56 2.66
C GLU A 50 -20.57 39.10 4.01
N GLY A 51 -19.27 39.07 4.27
CA GLY A 51 -18.75 39.41 5.57
C GLY A 51 -18.82 38.29 6.58
N GLY A 52 -19.35 37.13 6.21
CA GLY A 52 -19.39 35.97 7.07
C GLY A 52 -18.24 35.01 6.79
N LEU A 53 -18.29 33.87 7.48
CA LEU A 53 -17.22 32.89 7.37
C LEU A 53 -17.16 32.21 6.01
N ASN A 54 -18.19 32.34 5.19
CA ASN A 54 -18.22 31.76 3.86
C ASN A 54 -18.41 32.83 2.81
N ASP A 55 -17.70 33.95 2.97
CA ASP A 55 -17.79 35.04 2.00
C ASP A 55 -17.30 34.56 0.65
N PRO A 56 -17.99 34.92 -0.44
CA PRO A 56 -17.51 34.50 -1.77
C PRO A 56 -16.17 35.09 -2.15
N LYS A 57 -15.73 36.16 -1.49
CA LYS A 57 -14.44 36.75 -1.82
C LYS A 57 -13.29 35.89 -1.31
N LEU A 58 -13.53 35.05 -0.31
CA LEU A 58 -12.46 34.21 0.22
C LEU A 58 -12.01 33.15 -0.78
N GLY A 59 -12.83 32.82 -1.76
CA GLY A 59 -12.49 31.79 -2.71
C GLY A 59 -13.70 30.94 -3.05
N SER A 60 -13.58 30.10 -4.07
CA SER A 60 -14.68 29.27 -4.54
C SER A 60 -14.29 27.81 -4.47
N ILE A 61 -15.20 26.98 -3.98
CA ILE A 61 -15.04 25.53 -3.97
C ILE A 61 -16.14 24.83 -4.74
N ASP A 62 -16.91 25.56 -5.53
CA ASP A 62 -17.98 25.01 -6.34
C ASP A 62 -17.62 25.14 -7.82
N ARG A 63 -18.00 24.13 -8.61
CA ARG A 63 -17.59 24.09 -10.00
C ARG A 63 -18.17 25.26 -10.79
N ASN A 64 -19.45 25.57 -10.56
CA ASN A 64 -20.14 26.58 -11.35
C ASN A 64 -19.98 27.99 -10.80
N PHE A 65 -19.25 28.17 -9.70
CA PHE A 65 -19.05 29.46 -9.08
C PHE A 65 -17.59 29.87 -9.21
N LYS A 66 -17.37 31.06 -9.73
CA LYS A 66 -16.02 31.61 -9.86
C LYS A 66 -15.72 32.51 -8.67
N CYS A 67 -14.45 32.59 -8.30
CA CYS A 67 -14.04 33.44 -7.19
C CYS A 67 -14.30 34.89 -7.53
N GLN A 68 -14.83 35.64 -6.57
CA GLN A 68 -15.13 37.04 -6.80
C GLN A 68 -13.90 37.93 -6.66
N THR A 69 -12.78 37.39 -6.23
CA THR A 69 -11.56 38.18 -6.05
C THR A 69 -10.60 38.04 -7.23
N CYS A 70 -10.27 36.81 -7.62
CA CYS A 70 -9.37 36.59 -8.74
C CYS A 70 -10.10 36.25 -10.03
N GLY A 71 -11.34 35.79 -9.96
CA GLY A 71 -12.08 35.44 -11.15
C GLY A 71 -11.74 34.10 -11.75
N GLU A 72 -10.85 33.34 -11.13
CA GLU A 72 -10.45 32.03 -11.64
C GLU A 72 -11.44 30.97 -11.18
N GLY A 73 -11.34 29.80 -11.80
CA GLY A 73 -12.20 28.69 -11.46
C GLY A 73 -11.74 27.98 -10.20
N MET A 74 -12.46 26.91 -9.86
CA MET A 74 -12.13 26.13 -8.69
C MET A 74 -10.76 25.49 -8.81
N ALA A 75 -10.40 25.03 -10.01
CA ALA A 75 -9.13 24.35 -10.22
C ALA A 75 -7.94 25.29 -10.15
N GLU A 76 -8.15 26.60 -10.20
CA GLU A 76 -7.05 27.55 -10.25
C GLU A 76 -7.01 28.50 -9.06
N CYS A 77 -8.13 28.72 -8.40
CA CYS A 77 -8.14 29.66 -7.27
C CYS A 77 -7.38 29.07 -6.09
N PRO A 78 -6.36 29.75 -5.57
CA PRO A 78 -5.64 29.21 -4.42
C PRO A 78 -6.30 29.50 -3.09
N GLY A 79 -7.33 30.33 -3.07
CA GLY A 79 -7.90 30.77 -1.80
C GLY A 79 -7.25 32.05 -1.32
N HIS A 80 -8.08 32.92 -0.74
CA HIS A 80 -7.63 34.22 -0.28
C HIS A 80 -8.02 34.40 1.18
N PHE A 81 -7.16 35.06 1.93
CA PHE A 81 -7.33 35.15 3.38
C PHE A 81 -8.23 36.32 3.75
N GLY A 82 -8.94 36.16 4.86
CA GLY A 82 -9.64 37.25 5.51
C GLY A 82 -9.11 37.39 6.93
N HIS A 83 -9.43 38.53 7.54
CA HIS A 83 -8.93 38.82 8.88
C HIS A 83 -10.08 39.16 9.81
N MET A 84 -9.90 38.81 11.08
CA MET A 84 -10.90 39.04 12.12
C MET A 84 -10.26 39.86 13.24
N GLU A 85 -10.84 41.00 13.54
CA GLU A 85 -10.31 41.86 14.59
C GLU A 85 -10.75 41.36 15.96
N LEU A 86 -9.79 41.23 16.86
CA LEU A 86 -10.07 40.76 18.22
C LEU A 86 -10.36 41.95 19.12
N ALA A 87 -11.39 41.82 19.95
CA ALA A 87 -11.73 42.91 20.87
C ALA A 87 -10.64 43.15 21.89
N LYS A 88 -10.06 42.09 22.45
CA LYS A 88 -8.95 42.20 23.37
C LYS A 88 -7.84 41.25 22.94
N PRO A 89 -6.59 41.69 23.00
CA PRO A 89 -5.49 40.81 22.59
C PRO A 89 -5.41 39.58 23.47
N VAL A 90 -5.02 38.46 22.86
CA VAL A 90 -4.92 37.18 23.55
C VAL A 90 -3.56 36.57 23.25
N PHE A 91 -3.16 35.64 24.12
CA PHE A 91 -1.89 34.96 23.96
C PHE A 91 -1.95 33.97 22.81
N HIS A 92 -0.83 33.83 22.11
CA HIS A 92 -0.64 32.75 21.16
C HIS A 92 -0.21 31.51 21.92
N ILE A 93 -0.97 30.43 21.79
CA ILE A 93 -0.77 29.26 22.65
C ILE A 93 0.61 28.65 22.45
N GLY A 94 1.20 28.84 21.27
CA GLY A 94 2.49 28.24 21.01
C GLY A 94 3.69 29.02 21.52
N PHE A 95 3.48 30.23 22.05
CA PHE A 95 4.58 31.09 22.44
C PHE A 95 4.54 31.50 23.91
N ILE A 96 3.65 30.91 24.71
CA ILE A 96 3.54 31.32 26.11
C ILE A 96 4.83 31.11 26.89
N PRO A 97 5.51 29.95 26.80
CA PRO A 97 6.80 29.85 27.50
C PRO A 97 7.82 30.88 27.04
N LYS A 98 7.87 31.16 25.73
CA LYS A 98 8.81 32.17 25.25
C LYS A 98 8.42 33.56 25.74
N ILE A 99 7.12 33.83 25.82
CA ILE A 99 6.66 35.11 26.36
C ILE A 99 7.09 35.25 27.82
N LYS A 100 6.96 34.17 28.58
CA LYS A 100 7.38 34.20 29.98
C LYS A 100 8.88 34.44 30.10
N LYS A 101 9.67 33.79 29.25
CA LYS A 101 11.10 34.00 29.27
C LYS A 101 11.47 35.44 28.94
N VAL A 102 10.81 36.01 27.92
CA VAL A 102 11.09 37.39 27.55
C VAL A 102 10.70 38.33 28.68
N CYS A 103 9.59 38.05 29.35
CA CYS A 103 9.20 38.86 30.50
C CYS A 103 10.24 38.77 31.61
N GLU A 104 10.83 37.59 31.81
CA GLU A 104 11.91 37.46 32.78
C GLU A 104 13.17 38.18 32.37
N CYS A 105 13.40 38.36 31.07
CA CYS A 105 14.66 38.95 30.61
C CYS A 105 14.68 40.46 30.66
N ILE A 106 13.52 41.11 30.63
CA ILE A 106 13.45 42.56 30.53
C ILE A 106 12.68 43.11 31.73
N CYS A 107 12.74 44.44 31.87
CA CYS A 107 11.99 45.11 32.92
C CYS A 107 10.58 45.42 32.43
N MET A 108 9.61 45.26 33.33
CA MET A 108 8.21 45.40 32.97
C MET A 108 7.74 46.85 32.91
N ASN A 109 8.59 47.81 33.27
CA ASN A 109 8.20 49.21 33.29
C ASN A 109 8.94 50.04 32.24
N CYS A 110 10.28 50.03 32.29
CA CYS A 110 11.06 50.80 31.33
C CYS A 110 11.26 50.07 30.00
N GLY A 111 10.97 48.78 29.96
CA GLY A 111 11.12 48.01 28.73
C GLY A 111 12.55 47.93 28.24
N LYS A 112 13.48 47.62 29.14
CA LYS A 112 14.89 47.52 28.80
C LYS A 112 15.48 46.28 29.46
N LEU A 113 16.59 45.80 28.89
CA LEU A 113 17.25 44.63 29.43
C LEU A 113 17.79 44.90 30.82
N LEU A 114 17.80 43.86 31.66
CA LEU A 114 18.29 43.99 33.02
C LEU A 114 19.80 43.96 33.14
N LEU A 115 20.50 43.63 32.06
CA LEU A 115 21.96 43.61 32.06
C LEU A 115 22.48 44.36 30.84
N ASP A 116 23.72 44.81 30.93
CA ASP A 116 24.33 45.61 29.89
C ASP A 116 25.68 45.02 29.50
N GLU A 117 26.26 45.58 28.44
CA GLU A 117 27.54 45.10 27.92
C GLU A 117 28.71 45.35 28.86
N THR A 118 28.49 46.15 29.92
CA THR A 118 29.55 46.37 30.90
C THR A 118 30.00 45.05 31.53
N ASN A 119 29.05 44.16 31.81
CA ASN A 119 29.39 42.85 32.34
C ASN A 119 30.14 42.05 31.30
N PRO A 120 31.34 41.54 31.61
CA PRO A 120 32.07 40.76 30.61
C PRO A 120 31.32 39.52 30.14
N THR A 121 30.61 38.85 31.03
CA THR A 121 29.83 37.69 30.64
C THR A 121 28.70 38.08 29.69
N MET A 122 28.06 39.22 29.93
CA MET A 122 26.99 39.67 29.03
C MET A 122 27.54 39.98 27.64
N ALA A 123 28.68 40.66 27.57
CA ALA A 123 29.29 40.94 26.27
C ALA A 123 29.68 39.65 25.57
N GLN A 124 30.23 38.69 26.32
CA GLN A 124 30.57 37.40 25.74
C GLN A 124 29.33 36.71 25.17
N ALA A 125 28.22 36.75 25.91
CA ALA A 125 26.99 36.15 25.42
C ALA A 125 26.48 36.84 24.15
N ILE A 126 26.55 38.17 24.13
CA ILE A 126 26.10 38.91 22.94
C ILE A 126 26.99 38.60 21.76
N ARG A 127 28.27 38.27 22.00
CA ARG A 127 29.19 38.02 20.90
C ARG A 127 28.76 36.83 20.06
N ILE A 128 28.01 35.87 20.63
CA ILE A 128 27.62 34.69 19.88
C ILE A 128 26.66 35.07 18.75
N ARG A 129 26.56 34.19 17.76
CA ARG A 129 25.82 34.48 16.53
C ARG A 129 24.44 33.85 16.48
N ASP A 130 24.29 32.61 16.90
CA ASP A 130 23.03 31.90 16.76
C ASP A 130 21.96 32.55 17.63
N PRO A 131 20.83 32.98 17.06
CA PRO A 131 19.82 33.67 17.88
C PRO A 131 19.29 32.84 19.04
N LYS A 132 19.10 31.54 18.85
CA LYS A 132 18.55 30.73 19.93
C LYS A 132 19.54 30.60 21.09
N LYS A 133 20.80 30.29 20.78
CA LYS A 133 21.81 30.19 21.83
C LYS A 133 22.07 31.55 22.46
N ARG A 134 22.02 32.62 21.67
CA ARG A 134 22.17 33.96 22.21
C ARG A 134 21.08 34.26 23.22
N PHE A 135 19.83 33.96 22.87
CA PHE A 135 18.72 34.18 23.79
C PHE A 135 18.86 33.31 25.03
N ASN A 136 19.30 32.06 24.86
CA ASN A 136 19.47 31.18 26.01
C ASN A 136 20.51 31.73 26.97
N ALA A 137 21.65 32.20 26.45
CA ALA A 137 22.69 32.76 27.32
C ALA A 137 22.21 34.04 27.99
N VAL A 138 21.54 34.92 27.24
CA VAL A 138 21.07 36.17 27.82
C VAL A 138 20.03 35.89 28.91
N TRP A 139 19.19 34.88 28.71
CA TRP A 139 18.20 34.53 29.72
C TRP A 139 18.89 33.93 30.94
N GLN A 140 19.89 33.08 30.74
CA GLN A 140 20.60 32.49 31.87
C GLN A 140 21.27 33.57 32.71
N LEU A 141 21.78 34.62 32.07
CA LEU A 141 22.38 35.71 32.83
C LEU A 141 21.33 36.57 33.51
N CYS A 142 20.40 37.14 32.73
CA CYS A 142 19.45 38.11 33.24
C CYS A 142 18.38 37.49 34.14
N LYS A 143 18.28 36.17 34.21
CA LYS A 143 17.32 35.55 35.10
C LYS A 143 17.62 35.87 36.56
N THR A 144 18.90 35.83 36.94
CA THR A 144 19.29 36.08 38.33
C THR A 144 19.01 37.53 38.72
N LYS A 145 19.27 38.47 37.82
CA LYS A 145 19.05 39.89 38.08
C LYS A 145 17.56 40.11 38.31
N MET A 146 17.18 40.39 39.55
CA MET A 146 15.79 40.44 39.95
C MET A 146 15.28 41.86 40.20
N VAL A 147 16.11 42.88 39.94
CA VAL A 147 15.70 44.26 40.16
C VAL A 147 16.23 45.13 39.02
N CYS A 148 15.37 45.98 38.48
CA CYS A 148 15.81 46.98 37.52
C CYS A 148 16.64 48.04 38.22
N GLU A 149 17.65 48.54 37.52
CA GLU A 149 18.54 49.57 38.06
C GLU A 149 18.28 50.87 37.32
N ALA A 150 17.85 51.89 38.04
CA ALA A 150 17.75 53.24 37.49
C ALA A 150 19.10 53.92 37.37
N ASP A 151 20.14 53.33 37.98
CA ASP A 151 21.50 53.86 37.91
C ASP A 151 22.43 52.74 37.48
N ALA A 152 23.59 53.13 36.95
CA ALA A 152 24.55 52.15 36.47
C ALA A 152 25.07 51.30 37.63
N PRO A 153 25.21 49.98 37.44
CA PRO A 153 25.72 49.08 38.48
C PRO A 153 27.24 49.18 38.63
N VAL A 163 25.58 57.80 36.94
CA VAL A 163 25.31 57.29 35.60
C VAL A 163 24.01 56.50 35.59
N SER A 164 23.14 56.82 34.63
CA SER A 164 21.86 56.16 34.48
C SER A 164 21.91 55.24 33.27
N ARG A 165 21.51 53.98 33.44
CA ARG A 165 21.51 52.99 32.37
C ARG A 165 20.20 52.97 31.59
N GLY A 166 19.28 53.89 31.90
CA GLY A 166 17.99 53.90 31.27
C GLY A 166 16.92 53.13 32.01
N GLY A 167 17.27 52.41 33.06
CA GLY A 167 16.28 51.69 33.83
C GLY A 167 15.48 52.61 34.74
N CYS A 168 14.44 52.04 35.34
CA CYS A 168 13.54 52.79 36.19
C CYS A 168 13.71 52.47 37.68
N GLY A 169 14.53 51.48 38.01
CA GLY A 169 14.79 51.15 39.41
C GLY A 169 13.75 50.27 40.07
N ASN A 170 12.70 49.89 39.35
CA ASN A 170 11.64 49.08 39.94
C ASN A 170 12.11 47.64 40.12
N THR A 171 11.58 46.99 41.16
CA THR A 171 11.88 45.59 41.38
C THR A 171 11.18 44.71 40.35
N GLN A 172 11.89 43.72 39.84
CA GLN A 172 11.33 42.86 38.80
C GLN A 172 10.48 41.76 39.42
N PRO A 173 9.25 41.59 38.97
CA PRO A 173 8.40 40.52 39.51
C PRO A 173 8.86 39.15 39.03
N VAL A 174 8.42 38.13 39.75
CA VAL A 174 8.66 36.74 39.38
C VAL A 174 7.39 36.20 38.74
N VAL A 175 7.52 35.65 37.54
CA VAL A 175 6.38 35.23 36.74
C VAL A 175 6.23 33.72 36.81
N ARG A 176 4.99 33.26 37.01
CA ARG A 176 4.67 31.84 37.05
C ARG A 176 3.57 31.55 36.06
N LYS A 177 3.64 30.39 35.42
CA LYS A 177 2.67 30.00 34.40
C LYS A 177 1.57 29.15 35.03
N ASP A 178 0.33 29.43 34.62
CA ASP A 178 -0.82 28.67 35.10
C ASP A 178 -1.83 28.62 33.96
N GLY A 179 -1.79 27.52 33.20
CA GLY A 179 -2.65 27.43 32.03
C GLY A 179 -2.28 28.48 31.02
N MET A 180 -3.27 29.27 30.61
CA MET A 180 -3.06 30.39 29.70
C MET A 180 -2.83 31.70 30.42
N LYS A 181 -2.73 31.69 31.75
CA LYS A 181 -2.56 32.90 32.53
C LYS A 181 -1.17 32.94 33.16
N LEU A 182 -0.59 34.13 33.19
CA LEU A 182 0.72 34.35 33.80
C LEU A 182 0.56 35.24 35.01
N TRP A 183 1.08 34.79 36.15
CA TRP A 183 1.01 35.53 37.40
C TRP A 183 2.36 36.17 37.68
N GLY A 184 2.35 37.48 37.92
CA GLY A 184 3.55 38.23 38.27
C GLY A 184 3.50 38.66 39.72
N THR A 185 4.51 38.24 40.48
CA THR A 185 4.57 38.47 41.92
C THR A 185 5.64 39.52 42.22
N TRP A 186 5.21 40.66 42.74
CA TRP A 186 6.12 41.74 43.11
C TRP A 186 6.44 41.66 44.60
N LYS A 187 7.72 41.81 44.94
CA LYS A 187 8.14 41.90 46.33
C LYS A 187 8.08 43.36 46.79
N LYS A 188 6.84 43.86 46.86
CA LYS A 188 6.62 45.25 47.23
C LYS A 188 7.10 45.52 48.64
N SER A 189 7.72 46.68 48.84
CA SER A 189 8.23 47.07 50.14
C SER A 189 7.48 48.28 50.69
N ARG A 194 11.89 42.18 58.05
CA ARG A 194 12.31 42.06 56.66
C ARG A 194 11.15 41.74 55.74
N ASP A 195 10.46 40.63 56.03
CA ASP A 195 9.36 40.19 55.19
C ASP A 195 8.19 41.17 55.26
N ALA A 196 7.49 41.30 54.14
CA ALA A 196 6.37 42.23 54.02
C ALA A 196 5.26 41.52 53.25
N GLN A 197 4.27 42.29 52.80
CA GLN A 197 3.16 41.72 52.05
C GLN A 197 3.43 41.86 50.56
N PRO A 198 3.71 40.78 49.83
CA PRO A 198 3.86 40.87 48.38
C PRO A 198 2.55 40.62 47.66
N GLU A 199 2.38 41.29 46.53
CA GLU A 199 1.17 41.16 45.72
C GLU A 199 1.50 40.46 44.41
N ARG A 200 0.73 39.44 44.09
CA ARG A 200 0.80 38.77 42.79
C ARG A 200 -0.46 39.14 42.01
N LYS A 201 -0.27 39.75 40.84
CA LYS A 201 -1.39 40.18 40.03
C LYS A 201 -1.24 39.62 38.62
N LEU A 202 -2.38 39.50 37.94
CA LEU A 202 -2.41 38.89 36.62
C LEU A 202 -1.70 39.78 35.61
N LEU A 203 -0.92 39.15 34.73
CA LEU A 203 -0.26 39.86 33.64
C LEU A 203 -1.14 39.70 32.40
N THR A 204 -1.98 40.69 32.15
CA THR A 204 -2.89 40.62 31.01
C THR A 204 -2.10 40.71 29.71
N PRO A 205 -2.61 40.09 28.64
CA PRO A 205 -1.92 40.19 27.34
C PRO A 205 -1.74 41.62 26.85
N GLY A 206 -2.68 42.51 27.12
CA GLY A 206 -2.54 43.88 26.67
C GLY A 206 -1.37 44.60 27.34
N GLU A 207 -1.21 44.38 28.64
CA GLU A 207 -0.08 44.98 29.35
C GLU A 207 1.25 44.51 28.78
N ILE A 208 1.37 43.19 28.58
CA ILE A 208 2.60 42.65 28.02
C ILE A 208 2.83 43.18 26.62
N LEU A 209 1.75 43.35 25.84
CA LEU A 209 1.89 43.86 24.48
C LEU A 209 2.40 45.28 24.47
N ASN A 210 1.81 46.16 25.28
CA ASN A 210 2.25 47.54 25.28
C ASN A 210 3.61 47.70 25.92
N VAL A 211 4.02 46.77 26.78
CA VAL A 211 5.40 46.75 27.26
C VAL A 211 6.35 46.35 26.15
N PHE A 212 6.00 45.32 25.38
CA PHE A 212 6.88 44.82 24.33
C PHE A 212 7.05 45.84 23.23
N LYS A 213 6.00 46.61 22.92
CA LYS A 213 6.13 47.61 21.86
C LYS A 213 7.19 48.65 22.16
N HIS A 214 7.58 48.80 23.41
CA HIS A 214 8.59 49.78 23.81
C HIS A 214 9.99 49.20 23.85
N ILE A 215 10.18 47.95 23.40
CA ILE A 215 11.51 47.37 23.36
C ILE A 215 12.29 47.98 22.21
N SER A 216 13.51 48.44 22.51
CA SER A 216 14.35 49.04 21.48
C SER A 216 14.81 47.98 20.49
N PRO A 217 15.04 48.37 19.23
CA PRO A 217 15.51 47.37 18.25
C PRO A 217 16.82 46.71 18.63
N GLU A 218 17.73 47.45 19.26
CA GLU A 218 19.00 46.85 19.67
C GLU A 218 18.79 45.78 20.73
N ASP A 219 17.93 46.06 21.71
CA ASP A 219 17.61 45.05 22.72
C ASP A 219 16.89 43.87 22.08
N CYS A 220 16.01 44.14 21.12
CA CYS A 220 15.31 43.06 20.41
C CYS A 220 16.32 42.15 19.71
N PHE A 221 17.31 42.73 19.05
CA PHE A 221 18.35 41.91 18.43
C PHE A 221 19.16 41.14 19.46
N ARG A 222 19.46 41.78 20.59
CA ARG A 222 20.22 41.10 21.64
C ARG A 222 19.46 39.91 22.20
N LEU A 223 18.13 39.96 22.17
CA LEU A 223 17.31 38.89 22.73
C LEU A 223 17.11 37.73 21.76
N GLY A 224 17.66 37.81 20.55
CA GLY A 224 17.50 36.76 19.57
C GLY A 224 16.38 36.98 18.57
N PHE A 225 15.52 37.97 18.79
CA PHE A 225 14.46 38.26 17.85
C PHE A 225 14.99 39.11 16.70
N ASN A 226 14.27 39.09 15.59
CA ASN A 226 14.65 39.82 14.39
C ASN A 226 13.71 41.01 14.22
N GLU A 227 14.29 42.19 14.02
CA GLU A 227 13.47 43.40 13.90
C GLU A 227 12.55 43.34 12.69
N ASP A 228 13.06 42.83 11.56
CA ASP A 228 12.28 42.83 10.33
C ASP A 228 11.23 41.74 10.31
N TYR A 229 11.52 40.56 10.85
CA TYR A 229 10.69 39.38 10.59
C TYR A 229 10.00 38.82 11.82
N ALA A 230 10.65 38.82 12.98
CA ALA A 230 10.08 38.23 14.19
C ALA A 230 10.21 39.24 15.32
N ARG A 231 9.26 40.10 15.43
CA ARG A 231 9.23 41.11 16.49
C ARG A 231 8.51 40.55 17.72
N PRO A 232 9.03 40.76 18.93
CA PRO A 232 8.48 40.06 20.09
C PRO A 232 7.01 40.33 20.35
N GLU A 233 6.51 41.53 20.10
CA GLU A 233 5.11 41.81 20.41
C GLU A 233 4.16 41.14 19.43
N TRP A 234 4.65 40.59 18.33
CA TRP A 234 3.80 39.86 17.41
C TRP A 234 3.40 38.50 17.95
N MET A 235 3.98 38.05 19.06
CA MET A 235 3.58 36.80 19.69
C MET A 235 2.24 36.90 20.39
N ILE A 236 1.67 38.10 20.52
CA ILE A 236 0.33 38.28 21.06
C ILE A 236 -0.63 38.57 19.91
N ILE A 237 -1.73 37.83 19.86
CA ILE A 237 -2.65 37.92 18.74
C ILE A 237 -3.62 39.06 18.97
N THR A 238 -3.62 40.04 18.08
CA THR A 238 -4.58 41.13 18.10
C THR A 238 -5.53 41.10 16.92
N VAL A 239 -5.11 40.56 15.78
CA VAL A 239 -5.97 40.30 14.64
C VAL A 239 -5.72 38.87 14.19
N LEU A 240 -6.80 38.15 13.89
CA LEU A 240 -6.71 36.74 13.53
C LEU A 240 -6.91 36.57 12.04
N PRO A 241 -6.04 35.83 11.34
CA PRO A 241 -6.28 35.54 9.93
C PRO A 241 -7.27 34.40 9.78
N VAL A 242 -8.24 34.58 8.88
CA VAL A 242 -9.28 33.58 8.63
C VAL A 242 -8.91 32.84 7.36
N PRO A 243 -8.63 31.54 7.42
CA PRO A 243 -8.19 30.81 6.23
C PRO A 243 -9.33 30.66 5.24
N PRO A 244 -9.01 30.51 3.95
CA PRO A 244 -10.05 30.37 2.95
C PRO A 244 -10.75 29.03 3.07
N PRO A 245 -11.90 28.85 2.41
CA PRO A 245 -12.61 27.56 2.51
C PRO A 245 -11.82 26.40 1.96
N GLN A 246 -10.82 26.64 1.12
CA GLN A 246 -9.97 25.54 0.65
C GLN A 246 -9.29 24.82 1.80
N VAL A 247 -8.99 25.55 2.88
CA VAL A 247 -8.32 24.93 4.02
C VAL A 247 -9.32 24.15 4.87
N ARG A 248 -10.58 24.57 4.88
CA ARG A 248 -11.61 23.96 5.72
C ARG A 248 -12.82 23.63 4.86
N PRO A 249 -12.69 22.66 3.96
CA PRO A 249 -13.78 22.36 3.03
C PRO A 249 -14.94 21.69 3.76
N SER A 250 -16.14 21.90 3.24
CA SER A 250 -17.34 21.27 3.77
C SER A 250 -17.59 19.96 3.05
N ILE A 251 -18.24 19.03 3.75
CA ILE A 251 -18.51 17.69 3.24
C ILE A 251 -20.00 17.45 3.25
N ALA A 252 -20.51 16.86 2.17
CA ALA A 252 -21.92 16.50 2.06
C ALA A 252 -22.11 15.14 2.72
N MET A 253 -22.65 15.14 3.94
CA MET A 253 -22.86 13.89 4.67
C MET A 253 -23.85 12.99 3.94
N ASP A 254 -24.94 13.56 3.45
CA ASP A 254 -25.93 12.82 2.68
C ASP A 254 -26.31 13.65 1.46
N GLU A 255 -27.37 13.23 0.78
CA GLU A 255 -27.78 13.89 -0.46
C GLU A 255 -28.33 15.29 -0.22
N THR A 256 -28.71 15.63 1.01
CA THR A 256 -29.34 16.91 1.30
C THR A 256 -28.54 17.78 2.26
N THR A 257 -28.04 17.22 3.36
CA THR A 257 -27.41 17.99 4.42
C THR A 257 -25.89 17.88 4.30
N GLN A 258 -25.22 19.02 4.21
CA GLN A 258 -23.77 19.07 4.19
C GLN A 258 -23.24 19.42 5.58
N GLY A 259 -22.01 19.01 5.85
CA GLY A 259 -21.44 19.22 7.16
C GLY A 259 -20.35 20.28 7.21
N GLN A 260 -20.50 21.24 8.11
CA GLN A 260 -19.45 22.24 8.32
C GLN A 260 -18.21 21.58 8.91
N ASP A 261 -17.05 22.10 8.52
CA ASP A 261 -15.80 21.56 9.02
C ASP A 261 -15.58 21.98 10.48
N ASP A 262 -14.64 21.28 11.12
CA ASP A 262 -14.33 21.61 12.52
C ASP A 262 -13.77 23.01 12.64
N LEU A 263 -12.89 23.40 11.73
CA LEU A 263 -12.31 24.75 11.79
C LEU A 263 -13.39 25.80 11.59
N THR A 264 -14.38 25.53 10.74
CA THR A 264 -15.45 26.50 10.56
C THR A 264 -16.24 26.70 11.85
N HIS A 265 -16.57 25.60 12.55
CA HIS A 265 -17.28 25.73 13.81
C HIS A 265 -16.44 26.46 14.86
N LYS A 266 -15.14 26.15 14.91
CA LYS A 266 -14.29 26.83 15.88
C LYS A 266 -14.18 28.32 15.59
N LEU A 267 -14.09 28.68 14.31
CA LEU A 267 -14.06 30.10 13.96
C LEU A 267 -15.38 30.77 14.29
N SER A 268 -16.50 30.08 14.11
CA SER A 268 -17.78 30.63 14.51
C SER A 268 -17.84 30.88 16.01
N ASP A 269 -17.32 29.93 16.80
CA ASP A 269 -17.28 30.12 18.25
C ASP A 269 -16.40 31.30 18.63
N ILE A 270 -15.23 31.42 17.99
CA ILE A 270 -14.34 32.54 18.27
C ILE A 270 -15.02 33.86 17.93
N LEU A 271 -15.71 33.92 16.79
CA LEU A 271 -16.35 35.18 16.40
C LEU A 271 -17.51 35.51 17.32
N LYS A 272 -18.26 34.50 17.77
CA LYS A 272 -19.32 34.75 18.75
C LYS A 272 -18.76 35.30 20.04
N ALA A 273 -17.64 34.74 20.52
CA ALA A 273 -17.02 35.27 21.72
C ALA A 273 -16.55 36.70 21.52
N ASN A 274 -15.99 37.00 20.35
CA ASN A 274 -15.58 38.38 20.07
C ASN A 274 -16.76 39.33 20.10
N ILE A 275 -17.88 38.93 19.49
CA ILE A 275 -19.07 39.76 19.50
C ILE A 275 -19.56 39.95 20.93
N ASN A 276 -19.52 38.88 21.73
CA ASN A 276 -19.96 38.98 23.12
C ASN A 276 -19.10 39.95 23.91
N VAL A 277 -17.78 39.89 23.72
CA VAL A 277 -16.89 40.81 24.43
C VAL A 277 -17.19 42.25 24.02
N GLN A 278 -17.35 42.49 22.72
CA GLN A 278 -17.60 43.85 22.25
C GLN A 278 -18.93 44.38 22.81
N LYS A 279 -19.96 43.53 22.82
CA LYS A 279 -21.25 43.96 23.35
C LYS A 279 -21.18 44.24 24.83
N LEU A 280 -20.50 43.38 25.59
CA LEU A 280 -20.41 43.56 27.03
C LEU A 280 -19.63 44.81 27.38
N GLU A 281 -18.57 45.10 26.63
CA GLU A 281 -17.70 46.21 26.98
C GLU A 281 -18.43 47.55 26.90
N MET A 282 -19.22 47.77 25.85
CA MET A 282 -19.85 49.07 25.66
C MET A 282 -21.05 49.29 26.56
N ASP A 283 -21.70 48.22 27.03
CA ASP A 283 -22.95 48.37 27.76
C ASP A 283 -22.71 48.59 29.25
N GLY A 284 -22.08 47.63 29.92
CA GLY A 284 -21.87 47.69 31.35
C GLY A 284 -20.81 46.69 31.77
N SER A 285 -19.95 47.07 32.72
CA SER A 285 -18.68 46.39 32.94
C SER A 285 -18.52 45.92 34.38
N PRO A 286 -19.20 44.84 34.77
CA PRO A 286 -18.77 44.12 35.97
C PRO A 286 -17.50 43.34 35.65
N GLN A 287 -16.47 43.58 36.46
CA GLN A 287 -15.15 43.01 36.16
C GLN A 287 -15.19 41.48 36.14
N HIS A 288 -16.01 40.88 37.01
CA HIS A 288 -16.12 39.43 37.02
C HIS A 288 -16.64 38.90 35.69
N ILE A 289 -17.68 39.54 35.14
CA ILE A 289 -18.22 39.11 33.85
C ILE A 289 -17.19 39.33 32.75
N ILE A 290 -16.50 40.46 32.78
CA ILE A 290 -15.48 40.74 31.76
C ILE A 290 -14.39 39.68 31.81
N ASN A 291 -13.92 39.35 33.02
CA ASN A 291 -12.89 38.32 33.14
C ASN A 291 -13.38 36.99 32.61
N GLU A 292 -14.61 36.61 32.94
CA GLU A 292 -15.14 35.34 32.47
C GLU A 292 -15.21 35.29 30.94
N VAL A 293 -15.74 36.34 30.33
CA VAL A 293 -15.93 36.32 28.88
C VAL A 293 -14.60 36.41 28.15
N GLU A 294 -13.68 37.24 28.63
CA GLU A 294 -12.37 37.30 27.98
C GLU A 294 -11.59 36.02 28.15
N GLN A 295 -11.75 35.33 29.29
CA GLN A 295 -11.10 34.04 29.45
C GLN A 295 -11.70 33.00 28.52
N LEU A 296 -13.00 33.08 28.29
CA LEU A 296 -13.63 32.20 27.30
C LEU A 296 -13.08 32.46 25.90
N LEU A 297 -12.91 33.73 25.53
CA LEU A 297 -12.35 34.04 24.22
C LEU A 297 -10.92 33.52 24.09
N GLN A 298 -10.12 33.71 25.14
CA GLN A 298 -8.76 33.19 25.13
C GLN A 298 -8.76 31.68 24.96
N PHE A 299 -9.65 30.98 25.67
CA PHE A 299 -9.73 29.54 25.55
C PHE A 299 -10.08 29.11 24.13
N HIS A 300 -11.08 29.77 23.53
CA HIS A 300 -11.48 29.40 22.17
C HIS A 300 -10.35 29.62 21.18
N VAL A 301 -9.68 30.77 21.26
CA VAL A 301 -8.59 31.04 20.32
C VAL A 301 -7.47 30.03 20.52
N ALA A 302 -7.14 29.71 21.77
CA ALA A 302 -6.06 28.76 22.02
C ALA A 302 -6.40 27.38 21.49
N THR A 303 -7.62 26.91 21.74
CA THR A 303 -7.98 25.56 21.29
C THR A 303 -8.20 25.50 19.79
N TYR A 304 -8.42 26.63 19.13
CA TYR A 304 -8.52 26.62 17.67
C TYR A 304 -7.21 26.22 17.02
N MET A 305 -6.08 26.44 17.69
CA MET A 305 -4.78 26.12 17.14
C MET A 305 -4.08 24.97 17.84
N ASP A 306 -4.53 24.57 19.02
CA ASP A 306 -3.88 23.49 19.76
C ASP A 306 -4.90 22.94 20.76
N ASN A 307 -5.36 21.72 20.55
CA ASN A 307 -6.37 21.11 21.40
C ASN A 307 -5.81 20.01 22.28
N ASP A 308 -4.50 19.96 22.47
CA ASP A 308 -3.86 18.99 23.35
C ASP A 308 -3.04 19.69 24.42
N ILE A 309 -3.58 20.77 24.98
CA ILE A 309 -2.89 21.53 26.01
C ILE A 309 -3.00 20.76 27.33
N ALA A 310 -1.88 20.26 27.82
CA ALA A 310 -1.89 19.49 29.06
C ALA A 310 -2.24 20.39 30.24
N GLY A 311 -3.07 19.85 31.14
CA GLY A 311 -3.47 20.57 32.33
C GLY A 311 -4.84 21.20 32.28
N GLN A 312 -5.61 20.99 31.22
CA GLN A 312 -6.95 21.52 31.14
C GLN A 312 -7.77 20.68 30.18
N PRO A 313 -9.09 20.64 30.34
CA PRO A 313 -9.91 19.80 29.47
C PRO A 313 -9.92 20.30 28.04
N GLN A 314 -10.08 19.36 27.11
CA GLN A 314 -10.08 19.67 25.69
C GLN A 314 -11.43 20.22 25.26
N ALA A 315 -11.42 20.92 24.13
CA ALA A 315 -12.67 21.36 23.51
C ALA A 315 -13.31 20.18 22.80
N LEU A 316 -14.61 19.98 23.04
CA LEU A 316 -15.33 18.83 22.51
C LEU A 316 -16.40 19.27 21.53
N GLN A 317 -16.67 18.41 20.56
CA GLN A 317 -17.78 18.65 19.64
C GLN A 317 -19.09 18.22 20.29
N LYS A 318 -20.19 18.50 19.59
CA LYS A 318 -21.49 18.09 20.09
C LYS A 318 -21.62 16.57 20.10
N SER A 319 -20.85 15.87 19.26
CA SER A 319 -20.83 14.43 19.27
C SER A 319 -19.95 13.85 20.37
N GLY A 320 -19.23 14.69 21.10
CA GLY A 320 -18.36 14.24 22.17
C GLY A 320 -16.92 14.03 21.76
N ARG A 321 -16.62 13.99 20.48
CA ARG A 321 -15.24 13.85 20.03
C ARG A 321 -14.49 15.17 20.22
N PRO A 322 -13.19 15.10 20.50
CA PRO A 322 -12.41 16.33 20.61
C PRO A 322 -12.28 17.04 19.27
N VAL A 323 -12.12 18.35 19.34
CA VAL A 323 -11.98 19.15 18.13
C VAL A 323 -10.62 18.91 17.50
N LYS A 324 -10.58 18.77 16.18
CA LYS A 324 -9.33 18.56 15.45
C LYS A 324 -8.70 19.92 15.19
N ALA A 325 -7.83 20.33 16.09
CA ALA A 325 -7.15 21.62 15.96
C ALA A 325 -6.17 21.60 14.80
N ILE A 326 -5.66 22.78 14.45
CA ILE A 326 -4.73 22.89 13.35
C ILE A 326 -3.43 22.15 13.66
N ARG A 327 -3.01 22.17 14.92
CA ARG A 327 -1.78 21.47 15.29
C ARG A 327 -1.91 19.97 15.05
N ALA A 328 -3.09 19.40 15.34
CA ALA A 328 -3.30 17.98 15.11
C ALA A 328 -3.28 17.62 13.64
N ARG A 329 -3.53 18.59 12.75
CA ARG A 329 -3.48 18.33 11.33
C ARG A 329 -2.08 18.04 10.84
N LEU A 330 -1.05 18.53 11.54
CA LEU A 330 0.32 18.49 11.04
C LEU A 330 1.17 17.39 11.63
N LYS A 331 0.72 16.71 12.67
CA LYS A 331 1.56 15.76 13.38
C LYS A 331 1.07 14.33 13.20
N GLY A 332 1.99 13.39 13.32
CA GLY A 332 1.69 11.97 13.23
C GLY A 332 1.99 11.39 11.87
N LYS A 333 1.72 10.09 11.75
CA LYS A 333 1.88 9.42 10.46
C LYS A 333 0.89 9.96 9.44
N GLU A 334 -0.33 10.27 9.86
CA GLU A 334 -1.37 10.74 8.98
C GLU A 334 -1.40 12.26 8.87
N GLY A 335 -0.46 12.96 9.49
CA GLY A 335 -0.41 14.40 9.42
C GLY A 335 0.00 14.88 8.05
N ARG A 336 0.11 16.20 7.93
CA ARG A 336 0.47 16.80 6.65
C ARG A 336 1.85 16.36 6.21
N LEU A 337 2.86 16.51 7.08
CA LEU A 337 4.24 16.29 6.66
C LEU A 337 4.50 14.82 6.33
N ARG A 338 4.12 13.91 7.22
CA ARG A 338 4.38 12.50 6.98
C ARG A 338 3.40 11.89 5.98
N GLY A 339 2.15 12.32 6.00
CA GLY A 339 1.12 11.65 5.23
C GLY A 339 0.75 12.26 3.90
N ASN A 340 1.22 13.47 3.62
CA ASN A 340 0.88 14.10 2.35
C ASN A 340 2.05 14.77 1.65
N LEU A 341 3.19 14.95 2.29
CA LEU A 341 4.32 15.63 1.68
C LEU A 341 5.54 14.75 1.54
N MET A 342 5.89 14.00 2.58
CA MET A 342 7.02 13.07 2.47
C MET A 342 6.64 11.85 1.66
N GLY A 343 5.39 11.39 1.79
CA GLY A 343 4.91 10.28 0.99
C GLY A 343 3.44 10.42 0.71
N LYS A 344 3.04 10.27 -0.55
CA LYS A 344 1.68 10.53 -0.97
C LYS A 344 1.24 9.47 -1.96
N ARG A 345 -0.07 9.32 -2.10
CA ARG A 345 -0.62 8.43 -3.11
C ARG A 345 -0.37 9.00 -4.50
N VAL A 346 -0.15 8.10 -5.47
CA VAL A 346 0.29 8.48 -6.79
C VAL A 346 -0.59 7.82 -7.85
N ASP A 347 -0.58 8.41 -9.04
CA ASP A 347 -1.28 7.87 -10.19
C ASP A 347 -0.35 6.95 -10.96
N PHE A 348 -0.88 6.33 -12.02
CA PHE A 348 -0.11 5.48 -12.93
C PHE A 348 0.63 4.39 -12.15
N SER A 349 -0.14 3.54 -11.50
CA SER A 349 0.39 2.47 -10.67
C SER A 349 -0.59 1.32 -10.67
N ALA A 350 -0.08 0.13 -10.34
CA ALA A 350 -0.90 -1.07 -10.33
C ALA A 350 -0.44 -1.97 -9.20
N ARG A 351 -1.30 -2.90 -8.82
CA ARG A 351 -1.01 -3.83 -7.73
C ARG A 351 -1.78 -5.10 -7.94
N THR A 352 -1.11 -6.25 -7.85
CA THR A 352 -1.77 -7.54 -7.94
C THR A 352 -0.83 -8.61 -7.41
N VAL A 353 -1.36 -9.83 -7.31
CA VAL A 353 -0.60 -10.96 -6.79
C VAL A 353 0.51 -11.33 -7.76
N ILE A 354 1.60 -11.84 -7.22
CA ILE A 354 2.76 -12.22 -8.03
C ILE A 354 2.80 -13.74 -8.19
N SER A 355 3.41 -14.19 -9.28
CA SER A 355 3.58 -15.60 -9.56
C SER A 355 4.94 -15.80 -10.21
N GLY A 356 5.36 -17.05 -10.28
CA GLY A 356 6.66 -17.37 -10.83
C GLY A 356 6.60 -17.89 -12.25
N ASP A 357 7.62 -17.54 -13.02
CA ASP A 357 7.71 -17.96 -14.42
C ASP A 357 9.16 -18.34 -14.70
N PRO A 358 9.45 -19.63 -14.84
CA PRO A 358 10.81 -20.04 -15.22
C PRO A 358 11.22 -19.56 -16.59
N ASN A 359 10.28 -19.20 -17.46
CA ASN A 359 10.54 -18.84 -18.84
C ASN A 359 10.57 -17.34 -19.05
N LEU A 360 11.02 -16.58 -18.06
CA LEU A 360 11.20 -15.15 -18.18
C LEU A 360 12.65 -14.80 -17.95
N GLU A 361 13.16 -13.82 -18.68
CA GLU A 361 14.50 -13.34 -18.43
C GLU A 361 14.58 -12.71 -17.04
N LEU A 362 15.81 -12.43 -16.59
CA LEU A 362 15.98 -11.93 -15.24
C LEU A 362 15.29 -10.58 -15.05
N ASP A 363 15.41 -9.68 -16.02
CA ASP A 363 14.89 -8.32 -15.92
C ASP A 363 13.56 -8.15 -16.64
N GLN A 364 12.72 -9.18 -16.64
CA GLN A 364 11.41 -9.10 -17.27
C GLN A 364 10.32 -9.36 -16.23
N VAL A 365 9.20 -8.65 -16.38
CA VAL A 365 8.04 -8.85 -15.53
C VAL A 365 6.84 -9.12 -16.43
N GLY A 366 6.01 -10.07 -16.04
CA GLY A 366 4.82 -10.38 -16.80
C GLY A 366 3.63 -9.56 -16.34
N VAL A 367 3.02 -8.82 -17.24
CA VAL A 367 1.97 -7.86 -16.91
C VAL A 367 0.66 -8.35 -17.53
N PRO A 368 -0.43 -8.42 -16.77
CA PRO A 368 -1.71 -8.81 -17.36
C PRO A 368 -2.16 -7.84 -18.42
N ILE A 369 -3.06 -8.31 -19.29
CA ILE A 369 -3.52 -7.48 -20.40
C ILE A 369 -4.37 -6.32 -19.89
N SER A 370 -5.20 -6.57 -18.88
CA SER A 370 -6.07 -5.52 -18.38
C SER A 370 -5.27 -4.38 -17.75
N ILE A 371 -4.22 -4.72 -17.00
CA ILE A 371 -3.37 -3.68 -16.42
C ILE A 371 -2.63 -2.92 -17.51
N ALA A 372 -2.19 -3.63 -18.55
CA ALA A 372 -1.52 -2.96 -19.67
C ALA A 372 -2.47 -2.00 -20.37
N LYS A 373 -3.74 -2.36 -20.47
CA LYS A 373 -4.71 -1.46 -21.08
C LYS A 373 -5.01 -0.27 -20.19
N THR A 374 -5.09 -0.48 -18.88
CA THR A 374 -5.43 0.61 -17.97
C THR A 374 -4.31 1.64 -17.90
N LEU A 375 -3.07 1.19 -17.69
CA LEU A 375 -1.96 2.12 -17.61
C LEU A 375 -1.54 2.58 -19.00
N SER A 376 -0.81 3.68 -19.04
CA SER A 376 -0.49 4.30 -20.32
C SER A 376 0.82 5.07 -20.21
N TYR A 377 1.37 5.41 -21.37
CA TYR A 377 2.60 6.18 -21.45
C TYR A 377 2.47 7.21 -22.58
N PRO A 378 2.58 8.51 -22.28
CA PRO A 378 2.41 9.53 -23.32
C PRO A 378 3.62 9.63 -24.23
N GLU A 379 3.45 9.25 -25.48
CA GLU A 379 4.53 9.22 -26.46
C GLU A 379 4.38 10.40 -27.41
N THR A 380 5.45 11.17 -27.57
CA THR A 380 5.43 12.34 -28.43
C THR A 380 5.46 11.92 -29.89
N VAL A 381 4.59 12.51 -30.70
CA VAL A 381 4.52 12.17 -32.11
C VAL A 381 5.67 12.82 -32.85
N THR A 382 6.49 12.00 -33.51
CA THR A 382 7.58 12.47 -34.34
C THR A 382 7.48 11.79 -35.71
N GLN A 383 8.45 12.07 -36.56
CA GLN A 383 8.43 11.50 -37.90
C GLN A 383 9.06 10.11 -37.94
N TYR A 384 9.47 9.58 -36.79
CA TYR A 384 9.90 8.18 -36.70
C TYR A 384 8.77 7.24 -36.30
N ASN A 385 7.67 7.76 -35.74
CA ASN A 385 6.64 6.88 -35.20
C ASN A 385 5.22 7.34 -35.51
N ILE A 386 5.05 8.27 -36.46
CA ILE A 386 3.70 8.79 -36.72
C ILE A 386 2.81 7.71 -37.32
N HIS A 387 3.38 6.84 -38.16
CA HIS A 387 2.60 5.75 -38.75
C HIS A 387 2.11 4.78 -37.66
N ARG A 388 3.03 4.34 -36.81
CA ARG A 388 2.68 3.41 -35.74
C ARG A 388 1.67 4.04 -34.78
N LEU A 389 1.86 5.31 -34.46
CA LEU A 389 0.94 5.97 -33.53
C LEU A 389 -0.44 6.16 -34.15
N THR A 390 -0.50 6.42 -35.46
CA THR A 390 -1.81 6.46 -36.11
C THR A 390 -2.49 5.11 -36.06
N GLU A 391 -1.73 4.03 -36.27
CA GLU A 391 -2.31 2.69 -36.14
C GLU A 391 -2.86 2.49 -34.74
N TYR A 392 -2.10 2.90 -33.71
CA TYR A 392 -2.56 2.75 -32.34
C TYR A 392 -3.83 3.55 -32.10
N VAL A 393 -3.91 4.77 -32.65
CA VAL A 393 -5.10 5.58 -32.47
C VAL A 393 -6.30 4.93 -33.14
N ARG A 394 -6.10 4.35 -34.32
CA ARG A 394 -7.20 3.65 -34.99
C ARG A 394 -7.68 2.46 -34.16
N ASN A 395 -6.75 1.72 -33.56
CA ASN A 395 -7.14 0.52 -32.82
C ASN A 395 -8.05 0.85 -31.64
N GLY A 396 -7.93 2.04 -31.06
CA GLY A 396 -8.82 2.46 -30.01
C GLY A 396 -8.43 1.95 -28.65
N PRO A 397 -9.18 2.35 -27.62
CA PRO A 397 -8.80 2.01 -26.24
C PRO A 397 -9.20 0.62 -25.79
N ASN A 398 -9.74 -0.23 -26.67
CA ASN A 398 -10.15 -1.57 -26.27
C ASN A 398 -9.38 -2.67 -26.98
N GLU A 399 -8.54 -2.33 -27.95
CA GLU A 399 -7.82 -3.32 -28.73
C GLU A 399 -6.33 -3.11 -28.51
N HIS A 400 -5.62 -4.19 -28.22
CA HIS A 400 -4.20 -4.09 -27.94
C HIS A 400 -3.40 -4.47 -29.19
N PRO A 401 -2.44 -3.64 -29.63
CA PRO A 401 -2.03 -2.37 -29.03
C PRO A 401 -2.98 -1.23 -29.35
N GLY A 402 -3.19 -0.33 -28.39
CA GLY A 402 -4.13 0.75 -28.60
C GLY A 402 -3.70 2.03 -27.93
N ALA A 403 -4.61 2.99 -27.83
CA ALA A 403 -4.33 4.26 -27.18
C ALA A 403 -5.57 4.70 -26.42
N LYS A 404 -5.37 5.53 -25.40
CA LYS A 404 -6.46 6.04 -24.59
C LYS A 404 -6.79 7.49 -24.86
N TYR A 405 -5.78 8.34 -25.03
CA TYR A 405 -5.99 9.76 -25.24
C TYR A 405 -5.05 10.27 -26.31
N VAL A 406 -5.42 11.39 -26.93
CA VAL A 406 -4.54 12.16 -27.79
C VAL A 406 -4.50 13.57 -27.22
N ILE A 407 -3.31 14.07 -26.95
CA ILE A 407 -3.13 15.36 -26.29
C ILE A 407 -2.53 16.32 -27.31
N ARG A 408 -3.19 17.46 -27.49
CA ARG A 408 -2.72 18.45 -28.45
C ARG A 408 -1.61 19.28 -27.82
N ASP A 409 -1.04 20.18 -28.64
CA ASP A 409 0.01 21.06 -28.16
C ASP A 409 -0.48 21.99 -27.07
N ASN A 410 -1.70 22.51 -27.22
CA ASN A 410 -2.24 23.45 -26.24
C ASN A 410 -2.60 22.77 -24.92
N GLY A 411 -2.59 21.45 -24.85
CA GLY A 411 -2.88 20.73 -23.63
C GLY A 411 -4.24 20.07 -23.57
N ASP A 412 -5.09 20.30 -24.57
CA ASP A 412 -6.41 19.67 -24.57
C ASP A 412 -6.29 18.16 -24.79
N ARG A 413 -7.12 17.41 -24.09
CA ARG A 413 -7.12 15.95 -24.18
C ARG A 413 -8.30 15.49 -25.01
N ILE A 414 -8.04 14.61 -25.97
CA ILE A 414 -9.07 13.99 -26.79
C ILE A 414 -9.27 12.56 -26.30
N ASP A 415 -10.43 12.28 -25.73
CA ASP A 415 -10.74 10.95 -25.24
C ASP A 415 -11.21 10.08 -26.39
N LEU A 416 -10.60 8.92 -26.54
CA LEU A 416 -10.90 8.03 -27.66
C LEU A 416 -12.06 7.10 -27.38
N ARG A 417 -12.56 7.05 -26.14
CA ARG A 417 -13.78 6.29 -25.87
C ARG A 417 -15.00 6.99 -26.43
N TYR A 418 -15.08 8.30 -26.22
CA TYR A 418 -16.27 9.08 -26.55
C TYR A 418 -16.14 9.82 -27.86
N HIS A 419 -15.18 9.46 -28.70
CA HIS A 419 -15.00 10.11 -29.99
C HIS A 419 -15.63 9.25 -31.07
N LYS A 420 -16.56 9.83 -31.83
CA LYS A 420 -17.23 9.12 -32.90
C LYS A 420 -16.43 9.13 -34.21
N ARG A 421 -15.40 9.94 -34.31
CA ARG A 421 -14.64 10.12 -35.54
C ARG A 421 -13.15 9.87 -35.27
N ALA A 422 -12.85 8.78 -34.57
CA ALA A 422 -11.47 8.45 -34.25
C ALA A 422 -10.63 8.26 -35.51
N GLY A 423 -11.21 7.64 -36.54
CA GLY A 423 -10.52 7.51 -37.81
C GLY A 423 -10.31 8.82 -38.53
N ASP A 424 -11.05 9.86 -38.15
CA ASP A 424 -10.90 11.19 -38.74
C ASP A 424 -9.97 12.09 -37.91
N ILE A 425 -8.99 11.50 -37.25
CA ILE A 425 -8.00 12.24 -36.48
C ILE A 425 -6.65 12.11 -37.16
N VAL A 426 -6.03 13.24 -37.47
CA VAL A 426 -4.69 13.28 -38.03
C VAL A 426 -3.75 13.82 -36.97
N LEU A 427 -2.62 13.15 -36.79
CA LEU A 427 -1.68 13.50 -35.74
C LEU A 427 -0.62 14.45 -36.27
N GLN A 428 -0.42 15.55 -35.57
CA GLN A 428 0.61 16.52 -35.91
C GLN A 428 1.83 16.31 -35.02
N TYR A 429 2.99 16.67 -35.55
CA TYR A 429 4.22 16.53 -34.79
C TYR A 429 4.15 17.36 -33.52
N GLY A 430 4.62 16.79 -32.41
CA GLY A 430 4.58 17.46 -31.14
C GLY A 430 3.39 17.09 -30.27
N TRP A 431 2.36 16.46 -30.85
CA TRP A 431 1.28 15.94 -30.05
C TRP A 431 1.74 14.74 -29.23
N LYS A 432 0.94 14.36 -28.26
CA LYS A 432 1.21 13.20 -27.43
C LYS A 432 0.08 12.21 -27.56
N VAL A 433 0.42 10.93 -27.65
CA VAL A 433 -0.56 9.85 -27.67
C VAL A 433 -0.33 9.00 -26.44
N GLU A 434 -1.35 8.88 -25.60
CA GLU A 434 -1.25 8.08 -24.38
C GLU A 434 -1.53 6.63 -24.74
N ARG A 435 -0.54 6.01 -25.37
CA ARG A 435 -0.70 4.65 -25.85
C ARG A 435 -0.69 3.66 -24.70
N HIS A 436 -1.08 2.43 -25.00
CA HIS A 436 -1.10 1.38 -24.00
C HIS A 436 0.32 0.97 -23.62
N LEU A 437 0.44 0.30 -22.49
CA LEU A 437 1.71 -0.28 -22.08
C LEU A 437 2.09 -1.39 -23.02
N MET A 438 3.32 -1.40 -23.49
CA MET A 438 3.77 -2.36 -24.49
C MET A 438 5.00 -3.11 -23.99
N ASP A 439 5.48 -4.03 -24.82
CA ASP A 439 6.63 -4.84 -24.46
C ASP A 439 7.90 -4.00 -24.41
N ASP A 440 8.79 -4.37 -23.50
CA ASP A 440 10.09 -3.74 -23.27
C ASP A 440 9.97 -2.32 -22.76
N ASP A 441 8.84 -1.93 -22.19
CA ASP A 441 8.74 -0.66 -21.51
C ASP A 441 9.31 -0.79 -20.10
N PRO A 442 10.27 0.05 -19.71
CA PRO A 442 10.79 -0.03 -18.33
C PRO A 442 9.74 0.45 -17.34
N VAL A 443 9.56 -0.35 -16.28
CA VAL A 443 8.62 0.00 -15.22
C VAL A 443 9.29 -0.29 -13.89
N LEU A 444 9.02 0.56 -12.91
CA LEU A 444 9.54 0.34 -11.57
C LEU A 444 8.67 -0.65 -10.82
N PHE A 445 9.31 -1.57 -10.10
CA PHE A 445 8.62 -2.68 -9.47
C PHE A 445 9.07 -2.74 -8.02
N ASN A 446 8.14 -2.94 -7.09
CA ASN A 446 8.40 -2.67 -5.69
C ASN A 446 7.61 -3.61 -4.81
N ARG A 447 8.19 -3.97 -3.67
CA ARG A 447 7.51 -4.76 -2.65
C ARG A 447 7.73 -4.13 -1.29
N GLN A 448 6.68 -4.10 -0.47
CA GLN A 448 6.76 -3.56 0.88
C GLN A 448 6.93 -4.67 1.90
N PRO A 449 7.66 -4.42 2.99
CA PRO A 449 8.37 -3.18 3.30
C PRO A 449 9.68 -3.05 2.51
N SER A 450 10.00 -1.83 2.07
CA SER A 450 11.19 -1.57 1.27
C SER A 450 12.37 -1.35 2.20
N LEU A 451 13.03 -2.44 2.57
CA LEU A 451 14.09 -2.37 3.56
C LEU A 451 15.39 -1.83 2.96
N HIS A 452 15.69 -2.16 1.72
CA HIS A 452 16.91 -1.70 1.07
C HIS A 452 16.62 -1.35 -0.37
N LYS A 453 17.63 -0.81 -1.05
CA LYS A 453 17.43 -0.24 -2.38
C LYS A 453 17.23 -1.30 -3.45
N MET A 454 17.46 -2.56 -3.16
CA MET A 454 17.16 -3.63 -4.10
C MET A 454 15.70 -4.05 -4.05
N SER A 455 14.91 -3.44 -3.19
CA SER A 455 13.48 -3.68 -3.15
C SER A 455 12.71 -2.90 -4.20
N MET A 456 13.36 -1.95 -4.86
CA MET A 456 12.80 -1.25 -6.01
C MET A 456 13.75 -1.41 -7.18
N MET A 457 13.32 -2.14 -8.20
CA MET A 457 14.14 -2.35 -9.38
C MET A 457 13.27 -2.22 -10.61
N ALA A 458 13.88 -1.85 -11.72
CA ALA A 458 13.16 -1.61 -12.96
C ALA A 458 13.25 -2.82 -13.86
N HIS A 459 12.10 -3.35 -14.26
CA HIS A 459 12.01 -4.49 -15.15
C HIS A 459 11.51 -4.05 -16.53
N ARG A 460 11.54 -4.97 -17.47
CA ARG A 460 11.00 -4.75 -18.80
C ARG A 460 9.66 -5.45 -18.93
N VAL A 461 8.68 -4.76 -19.47
CA VAL A 461 7.31 -5.28 -19.53
C VAL A 461 7.22 -6.37 -20.58
N LYS A 462 6.47 -7.43 -20.25
CA LYS A 462 6.02 -8.42 -21.21
C LYS A 462 4.56 -8.71 -20.92
N VAL A 463 3.69 -8.43 -21.88
CA VAL A 463 2.25 -8.55 -21.67
C VAL A 463 1.86 -10.02 -21.80
N MET A 464 1.13 -10.52 -20.81
CA MET A 464 0.77 -11.92 -20.72
C MET A 464 -0.68 -12.05 -20.28
N PRO A 465 -1.32 -13.19 -20.57
CA PRO A 465 -2.68 -13.41 -20.08
C PRO A 465 -2.74 -13.68 -18.58
N TYR A 466 -3.94 -13.80 -18.05
CA TYR A 466 -4.21 -14.04 -16.63
C TYR A 466 -3.76 -12.86 -15.78
N SER A 467 -4.08 -12.88 -14.49
CA SER A 467 -4.18 -11.66 -13.71
C SER A 467 -3.09 -11.49 -12.65
N THR A 468 -1.93 -12.14 -12.83
CA THR A 468 -0.87 -12.04 -11.84
C THR A 468 0.40 -11.49 -12.46
N PHE A 469 1.16 -10.74 -11.67
CA PHE A 469 2.51 -10.37 -12.06
C PHE A 469 3.40 -11.59 -12.02
N ARG A 470 4.34 -11.67 -12.96
CA ARG A 470 5.20 -12.83 -13.08
C ARG A 470 6.66 -12.42 -13.04
N LEU A 471 7.43 -13.14 -12.24
CA LEU A 471 8.83 -12.81 -11.98
C LEU A 471 9.69 -14.03 -12.25
N ASN A 472 10.89 -13.80 -12.78
CA ASN A 472 11.90 -14.84 -12.73
C ASN A 472 12.25 -15.12 -11.28
N LEU A 473 12.48 -16.39 -10.94
CA LEU A 473 12.55 -16.74 -9.53
C LEU A 473 13.86 -16.31 -8.88
N SER A 474 14.84 -15.87 -9.66
CA SER A 474 16.08 -15.40 -9.06
C SER A 474 15.91 -14.06 -8.36
N VAL A 475 14.90 -13.28 -8.72
CA VAL A 475 14.73 -11.96 -8.16
C VAL A 475 13.83 -12.02 -6.93
N THR A 476 13.40 -13.21 -6.54
CA THR A 476 12.59 -13.32 -5.35
C THR A 476 13.40 -13.16 -4.08
N SER A 477 14.73 -13.21 -4.17
CA SER A 477 15.57 -13.04 -3.00
C SER A 477 15.70 -11.57 -2.61
N PRO A 478 16.10 -10.66 -3.52
CA PRO A 478 16.18 -9.26 -3.13
C PRO A 478 14.84 -8.68 -2.70
N TYR A 479 13.74 -9.11 -3.30
CA TYR A 479 12.42 -8.63 -2.90
C TYR A 479 11.91 -9.30 -1.64
N ASN A 480 12.54 -10.38 -1.19
CA ASN A 480 12.06 -11.16 -0.05
C ASN A 480 10.63 -11.62 -0.29
N ALA A 481 10.36 -12.09 -1.50
CA ALA A 481 9.02 -12.44 -1.93
C ALA A 481 8.92 -13.92 -2.25
N ASP A 482 7.76 -14.49 -1.96
CA ASP A 482 7.39 -15.81 -2.46
C ASP A 482 5.96 -15.75 -2.94
N PHE A 483 5.50 -16.85 -3.54
CA PHE A 483 4.25 -16.87 -4.27
C PHE A 483 3.11 -17.50 -3.48
N ASP A 484 3.06 -17.27 -2.17
CA ASP A 484 1.98 -17.77 -1.34
C ASP A 484 0.89 -16.74 -1.10
N GLY A 485 0.87 -15.66 -1.88
CA GLY A 485 -0.11 -14.61 -1.72
C GLY A 485 0.47 -13.21 -1.68
N ASP A 486 1.77 -13.04 -1.87
CA ASP A 486 2.36 -11.71 -1.82
C ASP A 486 1.86 -10.86 -2.98
N GLU A 487 1.87 -9.55 -2.76
CA GLU A 487 1.52 -8.58 -3.79
C GLU A 487 2.64 -7.58 -3.95
N MET A 488 2.79 -7.06 -5.16
CA MET A 488 3.85 -6.11 -5.45
C MET A 488 3.30 -4.96 -6.28
N ASN A 489 3.99 -3.84 -6.20
CA ASN A 489 3.53 -2.58 -6.77
C ASN A 489 4.30 -2.30 -8.05
N LEU A 490 3.62 -1.76 -9.05
CA LEU A 490 4.24 -1.38 -10.31
C LEU A 490 3.97 0.09 -10.59
N HIS A 491 5.03 0.83 -10.92
CA HIS A 491 4.93 2.26 -11.22
C HIS A 491 5.46 2.53 -12.62
N VAL A 492 4.71 3.28 -13.40
CA VAL A 492 5.01 3.53 -14.81
C VAL A 492 5.64 4.91 -14.93
N PRO A 493 6.85 5.02 -15.49
CA PRO A 493 7.39 6.35 -15.80
C PRO A 493 6.60 7.02 -16.90
N GLN A 494 6.55 8.36 -16.85
CA GLN A 494 5.72 9.12 -17.76
C GLN A 494 6.51 10.11 -18.60
N SER A 495 7.81 9.89 -18.77
CA SER A 495 8.62 10.84 -19.53
C SER A 495 9.83 10.13 -20.10
N GLU A 496 10.44 10.76 -21.10
CA GLU A 496 11.67 10.22 -21.67
C GLU A 496 12.82 10.26 -20.67
N GLU A 497 12.92 11.37 -19.93
CA GLU A 497 13.98 11.49 -18.93
C GLU A 497 13.84 10.44 -17.86
N THR A 498 12.63 10.22 -17.37
CA THR A 498 12.40 9.25 -16.31
C THR A 498 12.62 7.83 -16.81
N ARG A 499 12.19 7.56 -18.05
CA ARG A 499 12.44 6.24 -18.64
C ARG A 499 13.93 5.97 -18.74
N ALA A 500 14.71 6.97 -19.18
CA ALA A 500 16.15 6.79 -19.26
C ALA A 500 16.76 6.56 -17.88
N GLU A 501 16.30 7.29 -16.87
CA GLU A 501 16.81 7.08 -15.53
C GLU A 501 16.54 5.66 -15.04
N LEU A 502 15.32 5.18 -15.28
CA LEU A 502 14.99 3.82 -14.84
C LEU A 502 15.82 2.78 -15.58
N SER A 503 15.99 2.93 -16.89
CA SER A 503 16.72 1.92 -17.64
C SER A 503 18.22 1.99 -17.41
N GLN A 504 18.76 3.13 -16.97
CA GLN A 504 20.19 3.26 -16.79
C GLN A 504 20.66 3.20 -15.34
N LEU A 505 19.76 3.29 -14.36
CA LEU A 505 20.18 3.31 -12.97
C LEU A 505 19.60 2.17 -12.15
N CYS A 506 18.29 1.94 -12.24
CA CYS A 506 17.62 0.98 -11.37
C CYS A 506 17.42 -0.38 -12.03
N ALA A 507 17.96 -0.60 -13.22
CA ALA A 507 17.68 -1.84 -13.94
C ALA A 507 18.18 -3.04 -13.15
N VAL A 508 17.46 -4.16 -13.29
CA VAL A 508 17.79 -5.34 -12.50
C VAL A 508 19.21 -5.83 -12.73
N PRO A 509 19.73 -5.92 -13.95
CA PRO A 509 21.10 -6.41 -14.12
C PRO A 509 22.13 -5.57 -13.39
N LEU A 510 21.90 -4.28 -13.22
CA LEU A 510 22.86 -3.43 -12.51
C LEU A 510 22.86 -3.64 -11.01
N GLN A 511 21.86 -4.34 -10.48
CA GLN A 511 21.69 -4.48 -9.03
C GLN A 511 22.11 -5.85 -8.53
N ILE A 512 22.82 -6.63 -9.34
CA ILE A 512 23.13 -8.00 -8.94
C ILE A 512 24.09 -8.02 -7.76
N VAL A 513 25.08 -7.13 -7.75
CA VAL A 513 26.03 -7.03 -6.65
C VAL A 513 25.62 -5.86 -5.76
N SER A 514 25.55 -6.11 -4.47
CA SER A 514 25.11 -5.14 -3.48
C SER A 514 26.29 -4.46 -2.81
N PRO A 515 26.14 -3.18 -2.44
CA PRO A 515 27.21 -2.50 -1.71
C PRO A 515 27.25 -2.83 -0.23
N GLN A 516 26.24 -3.54 0.29
CA GLN A 516 26.23 -3.83 1.72
C GLN A 516 27.33 -4.81 2.11
N SER A 517 27.52 -5.87 1.33
CA SER A 517 28.54 -6.86 1.65
C SER A 517 29.36 -7.26 0.44
N ASN A 518 29.40 -6.42 -0.60
CA ASN A 518 30.11 -6.67 -1.85
C ASN A 518 30.01 -8.12 -2.31
N LYS A 519 28.80 -8.67 -2.30
CA LYS A 519 28.51 -10.01 -2.79
C LYS A 519 27.18 -9.97 -3.52
N PRO A 520 26.94 -10.90 -4.44
CA PRO A 520 25.68 -10.90 -5.18
C PRO A 520 24.48 -11.10 -4.26
N VAL A 521 23.36 -10.50 -4.65
CA VAL A 521 22.10 -10.68 -3.93
C VAL A 521 21.18 -11.66 -4.62
N MET A 522 21.47 -12.06 -5.85
CA MET A 522 20.65 -13.02 -6.59
C MET A 522 21.51 -14.21 -6.95
N GLY A 523 20.95 -15.41 -6.77
CA GLY A 523 21.64 -16.63 -7.14
C GLY A 523 20.63 -17.66 -7.57
N ILE A 524 21.13 -18.82 -7.99
CA ILE A 524 20.27 -19.93 -8.33
C ILE A 524 19.62 -20.45 -7.05
N VAL A 525 18.31 -20.64 -7.08
CA VAL A 525 17.55 -20.97 -5.88
C VAL A 525 16.57 -22.10 -6.16
N GLN A 526 16.22 -22.82 -5.10
CA GLN A 526 15.13 -23.78 -5.06
C GLN A 526 15.44 -24.95 -6.00
N ASP A 527 14.47 -25.40 -6.80
CA ASP A 527 14.66 -26.64 -7.53
C ASP A 527 15.67 -26.50 -8.64
N THR A 528 15.94 -25.29 -9.10
CA THR A 528 17.05 -25.11 -10.03
C THR A 528 18.38 -25.43 -9.35
N LEU A 529 18.54 -25.01 -8.10
CA LEU A 529 19.74 -25.36 -7.35
C LEU A 529 19.81 -26.86 -7.11
N CYS A 530 18.69 -27.47 -6.71
CA CYS A 530 18.69 -28.91 -6.49
C CYS A 530 19.00 -29.67 -7.78
N GLY A 531 18.45 -29.22 -8.90
CA GLY A 531 18.66 -29.90 -10.16
C GLY A 531 20.03 -29.66 -10.75
N VAL A 532 20.68 -28.54 -10.41
CA VAL A 532 22.03 -28.36 -10.90
C VAL A 532 23.00 -29.15 -10.04
N ARG A 533 22.63 -29.44 -8.79
CA ARG A 533 23.44 -30.39 -8.03
C ARG A 533 23.26 -31.81 -8.54
N LYS A 534 22.02 -32.22 -8.79
CA LYS A 534 21.78 -33.57 -9.27
C LYS A 534 22.33 -33.78 -10.67
N MET A 535 22.25 -32.75 -11.52
CA MET A 535 22.62 -32.89 -12.91
C MET A 535 24.12 -32.94 -13.09
N THR A 536 24.87 -32.35 -12.18
CA THR A 536 26.32 -32.29 -12.28
C THR A 536 27.03 -33.33 -11.43
N LEU A 537 26.31 -34.34 -10.96
CA LEU A 537 26.97 -35.44 -10.29
C LEU A 537 27.88 -36.18 -11.27
N ARG A 538 28.82 -36.95 -10.73
CA ARG A 538 29.80 -37.60 -11.58
C ARG A 538 29.18 -38.69 -12.44
N ASP A 539 28.08 -39.28 -12.00
CA ASP A 539 27.47 -40.41 -12.69
C ASP A 539 26.15 -40.03 -13.36
N THR A 540 26.10 -38.86 -13.96
CA THR A 540 24.95 -38.43 -14.74
C THR A 540 25.35 -38.35 -16.21
N PHE A 541 24.79 -39.22 -17.03
CA PHE A 541 25.10 -39.30 -18.45
C PHE A 541 23.84 -39.06 -19.25
N ILE A 542 23.98 -38.37 -20.38
CA ILE A 542 22.85 -37.91 -21.17
C ILE A 542 23.01 -38.42 -22.60
N GLU A 543 21.93 -38.94 -23.17
CA GLU A 543 21.94 -39.48 -24.52
C GLU A 543 21.93 -38.35 -25.54
N TYR A 544 22.17 -38.73 -26.80
CA TYR A 544 22.28 -37.73 -27.86
C TYR A 544 20.99 -36.97 -28.07
N GLU A 545 19.85 -37.67 -28.09
CA GLU A 545 18.59 -37.03 -28.42
C GLU A 545 18.17 -36.05 -27.33
N GLN A 546 18.48 -36.35 -26.07
CA GLN A 546 18.21 -35.40 -25.01
C GLN A 546 19.19 -34.25 -25.01
N VAL A 547 20.44 -34.52 -25.39
CA VAL A 547 21.44 -33.45 -25.46
C VAL A 547 21.04 -32.42 -26.52
N MET A 548 20.50 -32.88 -27.64
CA MET A 548 20.10 -31.95 -28.68
C MET A 548 19.02 -31.00 -28.18
N ASN A 549 18.01 -31.55 -27.49
CA ASN A 549 16.96 -30.72 -26.93
C ASN A 549 17.52 -29.76 -25.89
N MET A 550 18.43 -30.24 -25.04
CA MET A 550 18.98 -29.39 -23.99
C MET A 550 19.83 -28.27 -24.57
N LEU A 551 20.52 -28.54 -25.67
CA LEU A 551 21.34 -27.52 -26.30
C LEU A 551 20.48 -26.49 -27.01
N PHE A 552 19.40 -26.92 -27.65
CA PHE A 552 18.53 -25.95 -28.31
C PHE A 552 17.87 -25.00 -27.33
N TRP A 553 17.72 -25.41 -26.07
CA TRP A 553 17.06 -24.57 -25.08
C TRP A 553 17.92 -23.38 -24.66
N VAL A 554 19.23 -23.46 -24.84
CA VAL A 554 20.11 -22.36 -24.43
C VAL A 554 19.98 -21.24 -25.45
N PRO A 555 19.52 -20.06 -25.06
CA PRO A 555 19.39 -18.96 -26.03
C PRO A 555 20.70 -18.51 -26.63
N SER A 556 21.80 -18.61 -25.88
CA SER A 556 23.09 -18.09 -26.31
C SER A 556 23.95 -19.15 -26.98
N TRP A 557 23.43 -20.36 -27.18
CA TRP A 557 24.21 -21.42 -27.80
C TRP A 557 24.60 -21.04 -29.23
N ASP A 558 25.81 -21.41 -29.63
CA ASP A 558 26.35 -20.98 -30.90
C ASP A 558 26.14 -21.98 -32.03
N GLY A 559 25.40 -23.06 -31.79
CA GLY A 559 25.11 -23.99 -32.86
C GLY A 559 26.13 -25.07 -33.09
N VAL A 560 27.08 -25.26 -32.16
CA VAL A 560 28.09 -26.29 -32.26
C VAL A 560 27.91 -27.24 -31.10
N VAL A 561 27.71 -28.52 -31.38
CA VAL A 561 27.52 -29.50 -30.31
C VAL A 561 28.87 -29.97 -29.81
N PRO A 562 29.11 -29.98 -28.51
CA PRO A 562 30.40 -30.47 -28.01
C PRO A 562 30.55 -31.95 -28.24
N GLN A 563 31.80 -32.39 -28.34
CA GLN A 563 32.08 -33.81 -28.46
C GLN A 563 31.70 -34.52 -27.16
N PRO A 564 31.11 -35.71 -27.23
CA PRO A 564 30.71 -36.40 -26.02
C PRO A 564 31.92 -36.83 -25.20
N ALA A 565 31.71 -36.94 -23.88
CA ALA A 565 32.77 -37.45 -23.03
C ALA A 565 33.12 -38.87 -23.39
N ILE A 566 32.13 -39.69 -23.72
CA ILE A 566 32.31 -41.09 -24.08
C ILE A 566 31.88 -41.24 -25.53
N LEU A 567 32.83 -41.60 -26.39
CA LEU A 567 32.56 -41.75 -27.81
C LEU A 567 32.16 -43.16 -28.20
N LYS A 568 32.71 -44.17 -27.54
CA LYS A 568 32.44 -45.57 -27.81
C LYS A 568 32.23 -46.28 -26.49
N PRO A 569 31.37 -47.31 -26.45
CA PRO A 569 30.53 -47.88 -27.50
C PRO A 569 29.31 -47.04 -27.85
N LYS A 570 28.90 -46.17 -26.93
CA LYS A 570 27.71 -45.35 -27.11
C LYS A 570 28.07 -43.90 -26.80
N PRO A 571 27.69 -42.95 -27.65
CA PRO A 571 27.97 -41.54 -27.36
C PRO A 571 27.17 -41.07 -26.15
N LEU A 572 27.88 -40.58 -25.14
CA LEU A 572 27.25 -40.09 -23.92
C LEU A 572 27.92 -38.77 -23.51
N TRP A 573 27.09 -37.84 -23.08
CA TRP A 573 27.54 -36.57 -22.52
C TRP A 573 27.29 -36.59 -21.02
N THR A 574 28.12 -35.87 -20.27
CA THR A 574 27.93 -35.72 -18.84
C THR A 574 27.22 -34.40 -18.56
N GLY A 575 26.60 -34.31 -17.39
CA GLY A 575 25.88 -33.09 -17.03
C GLY A 575 26.78 -31.88 -16.94
N LYS A 576 28.05 -32.08 -16.59
CA LYS A 576 28.99 -30.97 -16.51
C LYS A 576 29.20 -30.33 -17.86
N GLN A 577 29.18 -31.12 -18.94
CA GLN A 577 29.32 -30.55 -20.28
C GLN A 577 28.13 -29.65 -20.62
N LEU A 578 26.92 -30.12 -20.33
CA LEU A 578 25.74 -29.33 -20.65
C LEU A 578 25.67 -28.08 -19.79
N LEU A 579 26.18 -28.15 -18.56
CA LEU A 579 26.25 -26.93 -17.76
C LEU A 579 27.30 -25.98 -18.29
N SER A 580 28.46 -26.50 -18.70
CA SER A 580 29.51 -25.65 -19.24
C SER A 580 29.07 -24.99 -20.53
N ILE A 581 28.10 -25.57 -21.22
CA ILE A 581 27.53 -24.93 -22.40
C ILE A 581 26.91 -23.58 -22.03
N ALA A 582 26.29 -23.50 -20.85
CA ALA A 582 25.61 -22.29 -20.43
C ALA A 582 26.55 -21.22 -19.89
N ILE A 583 27.78 -21.57 -19.53
CA ILE A 583 28.72 -20.62 -18.94
C ILE A 583 29.48 -19.90 -20.04
N PRO A 584 29.57 -18.56 -20.00
CA PRO A 584 30.32 -17.84 -21.03
C PRO A 584 31.80 -18.20 -21.00
N SER A 585 32.41 -18.16 -22.18
CA SER A 585 33.82 -18.53 -22.30
C SER A 585 34.70 -17.44 -21.70
N GLY A 586 35.87 -17.85 -21.22
CA GLY A 586 36.78 -16.93 -20.57
C GLY A 586 36.56 -16.75 -19.09
N ILE A 587 35.86 -17.68 -18.44
CA ILE A 587 35.61 -17.63 -17.00
C ILE A 587 36.52 -18.65 -16.34
N HIS A 588 37.30 -18.20 -15.35
CA HIS A 588 38.16 -19.09 -14.58
C HIS A 588 37.73 -19.04 -13.12
N LEU A 589 37.56 -20.20 -12.52
CA LEU A 589 37.14 -20.28 -11.13
C LEU A 589 37.76 -21.50 -10.50
N GLN A 590 38.39 -21.31 -9.34
CA GLN A 590 39.07 -22.37 -8.62
C GLN A 590 38.68 -22.27 -7.15
N ARG A 591 38.31 -23.40 -6.56
CA ARG A 591 37.95 -23.43 -5.16
C ARG A 591 38.39 -24.76 -4.55
N THR A 592 38.91 -24.70 -3.34
CA THR A 592 39.36 -25.88 -2.61
C THR A 592 38.41 -26.11 -1.44
N ASP A 593 37.81 -27.29 -1.39
CA ASP A 593 36.86 -27.66 -0.35
C ASP A 593 37.47 -28.77 0.50
N GLY A 594 37.77 -28.45 1.75
CA GLY A 594 38.35 -29.44 2.65
C GLY A 594 39.70 -29.95 2.24
N GLY A 595 40.51 -29.11 1.62
CA GLY A 595 41.86 -29.51 1.22
C GLY A 595 41.89 -30.66 0.23
N ASN A 596 40.95 -30.71 -0.69
CA ASN A 596 40.93 -31.78 -1.68
C ASN A 596 42.10 -31.65 -2.64
N SER A 597 42.52 -32.78 -3.19
CA SER A 597 43.56 -32.78 -4.20
C SER A 597 42.98 -32.44 -5.56
N LEU A 598 43.86 -32.29 -6.55
CA LEU A 598 43.41 -32.04 -7.91
C LEU A 598 42.72 -33.24 -8.53
N LEU A 599 42.79 -34.40 -7.91
CA LEU A 599 42.11 -35.58 -8.43
C LEU A 599 40.70 -35.72 -7.88
N SER A 600 40.34 -34.95 -6.86
CA SER A 600 38.99 -34.81 -6.33
C SER A 600 38.28 -36.16 -6.18
N PRO A 601 38.71 -37.01 -5.25
CA PRO A 601 38.02 -38.30 -5.08
C PRO A 601 36.55 -38.15 -4.69
N LYS A 602 36.21 -37.15 -3.90
CA LYS A 602 34.83 -36.96 -3.45
C LYS A 602 34.03 -36.03 -4.36
N ASP A 603 34.62 -35.57 -5.46
CA ASP A 603 33.98 -34.64 -6.39
C ASP A 603 33.55 -33.35 -5.68
N ASN A 604 34.39 -32.87 -4.78
CA ASN A 604 34.19 -31.58 -4.15
C ASN A 604 35.19 -30.58 -4.69
N GLY A 605 35.16 -29.37 -4.16
CA GLY A 605 35.99 -28.35 -4.76
C GLY A 605 35.38 -27.88 -6.07
N MET A 606 36.16 -27.11 -6.82
CA MET A 606 35.68 -26.57 -8.08
C MET A 606 36.87 -26.18 -8.94
N LEU A 607 36.73 -26.36 -10.24
CA LEU A 607 37.73 -25.89 -11.20
C LEU A 607 37.03 -25.66 -12.53
N ILE A 608 36.91 -24.40 -12.93
CA ILE A 608 36.32 -24.01 -14.20
C ILE A 608 37.42 -23.35 -15.02
N VAL A 609 37.74 -23.93 -16.17
CA VAL A 609 38.81 -23.44 -17.02
C VAL A 609 38.20 -23.03 -18.34
N ASP A 610 38.30 -21.74 -18.66
CA ASP A 610 37.77 -21.18 -19.91
C ASP A 610 36.29 -21.50 -20.07
N GLY A 611 35.55 -21.40 -18.98
CA GLY A 611 34.13 -21.63 -19.03
C GLY A 611 33.72 -23.08 -19.12
N LYS A 612 34.64 -24.01 -18.88
CA LYS A 612 34.34 -25.43 -18.93
C LYS A 612 34.64 -26.05 -17.57
N VAL A 613 33.68 -26.77 -17.03
CA VAL A 613 33.81 -27.37 -15.70
C VAL A 613 34.68 -28.61 -15.81
N MET A 614 35.77 -28.66 -15.03
CA MET A 614 36.65 -29.81 -15.03
C MET A 614 36.26 -30.83 -13.97
N PHE A 615 35.99 -30.37 -12.75
CA PHE A 615 35.50 -31.26 -11.70
C PHE A 615 34.78 -30.42 -10.66
N GLY A 616 34.03 -31.11 -9.80
CA GLY A 616 33.33 -30.43 -8.73
C GLY A 616 31.83 -30.37 -8.99
N VAL A 617 31.07 -30.74 -7.98
CA VAL A 617 29.61 -30.65 -8.06
C VAL A 617 29.19 -29.20 -7.88
N VAL A 618 28.32 -28.72 -8.75
CA VAL A 618 27.85 -27.34 -8.69
C VAL A 618 26.69 -27.27 -7.71
N ASP A 619 26.82 -26.42 -6.70
CA ASP A 619 25.80 -26.32 -5.66
C ASP A 619 25.80 -24.89 -5.14
N LYS A 620 25.25 -24.70 -3.94
CA LYS A 620 25.13 -23.37 -3.36
C LYS A 620 26.47 -22.65 -3.26
N LYS A 621 27.55 -23.39 -3.02
CA LYS A 621 28.85 -22.75 -2.88
C LYS A 621 29.39 -22.19 -4.18
N THR A 622 28.78 -22.53 -5.32
CA THR A 622 29.24 -22.07 -6.62
C THR A 622 28.27 -21.11 -7.28
N VAL A 623 27.00 -21.49 -7.40
CA VAL A 623 26.01 -20.66 -8.08
C VAL A 623 25.06 -20.00 -7.08
N GLY A 624 25.40 -19.98 -5.80
CA GLY A 624 24.61 -19.30 -4.80
C GLY A 624 24.89 -17.81 -4.82
N SER A 625 24.36 -17.13 -3.81
CA SER A 625 24.53 -15.69 -3.69
C SER A 625 25.78 -15.30 -2.93
N GLY A 626 26.60 -16.26 -2.51
CA GLY A 626 27.81 -15.92 -1.78
C GLY A 626 28.84 -15.25 -2.65
N GLY A 627 29.81 -14.61 -2.01
CA GLY A 627 30.84 -13.90 -2.72
C GLY A 627 31.89 -14.84 -3.28
N GLY A 628 32.50 -14.41 -4.39
CA GLY A 628 33.54 -15.20 -5.01
C GLY A 628 33.06 -16.39 -5.80
N GLY A 629 31.75 -16.50 -6.05
CA GLY A 629 31.19 -17.60 -6.80
C GLY A 629 31.23 -17.35 -8.29
N LEU A 630 30.45 -18.16 -9.01
CA LEU A 630 30.39 -18.01 -10.46
C LEU A 630 29.71 -16.72 -10.85
N ILE A 631 28.63 -16.36 -10.17
CA ILE A 631 27.88 -15.16 -10.54
C ILE A 631 28.71 -13.91 -10.32
N HIS A 632 29.41 -13.84 -9.18
CA HIS A 632 30.26 -12.69 -8.90
C HIS A 632 31.39 -12.59 -9.92
N THR A 633 32.00 -13.72 -10.26
CA THR A 633 33.07 -13.73 -11.27
C THR A 633 32.57 -13.25 -12.62
N VAL A 634 31.39 -13.72 -13.03
CA VAL A 634 30.86 -13.33 -14.33
C VAL A 634 30.52 -11.85 -14.35
N MET A 635 29.94 -11.35 -13.25
CA MET A 635 29.59 -9.94 -13.18
C MET A 635 30.84 -9.06 -13.24
N ARG A 636 31.89 -9.43 -12.51
CA ARG A 636 33.13 -8.65 -12.56
C ARG A 636 33.78 -8.74 -13.93
N GLU A 637 33.71 -9.90 -14.57
CA GLU A 637 34.45 -10.13 -15.81
C GLU A 637 33.70 -9.63 -17.05
N LYS A 638 32.45 -10.04 -17.20
CA LYS A 638 31.74 -9.83 -18.46
C LYS A 638 30.75 -8.67 -18.42
N GLY A 639 30.25 -8.29 -17.25
CA GLY A 639 29.33 -7.19 -17.15
C GLY A 639 27.93 -7.62 -16.78
N PRO A 640 27.08 -6.65 -16.44
CA PRO A 640 25.72 -6.99 -15.98
C PRO A 640 24.88 -7.70 -17.01
N LYS A 641 25.02 -7.41 -18.30
CA LYS A 641 24.19 -8.04 -19.31
C LYS A 641 24.46 -9.53 -19.42
N ILE A 642 25.73 -9.90 -19.54
CA ILE A 642 26.08 -11.32 -19.62
C ILE A 642 25.73 -12.05 -18.34
N CYS A 643 25.92 -11.39 -17.19
CA CYS A 643 25.55 -12.01 -15.93
C CYS A 643 24.06 -12.25 -15.84
N ALA A 644 23.25 -11.32 -16.36
CA ALA A 644 21.82 -11.53 -16.38
C ALA A 644 21.43 -12.67 -17.31
N GLU A 645 22.11 -12.79 -18.46
CA GLU A 645 21.82 -13.90 -19.37
C GLU A 645 22.23 -15.24 -18.76
N LEU A 646 23.23 -15.24 -17.88
CA LEU A 646 23.69 -16.48 -17.26
C LEU A 646 22.57 -17.13 -16.46
N PHE A 647 21.80 -16.34 -15.71
CA PHE A 647 20.68 -16.87 -14.94
C PHE A 647 19.71 -17.61 -15.85
N GLY A 648 19.33 -16.98 -16.96
CA GLY A 648 18.39 -17.60 -17.86
C GLY A 648 18.92 -18.88 -18.47
N ASN A 649 20.17 -18.87 -18.93
CA ASN A 649 20.74 -20.07 -19.52
C ASN A 649 20.74 -21.23 -18.53
N ILE A 650 21.28 -21.00 -17.33
CA ILE A 650 21.37 -22.07 -16.34
C ILE A 650 19.99 -22.57 -15.98
N GLN A 651 19.05 -21.64 -15.74
CA GLN A 651 17.71 -22.05 -15.33
C GLN A 651 17.03 -22.87 -16.40
N LYS A 652 17.16 -22.47 -17.67
CA LYS A 652 16.48 -23.20 -18.73
C LYS A 652 17.03 -24.62 -18.87
N VAL A 653 18.36 -24.75 -18.90
CA VAL A 653 18.94 -26.09 -19.06
C VAL A 653 18.56 -26.98 -17.88
N VAL A 654 18.76 -26.48 -16.66
CA VAL A 654 18.52 -27.32 -15.49
C VAL A 654 17.05 -27.65 -15.35
N ASN A 655 16.16 -26.72 -15.71
CA ASN A 655 14.74 -26.97 -15.58
C ASN A 655 14.28 -28.01 -16.58
N TYR A 656 14.80 -27.98 -17.81
CA TYR A 656 14.46 -29.04 -18.75
C TYR A 656 14.94 -30.39 -18.26
N TRP A 657 16.19 -30.47 -17.81
CA TRP A 657 16.71 -31.74 -17.34
C TRP A 657 15.91 -32.28 -16.17
N LEU A 658 15.58 -31.40 -15.22
CA LEU A 658 14.85 -31.85 -14.04
C LEU A 658 13.40 -32.20 -14.36
N LEU A 659 12.80 -31.52 -15.33
CA LEU A 659 11.47 -31.91 -15.79
C LEU A 659 11.48 -33.32 -16.35
N HIS A 660 12.50 -33.65 -17.13
CA HIS A 660 12.52 -34.98 -17.74
C HIS A 660 13.20 -36.03 -16.87
N ASN A 661 13.69 -35.65 -15.70
CA ASN A 661 14.25 -36.60 -14.74
C ASN A 661 13.35 -36.82 -13.54
N GLY A 662 12.86 -35.76 -12.92
CA GLY A 662 11.96 -35.87 -11.79
C GLY A 662 12.66 -35.75 -10.45
N PHE A 663 11.88 -35.37 -9.44
CA PHE A 663 12.36 -35.24 -8.08
C PHE A 663 11.16 -35.14 -7.15
N SER A 664 11.22 -35.86 -6.03
CA SER A 664 10.09 -35.90 -5.12
C SER A 664 10.60 -36.09 -3.69
N ILE A 665 9.66 -36.15 -2.75
CA ILE A 665 9.96 -36.40 -1.35
C ILE A 665 8.76 -37.08 -0.73
N GLY A 666 9.01 -38.02 0.18
CA GLY A 666 7.95 -38.82 0.77
C GLY A 666 8.18 -39.05 2.25
N ILE A 667 7.22 -39.77 2.85
CA ILE A 667 7.32 -40.08 4.27
C ILE A 667 8.48 -41.04 4.52
N GLY A 668 8.85 -41.83 3.52
CA GLY A 668 9.96 -42.76 3.68
C GLY A 668 11.30 -42.11 3.82
N ASP A 669 11.39 -40.81 3.49
CA ASP A 669 12.65 -40.09 3.58
C ASP A 669 12.94 -39.56 4.98
N ALA A 670 11.97 -39.58 5.88
CA ALA A 670 12.16 -39.13 7.25
C ALA A 670 12.34 -40.29 8.22
N ILE A 671 12.58 -41.50 7.71
CA ILE A 671 12.62 -42.71 8.52
C ILE A 671 14.06 -43.23 8.52
N ALA A 672 14.54 -43.60 9.69
CA ALA A 672 15.85 -44.21 9.85
C ALA A 672 15.67 -45.67 10.29
N ASP A 673 16.59 -46.52 9.86
CA ASP A 673 16.48 -47.93 10.14
C ASP A 673 16.64 -48.22 11.63
N ALA A 674 16.35 -49.46 12.01
CA ALA A 674 16.40 -49.84 13.42
C ALA A 674 17.81 -49.73 13.98
N SER A 675 18.84 -49.99 13.16
CA SER A 675 20.20 -49.91 13.63
C SER A 675 20.56 -48.50 14.08
N THR A 676 20.01 -47.50 13.40
CA THR A 676 20.24 -46.12 13.82
C THR A 676 19.31 -45.69 14.94
N MET A 677 18.08 -46.21 14.96
CA MET A 677 17.16 -45.84 16.02
C MET A 677 17.63 -46.34 17.37
N LYS A 678 18.23 -47.53 17.42
CA LYS A 678 18.78 -48.00 18.69
C LYS A 678 19.95 -47.13 19.14
N GLU A 679 20.78 -46.68 18.20
CA GLU A 679 21.87 -45.77 18.56
C GLU A 679 21.33 -44.46 19.12
N ILE A 680 20.30 -43.90 18.48
CA ILE A 680 19.72 -42.65 18.95
C ILE A 680 19.12 -42.83 20.33
N THR A 681 18.39 -43.92 20.53
CA THR A 681 17.79 -44.19 21.83
C THR A 681 18.87 -44.34 22.91
N HIS A 682 19.95 -45.04 22.58
CA HIS A 682 21.03 -45.20 23.56
C HIS A 682 21.67 -43.87 23.90
N ALA A 683 21.90 -43.02 22.90
CA ALA A 683 22.49 -41.71 23.17
C ALA A 683 21.59 -40.87 24.06
N ILE A 684 20.29 -40.87 23.78
CA ILE A 684 19.37 -40.08 24.58
C ILE A 684 19.28 -40.61 26.00
N SER A 685 19.27 -41.94 26.17
CA SER A 685 19.25 -42.52 27.50
C SER A 685 20.51 -42.18 28.28
N SER A 686 21.67 -42.23 27.61
CA SER A 686 22.91 -41.87 28.27
C SER A 686 22.89 -40.42 28.73
N ALA A 687 22.36 -39.52 27.88
CA ALA A 687 22.29 -38.12 28.28
C ALA A 687 21.36 -37.93 29.46
N LYS A 688 20.22 -38.64 29.48
CA LYS A 688 19.32 -38.52 30.61
C LYS A 688 19.96 -39.05 31.89
N GLU A 689 20.74 -40.13 31.78
CA GLU A 689 21.45 -40.63 32.95
C GLU A 689 22.48 -39.61 33.44
N GLN A 690 23.18 -38.96 32.52
CA GLN A 690 24.14 -37.92 32.93
C GLN A 690 23.43 -36.77 33.64
N VAL A 691 22.28 -36.35 33.13
CA VAL A 691 21.53 -35.28 33.78
C VAL A 691 21.08 -35.71 35.16
N GLN A 692 20.67 -36.97 35.30
CA GLN A 692 20.28 -37.49 36.61
C GLN A 692 21.45 -37.45 37.59
N GLU A 693 22.63 -37.84 37.12
CA GLU A 693 23.81 -37.78 37.97
C GLU A 693 24.13 -36.34 38.38
N ILE A 694 23.99 -35.41 37.43
CA ILE A 694 24.21 -34.00 37.77
C ILE A 694 23.21 -33.54 38.81
N ILE A 695 21.97 -33.98 38.70
CA ILE A 695 20.94 -33.61 39.67
C ILE A 695 21.32 -34.13 41.05
N TYR A 696 21.77 -35.39 41.12
CA TYR A 696 22.19 -35.94 42.41
C TYR A 696 23.36 -35.16 42.99
N LYS A 697 24.36 -34.84 42.15
CA LYS A 697 25.52 -34.12 42.63
C LYS A 697 25.14 -32.74 43.15
N ALA A 698 24.23 -32.05 42.45
CA ALA A 698 23.79 -30.74 42.90
C ALA A 698 22.98 -30.84 44.19
N GLN A 699 22.17 -31.90 44.34
CA GLN A 699 21.38 -32.06 45.55
C GLN A 699 22.22 -32.46 46.74
N HIS A 700 23.41 -33.02 46.53
CA HIS A 700 24.30 -33.38 47.62
C HIS A 700 25.50 -32.45 47.72
N ASN A 701 25.39 -31.23 47.17
CA ASN A 701 26.40 -30.18 47.31
C ASN A 701 27.76 -30.60 46.73
N GLU A 702 27.77 -31.56 45.82
CA GLU A 702 29.00 -32.04 45.21
C GLU A 702 29.29 -31.37 43.88
N LEU A 703 28.49 -30.39 43.49
CA LEU A 703 28.57 -29.78 42.16
C LEU A 703 29.52 -28.60 42.18
N GLU A 704 30.43 -28.58 41.20
CA GLU A 704 31.32 -27.43 41.03
C GLU A 704 30.53 -26.23 40.54
N LEU A 705 30.93 -25.05 41.00
CA LEU A 705 30.23 -23.81 40.67
C LEU A 705 31.02 -23.04 39.62
N LYS A 706 30.38 -22.70 38.51
CA LYS A 706 31.00 -21.86 37.51
C LYS A 706 31.17 -20.46 38.08
N PRO A 707 32.35 -19.84 37.95
CA PRO A 707 32.55 -18.51 38.52
C PRO A 707 31.62 -17.48 37.90
N GLY A 708 31.13 -16.58 38.76
CA GLY A 708 30.19 -15.56 38.33
C GLY A 708 28.76 -16.03 38.23
N MET A 709 28.47 -17.29 38.56
CA MET A 709 27.13 -17.84 38.51
C MET A 709 26.83 -18.58 39.80
N THR A 710 25.56 -18.56 40.19
CA THR A 710 25.14 -19.24 41.40
C THR A 710 25.10 -20.75 41.17
N LEU A 711 24.78 -21.49 42.23
CA LEU A 711 24.66 -22.93 42.11
C LEU A 711 23.54 -23.31 41.15
N ARG A 712 22.39 -22.66 41.29
CA ARG A 712 21.26 -22.95 40.40
C ARG A 712 21.59 -22.61 38.95
N GLU A 713 22.23 -21.46 38.73
CA GLU A 713 22.58 -21.06 37.36
C GLU A 713 23.57 -22.03 36.73
N SER A 714 24.59 -22.44 37.49
CA SER A 714 25.57 -23.39 36.98
C SER A 714 24.90 -24.73 36.67
N PHE A 715 24.03 -25.19 37.56
CA PHE A 715 23.32 -26.44 37.34
C PHE A 715 22.47 -26.38 36.07
N GLU A 716 21.73 -25.29 35.90
CA GLU A 716 20.88 -25.15 34.72
C GLU A 716 21.72 -25.08 33.45
N GLY A 717 22.83 -24.34 33.48
CA GLY A 717 23.68 -24.26 32.30
C GLY A 717 24.27 -25.61 31.92
N GLU A 718 24.72 -26.37 32.92
CA GLU A 718 25.28 -27.69 32.63
C GLU A 718 24.22 -28.62 32.05
N VAL A 719 23.01 -28.59 32.61
CA VAL A 719 21.96 -29.48 32.10
C VAL A 719 21.59 -29.08 30.67
N SER A 720 21.49 -27.78 30.39
CA SER A 720 21.16 -27.34 29.04
C SER A 720 22.22 -27.76 28.05
N ARG A 721 23.50 -27.61 28.43
CA ARG A 721 24.58 -28.02 27.54
C ARG A 721 24.53 -29.52 27.27
N THR A 722 24.29 -30.32 28.31
CA THR A 722 24.22 -31.77 28.12
C THR A 722 23.09 -32.14 27.17
N LEU A 723 21.92 -31.51 27.33
CA LEU A 723 20.79 -31.88 26.49
C LEU A 723 21.00 -31.43 25.05
N ASN A 724 21.59 -30.25 24.84
CA ASN A 724 21.89 -29.82 23.48
C ASN A 724 22.89 -30.76 22.81
N ASP A 725 23.91 -31.19 23.56
CA ASP A 725 24.85 -32.15 23.00
C ASP A 725 24.17 -33.47 22.67
N ALA A 726 23.20 -33.88 23.49
CA ALA A 726 22.44 -35.09 23.20
C ALA A 726 21.71 -34.99 21.89
N ARG A 727 20.99 -33.88 21.69
CA ARG A 727 20.25 -33.72 20.44
C ARG A 727 21.20 -33.67 19.25
N ASP A 728 22.32 -32.98 19.38
CA ASP A 728 23.27 -32.91 18.29
C ASP A 728 23.84 -34.28 17.95
N SER A 729 24.17 -35.08 18.96
CA SER A 729 24.71 -36.42 18.70
C SER A 729 23.69 -37.31 18.01
N ALA A 730 22.44 -37.29 18.49
CA ALA A 730 21.40 -38.10 17.85
C ALA A 730 21.17 -37.67 16.42
N GLY A 731 21.14 -36.36 16.18
CA GLY A 731 20.96 -35.87 14.82
C GLY A 731 22.11 -36.24 13.91
N ARG A 732 23.34 -36.22 14.45
CA ARG A 732 24.49 -36.61 13.65
C ARG A 732 24.42 -38.09 13.28
N SER A 733 24.00 -38.94 14.22
CA SER A 733 23.82 -40.35 13.89
C SER A 733 22.78 -40.52 12.79
N ALA A 734 21.64 -39.85 12.92
CA ALA A 734 20.59 -39.97 11.91
C ALA A 734 21.09 -39.49 10.55
N GLU A 735 21.82 -38.36 10.53
CA GLU A 735 22.31 -37.82 9.27
C GLU A 735 23.34 -38.75 8.62
N MET A 736 24.21 -39.36 9.42
CA MET A 736 25.17 -40.30 8.85
C MET A 736 24.50 -41.57 8.35
N ASN A 737 23.34 -41.92 8.90
CA ASN A 737 22.61 -43.09 8.39
C ASN A 737 22.15 -42.87 6.95
N LEU A 738 21.69 -41.67 6.62
CA LEU A 738 20.96 -41.44 5.38
C LEU A 738 21.79 -41.82 4.15
N LYS A 739 21.14 -42.45 3.19
CA LYS A 739 21.77 -42.83 1.94
C LYS A 739 21.90 -41.61 1.02
N ASP A 740 22.56 -41.83 -0.11
CA ASP A 740 22.70 -40.76 -1.09
C ASP A 740 21.38 -40.52 -1.85
N LEU A 741 20.54 -41.54 -1.96
CA LEU A 741 19.27 -41.39 -2.65
C LEU A 741 18.19 -40.77 -1.78
N ASN A 742 18.46 -40.53 -0.51
CA ASN A 742 17.50 -39.85 0.34
C ASN A 742 17.24 -38.45 -0.19
N ASN A 743 15.97 -38.09 -0.32
CA ASN A 743 15.63 -36.82 -0.94
C ASN A 743 15.92 -35.64 -0.02
N VAL A 744 15.65 -35.81 1.29
CA VAL A 744 15.95 -34.75 2.24
C VAL A 744 17.44 -34.47 2.28
N LYS A 745 18.25 -35.53 2.26
CA LYS A 745 19.69 -35.36 2.21
C LYS A 745 20.12 -34.63 0.94
N GLN A 746 19.48 -34.94 -0.19
CA GLN A 746 19.81 -34.26 -1.43
C GLN A 746 19.49 -32.78 -1.35
N MET A 747 18.33 -32.43 -0.81
CA MET A 747 17.96 -31.01 -0.68
C MET A 747 18.90 -30.29 0.28
N VAL A 748 19.29 -30.93 1.38
CA VAL A 748 20.21 -30.29 2.31
C VAL A 748 21.59 -30.13 1.68
N SER A 749 22.07 -31.16 0.98
CA SER A 749 23.38 -31.11 0.36
C SER A 749 23.45 -30.04 -0.72
N ALA A 750 22.40 -29.91 -1.52
CA ALA A 750 22.37 -28.86 -2.52
C ALA A 750 22.29 -27.48 -1.91
N GLY A 751 21.85 -27.37 -0.66
CA GLY A 751 21.64 -26.09 -0.04
C GLY A 751 20.36 -25.40 -0.45
N SER A 752 19.51 -26.07 -1.23
CA SER A 752 18.29 -25.43 -1.73
C SER A 752 17.32 -25.13 -0.60
N LYS A 753 17.16 -26.07 0.34
CA LYS A 753 16.22 -25.88 1.42
C LYS A 753 16.53 -26.87 2.53
N GLY A 754 16.44 -26.40 3.77
CA GLY A 754 16.66 -27.23 4.92
C GLY A 754 18.11 -27.22 5.40
N SER A 755 18.31 -27.81 6.57
CA SER A 755 19.63 -27.87 7.18
C SER A 755 19.70 -29.11 8.06
N PHE A 756 20.80 -29.24 8.80
CA PHE A 756 21.02 -30.44 9.60
C PHE A 756 20.02 -30.54 10.76
N ILE A 757 19.65 -29.39 11.35
CA ILE A 757 18.74 -29.42 12.48
C ILE A 757 17.37 -29.94 12.06
N ASN A 758 16.95 -29.65 10.84
CA ASN A 758 15.68 -30.16 10.35
C ASN A 758 15.69 -31.68 10.23
N ILE A 759 16.78 -32.24 9.71
CA ILE A 759 16.91 -33.69 9.67
C ILE A 759 16.90 -34.27 11.07
N ALA A 760 17.63 -33.63 11.99
CA ALA A 760 17.70 -34.13 13.36
C ALA A 760 16.32 -34.16 14.00
N GLN A 761 15.54 -33.11 13.83
CA GLN A 761 14.23 -33.03 14.48
C GLN A 761 13.20 -33.90 13.79
N MET A 762 13.26 -34.05 12.47
CA MET A 762 12.29 -34.89 11.78
C MET A 762 12.57 -36.37 11.98
N SER A 763 13.82 -36.74 12.23
CA SER A 763 14.20 -38.14 12.28
C SER A 763 14.62 -38.63 13.65
N ALA A 764 15.31 -37.80 14.45
CA ALA A 764 15.96 -38.29 15.65
C ALA A 764 15.35 -37.76 16.93
N CYS A 765 15.33 -36.44 17.13
CA CYS A 765 14.92 -35.88 18.42
C CYS A 765 14.64 -34.39 18.30
N VAL A 766 13.47 -33.95 18.76
CA VAL A 766 13.13 -32.53 18.68
C VAL A 766 14.04 -31.71 19.60
N GLY A 767 14.28 -32.20 20.80
CA GLY A 767 15.23 -31.59 21.70
C GLY A 767 14.58 -30.73 22.77
N GLN A 768 15.39 -29.87 23.36
CA GLN A 768 15.00 -29.08 24.52
C GLN A 768 14.29 -27.80 24.07
N GLN A 769 13.13 -27.53 24.67
CA GLN A 769 12.35 -26.34 24.37
C GLN A 769 12.70 -25.24 25.37
N MET A 770 13.11 -24.10 24.85
CA MET A 770 13.57 -22.98 25.67
C MET A 770 12.59 -21.82 25.55
N VAL A 771 12.16 -21.30 26.69
CA VAL A 771 11.31 -20.10 26.74
C VAL A 771 12.11 -19.00 27.43
N GLU A 772 12.33 -17.90 26.71
CA GLU A 772 13.10 -16.77 27.20
C GLU A 772 14.52 -17.20 27.61
N GLY A 773 15.10 -18.12 26.85
CA GLY A 773 16.46 -18.55 27.09
C GLY A 773 16.65 -19.53 28.22
N LYS A 774 15.57 -19.99 28.85
CA LYS A 774 15.66 -20.95 29.94
C LYS A 774 14.70 -22.10 29.67
N ARG A 775 14.89 -23.19 30.40
CA ARG A 775 13.98 -24.32 30.32
C ARG A 775 12.60 -23.91 30.78
N ILE A 776 11.62 -24.81 30.59
CA ILE A 776 10.25 -24.50 30.95
C ILE A 776 10.16 -24.24 32.45
N ALA A 777 9.62 -23.09 32.81
CA ALA A 777 9.58 -22.67 34.20
C ALA A 777 8.55 -23.48 34.97
N PHE A 778 8.40 -23.16 36.26
CA PHE A 778 7.43 -23.82 37.12
C PHE A 778 6.20 -22.91 37.22
N GLY A 779 5.34 -23.00 36.20
CA GLY A 779 4.15 -22.17 36.17
C GLY A 779 3.18 -22.50 37.27
N PHE A 780 3.03 -23.78 37.59
CA PHE A 780 2.19 -24.22 38.70
C PHE A 780 2.97 -24.04 40.00
N ALA A 781 2.46 -24.61 41.09
CA ALA A 781 3.15 -24.53 42.37
C ALA A 781 4.27 -25.56 42.36
N ASP A 782 5.49 -25.10 42.05
CA ASP A 782 6.70 -25.91 42.10
C ASP A 782 6.66 -27.09 41.11
N ARG A 783 5.93 -26.93 40.01
CA ARG A 783 5.96 -27.91 38.93
C ARG A 783 5.48 -27.23 37.66
N SER A 784 5.79 -27.86 36.53
CA SER A 784 5.46 -27.27 35.24
C SER A 784 4.06 -27.64 34.77
N LEU A 785 3.60 -28.84 35.07
CA LEU A 785 2.26 -29.29 34.72
C LEU A 785 1.70 -30.09 35.88
N PRO A 786 0.37 -30.15 36.01
CA PRO A 786 -0.22 -30.94 37.11
C PRO A 786 -0.05 -32.44 36.96
N HIS A 787 0.65 -32.92 35.94
CA HIS A 787 0.90 -34.34 35.76
C HIS A 787 2.25 -34.78 36.29
N PHE A 788 3.00 -33.87 36.89
CA PHE A 788 4.30 -34.18 37.47
C PHE A 788 4.27 -33.94 38.97
N THR A 789 5.11 -34.67 39.70
CA THR A 789 5.24 -34.43 41.12
C THR A 789 6.02 -33.16 41.39
N LYS A 790 5.86 -32.63 42.59
CA LYS A 790 6.54 -31.38 42.94
C LYS A 790 8.04 -31.58 43.01
N ASP A 791 8.77 -30.53 42.65
CA ASP A 791 10.24 -30.51 42.69
C ASP A 791 10.82 -31.65 41.86
N ASP A 792 10.55 -31.59 40.56
CA ASP A 792 11.01 -32.58 39.60
C ASP A 792 11.84 -31.88 38.55
N PHE A 793 13.15 -32.14 38.53
CA PHE A 793 14.07 -31.50 37.60
C PHE A 793 14.51 -32.43 36.48
N SER A 794 13.80 -33.53 36.27
CA SER A 794 14.16 -34.45 35.21
C SER A 794 14.03 -33.77 33.86
N PRO A 795 14.76 -34.24 32.83
CA PRO A 795 14.68 -33.57 31.53
C PRO A 795 13.28 -33.52 30.94
N GLU A 796 12.50 -34.59 31.10
CA GLU A 796 11.17 -34.61 30.52
C GLU A 796 10.18 -33.75 31.30
N SER A 797 10.51 -33.34 32.51
CA SER A 797 9.63 -32.54 33.33
C SER A 797 9.81 -31.04 33.11
N LYS A 798 10.79 -30.62 32.32
CA LYS A 798 11.04 -29.21 32.11
C LYS A 798 11.18 -28.86 30.63
N GLY A 799 10.68 -29.70 29.74
CA GLY A 799 10.54 -29.32 28.36
C GLY A 799 11.55 -29.92 27.39
N PHE A 800 11.94 -31.17 27.60
CA PHE A 800 12.82 -31.87 26.68
C PHE A 800 11.99 -32.86 25.89
N VAL A 801 11.78 -32.58 24.61
CA VAL A 801 10.98 -33.43 23.74
C VAL A 801 11.91 -34.54 23.26
N GLU A 802 11.70 -35.75 23.78
CA GLU A 802 12.56 -36.87 23.46
C GLU A 802 12.25 -37.44 22.08
N ASN A 803 11.01 -37.33 21.62
CA ASN A 803 10.59 -37.94 20.37
C ASN A 803 11.00 -37.08 19.18
N SER A 804 10.65 -37.55 18.00
CA SER A 804 10.82 -36.83 16.75
C SER A 804 9.46 -36.53 16.16
N TYR A 805 9.45 -35.70 15.11
CA TYR A 805 8.19 -35.36 14.48
C TYR A 805 7.57 -36.58 13.80
N LEU A 806 8.40 -37.44 13.24
CA LEU A 806 7.88 -38.68 12.66
C LEU A 806 7.28 -39.57 13.73
N ARG A 807 7.92 -39.64 14.90
CA ARG A 807 7.45 -40.52 15.95
C ARG A 807 6.23 -39.95 16.67
N GLY A 808 6.11 -38.65 16.74
CA GLY A 808 4.97 -38.01 17.37
C GLY A 808 5.28 -37.57 18.79
N LEU A 809 4.63 -36.50 19.21
CA LEU A 809 4.88 -35.89 20.51
C LEU A 809 3.80 -36.26 21.50
N THR A 810 4.20 -36.53 22.74
CA THR A 810 3.25 -36.79 23.81
C THR A 810 2.59 -35.48 24.21
N PRO A 811 1.45 -35.53 24.92
CA PRO A 811 0.74 -34.28 25.22
C PRO A 811 1.57 -33.25 25.97
N GLN A 812 2.39 -33.68 26.93
CA GLN A 812 3.22 -32.72 27.67
C GLN A 812 4.25 -32.07 26.75
N GLU A 813 4.93 -32.87 25.95
CA GLU A 813 5.89 -32.32 24.99
C GLU A 813 5.17 -31.42 23.99
N PHE A 814 3.95 -31.79 23.60
CA PHE A 814 3.18 -30.94 22.70
C PHE A 814 2.93 -29.58 23.31
N PHE A 815 2.54 -29.54 24.58
CA PHE A 815 2.27 -28.25 25.22
C PHE A 815 3.54 -27.42 25.38
N PHE A 816 4.64 -28.05 25.79
CA PHE A 816 5.89 -27.29 25.93
C PHE A 816 6.34 -26.74 24.60
N HIS A 817 6.26 -27.54 23.54
CA HIS A 817 6.67 -27.09 22.22
C HIS A 817 5.76 -25.97 21.73
N ALA A 818 4.47 -26.04 22.06
CA ALA A 818 3.57 -24.94 21.74
C ALA A 818 3.95 -23.66 22.47
N MET A 819 4.36 -23.78 23.73
CA MET A 819 4.84 -22.60 24.46
C MET A 819 6.04 -21.97 23.77
N ALA A 820 7.01 -22.79 23.37
CA ALA A 820 8.18 -22.26 22.69
C ALA A 820 7.82 -21.60 21.36
N GLY A 821 6.93 -22.22 20.59
CA GLY A 821 6.52 -21.62 19.33
C GLY A 821 5.80 -20.30 19.51
N ARG A 822 4.95 -20.22 20.54
CA ARG A 822 4.29 -18.96 20.85
C ARG A 822 5.30 -17.88 21.19
N GLU A 823 6.34 -18.24 21.94
CA GLU A 823 7.39 -17.27 22.24
C GLU A 823 8.05 -16.78 20.96
N GLY A 824 8.33 -17.68 20.03
CA GLY A 824 8.94 -17.26 18.78
C GLY A 824 8.05 -16.28 18.01
N LEU A 825 6.76 -16.59 17.91
CA LEU A 825 5.85 -15.71 17.20
C LEU A 825 5.79 -14.33 17.85
N ILE A 826 5.69 -14.30 19.18
CA ILE A 826 5.63 -13.02 19.90
C ILE A 826 6.90 -12.22 19.66
N ASP A 827 8.06 -12.89 19.75
CA ASP A 827 9.33 -12.19 19.57
C ASP A 827 9.41 -11.55 18.20
N THR A 828 9.03 -12.29 17.15
CA THR A 828 9.04 -11.70 15.82
C THR A 828 8.12 -10.49 15.74
N ALA A 829 6.85 -10.66 16.15
CA ALA A 829 5.87 -9.61 16.01
C ALA A 829 6.19 -8.38 16.86
N VAL A 830 7.02 -8.53 17.88
CA VAL A 830 7.41 -7.38 18.70
C VAL A 830 8.68 -6.73 18.16
N LYS A 831 9.70 -7.52 17.81
CA LYS A 831 10.94 -6.91 17.36
C LYS A 831 10.80 -6.20 16.03
N THR A 832 9.80 -6.56 15.21
CA THR A 832 9.69 -5.91 13.91
C THR A 832 9.47 -4.40 14.05
N ALA A 833 8.63 -3.98 15.00
CA ALA A 833 8.36 -2.56 15.16
C ALA A 833 9.57 -1.79 15.67
N GLU A 834 10.30 -2.39 16.63
CA GLU A 834 11.50 -1.75 17.14
C GLU A 834 12.55 -1.59 16.04
N THR A 835 12.73 -2.62 15.22
CA THR A 835 13.68 -2.54 14.12
C THR A 835 13.25 -1.48 13.10
N GLY A 836 11.95 -1.39 12.82
CA GLY A 836 11.47 -0.37 11.90
C GLY A 836 11.75 1.03 12.41
N TYR A 837 11.50 1.25 13.70
CA TYR A 837 11.79 2.57 14.28
C TYR A 837 13.28 2.88 14.20
N ILE A 838 14.12 1.90 14.51
CA ILE A 838 15.57 2.14 14.46
C ILE A 838 16.00 2.51 13.05
N GLN A 839 15.50 1.79 12.04
CA GLN A 839 15.91 2.08 10.68
C GLN A 839 15.41 3.45 10.24
N ARG A 840 14.20 3.83 10.64
CA ARG A 840 13.71 5.15 10.28
C ARG A 840 14.58 6.24 10.88
N ARG A 841 14.96 6.08 12.16
CA ARG A 841 15.83 7.08 12.78
C ARG A 841 17.17 7.15 12.08
N LEU A 842 17.74 5.99 11.73
CA LEU A 842 19.02 5.98 11.02
C LEU A 842 18.92 6.71 9.69
N VAL A 843 17.86 6.44 8.92
CA VAL A 843 17.72 7.07 7.62
C VAL A 843 17.55 8.57 7.76
N LYS A 844 16.75 9.01 8.74
CA LYS A 844 16.57 10.44 8.94
C LYS A 844 17.88 11.11 9.34
N ALA A 845 18.70 10.42 10.15
CA ALA A 845 19.97 11.02 10.56
C ALA A 845 20.96 11.10 9.41
N LEU A 846 20.98 10.10 8.53
CA LEU A 846 22.01 9.98 7.51
C LEU A 846 21.53 10.33 6.10
N GLU A 847 20.36 10.96 5.95
CA GLU A 847 19.78 11.07 4.62
C GLU A 847 20.54 12.08 3.75
N ASP A 848 20.99 13.19 4.33
CA ASP A 848 21.47 14.31 3.53
C ASP A 848 22.98 14.26 3.30
N ILE A 849 23.58 13.09 3.31
CA ILE A 849 25.03 12.92 3.18
C ILE A 849 25.33 12.39 1.80
N MET A 850 26.29 13.01 1.12
CA MET A 850 26.51 12.72 -0.29
C MET A 850 27.98 12.96 -0.63
N VAL A 851 28.51 12.13 -1.52
CA VAL A 851 29.89 12.26 -1.98
C VAL A 851 29.94 13.37 -3.02
N HIS A 852 30.81 14.36 -2.78
CA HIS A 852 30.88 15.51 -3.67
C HIS A 852 32.00 15.32 -4.69
N TYR A 853 32.14 16.28 -5.58
CA TYR A 853 33.04 16.13 -6.72
C TYR A 853 34.52 16.25 -6.35
N ASP A 854 34.83 16.74 -5.16
CA ASP A 854 36.21 16.78 -4.69
C ASP A 854 36.58 15.57 -3.85
N GLY A 855 35.69 14.59 -3.74
CA GLY A 855 35.96 13.38 -3.00
C GLY A 855 35.48 13.38 -1.56
N THR A 856 35.22 14.54 -0.98
CA THR A 856 34.81 14.61 0.41
C THR A 856 33.37 14.16 0.57
N THR A 857 33.02 13.82 1.79
CA THR A 857 31.68 13.39 2.15
C THR A 857 31.09 14.44 3.08
N ARG A 858 30.08 15.16 2.61
CA ARG A 858 29.54 16.31 3.33
C ARG A 858 28.04 16.19 3.49
N ASN A 859 27.51 16.88 4.49
CA ASN A 859 26.07 16.95 4.70
C ASN A 859 25.52 18.17 3.97
N SER A 860 24.27 18.53 4.27
CA SER A 860 23.63 19.63 3.56
C SER A 860 24.21 20.98 3.95
N LEU A 861 24.73 21.10 5.16
CA LEU A 861 25.37 22.34 5.59
C LEU A 861 26.73 22.56 4.95
N GLY A 862 27.26 21.56 4.25
CA GLY A 862 28.61 21.62 3.74
C GLY A 862 29.66 21.15 4.71
N ASP A 863 29.29 20.79 5.94
CA ASP A 863 30.24 20.32 6.92
C ASP A 863 30.85 18.99 6.47
N ILE A 864 32.15 18.84 6.68
CA ILE A 864 32.85 17.63 6.27
C ILE A 864 32.58 16.52 7.26
N ILE A 865 32.10 15.39 6.77
CA ILE A 865 32.00 14.19 7.59
C ILE A 865 33.24 13.33 7.44
N GLN A 866 33.67 13.13 6.20
CA GLN A 866 34.89 12.41 5.88
C GLN A 866 35.65 13.17 4.80
N PHE A 867 36.97 13.10 4.85
CA PHE A 867 37.78 13.73 3.83
C PHE A 867 37.95 12.85 2.61
N LEU A 868 37.49 11.60 2.67
CA LEU A 868 37.53 10.67 1.56
C LEU A 868 36.59 9.54 1.90
N TYR A 869 35.66 9.24 1.01
CA TYR A 869 34.64 8.25 1.33
C TYR A 869 35.26 6.89 1.61
N GLY A 870 34.89 6.31 2.76
CA GLY A 870 35.38 5.01 3.14
C GLY A 870 36.87 5.00 3.40
N GLU A 871 37.46 6.19 3.47
CA GLU A 871 38.88 6.41 3.69
C GLU A 871 39.74 5.90 2.54
N ASP A 872 39.13 5.42 1.46
CA ASP A 872 39.85 5.05 0.25
C ASP A 872 39.18 5.53 -1.02
N GLY A 873 37.95 6.03 -0.96
CA GLY A 873 37.30 6.58 -2.13
C GLY A 873 36.74 5.57 -3.10
N LEU A 874 36.56 4.33 -2.67
CA LEU A 874 36.08 3.27 -3.54
C LEU A 874 34.60 3.02 -3.34
N ASP A 875 33.99 2.33 -4.29
CA ASP A 875 32.60 1.95 -4.20
C ASP A 875 32.48 0.60 -3.52
N GLY A 876 31.38 0.43 -2.77
CA GLY A 876 31.21 -0.78 -1.99
C GLY A 876 31.04 -2.04 -2.81
N THR A 877 30.64 -1.91 -4.06
CA THR A 877 30.41 -3.06 -4.92
C THR A 877 31.65 -3.50 -5.68
N GLN A 878 32.72 -2.72 -5.65
CA GLN A 878 33.88 -2.96 -6.50
C GLN A 878 35.09 -3.44 -5.69
N VAL A 879 34.85 -4.17 -4.61
CA VAL A 879 35.92 -4.68 -3.76
C VAL A 879 35.74 -6.18 -3.58
N GLU A 880 36.83 -6.88 -3.34
CA GLU A 880 36.82 -8.32 -3.18
C GLU A 880 37.87 -8.73 -2.15
N ARG A 881 37.62 -9.86 -1.50
CA ARG A 881 38.59 -10.42 -0.57
C ARG A 881 39.83 -10.86 -1.32
N GLN A 882 40.99 -10.29 -0.96
CA GLN A 882 42.27 -10.69 -1.52
C GLN A 882 43.27 -10.86 -0.40
N THR A 883 44.31 -11.65 -0.68
CA THR A 883 45.38 -11.90 0.29
C THR A 883 46.58 -11.04 -0.07
N ILE A 884 47.12 -10.34 0.92
CA ILE A 884 48.35 -9.59 0.77
C ILE A 884 49.51 -10.51 1.13
N ASP A 885 50.40 -10.74 0.16
CA ASP A 885 51.34 -11.84 0.27
C ASP A 885 52.56 -11.52 1.14
N THR A 886 52.80 -10.25 1.45
CA THR A 886 53.97 -9.91 2.26
C THR A 886 53.73 -10.07 3.75
N ILE A 887 52.48 -10.21 4.18
CA ILE A 887 52.18 -10.30 5.61
C ILE A 887 52.55 -11.68 6.16
N PRO A 888 52.02 -12.78 5.65
CA PRO A 888 52.18 -14.07 6.35
C PRO A 888 53.54 -14.69 6.04
N GLY A 889 53.83 -15.76 6.79
CA GLY A 889 55.01 -16.55 6.56
C GLY A 889 56.22 -16.08 7.36
N SER A 890 57.15 -17.00 7.56
CA SER A 890 58.37 -16.71 8.29
C SER A 890 59.29 -15.85 7.44
N ASP A 891 60.34 -15.34 8.09
CA ASP A 891 61.30 -14.49 7.39
C ASP A 891 62.03 -15.27 6.30
N LYS A 892 62.33 -16.55 6.56
CA LYS A 892 63.01 -17.36 5.56
C LYS A 892 62.15 -17.55 4.32
N ALA A 893 60.86 -17.83 4.50
CA ALA A 893 59.97 -17.99 3.36
C ALA A 893 59.84 -16.70 2.57
N PHE A 894 59.73 -15.57 3.26
CA PHE A 894 59.65 -14.28 2.59
C PHE A 894 60.91 -14.01 1.78
N HIS A 895 62.07 -14.26 2.37
CA HIS A 895 63.33 -14.04 1.66
C HIS A 895 63.45 -14.96 0.46
N LYS A 896 63.06 -16.23 0.62
CA LYS A 896 63.14 -17.17 -0.50
C LYS A 896 62.22 -16.75 -1.63
N ARG A 897 61.03 -16.24 -1.28
CA ARG A 897 60.06 -15.90 -2.32
C ARG A 897 60.44 -14.61 -3.06
N TYR A 898 60.99 -13.63 -2.35
CA TYR A 898 61.13 -12.30 -2.94
C TYR A 898 62.56 -11.88 -3.26
N TYR A 899 63.57 -12.45 -2.63
CA TYR A 899 64.93 -11.98 -2.83
C TYR A 899 65.53 -12.57 -4.10
N VAL A 900 66.24 -11.73 -4.85
CA VAL A 900 66.94 -12.14 -6.06
C VAL A 900 68.39 -11.68 -5.96
N ASP A 901 69.32 -12.62 -6.13
CA ASP A 901 70.75 -12.34 -6.01
C ASP A 901 71.41 -12.59 -7.36
N LEU A 902 72.04 -11.56 -7.92
CA LEU A 902 72.66 -11.65 -9.22
C LEU A 902 74.14 -12.00 -9.16
N MET A 903 74.71 -12.13 -7.96
CA MET A 903 76.10 -12.51 -7.79
C MET A 903 76.25 -14.01 -7.56
N ASP A 904 75.51 -14.57 -6.62
CA ASP A 904 75.50 -16.01 -6.41
C ASP A 904 74.66 -16.68 -7.48
N GLU A 905 75.21 -17.73 -8.10
CA GLU A 905 74.54 -18.34 -9.23
C GLU A 905 73.32 -19.14 -8.80
N LYS A 906 73.44 -19.92 -7.73
CA LYS A 906 72.33 -20.78 -7.31
C LYS A 906 71.22 -20.01 -6.60
N ASN A 907 71.43 -18.74 -6.27
CA ASN A 907 70.41 -17.90 -5.68
C ASN A 907 69.90 -16.85 -6.66
N SER A 908 69.97 -17.12 -7.95
CA SER A 908 69.57 -16.19 -8.99
C SER A 908 68.34 -16.71 -9.72
N ILE A 909 67.91 -15.95 -10.73
CA ILE A 909 66.81 -16.38 -11.58
C ILE A 909 67.25 -17.59 -12.38
N LYS A 910 66.35 -18.57 -12.52
CA LYS A 910 66.67 -19.76 -13.27
C LYS A 910 66.98 -19.40 -14.72
N PRO A 911 67.94 -20.08 -15.36
CA PRO A 911 68.35 -19.67 -16.70
C PRO A 911 67.39 -20.11 -17.80
N ASP A 912 66.55 -21.12 -17.56
CA ASP A 912 65.64 -21.60 -18.58
C ASP A 912 64.39 -20.75 -18.72
N VAL A 913 64.15 -19.81 -17.81
CA VAL A 913 62.94 -18.99 -17.88
C VAL A 913 63.19 -17.65 -18.57
N ILE A 914 64.45 -17.23 -18.72
CA ILE A 914 64.78 -15.96 -19.33
C ILE A 914 65.77 -16.18 -20.47
N GLU A 915 65.60 -15.43 -21.56
CA GLU A 915 66.50 -15.55 -22.70
C GLU A 915 67.88 -14.99 -22.39
N TYR A 916 67.93 -13.92 -21.59
CA TYR A 916 69.15 -13.15 -21.37
C TYR A 916 69.90 -13.57 -20.11
N ALA A 917 69.80 -14.83 -19.71
CA ALA A 917 70.43 -15.25 -18.46
C ALA A 917 71.95 -15.18 -18.51
N ALA A 918 72.53 -15.10 -19.70
CA ALA A 918 73.99 -15.09 -19.81
C ALA A 918 74.57 -13.79 -19.29
N ASP A 919 74.02 -12.65 -19.72
CA ASP A 919 74.57 -11.33 -19.39
C ASP A 919 73.86 -10.68 -18.22
N ILE A 920 73.41 -11.47 -17.25
CA ILE A 920 72.79 -10.96 -16.04
C ILE A 920 73.73 -11.05 -14.85
N LEU A 921 74.37 -12.20 -14.64
CA LEU A 921 75.24 -12.39 -13.49
C LEU A 921 76.41 -11.42 -13.53
N GLY A 922 76.73 -10.86 -12.37
CA GLY A 922 77.83 -9.94 -12.23
C GLY A 922 77.49 -8.48 -12.47
N ASP A 923 76.27 -8.17 -12.88
CA ASP A 923 75.88 -6.78 -13.09
C ASP A 923 75.61 -6.13 -11.74
N VAL A 924 76.08 -4.91 -11.56
CA VAL A 924 75.94 -4.24 -10.27
C VAL A 924 74.80 -3.22 -10.25
N GLU A 925 74.56 -2.52 -11.35
CA GLU A 925 73.46 -1.56 -11.39
C GLU A 925 72.12 -2.27 -11.28
N LEU A 926 71.96 -3.39 -12.00
CA LEU A 926 70.74 -4.15 -11.91
C LEU A 926 70.57 -4.73 -10.52
N GLN A 927 71.67 -5.11 -9.86
CA GLN A 927 71.60 -5.52 -8.47
C GLN A 927 71.15 -4.37 -7.57
N LYS A 928 71.58 -3.15 -7.86
CA LYS A 928 71.11 -2.00 -7.09
C LYS A 928 69.60 -1.84 -7.23
N GLU A 929 69.10 -1.98 -8.46
CA GLU A 929 67.65 -1.90 -8.66
C GLU A 929 66.91 -2.98 -7.89
N LEU A 930 67.41 -4.22 -7.95
CA LEU A 930 66.77 -5.31 -7.23
C LEU A 930 66.80 -5.07 -5.73
N ASN A 931 67.91 -4.53 -5.22
CA ASN A 931 68.00 -4.24 -3.80
C ASN A 931 67.00 -3.17 -3.39
N SER A 932 66.81 -2.16 -4.23
CA SER A 932 65.79 -1.15 -3.93
C SER A 932 64.40 -1.77 -3.88
N GLU A 933 64.11 -2.65 -4.84
CA GLU A 933 62.81 -3.34 -4.82
C GLU A 933 62.63 -4.14 -3.54
N TYR A 934 63.66 -4.88 -3.14
CA TYR A 934 63.53 -5.72 -1.95
C TYR A 934 63.39 -4.87 -0.69
N GLU A 935 64.08 -3.74 -0.63
CA GLU A 935 63.93 -2.86 0.52
C GLU A 935 62.53 -2.28 0.58
N GLN A 936 61.96 -1.93 -0.57
CA GLN A 936 60.58 -1.48 -0.59
C GLN A 936 59.65 -2.57 -0.09
N LEU A 937 59.87 -3.81 -0.50
CA LEU A 937 59.04 -4.92 -0.03
C LEU A 937 59.16 -5.11 1.47
N VAL A 938 60.38 -5.01 2.01
CA VAL A 938 60.58 -5.19 3.45
C VAL A 938 59.89 -4.06 4.21
N SER A 939 59.97 -2.84 3.70
CA SER A 939 59.28 -1.72 4.33
C SER A 939 57.77 -1.94 4.33
N ASP A 940 57.23 -2.44 3.22
CA ASP A 940 55.80 -2.75 3.16
C ASP A 940 55.44 -3.82 4.18
N ARG A 941 56.27 -4.86 4.30
CA ARG A 941 56.00 -5.91 5.28
C ARG A 941 55.97 -5.36 6.69
N LYS A 942 56.96 -4.52 7.02
CA LYS A 942 57.01 -3.93 8.36
C LYS A 942 55.80 -3.04 8.62
N PHE A 943 55.44 -2.21 7.65
CA PHE A 943 54.31 -1.30 7.81
C PHE A 943 53.00 -2.07 8.00
N LEU A 944 52.80 -3.13 7.22
CA LEU A 944 51.56 -3.90 7.35
C LEU A 944 51.54 -4.70 8.64
N ARG A 945 52.70 -5.21 9.06
CA ARG A 945 52.72 -6.15 10.17
C ARG A 945 52.76 -5.46 11.52
N GLU A 946 53.27 -4.22 11.59
CA GLU A 946 53.43 -3.55 12.87
C GLU A 946 52.44 -2.42 13.11
N ILE A 947 51.77 -1.92 12.08
CA ILE A 947 50.89 -0.76 12.19
C ILE A 947 49.45 -1.13 11.83
N VAL A 948 49.23 -1.60 10.61
CA VAL A 948 47.87 -1.74 10.10
C VAL A 948 47.21 -2.99 10.68
N PHE A 949 47.78 -4.16 10.39
CA PHE A 949 47.23 -5.44 10.82
C PHE A 949 48.19 -6.07 11.82
N VAL A 950 47.99 -5.76 13.10
CA VAL A 950 48.88 -6.29 14.13
C VAL A 950 48.65 -7.78 14.35
N ASN A 951 47.42 -8.25 14.20
CA ASN A 951 47.12 -9.65 14.45
C ASN A 951 47.45 -10.56 13.28
N GLY A 952 47.94 -10.01 12.18
CA GLY A 952 48.42 -10.82 11.08
C GLY A 952 47.39 -11.28 10.09
N ASP A 953 46.16 -10.79 10.18
CA ASP A 953 45.14 -11.16 9.20
C ASP A 953 45.48 -10.56 7.84
N HIS A 954 45.47 -11.39 6.81
CA HIS A 954 45.94 -10.96 5.48
C HIS A 954 44.87 -11.10 4.40
N ASN A 955 43.63 -11.41 4.76
CA ASN A 955 42.55 -11.54 3.81
C ASN A 955 41.59 -10.37 4.00
N TRP A 956 41.66 -9.40 3.10
CA TRP A 956 40.91 -8.16 3.25
C TRP A 956 40.29 -7.76 1.93
N PRO A 957 39.15 -7.07 1.96
CA PRO A 957 38.52 -6.61 0.71
C PRO A 957 39.29 -5.47 0.08
N LEU A 958 39.74 -5.66 -1.15
CA LEU A 958 40.53 -4.69 -1.89
C LEU A 958 40.02 -4.63 -3.32
N PRO A 959 40.21 -3.51 -4.00
CA PRO A 959 39.71 -3.39 -5.37
C PRO A 959 40.50 -4.28 -6.33
N VAL A 960 40.04 -4.26 -7.59
CA VAL A 960 40.58 -4.99 -8.74
C VAL A 960 41.31 -6.29 -8.40
N ASN A 961 40.69 -7.42 -8.74
CA ASN A 961 41.23 -8.73 -8.42
C ASN A 961 42.46 -9.02 -9.26
N LEU A 962 43.61 -9.16 -8.60
CA LEU A 962 44.88 -9.35 -9.32
C LEU A 962 45.03 -10.77 -9.84
N ARG A 963 44.59 -11.76 -9.05
CA ARG A 963 44.70 -13.15 -9.48
C ARG A 963 43.91 -13.40 -10.76
N ARG A 964 42.71 -12.85 -10.84
CA ARG A 964 41.90 -12.99 -12.04
C ARG A 964 42.58 -12.35 -13.23
N ILE A 965 43.18 -11.18 -13.04
CA ILE A 965 43.88 -10.50 -14.14
C ILE A 965 45.04 -11.35 -14.63
N ILE A 966 45.81 -11.91 -13.71
CA ILE A 966 46.99 -12.67 -14.11
C ILE A 966 46.59 -13.92 -14.86
N GLN A 967 45.57 -14.65 -14.36
CA GLN A 967 45.20 -15.86 -15.09
C GLN A 967 44.51 -15.53 -16.40
N ASN A 968 43.81 -14.41 -16.49
CA ASN A 968 43.30 -13.98 -17.79
C ASN A 968 44.43 -13.71 -18.77
N ALA A 969 45.50 -13.06 -18.31
CA ALA A 969 46.64 -12.82 -19.17
C ALA A 969 47.29 -14.12 -19.62
N GLN A 970 47.41 -15.07 -18.70
CA GLN A 970 48.00 -16.36 -19.04
C GLN A 970 47.17 -17.10 -20.08
N GLN A 971 45.84 -17.04 -19.95
CA GLN A 971 44.99 -17.69 -20.94
C GLN A 971 45.01 -16.95 -22.27
N ILE A 972 45.09 -15.62 -22.24
CA ILE A 972 45.02 -14.84 -23.47
C ILE A 972 46.29 -15.03 -24.30
N PHE A 973 47.45 -14.96 -23.66
CA PHE A 973 48.70 -14.97 -24.41
C PHE A 973 49.36 -16.34 -24.48
N HIS A 974 48.69 -17.39 -24.00
CA HIS A 974 49.23 -18.74 -24.03
C HIS A 974 50.60 -18.81 -23.36
N LEU A 975 50.61 -18.47 -22.07
CA LEU A 975 51.85 -18.39 -21.31
C LEU A 975 52.28 -19.73 -20.76
N ASP A 976 51.80 -20.83 -21.33
CA ASP A 976 52.30 -22.14 -20.99
C ASP A 976 53.61 -22.38 -21.74
N ARG A 977 54.05 -23.64 -21.77
CA ARG A 977 55.27 -24.05 -22.46
C ARG A 977 56.52 -23.55 -21.73
N ALA A 978 57.62 -24.26 -21.89
CA ALA A 978 58.87 -23.91 -21.22
C ALA A 978 59.63 -22.80 -21.92
N LYS A 979 58.95 -22.04 -22.78
CA LYS A 979 59.62 -20.96 -23.51
C LYS A 979 60.15 -19.91 -22.54
N ALA A 980 61.30 -19.35 -22.88
CA ALA A 980 61.94 -18.34 -22.03
C ALA A 980 61.35 -16.97 -22.31
N SER A 981 61.17 -16.20 -21.24
CA SER A 981 60.61 -14.87 -21.35
C SER A 981 61.63 -13.89 -21.93
N ASP A 982 61.11 -12.84 -22.57
CA ASP A 982 61.94 -11.76 -23.10
C ASP A 982 61.76 -10.48 -22.31
N LEU A 983 61.30 -10.57 -21.07
CA LEU A 983 60.97 -9.42 -20.24
C LEU A 983 62.17 -9.11 -19.35
N THR A 984 62.86 -8.01 -19.64
CA THR A 984 64.03 -7.64 -18.87
C THR A 984 63.62 -7.16 -17.48
N ILE A 985 64.53 -7.33 -16.52
CA ILE A 985 64.25 -6.92 -15.15
C ILE A 985 64.00 -5.42 -15.02
N PRO A 986 64.80 -4.54 -15.63
CA PRO A 986 64.49 -3.10 -15.51
C PRO A 986 63.11 -2.74 -16.02
N GLU A 987 62.62 -3.39 -17.07
CA GLU A 987 61.25 -3.14 -17.51
C GLU A 987 60.26 -3.49 -16.42
N ILE A 988 60.44 -4.63 -15.76
CA ILE A 988 59.53 -5.01 -14.68
C ILE A 988 59.54 -3.96 -13.58
N ILE A 989 60.74 -3.58 -13.13
CA ILE A 989 60.86 -2.66 -12.01
C ILE A 989 60.22 -1.33 -12.35
N HIS A 990 60.60 -0.77 -13.51
CA HIS A 990 60.11 0.56 -13.87
C HIS A 990 58.61 0.53 -14.16
N GLY A 991 58.11 -0.54 -14.77
CA GLY A 991 56.69 -0.62 -15.04
C GLY A 991 55.86 -0.65 -13.78
N VAL A 992 56.25 -1.49 -12.81
CA VAL A 992 55.50 -1.54 -11.56
C VAL A 992 55.61 -0.22 -10.81
N ARG A 993 56.82 0.37 -10.80
CA ARG A 993 57.01 1.64 -10.10
C ARG A 993 56.16 2.74 -10.72
N ASP A 994 56.07 2.79 -12.04
CA ASP A 994 55.25 3.81 -12.69
C ASP A 994 53.77 3.53 -12.47
N LEU A 995 53.37 2.25 -12.48
CA LEU A 995 51.97 1.94 -12.23
C LEU A 995 51.55 2.39 -10.84
N CYS A 996 52.42 2.22 -9.86
CA CYS A 996 52.07 2.65 -8.51
C CYS A 996 51.95 4.17 -8.37
N LYS A 997 52.06 4.93 -9.46
CA LYS A 997 51.90 6.37 -9.43
C LYS A 997 50.79 6.86 -10.34
N LYS A 998 50.06 5.96 -11.01
CA LYS A 998 48.97 6.33 -11.90
C LYS A 998 47.60 5.93 -11.35
N LEU A 999 47.53 5.52 -10.08
CA LEU A 999 46.26 5.18 -9.45
C LEU A 999 45.68 6.45 -8.84
N PHE A 1000 45.00 7.22 -9.68
CA PHE A 1000 44.50 8.52 -9.28
C PHE A 1000 43.17 8.38 -8.55
N VAL A 1001 43.15 8.80 -7.29
CA VAL A 1001 41.91 8.91 -6.53
C VAL A 1001 41.55 10.38 -6.44
N LEU A 1002 42.58 11.23 -6.38
CA LEU A 1002 42.42 12.67 -6.32
C LEU A 1002 43.30 13.32 -7.38
N ARG A 1003 42.72 14.23 -8.15
CA ARG A 1003 43.47 14.96 -9.15
C ARG A 1003 43.98 16.28 -8.57
N GLY A 1004 45.11 16.74 -9.10
CA GLY A 1004 45.67 18.01 -8.68
C GLY A 1004 47.15 17.94 -8.37
N GLU A 1005 47.84 19.07 -8.49
CA GLU A 1005 49.26 19.15 -8.21
C GLU A 1005 49.57 19.70 -6.84
N ASN A 1006 48.55 20.00 -6.03
CA ASN A 1006 48.78 20.53 -4.69
C ASN A 1006 49.52 19.50 -3.85
N GLU A 1007 50.42 20.00 -2.98
CA GLU A 1007 51.22 19.10 -2.16
C GLU A 1007 50.36 18.31 -1.19
N LEU A 1008 49.38 18.97 -0.58
CA LEU A 1008 48.47 18.28 0.33
C LEU A 1008 47.62 17.26 -0.44
N ILE A 1009 47.24 17.60 -1.67
CA ILE A 1009 46.52 16.65 -2.51
C ILE A 1009 47.38 15.44 -2.81
N LYS A 1010 48.66 15.66 -3.12
CA LYS A 1010 49.55 14.53 -3.40
C LYS A 1010 49.72 13.66 -2.17
N GLU A 1011 49.83 14.26 -0.99
CA GLU A 1011 49.96 13.47 0.23
C GLU A 1011 48.70 12.64 0.48
N ALA A 1012 47.52 13.22 0.28
CA ALA A 1012 46.28 12.46 0.45
C ALA A 1012 46.18 11.34 -0.58
N GLN A 1013 46.58 11.62 -1.82
CA GLN A 1013 46.55 10.60 -2.86
C GLN A 1013 47.47 9.44 -2.53
N GLN A 1014 48.67 9.74 -2.03
CA GLN A 1014 49.59 8.69 -1.62
C GLN A 1014 49.02 7.89 -0.45
N ASN A 1015 48.39 8.56 0.51
CA ASN A 1015 47.80 7.85 1.63
C ASN A 1015 46.68 6.93 1.21
N ALA A 1016 45.86 7.37 0.25
CA ALA A 1016 44.64 6.63 -0.09
C ALA A 1016 44.90 5.28 -0.71
N THR A 1017 46.09 5.05 -1.28
CA THR A 1017 46.37 3.81 -1.99
C THR A 1017 47.50 3.01 -1.38
N SER A 1018 47.79 3.20 -0.09
CA SER A 1018 48.91 2.51 0.53
C SER A 1018 48.70 1.00 0.53
N LEU A 1019 47.55 0.55 1.02
CA LEU A 1019 47.29 -0.89 1.10
C LEU A 1019 47.25 -1.52 -0.29
N PHE A 1020 46.63 -0.84 -1.25
CA PHE A 1020 46.55 -1.39 -2.59
C PHE A 1020 47.91 -1.46 -3.26
N GLN A 1021 48.75 -0.44 -3.05
CA GLN A 1021 50.10 -0.50 -3.60
C GLN A 1021 50.90 -1.63 -2.95
N CYS A 1022 50.69 -1.86 -1.67
CA CYS A 1022 51.34 -3.00 -1.02
C CYS A 1022 50.90 -4.31 -1.66
N LEU A 1023 49.61 -4.44 -1.93
CA LEU A 1023 49.12 -5.64 -2.62
C LEU A 1023 49.76 -5.80 -3.99
N VAL A 1024 49.78 -4.73 -4.78
CA VAL A 1024 50.31 -4.80 -6.14
C VAL A 1024 51.78 -5.18 -6.12
N ARG A 1025 52.56 -4.54 -5.24
CA ARG A 1025 53.98 -4.87 -5.16
C ARG A 1025 54.21 -6.28 -4.64
N ALA A 1026 53.33 -6.77 -3.77
CA ALA A 1026 53.45 -8.15 -3.31
C ALA A 1026 53.21 -9.13 -4.44
N ARG A 1027 52.25 -8.85 -5.31
CA ARG A 1027 51.95 -9.78 -6.40
C ARG A 1027 52.95 -9.64 -7.54
N LEU A 1028 53.19 -8.43 -8.01
CA LEU A 1028 54.04 -8.21 -9.19
C LEU A 1028 55.50 -8.00 -8.81
N ALA A 1029 56.05 -8.91 -8.02
CA ALA A 1029 57.47 -8.89 -7.74
C ALA A 1029 58.23 -9.47 -8.93
N THR A 1030 59.53 -9.18 -8.98
CA THR A 1030 60.34 -9.62 -10.12
C THR A 1030 60.43 -11.14 -10.18
N ARG A 1031 60.77 -11.77 -9.05
CA ARG A 1031 60.91 -13.23 -9.04
C ARG A 1031 59.60 -13.91 -9.34
N ARG A 1032 58.50 -13.41 -8.77
CA ARG A 1032 57.20 -14.03 -9.01
C ARG A 1032 56.77 -13.89 -10.47
N ILE A 1033 57.01 -12.72 -11.06
CA ILE A 1033 56.65 -12.53 -12.46
C ILE A 1033 57.46 -13.44 -13.37
N LEU A 1034 58.77 -13.51 -13.14
CA LEU A 1034 59.61 -14.27 -14.05
C LEU A 1034 59.46 -15.77 -13.87
N GLU A 1035 59.21 -16.24 -12.65
CA GLU A 1035 59.19 -17.66 -12.35
C GLU A 1035 57.79 -18.20 -12.14
N GLU A 1036 57.00 -17.61 -11.24
CA GLU A 1036 55.70 -18.18 -10.90
C GLU A 1036 54.68 -17.97 -12.01
N PHE A 1037 54.64 -16.78 -12.59
CA PHE A 1037 53.65 -16.47 -13.62
C PHE A 1037 54.19 -16.60 -15.03
N ARG A 1038 55.50 -16.39 -15.22
CA ARG A 1038 56.16 -16.57 -16.51
C ARG A 1038 55.56 -15.67 -17.58
N LEU A 1039 55.22 -14.44 -17.20
CA LEU A 1039 54.72 -13.48 -18.18
C LEU A 1039 55.82 -13.07 -19.14
N ASN A 1040 55.43 -12.81 -20.38
CA ASN A 1040 56.31 -12.18 -21.35
C ASN A 1040 56.05 -10.68 -21.35
N ARG A 1041 56.60 -9.99 -22.34
CA ARG A 1041 56.44 -8.54 -22.39
C ARG A 1041 54.99 -8.18 -22.58
N ASP A 1042 54.39 -8.62 -23.69
CA ASP A 1042 53.06 -8.16 -24.07
C ASP A 1042 52.06 -8.43 -22.97
N ALA A 1043 52.16 -9.60 -22.33
CA ALA A 1043 51.34 -9.88 -21.17
C ALA A 1043 51.59 -8.87 -20.06
N PHE A 1044 52.83 -8.40 -19.92
CA PHE A 1044 53.14 -7.47 -18.85
C PHE A 1044 52.50 -6.10 -19.07
N GLU A 1045 52.64 -5.53 -20.28
CA GLU A 1045 51.93 -4.27 -20.52
C GLU A 1045 50.42 -4.45 -20.47
N TRP A 1046 49.92 -5.61 -20.92
CA TRP A 1046 48.48 -5.84 -20.80
C TRP A 1046 48.03 -5.85 -19.35
N VAL A 1047 48.81 -6.49 -18.47
CA VAL A 1047 48.46 -6.54 -17.06
C VAL A 1047 48.49 -5.15 -16.45
N LEU A 1048 49.51 -4.37 -16.78
CA LEU A 1048 49.61 -3.02 -16.21
C LEU A 1048 48.45 -2.14 -16.65
N GLY A 1049 48.14 -2.16 -17.96
CA GLY A 1049 47.02 -1.37 -18.44
C GLY A 1049 45.69 -1.80 -17.83
N THR A 1050 45.49 -3.11 -17.70
CA THR A 1050 44.24 -3.60 -17.13
C THR A 1050 44.12 -3.19 -15.67
N ILE A 1051 45.21 -3.27 -14.91
CA ILE A 1051 45.15 -2.86 -13.50
C ILE A 1051 44.78 -1.39 -13.40
N GLU A 1052 45.42 -0.55 -14.20
CA GLU A 1052 45.13 0.88 -14.14
C GLU A 1052 43.67 1.16 -14.50
N ALA A 1053 43.19 0.55 -15.58
CA ALA A 1053 41.82 0.81 -16.03
C ALA A 1053 40.80 0.33 -15.01
N GLN A 1054 40.98 -0.88 -14.49
CA GLN A 1054 40.03 -1.40 -13.51
C GLN A 1054 40.03 -0.56 -12.24
N PHE A 1055 41.20 -0.10 -11.80
CA PHE A 1055 41.22 0.76 -10.63
C PHE A 1055 40.45 2.05 -10.89
N GLN A 1056 40.64 2.65 -12.05
CA GLN A 1056 39.87 3.84 -12.38
C GLN A 1056 38.38 3.55 -12.39
N ARG A 1057 38.00 2.35 -12.82
CA ARG A 1057 36.58 2.02 -12.86
C ARG A 1057 36.01 1.71 -11.49
N SER A 1058 36.84 1.42 -10.49
CA SER A 1058 36.34 1.02 -9.18
C SER A 1058 36.14 2.18 -8.21
N LEU A 1059 36.35 3.42 -8.64
CA LEU A 1059 36.19 4.55 -7.75
C LEU A 1059 34.71 4.86 -7.50
N VAL A 1060 34.45 5.68 -6.50
CA VAL A 1060 33.08 6.06 -6.18
C VAL A 1060 32.66 7.22 -7.07
N HIS A 1061 31.38 7.27 -7.39
CA HIS A 1061 30.89 8.29 -8.30
C HIS A 1061 30.37 9.49 -7.54
N PRO A 1062 30.81 10.70 -7.86
CA PRO A 1062 30.25 11.89 -7.22
C PRO A 1062 28.75 11.96 -7.46
N GLY A 1063 28.02 12.28 -6.41
CA GLY A 1063 26.57 12.20 -6.43
C GLY A 1063 25.98 10.99 -5.73
N GLU A 1064 26.80 10.03 -5.32
CA GLU A 1064 26.31 8.96 -4.45
C GLU A 1064 25.68 9.54 -3.19
N MET A 1065 24.51 9.02 -2.85
CA MET A 1065 23.87 9.32 -1.58
C MET A 1065 24.26 8.23 -0.58
N VAL A 1066 25.52 8.27 -0.18
CA VAL A 1066 26.10 7.21 0.62
C VAL A 1066 25.50 7.15 2.02
N GLY A 1067 24.91 8.24 2.50
CA GLY A 1067 24.30 8.18 3.81
C GLY A 1067 23.10 7.26 3.86
N VAL A 1068 22.23 7.34 2.85
CA VAL A 1068 21.06 6.46 2.81
C VAL A 1068 21.49 5.02 2.59
N ILE A 1069 22.50 4.82 1.75
CA ILE A 1069 22.99 3.46 1.50
C ILE A 1069 23.55 2.86 2.78
N ALA A 1070 24.31 3.64 3.53
CA ALA A 1070 24.84 3.17 4.80
C ALA A 1070 23.74 2.87 5.80
N ALA A 1071 22.74 3.76 5.89
CA ALA A 1071 21.64 3.53 6.83
C ALA A 1071 20.89 2.26 6.49
N GLN A 1072 20.61 2.04 5.20
CA GLN A 1072 19.92 0.82 4.79
C GLN A 1072 20.78 -0.41 5.03
N SER A 1073 22.08 -0.32 4.73
CA SER A 1073 22.95 -1.47 4.92
C SER A 1073 23.14 -1.82 6.39
N ILE A 1074 22.98 -0.86 7.29
CA ILE A 1074 23.08 -1.19 8.71
C ILE A 1074 21.74 -1.68 9.24
N GLY A 1075 20.63 -1.08 8.80
CA GLY A 1075 19.33 -1.48 9.30
C GLY A 1075 18.79 -2.77 8.73
N GLU A 1076 19.24 -3.16 7.54
CA GLU A 1076 18.75 -4.41 6.94
C GLU A 1076 19.08 -5.65 7.76
N PRO A 1077 20.32 -5.85 8.23
CA PRO A 1077 20.57 -7.03 9.08
C PRO A 1077 19.77 -7.03 10.37
N ALA A 1078 19.49 -5.85 10.93
CA ALA A 1078 18.78 -5.80 12.21
C ALA A 1078 17.39 -6.41 12.10
N THR A 1079 16.80 -6.38 10.92
CA THR A 1079 15.48 -6.99 10.73
C THR A 1079 15.56 -8.51 10.78
N GLN A 1080 16.73 -9.09 10.56
CA GLN A 1080 16.92 -10.53 10.54
C GLN A 1080 17.84 -10.96 11.68
N MET A 1081 17.66 -10.38 12.85
CA MET A 1081 18.46 -10.74 14.02
C MET A 1081 17.75 -10.37 15.31
N ASN A 1095 28.39 -12.94 30.59
CA ASN A 1095 27.07 -12.56 30.10
C ASN A 1095 27.04 -11.09 29.70
N VAL A 1096 26.74 -10.82 28.44
CA VAL A 1096 26.68 -9.48 27.91
C VAL A 1096 25.40 -9.30 27.11
N THR A 1097 24.99 -8.05 26.94
CA THR A 1097 23.82 -7.71 26.13
C THR A 1097 24.20 -7.71 24.66
N LEU A 1098 23.33 -8.30 23.83
CA LEU A 1098 23.60 -8.36 22.40
C LEU A 1098 22.27 -8.33 21.65
N GLY A 1099 22.34 -7.99 20.37
CA GLY A 1099 21.17 -7.94 19.53
C GLY A 1099 20.54 -6.57 19.46
N VAL A 1100 19.24 -6.53 19.20
CA VAL A 1100 18.55 -5.24 19.07
C VAL A 1100 18.63 -4.41 20.34
N PRO A 1101 18.46 -4.94 21.55
CA PRO A 1101 18.61 -4.08 22.73
C PRO A 1101 19.96 -3.40 22.83
N ARG A 1102 21.05 -4.11 22.50
CA ARG A 1102 22.36 -3.49 22.56
C ARG A 1102 22.53 -2.44 21.48
N LEU A 1103 21.99 -2.69 20.29
CA LEU A 1103 22.04 -1.68 19.24
C LEU A 1103 21.27 -0.44 19.64
N LYS A 1104 20.12 -0.62 20.27
CA LYS A 1104 19.34 0.50 20.77
C LYS A 1104 20.11 1.28 21.83
N GLU A 1105 20.84 0.57 22.70
CA GLU A 1105 21.67 1.24 23.68
C GLU A 1105 22.77 2.05 23.01
N ILE A 1106 23.38 1.50 21.96
CA ILE A 1106 24.47 2.20 21.28
C ILE A 1106 23.96 3.45 20.58
N LEU A 1107 22.86 3.32 19.82
CA LEU A 1107 22.38 4.44 19.03
C LEU A 1107 21.87 5.57 19.91
N ASN A 1108 21.17 5.24 21.00
CA ASN A 1108 20.67 6.26 21.90
C ASN A 1108 21.76 6.90 22.73
N VAL A 1109 22.97 6.33 22.73
CA VAL A 1109 24.06 6.76 23.62
C VAL A 1109 23.53 6.78 25.04
N ALA A 1110 23.10 5.63 25.53
CA ALA A 1110 22.59 5.53 26.88
C ALA A 1110 23.71 5.75 27.89
N LYS A 1111 23.42 6.49 28.94
CA LYS A 1111 24.43 6.76 29.97
C LYS A 1111 24.70 5.53 30.81
N ASN A 1112 23.66 4.76 31.14
CA ASN A 1112 23.75 3.60 32.00
C ASN A 1112 23.33 2.36 31.22
N ILE A 1113 24.31 1.68 30.64
CA ILE A 1113 24.04 0.48 29.86
C ILE A 1113 23.70 -0.67 30.79
N LYS A 1114 23.20 -1.77 30.22
CA LYS A 1114 22.70 -2.87 31.03
C LYS A 1114 23.83 -3.58 31.79
N THR A 1115 24.90 -3.92 31.09
CA THR A 1115 26.00 -4.71 31.66
C THR A 1115 27.32 -4.01 31.39
N PRO A 1116 27.67 -3.01 32.20
CA PRO A 1116 28.98 -2.36 32.02
C PRO A 1116 30.11 -3.34 32.31
N ALA A 1117 31.20 -3.21 31.57
CA ALA A 1117 32.32 -4.12 31.73
C ALA A 1117 33.61 -3.44 31.31
N LEU A 1118 34.72 -3.98 31.81
CA LEU A 1118 36.05 -3.58 31.42
C LEU A 1118 36.79 -4.79 30.88
N THR A 1119 37.83 -4.53 30.10
CA THR A 1119 38.72 -5.58 29.61
C THR A 1119 40.12 -5.17 30.00
N VAL A 1120 40.52 -5.55 31.21
CA VAL A 1120 41.82 -5.17 31.75
C VAL A 1120 42.86 -6.15 31.24
N TYR A 1121 43.88 -5.63 30.57
CA TYR A 1121 45.00 -6.43 30.12
C TYR A 1121 46.17 -6.27 31.08
N LEU A 1122 46.84 -7.35 31.38
CA LEU A 1122 47.94 -7.36 32.33
C LEU A 1122 49.28 -7.27 31.61
N ASP A 1123 50.33 -6.98 32.38
CA ASP A 1123 51.66 -6.89 31.81
C ASP A 1123 52.13 -8.26 31.35
N ARG A 1124 53.20 -8.25 30.55
CA ARG A 1124 53.65 -9.48 29.89
C ARG A 1124 53.99 -10.57 30.91
N GLU A 1125 54.75 -10.22 31.93
CA GLU A 1125 55.12 -11.21 32.94
C GLU A 1125 53.90 -11.70 33.72
N ILE A 1126 53.00 -10.79 34.09
CA ILE A 1126 51.82 -11.18 34.85
C ILE A 1126 50.84 -11.95 33.97
N ALA A 1127 50.77 -11.63 32.68
CA ALA A 1127 49.79 -12.26 31.82
C ALA A 1127 50.00 -13.77 31.72
N LEU A 1128 51.25 -14.22 31.80
CA LEU A 1128 51.56 -15.64 31.66
C LEU A 1128 51.69 -16.36 32.99
N ASP A 1129 51.45 -15.68 34.11
CA ASP A 1129 51.52 -16.30 35.44
C ASP A 1129 50.17 -16.15 36.12
N ILE A 1130 49.61 -17.29 36.55
CA ILE A 1130 48.26 -17.27 37.14
C ILE A 1130 48.29 -16.67 38.54
N GLU A 1131 49.36 -16.87 39.29
CA GLU A 1131 49.41 -16.39 40.67
C GLU A 1131 49.41 -14.87 40.74
N LYS A 1132 50.28 -14.23 39.97
CA LYS A 1132 50.31 -12.78 39.95
C LYS A 1132 49.01 -12.21 39.42
N ALA A 1133 48.40 -12.88 38.43
CA ALA A 1133 47.12 -12.45 37.91
C ALA A 1133 46.04 -12.50 38.99
N LYS A 1134 46.04 -13.56 39.80
CA LYS A 1134 45.09 -13.64 40.89
C LYS A 1134 45.34 -12.55 41.92
N VAL A 1135 46.62 -12.23 42.17
CA VAL A 1135 46.94 -11.14 43.10
C VAL A 1135 46.35 -9.83 42.59
N ILE A 1136 46.54 -9.55 41.29
CA ILE A 1136 46.01 -8.33 40.71
C ILE A 1136 44.49 -8.31 40.80
N GLN A 1137 43.85 -9.44 40.50
CA GLN A 1137 42.40 -9.53 40.55
C GLN A 1137 41.89 -9.22 41.95
N SER A 1138 42.56 -9.77 42.98
CA SER A 1138 42.18 -9.47 44.35
C SER A 1138 42.40 -7.99 44.66
N SER A 1139 43.46 -7.39 44.12
CA SER A 1139 43.75 -6.00 44.41
C SER A 1139 42.76 -5.06 43.75
N ILE A 1140 42.15 -5.46 42.64
CA ILE A 1140 41.24 -4.56 41.92
C ILE A 1140 39.83 -4.61 42.48
N GLU A 1141 39.32 -5.80 42.77
CA GLU A 1141 37.91 -5.96 43.11
C GLU A 1141 37.52 -5.17 44.36
N TYR A 1142 36.35 -4.54 44.31
CA TYR A 1142 35.88 -3.74 45.43
C TYR A 1142 35.35 -4.65 46.54
N THR A 1143 35.83 -4.42 47.75
CA THR A 1143 35.43 -5.18 48.92
C THR A 1143 35.15 -4.23 50.07
N THR A 1144 33.99 -4.37 50.68
CA THR A 1144 33.59 -3.53 51.81
C THR A 1144 33.44 -4.39 53.05
N LEU A 1145 33.28 -3.70 54.19
CA LEU A 1145 33.11 -4.40 55.45
C LEU A 1145 31.85 -5.26 55.44
N LYS A 1146 30.80 -4.79 54.78
CA LYS A 1146 29.55 -5.55 54.68
C LYS A 1146 29.76 -6.88 53.97
N ASN A 1147 30.74 -6.95 53.06
CA ASN A 1147 30.98 -8.19 52.32
C ASN A 1147 31.43 -9.31 53.24
N VAL A 1148 32.29 -9.00 54.21
CA VAL A 1148 32.84 -10.02 55.09
C VAL A 1148 32.09 -10.14 56.42
N THR A 1149 31.33 -9.11 56.80
CA THR A 1149 30.61 -9.16 58.07
C THR A 1149 29.50 -10.19 58.01
N SER A 1150 29.45 -11.07 59.01
CA SER A 1150 28.41 -12.10 59.09
C SER A 1150 27.23 -11.68 59.95
N ALA A 1151 27.49 -11.01 61.07
CA ALA A 1151 26.42 -10.53 61.93
C ALA A 1151 26.97 -9.41 62.80
N THR A 1152 26.06 -8.56 63.28
CA THR A 1152 26.43 -7.45 64.16
C THR A 1152 25.50 -7.43 65.36
N GLU A 1153 26.02 -6.98 66.49
CA GLU A 1153 25.27 -6.99 67.73
C GLU A 1153 25.66 -5.78 68.58
N ILE A 1154 24.74 -5.39 69.46
CA ILE A 1154 24.96 -4.30 70.40
C ILE A 1154 24.70 -4.83 71.80
N TYR A 1155 25.64 -4.60 72.71
CA TYR A 1155 25.53 -5.08 74.08
C TYR A 1155 25.71 -3.94 75.05
N TYR A 1156 25.16 -4.12 76.25
CA TYR A 1156 25.35 -3.19 77.35
C TYR A 1156 26.43 -3.73 78.27
N ASP A 1157 27.50 -2.96 78.45
CA ASP A 1157 28.64 -3.38 79.27
C ASP A 1157 29.26 -2.15 79.90
N PRO A 1158 29.04 -1.94 81.20
CA PRO A 1158 29.48 -0.70 81.84
C PRO A 1158 30.95 -0.67 82.23
N ASP A 1159 31.67 -1.78 82.15
CA ASP A 1159 33.06 -1.83 82.57
C ASP A 1159 33.96 -1.82 81.34
N PRO A 1160 34.64 -0.72 81.04
CA PRO A 1160 35.55 -0.71 79.88
C PRO A 1160 36.70 -1.68 79.99
N THR A 1161 37.13 -1.99 81.21
CA THR A 1161 38.27 -2.88 81.44
C THR A 1161 37.88 -4.34 81.59
N SER A 1162 36.59 -4.66 81.47
CA SER A 1162 36.13 -6.03 81.57
C SER A 1162 34.92 -6.18 80.64
N THR A 1163 34.16 -7.25 80.82
CA THR A 1163 33.00 -7.48 79.98
C THR A 1163 32.00 -8.38 80.69
N VAL A 1164 30.79 -8.41 80.14
CA VAL A 1164 29.75 -9.30 80.66
C VAL A 1164 29.76 -10.65 79.94
N ILE A 1165 29.99 -10.65 78.62
CA ILE A 1165 29.97 -11.89 77.85
C ILE A 1165 31.13 -12.77 78.27
N GLU A 1166 30.82 -14.01 78.66
CA GLU A 1166 31.86 -14.95 79.05
C GLU A 1166 32.69 -15.41 77.86
N GLU A 1167 32.06 -15.54 76.68
CA GLU A 1167 32.77 -16.02 75.51
C GLU A 1167 33.90 -15.09 75.10
N ASP A 1168 33.63 -13.78 75.11
CA ASP A 1168 34.62 -12.78 74.74
C ASP A 1168 35.46 -12.32 75.93
N PHE A 1169 35.17 -12.83 77.12
CA PHE A 1169 35.90 -12.38 78.31
C PHE A 1169 37.37 -12.73 78.23
N ASP A 1170 37.70 -13.93 77.76
CA ASP A 1170 39.10 -14.35 77.71
C ASP A 1170 39.91 -13.46 76.79
N THR A 1171 39.38 -13.19 75.59
CA THR A 1171 40.12 -12.39 74.62
C THR A 1171 40.33 -10.96 75.11
N VAL A 1172 39.27 -10.35 75.66
CA VAL A 1172 39.39 -8.96 76.12
C VAL A 1172 40.35 -8.87 77.30
N GLU A 1173 40.30 -9.84 78.22
CA GLU A 1173 41.21 -9.81 79.35
C GLU A 1173 42.64 -10.04 78.92
N ALA A 1174 42.86 -10.92 77.94
CA ALA A 1174 44.20 -11.13 77.41
C ALA A 1174 44.71 -9.87 76.73
N TYR A 1175 43.84 -9.17 76.00
CA TYR A 1175 44.24 -7.91 75.39
C TYR A 1175 44.61 -6.87 76.42
N PHE A 1176 43.83 -6.78 77.51
CA PHE A 1176 44.09 -5.78 78.54
C PHE A 1176 45.34 -6.10 79.35
N SER A 1177 45.85 -7.32 79.28
CA SER A 1177 47.05 -7.69 80.01
C SER A 1177 48.26 -7.80 79.08
N GLN A 1190 34.00 7.71 77.76
CA GLN A 1190 33.51 6.59 76.96
C GLN A 1190 32.10 6.17 77.40
N SER A 1191 31.37 5.53 76.50
CA SER A 1191 30.03 5.07 76.80
C SER A 1191 30.01 3.57 77.08
N PRO A 1192 29.12 3.12 77.96
CA PRO A 1192 29.02 1.67 78.24
C PRO A 1192 28.48 0.88 77.06
N TRP A 1193 27.89 1.52 76.06
CA TRP A 1193 27.27 0.80 74.95
C TRP A 1193 28.34 0.09 74.12
N LEU A 1194 28.30 -1.24 74.13
CA LEU A 1194 29.23 -2.05 73.37
C LEU A 1194 28.64 -2.37 72.00
N LEU A 1195 29.44 -2.14 70.95
CA LEU A 1195 29.07 -2.50 69.59
C LEU A 1195 30.08 -3.50 69.06
N ARG A 1196 29.64 -4.73 68.82
CA ARG A 1196 30.50 -5.79 68.31
C ARG A 1196 29.85 -6.39 67.08
N LEU A 1197 30.68 -7.08 66.28
CA LEU A 1197 30.17 -7.74 65.09
C LEU A 1197 31.10 -8.89 64.73
N GLU A 1198 30.51 -9.98 64.25
CA GLU A 1198 31.25 -11.20 63.94
C GLU A 1198 31.51 -11.28 62.45
N LEU A 1199 32.76 -11.48 62.07
CA LEU A 1199 33.16 -11.58 60.68
C LEU A 1199 33.22 -13.04 60.27
N ASP A 1200 32.71 -13.34 59.08
CA ASP A 1200 32.78 -14.69 58.55
C ASP A 1200 34.24 -15.06 58.28
N ARG A 1201 34.74 -16.07 58.98
CA ARG A 1201 36.14 -16.46 58.83
C ARG A 1201 36.44 -16.96 57.42
N ALA A 1202 35.51 -17.70 56.82
CA ALA A 1202 35.75 -18.29 55.51
C ALA A 1202 35.96 -17.21 54.45
N ARG A 1203 35.03 -16.27 54.35
CA ARG A 1203 35.17 -15.21 53.36
C ARG A 1203 36.29 -14.24 53.70
N MET A 1204 36.53 -14.00 54.99
CA MET A 1204 37.64 -13.17 55.40
C MET A 1204 38.97 -13.75 54.93
N LEU A 1205 39.12 -15.07 55.07
CA LEU A 1205 40.30 -15.74 54.53
C LEU A 1205 40.31 -15.70 53.01
N ASP A 1206 39.14 -15.89 52.38
CA ASP A 1206 39.07 -15.91 50.92
C ASP A 1206 39.49 -14.57 50.34
N LYS A 1207 39.03 -13.46 50.94
CA LYS A 1207 39.44 -12.14 50.50
C LYS A 1207 40.86 -11.79 50.90
N GLN A 1208 41.58 -12.71 51.55
CA GLN A 1208 42.98 -12.53 51.90
C GLN A 1208 43.18 -11.28 52.76
N LEU A 1209 42.28 -11.07 53.70
CA LEU A 1209 42.31 -9.88 54.56
C LEU A 1209 42.84 -10.23 55.94
N THR A 1210 43.25 -9.18 56.66
CA THR A 1210 43.80 -9.30 58.00
C THR A 1210 42.94 -8.49 58.97
N MET A 1211 42.67 -9.08 60.14
CA MET A 1211 41.89 -8.38 61.16
C MET A 1211 42.52 -7.03 61.49
N ASN A 1212 43.85 -6.99 61.55
CA ASN A 1212 44.53 -5.71 61.79
C ASN A 1212 44.21 -4.72 60.70
N GLN A 1213 44.14 -5.17 59.45
CA GLN A 1213 43.82 -4.26 58.34
C GLN A 1213 42.43 -3.67 58.49
N VAL A 1214 41.45 -4.50 58.85
CA VAL A 1214 40.10 -4.00 59.04
C VAL A 1214 40.06 -2.99 60.18
N ALA A 1215 40.73 -3.31 61.29
CA ALA A 1215 40.76 -2.39 62.42
C ALA A 1215 41.43 -1.07 62.03
N ASP A 1216 42.50 -1.14 61.25
CA ASP A 1216 43.19 0.07 60.81
C ASP A 1216 42.30 0.91 59.91
N LYS A 1217 41.54 0.27 59.01
CA LYS A 1217 40.63 1.00 58.15
C LYS A 1217 39.56 1.71 58.98
N ILE A 1218 38.99 1.01 59.96
CA ILE A 1218 37.97 1.62 60.82
C ILE A 1218 38.56 2.79 61.59
N SER A 1219 39.77 2.62 62.12
CA SER A 1219 40.42 3.69 62.87
C SER A 1219 40.68 4.89 61.98
N GLU A 1220 41.15 4.65 60.76
CA GLU A 1220 41.43 5.75 59.83
C GLU A 1220 40.17 6.51 59.48
N VAL A 1221 39.06 5.80 59.24
CA VAL A 1221 37.83 6.48 58.88
C VAL A 1221 37.14 7.14 60.07
N PHE A 1222 37.46 6.72 61.30
CA PHE A 1222 36.84 7.30 62.48
C PHE A 1222 37.84 7.90 63.47
N SER A 1223 39.10 8.09 63.06
CA SER A 1223 40.11 8.72 63.88
C SER A 1223 40.23 8.05 65.25
N ASP A 1224 39.94 8.80 66.31
CA ASP A 1224 39.95 8.27 67.67
C ASP A 1224 38.59 8.38 68.34
N ASP A 1225 37.52 8.49 67.55
CA ASP A 1225 36.17 8.59 68.08
C ASP A 1225 35.62 7.26 68.56
N LEU A 1226 36.29 6.15 68.26
CA LEU A 1226 35.83 4.83 68.66
C LEU A 1226 37.02 3.98 69.07
N PHE A 1227 36.91 3.33 70.22
CA PHE A 1227 37.92 2.41 70.70
C PHE A 1227 37.61 1.02 70.18
N VAL A 1228 38.59 0.39 69.52
CA VAL A 1228 38.35 -0.83 68.76
C VAL A 1228 39.29 -1.92 69.27
N MET A 1229 38.73 -3.10 69.52
CA MET A 1229 39.50 -4.30 69.83
C MET A 1229 39.07 -5.41 68.90
N TRP A 1230 40.04 -6.21 68.47
CA TRP A 1230 39.77 -7.28 67.52
C TRP A 1230 40.36 -8.59 68.03
N SER A 1231 39.62 -9.67 67.85
CA SER A 1231 40.09 -10.98 68.26
C SER A 1231 41.23 -11.45 67.36
N GLU A 1232 42.03 -12.35 67.89
CA GLU A 1232 43.12 -12.91 67.11
C GLU A 1232 42.59 -13.88 66.06
N ASP A 1233 43.45 -14.18 65.08
CA ASP A 1233 43.08 -15.11 64.01
C ASP A 1233 42.88 -16.53 64.51
N ASN A 1234 43.47 -16.88 65.66
CA ASN A 1234 43.34 -18.23 66.19
C ASN A 1234 42.09 -18.42 67.02
N ALA A 1235 41.28 -17.39 67.22
CA ALA A 1235 40.04 -17.54 67.95
C ALA A 1235 39.06 -18.41 67.17
N ASP A 1236 38.14 -19.04 67.90
CA ASP A 1236 37.15 -19.89 67.26
C ASP A 1236 36.27 -19.11 66.31
N LYS A 1237 35.84 -17.92 66.71
CA LYS A 1237 35.05 -17.03 65.88
C LYS A 1237 35.77 -15.69 65.77
N LEU A 1238 35.90 -15.20 64.53
CA LEU A 1238 36.54 -13.91 64.29
C LEU A 1238 35.57 -12.80 64.68
N ILE A 1239 35.89 -12.06 65.73
CA ILE A 1239 35.03 -10.99 66.23
C ILE A 1239 35.87 -9.74 66.42
N ILE A 1240 35.20 -8.59 66.34
CA ILE A 1240 35.82 -7.29 66.56
C ILE A 1240 34.86 -6.45 67.37
N ARG A 1241 35.38 -5.77 68.40
CA ARG A 1241 34.56 -5.02 69.33
C ARG A 1241 34.87 -3.53 69.23
N CYS A 1242 33.85 -2.72 69.51
CA CYS A 1242 33.98 -1.28 69.39
C CYS A 1242 33.24 -0.61 70.54
N ARG A 1243 33.65 0.61 70.87
CA ARG A 1243 33.03 1.37 71.94
C ARG A 1243 33.08 2.86 71.60
N VAL A 1244 32.04 3.58 72.00
CA VAL A 1244 31.99 5.02 71.80
C VAL A 1244 32.79 5.70 72.91
N ILE A 1245 33.56 6.71 72.54
CA ILE A 1245 34.36 7.45 73.51
C ILE A 1245 33.75 8.81 73.78
N GLU A 1258 20.56 9.21 75.88
CA GLU A 1258 20.05 8.28 74.88
C GLU A 1258 20.97 8.25 73.65
N GLU A 1259 21.71 7.16 73.51
CA GLU A 1259 22.64 6.99 72.40
C GLU A 1259 22.42 5.70 71.63
N ASP A 1260 21.38 4.93 71.95
CA ASP A 1260 21.15 3.66 71.24
C ASP A 1260 20.84 3.90 69.77
N GLN A 1261 19.99 4.88 69.48
CA GLN A 1261 19.69 5.21 68.09
C GLN A 1261 20.91 5.75 67.36
N MET A 1262 21.71 6.58 68.04
CA MET A 1262 22.95 7.06 67.45
C MET A 1262 23.90 5.91 67.13
N LEU A 1263 24.00 4.94 68.06
CA LEU A 1263 24.84 3.78 67.82
C LEU A 1263 24.33 2.95 66.64
N LYS A 1264 23.00 2.80 66.53
CA LYS A 1264 22.44 2.07 65.40
C LYS A 1264 22.75 2.78 64.08
N ARG A 1265 22.62 4.11 64.06
CA ARG A 1265 22.94 4.86 62.84
C ARG A 1265 24.42 4.71 62.49
N ILE A 1266 25.29 4.77 63.49
CA ILE A 1266 26.72 4.61 63.24
C ILE A 1266 27.03 3.21 62.72
N GLU A 1267 26.35 2.20 63.26
CA GLU A 1267 26.53 0.84 62.76
C GLU A 1267 26.08 0.70 61.32
N ALA A 1268 24.94 1.33 60.98
CA ALA A 1268 24.48 1.30 59.59
C ALA A 1268 25.48 1.98 58.67
N HIS A 1269 26.01 3.13 59.09
CA HIS A 1269 27.02 3.83 58.30
C HIS A 1269 28.26 2.97 58.11
N MET A 1270 28.68 2.29 59.18
CA MET A 1270 29.82 1.38 59.11
C MET A 1270 29.60 0.28 58.08
N LEU A 1271 28.47 -0.42 58.18
CA LEU A 1271 28.16 -1.43 57.19
C LEU A 1271 28.00 -0.84 55.79
N ASP A 1272 27.72 0.46 55.70
CA ASP A 1272 27.45 1.08 54.42
C ASP A 1272 28.73 1.40 53.66
N LEU A 1273 29.57 2.28 54.21
CA LEU A 1273 30.62 2.91 53.40
C LEU A 1273 32.03 2.64 53.89
N ILE A 1274 32.25 1.55 54.63
CA ILE A 1274 33.62 1.18 55.00
C ILE A 1274 34.22 0.37 53.86
N ALA A 1275 35.17 0.96 53.14
CA ALA A 1275 35.80 0.33 52.00
C ALA A 1275 37.12 -0.29 52.45
N LEU A 1276 37.25 -1.60 52.28
CA LEU A 1276 38.46 -2.29 52.70
C LEU A 1276 39.56 -2.15 51.66
N ARG A 1277 39.32 -2.62 50.44
CA ARG A 1277 40.31 -2.49 49.38
C ARG A 1277 39.61 -2.67 48.04
N GLY A 1278 40.28 -2.21 46.99
CA GLY A 1278 39.80 -2.36 45.64
C GLY A 1278 39.28 -1.04 45.07
N ILE A 1279 39.09 -1.05 43.76
CA ILE A 1279 38.60 0.14 43.06
C ILE A 1279 37.09 0.24 43.26
N PRO A 1280 36.58 1.37 43.72
CA PRO A 1280 35.12 1.52 43.87
C PRO A 1280 34.41 1.37 42.53
N GLY A 1281 33.25 0.73 42.56
CA GLY A 1281 32.45 0.53 41.38
C GLY A 1281 32.71 -0.76 40.63
N ILE A 1282 33.75 -1.50 40.99
CA ILE A 1282 34.08 -2.77 40.36
C ILE A 1282 33.53 -3.87 41.23
N SER A 1283 32.32 -4.34 40.92
CA SER A 1283 31.65 -5.30 41.80
C SER A 1283 32.30 -6.68 41.72
N LYS A 1284 32.61 -7.15 40.51
CA LYS A 1284 33.13 -8.49 40.31
C LYS A 1284 34.25 -8.45 39.29
N VAL A 1285 35.17 -9.40 39.40
CA VAL A 1285 36.28 -9.54 38.46
C VAL A 1285 36.44 -11.01 38.12
N TYR A 1286 36.64 -11.31 36.84
CA TYR A 1286 36.83 -12.67 36.36
C TYR A 1286 38.18 -12.80 35.68
N MET A 1287 38.78 -13.98 35.81
CA MET A 1287 39.97 -14.32 35.04
C MET A 1287 39.56 -14.94 33.71
N VAL A 1288 40.14 -14.44 32.63
CA VAL A 1288 39.79 -14.89 31.29
C VAL A 1288 41.07 -15.17 30.52
N LYS A 1289 41.07 -16.24 29.73
CA LYS A 1289 42.19 -16.59 28.88
C LYS A 1289 41.94 -16.07 27.48
N HIS A 1290 42.92 -15.35 26.92
CA HIS A 1290 42.81 -14.75 25.61
C HIS A 1290 43.83 -15.38 24.66
N LYS A 1291 43.38 -15.72 23.46
CA LYS A 1291 44.26 -16.23 22.42
C LYS A 1291 44.68 -15.09 21.51
N VAL A 1292 45.98 -14.84 21.43
CA VAL A 1292 46.53 -13.76 20.62
C VAL A 1292 47.57 -14.34 19.67
N SER A 1293 47.51 -13.92 18.42
CA SER A 1293 48.48 -14.36 17.42
C SER A 1293 49.62 -13.35 17.38
N VAL A 1294 50.82 -13.81 17.72
CA VAL A 1294 51.99 -12.94 17.79
C VAL A 1294 53.09 -13.52 16.91
N PRO A 1295 53.81 -12.71 16.14
CA PRO A 1295 54.91 -13.24 15.34
C PRO A 1295 55.97 -13.89 16.22
N ASP A 1296 56.52 -14.99 15.73
CA ASP A 1296 57.50 -15.77 16.47
C ASP A 1296 58.89 -15.15 16.25
N GLU A 1297 59.93 -15.82 16.76
CA GLU A 1297 61.27 -15.33 16.50
C GLU A 1297 61.70 -15.53 15.05
N SER A 1298 61.02 -16.40 14.32
CA SER A 1298 61.28 -16.61 12.90
C SER A 1298 60.37 -15.78 12.01
N GLY A 1299 59.50 -14.96 12.58
CA GLY A 1299 58.55 -14.18 11.82
C GLY A 1299 57.22 -14.87 11.60
N GLU A 1300 57.11 -16.14 11.93
CA GLU A 1300 55.86 -16.87 11.78
C GLU A 1300 54.87 -16.45 12.84
N TYR A 1301 53.59 -16.42 12.48
CA TYR A 1301 52.54 -16.10 13.43
C TYR A 1301 52.09 -17.36 14.14
N LYS A 1302 52.16 -17.34 15.47
CA LYS A 1302 51.78 -18.48 16.29
C LYS A 1302 50.84 -18.03 17.39
N ASN A 1303 49.83 -18.86 17.65
CA ASN A 1303 48.86 -18.54 18.69
C ASN A 1303 49.50 -18.61 20.06
N GLU A 1304 48.91 -17.88 21.01
CA GLU A 1304 49.45 -17.80 22.36
C GLU A 1304 48.31 -17.47 23.32
N GLU A 1305 48.37 -18.06 24.51
CA GLU A 1305 47.35 -17.86 25.52
C GLU A 1305 47.88 -16.97 26.63
N LEU A 1306 47.09 -15.98 27.02
CA LEU A 1306 47.46 -15.03 28.05
C LEU A 1306 46.27 -14.80 28.97
N TRP A 1307 46.57 -14.34 30.19
CA TRP A 1307 45.55 -14.09 31.19
C TRP A 1307 45.18 -12.62 31.19
N ALA A 1308 43.88 -12.36 31.30
CA ALA A 1308 43.36 -11.01 31.38
C ALA A 1308 42.14 -11.02 32.29
N LEU A 1309 41.75 -9.83 32.76
CA LEU A 1309 40.63 -9.68 33.67
C LEU A 1309 39.46 -9.02 32.98
N GLU A 1310 38.25 -9.46 33.31
CA GLU A 1310 37.03 -8.83 32.84
C GLU A 1310 36.17 -8.55 34.08
N THR A 1311 35.67 -7.33 34.18
CA THR A 1311 35.00 -6.88 35.39
C THR A 1311 33.51 -6.64 35.13
N ASP A 1312 32.81 -6.36 36.22
CA ASP A 1312 31.44 -5.86 36.17
C ASP A 1312 31.43 -4.46 36.77
N GLY A 1313 30.81 -3.52 36.08
CA GLY A 1313 30.95 -2.12 36.44
C GLY A 1313 32.20 -1.52 35.84
N ILE A 1314 32.20 -0.20 35.73
CA ILE A 1314 33.23 0.51 34.98
C ILE A 1314 33.84 1.59 35.87
N ASN A 1315 35.17 1.61 35.93
CA ASN A 1315 35.92 2.76 36.43
C ASN A 1315 37.25 2.76 35.67
N LEU A 1316 37.27 3.44 34.53
CA LEU A 1316 38.39 3.31 33.61
C LEU A 1316 39.61 4.05 34.13
N ALA A 1317 39.42 5.28 34.63
CA ALA A 1317 40.56 6.08 35.05
C ALA A 1317 41.29 5.45 36.23
N GLU A 1318 40.55 4.91 37.20
CA GLU A 1318 41.19 4.32 38.37
C GLU A 1318 41.85 2.99 38.03
N VAL A 1319 41.18 2.15 37.25
CA VAL A 1319 41.74 0.84 36.93
C VAL A 1319 42.98 0.98 36.06
N MET A 1320 42.99 1.98 35.16
CA MET A 1320 44.16 2.18 34.32
C MET A 1320 45.41 2.50 35.14
N ALA A 1321 45.24 3.03 36.34
CA ALA A 1321 46.36 3.46 37.17
C ALA A 1321 46.87 2.38 38.11
N VAL A 1322 46.22 1.22 38.16
CA VAL A 1322 46.65 0.16 39.06
C VAL A 1322 47.99 -0.41 38.58
N PRO A 1323 49.00 -0.49 39.43
CA PRO A 1323 50.27 -1.09 39.00
C PRO A 1323 50.08 -2.56 38.62
N GLY A 1324 50.84 -2.98 37.60
CA GLY A 1324 50.69 -4.30 37.06
C GLY A 1324 49.66 -4.43 35.95
N VAL A 1325 48.95 -3.35 35.64
CA VAL A 1325 47.94 -3.33 34.59
C VAL A 1325 48.54 -2.66 33.37
N ASP A 1326 48.34 -3.27 32.20
CA ASP A 1326 48.78 -2.67 30.96
C ASP A 1326 47.89 -1.48 30.64
N SER A 1327 48.31 -0.29 31.07
CA SER A 1327 47.47 0.89 30.95
C SER A 1327 47.30 1.35 29.51
N SER A 1328 48.09 0.85 28.57
CA SER A 1328 47.98 1.24 27.18
C SER A 1328 46.99 0.39 26.39
N ARG A 1329 46.31 -0.55 27.03
CA ARG A 1329 45.36 -1.40 26.34
C ARG A 1329 44.05 -1.61 27.08
N THR A 1330 43.87 -1.00 28.25
CA THR A 1330 42.61 -1.15 28.99
C THR A 1330 41.47 -0.59 28.15
N TYR A 1331 40.38 -1.36 28.09
CA TYR A 1331 39.26 -1.05 27.21
C TYR A 1331 37.95 -1.20 27.97
N SER A 1332 36.97 -0.40 27.57
CA SER A 1332 35.65 -0.42 28.18
C SER A 1332 34.59 -0.47 27.09
N ASN A 1333 33.45 -1.06 27.42
CA ASN A 1333 32.34 -1.14 26.47
C ASN A 1333 31.35 0.00 26.62
N SER A 1334 31.62 0.96 27.51
CA SER A 1334 30.81 2.16 27.66
C SER A 1334 31.61 3.33 27.09
N PHE A 1335 31.29 3.72 25.86
CA PHE A 1335 32.08 4.73 25.18
C PHE A 1335 31.84 6.14 25.71
N VAL A 1336 30.85 6.34 26.59
CA VAL A 1336 30.76 7.63 27.27
C VAL A 1336 31.95 7.84 28.18
N GLU A 1337 32.33 6.81 28.94
CA GLU A 1337 33.53 6.89 29.76
C GLU A 1337 34.77 7.00 28.90
N ILE A 1338 34.81 6.30 27.77
CA ILE A 1338 35.93 6.43 26.85
C ILE A 1338 36.06 7.87 26.37
N LEU A 1339 34.92 8.52 26.09
CA LEU A 1339 34.96 9.92 25.70
C LEU A 1339 35.47 10.79 26.83
N SER A 1340 35.05 10.51 28.06
CA SER A 1340 35.45 11.34 29.19
C SER A 1340 36.92 11.13 29.55
N VAL A 1341 37.52 10.01 29.15
CA VAL A 1341 38.88 9.65 29.57
C VAL A 1341 39.89 9.85 28.45
N LEU A 1342 39.67 9.22 27.30
CA LEU A 1342 40.69 9.13 26.26
C LEU A 1342 40.49 10.08 25.10
N GLY A 1343 39.37 10.77 25.01
CA GLY A 1343 39.16 11.72 23.93
C GLY A 1343 38.03 11.31 23.00
N ILE A 1344 38.11 11.83 21.78
CA ILE A 1344 37.02 11.64 20.82
C ILE A 1344 37.41 10.63 19.75
N GLU A 1345 38.70 10.57 19.40
CA GLU A 1345 39.14 9.57 18.43
C GLU A 1345 39.06 8.17 19.01
N ALA A 1346 39.44 8.01 20.27
CA ALA A 1346 39.25 6.73 20.93
C ALA A 1346 37.78 6.39 21.03
N THR A 1347 36.92 7.38 21.22
CA THR A 1347 35.48 7.13 21.22
C THR A 1347 35.02 6.64 19.86
N ARG A 1348 35.55 7.21 18.79
CA ARG A 1348 35.21 6.76 17.45
C ARG A 1348 35.59 5.29 17.25
N SER A 1349 36.81 4.94 17.64
CA SER A 1349 37.26 3.55 17.49
C SER A 1349 36.43 2.60 18.34
N SER A 1350 36.14 2.98 19.59
CA SER A 1350 35.35 2.12 20.47
C SER A 1350 33.94 1.96 19.94
N LEU A 1351 33.34 3.03 19.44
CA LEU A 1351 32.00 2.96 18.88
C LEU A 1351 31.95 2.03 17.69
N TYR A 1352 32.94 2.13 16.81
CA TYR A 1352 32.99 1.21 15.67
C TYR A 1352 33.13 -0.23 16.16
N LYS A 1353 33.98 -0.46 17.15
CA LYS A 1353 34.18 -1.82 17.65
C LYS A 1353 32.89 -2.39 18.23
N GLU A 1354 32.15 -1.59 19.00
CA GLU A 1354 30.90 -2.06 19.58
C GLU A 1354 29.86 -2.36 18.50
N ILE A 1355 29.74 -1.48 17.50
CA ILE A 1355 28.77 -1.72 16.44
C ILE A 1355 29.12 -2.98 15.66
N LEU A 1356 30.40 -3.16 15.33
CA LEU A 1356 30.81 -4.36 14.62
C LEU A 1356 30.57 -5.61 15.45
N ASN A 1357 30.81 -5.52 16.76
CA ASN A 1357 30.54 -6.65 17.64
C ASN A 1357 29.07 -7.02 17.63
N VAL A 1358 28.19 -6.03 17.64
CA VAL A 1358 26.76 -6.32 17.60
C VAL A 1358 26.37 -6.97 16.28
N ILE A 1359 26.88 -6.42 15.17
CA ILE A 1359 26.45 -6.90 13.86
C ILE A 1359 26.99 -8.30 13.58
N ALA A 1360 28.26 -8.54 13.89
CA ALA A 1360 28.95 -9.76 13.48
C ALA A 1360 28.76 -10.91 14.46
N PHE A 1361 27.97 -10.73 15.52
CA PHE A 1361 27.76 -11.82 16.46
C PHE A 1361 27.08 -13.01 15.81
N ASP A 1362 26.07 -12.76 14.97
CA ASP A 1362 25.34 -13.82 14.28
C ASP A 1362 25.98 -14.20 12.95
N GLY A 1363 27.25 -13.86 12.75
CA GLY A 1363 27.95 -14.23 11.53
C GLY A 1363 27.71 -13.32 10.34
N SER A 1364 26.87 -12.29 10.49
CA SER A 1364 26.61 -11.39 9.38
C SER A 1364 27.83 -10.52 9.11
N TYR A 1365 27.90 -9.99 7.90
CA TYR A 1365 28.99 -9.13 7.48
C TYR A 1365 28.44 -7.89 6.80
N VAL A 1366 28.87 -6.72 7.27
CA VAL A 1366 28.53 -5.45 6.67
C VAL A 1366 29.84 -4.75 6.31
N ASN A 1367 29.88 -4.16 5.12
CA ASN A 1367 31.11 -3.54 4.65
C ASN A 1367 31.57 -2.46 5.62
N TYR A 1368 32.87 -2.22 5.63
CA TYR A 1368 33.45 -1.31 6.62
C TYR A 1368 32.98 0.12 6.42
N ARG A 1369 32.86 0.56 5.16
CA ARG A 1369 32.63 1.97 4.89
C ARG A 1369 31.30 2.46 5.45
N HIS A 1370 30.30 1.59 5.53
CA HIS A 1370 29.01 2.01 6.06
C HIS A 1370 29.09 2.32 7.54
N MET A 1371 29.68 1.42 8.32
CA MET A 1371 29.82 1.66 9.75
C MET A 1371 30.79 2.80 10.01
N ALA A 1372 31.81 2.94 9.16
CA ALA A 1372 32.72 4.08 9.28
C ALA A 1372 31.96 5.39 9.10
N LEU A 1373 31.08 5.46 8.11
CA LEU A 1373 30.28 6.66 7.90
C LEU A 1373 29.37 6.93 9.10
N LEU A 1374 28.74 5.89 9.63
CA LEU A 1374 27.85 6.08 10.76
C LEU A 1374 28.59 6.63 11.98
N VAL A 1375 29.73 6.02 12.31
CA VAL A 1375 30.46 6.47 13.50
C VAL A 1375 31.19 7.78 13.26
N ASP A 1376 31.43 8.15 12.00
CA ASP A 1376 31.95 9.48 11.73
C ASP A 1376 30.86 10.54 11.85
N VAL A 1377 29.62 10.18 11.55
CA VAL A 1377 28.52 11.13 11.77
C VAL A 1377 28.25 11.30 13.25
N MET A 1378 28.28 10.21 14.02
CA MET A 1378 27.95 10.31 15.44
C MET A 1378 28.97 11.11 16.24
N THR A 1379 30.21 11.23 15.77
CA THR A 1379 31.26 11.90 16.53
C THR A 1379 31.88 13.06 15.75
N SER A 1380 31.13 13.71 14.88
CA SER A 1380 31.70 14.77 14.05
C SER A 1380 31.64 16.14 14.73
N ARG A 1381 30.85 16.28 15.79
CA ARG A 1381 30.68 17.57 16.45
C ARG A 1381 31.59 17.75 17.66
N GLY A 1382 32.47 16.78 17.93
CA GLY A 1382 33.27 16.81 19.13
C GLY A 1382 32.66 16.10 20.31
N TYR A 1383 31.41 15.68 20.21
CA TYR A 1383 30.74 14.95 21.27
C TYR A 1383 29.83 13.90 20.64
N LEU A 1384 29.39 12.95 21.45
CA LEU A 1384 28.53 11.88 20.96
C LEU A 1384 27.15 12.43 20.65
N MET A 1385 26.74 12.34 19.38
CA MET A 1385 25.44 12.80 18.93
C MET A 1385 24.53 11.59 18.78
N ALA A 1386 23.60 11.44 19.72
CA ALA A 1386 22.69 10.30 19.69
C ALA A 1386 21.77 10.38 18.48
N ILE A 1387 21.37 9.22 17.98
CA ILE A 1387 20.45 9.15 16.84
C ILE A 1387 19.05 9.15 17.44
N THR A 1388 18.61 10.35 17.83
CA THR A 1388 17.27 10.61 18.34
C THR A 1388 16.92 12.04 17.96
N ARG A 1389 15.74 12.49 18.39
CA ARG A 1389 15.37 13.87 18.13
C ARG A 1389 16.26 14.84 18.88
N HIS A 1390 16.70 14.46 20.08
CA HIS A 1390 17.58 15.32 20.85
C HIS A 1390 18.98 15.41 20.26
N GLY A 1391 19.35 14.52 19.35
CA GLY A 1391 20.63 14.61 18.69
C GLY A 1391 20.55 15.21 17.30
N ILE A 1392 19.60 14.73 16.51
CA ILE A 1392 19.49 15.19 15.11
C ILE A 1392 18.89 16.58 15.04
N ASN A 1393 17.80 16.83 15.78
CA ASN A 1393 17.09 18.10 15.67
C ASN A 1393 17.83 19.25 16.32
N ARG A 1394 18.91 19.00 17.05
CA ARG A 1394 19.72 20.06 17.64
C ARG A 1394 20.88 20.47 16.76
N ALA A 1395 20.74 20.33 15.45
CA ALA A 1395 21.74 20.76 14.49
C ALA A 1395 21.32 22.11 13.91
N ASP A 1396 22.12 22.61 12.95
CA ASP A 1396 21.84 23.86 12.28
C ASP A 1396 21.18 23.66 10.92
N THR A 1397 20.68 22.46 10.64
CA THR A 1397 20.06 22.17 9.36
C THR A 1397 18.77 22.96 9.21
N GLY A 1398 18.21 22.91 8.01
CA GLY A 1398 17.02 23.69 7.72
C GLY A 1398 15.84 23.26 8.56
N ALA A 1399 14.97 24.24 8.85
CA ALA A 1399 13.81 23.95 9.68
C ALA A 1399 12.87 22.97 8.99
N LEU A 1400 12.70 23.10 7.68
CA LEU A 1400 11.81 22.19 6.96
C LEU A 1400 12.34 20.76 6.99
N MET A 1401 13.66 20.59 6.90
CA MET A 1401 14.23 19.25 7.01
C MET A 1401 14.06 18.67 8.40
N ARG A 1402 14.25 19.50 9.43
CA ARG A 1402 14.18 19.00 10.81
C ARG A 1402 12.75 18.68 11.20
N CYS A 1403 11.78 19.47 10.74
CA CYS A 1403 10.40 19.27 11.14
C CYS A 1403 9.79 18.03 10.53
N SER A 1404 10.40 17.50 9.46
CA SER A 1404 9.86 16.31 8.82
C SER A 1404 10.14 15.04 9.59
N PHE A 1405 11.00 15.08 10.60
CA PHE A 1405 11.35 13.88 11.36
C PHE A 1405 10.47 13.74 12.59
N GLU A 1406 10.56 14.68 13.52
CA GLU A 1406 9.80 14.64 14.76
C GLU A 1406 9.64 16.06 15.28
N GLU A 1407 8.65 16.24 16.15
CA GLU A 1407 8.36 17.55 16.76
C GLU A 1407 8.14 18.61 15.69
N THR A 1408 7.19 18.34 14.79
CA THR A 1408 6.98 19.22 13.64
C THR A 1408 6.51 20.61 14.07
N VAL A 1409 5.44 20.66 14.87
CA VAL A 1409 4.81 21.94 15.17
C VAL A 1409 5.70 22.77 16.08
N GLU A 1410 6.34 22.15 17.07
CA GLU A 1410 7.24 22.87 17.96
C GLU A 1410 8.43 23.43 17.18
N ILE A 1411 8.99 22.64 16.27
CA ILE A 1411 10.09 23.12 15.44
C ILE A 1411 9.63 24.29 14.59
N LEU A 1412 8.42 24.23 14.03
CA LEU A 1412 7.94 25.31 13.18
C LEU A 1412 7.73 26.59 13.97
N PHE A 1413 7.17 26.50 15.19
CA PHE A 1413 7.07 27.69 16.03
C PHE A 1413 8.42 28.25 16.39
N GLU A 1414 9.38 27.39 16.76
CA GLU A 1414 10.70 27.89 17.12
C GLU A 1414 11.38 28.56 15.93
N ALA A 1415 11.19 28.01 14.74
CA ALA A 1415 11.75 28.63 13.54
C ALA A 1415 11.09 29.97 13.26
N GLY A 1416 9.77 30.06 13.44
CA GLY A 1416 9.09 31.32 13.20
C GLY A 1416 9.49 32.39 14.19
N ALA A 1417 9.56 32.05 15.48
CA ALA A 1417 9.92 33.04 16.49
C ALA A 1417 11.36 33.52 16.34
N ALA A 1418 12.25 32.63 15.92
CA ALA A 1418 13.66 32.99 15.75
C ALA A 1418 13.98 33.46 14.34
N ALA A 1419 12.99 33.55 13.45
CA ALA A 1419 13.19 34.02 12.08
C ALA A 1419 14.27 33.21 11.37
N GLU A 1420 14.19 31.89 11.50
CA GLU A 1420 15.17 31.02 10.87
C GLU A 1420 15.08 31.11 9.35
N LEU A 1421 16.22 30.97 8.68
CA LEU A 1421 16.29 30.97 7.23
C LEU A 1421 16.71 29.58 6.76
N ASP A 1422 15.92 29.01 5.87
CA ASP A 1422 16.22 27.70 5.29
C ASP A 1422 16.74 27.91 3.87
N ASP A 1423 17.92 27.37 3.59
CA ASP A 1423 18.56 27.58 2.30
C ASP A 1423 18.16 26.54 1.27
N CYS A 1424 17.30 25.60 1.62
CA CYS A 1424 16.77 24.60 0.69
C CYS A 1424 17.89 23.82 -0.01
N ARG A 1425 18.92 23.46 0.75
CA ARG A 1425 20.01 22.67 0.23
C ARG A 1425 19.85 21.19 0.49
N GLY A 1426 18.99 20.80 1.43
CA GLY A 1426 18.78 19.41 1.75
C GLY A 1426 17.93 18.71 0.72
N VAL A 1427 17.73 17.42 0.95
CA VAL A 1427 16.92 16.62 0.04
C VAL A 1427 15.46 16.60 0.46
N SER A 1428 15.18 16.67 1.77
CA SER A 1428 13.80 16.71 2.21
C SER A 1428 13.12 18.01 1.81
N GLU A 1429 13.84 19.13 1.89
CA GLU A 1429 13.27 20.41 1.49
C GLU A 1429 12.88 20.40 0.03
N ASN A 1430 13.75 19.85 -0.83
CA ASN A 1430 13.45 19.83 -2.25
C ASN A 1430 12.40 18.79 -2.60
N VAL A 1431 12.31 17.71 -1.80
CA VAL A 1431 11.25 16.72 -2.03
C VAL A 1431 9.89 17.31 -1.70
N MET A 1432 9.78 17.99 -0.56
CA MET A 1432 8.48 18.51 -0.16
C MET A 1432 8.09 19.78 -0.91
N LEU A 1433 8.98 20.34 -1.71
CA LEU A 1433 8.65 21.46 -2.58
C LEU A 1433 8.55 21.07 -4.04
N GLY A 1434 8.62 19.77 -4.35
CA GLY A 1434 8.51 19.32 -5.72
C GLY A 1434 9.59 19.86 -6.64
N GLN A 1435 10.84 19.80 -6.21
CA GLN A 1435 11.96 20.29 -7.00
C GLN A 1435 12.99 19.21 -7.18
N LEU A 1436 13.88 19.42 -8.13
CA LEU A 1436 14.97 18.48 -8.40
C LEU A 1436 15.99 18.57 -7.28
N ALA A 1437 16.05 17.53 -6.46
CA ALA A 1437 16.97 17.53 -5.32
C ALA A 1437 18.41 17.53 -5.82
N PRO A 1438 19.31 18.16 -5.08
CA PRO A 1438 20.74 18.17 -5.45
C PRO A 1438 21.44 16.86 -5.12
N MET A 1439 20.92 15.78 -5.69
CA MET A 1439 21.41 14.43 -5.43
C MET A 1439 21.45 13.67 -6.74
N GLY A 1440 22.27 12.62 -6.78
CA GLY A 1440 22.29 11.71 -7.91
C GLY A 1440 22.35 12.41 -9.25
N THR A 1441 21.29 12.27 -10.05
CA THR A 1441 21.24 12.91 -11.35
C THR A 1441 20.95 14.39 -11.27
N GLY A 1442 20.61 14.91 -10.10
CA GLY A 1442 20.38 16.33 -9.91
C GLY A 1442 21.52 17.08 -9.28
N ALA A 1443 22.73 16.51 -9.24
CA ALA A 1443 23.88 17.10 -8.58
C ALA A 1443 24.70 17.98 -9.52
N PHE A 1444 24.15 18.35 -10.66
CA PHE A 1444 24.87 19.14 -11.66
C PHE A 1444 23.83 19.81 -12.55
N ASP A 1445 24.32 20.53 -13.55
CA ASP A 1445 23.47 21.21 -14.50
C ASP A 1445 23.92 20.87 -15.91
N VAL A 1446 22.96 20.87 -16.83
CA VAL A 1446 23.22 20.61 -18.24
C VAL A 1446 23.02 21.90 -19.00
N MET A 1447 24.04 22.34 -19.72
CA MET A 1447 23.98 23.52 -20.56
C MET A 1447 24.01 23.11 -22.02
N ILE A 1448 23.73 24.07 -22.90
CA ILE A 1448 23.70 23.83 -24.33
C ILE A 1448 24.99 24.35 -24.95
N ASP A 1449 25.66 23.50 -25.73
CA ASP A 1449 26.99 23.77 -26.25
C ASP A 1449 26.86 24.47 -27.59
N GLU A 1450 26.82 25.80 -27.55
CA GLU A 1450 26.70 26.57 -28.80
C GLU A 1450 27.95 26.44 -29.66
N LYS A 1451 29.09 26.08 -29.06
CA LYS A 1451 30.29 25.89 -29.85
C LYS A 1451 30.22 24.59 -30.66
N LEU A 1452 29.77 23.50 -30.04
CA LEU A 1452 29.73 22.23 -30.74
C LEU A 1452 28.66 22.21 -31.82
N LEU A 1453 27.56 22.94 -31.62
CA LEU A 1453 26.49 22.96 -32.60
C LEU A 1453 26.89 23.64 -33.90
N THR A 1454 28.04 24.34 -33.92
CA THR A 1454 28.50 24.99 -35.14
C THR A 1454 28.93 24.00 -36.22
N SER A 1455 29.10 22.73 -35.87
CA SER A 1455 29.48 21.72 -36.86
C SER A 1455 28.32 21.43 -37.81
N ASP B 9 -14.45 -55.78 37.80
CA ASP B 9 -15.17 -55.14 36.71
C ASP B 9 -14.45 -55.36 35.38
N ASP B 10 -14.50 -54.37 34.50
CA ASP B 10 -13.80 -54.43 33.23
C ASP B 10 -13.10 -53.10 33.00
N THR B 11 -12.03 -53.15 32.20
CA THR B 11 -11.22 -51.97 31.98
C THR B 11 -11.95 -50.95 31.11
N ILE B 12 -11.51 -49.71 31.19
CA ILE B 12 -12.05 -48.60 30.42
C ILE B 12 -11.10 -48.30 29.27
N THR B 13 -11.60 -48.32 28.05
CA THR B 13 -10.79 -48.09 26.87
C THR B 13 -10.99 -46.65 26.38
N THR B 14 -10.34 -46.32 25.27
CA THR B 14 -10.48 -44.99 24.69
C THR B 14 -11.89 -44.77 24.14
N GLU B 15 -12.51 -45.82 23.61
CA GLU B 15 -13.85 -45.66 23.05
C GLU B 15 -14.85 -45.27 24.13
N ASP B 16 -14.64 -45.74 25.36
CA ASP B 16 -15.51 -45.32 26.46
C ASP B 16 -15.30 -43.86 26.81
N CYS B 17 -14.05 -43.39 26.73
CA CYS B 17 -13.80 -41.97 26.92
C CYS B 17 -14.52 -41.14 25.87
N TRP B 18 -14.54 -41.62 24.63
CA TRP B 18 -15.25 -40.88 23.59
C TRP B 18 -16.76 -40.97 23.78
N THR B 19 -17.26 -42.07 24.34
CA THR B 19 -18.67 -42.14 24.70
C THR B 19 -19.02 -41.08 25.74
N VAL B 20 -18.17 -40.92 26.75
CA VAL B 20 -18.40 -39.91 27.78
C VAL B 20 -18.37 -38.51 27.17
N ILE B 21 -17.40 -38.25 26.30
CA ILE B 21 -17.32 -36.94 25.66
C ILE B 21 -18.54 -36.68 24.80
N SER B 22 -19.05 -37.72 24.13
CA SER B 22 -20.28 -37.56 23.35
C SER B 22 -21.45 -37.21 24.25
N ALA B 23 -21.52 -37.82 25.43
CA ALA B 23 -22.57 -37.45 26.38
C ALA B 23 -22.43 -35.98 26.79
N PHE B 24 -21.21 -35.54 27.07
CA PHE B 24 -20.96 -34.15 27.42
C PHE B 24 -21.50 -33.22 26.35
N PHE B 25 -21.14 -33.48 25.10
CA PHE B 25 -21.56 -32.57 24.03
C PHE B 25 -23.05 -32.70 23.73
N GLU B 26 -23.65 -33.85 24.03
CA GLU B 26 -25.09 -33.99 23.87
C GLU B 26 -25.84 -33.13 24.88
N GLU B 27 -25.34 -33.05 26.11
CA GLU B 27 -26.02 -32.20 27.09
C GLU B 27 -25.67 -30.73 26.90
N LYS B 28 -24.38 -30.40 26.97
CA LYS B 28 -23.97 -29.00 27.03
C LYS B 28 -24.12 -28.31 25.68
N GLY B 29 -23.43 -28.80 24.66
CA GLY B 29 -23.29 -28.09 23.41
C GLY B 29 -22.01 -27.30 23.36
N LEU B 30 -21.85 -26.55 22.28
CA LEU B 30 -20.62 -25.79 22.07
C LEU B 30 -20.71 -24.33 22.50
N VAL B 31 -21.91 -23.77 22.60
CA VAL B 31 -22.06 -22.37 22.99
C VAL B 31 -22.91 -22.28 24.24
N SER B 32 -22.82 -23.29 25.10
CA SER B 32 -23.67 -23.33 26.28
C SER B 32 -23.35 -22.19 27.25
N GLN B 33 -22.11 -21.71 27.25
CA GLN B 33 -21.75 -20.68 28.21
C GLN B 33 -22.43 -19.35 27.90
N GLN B 34 -22.50 -18.98 26.62
CA GLN B 34 -23.19 -17.76 26.23
C GLN B 34 -24.65 -17.81 26.64
N LEU B 35 -25.34 -18.89 26.29
CA LEU B 35 -26.75 -19.01 26.58
C LEU B 35 -27.01 -19.05 28.08
N ASP B 36 -26.17 -19.78 28.82
CA ASP B 36 -26.35 -19.84 30.27
C ASP B 36 -26.15 -18.48 30.91
N SER B 37 -25.13 -17.75 30.49
CA SER B 37 -24.90 -16.42 31.04
C SER B 37 -26.08 -15.49 30.75
N PHE B 38 -26.59 -15.53 29.52
CA PHE B 38 -27.71 -14.65 29.19
C PHE B 38 -28.97 -15.04 29.95
N ASP B 39 -29.23 -16.35 30.10
CA ASP B 39 -30.40 -16.77 30.86
C ASP B 39 -30.29 -16.32 32.31
N GLU B 40 -29.08 -16.41 32.89
CA GLU B 40 -28.89 -15.92 34.25
C GLU B 40 -29.14 -14.42 34.33
N PHE B 41 -28.66 -13.67 33.33
CA PHE B 41 -28.88 -12.22 33.35
C PHE B 41 -30.36 -11.88 33.29
N MET B 42 -31.11 -12.54 32.41
CA MET B 42 -32.51 -12.18 32.25
C MET B 42 -33.35 -12.65 33.43
N GLU B 43 -33.08 -13.86 33.94
CA GLU B 43 -33.94 -14.43 34.97
C GLU B 43 -33.84 -13.65 36.27
N THR B 44 -32.63 -13.40 36.75
CA THR B 44 -32.44 -12.84 38.08
C THR B 44 -31.68 -11.53 38.12
N SER B 45 -30.78 -11.28 37.17
CA SER B 45 -29.88 -10.14 37.30
C SER B 45 -30.62 -8.82 37.15
N ILE B 46 -31.58 -8.75 36.24
CA ILE B 46 -32.30 -7.50 36.02
C ILE B 46 -33.07 -7.10 37.27
N GLN B 47 -33.74 -8.06 37.90
CA GLN B 47 -34.52 -7.76 39.10
C GLN B 47 -33.62 -7.25 40.21
N ASP B 48 -32.45 -7.87 40.39
CA ASP B 48 -31.54 -7.42 41.45
C ASP B 48 -30.96 -6.05 41.12
N LEU B 49 -30.68 -5.78 39.84
CA LEU B 49 -30.20 -4.46 39.47
C LEU B 49 -31.25 -3.40 39.78
N VAL B 50 -32.52 -3.72 39.56
CA VAL B 50 -33.60 -2.79 39.90
C VAL B 50 -33.69 -2.59 41.41
N TRP B 51 -33.64 -3.69 42.16
CA TRP B 51 -33.79 -3.62 43.61
C TRP B 51 -32.55 -3.09 44.31
N GLU B 52 -31.44 -2.89 43.60
CA GLU B 52 -30.28 -2.27 44.22
C GLU B 52 -30.60 -0.90 44.78
N GLU B 53 -31.41 -0.12 44.07
CA GLU B 53 -31.89 1.18 44.53
C GLU B 53 -33.40 1.19 44.42
N PRO B 54 -34.10 0.59 45.40
CA PRO B 54 -35.54 0.36 45.27
C PRO B 54 -36.42 1.54 45.66
N ARG B 55 -35.87 2.70 46.00
CA ARG B 55 -36.69 3.81 46.46
C ARG B 55 -36.18 5.13 45.94
N LEU B 56 -37.10 5.92 45.39
CA LEU B 56 -36.89 7.32 45.07
C LEU B 56 -37.76 8.15 46.01
N ILE B 57 -37.13 9.04 46.78
CA ILE B 57 -37.82 9.75 47.85
C ILE B 57 -37.70 11.25 47.61
N LEU B 58 -38.85 11.93 47.62
CA LEU B 58 -38.92 13.38 47.70
C LEU B 58 -39.75 13.79 48.91
N ASP B 59 -39.27 14.83 49.60
CA ASP B 59 -39.94 15.35 50.78
C ASP B 59 -40.08 16.85 50.63
N GLN B 60 -41.08 17.40 51.33
CA GLN B 60 -41.32 18.83 51.23
C GLN B 60 -42.00 19.33 52.50
N PRO B 61 -41.33 20.16 53.30
CA PRO B 61 -41.95 20.79 54.48
C PRO B 61 -42.74 22.04 54.12
N ALA B 62 -43.97 21.82 53.65
CA ALA B 62 -44.78 22.90 53.11
C ALA B 62 -45.16 23.90 54.20
N GLN B 63 -44.79 25.16 53.99
CA GLN B 63 -45.24 26.28 54.83
C GLN B 63 -45.56 27.41 53.86
N HIS B 64 -46.78 27.43 53.35
CA HIS B 64 -47.17 28.38 52.32
C HIS B 64 -48.68 28.41 52.14
N ASP B 69 -48.61 26.22 59.49
CA ASP B 69 -49.13 25.22 58.57
C ASP B 69 -48.04 24.24 58.14
N ASN B 70 -47.26 23.77 59.11
CA ASN B 70 -46.14 22.88 58.84
C ASN B 70 -46.68 21.54 58.36
N ILE B 71 -46.57 21.28 57.06
CA ILE B 71 -47.07 20.06 56.44
C ILE B 71 -45.89 19.40 55.74
N ASN B 72 -45.27 18.43 56.41
CA ASN B 72 -44.17 17.68 55.82
C ASN B 72 -44.72 16.56 54.95
N LYS B 73 -44.64 16.72 53.63
CA LYS B 73 -45.12 15.73 52.68
C LYS B 73 -43.93 15.01 52.09
N ARG B 74 -43.96 13.68 52.14
CA ARG B 74 -42.93 12.84 51.52
C ARG B 74 -43.53 12.09 50.35
N TYR B 75 -42.95 12.27 49.16
CA TYR B 75 -43.38 11.59 47.95
C TYR B 75 -42.33 10.54 47.61
N GLU B 76 -42.72 9.26 47.72
CA GLU B 76 -41.80 8.15 47.50
C GLU B 76 -42.41 7.16 46.52
N ILE B 77 -41.59 6.69 45.58
CA ILE B 77 -42.00 5.70 44.60
C ILE B 77 -41.09 4.49 44.71
N ARG B 78 -41.67 3.29 44.70
CA ARG B 78 -40.93 2.05 44.84
C ARG B 78 -41.01 1.23 43.56
N PHE B 79 -39.94 0.49 43.29
CA PHE B 79 -39.84 -0.37 42.12
C PHE B 79 -40.20 -1.80 42.51
N GLY B 80 -41.09 -2.41 41.74
CA GLY B 80 -41.55 -3.75 42.07
C GLY B 80 -41.02 -4.83 41.17
N LYS B 81 -41.89 -5.73 40.74
CA LYS B 81 -41.47 -6.87 39.94
C LYS B 81 -41.02 -6.44 38.55
N ILE B 82 -40.29 -7.34 37.90
CA ILE B 82 -39.92 -7.20 36.49
C ILE B 82 -40.76 -8.17 35.70
N TYR B 83 -41.43 -7.67 34.66
CA TYR B 83 -42.20 -8.50 33.75
C TYR B 83 -41.54 -8.48 32.39
N LEU B 84 -41.24 -9.66 31.86
CA LEU B 84 -40.65 -9.81 30.54
C LEU B 84 -41.65 -10.46 29.60
N SER B 85 -41.44 -10.27 28.32
CA SER B 85 -42.32 -10.83 27.31
C SER B 85 -41.47 -11.39 26.17
N ARG B 86 -42.12 -12.18 25.32
CA ARG B 86 -41.46 -12.64 24.11
C ARG B 86 -41.26 -11.46 23.17
N PRO B 87 -40.24 -11.51 22.31
CA PRO B 87 -40.00 -10.41 21.39
C PRO B 87 -41.20 -10.15 20.51
N THR B 88 -41.47 -8.87 20.26
CA THR B 88 -42.67 -8.45 19.55
C THR B 88 -42.32 -7.31 18.62
N MET B 89 -43.00 -7.27 17.47
CA MET B 89 -42.79 -6.25 16.45
C MET B 89 -44.03 -5.38 16.36
N THR B 90 -43.83 -4.07 16.44
CA THR B 90 -44.92 -3.09 16.35
C THR B 90 -44.77 -2.31 15.06
N GLU B 91 -45.67 -2.56 14.11
CA GLU B 91 -45.58 -1.92 12.81
C GLU B 91 -45.97 -0.44 12.92
N ALA B 92 -45.76 0.29 11.83
CA ALA B 92 -46.11 1.71 11.79
C ALA B 92 -47.61 1.90 11.91
N ASP B 93 -48.40 1.03 11.27
CA ASP B 93 -49.85 1.19 11.31
C ASP B 93 -50.40 1.00 12.72
N GLY B 94 -49.73 0.22 13.56
CA GLY B 94 -50.16 0.05 14.93
C GLY B 94 -50.27 -1.39 15.37
N THR B 95 -50.46 -2.31 14.43
CA THR B 95 -50.59 -3.72 14.78
C THR B 95 -49.29 -4.26 15.32
N THR B 96 -49.40 -5.14 16.31
CA THR B 96 -48.25 -5.80 16.92
C THR B 96 -48.39 -7.31 16.78
N HIS B 97 -47.27 -7.97 16.50
CA HIS B 97 -47.29 -9.41 16.27
C HIS B 97 -45.97 -10.00 16.74
N ALA B 98 -45.98 -11.31 16.96
CA ALA B 98 -44.77 -12.01 17.35
C ALA B 98 -43.72 -11.91 16.25
N MET B 99 -42.46 -11.82 16.65
CA MET B 99 -41.37 -11.62 15.72
C MET B 99 -40.40 -12.80 15.82
N PHE B 100 -39.96 -13.28 14.67
CA PHE B 100 -38.99 -14.36 14.61
C PHE B 100 -37.70 -13.87 13.96
N PRO B 101 -36.56 -14.48 14.30
CA PRO B 101 -35.28 -13.88 13.91
C PRO B 101 -35.10 -13.69 12.42
N GLN B 102 -35.66 -14.57 11.58
CA GLN B 102 -35.49 -14.42 10.14
C GLN B 102 -36.13 -13.13 9.64
N GLU B 103 -37.32 -12.80 10.14
CA GLU B 103 -37.96 -11.55 9.75
C GLU B 103 -37.14 -10.34 10.21
N ALA B 104 -36.56 -10.41 11.41
CA ALA B 104 -35.71 -9.33 11.87
C ALA B 104 -34.49 -9.16 10.99
N ARG B 105 -33.88 -10.27 10.57
CA ARG B 105 -32.72 -10.20 9.68
C ARG B 105 -33.10 -9.60 8.34
N LEU B 106 -34.23 -10.03 7.77
CA LEU B 106 -34.60 -9.57 6.43
C LEU B 106 -35.00 -8.10 6.43
N ARG B 107 -35.67 -7.65 7.49
CA ARG B 107 -36.22 -6.30 7.55
C ARG B 107 -35.34 -5.34 8.34
N ASN B 108 -34.14 -5.75 8.71
CA ASN B 108 -33.22 -4.91 9.47
C ASN B 108 -33.85 -4.40 10.76
N LEU B 109 -34.58 -5.26 11.45
CA LEU B 109 -35.14 -4.93 12.74
C LEU B 109 -34.16 -5.34 13.83
N THR B 110 -34.58 -5.20 15.09
CA THR B 110 -33.79 -5.64 16.24
C THR B 110 -34.63 -6.63 17.02
N TYR B 111 -34.06 -7.80 17.28
CA TYR B 111 -34.73 -8.87 18.02
C TYR B 111 -34.63 -8.55 19.50
N SER B 112 -35.63 -7.84 20.02
CA SER B 112 -35.64 -7.41 21.41
C SER B 112 -37.03 -7.59 21.99
N SER B 113 -37.10 -7.56 23.31
CA SER B 113 -38.36 -7.76 24.00
C SER B 113 -38.59 -6.66 25.02
N PRO B 114 -39.83 -6.23 25.21
CA PRO B 114 -40.12 -5.18 26.19
C PRO B 114 -39.90 -5.66 27.61
N VAL B 115 -39.55 -4.70 28.48
CA VAL B 115 -39.38 -4.96 29.91
C VAL B 115 -40.34 -4.05 30.66
N TYR B 116 -41.15 -4.63 31.53
CA TYR B 116 -42.14 -3.91 32.31
C TYR B 116 -41.77 -3.93 33.78
N LEU B 117 -41.92 -2.79 34.44
CA LEU B 117 -41.58 -2.62 35.84
C LEU B 117 -42.79 -2.11 36.61
N ASP B 118 -43.02 -2.65 37.80
CA ASP B 118 -44.08 -2.17 38.67
C ASP B 118 -43.55 -1.04 39.53
N MET B 119 -44.19 0.13 39.44
CA MET B 119 -43.84 1.27 40.26
C MET B 119 -45.00 1.60 41.18
N GLU B 120 -44.73 1.66 42.48
CA GLU B 120 -45.74 1.98 43.47
C GLU B 120 -45.43 3.34 44.09
N LYS B 121 -46.39 4.25 44.03
CA LYS B 121 -46.21 5.62 44.49
C LYS B 121 -46.91 5.79 45.83
N SER B 122 -46.20 6.39 46.79
CA SER B 122 -46.71 6.62 48.13
C SER B 122 -46.63 8.10 48.46
N MET B 123 -47.65 8.60 49.16
CA MET B 123 -47.74 10.00 49.55
C MET B 123 -47.75 10.07 51.07
N PHE B 124 -46.55 10.10 51.67
CA PHE B 124 -46.45 10.25 53.11
C PHE B 124 -46.70 11.69 53.52
N THR B 125 -47.54 11.88 54.53
CA THR B 125 -47.93 13.20 54.99
C THR B 125 -47.90 13.22 56.51
N SER B 126 -47.07 14.10 57.09
CA SER B 126 -47.05 14.33 58.52
C SER B 126 -47.01 15.82 58.76
N ILE B 127 -47.94 16.31 59.60
CA ILE B 127 -48.02 17.72 59.93
C ILE B 127 -47.21 17.93 61.22
N ASP B 128 -46.01 18.49 61.07
CA ASP B 128 -45.11 18.68 62.19
C ASP B 128 -43.98 19.66 61.85
N GLY B 153 -50.31 3.04 39.64
CA GLY B 153 -49.03 2.37 39.53
C GLY B 153 -49.14 0.92 39.10
N ASN B 154 -48.68 0.64 37.90
CA ASN B 154 -48.79 -0.69 37.31
C ASN B 154 -47.58 -0.90 36.41
N LYS B 155 -47.70 -1.86 35.49
CA LYS B 155 -46.57 -2.27 34.66
C LYS B 155 -46.21 -1.14 33.71
N VAL B 156 -45.23 -0.34 34.08
CA VAL B 156 -44.74 0.73 33.22
C VAL B 156 -43.60 0.20 32.37
N HIS B 157 -43.57 0.62 31.11
CA HIS B 157 -42.60 0.10 30.15
C HIS B 157 -41.32 0.93 30.20
N ILE B 158 -40.21 0.28 30.52
CA ILE B 158 -38.95 0.98 30.74
C ILE B 158 -37.95 0.81 29.61
N GLY B 159 -38.16 -0.15 28.71
CA GLY B 159 -37.25 -0.32 27.60
C GLY B 159 -37.39 -1.69 26.98
N LYS B 160 -36.56 -1.93 25.96
CA LYS B 160 -36.54 -3.18 25.24
C LYS B 160 -35.13 -3.75 25.27
N VAL B 161 -35.01 -4.99 25.75
CA VAL B 161 -33.73 -5.66 25.90
C VAL B 161 -33.55 -6.63 24.73
N PRO B 162 -32.45 -6.54 23.98
CA PRO B 162 -32.23 -7.52 22.92
C PRO B 162 -32.13 -8.93 23.47
N ILE B 163 -32.60 -9.89 22.69
CA ILE B 163 -32.69 -11.28 23.10
C ILE B 163 -31.65 -12.09 22.35
N MET B 164 -30.87 -12.86 23.09
CA MET B 164 -29.91 -13.78 22.48
C MET B 164 -30.65 -14.97 21.87
N LEU B 165 -30.25 -15.33 20.66
CA LEU B 165 -30.95 -16.39 19.95
C LEU B 165 -30.72 -17.75 20.60
N ARG B 166 -31.76 -18.58 20.57
CA ARG B 166 -31.80 -19.91 21.16
C ARG B 166 -31.70 -19.90 22.67
N SER B 167 -31.80 -18.74 23.31
CA SER B 167 -31.79 -18.67 24.76
C SER B 167 -33.21 -18.96 25.27
N LYS B 168 -33.41 -18.84 26.58
CA LYS B 168 -34.68 -19.24 27.16
C LYS B 168 -35.82 -18.34 26.72
N PHE B 169 -35.53 -17.08 26.39
CA PHE B 169 -36.56 -16.13 26.01
C PHE B 169 -36.67 -15.95 24.50
N CYS B 170 -36.00 -16.78 23.73
CA CYS B 170 -36.09 -16.72 22.27
C CYS B 170 -37.28 -17.54 21.80
N SER B 171 -37.84 -17.13 20.66
CA SER B 171 -38.99 -17.84 20.12
C SER B 171 -38.61 -19.19 19.52
N LEU B 172 -37.33 -19.43 19.28
CA LEU B 172 -36.87 -20.67 18.68
C LEU B 172 -36.47 -21.72 19.71
N ARG B 173 -36.59 -21.42 21.00
CA ARG B 173 -36.28 -22.43 22.02
C ARG B 173 -37.24 -23.61 21.91
N THR B 174 -38.51 -23.32 21.67
CA THR B 174 -39.50 -24.31 21.30
C THR B 174 -39.44 -24.54 19.79
N LEU B 175 -40.49 -25.09 19.21
CA LEU B 175 -40.74 -25.26 17.77
C LEU B 175 -40.15 -26.54 17.19
N ASP B 176 -39.41 -27.35 17.94
CA ASP B 176 -39.00 -28.67 17.45
C ASP B 176 -38.18 -28.56 16.17
N GLU B 177 -38.07 -29.67 15.44
CA GLU B 177 -37.26 -29.68 14.24
C GLU B 177 -38.05 -29.25 13.01
N VAL B 178 -39.30 -29.71 12.90
CA VAL B 178 -40.07 -29.48 11.68
C VAL B 178 -40.39 -27.99 11.52
N ASP B 179 -40.88 -27.36 12.58
CA ASP B 179 -41.25 -25.95 12.49
C ASP B 179 -40.04 -25.06 12.31
N LEU B 180 -38.86 -25.54 12.66
CA LEU B 180 -37.65 -24.75 12.44
C LEU B 180 -37.38 -24.56 10.96
N TYR B 181 -37.84 -25.50 10.12
CA TYR B 181 -37.70 -25.35 8.68
C TYR B 181 -38.73 -24.39 8.09
N LYS B 182 -39.95 -24.38 8.64
CA LYS B 182 -40.98 -23.48 8.14
C LYS B 182 -40.64 -22.03 8.43
N MET B 183 -39.91 -21.77 9.52
CA MET B 183 -39.48 -20.43 9.86
C MET B 183 -38.20 -20.03 9.14
N LYS B 184 -37.73 -20.85 8.21
CA LYS B 184 -36.51 -20.57 7.44
C LYS B 184 -35.30 -20.42 8.35
N GLU B 185 -35.21 -21.25 9.39
CA GLU B 185 -34.07 -21.28 10.29
C GLU B 185 -33.30 -22.56 10.07
N CYS B 186 -31.99 -22.45 10.02
CA CYS B 186 -31.15 -23.63 9.85
C CYS B 186 -31.11 -24.41 11.16
N PRO B 187 -31.41 -25.71 11.15
CA PRO B 187 -31.28 -26.50 12.38
C PRO B 187 -29.85 -26.59 12.89
N TYR B 188 -28.86 -26.37 12.02
CA TYR B 188 -27.47 -26.37 12.44
C TYR B 188 -27.05 -25.09 13.14
N ASP B 189 -27.84 -24.02 13.02
CA ASP B 189 -27.52 -22.79 13.71
C ASP B 189 -27.59 -23.00 15.21
N MET B 190 -26.61 -22.46 15.92
CA MET B 190 -26.43 -22.74 17.34
C MET B 190 -26.87 -21.60 18.25
N GLY B 191 -27.20 -20.44 17.69
CA GLY B 191 -27.59 -19.33 18.54
C GLY B 191 -26.39 -18.67 19.18
N GLY B 192 -26.63 -18.01 20.32
CA GLY B 192 -25.58 -17.36 21.05
C GLY B 192 -25.19 -15.98 20.56
N TYR B 193 -25.99 -15.37 19.69
CA TYR B 193 -25.70 -14.05 19.17
C TYR B 193 -26.97 -13.23 19.15
N PHE B 194 -26.81 -11.91 19.10
CA PHE B 194 -27.92 -10.98 19.03
C PHE B 194 -28.11 -10.52 17.59
N VAL B 195 -29.30 -9.98 17.31
CA VAL B 195 -29.62 -9.40 16.01
C VAL B 195 -29.99 -7.94 16.25
N ILE B 196 -29.06 -7.04 15.97
CA ILE B 196 -29.28 -5.60 16.09
C ILE B 196 -29.27 -5.00 14.69
N ASN B 197 -30.40 -4.39 14.31
CA ASN B 197 -30.55 -3.78 12.99
C ASN B 197 -30.28 -4.77 11.88
N GLY B 198 -30.73 -6.01 12.06
CA GLY B 198 -30.57 -7.02 11.04
C GLY B 198 -29.18 -7.63 10.95
N SER B 199 -28.25 -7.18 11.78
CA SER B 199 -26.89 -7.68 11.77
C SER B 199 -26.65 -8.52 13.01
N GLU B 200 -25.93 -9.63 12.85
CA GLU B 200 -25.69 -10.56 13.93
C GLU B 200 -24.45 -10.15 14.68
N LYS B 201 -24.61 -9.82 15.96
CA LYS B 201 -23.52 -9.37 16.81
C LYS B 201 -23.23 -10.42 17.87
N VAL B 202 -21.96 -10.62 18.16
CA VAL B 202 -21.53 -11.58 19.18
C VAL B 202 -20.76 -10.84 20.26
N LEU B 203 -21.02 -11.20 21.51
CA LEU B 203 -20.34 -10.58 22.65
C LEU B 203 -19.07 -11.36 22.96
N ILE B 204 -17.92 -10.69 22.83
CA ILE B 204 -16.64 -11.32 23.11
C ILE B 204 -16.38 -11.27 24.61
N ALA B 205 -16.10 -12.43 25.21
CA ALA B 205 -15.83 -12.48 26.63
C ALA B 205 -14.57 -11.68 26.97
N GLN B 206 -14.63 -10.93 28.06
CA GLN B 206 -13.56 -10.04 28.47
C GLN B 206 -12.89 -10.59 29.72
N GLU B 207 -11.57 -10.70 29.66
CA GLU B 207 -10.81 -11.27 30.77
C GLU B 207 -10.33 -10.16 31.69
N ARG B 208 -10.48 -10.38 32.99
CA ARG B 208 -10.10 -9.40 34.00
C ARG B 208 -9.49 -10.13 35.19
N SER B 209 -8.76 -9.38 36.00
CA SER B 209 -8.18 -9.95 37.21
C SER B 209 -9.26 -10.19 38.25
N ALA B 210 -9.11 -11.28 39.00
CA ALA B 210 -10.07 -11.62 40.03
C ALA B 210 -10.05 -10.59 41.14
N ALA B 211 -11.20 -10.42 41.78
CA ALA B 211 -11.34 -9.49 42.90
C ALA B 211 -11.28 -10.23 44.22
N ASN B 212 -11.17 -9.46 45.31
CA ASN B 212 -11.16 -9.98 46.67
C ASN B 212 -9.98 -10.91 46.94
N ILE B 213 -8.86 -10.70 46.24
CA ILE B 213 -7.65 -11.47 46.46
C ILE B 213 -6.50 -10.51 46.65
N VAL B 214 -5.59 -10.86 47.56
CA VAL B 214 -4.44 -10.01 47.89
C VAL B 214 -3.31 -10.33 46.92
N GLN B 215 -2.82 -9.31 46.23
CA GLN B 215 -1.72 -9.45 45.30
C GLN B 215 -0.53 -8.64 45.81
N VAL B 216 0.62 -9.30 45.96
CA VAL B 216 1.83 -8.67 46.45
C VAL B 216 2.81 -8.55 45.31
N PHE B 217 3.29 -7.33 45.06
CA PHE B 217 4.16 -7.05 43.94
C PHE B 217 5.41 -6.33 44.41
N LYS B 218 6.51 -6.55 43.69
CA LYS B 218 7.77 -5.88 43.97
C LYS B 218 7.92 -4.70 43.01
N LYS B 219 8.02 -3.49 43.57
CA LYS B 219 8.20 -2.31 42.75
C LYS B 219 9.67 -2.19 42.31
N ALA B 220 9.88 -1.47 41.22
CA ALA B 220 11.22 -1.30 40.68
C ALA B 220 12.05 -0.38 41.57
N ALA B 221 13.36 -0.41 41.34
CA ALA B 221 14.30 0.33 42.19
C ALA B 221 14.04 1.83 42.23
N PRO B 222 13.86 2.54 41.09
CA PRO B 222 13.70 4.00 41.16
C PRO B 222 12.39 4.43 41.81
N SER B 223 12.20 4.07 43.07
CA SER B 223 11.00 4.40 43.82
C SER B 223 11.21 4.15 45.30
N PRO B 224 10.67 4.99 46.18
CA PRO B 224 10.76 4.71 47.62
C PRO B 224 10.03 3.44 48.04
N ILE B 225 9.11 2.95 47.21
CA ILE B 225 8.33 1.76 47.54
C ILE B 225 9.07 0.53 47.02
N SER B 226 9.22 -0.47 47.86
CA SER B 226 9.86 -1.73 47.47
C SER B 226 8.85 -2.83 47.20
N HIS B 227 7.84 -2.97 48.06
CA HIS B 227 6.79 -3.96 47.90
C HIS B 227 5.44 -3.31 48.07
N VAL B 228 4.44 -3.82 47.34
CA VAL B 228 3.08 -3.30 47.38
C VAL B 228 2.14 -4.48 47.59
N ALA B 229 1.17 -4.30 48.50
CA ALA B 229 0.08 -5.24 48.67
C ALA B 229 -1.20 -4.60 48.14
N GLU B 230 -1.84 -5.26 47.19
CA GLU B 230 -2.97 -4.70 46.46
C GLU B 230 -4.19 -5.57 46.69
N ILE B 231 -5.36 -4.93 46.77
CA ILE B 231 -6.62 -5.66 46.81
C ILE B 231 -7.70 -4.78 46.24
N ARG B 232 -8.55 -5.37 45.40
CA ARG B 232 -9.72 -4.70 44.86
C ARG B 232 -10.96 -5.40 45.39
N SER B 233 -11.91 -4.63 45.91
CA SER B 233 -13.08 -5.19 46.56
C SER B 233 -14.28 -5.18 45.63
N ALA B 234 -15.18 -6.14 45.84
CA ALA B 234 -16.38 -6.25 45.03
C ALA B 234 -17.45 -6.98 45.82
N LEU B 235 -18.62 -6.37 45.92
CA LEU B 235 -19.73 -6.99 46.64
C LEU B 235 -20.18 -8.26 45.92
N GLU B 236 -20.60 -9.24 46.72
CA GLU B 236 -21.05 -10.50 46.14
C GLU B 236 -22.30 -10.29 45.29
N LYS B 237 -23.25 -9.49 45.77
CA LYS B 237 -24.47 -9.21 45.02
C LYS B 237 -24.16 -8.20 43.92
N GLY B 238 -24.12 -8.67 42.68
CA GLY B 238 -23.83 -7.84 41.53
C GLY B 238 -22.41 -7.97 41.02
N SER B 239 -21.47 -8.39 41.88
CA SER B 239 -20.07 -8.59 41.50
C SER B 239 -19.48 -7.36 40.81
N ARG B 240 -19.77 -6.19 41.38
CA ARG B 240 -19.31 -4.93 40.82
C ARG B 240 -18.13 -4.40 41.63
N LEU B 241 -17.15 -3.83 40.92
CA LEU B 241 -16.01 -3.23 41.58
C LEU B 241 -16.45 -2.01 42.39
N ILE B 242 -15.97 -1.94 43.62
CA ILE B 242 -16.34 -0.87 44.55
C ILE B 242 -15.16 0.04 44.84
N SER B 243 -14.09 -0.50 45.42
CA SER B 243 -12.96 0.31 45.82
C SER B 243 -11.70 -0.53 45.79
N THR B 244 -10.55 0.15 45.72
CA THR B 244 -9.25 -0.49 45.74
C THR B 244 -8.44 0.06 46.91
N MET B 245 -7.60 -0.81 47.47
CA MET B 245 -6.79 -0.44 48.63
C MET B 245 -5.36 -0.93 48.43
N GLN B 246 -4.40 -0.16 48.93
CA GLN B 246 -3.00 -0.50 48.82
C GLN B 246 -2.34 -0.37 50.18
N ILE B 247 -1.28 -1.15 50.37
CA ILE B 247 -0.43 -1.07 51.57
C ILE B 247 1.00 -1.08 51.06
N LYS B 248 1.60 0.10 50.94
CA LYS B 248 2.94 0.23 50.41
C LYS B 248 3.98 0.11 51.52
N LEU B 249 5.11 -0.48 51.19
CA LEU B 249 6.24 -0.62 52.11
C LEU B 249 7.34 0.31 51.62
N TYR B 250 7.52 1.43 52.32
CA TYR B 250 8.53 2.40 51.93
C TYR B 250 9.90 2.00 52.45
N GLY B 251 10.93 2.58 51.84
CA GLY B 251 12.28 2.31 52.26
C GLY B 251 12.94 1.20 51.46
N ARG B 252 13.99 1.55 50.71
CA ARG B 252 14.73 0.56 49.94
C ARG B 252 15.70 -0.18 50.85
N GLU B 253 16.41 -1.15 50.27
CA GLU B 253 17.42 -1.89 51.02
C GLU B 253 18.54 -0.96 51.47
N ASP B 254 18.71 -0.83 52.79
CA ASP B 254 19.70 0.07 53.39
C ASP B 254 19.52 1.51 52.92
N LYS B 255 18.26 1.94 52.76
CA LYS B 255 17.97 3.30 52.33
C LYS B 255 16.61 3.70 52.86
N GLY B 256 16.44 5.01 53.07
CA GLY B 256 15.19 5.51 53.61
C GLY B 256 15.04 5.37 55.11
N THR B 257 16.15 5.22 55.84
CA THR B 257 16.15 5.02 57.28
C THR B 257 15.25 3.84 57.67
N GLY B 258 14.19 4.12 58.41
CA GLY B 258 13.26 3.07 58.79
C GLY B 258 12.43 2.59 57.61
N ARG B 259 11.99 1.34 57.68
CA ARG B 259 11.14 0.75 56.65
C ARG B 259 9.68 0.84 57.09
N THR B 260 9.16 2.06 57.02
CA THR B 260 7.79 2.32 57.44
C THR B 260 6.79 1.74 56.43
N ILE B 261 5.60 1.45 56.93
CA ILE B 261 4.51 0.90 56.13
C ILE B 261 3.35 1.88 56.16
N LYS B 262 3.00 2.42 55.00
CA LYS B 262 1.92 3.39 54.88
C LYS B 262 0.79 2.77 54.06
N ALA B 263 -0.43 2.82 54.60
CA ALA B 263 -1.60 2.29 53.94
C ALA B 263 -2.32 3.41 53.18
N THR B 264 -2.95 3.03 52.07
CA THR B 264 -3.70 3.98 51.24
C THR B 264 -5.18 3.65 51.35
N LEU B 265 -5.98 4.64 51.72
CA LEU B 265 -7.40 4.43 51.89
C LEU B 265 -8.18 5.21 50.84
N PRO B 266 -9.38 4.75 50.48
CA PRO B 266 -10.20 5.50 49.52
C PRO B 266 -10.65 6.83 50.09
N TYR B 267 -10.78 7.82 49.20
CA TYR B 267 -11.19 9.17 49.57
C TYR B 267 -10.30 9.74 50.66
N VAL B 268 -9.00 9.47 50.57
CA VAL B 268 -8.01 10.04 51.48
C VAL B 268 -6.83 10.51 50.64
N LYS B 269 -6.42 11.76 50.83
CA LYS B 269 -5.43 12.36 49.94
C LYS B 269 -4.05 11.78 50.14
N GLN B 270 -3.66 11.49 51.38
CA GLN B 270 -2.29 11.11 51.70
C GLN B 270 -2.24 9.74 52.36
N ASP B 271 -1.08 9.11 52.23
CA ASP B 271 -0.86 7.80 52.84
C ASP B 271 -0.82 7.92 54.35
N ILE B 272 -1.19 6.83 55.03
CA ILE B 272 -1.30 6.82 56.48
C ILE B 272 -0.54 5.61 57.03
N PRO B 273 0.27 5.77 58.07
CA PRO B 273 0.97 4.62 58.65
C PRO B 273 -0.01 3.60 59.21
N ILE B 274 0.40 2.34 59.19
CA ILE B 274 -0.52 1.24 59.48
C ILE B 274 -0.93 1.25 60.95
N VAL B 275 -0.05 1.68 61.86
CA VAL B 275 -0.39 1.67 63.27
C VAL B 275 -1.56 2.62 63.54
N ILE B 276 -1.57 3.75 62.83
CA ILE B 276 -2.64 4.73 63.03
C ILE B 276 -3.98 4.16 62.60
N VAL B 277 -4.03 3.48 61.44
CA VAL B 277 -5.30 2.92 60.99
C VAL B 277 -5.73 1.78 61.89
N PHE B 278 -4.76 1.00 62.40
CA PHE B 278 -5.12 -0.06 63.34
C PHE B 278 -5.77 0.51 64.58
N ARG B 279 -5.19 1.57 65.14
CA ARG B 279 -5.81 2.21 66.30
C ARG B 279 -7.14 2.85 65.94
N ALA B 280 -7.27 3.34 64.71
CA ALA B 280 -8.54 3.90 64.26
C ALA B 280 -9.64 2.85 64.26
N LEU B 281 -9.34 1.62 63.83
CA LEU B 281 -10.34 0.57 63.91
C LEU B 281 -10.71 0.23 65.35
N GLY B 282 -9.85 0.54 66.32
CA GLY B 282 -10.20 0.33 67.70
C GLY B 282 -9.34 -0.66 68.45
N VAL B 283 -8.08 -0.81 68.05
CA VAL B 283 -7.12 -1.65 68.77
C VAL B 283 -5.91 -0.78 69.10
N VAL B 284 -5.92 -0.19 70.29
CA VAL B 284 -4.92 0.79 70.68
C VAL B 284 -3.61 0.19 71.24
N PRO B 285 -3.62 -0.87 72.06
CA PRO B 285 -2.34 -1.34 72.60
C PRO B 285 -1.49 -1.98 71.51
N ASP B 286 -0.17 -1.89 71.69
CA ASP B 286 0.74 -2.43 70.68
C ASP B 286 0.80 -3.95 70.72
N GLY B 287 0.69 -4.54 71.91
CA GLY B 287 0.70 -5.99 71.99
C GLY B 287 -0.43 -6.63 71.23
N GLU B 288 -1.63 -6.05 71.32
CA GLU B 288 -2.76 -6.58 70.56
C GLU B 288 -2.53 -6.43 69.06
N ILE B 289 -1.93 -5.32 68.63
CA ILE B 289 -1.63 -5.14 67.21
C ILE B 289 -0.65 -6.19 66.73
N LEU B 290 0.40 -6.45 67.51
CA LEU B 290 1.35 -7.49 67.13
C LEU B 290 0.70 -8.86 67.09
N GLN B 291 -0.23 -9.12 68.02
CA GLN B 291 -0.98 -10.37 67.95
C GLN B 291 -1.79 -10.46 66.67
N HIS B 292 -2.40 -9.34 66.27
CA HIS B 292 -3.19 -9.33 65.04
C HIS B 292 -2.31 -9.58 63.81
N ILE B 293 -1.12 -9.00 63.78
CA ILE B 293 -0.29 -9.10 62.58
C ILE B 293 0.46 -10.43 62.53
N CYS B 294 1.30 -10.69 63.52
CA CYS B 294 2.16 -11.86 63.49
C CYS B 294 1.48 -13.07 64.13
N TYR B 295 2.08 -14.24 63.91
CA TYR B 295 1.59 -15.48 64.48
C TYR B 295 2.71 -16.35 65.03
N ASP B 296 3.90 -15.79 65.20
CA ASP B 296 5.03 -16.54 65.76
C ASP B 296 6.00 -15.53 66.38
N GLU B 297 5.99 -15.44 67.71
CA GLU B 297 6.83 -14.46 68.41
C GLU B 297 8.31 -14.72 68.19
N ASN B 298 8.69 -15.96 67.87
CA ASN B 298 10.10 -16.26 67.62
C ASN B 298 10.61 -15.63 66.32
N ASP B 299 9.69 -15.23 65.43
CA ASP B 299 10.06 -14.62 64.16
C ASP B 299 10.50 -13.19 64.41
N TRP B 300 11.73 -13.05 64.91
CA TRP B 300 12.24 -11.73 65.26
C TRP B 300 12.48 -10.84 64.04
N GLN B 301 12.59 -11.43 62.85
CA GLN B 301 12.83 -10.62 61.66
C GLN B 301 11.62 -9.74 61.33
N MET B 302 10.43 -10.33 61.32
CA MET B 302 9.25 -9.52 61.06
C MET B 302 9.00 -8.53 62.19
N LEU B 303 9.38 -8.89 63.42
CA LEU B 303 9.24 -7.96 64.54
C LEU B 303 10.13 -6.75 64.36
N GLU B 304 11.39 -6.97 63.96
CA GLU B 304 12.28 -5.84 63.75
C GLU B 304 11.88 -5.04 62.51
N MET B 305 11.22 -5.69 61.55
CA MET B 305 10.63 -4.93 60.44
C MET B 305 9.48 -4.06 60.90
N LEU B 306 8.69 -4.54 61.87
CA LEU B 306 7.56 -3.80 62.39
C LEU B 306 7.96 -2.69 63.36
N LYS B 307 9.12 -2.80 63.97
CA LYS B 307 9.57 -1.79 64.94
C LYS B 307 9.49 -0.36 64.41
N PRO B 308 10.00 -0.03 63.22
CA PRO B 308 9.89 1.37 62.76
C PRO B 308 8.46 1.86 62.63
N CYS B 309 7.53 0.99 62.26
CA CYS B 309 6.13 1.41 62.15
C CYS B 309 5.58 1.79 63.51
N ILE B 310 5.86 0.99 64.54
CA ILE B 310 5.41 1.32 65.89
C ILE B 310 6.05 2.61 66.36
N GLU B 311 7.35 2.77 66.11
CA GLU B 311 8.04 3.98 66.54
C GLU B 311 7.44 5.22 65.87
N GLU B 312 7.11 5.12 64.58
CA GLU B 312 6.49 6.25 63.89
C GLU B 312 5.09 6.53 64.43
N GLY B 313 4.30 5.49 64.66
CA GLY B 313 2.94 5.69 65.10
C GLY B 313 2.76 5.91 66.58
N PHE B 314 3.85 5.92 67.34
CA PHE B 314 3.76 6.12 68.79
C PHE B 314 3.10 7.45 69.17
N VAL B 315 3.10 8.43 68.26
CA VAL B 315 2.56 9.74 68.62
C VAL B 315 1.07 9.66 68.94
N ILE B 316 0.34 8.82 68.20
CA ILE B 316 -1.10 8.64 68.41
C ILE B 316 -1.30 7.48 69.39
N GLN B 317 -2.09 7.72 70.44
CA GLN B 317 -2.26 6.73 71.50
C GLN B 317 -3.71 6.55 71.91
N ASP B 318 -4.67 6.97 71.07
CA ASP B 318 -6.07 6.84 71.42
C ASP B 318 -6.89 6.66 70.16
N LYS B 319 -8.09 6.10 70.34
CA LYS B 319 -8.98 5.84 69.22
C LYS B 319 -9.47 7.15 68.59
N GLU B 320 -10.00 8.05 69.42
CA GLU B 320 -10.64 9.26 68.87
C GLU B 320 -9.64 10.15 68.15
N VAL B 321 -8.43 10.29 68.69
CA VAL B 321 -7.42 11.12 68.03
C VAL B 321 -7.02 10.50 66.69
N ALA B 322 -6.94 9.16 66.63
CA ALA B 322 -6.63 8.50 65.38
C ALA B 322 -7.72 8.73 64.35
N LEU B 323 -8.99 8.61 64.77
CA LEU B 323 -10.10 8.90 63.87
C LEU B 323 -10.06 10.33 63.38
N ASP B 324 -9.72 11.27 64.27
CA ASP B 324 -9.62 12.66 63.85
C ASP B 324 -8.51 12.86 62.83
N PHE B 325 -7.37 12.20 63.04
CA PHE B 325 -6.28 12.30 62.07
C PHE B 325 -6.70 11.73 60.72
N ILE B 326 -7.40 10.60 60.72
CA ILE B 326 -7.88 10.04 59.46
C ILE B 326 -8.85 11.01 58.78
N GLY B 327 -9.77 11.58 59.55
CA GLY B 327 -10.76 12.48 58.99
C GLY B 327 -10.17 13.77 58.44
N ARG B 328 -9.10 14.26 59.07
CA ARG B 328 -8.50 15.52 58.61
C ARG B 328 -8.02 15.42 57.17
N ARG B 329 -7.42 14.29 56.80
CA ARG B 329 -6.96 14.08 55.44
C ARG B 329 -8.02 13.43 54.56
N GLY B 330 -9.26 13.35 55.03
CA GLY B 330 -10.31 12.62 54.32
C GLY B 330 -10.82 13.27 53.06
N SER B 331 -10.13 14.30 52.57
CA SER B 331 -10.47 14.99 51.33
C SER B 331 -11.91 15.50 51.32
N ALA B 332 -12.48 15.74 52.49
CA ALA B 332 -13.82 16.28 52.60
C ALA B 332 -13.77 17.79 52.56
N ALA B 333 -14.88 18.45 52.91
CA ALA B 333 -14.91 19.90 52.97
C ALA B 333 -13.92 20.41 54.01
N LEU B 334 -13.34 21.58 53.74
CA LEU B 334 -12.38 22.17 54.66
C LEU B 334 -13.10 22.84 55.81
N GLY B 335 -12.46 22.83 56.99
CA GLY B 335 -13.02 23.46 58.16
C GLY B 335 -14.06 22.64 58.89
N ILE B 336 -14.16 21.34 58.62
CA ILE B 336 -15.15 20.51 59.30
C ILE B 336 -14.81 20.40 60.78
N ARG B 337 -15.82 20.51 61.62
CA ARG B 337 -15.65 20.45 63.06
C ARG B 337 -15.14 19.07 63.48
N ARG B 338 -14.58 19.01 64.71
CA ARG B 338 -13.93 17.78 65.17
C ARG B 338 -14.93 16.64 65.29
N GLU B 339 -16.12 16.90 65.84
CA GLU B 339 -17.12 15.86 65.95
C GLU B 339 -17.57 15.37 64.58
N LYS B 340 -17.82 16.29 63.66
CA LYS B 340 -18.19 15.90 62.30
C LYS B 340 -17.04 15.23 61.58
N ARG B 341 -15.80 15.64 61.87
CA ARG B 341 -14.64 14.95 61.31
C ARG B 341 -14.58 13.51 61.78
N ILE B 342 -14.82 13.28 63.07
CA ILE B 342 -14.80 11.91 63.59
C ILE B 342 -15.92 11.08 62.98
N GLN B 343 -17.11 11.67 62.83
CA GLN B 343 -18.21 10.94 62.22
C GLN B 343 -17.91 10.62 60.75
N TYR B 344 -17.29 11.55 60.04
CA TYR B 344 -16.89 11.30 58.65
C TYR B 344 -15.86 10.18 58.59
N ALA B 345 -14.91 10.16 59.53
CA ALA B 345 -13.94 9.08 59.57
C ALA B 345 -14.60 7.74 59.84
N LYS B 346 -15.58 7.72 60.76
CA LYS B 346 -16.30 6.48 61.03
C LYS B 346 -17.05 6.02 59.79
N ASP B 347 -17.65 6.95 59.05
CA ASP B 347 -18.32 6.59 57.81
C ASP B 347 -17.35 5.99 56.80
N ILE B 348 -16.22 6.67 56.58
CA ILE B 348 -15.24 6.22 55.60
C ILE B 348 -14.47 4.98 56.06
N LEU B 349 -14.59 4.62 57.34
CA LEU B 349 -13.88 3.47 57.85
C LEU B 349 -14.78 2.24 57.88
N GLN B 350 -16.02 2.40 58.34
CA GLN B 350 -17.00 1.32 58.25
C GLN B 350 -17.29 0.96 56.81
N LYS B 351 -17.62 1.95 55.99
CA LYS B 351 -17.90 1.74 54.59
C LYS B 351 -16.68 2.12 53.76
N GLU B 352 -16.61 1.57 52.55
CA GLU B 352 -15.61 1.92 51.55
C GLU B 352 -14.22 1.38 51.90
N LEU B 353 -14.06 0.84 53.10
CA LEU B 353 -12.80 0.19 53.49
C LEU B 353 -13.05 -1.31 53.56
N LEU B 354 -12.49 -2.04 52.60
CA LEU B 354 -12.76 -3.46 52.43
C LEU B 354 -14.28 -3.74 52.47
N PRO B 355 -15.04 -3.14 51.55
CA PRO B 355 -16.50 -3.35 51.58
C PRO B 355 -16.90 -4.79 51.40
N HIS B 356 -16.09 -5.60 50.73
CA HIS B 356 -16.45 -6.98 50.49
C HIS B 356 -16.51 -7.80 51.77
N ILE B 357 -15.95 -7.29 52.87
CA ILE B 357 -15.97 -8.04 54.12
C ILE B 357 -17.30 -7.85 54.84
N THR B 358 -17.67 -6.60 55.12
CA THR B 358 -18.92 -6.32 55.81
C THR B 358 -19.26 -4.85 55.64
N GLN B 359 -20.48 -4.50 56.04
CA GLN B 359 -20.95 -3.12 56.01
C GLN B 359 -21.65 -2.69 57.29
N GLU B 360 -22.07 -3.61 58.15
CA GLU B 360 -22.85 -3.27 59.34
C GLU B 360 -21.95 -2.76 60.47
N GLU B 361 -22.58 -2.14 61.46
CA GLU B 361 -21.86 -1.56 62.58
C GLU B 361 -21.46 -2.63 63.59
N GLY B 362 -20.46 -2.29 64.40
CA GLY B 362 -19.98 -3.21 65.43
C GLY B 362 -19.48 -4.52 64.87
N PHE B 363 -18.90 -4.49 63.68
CA PHE B 363 -18.48 -5.69 62.98
C PHE B 363 -17.11 -5.45 62.34
N GLU B 364 -16.23 -4.77 63.07
CA GLU B 364 -14.95 -4.31 62.55
C GLU B 364 -13.77 -5.17 62.98
N THR B 365 -13.98 -6.15 63.86
CA THR B 365 -12.89 -7.03 64.23
C THR B 365 -12.38 -7.82 63.03
N ARG B 366 -13.29 -8.23 62.15
CA ARG B 366 -12.89 -8.95 60.95
C ARG B 366 -12.03 -8.07 60.06
N LYS B 367 -12.34 -6.78 59.97
CA LYS B 367 -11.49 -5.89 59.18
C LYS B 367 -10.11 -5.78 59.78
N THR B 368 -10.00 -5.72 61.10
CA THR B 368 -8.69 -5.70 61.75
C THR B 368 -7.91 -6.97 61.45
N PHE B 369 -8.57 -8.11 61.52
CA PHE B 369 -7.90 -9.37 61.23
C PHE B 369 -7.45 -9.43 59.77
N PHE B 370 -8.25 -8.89 58.86
CA PHE B 370 -7.84 -8.90 57.45
C PHE B 370 -6.69 -7.95 57.20
N LEU B 371 -6.66 -6.80 57.89
CA LEU B 371 -5.49 -5.94 57.81
C LEU B 371 -4.25 -6.67 58.33
N GLY B 372 -4.40 -7.42 59.42
CA GLY B 372 -3.30 -8.23 59.91
C GLY B 372 -2.83 -9.23 58.87
N TYR B 373 -3.77 -9.88 58.19
CA TYR B 373 -3.41 -10.84 57.15
C TYR B 373 -2.67 -10.17 56.00
N MET B 374 -3.15 -9.00 55.56
CA MET B 374 -2.50 -8.30 54.47
C MET B 374 -1.08 -7.88 54.85
N VAL B 375 -0.91 -7.35 56.06
CA VAL B 375 0.43 -6.95 56.51
C VAL B 375 1.33 -8.16 56.63
N ASN B 376 0.79 -9.27 57.12
CA ASN B 376 1.58 -10.50 57.21
C ASN B 376 2.07 -10.94 55.84
N ARG B 377 1.18 -10.91 54.85
CA ARG B 377 1.57 -11.31 53.50
C ARG B 377 2.62 -10.36 52.94
N LEU B 378 2.44 -9.05 53.16
CA LEU B 378 3.39 -8.07 52.64
C LEU B 378 4.78 -8.29 53.24
N LEU B 379 4.85 -8.46 54.55
CA LEU B 379 6.15 -8.70 55.19
C LEU B 379 6.74 -10.02 54.74
N LEU B 380 5.90 -11.05 54.61
CA LEU B 380 6.39 -12.37 54.22
C LEU B 380 7.02 -12.34 52.83
N CYS B 381 6.41 -11.60 51.91
CA CYS B 381 7.03 -11.46 50.59
C CYS B 381 8.24 -10.54 50.62
N ALA B 382 8.21 -9.51 51.47
CA ALA B 382 9.35 -8.61 51.57
C ALA B 382 10.58 -9.33 52.10
N LEU B 383 10.39 -10.26 53.03
CA LEU B 383 11.47 -11.05 53.59
C LEU B 383 11.95 -12.15 52.64
N GLU B 384 11.50 -12.14 51.40
CA GLU B 384 11.88 -13.11 50.36
C GLU B 384 11.51 -14.55 50.73
N ARG B 385 10.73 -14.75 51.79
CA ARG B 385 10.36 -16.10 52.17
C ARG B 385 9.41 -16.75 51.17
N LYS B 386 8.68 -15.96 50.40
CA LYS B 386 7.77 -16.48 49.39
C LYS B 386 7.95 -15.71 48.09
N ASP B 387 7.70 -16.39 46.98
CA ASP B 387 7.73 -15.73 45.69
C ASP B 387 6.54 -14.78 45.55
N GLN B 388 6.78 -13.66 44.87
CA GLN B 388 5.70 -12.71 44.64
C GLN B 388 4.62 -13.36 43.78
N ASP B 389 3.37 -12.97 44.05
CA ASP B 389 2.23 -13.59 43.39
C ASP B 389 2.34 -13.45 41.88
N ASP B 390 2.13 -14.55 41.17
CA ASP B 390 2.25 -14.55 39.72
C ASP B 390 1.06 -13.82 39.12
N ARG B 391 1.35 -12.81 38.28
CA ARG B 391 0.29 -12.05 37.65
C ARG B 391 -0.35 -12.82 36.50
N ASP B 392 0.41 -13.69 35.84
CA ASP B 392 -0.08 -14.44 34.70
C ASP B 392 -0.78 -15.73 35.07
N HIS B 393 -0.81 -16.08 36.36
CA HIS B 393 -1.49 -17.28 36.82
C HIS B 393 -2.95 -17.26 36.41
N PHE B 394 -3.34 -18.17 35.52
CA PHE B 394 -4.69 -18.13 34.94
C PHE B 394 -5.76 -18.52 35.93
N GLY B 395 -5.41 -19.07 37.09
CA GLY B 395 -6.41 -19.33 38.09
C GLY B 395 -6.89 -18.09 38.82
N LYS B 396 -6.19 -16.97 38.65
CA LYS B 396 -6.56 -15.71 39.26
C LYS B 396 -7.26 -14.75 38.30
N LYS B 397 -7.68 -15.24 37.14
CA LYS B 397 -8.40 -14.44 36.17
C LYS B 397 -9.87 -14.82 36.16
N ARG B 398 -10.69 -13.91 35.63
CA ARG B 398 -12.11 -14.15 35.47
C ARG B 398 -12.53 -13.71 34.08
N LEU B 399 -13.56 -14.34 33.54
CA LEU B 399 -14.08 -14.03 32.21
C LEU B 399 -15.49 -13.47 32.34
N ASP B 400 -15.71 -12.33 31.70
CA ASP B 400 -17.03 -11.69 31.71
C ASP B 400 -17.78 -12.08 30.45
N LEU B 401 -18.83 -12.86 30.60
CA LEU B 401 -19.65 -13.29 29.48
C LEU B 401 -20.77 -12.28 29.27
N ALA B 402 -21.79 -12.64 28.49
CA ALA B 402 -22.88 -11.70 28.21
C ALA B 402 -23.57 -11.24 29.48
N GLY B 403 -23.65 -12.10 30.48
CA GLY B 403 -24.31 -11.77 31.72
C GLY B 403 -23.75 -10.55 32.42
N PRO B 404 -22.50 -10.66 32.90
CA PRO B 404 -21.90 -9.51 33.61
C PRO B 404 -21.81 -8.24 32.77
N LEU B 405 -21.49 -8.36 31.48
CA LEU B 405 -21.37 -7.16 30.65
C LEU B 405 -22.72 -6.46 30.51
N LEU B 406 -23.77 -7.23 30.20
CA LEU B 406 -25.09 -6.62 30.12
C LEU B 406 -25.54 -6.09 31.47
N ALA B 407 -25.13 -6.73 32.57
CA ALA B 407 -25.52 -6.25 33.89
C ALA B 407 -24.90 -4.88 34.17
N ASN B 408 -23.61 -4.72 33.85
CA ASN B 408 -22.96 -3.43 34.05
C ASN B 408 -23.63 -2.35 33.21
N LEU B 409 -23.83 -2.63 31.93
CA LEU B 409 -24.44 -1.64 31.04
C LEU B 409 -25.85 -1.29 31.51
N PHE B 410 -26.63 -2.29 31.90
CA PHE B 410 -28.00 -2.02 32.34
C PHE B 410 -28.01 -1.25 33.65
N ARG B 411 -27.06 -1.51 34.54
CA ARG B 411 -26.99 -0.72 35.77
C ARG B 411 -26.76 0.75 35.45
N ILE B 412 -25.83 1.03 34.54
CA ILE B 412 -25.58 2.42 34.15
C ILE B 412 -26.83 3.05 33.56
N LEU B 413 -27.46 2.36 32.62
CA LEU B 413 -28.62 2.94 31.94
C LEU B 413 -29.79 3.11 32.89
N PHE B 414 -29.98 2.18 33.83
CA PHE B 414 -31.09 2.31 34.77
C PHE B 414 -30.85 3.43 35.76
N ARG B 415 -29.59 3.63 36.17
CA ARG B 415 -29.31 4.80 37.01
C ARG B 415 -29.61 6.09 36.27
N LYS B 416 -29.28 6.14 34.97
CA LYS B 416 -29.62 7.31 34.17
C LYS B 416 -31.13 7.52 34.11
N LEU B 417 -31.88 6.44 33.90
CA LEU B 417 -33.34 6.55 33.85
C LEU B 417 -33.90 7.02 35.19
N THR B 418 -33.36 6.50 36.29
CA THR B 418 -33.82 6.91 37.61
C THR B 418 -33.55 8.40 37.84
N ARG B 419 -32.38 8.88 37.44
CA ARG B 419 -32.09 10.31 37.57
C ARG B 419 -33.05 11.14 36.71
N GLU B 420 -33.37 10.67 35.52
CA GLU B 420 -34.32 11.40 34.68
C GLU B 420 -35.70 11.45 35.32
N ILE B 421 -36.14 10.33 35.92
CA ILE B 421 -37.42 10.33 36.61
C ILE B 421 -37.41 11.29 37.79
N TYR B 422 -36.30 11.30 38.53
CA TYR B 422 -36.18 12.20 39.68
C TYR B 422 -36.27 13.67 39.23
N ARG B 423 -35.54 14.01 38.17
CA ARG B 423 -35.58 15.39 37.67
C ARG B 423 -36.96 15.77 37.18
N TYR B 424 -37.63 14.87 36.46
CA TYR B 424 -38.98 15.17 35.99
C TYR B 424 -39.94 15.33 37.15
N MET B 425 -39.80 14.51 38.19
CA MET B 425 -40.65 14.65 39.35
C MET B 425 -40.45 15.99 40.04
N GLN B 426 -39.20 16.41 40.20
CA GLN B 426 -38.93 17.71 40.80
C GLN B 426 -39.53 18.82 39.96
N ARG B 427 -39.42 18.72 38.63
CA ARG B 427 -39.98 19.76 37.77
C ARG B 427 -41.50 19.79 37.84
N CYS B 428 -42.14 18.62 37.94
CA CYS B 428 -43.59 18.55 37.82
C CYS B 428 -44.34 18.68 39.13
N ILE B 429 -43.67 18.54 40.28
CA ILE B 429 -44.36 18.75 41.54
C ILE B 429 -44.77 20.21 41.72
N GLU B 430 -44.04 21.14 41.07
CA GLU B 430 -44.37 22.56 41.20
C GLU B 430 -45.81 22.83 40.79
N THR B 431 -46.32 22.11 39.79
CA THR B 431 -47.72 22.23 39.41
C THR B 431 -48.65 21.50 40.38
N ASP B 432 -48.11 20.66 41.26
CA ASP B 432 -48.91 19.88 42.21
C ASP B 432 -49.98 19.06 41.50
N ARG B 433 -49.59 18.43 40.38
CA ARG B 433 -50.51 17.62 39.60
C ARG B 433 -50.29 16.14 39.87
N ASP B 434 -51.35 15.36 39.69
CA ASP B 434 -51.24 13.91 39.79
C ASP B 434 -50.61 13.36 38.52
N PHE B 435 -49.27 13.35 38.47
CA PHE B 435 -48.56 12.81 37.33
C PHE B 435 -48.90 11.33 37.14
N ASN B 436 -49.07 10.93 35.87
CA ASN B 436 -49.44 9.56 35.55
C ASN B 436 -48.35 8.56 35.89
N LEU B 437 -47.11 9.02 36.04
CA LEU B 437 -45.93 8.18 36.27
C LEU B 437 -45.64 7.32 35.05
N ASN B 438 -46.55 7.31 34.09
CA ASN B 438 -46.29 6.73 32.78
C ASN B 438 -45.71 7.74 31.82
N LEU B 439 -45.62 9.00 32.23
CA LEU B 439 -44.99 10.05 31.44
C LEU B 439 -43.60 10.40 31.96
N ALA B 440 -43.35 10.15 33.24
CA ALA B 440 -42.03 10.43 33.80
C ALA B 440 -40.97 9.56 33.16
N VAL B 441 -41.28 8.28 32.94
CA VAL B 441 -40.32 7.36 32.36
C VAL B 441 -40.06 7.72 30.90
N LYS B 442 -38.86 7.42 30.43
CA LYS B 442 -38.51 7.52 29.02
C LYS B 442 -38.00 6.14 28.60
N SER B 443 -38.87 5.37 27.94
CA SER B 443 -38.48 4.04 27.49
C SER B 443 -37.35 4.10 26.47
N THR B 444 -37.10 5.27 25.89
CA THR B 444 -36.05 5.37 24.88
C THR B 444 -34.66 5.28 25.47
N THR B 445 -34.49 5.63 26.75
CA THR B 445 -33.15 5.68 27.34
C THR B 445 -32.48 4.31 27.29
N ILE B 446 -33.07 3.33 27.97
CA ILE B 446 -32.48 2.00 28.03
C ILE B 446 -32.40 1.37 26.64
N THR B 447 -33.47 1.52 25.86
CA THR B 447 -33.49 0.92 24.53
C THR B 447 -32.35 1.43 23.66
N SER B 448 -32.20 2.75 23.57
CA SER B 448 -31.15 3.32 22.74
C SER B 448 -29.78 3.01 23.29
N GLY B 449 -29.61 3.03 24.62
CA GLY B 449 -28.31 2.72 25.17
C GLY B 449 -27.87 1.31 24.86
N LEU B 450 -28.75 0.33 25.10
CA LEU B 450 -28.41 -1.06 24.82
C LEU B 450 -28.16 -1.27 23.33
N LYS B 451 -29.02 -0.71 22.49
CA LYS B 451 -28.88 -0.91 21.05
C LYS B 451 -27.57 -0.29 20.55
N TYR B 452 -27.23 0.90 21.04
CA TYR B 452 -26.00 1.54 20.60
C TYR B 452 -24.78 0.74 21.02
N SER B 453 -24.76 0.31 22.29
CA SER B 453 -23.59 -0.42 22.77
C SER B 453 -23.42 -1.75 22.05
N LEU B 454 -24.53 -2.41 21.74
CA LEU B 454 -24.41 -3.69 21.04
C LEU B 454 -24.09 -3.48 19.56
N ALA B 455 -24.56 -2.39 18.97
CA ALA B 455 -24.33 -2.16 17.55
C ALA B 455 -22.90 -1.72 17.27
N THR B 456 -22.35 -0.83 18.10
CA THR B 456 -21.05 -0.27 17.81
C THR B 456 -19.92 -0.97 18.55
N GLY B 457 -20.20 -1.65 19.66
CA GLY B 457 -19.19 -2.32 20.43
C GLY B 457 -18.58 -1.48 21.53
N ASN B 458 -18.86 -0.18 21.56
CA ASN B 458 -18.37 0.68 22.63
C ASN B 458 -19.22 0.41 23.88
N TRP B 459 -18.60 -0.12 24.93
CA TRP B 459 -19.35 -0.55 26.11
C TRP B 459 -19.43 0.62 27.07
N GLY B 460 -20.45 1.44 26.89
CA GLY B 460 -20.65 2.60 27.76
C GLY B 460 -21.74 3.48 27.20
N GLU B 461 -21.84 4.66 27.80
CA GLU B 461 -22.80 5.65 27.32
C GLU B 461 -22.35 6.22 25.98
N GLN B 462 -23.32 6.69 25.19
CA GLN B 462 -23.02 7.20 23.87
C GLN B 462 -22.14 8.44 23.92
N LYS B 463 -22.42 9.35 24.86
CA LYS B 463 -21.69 10.59 24.94
C LYS B 463 -20.33 10.44 25.62
N LYS B 464 -20.02 9.25 26.14
CA LYS B 464 -18.72 8.93 26.70
C LYS B 464 -18.03 7.85 25.86
N ALA B 465 -18.11 7.97 24.53
CA ALA B 465 -17.53 6.96 23.66
C ALA B 465 -16.03 6.85 23.87
N MET B 466 -15.34 7.98 23.99
CA MET B 466 -13.94 7.94 24.39
C MET B 466 -13.82 7.39 25.80
N SER B 467 -12.70 6.72 26.05
CA SER B 467 -12.37 6.08 27.33
C SER B 467 -13.24 4.86 27.62
N SER B 468 -14.16 4.50 26.73
CA SER B 468 -14.95 3.29 26.91
C SER B 468 -14.28 2.11 26.25
N ARG B 469 -14.54 0.92 26.77
CA ARG B 469 -13.93 -0.29 26.24
C ARG B 469 -14.58 -0.64 24.90
N ALA B 470 -13.79 -0.61 23.83
CA ALA B 470 -14.30 -0.83 22.49
C ALA B 470 -13.99 -2.24 22.01
N GLY B 471 -14.76 -2.68 21.03
CA GLY B 471 -14.59 -4.01 20.46
C GLY B 471 -15.26 -5.13 21.22
N VAL B 472 -16.10 -4.81 22.20
CA VAL B 472 -16.77 -5.86 22.97
C VAL B 472 -17.73 -6.64 22.08
N SER B 473 -18.47 -5.94 21.24
CA SER B 473 -19.44 -6.55 20.33
C SER B 473 -18.89 -6.51 18.91
N GLN B 474 -18.93 -7.64 18.23
CA GLN B 474 -18.39 -7.76 16.89
C GLN B 474 -19.38 -8.45 15.98
N VAL B 475 -19.21 -8.22 14.67
CA VAL B 475 -20.07 -8.86 13.68
C VAL B 475 -19.71 -10.33 13.58
N LEU B 476 -20.72 -11.20 13.68
CA LEU B 476 -20.47 -12.63 13.66
C LEU B 476 -19.87 -13.05 12.33
N ASN B 477 -18.81 -13.85 12.40
CA ASN B 477 -18.11 -14.32 11.22
C ASN B 477 -18.83 -15.54 10.66
N ARG B 478 -19.42 -15.40 9.48
CA ARG B 478 -20.20 -16.46 8.88
C ARG B 478 -19.57 -16.97 7.59
N TYR B 479 -18.24 -16.93 7.49
CA TYR B 479 -17.61 -17.42 6.27
C TYR B 479 -17.76 -18.93 6.14
N THR B 480 -17.62 -19.65 7.25
CA THR B 480 -17.84 -21.08 7.25
C THR B 480 -18.26 -21.48 8.66
N TYR B 481 -18.76 -22.71 8.79
CA TYR B 481 -19.32 -23.13 10.07
C TYR B 481 -18.28 -23.12 11.17
N SER B 482 -17.08 -23.61 10.88
CA SER B 482 -16.03 -23.64 11.88
C SER B 482 -15.65 -22.23 12.33
N SER B 483 -15.66 -21.26 11.41
CA SER B 483 -15.33 -19.90 11.78
C SER B 483 -16.36 -19.31 12.74
N THR B 484 -17.64 -19.59 12.49
CA THR B 484 -18.68 -19.15 13.42
C THR B 484 -18.51 -19.79 14.79
N LEU B 485 -18.25 -21.11 14.82
CA LEU B 485 -18.06 -21.77 16.10
C LEU B 485 -16.87 -21.20 16.85
N SER B 486 -15.78 -20.92 16.15
CA SER B 486 -14.61 -20.32 16.78
C SER B 486 -14.92 -18.93 17.31
N HIS B 487 -15.66 -18.14 16.54
CA HIS B 487 -15.97 -16.77 16.97
C HIS B 487 -16.85 -16.77 18.20
N LEU B 488 -17.77 -17.73 18.31
CA LEU B 488 -18.65 -17.74 19.48
C LEU B 488 -17.95 -18.19 20.76
N ARG B 489 -16.70 -18.64 20.68
CA ARG B 489 -15.99 -19.09 21.87
C ARG B 489 -14.66 -18.37 22.02
N ARG B 490 -14.66 -17.05 21.84
CA ARG B 490 -13.45 -16.25 21.81
C ARG B 490 -13.40 -15.34 23.04
N THR B 491 -12.20 -15.16 23.58
CA THR B 491 -11.98 -14.31 24.74
C THR B 491 -10.94 -13.26 24.40
N ASN B 492 -11.01 -12.12 25.08
CA ASN B 492 -10.14 -10.99 24.80
C ASN B 492 -9.52 -10.46 26.08
N THR B 493 -8.26 -10.07 26.01
CA THR B 493 -7.57 -9.47 27.14
C THR B 493 -7.39 -7.98 26.86
N PRO B 494 -8.07 -7.11 27.57
CA PRO B 494 -8.07 -5.68 27.25
C PRO B 494 -6.85 -4.94 27.80
N ILE B 495 -5.65 -5.44 27.48
CA ILE B 495 -4.44 -4.74 27.88
C ILE B 495 -4.03 -3.71 26.83
N GLY B 496 -4.55 -3.82 25.61
CA GLY B 496 -4.27 -2.84 24.58
C GLY B 496 -2.86 -2.97 24.02
N ARG B 497 -2.48 -1.92 23.28
CA ARG B 497 -1.18 -1.83 22.62
C ARG B 497 -0.19 -0.95 23.36
N ASP B 498 -0.64 0.16 23.93
CA ASP B 498 0.25 1.02 24.70
C ASP B 498 0.78 0.29 25.93
N GLY B 499 2.07 0.44 26.18
CA GLY B 499 2.70 -0.25 27.29
C GLY B 499 2.66 -1.75 27.18
N LYS B 500 2.91 -2.28 25.98
CA LYS B 500 2.88 -3.72 25.77
C LYS B 500 4.07 -4.39 26.46
N LEU B 501 3.89 -5.68 26.73
CA LEU B 501 4.96 -6.50 27.29
C LEU B 501 4.76 -7.93 26.82
N ALA B 502 5.84 -8.71 26.83
CA ALA B 502 5.77 -10.07 26.30
C ALA B 502 5.05 -11.02 27.26
N LYS B 503 5.15 -10.77 28.56
CA LYS B 503 4.60 -11.71 29.54
C LYS B 503 3.10 -11.93 29.39
N PRO B 504 2.25 -10.90 29.23
CA PRO B 504 0.82 -11.19 29.03
C PRO B 504 0.54 -11.99 27.78
N ARG B 505 1.35 -11.84 26.73
CA ARG B 505 1.10 -12.53 25.48
C ARG B 505 1.55 -13.98 25.50
N GLN B 506 2.36 -14.38 26.46
CA GLN B 506 2.93 -15.72 26.47
C GLN B 506 1.86 -16.77 26.76
N LEU B 507 2.19 -18.01 26.43
CA LEU B 507 1.35 -19.16 26.77
C LEU B 507 1.87 -19.73 28.09
N HIS B 508 1.06 -19.59 29.13
CA HIS B 508 1.49 -19.96 30.47
C HIS B 508 1.20 -21.42 30.76
N ASN B 509 1.87 -21.95 31.78
CA ASN B 509 1.65 -23.35 32.17
C ASN B 509 0.21 -23.57 32.59
N THR B 510 -0.38 -22.61 33.29
CA THR B 510 -1.73 -22.78 33.82
C THR B 510 -2.81 -22.72 32.74
N HIS B 511 -2.45 -22.35 31.51
CA HIS B 511 -3.41 -22.37 30.41
C HIS B 511 -3.77 -23.78 29.97
N TRP B 512 -3.07 -24.80 30.47
CA TRP B 512 -3.30 -26.17 30.01
C TRP B 512 -4.74 -26.58 30.25
N GLY B 513 -5.40 -27.03 29.19
CA GLY B 513 -6.73 -27.59 29.29
C GLY B 513 -7.85 -26.58 29.30
N LEU B 514 -7.54 -25.29 29.43
CA LEU B 514 -8.57 -24.25 29.50
C LEU B 514 -8.62 -23.37 28.27
N VAL B 515 -7.49 -23.12 27.61
CA VAL B 515 -7.48 -22.39 26.35
C VAL B 515 -6.61 -23.14 25.35
N CYS B 516 -6.87 -22.88 24.08
CA CYS B 516 -6.19 -23.59 23.01
C CYS B 516 -4.73 -23.14 22.93
N PRO B 517 -3.78 -24.06 22.94
CA PRO B 517 -2.37 -23.67 22.80
C PRO B 517 -2.00 -23.21 21.41
N ALA B 518 -2.78 -23.59 20.39
CA ALA B 518 -2.39 -23.35 19.01
C ALA B 518 -3.09 -22.16 18.37
N GLU B 519 -4.33 -21.86 18.76
CA GLU B 519 -5.12 -20.86 18.06
C GLU B 519 -4.93 -19.50 18.68
N THR B 520 -4.36 -18.57 17.91
CA THR B 520 -4.22 -17.18 18.32
C THR B 520 -4.01 -16.36 17.06
N PRO B 521 -4.42 -15.09 17.06
CA PRO B 521 -4.25 -14.27 15.85
C PRO B 521 -2.80 -13.90 15.63
N GLU B 522 -2.57 -13.21 14.52
CA GLU B 522 -1.26 -12.71 14.16
C GLU B 522 -1.20 -11.19 14.31
N GLY B 523 -0.01 -10.69 14.55
CA GLY B 523 0.21 -9.26 14.59
C GLY B 523 -0.03 -8.71 15.99
N GLN B 524 -0.81 -7.63 16.05
CA GLN B 524 -0.93 -6.88 17.30
C GLN B 524 -1.59 -7.71 18.40
N ALA B 525 -2.62 -8.48 18.05
CA ALA B 525 -3.43 -9.17 19.04
C ALA B 525 -2.93 -10.58 19.35
N CYS B 526 -1.72 -10.93 18.92
CA CYS B 526 -1.19 -12.26 19.17
C CYS B 526 -1.05 -12.51 20.67
N GLY B 527 -1.63 -13.59 21.14
CA GLY B 527 -1.54 -13.96 22.54
C GLY B 527 -2.59 -13.32 23.43
N LEU B 528 -3.04 -12.12 23.06
CA LEU B 528 -4.05 -11.44 23.85
C LEU B 528 -5.44 -12.02 23.62
N VAL B 529 -5.70 -12.53 22.43
CA VAL B 529 -6.98 -13.13 22.08
C VAL B 529 -6.86 -14.64 22.24
N LYS B 530 -7.74 -15.22 23.05
CA LYS B 530 -7.67 -16.63 23.40
C LYS B 530 -8.97 -17.33 23.02
N ASN B 531 -8.88 -18.63 22.80
CA ASN B 531 -10.03 -19.45 22.48
C ASN B 531 -10.17 -20.55 23.52
N LEU B 532 -11.38 -20.75 24.01
CA LEU B 532 -11.63 -21.78 25.01
C LEU B 532 -11.32 -23.16 24.44
N SER B 533 -10.80 -24.04 25.29
CA SER B 533 -10.61 -25.42 24.89
C SER B 533 -11.95 -26.08 24.66
N LEU B 534 -11.91 -27.30 24.13
CA LEU B 534 -13.13 -27.89 23.62
C LEU B 534 -13.99 -28.50 24.73
N LEU B 535 -13.47 -28.61 25.95
CA LEU B 535 -14.25 -29.09 27.08
C LEU B 535 -14.36 -28.05 28.20
N SER B 536 -13.96 -26.82 27.95
CA SER B 536 -13.94 -25.80 29.00
C SER B 536 -15.35 -25.28 29.28
N GLY B 537 -15.50 -24.68 30.46
CA GLY B 537 -16.71 -23.99 30.81
C GLY B 537 -16.39 -22.78 31.65
N ILE B 538 -17.41 -21.95 31.88
CA ILE B 538 -17.29 -20.77 32.70
C ILE B 538 -18.29 -20.88 33.84
N SER B 539 -17.84 -20.66 35.06
CA SER B 539 -18.73 -20.77 36.21
C SER B 539 -19.81 -19.70 36.14
N ILE B 540 -21.00 -20.05 36.64
CA ILE B 540 -22.15 -19.17 36.52
C ILE B 540 -22.39 -18.35 37.79
N GLY B 541 -21.78 -18.73 38.91
CA GLY B 541 -21.97 -18.01 40.16
C GLY B 541 -22.99 -18.68 41.05
N SER B 542 -22.67 -18.80 42.33
CA SER B 542 -23.54 -19.46 43.29
C SER B 542 -23.54 -18.67 44.59
N PRO B 543 -24.64 -18.70 45.34
CA PRO B 543 -24.66 -18.06 46.65
C PRO B 543 -23.74 -18.78 47.62
N SER B 544 -23.10 -18.01 48.49
CA SER B 544 -22.13 -18.56 49.44
C SER B 544 -22.74 -18.89 50.79
N GLU B 545 -24.02 -18.57 51.01
CA GLU B 545 -24.64 -18.84 52.31
C GLU B 545 -24.67 -20.33 52.65
N PRO B 546 -25.05 -21.24 51.75
CA PRO B 546 -24.98 -22.66 52.10
C PRO B 546 -23.59 -23.13 52.48
N ILE B 547 -22.56 -22.58 51.84
CA ILE B 547 -21.19 -22.96 52.18
C ILE B 547 -20.87 -22.57 53.60
N ILE B 548 -21.24 -21.34 53.98
CA ILE B 548 -21.00 -20.89 55.35
C ILE B 548 -21.77 -21.74 56.34
N ASN B 549 -23.02 -22.08 56.01
CA ASN B 549 -23.81 -22.91 56.90
C ASN B 549 -23.16 -24.27 57.10
N PHE B 550 -22.71 -24.90 56.02
CA PHE B 550 -22.05 -26.20 56.14
C PHE B 550 -20.77 -26.09 56.95
N LEU B 551 -19.98 -25.04 56.71
CA LEU B 551 -18.73 -24.87 57.45
C LEU B 551 -18.99 -24.70 58.93
N GLU B 552 -19.97 -23.87 59.30
CA GLU B 552 -20.29 -23.71 60.71
C GLU B 552 -20.83 -25.00 61.31
N GLU B 553 -21.62 -25.76 60.54
CA GLU B 553 -22.16 -27.00 61.05
C GLU B 553 -21.05 -28.02 61.32
N TRP B 554 -20.00 -28.03 60.49
CA TRP B 554 -18.95 -29.03 60.61
C TRP B 554 -17.76 -28.54 61.41
N GLY B 555 -17.97 -27.68 62.40
CA GLY B 555 -16.98 -27.42 63.41
C GLY B 555 -16.12 -26.19 63.22
N MET B 556 -16.31 -25.42 62.15
CA MET B 556 -15.54 -24.21 61.98
C MET B 556 -15.92 -23.19 63.03
N GLU B 557 -14.93 -22.53 63.61
CA GLU B 557 -15.20 -21.58 64.67
C GLU B 557 -14.87 -20.16 64.22
N PRO B 558 -15.78 -19.21 64.46
CA PRO B 558 -15.61 -17.86 63.90
C PRO B 558 -14.43 -17.09 64.49
N LEU B 559 -14.21 -15.90 63.95
CA LEU B 559 -12.98 -15.16 64.25
C LEU B 559 -12.98 -14.60 65.68
N GLU B 560 -14.14 -14.23 66.23
CA GLU B 560 -14.15 -13.66 67.56
C GLU B 560 -13.71 -14.65 68.63
N ASP B 561 -13.77 -15.95 68.33
CA ASP B 561 -13.28 -16.98 69.24
C ASP B 561 -11.86 -17.39 68.93
N TYR B 562 -11.09 -16.52 68.28
CA TYR B 562 -9.75 -16.83 67.82
C TYR B 562 -8.72 -15.97 68.54
N ASP B 563 -7.66 -16.62 69.01
CA ASP B 563 -6.50 -15.93 69.58
C ASP B 563 -5.25 -16.48 68.90
N PRO B 564 -4.41 -15.62 68.35
CA PRO B 564 -3.22 -16.12 67.64
C PRO B 564 -2.30 -16.95 68.53
N ALA B 565 -2.15 -16.58 69.79
CA ALA B 565 -1.29 -17.35 70.69
C ALA B 565 -1.85 -18.74 70.94
N GLN B 566 -3.17 -18.85 71.09
CA GLN B 566 -3.79 -20.15 71.37
C GLN B 566 -3.77 -21.04 70.13
N HIS B 567 -4.44 -20.62 69.06
CA HIS B 567 -4.52 -21.40 67.83
C HIS B 567 -3.29 -21.11 66.97
N THR B 568 -2.15 -21.59 67.44
CA THR B 568 -0.91 -21.44 66.70
C THR B 568 -0.76 -22.46 65.58
N LYS B 569 -1.68 -23.42 65.49
CA LYS B 569 -1.61 -24.47 64.48
C LYS B 569 -2.90 -24.63 63.69
N SER B 570 -3.93 -23.83 63.97
CA SER B 570 -5.18 -23.95 63.25
C SER B 570 -5.02 -23.44 61.82
N THR B 571 -5.97 -23.82 60.98
CA THR B 571 -5.95 -23.49 59.56
C THR B 571 -7.01 -22.42 59.28
N ARG B 572 -6.61 -21.38 58.58
CA ARG B 572 -7.55 -20.34 58.19
C ARG B 572 -8.49 -20.85 57.11
N ILE B 573 -9.65 -20.22 57.02
CA ILE B 573 -10.68 -20.59 56.06
C ILE B 573 -11.16 -19.34 55.35
N PHE B 574 -11.03 -19.33 54.02
CA PHE B 574 -11.47 -18.20 53.20
C PHE B 574 -12.65 -18.66 52.35
N VAL B 575 -13.65 -17.80 52.24
CA VAL B 575 -14.80 -18.06 51.38
C VAL B 575 -14.96 -16.84 50.48
N ASN B 576 -14.75 -17.02 49.18
CA ASN B 576 -14.82 -15.94 48.21
C ASN B 576 -13.89 -14.80 48.55
N GLY B 577 -12.74 -15.11 49.14
CA GLY B 577 -11.72 -14.12 49.40
C GLY B 577 -11.77 -13.44 50.75
N VAL B 578 -12.78 -13.70 51.56
CA VAL B 578 -12.89 -13.11 52.89
C VAL B 578 -12.53 -14.17 53.93
N TRP B 579 -11.71 -13.79 54.89
CA TRP B 579 -11.37 -14.68 55.99
C TRP B 579 -12.56 -14.76 56.92
N THR B 580 -13.16 -15.95 57.03
CA THR B 580 -14.39 -16.12 57.78
C THR B 580 -14.23 -16.86 59.09
N GLY B 581 -13.15 -17.61 59.28
CA GLY B 581 -12.99 -18.37 60.50
C GLY B 581 -11.71 -19.18 60.47
N ILE B 582 -11.60 -20.08 61.44
CA ILE B 582 -10.47 -20.98 61.56
C ILE B 582 -10.99 -22.39 61.84
N HIS B 583 -10.15 -23.38 61.57
CA HIS B 583 -10.47 -24.77 61.82
C HIS B 583 -9.21 -25.49 62.25
N ARG B 584 -9.38 -26.48 63.14
CA ARG B 584 -8.24 -27.19 63.72
C ARG B 584 -7.99 -28.54 63.09
N ASP B 585 -8.95 -29.08 62.34
CA ASP B 585 -8.80 -30.37 61.66
C ASP B 585 -9.21 -30.20 60.21
N PRO B 586 -8.38 -29.52 59.41
CA PRO B 586 -8.79 -29.22 58.03
C PRO B 586 -8.96 -30.45 57.15
N SER B 587 -8.34 -31.58 57.48
CA SER B 587 -8.39 -32.75 56.61
C SER B 587 -9.81 -33.29 56.51
N MET B 588 -10.45 -33.53 57.65
CA MET B 588 -11.81 -34.03 57.62
C MET B 588 -12.76 -33.02 57.01
N LEU B 589 -12.51 -31.73 57.20
CA LEU B 589 -13.37 -30.71 56.63
C LEU B 589 -13.29 -30.70 55.12
N VAL B 590 -12.07 -30.77 54.57
CA VAL B 590 -11.95 -30.77 53.11
C VAL B 590 -12.51 -32.06 52.54
N SER B 591 -12.33 -33.19 53.23
CA SER B 591 -12.94 -34.43 52.77
C SER B 591 -14.46 -34.32 52.73
N THR B 592 -15.05 -33.75 53.79
CA THR B 592 -16.51 -33.61 53.83
C THR B 592 -17.01 -32.67 52.73
N MET B 593 -16.35 -31.53 52.56
CA MET B 593 -16.80 -30.59 51.53
C MET B 593 -16.68 -31.20 50.14
N ARG B 594 -15.59 -31.91 49.87
CA ARG B 594 -15.42 -32.54 48.58
C ARG B 594 -16.47 -33.63 48.34
N ASP B 595 -16.76 -34.43 49.37
CA ASP B 595 -17.78 -35.45 49.21
C ASP B 595 -19.16 -34.84 48.99
N LEU B 596 -19.45 -33.73 49.69
CA LEU B 596 -20.72 -33.05 49.48
C LEU B 596 -20.83 -32.52 48.06
N ARG B 597 -19.75 -31.94 47.54
CA ARG B 597 -19.77 -31.45 46.17
C ARG B 597 -19.97 -32.59 45.17
N ARG B 598 -19.31 -33.72 45.42
CA ARG B 598 -19.46 -34.86 44.52
C ARG B 598 -20.86 -35.46 44.59
N SER B 599 -21.52 -35.38 45.74
CA SER B 599 -22.87 -35.91 45.86
C SER B 599 -23.93 -34.96 45.31
N GLY B 600 -23.55 -33.76 44.90
CA GLY B 600 -24.48 -32.81 44.35
C GLY B 600 -25.09 -31.84 45.33
N ALA B 601 -24.81 -31.99 46.63
CA ALA B 601 -25.38 -31.08 47.62
C ALA B 601 -24.86 -29.66 47.41
N ILE B 602 -23.58 -29.53 47.10
CA ILE B 602 -22.99 -28.25 46.74
C ILE B 602 -22.89 -28.18 45.23
N SER B 603 -23.01 -26.97 44.69
CA SER B 603 -22.98 -26.82 43.23
C SER B 603 -21.64 -27.32 42.70
N PRO B 604 -21.63 -28.11 41.64
CA PRO B 604 -20.38 -28.73 41.17
C PRO B 604 -19.33 -27.73 40.73
N GLU B 605 -19.71 -26.50 40.41
CA GLU B 605 -18.74 -25.50 39.99
C GLU B 605 -18.09 -24.77 41.14
N VAL B 606 -18.42 -25.11 42.38
CA VAL B 606 -17.77 -24.52 43.54
C VAL B 606 -16.35 -25.06 43.67
N SER B 607 -15.40 -24.17 43.81
CA SER B 607 -13.98 -24.53 43.86
C SER B 607 -13.56 -24.71 45.32
N ILE B 608 -12.98 -25.87 45.61
CA ILE B 608 -12.53 -26.20 46.96
C ILE B 608 -11.03 -26.45 46.90
N ILE B 609 -10.25 -25.60 47.57
CA ILE B 609 -8.81 -25.62 47.50
C ILE B 609 -8.25 -25.72 48.91
N ARG B 610 -7.28 -26.61 49.10
CA ARG B 610 -6.56 -26.70 50.37
C ARG B 610 -5.08 -26.48 50.11
N ASP B 611 -4.52 -25.46 50.74
CA ASP B 611 -3.10 -25.14 50.63
C ASP B 611 -2.42 -25.62 51.91
N ILE B 612 -1.88 -26.84 51.87
CA ILE B 612 -1.29 -27.42 53.06
C ILE B 612 -0.05 -26.66 53.50
N ARG B 613 0.74 -26.19 52.53
CA ARG B 613 1.98 -25.48 52.86
C ARG B 613 1.70 -24.20 53.63
N GLU B 614 0.71 -23.43 53.20
CA GLU B 614 0.39 -22.15 53.82
C GLU B 614 -0.67 -22.25 54.90
N ARG B 615 -1.17 -23.44 55.19
CA ARG B 615 -2.21 -23.65 56.20
C ARG B 615 -3.45 -22.81 55.89
N GLU B 616 -3.95 -22.94 54.67
CA GLU B 616 -5.14 -22.23 54.23
C GLU B 616 -6.10 -23.22 53.60
N PHE B 617 -7.39 -22.87 53.62
CA PHE B 617 -8.44 -23.70 53.04
C PHE B 617 -9.43 -22.75 52.37
N LYS B 618 -9.25 -22.51 51.08
CA LYS B 618 -10.01 -21.51 50.35
C LYS B 618 -11.18 -22.15 49.61
N ILE B 619 -12.28 -21.40 49.50
CA ILE B 619 -13.47 -21.84 48.78
C ILE B 619 -13.92 -20.69 47.88
N PHE B 620 -14.27 -21.01 46.65
CA PHE B 620 -14.69 -20.02 45.66
C PHE B 620 -16.04 -20.42 45.10
N THR B 621 -17.01 -19.52 45.18
CA THR B 621 -18.28 -19.65 44.47
C THR B 621 -18.47 -18.50 43.49
N ASP B 622 -17.38 -17.87 43.07
CA ASP B 622 -17.42 -16.69 42.23
C ASP B 622 -17.92 -17.02 40.84
N VAL B 623 -18.26 -15.98 40.08
CA VAL B 623 -18.72 -16.11 38.70
C VAL B 623 -17.59 -15.72 37.77
N GLY B 624 -17.39 -16.51 36.72
CA GLY B 624 -16.36 -16.23 35.75
C GLY B 624 -15.11 -17.08 35.84
N ARG B 625 -15.16 -18.20 36.55
CA ARG B 625 -14.00 -19.06 36.69
C ARG B 625 -14.04 -20.16 35.64
N VAL B 626 -12.96 -20.32 34.91
CA VAL B 626 -12.89 -21.32 33.85
C VAL B 626 -12.53 -22.67 34.47
N TYR B 627 -13.35 -23.68 34.22
CA TYR B 627 -13.11 -25.02 34.74
C TYR B 627 -13.14 -26.02 33.59
N ARG B 628 -12.88 -27.28 33.93
CA ARG B 628 -12.89 -28.38 32.96
C ARG B 628 -13.12 -29.68 33.71
N PRO B 629 -13.74 -30.67 33.08
CA PRO B 629 -14.03 -31.92 33.77
C PRO B 629 -12.85 -32.86 33.78
N LEU B 630 -12.85 -33.74 34.78
CA LEU B 630 -11.82 -34.77 34.90
C LEU B 630 -12.42 -36.02 35.51
N PHE B 631 -11.83 -37.16 35.19
CA PHE B 631 -12.19 -38.39 35.87
C PHE B 631 -11.70 -38.35 37.32
N ILE B 632 -12.35 -39.15 38.17
CA ILE B 632 -12.01 -39.23 39.58
C ILE B 632 -11.42 -40.59 39.87
N VAL B 633 -10.24 -40.61 40.49
CA VAL B 633 -9.56 -41.84 40.86
C VAL B 633 -9.79 -42.09 42.33
N GLU B 634 -10.20 -43.31 42.67
CA GLU B 634 -10.50 -43.66 44.05
C GLU B 634 -9.20 -43.70 44.85
N ASP B 635 -8.98 -42.69 45.69
CA ASP B 635 -7.72 -42.54 46.40
C ASP B 635 -7.83 -42.87 47.89
N ASP B 636 -8.94 -43.43 48.33
CA ASP B 636 -9.09 -43.82 49.72
C ASP B 636 -8.28 -45.07 50.00
N GLU B 637 -7.39 -45.00 50.99
CA GLU B 637 -6.56 -46.16 51.34
C GLU B 637 -7.41 -47.30 51.85
N SER B 638 -8.44 -47.00 52.64
CA SER B 638 -9.29 -48.03 53.23
C SER B 638 -10.13 -48.77 52.19
N LYS B 639 -10.20 -48.28 50.96
CA LYS B 639 -11.07 -48.88 49.96
C LYS B 639 -10.30 -49.90 49.14
N ASP B 640 -10.99 -50.99 48.78
CA ASP B 640 -10.39 -52.01 47.93
C ASP B 640 -10.11 -51.48 46.53
N ASN B 641 -10.88 -50.49 46.09
CA ASN B 641 -10.75 -49.90 44.76
C ASN B 641 -9.70 -48.82 44.69
N LYS B 642 -8.76 -48.80 45.63
CA LYS B 642 -7.77 -47.73 45.70
C LYS B 642 -6.94 -47.67 44.42
N GLY B 643 -6.74 -46.46 43.91
CA GLY B 643 -5.92 -46.26 42.73
C GLY B 643 -6.55 -46.64 41.43
N GLU B 644 -7.88 -46.70 41.35
CA GLU B 644 -8.59 -47.07 40.14
C GLU B 644 -9.63 -46.01 39.81
N LEU B 645 -9.96 -45.91 38.53
CA LEU B 645 -11.02 -45.02 38.10
C LEU B 645 -12.34 -45.45 38.73
N ARG B 646 -13.12 -44.45 39.16
CA ARG B 646 -14.43 -44.75 39.72
C ARG B 646 -15.41 -45.18 38.65
N ILE B 647 -15.30 -44.61 37.45
CA ILE B 647 -16.23 -44.94 36.37
C ILE B 647 -15.95 -46.35 35.88
N THR B 648 -17.01 -47.13 35.70
CA THR B 648 -16.93 -48.52 35.27
C THR B 648 -17.76 -48.71 34.02
N LYS B 649 -17.71 -49.91 33.44
CA LYS B 649 -18.48 -50.19 32.25
C LYS B 649 -19.97 -50.08 32.49
N GLU B 650 -20.42 -50.22 33.73
CA GLU B 650 -21.83 -50.06 34.02
C GLU B 650 -22.30 -48.65 33.72
N HIS B 651 -21.50 -47.65 34.10
CA HIS B 651 -21.84 -46.27 33.77
C HIS B 651 -21.85 -46.06 32.25
N ILE B 652 -20.90 -46.67 31.55
CA ILE B 652 -20.84 -46.53 30.10
C ILE B 652 -22.10 -47.10 29.45
N ARG B 653 -22.53 -48.28 29.90
CA ARG B 653 -23.72 -48.89 29.31
C ARG B 653 -24.98 -48.11 29.69
N LYS B 654 -25.01 -47.52 30.90
CA LYS B 654 -26.13 -46.66 31.25
C LYS B 654 -26.18 -45.43 30.36
N ILE B 655 -25.01 -44.84 30.07
CA ILE B 655 -24.96 -43.68 29.19
C ILE B 655 -25.44 -44.05 27.80
N GLN B 656 -24.99 -45.20 27.28
CA GLN B 656 -25.41 -45.64 25.95
C GLN B 656 -26.90 -45.90 25.88
N GLN B 657 -27.45 -46.55 26.91
CA GLN B 657 -28.89 -46.80 26.93
C GLN B 657 -29.68 -45.49 27.00
N GLY B 658 -29.25 -44.58 27.85
CA GLY B 658 -29.95 -43.33 28.07
C GLY B 658 -30.81 -43.28 29.31
N TYR B 659 -30.84 -44.35 30.10
CA TYR B 659 -31.63 -44.37 31.32
C TYR B 659 -30.98 -45.31 32.32
N ASP B 660 -31.32 -45.12 33.59
CA ASP B 660 -30.80 -45.97 34.64
C ASP B 660 -31.73 -47.15 34.89
N ASP B 661 -31.17 -48.20 35.49
CA ASP B 661 -31.94 -49.39 35.84
C ASP B 661 -32.33 -49.34 37.31
N ASP B 662 -33.33 -48.50 37.59
CA ASP B 662 -33.87 -48.29 38.93
C ASP B 662 -32.78 -47.91 39.93
N VAL B 675 -33.76 -39.90 32.69
CA VAL B 675 -32.68 -39.74 31.75
C VAL B 675 -31.34 -39.77 32.47
N TYR B 676 -30.40 -40.54 31.94
CA TYR B 676 -29.07 -40.69 32.53
C TYR B 676 -28.06 -40.11 31.55
N GLY B 677 -27.59 -38.89 31.83
CA GLY B 677 -26.68 -38.23 30.92
C GLY B 677 -25.39 -37.77 31.59
N TRP B 678 -24.86 -36.64 31.13
CA TRP B 678 -23.61 -36.13 31.67
C TRP B 678 -23.79 -35.64 33.10
N SER B 679 -24.89 -34.94 33.37
CA SER B 679 -25.12 -34.42 34.71
C SER B 679 -25.25 -35.55 35.71
N SER B 680 -25.83 -36.67 35.30
CA SER B 680 -25.90 -37.83 36.19
C SER B 680 -24.51 -38.35 36.52
N LEU B 681 -23.60 -38.35 35.54
CA LEU B 681 -22.22 -38.73 35.81
C LEU B 681 -21.58 -37.77 36.81
N VAL B 682 -21.81 -36.47 36.64
CA VAL B 682 -21.19 -35.50 37.52
C VAL B 682 -21.71 -35.64 38.95
N THR B 683 -23.02 -35.82 39.11
CA THR B 683 -23.59 -35.89 40.45
C THR B 683 -23.46 -37.26 41.09
N SER B 684 -23.07 -38.29 40.34
CA SER B 684 -22.86 -39.60 40.92
C SER B 684 -21.43 -39.81 41.41
N GLY B 685 -20.59 -38.78 41.33
CA GLY B 685 -19.27 -38.86 41.92
C GLY B 685 -18.23 -39.57 41.08
N VAL B 686 -18.37 -39.59 39.76
CA VAL B 686 -17.36 -40.19 38.91
C VAL B 686 -16.63 -39.16 38.06
N ILE B 687 -17.16 -37.94 37.92
CA ILE B 687 -16.52 -36.86 37.17
C ILE B 687 -16.72 -35.58 37.97
N GLU B 688 -15.72 -34.72 37.98
CA GLU B 688 -15.85 -33.45 38.68
C GLU B 688 -15.09 -32.37 37.92
N TYR B 689 -15.53 -31.12 38.12
CA TYR B 689 -14.90 -29.97 37.49
C TYR B 689 -13.83 -29.38 38.39
N VAL B 690 -12.71 -29.00 37.79
CA VAL B 690 -11.64 -28.30 38.50
C VAL B 690 -11.23 -27.08 37.70
N ASP B 691 -10.90 -26.00 38.40
CA ASP B 691 -10.50 -24.76 37.76
C ASP B 691 -8.98 -24.61 37.84
N GLY B 692 -8.47 -23.45 37.42
CA GLY B 692 -7.04 -23.25 37.36
C GLY B 692 -6.37 -23.15 38.71
N GLU B 693 -7.13 -22.87 39.77
CA GLU B 693 -6.56 -22.76 41.11
C GLU B 693 -6.63 -24.06 41.88
N GLU B 694 -7.65 -24.89 41.64
CA GLU B 694 -7.70 -26.19 42.28
C GLU B 694 -6.73 -27.16 41.65
N GLU B 695 -6.33 -26.93 40.40
CA GLU B 695 -5.37 -27.81 39.74
C GLU B 695 -4.00 -27.76 40.40
N GLU B 696 -3.71 -26.72 41.18
CA GLU B 696 -2.43 -26.65 41.87
C GLU B 696 -2.23 -27.78 42.86
N THR B 697 -3.32 -28.36 43.36
CA THR B 697 -3.26 -29.27 44.49
C THR B 697 -3.67 -30.69 44.14
N ILE B 698 -3.67 -31.05 42.86
CA ILE B 698 -4.10 -32.38 42.44
C ILE B 698 -3.01 -33.01 41.59
N MET B 699 -3.04 -34.33 41.55
CA MET B 699 -2.12 -35.12 40.74
C MET B 699 -2.93 -35.86 39.68
N ILE B 700 -2.70 -35.52 38.42
CA ILE B 700 -3.51 -36.00 37.31
C ILE B 700 -2.72 -37.04 36.53
N ALA B 701 -3.39 -38.08 36.08
CA ALA B 701 -2.82 -39.04 35.16
C ALA B 701 -3.23 -38.67 33.75
N MET B 702 -2.32 -38.86 32.79
CA MET B 702 -2.61 -38.46 31.42
C MET B 702 -3.61 -39.40 30.76
N THR B 703 -3.49 -40.69 31.01
CA THR B 703 -4.35 -41.70 30.40
C THR B 703 -4.67 -42.76 31.46
N PRO B 704 -5.77 -43.48 31.29
CA PRO B 704 -6.06 -44.57 32.24
C PRO B 704 -4.97 -45.62 32.29
N GLU B 705 -4.17 -45.74 31.24
CA GLU B 705 -3.04 -46.65 31.26
C GLU B 705 -1.94 -46.21 32.22
N ASP B 706 -1.89 -44.92 32.55
CA ASP B 706 -0.89 -44.45 33.51
C ASP B 706 -1.22 -44.84 34.94
N LEU B 707 -2.41 -45.37 35.20
CA LEU B 707 -2.82 -45.70 36.56
C LEU B 707 -2.17 -46.98 37.07
N GLN B 708 -1.47 -47.72 36.21
CA GLN B 708 -0.77 -48.92 36.63
C GLN B 708 0.66 -48.89 36.11
N THR B 709 1.55 -49.57 36.83
CA THR B 709 2.96 -49.63 36.46
C THR B 709 3.19 -50.45 35.20
N ASN B 720 10.76 -52.23 22.22
CA ASN B 720 11.90 -51.89 21.38
C ASN B 720 11.46 -51.64 19.93
N ASP B 721 10.50 -50.75 19.76
CA ASP B 721 9.96 -50.40 18.44
C ASP B 721 10.45 -49.02 18.03
N THR B 722 10.88 -48.90 16.77
CA THR B 722 11.44 -47.66 16.26
C THR B 722 10.38 -46.66 15.80
N ALA B 723 9.11 -47.06 15.78
CA ALA B 723 8.03 -46.19 15.29
C ALA B 723 7.17 -45.62 16.40
N LYS B 724 6.86 -46.40 17.43
CA LYS B 724 5.98 -45.91 18.49
C LYS B 724 6.73 -44.93 19.39
N ARG B 725 5.96 -44.03 20.00
CA ARG B 725 6.56 -42.97 20.81
C ARG B 725 6.90 -43.48 22.20
N ILE B 726 7.64 -42.65 22.94
CA ILE B 726 8.22 -43.02 24.23
C ILE B 726 7.50 -42.25 25.32
N LYS B 727 6.97 -42.98 26.30
CA LYS B 727 6.31 -42.38 27.46
C LYS B 727 7.34 -41.94 28.49
N PRO B 728 7.01 -40.93 29.30
CA PRO B 728 7.93 -40.50 30.36
C PRO B 728 8.21 -41.62 31.35
N GLU B 729 9.47 -41.68 31.79
CA GLU B 729 9.86 -42.74 32.73
C GLU B 729 9.32 -42.46 34.13
N MET B 730 9.45 -41.22 34.60
CA MET B 730 8.94 -40.79 35.90
C MET B 730 9.50 -41.66 37.04
N SER B 731 10.83 -41.73 37.08
CA SER B 731 11.54 -42.53 38.07
C SER B 731 11.91 -41.75 39.31
N THR B 732 11.60 -40.45 39.38
CA THR B 732 11.95 -39.66 40.55
C THR B 732 11.11 -40.04 41.75
N SER B 733 9.89 -40.52 41.54
CA SER B 733 8.98 -40.91 42.60
C SER B 733 8.91 -42.43 42.69
N SER B 734 9.14 -42.96 43.90
CA SER B 734 9.05 -44.40 44.09
C SER B 734 7.64 -44.90 43.84
N HIS B 735 6.63 -44.12 44.20
CA HIS B 735 5.24 -44.50 43.99
C HIS B 735 4.42 -43.23 43.77
N HIS B 736 3.28 -43.41 43.11
CA HIS B 736 2.38 -42.30 42.82
C HIS B 736 0.99 -42.60 43.35
N THR B 737 0.31 -41.54 43.79
CA THR B 737 -1.07 -41.60 44.23
C THR B 737 -1.83 -40.55 43.42
N PHE B 738 -2.31 -40.96 42.25
CA PHE B 738 -3.08 -40.06 41.41
C PHE B 738 -4.45 -39.80 42.04
N THR B 739 -4.97 -38.61 41.79
CA THR B 739 -6.31 -38.25 42.24
C THR B 739 -7.30 -38.03 41.11
N HIS B 740 -6.84 -37.76 39.89
CA HIS B 740 -7.72 -37.54 38.76
C HIS B 740 -7.05 -38.11 37.52
N CYS B 741 -7.85 -38.29 36.47
CA CYS B 741 -7.37 -38.76 35.19
C CYS B 741 -7.99 -37.92 34.08
N GLU B 742 -7.19 -37.59 33.07
CA GLU B 742 -7.70 -36.83 31.93
C GLU B 742 -8.67 -37.67 31.12
N ILE B 743 -9.77 -37.05 30.70
CA ILE B 743 -10.76 -37.77 29.91
C ILE B 743 -10.17 -38.16 28.55
N HIS B 744 -9.59 -37.19 27.86
CA HIS B 744 -8.77 -37.48 26.69
C HIS B 744 -7.87 -36.28 26.42
N PRO B 745 -6.57 -36.48 26.28
CA PRO B 745 -5.65 -35.34 26.16
C PRO B 745 -5.89 -34.46 24.95
N SER B 746 -6.54 -34.98 23.91
CA SER B 746 -6.75 -34.21 22.70
C SER B 746 -7.84 -33.17 22.87
N MET B 747 -8.44 -33.11 24.06
CA MET B 747 -9.46 -32.11 24.35
C MET B 747 -8.88 -30.79 24.82
N ILE B 748 -7.55 -30.66 24.86
CA ILE B 748 -6.94 -29.38 25.18
C ILE B 748 -6.92 -28.43 24.00
N LEU B 749 -7.42 -28.85 22.84
CA LEU B 749 -7.44 -28.05 21.64
C LEU B 749 -8.78 -27.36 21.47
N GLY B 750 -8.76 -26.26 20.72
CA GLY B 750 -9.96 -25.48 20.47
C GLY B 750 -10.74 -26.00 19.28
N VAL B 751 -11.67 -25.16 18.81
CA VAL B 751 -12.50 -25.54 17.68
C VAL B 751 -11.69 -25.57 16.39
N ALA B 752 -10.87 -24.54 16.16
CA ALA B 752 -10.15 -24.45 14.90
C ALA B 752 -9.00 -25.44 14.85
N ALA B 753 -8.37 -25.71 15.99
CA ALA B 753 -7.25 -26.64 16.04
C ALA B 753 -7.70 -28.09 16.09
N SER B 754 -8.99 -28.36 16.22
CA SER B 754 -9.48 -29.72 16.20
C SER B 754 -9.68 -30.24 14.79
N ILE B 755 -9.42 -29.42 13.77
CA ILE B 755 -9.52 -29.86 12.39
C ILE B 755 -8.21 -30.47 11.89
N ILE B 756 -7.09 -30.04 12.42
CA ILE B 756 -5.79 -30.52 11.95
C ILE B 756 -5.67 -32.01 12.22
N PRO B 757 -5.30 -32.82 11.23
CA PRO B 757 -5.01 -34.23 11.50
C PRO B 757 -3.56 -34.39 11.94
N PHE B 758 -3.34 -35.21 12.97
CA PHE B 758 -2.02 -35.41 13.55
C PHE B 758 -1.34 -34.08 13.88
N PRO B 759 -1.95 -33.26 14.75
CA PRO B 759 -1.30 -32.00 15.11
C PRO B 759 -0.02 -32.19 15.90
N ASP B 760 0.19 -33.37 16.49
CA ASP B 760 1.40 -33.65 17.25
C ASP B 760 2.57 -34.09 16.39
N HIS B 761 2.40 -34.20 15.07
CA HIS B 761 3.51 -34.45 14.16
C HIS B 761 3.95 -33.19 13.43
N ASN B 762 3.51 -32.02 13.88
CA ASN B 762 3.72 -30.77 13.17
C ASN B 762 4.55 -29.80 14.03
N GLN B 763 5.29 -28.93 13.37
CA GLN B 763 5.87 -27.79 14.05
C GLN B 763 4.75 -26.84 14.47
N SER B 764 4.78 -26.40 15.72
CA SER B 764 3.65 -25.67 16.28
C SER B 764 3.26 -24.40 15.52
N PRO B 765 4.19 -23.57 15.01
CA PRO B 765 3.74 -22.42 14.23
C PRO B 765 2.89 -22.80 13.04
N ARG B 766 3.11 -23.98 12.46
CA ARG B 766 2.25 -24.43 11.38
C ARG B 766 0.84 -24.74 11.88
N ASN B 767 0.72 -25.27 13.10
CA ASN B 767 -0.59 -25.45 13.68
C ASN B 767 -1.30 -24.12 13.89
N THR B 768 -0.56 -23.10 14.34
CA THR B 768 -1.18 -21.79 14.50
C THR B 768 -1.61 -21.20 13.16
N TYR B 769 -0.77 -21.34 12.14
CA TYR B 769 -1.13 -20.82 10.82
C TYR B 769 -2.36 -21.52 10.27
N GLN B 770 -2.47 -22.83 10.48
CA GLN B 770 -3.66 -23.54 10.02
C GLN B 770 -4.90 -23.11 10.81
N SER B 771 -4.74 -22.89 12.12
CA SER B 771 -5.88 -22.38 12.89
C SER B 771 -6.35 -21.06 12.31
N ALA B 772 -5.42 -20.22 11.87
CA ALA B 772 -5.80 -18.95 11.25
C ALA B 772 -6.48 -19.16 9.91
N MET B 773 -5.92 -20.03 9.06
CA MET B 773 -6.41 -20.17 7.69
C MET B 773 -7.66 -21.03 7.58
N GLY B 774 -8.01 -21.80 8.61
CA GLY B 774 -9.22 -22.59 8.55
C GLY B 774 -10.49 -21.78 8.67
N LYS B 775 -10.37 -20.54 9.14
CA LYS B 775 -11.50 -19.62 9.22
C LYS B 775 -11.72 -18.86 7.94
N GLN B 776 -10.89 -19.11 6.92
CA GLN B 776 -11.03 -18.48 5.62
C GLN B 776 -11.34 -19.48 4.52
N ALA B 777 -11.60 -20.73 4.87
CA ALA B 777 -11.89 -21.75 3.88
C ALA B 777 -13.36 -21.71 3.51
N MET B 778 -13.64 -21.69 2.21
CA MET B 778 -15.01 -21.67 1.73
C MET B 778 -15.64 -23.04 1.88
N GLY B 779 -16.84 -23.08 2.45
CA GLY B 779 -17.57 -24.32 2.60
C GLY B 779 -19.05 -24.09 2.45
N VAL B 780 -19.84 -24.60 3.40
CA VAL B 780 -21.27 -24.34 3.46
C VAL B 780 -21.54 -23.85 4.88
N PHE B 781 -21.67 -22.53 5.05
CA PHE B 781 -21.80 -21.99 6.40
C PHE B 781 -23.14 -22.35 7.01
N LEU B 782 -24.20 -22.40 6.22
CA LEU B 782 -25.52 -22.76 6.70
C LEU B 782 -26.28 -23.44 5.59
N THR B 783 -27.30 -24.20 5.96
CA THR B 783 -28.13 -24.87 4.97
C THR B 783 -29.21 -23.97 4.38
N ASN B 784 -29.49 -22.83 5.00
CA ASN B 784 -30.52 -21.92 4.51
C ASN B 784 -29.92 -20.71 3.82
N TYR B 785 -28.81 -20.89 3.11
CA TYR B 785 -28.15 -19.76 2.48
C TYR B 785 -28.98 -19.13 1.37
N ASN B 786 -30.00 -19.85 0.87
CA ASN B 786 -30.83 -19.27 -0.18
C ASN B 786 -31.74 -18.17 0.35
N VAL B 787 -32.26 -18.33 1.57
CA VAL B 787 -33.21 -17.38 2.12
C VAL B 787 -32.54 -16.27 2.91
N ARG B 788 -31.22 -16.26 2.98
CA ARG B 788 -30.49 -15.24 3.70
C ARG B 788 -29.95 -14.19 2.75
N MET B 789 -29.90 -12.96 3.22
CA MET B 789 -29.36 -11.84 2.45
C MET B 789 -28.14 -11.31 3.20
N ASP B 790 -27.00 -11.95 2.99
CA ASP B 790 -25.75 -11.52 3.59
C ASP B 790 -25.00 -10.63 2.62
N THR B 791 -24.12 -9.80 3.16
CA THR B 791 -23.34 -8.91 2.29
C THR B 791 -22.45 -9.72 1.36
N MET B 792 -21.83 -10.78 1.87
CA MET B 792 -21.07 -11.72 1.05
C MET B 792 -21.44 -13.13 1.47
N ALA B 793 -21.28 -14.06 0.53
CA ALA B 793 -21.48 -15.47 0.81
C ALA B 793 -20.73 -16.28 -0.23
N ASN B 794 -19.98 -17.27 0.23
CA ASN B 794 -19.27 -18.18 -0.65
C ASN B 794 -19.69 -19.61 -0.34
N ILE B 795 -20.13 -20.33 -1.36
CA ILE B 795 -20.58 -21.70 -1.22
C ILE B 795 -19.81 -22.55 -2.22
N LEU B 796 -19.23 -23.66 -1.75
CA LEU B 796 -18.48 -24.54 -2.61
C LEU B 796 -19.45 -25.51 -3.29
N TYR B 797 -19.24 -25.77 -4.58
CA TYR B 797 -20.19 -26.60 -5.31
C TYR B 797 -20.29 -28.00 -4.70
N TYR B 798 -19.16 -28.67 -4.54
CA TYR B 798 -19.10 -30.09 -4.20
C TYR B 798 -18.23 -30.29 -2.98
N PRO B 799 -18.73 -29.98 -1.79
CA PRO B 799 -17.96 -30.26 -0.58
C PRO B 799 -17.78 -31.75 -0.39
N GLN B 800 -16.64 -32.13 0.18
CA GLN B 800 -16.36 -33.52 0.50
C GLN B 800 -15.83 -33.58 1.92
N LYS B 801 -16.17 -34.64 2.62
CA LYS B 801 -15.61 -34.81 3.95
C LYS B 801 -14.20 -35.36 3.87
N PRO B 802 -13.34 -35.00 4.82
CA PRO B 802 -11.95 -35.49 4.77
C PRO B 802 -11.86 -36.99 4.94
N LEU B 803 -10.87 -37.58 4.29
CA LEU B 803 -10.62 -39.01 4.45
C LEU B 803 -9.91 -39.30 5.76
N ALA B 804 -8.99 -38.43 6.15
CA ALA B 804 -8.30 -38.53 7.43
C ALA B 804 -8.91 -37.50 8.37
N LYS B 805 -9.81 -37.95 9.22
CA LYS B 805 -10.55 -37.11 10.14
C LYS B 805 -10.08 -37.34 11.57
N THR B 806 -10.56 -36.49 12.47
CA THR B 806 -10.29 -36.62 13.89
C THR B 806 -11.60 -36.86 14.62
N GLN B 807 -11.50 -37.41 15.83
CA GLN B 807 -12.70 -37.72 16.60
C GLN B 807 -13.42 -36.45 17.05
N ALA B 808 -12.70 -35.34 17.19
CA ALA B 808 -13.34 -34.10 17.61
C ALA B 808 -14.16 -33.46 16.50
N MET B 809 -13.98 -33.90 15.25
CA MET B 809 -14.79 -33.37 14.16
C MET B 809 -16.23 -33.81 14.23
N GLU B 810 -16.54 -34.81 15.05
CA GLU B 810 -17.91 -35.29 15.14
C GLU B 810 -18.81 -34.25 15.77
N TYR B 811 -18.31 -33.54 16.77
CA TYR B 811 -19.10 -32.57 17.52
C TYR B 811 -18.99 -31.16 16.93
N LEU B 812 -18.15 -30.96 15.92
CA LEU B 812 -18.08 -29.70 15.19
C LEU B 812 -18.90 -29.74 13.92
N LYS B 813 -19.61 -30.84 13.66
CA LYS B 813 -20.43 -31.02 12.47
C LYS B 813 -19.63 -30.87 11.18
N PHE B 814 -18.31 -31.10 11.23
CA PHE B 814 -17.50 -30.93 10.04
C PHE B 814 -17.82 -31.98 8.98
N ARG B 815 -18.42 -33.10 9.40
CA ARG B 815 -18.82 -34.12 8.44
C ARG B 815 -20.03 -33.69 7.62
N GLU B 816 -20.89 -32.84 8.20
CA GLU B 816 -22.13 -32.43 7.55
C GLU B 816 -22.02 -31.13 6.80
N LEU B 817 -21.10 -30.25 7.18
CA LEU B 817 -20.88 -28.98 6.49
C LEU B 817 -19.38 -28.81 6.26
N PRO B 818 -18.79 -29.64 5.41
CA PRO B 818 -17.34 -29.60 5.22
C PRO B 818 -16.93 -28.43 4.35
N ALA B 819 -15.65 -28.08 4.42
CA ALA B 819 -15.12 -26.88 3.80
C ALA B 819 -13.85 -27.19 3.01
N GLY B 820 -13.91 -28.18 2.14
CA GLY B 820 -12.75 -28.52 1.34
C GLY B 820 -13.08 -29.68 0.43
N GLN B 821 -12.05 -30.15 -0.27
CA GLN B 821 -12.18 -31.28 -1.17
C GLN B 821 -10.91 -32.12 -1.12
N ASN B 822 -11.06 -33.40 -1.44
CA ASN B 822 -9.93 -34.33 -1.47
C ASN B 822 -9.32 -34.31 -2.86
N ALA B 823 -8.15 -33.69 -2.99
CA ALA B 823 -7.45 -33.62 -4.25
C ALA B 823 -6.34 -34.67 -4.28
N ILE B 824 -6.09 -35.23 -5.45
CA ILE B 824 -4.97 -36.15 -5.62
C ILE B 824 -3.71 -35.30 -5.79
N VAL B 825 -2.87 -35.30 -4.77
CA VAL B 825 -1.70 -34.42 -4.71
C VAL B 825 -0.46 -35.24 -5.01
N ALA B 826 0.40 -34.70 -5.87
CA ALA B 826 1.69 -35.29 -6.16
C ALA B 826 2.78 -34.29 -5.80
N ILE B 827 3.76 -34.74 -5.04
CA ILE B 827 4.87 -33.88 -4.62
C ILE B 827 6.00 -34.11 -5.59
N ALA B 828 6.28 -33.11 -6.43
CA ALA B 828 7.30 -33.26 -7.47
C ALA B 828 7.71 -31.90 -7.99
N CYS B 829 8.95 -31.82 -8.45
CA CYS B 829 9.43 -30.69 -9.24
C CYS B 829 9.15 -31.02 -10.70
N TYR B 830 7.95 -30.67 -11.18
CA TYR B 830 7.62 -31.08 -12.53
C TYR B 830 8.23 -30.14 -13.56
N SER B 831 7.76 -28.90 -13.63
CA SER B 831 8.20 -28.01 -14.69
C SER B 831 8.79 -26.71 -14.16
N GLY B 832 8.95 -26.58 -12.86
CA GLY B 832 9.44 -25.36 -12.27
C GLY B 832 8.41 -24.31 -12.02
N TYR B 833 7.13 -24.60 -12.27
CA TYR B 833 6.08 -23.63 -12.06
C TYR B 833 5.46 -23.72 -10.68
N ASN B 834 5.94 -24.60 -9.81
CA ASN B 834 5.40 -24.75 -8.47
C ASN B 834 6.43 -24.42 -7.40
N GLN B 835 7.48 -23.68 -7.76
CA GLN B 835 8.48 -23.29 -6.77
C GLN B 835 7.98 -22.10 -5.96
N GLU B 836 8.60 -21.92 -4.79
CA GLU B 836 8.32 -20.78 -3.91
C GLU B 836 6.84 -20.72 -3.55
N ASP B 837 6.31 -21.85 -3.09
CA ASP B 837 4.95 -22.01 -2.58
C ASP B 837 3.88 -21.95 -3.66
N SER B 838 4.25 -21.97 -4.94
CA SER B 838 3.24 -22.09 -5.97
C SER B 838 2.75 -23.54 -6.06
N MET B 839 1.84 -23.78 -6.98
CA MET B 839 1.38 -25.14 -7.24
C MET B 839 0.82 -25.20 -8.65
N ILE B 840 0.80 -26.41 -9.20
CA ILE B 840 0.27 -26.67 -10.53
C ILE B 840 -1.05 -27.39 -10.36
N MET B 841 -2.09 -26.89 -11.02
CA MET B 841 -3.40 -27.52 -10.95
C MET B 841 -3.78 -28.10 -12.30
N ASN B 842 -4.53 -29.20 -12.27
CA ASN B 842 -4.98 -29.86 -13.48
C ASN B 842 -6.13 -29.07 -14.07
N GLN B 843 -5.99 -28.65 -15.33
CA GLN B 843 -7.04 -27.87 -15.97
C GLN B 843 -8.29 -28.70 -16.20
N SER B 844 -8.11 -29.98 -16.52
CA SER B 844 -9.27 -30.83 -16.77
C SER B 844 -10.06 -31.06 -15.50
N SER B 845 -9.40 -31.15 -14.35
CA SER B 845 -10.11 -31.26 -13.09
C SER B 845 -10.91 -30.00 -12.79
N ILE B 846 -10.33 -28.84 -13.10
CA ILE B 846 -11.04 -27.58 -12.94
C ILE B 846 -12.27 -27.55 -13.84
N ASP B 847 -12.12 -28.05 -15.07
CA ASP B 847 -13.25 -28.11 -16.00
C ASP B 847 -14.35 -29.01 -15.48
N ARG B 848 -14.02 -30.04 -14.73
CA ARG B 848 -15.00 -30.98 -14.21
C ARG B 848 -15.60 -30.54 -12.89
N GLY B 849 -15.23 -29.37 -12.38
CA GLY B 849 -15.85 -28.82 -11.20
C GLY B 849 -15.04 -28.81 -9.94
N LEU B 850 -13.73 -29.06 -10.01
CA LEU B 850 -12.91 -29.08 -8.80
C LEU B 850 -12.75 -27.66 -8.25
N PHE B 851 -13.07 -27.49 -6.98
CA PHE B 851 -12.88 -26.24 -6.24
C PHE B 851 -13.68 -25.08 -6.82
N ARG B 852 -14.65 -25.37 -7.67
CA ARG B 852 -15.55 -24.33 -8.18
C ARG B 852 -16.48 -23.89 -7.06
N SER B 853 -16.82 -22.61 -7.05
CA SER B 853 -17.63 -22.08 -5.96
C SER B 853 -18.63 -21.06 -6.46
N LEU B 854 -19.49 -20.63 -5.55
CA LEU B 854 -20.62 -19.75 -5.82
C LEU B 854 -20.46 -18.51 -4.96
N PHE B 855 -20.74 -17.34 -5.53
CA PHE B 855 -20.53 -16.07 -4.84
C PHE B 855 -21.83 -15.27 -4.84
N PHE B 856 -22.22 -14.78 -3.67
CA PHE B 856 -23.40 -13.96 -3.51
C PHE B 856 -23.02 -12.63 -2.89
N ARG B 857 -23.59 -11.54 -3.41
CA ARG B 857 -23.45 -10.24 -2.79
C ARG B 857 -24.80 -9.54 -2.77
N SER B 858 -25.11 -8.90 -1.66
CA SER B 858 -26.39 -8.22 -1.47
C SER B 858 -26.20 -6.72 -1.39
N TYR B 859 -27.15 -5.99 -1.94
CA TYR B 859 -27.18 -4.53 -1.85
C TYR B 859 -28.45 -4.11 -1.15
N MET B 860 -28.36 -3.07 -0.34
CA MET B 860 -29.49 -2.55 0.42
C MET B 860 -29.74 -1.10 0.05
N ASP B 861 -30.99 -0.70 0.08
CA ASP B 861 -31.36 0.70 -0.08
C ASP B 861 -32.74 0.91 0.49
N GLN B 862 -33.02 2.14 0.91
CA GLN B 862 -34.31 2.46 1.51
C GLN B 862 -34.64 3.91 1.23
N GLU B 863 -35.94 4.21 1.31
CA GLU B 863 -36.42 5.57 1.08
C GLU B 863 -36.32 6.36 2.37
N LYS B 864 -35.55 7.44 2.35
CA LYS B 864 -35.40 8.29 3.51
C LYS B 864 -36.46 9.37 3.53
N ARG B 865 -36.79 9.81 4.74
CA ARG B 865 -37.75 10.89 4.96
C ARG B 865 -37.01 12.10 5.50
N PHE B 866 -37.05 13.20 4.75
CA PHE B 866 -36.36 14.42 5.15
C PHE B 866 -37.27 15.46 5.78
N GLY B 867 -38.57 15.34 5.60
CA GLY B 867 -39.48 16.33 6.14
C GLY B 867 -40.91 15.86 6.11
N ILE B 868 -41.82 16.82 6.16
CA ILE B 868 -43.24 16.49 6.15
C ILE B 868 -43.63 15.82 4.84
N SER B 869 -43.14 16.35 3.72
CA SER B 869 -43.53 15.81 2.41
C SER B 869 -42.33 15.72 1.46
N ILE B 870 -41.12 15.62 2.00
CA ILE B 870 -39.92 15.43 1.21
C ILE B 870 -39.48 13.98 1.42
N VAL B 871 -39.80 13.14 0.44
CA VAL B 871 -39.50 11.71 0.50
C VAL B 871 -38.73 11.30 -0.74
N GLU B 872 -37.93 10.26 -0.62
CA GLU B 872 -37.30 9.66 -1.77
C GLU B 872 -38.23 8.63 -2.39
N GLU B 873 -38.05 8.39 -3.68
CA GLU B 873 -38.93 7.53 -4.44
C GLU B 873 -38.12 6.52 -5.24
N PHE B 874 -38.58 5.27 -5.25
CA PHE B 874 -38.00 4.25 -6.11
C PHE B 874 -38.67 4.36 -7.48
N GLU B 875 -37.90 4.75 -8.48
CA GLU B 875 -38.45 4.95 -9.82
C GLU B 875 -37.32 4.86 -10.82
N LYS B 876 -37.69 4.67 -12.08
CA LYS B 876 -36.71 4.70 -13.16
C LYS B 876 -36.53 6.16 -13.61
N PRO B 877 -35.45 6.82 -13.21
CA PRO B 877 -35.29 8.23 -13.56
C PRO B 877 -35.11 8.43 -15.05
N THR B 878 -35.63 9.54 -15.54
CA THR B 878 -35.55 9.91 -16.94
C THR B 878 -34.51 11.00 -17.14
N ARG B 879 -33.92 11.03 -18.34
CA ARG B 879 -32.89 12.01 -18.64
C ARG B 879 -33.43 13.44 -18.60
N ALA B 880 -34.75 13.61 -18.72
CA ALA B 880 -35.36 14.92 -18.77
C ALA B 880 -35.69 15.48 -17.38
N THR B 881 -36.38 14.72 -16.56
CA THR B 881 -36.88 15.23 -15.28
C THR B 881 -35.88 15.15 -14.15
N THR B 882 -34.73 14.51 -14.35
CA THR B 882 -33.72 14.38 -13.32
C THR B 882 -32.39 14.88 -13.86
N LEU B 883 -31.51 15.28 -12.94
CA LEU B 883 -30.22 15.84 -13.31
C LEU B 883 -29.11 15.12 -12.55
N ARG B 884 -27.92 15.14 -13.16
CA ARG B 884 -26.73 14.47 -12.62
C ARG B 884 -26.97 12.97 -12.47
N LEU B 885 -27.23 12.33 -13.60
CA LEU B 885 -27.42 10.89 -13.63
C LEU B 885 -26.08 10.17 -13.66
N LYS B 886 -26.08 8.93 -13.18
CA LYS B 886 -24.89 8.09 -13.25
C LYS B 886 -24.58 7.74 -14.70
N HIS B 887 -23.31 7.47 -14.96
CA HIS B 887 -22.90 7.18 -16.34
C HIS B 887 -23.28 5.78 -16.78
N GLY B 888 -23.77 4.94 -15.88
CA GLY B 888 -24.20 3.61 -16.25
C GLY B 888 -25.46 3.62 -17.09
N THR B 889 -26.07 2.44 -17.21
CA THR B 889 -27.28 2.29 -18.00
C THR B 889 -28.47 2.01 -17.09
N TYR B 890 -29.58 2.67 -17.37
CA TYR B 890 -30.82 2.49 -16.62
C TYR B 890 -31.81 1.59 -17.32
N GLU B 891 -31.43 0.96 -18.43
CA GLU B 891 -32.39 0.24 -19.24
C GLU B 891 -32.78 -1.10 -18.66
N LYS B 892 -32.10 -1.57 -17.62
CA LYS B 892 -32.43 -2.84 -17.01
C LYS B 892 -33.41 -2.71 -15.86
N LEU B 893 -33.80 -1.49 -15.50
CA LEU B 893 -34.73 -1.28 -14.41
C LEU B 893 -36.17 -1.51 -14.88
N ASP B 894 -37.00 -1.97 -13.96
CA ASP B 894 -38.41 -2.16 -14.23
C ASP B 894 -39.16 -0.86 -14.00
N GLU B 895 -40.50 -0.93 -14.02
CA GLU B 895 -41.30 0.28 -13.83
C GLU B 895 -41.17 0.84 -12.43
N ASP B 896 -40.94 -0.03 -11.44
CA ASP B 896 -40.85 0.40 -10.05
C ASP B 896 -39.43 0.77 -9.64
N GLY B 897 -38.49 0.82 -10.57
CA GLY B 897 -37.13 1.20 -10.25
C GLY B 897 -36.28 0.10 -9.65
N LEU B 898 -36.70 -1.15 -9.75
CA LEU B 898 -35.95 -2.29 -9.25
C LEU B 898 -35.71 -3.27 -10.37
N ILE B 899 -34.48 -3.80 -10.45
CA ILE B 899 -34.16 -4.79 -11.44
C ILE B 899 -34.85 -6.12 -11.10
N ALA B 900 -35.04 -6.95 -12.11
CA ALA B 900 -35.74 -8.20 -11.84
C ALA B 900 -34.76 -9.36 -11.82
N PRO B 901 -35.04 -10.39 -11.02
CA PRO B 901 -34.14 -11.54 -10.95
C PRO B 901 -34.03 -12.26 -12.28
N GLY B 902 -32.87 -12.84 -12.52
CA GLY B 902 -32.58 -13.51 -13.77
C GLY B 902 -31.92 -12.65 -14.82
N VAL B 903 -31.67 -11.37 -14.54
CA VAL B 903 -31.09 -10.45 -15.50
C VAL B 903 -29.59 -10.38 -15.25
N ARG B 904 -28.82 -10.57 -16.31
CA ARG B 904 -27.37 -10.44 -16.21
C ARG B 904 -26.97 -8.98 -16.09
N VAL B 905 -26.12 -8.67 -15.12
CA VAL B 905 -25.67 -7.31 -14.88
C VAL B 905 -24.15 -7.25 -14.98
N SER B 906 -23.65 -6.07 -15.32
CA SER B 906 -22.22 -5.82 -15.42
C SER B 906 -21.86 -4.67 -14.49
N GLY B 907 -20.56 -4.34 -14.45
CA GLY B 907 -20.13 -3.25 -13.60
C GLY B 907 -20.75 -1.94 -14.01
N ASP B 908 -21.03 -1.11 -13.01
CA ASP B 908 -21.58 0.24 -13.12
C ASP B 908 -23.02 0.27 -13.60
N ASP B 909 -23.66 -0.88 -13.83
CA ASP B 909 -25.07 -0.88 -14.15
C ASP B 909 -25.89 -0.47 -12.93
N ILE B 910 -27.06 0.09 -13.18
CA ILE B 910 -27.94 0.57 -12.12
C ILE B 910 -28.91 -0.54 -11.77
N ILE B 911 -28.85 -1.01 -10.52
CA ILE B 911 -29.74 -2.05 -10.05
C ILE B 911 -30.88 -1.51 -9.20
N ILE B 912 -30.73 -0.33 -8.62
CA ILE B 912 -31.80 0.32 -7.85
C ILE B 912 -31.91 1.75 -8.33
N GLY B 913 -33.11 2.15 -8.76
CA GLY B 913 -33.36 3.49 -9.23
C GLY B 913 -34.08 4.30 -8.18
N LYS B 914 -33.43 5.35 -7.70
CA LYS B 914 -33.97 6.20 -6.65
C LYS B 914 -33.71 7.66 -6.99
N THR B 915 -34.69 8.51 -6.70
CA THR B 915 -34.58 9.93 -6.94
C THR B 915 -35.00 10.69 -5.69
N THR B 916 -34.36 11.83 -5.46
CA THR B 916 -34.72 12.70 -4.35
C THR B 916 -35.20 14.05 -4.88
N PRO B 917 -36.27 14.60 -4.31
CA PRO B 917 -36.82 15.85 -4.83
C PRO B 917 -35.89 17.03 -4.62
N ILE B 918 -35.99 17.98 -5.54
CA ILE B 918 -35.18 19.20 -5.50
C ILE B 918 -36.10 20.38 -5.80
N PRO B 919 -35.97 21.50 -5.09
CA PRO B 919 -36.79 22.68 -5.40
C PRO B 919 -36.56 23.14 -6.84
N PRO B 920 -37.62 23.30 -7.62
CA PRO B 920 -37.46 23.63 -9.03
C PRO B 920 -36.87 25.01 -9.24
N ASP B 921 -36.19 25.18 -10.36
CA ASP B 921 -35.55 26.44 -10.71
C ASP B 921 -36.53 27.31 -11.50
N THR B 922 -36.03 28.39 -12.10
CA THR B 922 -36.85 29.24 -12.96
C THR B 922 -37.04 28.66 -14.35
N GLU B 923 -36.73 27.38 -14.54
CA GLU B 923 -36.88 26.75 -15.85
C GLU B 923 -38.32 26.72 -16.32
N GLU B 924 -39.28 26.94 -15.41
CA GLU B 924 -40.69 27.00 -15.76
C GLU B 924 -40.99 28.18 -16.69
N LEU B 925 -39.96 28.99 -16.95
CA LEU B 925 -40.08 30.09 -17.91
C LEU B 925 -40.63 29.62 -19.24
N GLY B 926 -39.93 28.71 -19.91
CA GLY B 926 -40.33 28.26 -21.23
C GLY B 926 -40.10 26.80 -21.49
N GLN B 927 -39.82 26.02 -20.44
CA GLN B 927 -39.67 24.58 -20.58
C GLN B 927 -41.04 23.93 -20.61
N ARG B 928 -41.25 23.03 -21.59
CA ARG B 928 -42.52 22.32 -21.73
C ARG B 928 -42.52 21.10 -20.80
N THR B 929 -42.59 21.40 -19.50
CA THR B 929 -42.66 20.42 -18.41
C THR B 929 -41.34 19.66 -18.29
N LYS B 930 -40.40 19.91 -19.20
CA LYS B 930 -39.11 19.23 -19.20
C LYS B 930 -38.07 19.98 -18.38
N TYR B 931 -38.37 20.19 -17.10
CA TYR B 931 -37.47 20.87 -16.18
C TYR B 931 -37.15 19.95 -15.01
N HIS B 932 -35.90 20.01 -14.55
CA HIS B 932 -35.41 19.06 -13.56
C HIS B 932 -35.96 19.40 -12.17
N THR B 933 -36.75 18.48 -11.62
CA THR B 933 -37.29 18.64 -10.27
C THR B 933 -36.72 17.64 -9.27
N LYS B 934 -36.05 16.60 -9.75
CA LYS B 934 -35.54 15.53 -8.89
C LYS B 934 -34.06 15.31 -9.18
N ARG B 935 -33.34 14.83 -8.17
CA ARG B 935 -31.93 14.49 -8.32
C ARG B 935 -31.73 13.00 -8.15
N ASP B 936 -30.85 12.43 -8.96
CA ASP B 936 -30.63 10.99 -8.95
C ASP B 936 -29.84 10.56 -7.71
N ALA B 937 -30.28 9.47 -7.10
CA ALA B 937 -29.58 8.84 -6.00
C ALA B 937 -29.52 7.32 -6.20
N SER B 938 -29.29 6.89 -7.44
CA SER B 938 -29.37 5.48 -7.78
C SER B 938 -28.17 4.72 -7.24
N THR B 939 -28.34 3.41 -7.10
CA THR B 939 -27.30 2.51 -6.63
C THR B 939 -26.73 1.73 -7.79
N PRO B 940 -25.47 1.96 -8.18
CA PRO B 940 -24.87 1.18 -9.25
C PRO B 940 -24.19 -0.09 -8.72
N LEU B 941 -24.11 -1.07 -9.60
CA LEU B 941 -23.33 -2.26 -9.28
C LEU B 941 -21.85 -1.90 -9.18
N ARG B 942 -21.13 -2.64 -8.36
CA ARG B 942 -19.71 -2.36 -8.17
C ARG B 942 -18.96 -2.51 -9.49
N SER B 943 -17.95 -1.67 -9.68
CA SER B 943 -17.32 -1.55 -11.00
C SER B 943 -16.63 -2.83 -11.42
N THR B 944 -16.05 -3.54 -10.47
CA THR B 944 -15.25 -4.72 -10.79
C THR B 944 -16.05 -6.02 -10.74
N GLU B 945 -17.35 -5.96 -10.47
CA GLU B 945 -18.15 -7.15 -10.27
C GLU B 945 -19.24 -7.25 -11.32
N ASN B 946 -19.63 -8.48 -11.63
CA ASN B 946 -20.73 -8.74 -12.54
C ASN B 946 -21.29 -10.13 -12.23
N GLY B 947 -22.54 -10.34 -12.65
CA GLY B 947 -23.19 -11.60 -12.37
C GLY B 947 -24.63 -11.57 -12.79
N ILE B 948 -25.42 -12.43 -12.17
CA ILE B 948 -26.85 -12.57 -12.44
C ILE B 948 -27.61 -12.09 -11.22
N VAL B 949 -28.67 -11.32 -11.44
CA VAL B 949 -29.52 -10.92 -10.33
C VAL B 949 -30.27 -12.15 -9.84
N ASP B 950 -30.06 -12.50 -8.58
CA ASP B 950 -30.54 -13.77 -8.05
C ASP B 950 -31.89 -13.64 -7.37
N GLN B 951 -32.10 -12.58 -6.59
CA GLN B 951 -33.31 -12.46 -5.80
C GLN B 951 -33.46 -11.02 -5.35
N VAL B 952 -34.65 -10.46 -5.52
CA VAL B 952 -34.94 -9.09 -5.16
C VAL B 952 -36.00 -9.10 -4.07
N LEU B 953 -35.72 -8.39 -2.99
CA LEU B 953 -36.60 -8.37 -1.82
C LEU B 953 -37.13 -6.96 -1.63
N LEU B 954 -38.44 -6.83 -1.46
CA LEU B 954 -39.08 -5.54 -1.27
C LEU B 954 -39.96 -5.61 -0.04
N THR B 955 -39.76 -4.67 0.88
CA THR B 955 -40.50 -4.66 2.13
C THR B 955 -40.47 -3.25 2.71
N THR B 956 -40.98 -3.11 3.93
CA THR B 956 -41.03 -1.82 4.62
C THR B 956 -40.15 -1.88 5.87
N ASN B 957 -39.46 -0.78 6.13
CA ASN B 957 -38.58 -0.70 7.30
C ASN B 957 -39.42 -0.45 8.55
N GLN B 958 -38.76 -0.19 9.67
CA GLN B 958 -39.48 0.08 10.91
C GLN B 958 -40.32 1.35 10.81
N GLU B 959 -39.89 2.30 9.97
CA GLU B 959 -40.56 3.59 9.88
C GLU B 959 -41.70 3.60 8.86
N GLY B 960 -41.95 2.48 8.19
CA GLY B 960 -43.03 2.42 7.22
C GLY B 960 -42.66 2.85 5.82
N LEU B 961 -41.40 3.11 5.55
CA LEU B 961 -40.95 3.47 4.21
C LEU B 961 -40.50 2.22 3.46
N LYS B 962 -40.41 2.35 2.13
CA LYS B 962 -39.99 1.23 1.31
C LYS B 962 -38.53 0.88 1.58
N PHE B 963 -38.18 -0.37 1.30
CA PHE B 963 -36.89 -0.92 1.70
C PHE B 963 -36.61 -2.12 0.83
N VAL B 964 -35.52 -2.11 0.07
CA VAL B 964 -35.26 -3.17 -0.89
C VAL B 964 -33.89 -3.78 -0.62
N LYS B 965 -33.75 -5.05 -1.00
CA LYS B 965 -32.48 -5.75 -0.97
C LYS B 965 -32.34 -6.54 -2.26
N VAL B 966 -31.20 -6.41 -2.93
CA VAL B 966 -30.94 -7.09 -4.19
C VAL B 966 -29.73 -7.99 -4.00
N ARG B 967 -29.88 -9.27 -4.32
CA ARG B 967 -28.80 -10.24 -4.21
C ARG B 967 -28.32 -10.64 -5.59
N MET B 968 -27.01 -10.57 -5.80
CA MET B 968 -26.38 -10.90 -7.07
C MET B 968 -25.57 -12.18 -6.91
N ARG B 969 -25.59 -13.03 -7.93
CA ARG B 969 -24.93 -14.32 -7.88
C ARG B 969 -23.96 -14.47 -9.05
N THR B 970 -22.79 -15.04 -8.78
CA THR B 970 -21.83 -15.36 -9.82
C THR B 970 -21.04 -16.59 -9.40
N THR B 971 -20.39 -17.23 -10.37
CA THR B 971 -19.56 -18.40 -10.13
C THR B 971 -18.10 -18.06 -10.35
N LYS B 972 -17.26 -18.48 -9.41
CA LYS B 972 -15.83 -18.21 -9.45
C LYS B 972 -15.08 -19.51 -9.66
N VAL B 973 -14.40 -19.62 -10.80
CA VAL B 973 -13.66 -20.82 -11.18
C VAL B 973 -12.20 -20.60 -10.81
N PRO B 974 -11.51 -21.61 -10.28
CA PRO B 974 -10.09 -21.43 -9.93
C PRO B 974 -9.26 -21.03 -11.15
N GLN B 975 -8.27 -20.19 -10.90
CA GLN B 975 -7.39 -19.71 -11.95
C GLN B 975 -6.05 -19.34 -11.35
N ILE B 976 -5.12 -18.94 -12.20
CA ILE B 976 -3.78 -18.59 -11.75
C ILE B 976 -3.87 -17.44 -10.76
N GLY B 977 -3.35 -17.67 -9.55
CA GLY B 977 -3.31 -16.68 -8.51
C GLY B 977 -4.23 -16.95 -7.34
N ASP B 978 -5.16 -17.88 -7.47
CA ASP B 978 -6.05 -18.20 -6.36
C ASP B 978 -5.29 -18.96 -5.28
N LYS B 979 -5.66 -18.69 -4.03
CA LYS B 979 -4.94 -19.19 -2.87
C LYS B 979 -5.60 -20.47 -2.36
N PHE B 980 -4.78 -21.49 -2.12
CA PHE B 980 -5.24 -22.77 -1.59
C PHE B 980 -4.35 -23.15 -0.42
N ALA B 981 -4.83 -24.07 0.40
CA ALA B 981 -4.08 -24.46 1.58
C ALA B 981 -4.52 -25.83 2.03
N SER B 982 -3.60 -26.59 2.61
CA SER B 982 -3.92 -27.83 3.26
C SER B 982 -4.16 -27.56 4.75
N ARG B 983 -4.41 -28.60 5.53
CA ARG B 983 -4.72 -28.44 6.94
C ARG B 983 -3.47 -28.37 7.80
N HIS B 984 -2.33 -28.01 7.22
CA HIS B 984 -1.07 -27.98 7.96
C HIS B 984 -0.28 -26.72 7.66
N GLY B 985 -0.95 -25.61 7.37
CA GLY B 985 -0.24 -24.37 7.15
C GLY B 985 0.51 -24.29 5.85
N GLN B 986 0.15 -25.11 4.86
CA GLN B 986 0.86 -25.15 3.59
C GLN B 986 0.07 -24.36 2.53
N LYS B 987 0.05 -23.05 2.69
CA LYS B 987 -0.69 -22.20 1.76
C LYS B 987 0.12 -21.96 0.51
N GLY B 988 -0.58 -21.68 -0.58
CA GLY B 988 0.06 -21.41 -1.85
C GLY B 988 -0.96 -20.93 -2.86
N THR B 989 -0.44 -20.50 -4.01
CA THR B 989 -1.28 -20.01 -5.10
C THR B 989 -1.01 -20.82 -6.35
N ILE B 990 -1.99 -20.85 -7.25
CA ILE B 990 -1.83 -21.59 -8.49
C ILE B 990 -0.85 -20.88 -9.40
N GLY B 991 0.13 -21.62 -9.91
CA GLY B 991 1.15 -21.04 -10.75
C GLY B 991 0.85 -21.20 -12.23
N VAL B 992 0.29 -22.35 -12.61
CA VAL B 992 -0.10 -22.60 -13.98
C VAL B 992 -1.05 -23.78 -13.96
N THR B 993 -1.82 -23.94 -15.02
CA THR B 993 -2.73 -25.07 -15.17
C THR B 993 -2.36 -25.87 -16.41
N TYR B 994 -2.17 -27.17 -16.22
CA TYR B 994 -1.90 -28.10 -17.30
C TYR B 994 -3.13 -28.93 -17.58
N ARG B 995 -3.29 -29.35 -18.83
CA ARG B 995 -4.45 -30.16 -19.18
C ARG B 995 -4.21 -31.61 -18.76
N HIS B 996 -5.18 -32.47 -19.06
CA HIS B 996 -5.09 -33.86 -18.62
C HIS B 996 -3.91 -34.58 -19.24
N GLU B 997 -3.62 -34.30 -20.51
CA GLU B 997 -2.59 -35.05 -21.21
C GLU B 997 -1.19 -34.52 -20.98
N ASP B 998 -1.04 -33.38 -20.31
CA ASP B 998 0.29 -32.85 -20.01
C ASP B 998 0.77 -33.21 -18.61
N MET B 999 -0.11 -33.71 -17.76
CA MET B 999 0.29 -34.06 -16.41
C MET B 999 1.04 -35.40 -16.40
N PRO B 1000 1.91 -35.62 -15.43
CA PRO B 1000 2.48 -36.96 -15.26
C PRO B 1000 1.40 -37.92 -14.80
N PHE B 1001 1.55 -39.18 -15.19
CA PHE B 1001 0.55 -40.19 -14.91
C PHE B 1001 1.23 -41.44 -14.40
N SER B 1002 0.49 -42.22 -13.63
CA SER B 1002 1.00 -43.47 -13.11
C SER B 1002 0.69 -44.59 -14.11
N ALA B 1003 1.11 -45.82 -13.80
CA ALA B 1003 0.91 -46.93 -14.72
C ALA B 1003 -0.57 -47.21 -14.96
N GLU B 1004 -1.42 -46.87 -14.00
CA GLU B 1004 -2.85 -47.13 -14.11
C GLU B 1004 -3.64 -45.90 -14.50
N GLY B 1005 -2.97 -44.86 -15.02
CA GLY B 1005 -3.66 -43.76 -15.66
C GLY B 1005 -4.12 -42.64 -14.75
N ILE B 1006 -3.71 -42.63 -13.49
CA ILE B 1006 -4.14 -41.60 -12.57
C ILE B 1006 -3.26 -40.38 -12.73
N VAL B 1007 -3.86 -39.23 -13.00
CA VAL B 1007 -3.14 -37.96 -13.06
C VAL B 1007 -3.46 -37.18 -11.79
N PRO B 1008 -2.52 -36.41 -11.25
CA PRO B 1008 -2.83 -35.62 -10.06
C PRO B 1008 -3.73 -34.44 -10.38
N ASP B 1009 -4.49 -34.00 -9.39
CA ASP B 1009 -5.20 -32.75 -9.51
C ASP B 1009 -4.33 -31.55 -9.17
N LEU B 1010 -3.17 -31.78 -8.59
CA LEU B 1010 -2.43 -30.72 -7.95
C LEU B 1010 -1.02 -31.18 -7.63
N ILE B 1011 -0.01 -30.40 -8.02
CA ILE B 1011 1.39 -30.74 -7.79
C ILE B 1011 2.03 -29.66 -6.93
N ILE B 1012 2.65 -30.06 -5.83
CA ILE B 1012 3.33 -29.14 -4.94
C ILE B 1012 4.81 -29.48 -4.89
N ASN B 1013 5.62 -28.47 -4.63
CA ASN B 1013 7.06 -28.61 -4.64
C ASN B 1013 7.53 -29.41 -3.42
N PRO B 1014 8.56 -30.25 -3.58
CA PRO B 1014 9.15 -30.91 -2.42
C PRO B 1014 9.77 -29.96 -1.41
N HIS B 1015 10.16 -28.77 -1.84
CA HIS B 1015 10.87 -27.85 -0.96
C HIS B 1015 9.98 -27.27 0.12
N ALA B 1016 8.67 -27.47 0.01
CA ALA B 1016 7.77 -26.98 1.06
C ALA B 1016 7.93 -27.77 2.36
N ILE B 1017 8.40 -29.01 2.29
CA ILE B 1017 8.39 -29.91 3.44
C ILE B 1017 9.59 -29.73 4.36
N PRO B 1018 10.85 -29.84 3.90
CA PRO B 1018 11.95 -30.00 4.86
C PRO B 1018 12.15 -28.83 5.80
N SER B 1019 12.00 -27.60 5.31
CA SER B 1019 12.25 -26.45 6.17
C SER B 1019 11.13 -26.25 7.18
N ARG B 1020 9.89 -26.58 6.80
CA ARG B 1020 8.75 -26.37 7.66
C ARG B 1020 8.40 -27.59 8.50
N MET B 1021 8.90 -28.77 8.14
CA MET B 1021 8.77 -29.98 8.95
C MET B 1021 7.30 -30.30 9.24
N THR B 1022 6.48 -30.30 8.19
CA THR B 1022 5.09 -30.71 8.31
C THR B 1022 4.96 -32.18 7.91
N VAL B 1023 5.46 -33.03 8.80
CA VAL B 1023 5.39 -34.47 8.57
C VAL B 1023 3.94 -34.94 8.58
N ALA B 1024 3.07 -34.23 9.30
CA ALA B 1024 1.67 -34.60 9.34
C ALA B 1024 1.04 -34.56 7.97
N HIS B 1025 1.53 -33.70 7.09
CA HIS B 1025 1.07 -33.67 5.71
C HIS B 1025 1.29 -35.01 5.03
N LEU B 1026 2.50 -35.54 5.14
CA LEU B 1026 2.85 -36.81 4.51
C LEU B 1026 2.09 -37.97 5.15
N ILE B 1027 1.97 -37.95 6.47
CA ILE B 1027 1.24 -39.03 7.15
C ILE B 1027 -0.23 -39.01 6.75
N GLU B 1028 -0.82 -37.83 6.66
CA GLU B 1028 -2.22 -37.72 6.24
C GLU B 1028 -2.39 -38.22 4.81
N CYS B 1029 -1.46 -37.88 3.93
CA CYS B 1029 -1.55 -38.37 2.55
C CYS B 1029 -1.52 -39.89 2.51
N LEU B 1030 -0.60 -40.50 3.26
CA LEU B 1030 -0.50 -41.95 3.29
C LEU B 1030 -1.77 -42.59 3.85
N LEU B 1031 -2.25 -42.08 4.98
CA LEU B 1031 -3.45 -42.64 5.60
C LEU B 1031 -4.67 -42.48 4.71
N SER B 1032 -4.80 -41.34 4.04
CA SER B 1032 -5.90 -41.13 3.12
C SER B 1032 -5.83 -42.09 1.94
N LYS B 1033 -4.62 -42.33 1.43
CA LYS B 1033 -4.47 -43.31 0.35
C LYS B 1033 -4.99 -44.67 0.79
N VAL B 1034 -4.57 -45.12 1.97
CA VAL B 1034 -5.02 -46.42 2.44
C VAL B 1034 -6.52 -46.44 2.64
N GLY B 1035 -7.08 -45.38 3.22
CA GLY B 1035 -8.51 -45.34 3.48
C GLY B 1035 -9.34 -45.35 2.22
N SER B 1036 -8.93 -44.60 1.20
CA SER B 1036 -9.68 -44.58 -0.04
C SER B 1036 -9.54 -45.90 -0.79
N ILE B 1037 -8.39 -46.57 -0.66
CA ILE B 1037 -8.25 -47.89 -1.27
C ILE B 1037 -9.18 -48.89 -0.60
N ARG B 1038 -9.24 -48.88 0.73
CA ARG B 1038 -10.02 -49.88 1.45
C ARG B 1038 -11.44 -49.46 1.76
N GLY B 1039 -11.82 -48.22 1.46
CA GLY B 1039 -13.17 -47.78 1.76
C GLY B 1039 -13.44 -47.45 3.20
N TYR B 1040 -12.45 -46.97 3.93
CA TYR B 1040 -12.61 -46.56 5.32
C TYR B 1040 -12.27 -45.08 5.46
N GLU B 1041 -12.47 -44.56 6.66
CA GLU B 1041 -12.05 -43.20 7.01
C GLU B 1041 -10.97 -43.30 8.07
N GLY B 1042 -9.81 -42.70 7.78
CA GLY B 1042 -8.71 -42.75 8.71
C GLY B 1042 -9.01 -41.98 9.98
N ASP B 1043 -8.43 -42.43 11.09
CA ASP B 1043 -8.61 -41.81 12.39
C ASP B 1043 -7.31 -41.09 12.74
N ALA B 1044 -7.29 -39.78 12.51
CA ALA B 1044 -6.10 -38.96 12.72
C ALA B 1044 -6.15 -38.20 14.04
N THR B 1045 -6.79 -38.76 15.05
CA THR B 1045 -6.83 -38.12 16.36
C THR B 1045 -5.42 -38.08 16.94
N PRO B 1046 -4.99 -36.96 17.52
CA PRO B 1046 -3.66 -36.90 18.12
C PRO B 1046 -3.57 -37.75 19.37
N PHE B 1047 -2.33 -38.08 19.73
CA PHE B 1047 -2.01 -38.79 20.97
C PHE B 1047 -2.67 -40.16 21.01
N THR B 1048 -2.69 -40.84 19.88
CA THR B 1048 -3.17 -42.21 19.79
C THR B 1048 -1.99 -43.15 19.54
N ASP B 1049 -2.30 -44.42 19.36
CA ASP B 1049 -1.28 -45.45 19.14
C ASP B 1049 -0.99 -45.69 17.67
N LEU B 1050 -1.55 -44.90 16.77
CA LEU B 1050 -1.28 -45.08 15.35
C LEU B 1050 0.19 -44.81 15.07
N THR B 1051 0.80 -45.70 14.29
CA THR B 1051 2.18 -45.55 13.87
C THR B 1051 2.26 -45.62 12.36
N VAL B 1052 3.32 -45.05 11.81
CA VAL B 1052 3.49 -45.05 10.36
C VAL B 1052 3.67 -46.47 9.83
N ASP B 1053 4.27 -47.36 10.63
CA ASP B 1053 4.54 -48.71 10.16
C ASP B 1053 3.27 -49.51 9.96
N ALA B 1054 2.26 -49.30 10.80
CA ALA B 1054 0.99 -49.99 10.61
C ALA B 1054 0.33 -49.55 9.31
N VAL B 1055 0.32 -48.24 9.04
CA VAL B 1055 -0.24 -47.74 7.80
C VAL B 1055 0.54 -48.27 6.61
N SER B 1056 1.87 -48.37 6.75
CA SER B 1056 2.68 -48.87 5.66
C SER B 1056 2.40 -50.35 5.39
N ASN B 1057 2.22 -51.15 6.44
CA ASN B 1057 1.88 -52.54 6.24
C ASN B 1057 0.53 -52.67 5.54
N LEU B 1058 -0.45 -51.87 5.95
CA LEU B 1058 -1.75 -51.91 5.28
C LEU B 1058 -1.62 -51.52 3.82
N LEU B 1059 -0.83 -50.50 3.52
CA LEU B 1059 -0.67 -50.07 2.13
C LEU B 1059 0.04 -51.13 1.31
N ARG B 1060 1.03 -51.80 1.89
CA ARG B 1060 1.73 -52.85 1.15
C ARG B 1060 0.82 -54.03 0.87
N ASP B 1061 -0.06 -54.37 1.80
CA ASP B 1061 -0.96 -55.49 1.59
C ASP B 1061 -1.92 -55.27 0.44
N ASN B 1062 -2.14 -54.02 0.02
CA ASN B 1062 -3.05 -53.71 -1.06
C ASN B 1062 -2.37 -53.62 -2.42
N GLY B 1063 -1.09 -53.93 -2.50
CA GLY B 1063 -0.39 -53.92 -3.78
C GLY B 1063 0.30 -52.65 -4.15
N TYR B 1064 0.48 -51.72 -3.21
CA TYR B 1064 1.18 -50.47 -3.45
C TYR B 1064 2.48 -50.45 -2.66
N GLN B 1065 3.38 -49.55 -3.06
CA GLN B 1065 4.60 -49.37 -2.31
C GLN B 1065 4.28 -48.86 -0.91
N SER B 1066 4.94 -49.46 0.10
CA SER B 1066 4.52 -49.23 1.47
C SER B 1066 4.73 -47.79 1.92
N ARG B 1067 5.64 -47.07 1.28
CA ARG B 1067 5.94 -45.69 1.66
C ARG B 1067 5.17 -44.67 0.83
N GLY B 1068 4.35 -45.12 -0.12
CA GLY B 1068 3.52 -44.24 -0.90
C GLY B 1068 4.11 -43.79 -2.23
N PHE B 1069 5.32 -44.20 -2.57
CA PHE B 1069 5.90 -43.80 -3.84
C PHE B 1069 5.23 -44.56 -4.99
N GLU B 1070 5.33 -43.99 -6.19
CA GLU B 1070 4.73 -44.58 -7.37
C GLU B 1070 5.61 -44.28 -8.58
N VAL B 1071 5.79 -45.29 -9.44
CA VAL B 1071 6.49 -45.06 -10.69
C VAL B 1071 5.59 -44.25 -11.61
N MET B 1072 6.10 -43.12 -12.08
CA MET B 1072 5.27 -42.15 -12.78
C MET B 1072 5.93 -41.79 -14.09
N TYR B 1073 5.11 -41.58 -15.11
CA TYR B 1073 5.58 -41.32 -16.47
C TYR B 1073 5.45 -39.85 -16.80
N ASN B 1074 6.24 -39.40 -17.75
CA ASN B 1074 6.23 -38.01 -18.17
C ASN B 1074 5.12 -37.76 -19.17
N GLY B 1075 4.39 -36.67 -18.97
CA GLY B 1075 3.26 -36.38 -19.86
C GLY B 1075 3.69 -36.00 -21.26
N HIS B 1076 4.78 -35.25 -21.38
CA HIS B 1076 5.17 -34.71 -22.68
C HIS B 1076 5.68 -35.80 -23.60
N THR B 1077 6.58 -36.65 -23.11
CA THR B 1077 7.25 -37.64 -23.93
C THR B 1077 6.86 -39.07 -23.65
N GLY B 1078 6.24 -39.34 -22.51
CA GLY B 1078 5.84 -40.69 -22.16
C GLY B 1078 6.91 -41.51 -21.48
N LYS B 1079 8.13 -41.01 -21.39
CA LYS B 1079 9.22 -41.74 -20.77
C LYS B 1079 9.04 -41.75 -19.26
N LYS B 1080 9.53 -42.81 -18.63
CA LYS B 1080 9.48 -42.92 -17.18
C LYS B 1080 10.29 -41.80 -16.55
N LEU B 1081 9.83 -41.32 -15.41
CA LEU B 1081 10.63 -40.42 -14.60
C LEU B 1081 11.65 -41.23 -13.81
N MET B 1082 12.87 -40.70 -13.73
CA MET B 1082 13.93 -41.41 -13.02
C MET B 1082 13.66 -41.48 -11.53
N ALA B 1083 12.93 -40.52 -10.99
CA ALA B 1083 12.61 -40.48 -9.56
C ALA B 1083 11.14 -40.81 -9.38
N GLN B 1084 10.85 -41.70 -8.44
CA GLN B 1084 9.48 -42.03 -8.12
C GLN B 1084 8.84 -40.88 -7.33
N VAL B 1085 7.52 -40.81 -7.41
CA VAL B 1085 6.77 -39.63 -6.97
C VAL B 1085 5.86 -40.03 -5.82
N PHE B 1086 5.94 -39.26 -4.73
CA PHE B 1086 4.98 -39.41 -3.64
C PHE B 1086 3.61 -38.97 -4.13
N PHE B 1087 2.60 -39.79 -3.87
CA PHE B 1087 1.36 -39.70 -4.62
C PHE B 1087 0.20 -40.20 -3.76
N GLY B 1088 -0.84 -39.38 -3.62
CA GLY B 1088 -2.01 -39.77 -2.86
C GLY B 1088 -2.96 -38.62 -2.63
N PRO B 1089 -4.13 -38.90 -2.09
CA PRO B 1089 -5.13 -37.86 -1.86
C PRO B 1089 -4.90 -37.12 -0.55
N THR B 1090 -5.16 -35.82 -0.59
CA THR B 1090 -5.03 -34.96 0.57
C THR B 1090 -6.15 -33.93 0.55
N TYR B 1091 -6.59 -33.52 1.73
CA TYR B 1091 -7.71 -32.61 1.87
C TYR B 1091 -7.21 -31.18 1.75
N TYR B 1092 -7.65 -30.49 0.70
CA TYR B 1092 -7.30 -29.10 0.46
C TYR B 1092 -8.54 -28.23 0.59
N GLN B 1093 -8.31 -26.96 0.92
CA GLN B 1093 -9.41 -26.02 1.10
C GLN B 1093 -9.09 -24.74 0.36
N ARG B 1094 -10.12 -24.13 -0.23
CA ARG B 1094 -9.96 -22.93 -1.03
C ARG B 1094 -10.19 -21.70 -0.17
N LEU B 1095 -9.21 -20.80 -0.14
CA LEU B 1095 -9.28 -19.65 0.72
C LEU B 1095 -9.95 -18.48 0.00
N ARG B 1096 -10.42 -17.51 0.78
CA ARG B 1096 -11.21 -16.41 0.26
C ARG B 1096 -10.42 -15.45 -0.62
N HIS B 1097 -9.10 -15.50 -0.58
CA HIS B 1097 -8.27 -14.52 -1.27
C HIS B 1097 -8.05 -14.96 -2.71
N MET B 1098 -8.74 -14.31 -3.63
CA MET B 1098 -8.62 -14.59 -5.05
C MET B 1098 -8.03 -13.37 -5.75
N VAL B 1099 -7.29 -13.62 -6.82
CA VAL B 1099 -6.53 -12.55 -7.46
C VAL B 1099 -7.48 -11.52 -8.06
N ASP B 1100 -8.62 -11.96 -8.59
CA ASP B 1100 -9.53 -11.03 -9.23
C ASP B 1100 -10.19 -10.08 -8.25
N ASP B 1101 -10.09 -10.34 -6.95
CA ASP B 1101 -10.53 -9.42 -5.93
C ASP B 1101 -9.40 -8.54 -5.41
N LYS B 1102 -8.20 -8.68 -5.95
CA LYS B 1102 -7.06 -7.89 -5.52
C LYS B 1102 -6.40 -7.11 -6.64
N ILE B 1103 -6.57 -7.48 -7.90
CA ILE B 1103 -5.94 -6.77 -8.99
C ILE B 1103 -6.52 -5.37 -9.10
N HIS B 1104 -5.65 -4.37 -9.28
CA HIS B 1104 -6.08 -2.98 -9.31
C HIS B 1104 -5.05 -2.18 -10.09
N ALA B 1105 -5.53 -1.26 -10.92
CA ALA B 1105 -4.67 -0.35 -11.66
C ALA B 1105 -5.35 1.00 -11.74
N ARG B 1106 -4.55 2.05 -11.88
CA ARG B 1106 -5.08 3.40 -11.94
C ARG B 1106 -4.17 4.28 -12.79
N ALA B 1107 -4.76 4.95 -13.78
CA ALA B 1107 -4.06 5.97 -14.54
C ALA B 1107 -4.39 7.36 -14.01
N ARG B 1108 -5.67 7.72 -14.01
CA ARG B 1108 -6.14 8.95 -13.39
C ARG B 1108 -7.57 8.72 -12.94
N GLY B 1109 -8.00 9.52 -11.97
CA GLY B 1109 -9.32 9.34 -11.41
C GLY B 1109 -9.64 10.32 -10.31
N PRO B 1110 -10.56 9.94 -9.43
CA PRO B 1110 -10.99 10.86 -8.37
C PRO B 1110 -9.85 11.19 -7.42
N VAL B 1111 -9.91 12.42 -6.87
CA VAL B 1111 -8.93 12.90 -5.91
C VAL B 1111 -9.67 13.46 -4.71
N GLN B 1112 -8.98 13.52 -3.59
CA GLN B 1112 -9.55 14.07 -2.37
C GLN B 1112 -9.80 15.57 -2.53
N VAL B 1113 -10.81 16.07 -1.83
CA VAL B 1113 -11.14 17.49 -1.97
C VAL B 1113 -10.14 18.35 -1.19
N LEU B 1114 -9.69 17.89 -0.03
CA LEU B 1114 -8.80 18.70 0.79
C LEU B 1114 -7.40 18.78 0.19
N THR B 1115 -6.83 17.65 -0.21
CA THR B 1115 -5.44 17.60 -0.63
C THR B 1115 -5.23 17.42 -2.12
N ARG B 1116 -6.28 17.10 -2.87
CA ARG B 1116 -6.19 16.90 -4.31
C ARG B 1116 -5.19 15.83 -4.68
N GLN B 1117 -5.11 14.79 -3.88
CA GLN B 1117 -4.32 13.60 -4.15
C GLN B 1117 -5.25 12.42 -4.37
N PRO B 1118 -4.77 11.37 -5.04
CA PRO B 1118 -5.65 10.23 -5.33
C PRO B 1118 -6.28 9.67 -4.08
N VAL B 1119 -7.54 9.24 -4.21
CA VAL B 1119 -8.30 8.70 -3.08
C VAL B 1119 -7.70 7.36 -2.67
N GLU B 1120 -8.15 6.84 -1.53
CA GLU B 1120 -7.65 5.59 -1.00
C GLU B 1120 -8.68 4.49 -1.22
N GLY B 1121 -8.23 3.36 -1.74
CA GLY B 1121 -9.10 2.20 -1.88
C GLY B 1121 -9.18 1.67 -3.29
N ARG B 1122 -9.20 0.34 -3.41
CA ARG B 1122 -9.39 -0.27 -4.72
C ARG B 1122 -10.83 -0.12 -5.18
N SER B 1123 -11.78 -0.13 -4.25
CA SER B 1123 -13.19 0.00 -4.60
C SER B 1123 -13.52 1.39 -5.12
N ARG B 1124 -12.75 2.40 -4.69
CA ARG B 1124 -12.99 3.78 -5.08
C ARG B 1124 -12.08 4.24 -6.21
N ASP B 1125 -11.43 3.30 -6.91
CA ASP B 1125 -10.46 3.62 -7.95
C ASP B 1125 -9.34 4.50 -7.41
N GLY B 1126 -8.84 4.15 -6.23
CA GLY B 1126 -7.82 4.96 -5.58
C GLY B 1126 -6.43 4.69 -6.11
N GLY B 1127 -5.47 5.42 -5.55
CA GLY B 1127 -4.08 5.28 -5.94
C GLY B 1127 -3.28 4.52 -4.89
N LEU B 1128 -2.03 4.24 -5.24
CA LEU B 1128 -1.14 3.51 -4.37
C LEU B 1128 -0.19 4.48 -3.68
N ARG B 1129 0.20 4.16 -2.46
CA ARG B 1129 0.98 5.06 -1.64
C ARG B 1129 2.47 4.89 -1.91
N PHE B 1130 3.13 6.00 -2.26
CA PHE B 1130 4.58 6.04 -2.45
C PHE B 1130 5.19 6.59 -1.17
N GLY B 1131 5.27 5.72 -0.16
CA GLY B 1131 5.60 6.14 1.17
C GLY B 1131 7.02 6.63 1.33
N GLU B 1132 7.43 6.76 2.59
CA GLU B 1132 8.74 7.33 2.89
C GLU B 1132 9.86 6.36 2.58
N MET B 1133 9.65 5.07 2.83
CA MET B 1133 10.69 4.09 2.57
C MET B 1133 10.96 3.95 1.08
N GLU B 1134 9.92 4.02 0.25
CA GLU B 1134 10.13 4.04 -1.19
C GLU B 1134 10.88 5.29 -1.62
N ARG B 1135 10.60 6.42 -0.96
CA ARG B 1135 11.33 7.65 -1.24
C ARG B 1135 12.80 7.49 -0.91
N ASP B 1136 13.11 6.81 0.20
CA ASP B 1136 14.49 6.57 0.58
C ASP B 1136 15.18 5.63 -0.41
N CYS B 1137 14.46 4.62 -0.88
CA CYS B 1137 15.04 3.73 -1.89
C CYS B 1137 15.34 4.49 -3.17
N MET B 1138 14.44 5.38 -3.59
CA MET B 1138 14.67 6.17 -4.78
C MET B 1138 15.83 7.14 -4.60
N ILE B 1139 16.01 7.65 -3.38
CA ILE B 1139 17.19 8.48 -3.10
C ILE B 1139 18.46 7.64 -3.21
N ALA B 1140 18.43 6.43 -2.67
CA ALA B 1140 19.60 5.57 -2.74
C ALA B 1140 19.96 5.23 -4.17
N HIS B 1141 18.96 5.02 -5.02
CA HIS B 1141 19.26 4.78 -6.44
C HIS B 1141 19.84 6.02 -7.10
N GLY B 1142 19.55 7.20 -6.58
CA GLY B 1142 20.04 8.44 -7.16
C GLY B 1142 19.18 9.02 -8.24
N ALA B 1143 17.98 8.50 -8.45
CA ALA B 1143 17.09 8.97 -9.51
C ALA B 1143 16.26 10.13 -8.97
N ALA B 1144 16.75 11.35 -9.18
CA ALA B 1144 16.04 12.53 -8.71
C ALA B 1144 14.86 12.87 -9.62
N GLY B 1145 15.02 12.66 -10.93
CA GLY B 1145 13.95 12.97 -11.85
C GLY B 1145 12.72 12.11 -11.65
N PHE B 1146 12.93 10.80 -11.44
CA PHE B 1146 11.80 9.91 -11.19
C PHE B 1146 11.08 10.29 -9.90
N LEU B 1147 11.84 10.65 -8.86
CA LEU B 1147 11.23 11.04 -7.60
C LEU B 1147 10.40 12.31 -7.76
N LYS B 1148 10.95 13.31 -8.46
CA LYS B 1148 10.20 14.54 -8.69
C LYS B 1148 8.94 14.28 -9.49
N GLU B 1149 9.03 13.44 -10.52
CA GLU B 1149 7.86 13.13 -11.33
C GLU B 1149 6.81 12.38 -10.54
N ARG B 1150 7.23 11.41 -9.73
CA ARG B 1150 6.27 10.68 -8.91
C ARG B 1150 5.54 11.61 -7.96
N LEU B 1151 6.27 12.51 -7.30
CA LEU B 1151 5.64 13.32 -6.28
C LEU B 1151 4.98 14.58 -6.82
N MET B 1152 5.19 14.94 -8.09
CA MET B 1152 4.52 16.11 -8.64
C MET B 1152 3.58 15.77 -9.79
N GLU B 1153 4.08 15.18 -10.88
CA GLU B 1153 3.24 14.99 -12.06
C GLU B 1153 2.22 13.88 -11.85
N ALA B 1154 2.65 12.78 -11.23
CA ALA B 1154 1.76 11.66 -10.94
C ALA B 1154 0.95 11.86 -9.67
N SER B 1155 0.84 13.09 -9.20
CA SER B 1155 0.18 13.41 -7.94
C SER B 1155 -0.24 14.88 -7.98
N ASP B 1156 -0.44 15.47 -6.81
CA ASP B 1156 -0.98 16.82 -6.68
C ASP B 1156 0.07 17.86 -7.11
N ALA B 1157 0.04 18.20 -8.39
CA ALA B 1157 0.83 19.33 -8.87
C ALA B 1157 -0.05 20.57 -8.93
N PHE B 1158 0.55 21.71 -8.63
CA PHE B 1158 -0.19 22.96 -8.54
C PHE B 1158 0.70 24.12 -8.91
N ARG B 1159 0.09 25.21 -9.35
CA ARG B 1159 0.80 26.42 -9.75
C ARG B 1159 0.31 27.59 -8.90
N VAL B 1160 1.25 28.31 -8.29
CA VAL B 1160 0.94 29.47 -7.47
C VAL B 1160 1.81 30.63 -7.92
N HIS B 1161 1.41 31.83 -7.50
CA HIS B 1161 2.17 33.04 -7.77
C HIS B 1161 2.63 33.63 -6.45
N VAL B 1162 3.88 34.05 -6.39
CA VAL B 1162 4.46 34.63 -5.18
C VAL B 1162 4.97 36.03 -5.49
N CYS B 1163 4.77 36.94 -4.55
CA CYS B 1163 5.32 38.28 -4.70
C CYS B 1163 6.84 38.24 -4.58
N GLY B 1164 7.51 39.02 -5.44
CA GLY B 1164 8.95 39.05 -5.39
C GLY B 1164 9.53 39.84 -4.24
N ILE B 1165 8.68 40.51 -3.47
CA ILE B 1165 9.11 41.33 -2.34
C ILE B 1165 8.71 40.69 -1.02
N CYS B 1166 7.40 40.57 -0.78
CA CYS B 1166 6.94 40.01 0.49
C CYS B 1166 7.21 38.50 0.55
N GLY B 1167 7.29 37.84 -0.59
CA GLY B 1167 7.56 36.42 -0.60
C GLY B 1167 6.38 35.55 -0.22
N LEU B 1168 5.20 36.12 -0.06
CA LEU B 1168 4.01 35.38 0.32
C LEU B 1168 3.18 35.03 -0.90
N MET B 1169 2.29 34.05 -0.74
CA MET B 1169 1.39 33.64 -1.82
C MET B 1169 0.12 34.46 -1.80
N SER B 1170 0.26 35.77 -1.74
CA SER B 1170 -0.87 36.68 -1.66
C SER B 1170 -1.15 37.40 -2.98
N VAL B 1171 -0.49 36.99 -4.06
CA VAL B 1171 -0.72 37.63 -5.34
C VAL B 1171 -2.12 37.29 -5.84
N ILE B 1172 -2.88 38.31 -6.20
CA ILE B 1172 -4.22 38.13 -6.75
C ILE B 1172 -4.05 38.11 -8.27
N ALA B 1173 -3.90 36.91 -8.81
CA ALA B 1173 -3.58 36.73 -10.22
C ALA B 1173 -4.86 36.46 -11.00
N ASN B 1174 -5.05 37.19 -12.08
CA ASN B 1174 -6.18 36.99 -12.99
C ASN B 1174 -5.60 36.70 -14.37
N LEU B 1175 -5.57 35.42 -14.74
CA LEU B 1175 -4.85 35.01 -15.94
C LEU B 1175 -5.51 35.52 -17.21
N LYS B 1176 -6.85 35.51 -17.26
CA LYS B 1176 -7.54 35.92 -18.48
C LYS B 1176 -7.34 37.41 -18.75
N LYS B 1177 -7.38 38.25 -17.72
CA LYS B 1177 -7.15 39.68 -17.91
C LYS B 1177 -5.67 40.03 -17.96
N ASN B 1178 -4.78 39.08 -17.62
CA ASN B 1178 -3.34 39.29 -17.66
C ASN B 1178 -2.92 40.45 -16.75
N GLN B 1179 -3.32 40.38 -15.49
CA GLN B 1179 -2.88 41.36 -14.50
C GLN B 1179 -2.64 40.66 -13.17
N PHE B 1180 -1.48 40.92 -12.58
CA PHE B 1180 -1.09 40.37 -11.29
C PHE B 1180 -0.83 41.54 -10.34
N GLU B 1181 -1.13 41.33 -9.06
CA GLU B 1181 -1.08 42.44 -8.13
C GLU B 1181 -1.02 41.93 -6.69
N CYS B 1182 -0.03 42.40 -5.94
CA CYS B 1182 0.10 42.10 -4.52
C CYS B 1182 -0.27 43.36 -3.75
N ARG B 1183 -1.40 43.31 -3.04
CA ARG B 1183 -1.93 44.50 -2.39
C ARG B 1183 -1.03 44.97 -1.27
N SER B 1184 -0.46 44.04 -0.49
CA SER B 1184 0.34 44.42 0.66
C SER B 1184 1.57 45.22 0.24
N CYS B 1185 2.25 44.77 -0.81
CA CYS B 1185 3.46 45.45 -1.28
C CYS B 1185 3.18 46.48 -2.36
N LYS B 1186 1.96 46.50 -2.92
CA LYS B 1186 1.56 47.47 -3.93
C LYS B 1186 2.48 47.43 -5.15
N ASN B 1187 2.73 46.22 -5.65
CA ASN B 1187 3.54 46.04 -6.84
C ASN B 1187 2.79 45.21 -7.87
N LYS B 1188 3.15 45.42 -9.14
CA LYS B 1188 2.53 44.73 -10.25
C LYS B 1188 3.52 43.99 -11.13
N THR B 1189 4.82 44.10 -10.86
CA THR B 1189 5.85 43.60 -11.75
C THR B 1189 6.64 42.44 -11.16
N ASN B 1190 7.21 42.61 -9.97
CA ASN B 1190 8.10 41.62 -9.38
C ASN B 1190 7.26 40.47 -8.85
N ILE B 1191 6.78 39.63 -9.77
CA ILE B 1191 5.91 38.52 -9.44
C ILE B 1191 6.35 37.29 -10.23
N TYR B 1192 6.48 36.16 -9.55
CA TYR B 1192 6.90 34.90 -10.17
C TYR B 1192 5.84 33.84 -9.90
N GLN B 1193 5.90 32.77 -10.68
CA GLN B 1193 5.04 31.62 -10.50
C GLN B 1193 5.88 30.39 -10.18
N LEU B 1194 5.31 29.49 -9.39
CA LEU B 1194 6.00 28.29 -8.95
C LEU B 1194 5.14 27.08 -9.22
N HIS B 1195 5.78 25.92 -9.32
CA HIS B 1195 5.09 24.64 -9.38
C HIS B 1195 5.41 23.88 -8.09
N ILE B 1196 4.43 23.79 -7.20
CA ILE B 1196 4.62 23.12 -5.92
C ILE B 1196 3.48 22.14 -5.70
N PRO B 1197 3.70 21.10 -4.89
CA PRO B 1197 2.61 20.19 -4.57
C PRO B 1197 1.48 20.94 -3.88
N TYR B 1198 0.25 20.52 -4.15
CA TYR B 1198 -0.89 21.16 -3.51
C TYR B 1198 -0.84 21.00 -2.00
N ALA B 1199 -0.28 19.89 -1.52
CA ALA B 1199 -0.14 19.72 -0.08
C ALA B 1199 0.81 20.74 0.51
N ALA B 1200 1.83 21.15 -0.23
CA ALA B 1200 2.72 22.19 0.25
C ALA B 1200 2.00 23.53 0.35
N LYS B 1201 1.17 23.86 -0.64
CA LYS B 1201 0.37 25.08 -0.56
C LYS B 1201 -0.56 25.03 0.64
N LEU B 1202 -1.20 23.89 0.86
CA LEU B 1202 -2.09 23.74 2.01
C LEU B 1202 -1.32 23.89 3.32
N LEU B 1203 -0.12 23.32 3.39
CA LEU B 1203 0.68 23.44 4.61
C LEU B 1203 1.06 24.89 4.87
N PHE B 1204 1.47 25.62 3.84
CA PHE B 1204 1.85 27.02 4.04
C PHE B 1204 0.63 27.86 4.44
N GLN B 1205 -0.53 27.57 3.87
CA GLN B 1205 -1.73 28.31 4.26
C GLN B 1205 -2.13 28.00 5.70
N GLU B 1206 -1.99 26.74 6.11
CA GLU B 1206 -2.30 26.40 7.51
C GLU B 1206 -1.29 27.04 8.46
N LEU B 1207 -0.03 27.17 8.03
CA LEU B 1207 0.95 27.89 8.83
C LEU B 1207 0.57 29.36 8.95
N MET B 1208 0.14 29.97 7.86
CA MET B 1208 -0.30 31.36 7.92
C MET B 1208 -1.52 31.53 8.80
N ALA B 1209 -2.37 30.50 8.87
CA ALA B 1209 -3.52 30.54 9.76
C ALA B 1209 -3.10 30.61 11.22
N MET B 1210 -1.88 30.19 11.53
CA MET B 1210 -1.35 30.21 12.90
C MET B 1210 -0.31 31.32 13.10
N ASN B 1211 -0.42 32.40 12.34
CA ASN B 1211 0.42 33.59 12.48
C ASN B 1211 1.88 33.35 12.15
N ILE B 1212 2.20 32.21 11.54
CA ILE B 1212 3.55 31.93 11.06
C ILE B 1212 3.61 32.26 9.59
N ALA B 1213 4.65 32.99 9.17
CA ALA B 1213 4.75 33.44 7.80
C ALA B 1213 5.92 32.77 7.10
N PRO B 1214 5.68 31.72 6.31
CA PRO B 1214 6.75 31.15 5.49
C PRO B 1214 6.86 31.89 4.17
N ARG B 1215 7.98 32.54 3.95
CA ARG B 1215 8.21 33.34 2.76
C ARG B 1215 9.12 32.60 1.80
N LEU B 1216 8.65 32.43 0.57
CA LEU B 1216 9.38 31.70 -0.45
C LEU B 1216 10.07 32.69 -1.38
N TYR B 1217 11.38 32.56 -1.50
CA TYR B 1217 12.18 33.45 -2.32
C TYR B 1217 12.91 32.64 -3.38
N THR B 1218 12.99 33.18 -4.59
CA THR B 1218 13.58 32.48 -5.72
C THR B 1218 15.04 32.85 -5.94
N GLU B 1219 15.64 33.64 -5.05
CA GLU B 1219 17.06 33.97 -5.13
C GLU B 1219 17.67 33.87 -3.75
N ARG B 1220 18.94 33.47 -3.70
CA ARG B 1220 19.66 33.42 -2.44
C ARG B 1220 20.25 34.78 -2.12
N SER B 1221 20.57 34.96 -0.84
CA SER B 1221 21.14 36.21 -0.36
C SER B 1221 22.45 36.06 0.40
N GLY B 1222 22.73 34.89 0.97
CA GLY B 1222 23.96 34.69 1.71
C GLY B 1222 23.79 34.90 3.20
N GLU C 4 5.47 -53.39 -40.30
CA GLU C 4 6.40 -53.51 -39.18
C GLU C 4 5.73 -53.35 -37.81
N PRO C 5 4.89 -52.32 -37.61
CA PRO C 5 4.16 -52.22 -36.35
C PRO C 5 3.20 -53.39 -36.16
N LYS C 6 2.98 -53.78 -34.92
CA LYS C 6 2.09 -54.87 -34.59
C LYS C 6 1.16 -54.47 -33.46
N VAL C 7 -0.04 -55.04 -33.47
CA VAL C 7 -1.03 -54.83 -32.42
C VAL C 7 -1.53 -56.18 -31.93
N ASN C 8 -1.64 -56.33 -30.62
CA ASN C 8 -2.14 -57.56 -30.01
C ASN C 8 -3.12 -57.18 -28.92
N ILE C 9 -4.36 -57.64 -29.05
CA ILE C 9 -5.42 -57.27 -28.12
C ILE C 9 -5.51 -58.32 -27.02
N ILE C 10 -5.55 -57.85 -25.77
CA ILE C 10 -5.63 -58.75 -24.63
C ILE C 10 -7.08 -58.94 -24.19
N ASN C 11 -7.77 -57.86 -23.87
CA ASN C 11 -9.17 -57.88 -23.52
C ASN C 11 -9.92 -56.87 -24.38
N ALA C 12 -11.15 -57.19 -24.75
CA ALA C 12 -11.97 -56.31 -25.58
C ALA C 12 -13.34 -56.19 -24.94
N GLN C 13 -13.85 -54.95 -24.89
CA GLN C 13 -15.20 -54.69 -24.41
C GLN C 13 -15.74 -53.49 -25.17
N ASP C 14 -17.02 -53.18 -24.96
CA ASP C 14 -17.59 -52.01 -25.58
C ASP C 14 -17.01 -50.73 -25.01
N ASP C 15 -16.62 -50.74 -23.73
CA ASP C 15 -16.16 -49.54 -23.06
C ASP C 15 -14.66 -49.49 -22.82
N GLU C 16 -13.96 -50.61 -22.83
CA GLU C 16 -12.52 -50.58 -22.65
C GLU C 16 -11.86 -51.71 -23.43
N VAL C 17 -10.69 -51.41 -23.99
CA VAL C 17 -9.87 -52.38 -24.70
C VAL C 17 -8.47 -52.33 -24.12
N GLU C 18 -7.90 -53.49 -23.86
CA GLU C 18 -6.55 -53.61 -23.33
C GLU C 18 -5.68 -54.27 -24.38
N LEU C 19 -4.72 -53.53 -24.92
CA LEU C 19 -3.96 -53.98 -26.08
C LEU C 19 -2.48 -53.73 -25.84
N MET C 20 -1.66 -54.39 -26.64
CA MET C 20 -0.21 -54.25 -26.57
C MET C 20 0.31 -53.85 -27.94
N LEU C 21 1.00 -52.71 -27.99
CA LEU C 21 1.65 -52.23 -29.19
C LEU C 21 3.10 -52.66 -29.16
N SER C 22 3.64 -52.94 -30.35
CA SER C 22 5.03 -53.35 -30.45
C SER C 22 5.60 -52.87 -31.77
N ASP C 23 6.93 -52.78 -31.82
CA ASP C 23 7.66 -52.33 -33.00
C ASP C 23 7.29 -50.91 -33.40
N VAL C 24 6.99 -50.08 -32.41
CA VAL C 24 6.76 -48.66 -32.62
C VAL C 24 7.63 -47.89 -31.64
N ASN C 25 7.91 -46.64 -31.97
CA ASN C 25 8.67 -45.79 -31.07
C ASN C 25 7.81 -45.39 -29.88
N LEU C 26 8.48 -45.04 -28.78
CA LEU C 26 7.76 -44.57 -27.60
C LEU C 26 7.01 -43.28 -27.91
N SER C 27 7.60 -42.43 -28.75
CA SER C 27 6.96 -41.17 -29.10
C SER C 27 5.63 -41.40 -29.81
N LEU C 28 5.58 -42.37 -30.72
CA LEU C 28 4.34 -42.63 -31.44
C LEU C 28 3.25 -43.10 -30.49
N ALA C 29 3.58 -44.00 -29.57
CA ALA C 29 2.59 -44.47 -28.61
C ALA C 29 2.11 -43.34 -27.71
N ASN C 30 3.02 -42.49 -27.26
CA ASN C 30 2.62 -41.38 -26.41
C ASN C 30 1.77 -40.37 -27.16
N SER C 31 2.11 -40.09 -28.42
CA SER C 31 1.29 -39.18 -29.22
C SER C 31 -0.09 -39.76 -29.44
N LEU C 32 -0.17 -41.07 -29.65
CA LEU C 32 -1.48 -41.70 -29.79
C LEU C 32 -2.28 -41.58 -28.51
N ARG C 33 -1.65 -41.77 -27.36
CA ARG C 33 -2.33 -41.62 -26.07
C ARG C 33 -2.83 -40.20 -25.89
N ARG C 34 -1.98 -39.22 -26.19
CA ARG C 34 -2.38 -37.82 -26.05
C ARG C 34 -3.53 -37.47 -27.00
N THR C 35 -3.47 -37.97 -28.23
CA THR C 35 -4.54 -37.70 -29.19
C THR C 35 -5.86 -38.29 -28.73
N MET C 36 -5.84 -39.53 -28.24
CA MET C 36 -7.07 -40.12 -27.73
C MET C 36 -7.58 -39.35 -26.53
N LEU C 37 -6.69 -38.81 -25.70
CA LEU C 37 -7.15 -38.10 -24.51
C LEU C 37 -7.78 -36.76 -24.87
N ALA C 38 -7.19 -36.02 -25.81
CA ALA C 38 -7.61 -34.62 -25.93
C ALA C 38 -7.81 -34.11 -27.36
N GLU C 39 -7.93 -34.98 -28.36
CA GLU C 39 -8.09 -34.47 -29.71
C GLU C 39 -9.08 -35.25 -30.57
N VAL C 40 -9.84 -36.18 -30.00
CA VAL C 40 -10.87 -36.91 -30.73
C VAL C 40 -12.19 -36.18 -30.56
N PRO C 41 -12.86 -35.76 -31.63
CA PRO C 41 -14.08 -34.97 -31.47
C PRO C 41 -15.24 -35.82 -30.98
N THR C 42 -16.02 -35.24 -30.07
CA THR C 42 -17.24 -35.85 -29.58
C THR C 42 -18.33 -34.80 -29.59
N LEU C 43 -19.48 -35.15 -29.02
CA LEU C 43 -20.65 -34.28 -28.99
C LEU C 43 -21.05 -34.05 -27.54
N ALA C 44 -21.22 -32.79 -27.15
CA ALA C 44 -21.58 -32.47 -25.78
C ALA C 44 -22.44 -31.21 -25.77
N ILE C 45 -23.26 -31.09 -24.72
CA ILE C 45 -24.12 -29.93 -24.58
C ILE C 45 -23.29 -28.68 -24.34
N ASP C 46 -23.53 -27.65 -25.13
CA ASP C 46 -22.73 -26.43 -25.05
C ASP C 46 -23.52 -25.17 -24.80
N LEU C 47 -24.84 -25.18 -24.99
CA LEU C 47 -25.67 -24.03 -24.65
C LEU C 47 -26.91 -24.52 -23.94
N VAL C 48 -27.29 -23.84 -22.88
CA VAL C 48 -28.48 -24.17 -22.11
C VAL C 48 -29.35 -22.92 -22.05
N GLU C 49 -30.59 -23.04 -22.52
CA GLU C 49 -31.57 -21.96 -22.43
C GLU C 49 -32.59 -22.36 -21.38
N ILE C 50 -32.61 -21.64 -20.26
CA ILE C 50 -33.38 -22.03 -19.09
C ILE C 50 -34.68 -21.26 -19.13
N LYS C 51 -35.76 -21.96 -19.49
CA LYS C 51 -37.07 -21.32 -19.57
C LYS C 51 -37.74 -21.25 -18.20
N MET C 52 -37.45 -22.20 -17.31
CA MET C 52 -37.91 -22.12 -15.94
C MET C 52 -37.08 -23.05 -15.08
N ASN C 53 -36.65 -22.56 -13.92
CA ASN C 53 -35.85 -23.36 -12.99
C ASN C 53 -36.20 -22.88 -11.58
N THR C 54 -37.09 -23.61 -10.92
CA THR C 54 -37.46 -23.31 -9.55
C THR C 54 -36.86 -24.30 -8.56
N SER C 55 -35.89 -25.10 -8.99
CA SER C 55 -35.23 -26.03 -8.10
C SER C 55 -34.24 -25.29 -7.20
N VAL C 56 -33.73 -26.01 -6.19
CA VAL C 56 -32.81 -25.40 -5.23
C VAL C 56 -31.41 -25.21 -5.78
N LEU C 57 -31.12 -25.76 -6.96
CA LEU C 57 -29.82 -25.61 -7.58
C LEU C 57 -29.78 -24.35 -8.42
N ALA C 58 -28.61 -23.73 -8.48
CA ALA C 58 -28.43 -22.55 -9.31
C ALA C 58 -28.53 -22.92 -10.78
N ASP C 59 -28.87 -21.92 -11.60
CA ASP C 59 -29.03 -22.16 -13.03
C ASP C 59 -27.73 -22.62 -13.66
N GLU C 60 -26.63 -21.95 -13.33
CA GLU C 60 -25.34 -22.31 -13.89
C GLU C 60 -24.77 -23.58 -13.27
N PHE C 61 -25.19 -23.92 -12.06
CA PHE C 61 -24.88 -25.23 -11.49
C PHE C 61 -25.46 -26.33 -12.38
N ILE C 62 -26.74 -26.23 -12.72
CA ILE C 62 -27.37 -27.24 -13.57
C ILE C 62 -26.79 -27.20 -14.96
N SER C 63 -26.43 -26.01 -15.47
CA SER C 63 -25.82 -25.94 -16.79
C SER C 63 -24.50 -26.68 -16.83
N HIS C 64 -23.66 -26.47 -15.81
CA HIS C 64 -22.39 -27.18 -15.73
C HIS C 64 -22.62 -28.69 -15.64
N ARG C 65 -23.61 -29.11 -14.84
CA ARG C 65 -23.90 -30.54 -14.75
C ARG C 65 -24.35 -31.10 -16.09
N LEU C 66 -25.17 -30.36 -16.83
CA LEU C 66 -25.64 -30.83 -18.12
C LEU C 66 -24.50 -30.97 -19.12
N GLY C 67 -23.59 -30.01 -19.13
CA GLY C 67 -22.50 -30.07 -20.08
C GLY C 67 -21.65 -31.31 -19.95
N LEU C 68 -21.60 -31.90 -18.76
CA LEU C 68 -20.78 -33.06 -18.47
C LEU C 68 -21.46 -34.38 -18.83
N ILE C 69 -22.72 -34.36 -19.24
CA ILE C 69 -23.43 -35.60 -19.55
C ILE C 69 -22.95 -36.11 -20.91
N PRO C 70 -22.47 -37.34 -21.00
CA PRO C 70 -22.01 -37.86 -22.30
C PRO C 70 -23.16 -38.19 -23.23
N LEU C 71 -23.00 -37.81 -24.49
CA LEU C 71 -23.97 -38.06 -25.54
C LEU C 71 -23.36 -38.94 -26.61
N VAL C 72 -24.19 -39.78 -27.24
CA VAL C 72 -23.71 -40.67 -28.28
C VAL C 72 -23.15 -39.85 -29.42
N SER C 73 -21.90 -40.15 -29.80
CA SER C 73 -21.18 -39.38 -30.81
C SER C 73 -20.63 -40.30 -31.88
N GLU C 74 -21.42 -41.28 -32.31
CA GLU C 74 -20.92 -42.26 -33.26
C GLU C 74 -20.67 -41.63 -34.63
N ASP C 75 -21.63 -40.87 -35.14
CA ASP C 75 -21.54 -40.29 -36.48
C ASP C 75 -21.13 -38.82 -36.44
N VAL C 76 -20.26 -38.44 -35.51
CA VAL C 76 -19.89 -37.04 -35.37
C VAL C 76 -18.98 -36.59 -36.50
N GLU C 77 -18.39 -37.53 -37.25
CA GLU C 77 -17.55 -37.13 -38.39
C GLU C 77 -18.37 -36.40 -39.44
N GLU C 78 -19.57 -36.88 -39.74
CA GLU C 78 -20.40 -36.22 -40.74
C GLU C 78 -20.81 -34.83 -40.28
N MET C 79 -20.88 -34.61 -38.98
CA MET C 79 -21.28 -33.33 -38.43
C MET C 79 -20.19 -32.28 -38.64
N LYS C 80 -20.59 -31.02 -38.67
CA LYS C 80 -19.68 -29.91 -38.89
C LYS C 80 -19.48 -29.11 -37.62
N TYR C 81 -18.36 -28.39 -37.57
CA TYR C 81 -18.10 -27.50 -36.45
C TYR C 81 -19.00 -26.28 -36.54
N SER C 82 -19.36 -25.76 -35.36
CA SER C 82 -20.29 -24.63 -35.31
C SER C 82 -19.71 -23.40 -36.00
N ARG C 83 -18.42 -23.14 -35.80
CA ARG C 83 -17.80 -21.96 -36.39
C ARG C 83 -17.56 -22.11 -37.89
N ASP C 84 -17.63 -23.34 -38.41
CA ASP C 84 -17.40 -23.59 -39.83
C ASP C 84 -18.68 -23.76 -40.63
N CYS C 85 -19.84 -23.54 -40.01
CA CYS C 85 -21.13 -23.67 -40.68
C CYS C 85 -21.61 -22.28 -41.09
N THR C 86 -21.84 -22.09 -42.38
CA THR C 86 -22.24 -20.79 -42.91
C THR C 86 -23.68 -20.42 -42.57
N CYS C 87 -24.46 -21.36 -42.03
CA CYS C 87 -25.85 -21.08 -41.72
C CYS C 87 -25.99 -20.00 -40.66
N GLU C 88 -26.96 -19.11 -40.84
CA GLU C 88 -27.30 -18.17 -39.80
C GLU C 88 -27.93 -18.92 -38.63
N ASP C 89 -27.55 -18.54 -37.41
CA ASP C 89 -27.96 -19.26 -36.20
C ASP C 89 -27.47 -20.71 -36.34
N TYR C 90 -28.16 -21.65 -35.69
CA TYR C 90 -27.78 -23.06 -35.75
C TYR C 90 -28.79 -23.83 -36.60
N CYS C 91 -28.26 -24.68 -37.48
CA CYS C 91 -29.07 -25.55 -38.32
C CYS C 91 -29.06 -26.95 -37.75
N ASP C 92 -29.64 -27.88 -38.50
CA ASP C 92 -29.64 -29.28 -38.11
C ASP C 92 -28.33 -29.98 -38.42
N GLU C 93 -27.44 -29.34 -39.19
CA GLU C 93 -26.20 -29.96 -39.62
C GLU C 93 -25.00 -29.59 -38.75
N CYS C 94 -25.19 -28.73 -37.75
CA CYS C 94 -24.12 -28.33 -36.87
C CYS C 94 -24.51 -28.29 -35.41
N SER C 95 -25.69 -28.77 -35.05
CA SER C 95 -26.14 -28.74 -33.66
C SER C 95 -27.23 -29.79 -33.48
N VAL C 96 -27.36 -30.25 -32.25
CA VAL C 96 -28.43 -31.17 -31.86
C VAL C 96 -29.17 -30.54 -30.68
N VAL C 97 -30.49 -30.49 -30.78
CA VAL C 97 -31.31 -29.83 -29.77
C VAL C 97 -31.96 -30.90 -28.90
N LEU C 98 -31.70 -30.84 -27.60
CA LEU C 98 -32.34 -31.69 -26.62
C LEU C 98 -33.19 -30.83 -25.70
N GLU C 99 -34.25 -31.42 -25.17
CA GLU C 99 -35.16 -30.69 -24.30
C GLU C 99 -35.44 -31.52 -23.06
N LEU C 100 -35.49 -30.87 -21.91
CA LEU C 100 -35.78 -31.52 -20.64
C LEU C 100 -36.92 -30.79 -19.96
N SER C 101 -37.85 -31.56 -19.39
CA SER C 101 -38.99 -31.00 -18.68
C SER C 101 -39.31 -31.92 -17.53
N ALA C 102 -39.15 -31.43 -16.31
CA ALA C 102 -39.34 -32.23 -15.12
C ALA C 102 -40.23 -31.48 -14.14
N ARG C 103 -41.07 -32.22 -13.44
CA ARG C 103 -42.02 -31.62 -12.50
C ARG C 103 -42.42 -32.67 -11.49
N HIS C 104 -42.73 -32.22 -10.27
CA HIS C 104 -43.18 -33.09 -9.21
C HIS C 104 -44.63 -32.82 -8.91
N GLU C 105 -45.44 -33.88 -8.91
CA GLU C 105 -46.87 -33.79 -8.66
C GLU C 105 -47.20 -34.38 -7.30
N GLY C 106 -48.17 -33.79 -6.64
CA GLY C 106 -48.45 -34.18 -5.27
C GLY C 106 -47.71 -33.33 -4.27
N GLU C 107 -48.20 -33.33 -3.03
CA GLU C 107 -47.65 -32.51 -1.98
C GLU C 107 -46.68 -33.25 -1.07
N GLU C 108 -46.28 -34.46 -1.44
CA GLU C 108 -45.33 -35.22 -0.64
C GLU C 108 -44.39 -35.98 -1.58
N GLY C 109 -43.21 -36.29 -1.05
CA GLY C 109 -42.21 -37.03 -1.80
C GLY C 109 -41.24 -36.13 -2.55
N THR C 110 -40.22 -36.77 -3.11
CA THR C 110 -39.17 -36.09 -3.85
C THR C 110 -39.01 -36.78 -5.20
N THR C 111 -38.89 -36.00 -6.27
CA THR C 111 -38.72 -36.51 -7.62
C THR C 111 -37.28 -36.34 -8.05
N ASP C 112 -36.71 -37.41 -8.61
CA ASP C 112 -35.34 -37.35 -9.14
C ASP C 112 -35.39 -37.10 -10.64
N VAL C 113 -34.56 -36.20 -11.11
CA VAL C 113 -34.45 -35.86 -12.52
C VAL C 113 -33.21 -36.55 -13.06
N TYR C 114 -33.39 -37.49 -13.98
CA TYR C 114 -32.30 -38.26 -14.54
C TYR C 114 -32.04 -37.82 -15.97
N SER C 115 -30.89 -38.26 -16.49
CA SER C 115 -30.53 -37.91 -17.86
C SER C 115 -31.37 -38.65 -18.88
N SER C 116 -32.12 -39.68 -18.47
CA SER C 116 -33.05 -40.33 -19.38
C SER C 116 -34.16 -39.39 -19.82
N SER C 117 -34.45 -38.36 -19.03
CA SER C 117 -35.50 -37.41 -19.37
C SER C 117 -35.11 -36.46 -20.49
N LEU C 118 -33.84 -36.44 -20.88
CA LEU C 118 -33.40 -35.60 -22.00
C LEU C 118 -33.91 -36.20 -23.30
N ILE C 119 -34.75 -35.45 -24.02
CA ILE C 119 -35.41 -35.93 -25.22
C ILE C 119 -34.84 -35.20 -26.42
N LYS C 120 -34.38 -35.96 -27.41
CA LYS C 120 -33.83 -35.37 -28.61
C LYS C 120 -34.95 -34.83 -29.48
N VAL C 121 -34.89 -33.54 -29.79
CA VAL C 121 -35.93 -32.87 -30.55
C VAL C 121 -35.56 -32.72 -32.02
N SER C 122 -34.35 -32.25 -32.29
CA SER C 122 -33.91 -32.06 -33.66
C SER C 122 -32.42 -32.37 -33.78
N GLY C 123 -32.01 -32.74 -34.98
CA GLY C 123 -30.64 -33.07 -35.24
C GLY C 123 -30.42 -33.43 -36.69
N PRO C 124 -29.20 -33.81 -37.05
CA PRO C 124 -28.92 -34.19 -38.44
C PRO C 124 -29.73 -35.41 -38.84
N GLY C 125 -30.13 -35.43 -40.11
CA GLY C 125 -30.96 -36.51 -40.63
C GLY C 125 -30.25 -37.84 -40.68
N ASN C 126 -30.83 -38.85 -40.02
CA ASN C 126 -30.40 -40.24 -40.05
C ASN C 126 -29.02 -40.45 -39.44
N LEU C 127 -28.46 -39.46 -38.77
CA LEU C 127 -27.19 -39.61 -38.08
C LEU C 127 -27.43 -40.07 -36.66
N ASN C 128 -26.69 -41.10 -36.23
CA ASN C 128 -26.83 -41.64 -34.88
C ASN C 128 -25.99 -40.82 -33.91
N VAL C 129 -26.49 -39.62 -33.62
CA VAL C 129 -25.84 -38.72 -32.68
C VAL C 129 -26.90 -38.08 -31.80
N GLY C 130 -26.48 -37.62 -30.62
CA GLY C 130 -27.28 -36.76 -29.79
C GLY C 130 -27.93 -37.43 -28.60
N GLU C 131 -28.30 -38.69 -28.73
CA GLU C 131 -28.99 -39.37 -27.64
C GLU C 131 -28.05 -39.53 -26.44
N PRO C 132 -28.48 -39.20 -25.23
CA PRO C 132 -27.62 -39.44 -24.07
C PRO C 132 -27.32 -40.92 -23.90
N VAL C 133 -26.09 -41.20 -23.48
CA VAL C 133 -25.62 -42.58 -23.38
C VAL C 133 -26.33 -43.28 -22.23
N ARG C 134 -26.81 -44.48 -22.48
CA ARG C 134 -27.44 -45.30 -21.46
C ARG C 134 -26.74 -46.65 -21.39
N ARG C 135 -26.45 -47.10 -20.17
CA ARG C 135 -25.80 -48.40 -20.01
C ARG C 135 -26.68 -49.53 -20.53
N ASP C 136 -27.95 -49.54 -20.14
CA ASP C 136 -28.91 -50.52 -20.62
C ASP C 136 -30.19 -49.84 -21.07
N ASP C 137 -31.22 -50.62 -21.37
CA ASP C 137 -32.53 -50.05 -21.67
C ASP C 137 -33.27 -49.62 -20.41
N TYR C 138 -32.90 -50.16 -19.25
CA TYR C 138 -33.54 -49.82 -17.99
C TYR C 138 -32.64 -48.97 -17.09
N ASP C 139 -31.52 -48.48 -17.60
CA ASP C 139 -30.64 -47.61 -16.82
C ASP C 139 -31.21 -46.20 -16.82
N GLN C 140 -31.44 -45.66 -15.62
CA GLN C 140 -32.03 -44.33 -15.54
C GLN C 140 -31.02 -43.25 -15.94
N GLY C 141 -29.74 -43.49 -15.72
CA GLY C 141 -28.71 -42.56 -16.14
C GLY C 141 -28.17 -41.71 -15.03
N ILE C 142 -27.59 -40.58 -15.43
CA ILE C 142 -26.95 -39.67 -14.50
C ILE C 142 -28.00 -38.86 -13.75
N LEU C 143 -27.85 -38.77 -12.43
CA LEU C 143 -28.75 -37.96 -11.62
C LEU C 143 -28.45 -36.48 -11.86
N LEU C 144 -29.44 -35.74 -12.31
CA LEU C 144 -29.27 -34.34 -12.66
C LEU C 144 -29.71 -33.38 -11.57
N CYS C 145 -30.83 -33.66 -10.90
CA CYS C 145 -31.40 -32.75 -9.93
C CYS C 145 -32.42 -33.51 -9.10
N LYS C 146 -32.97 -32.83 -8.09
CA LYS C 146 -34.06 -33.35 -7.30
C LYS C 146 -35.10 -32.25 -7.12
N LEU C 147 -36.36 -32.66 -7.05
CA LEU C 147 -37.45 -31.71 -6.97
C LEU C 147 -38.43 -32.15 -5.89
N ARG C 148 -39.06 -31.17 -5.26
CA ARG C 148 -40.18 -31.41 -4.37
C ARG C 148 -41.40 -30.70 -4.96
N ASN C 149 -42.49 -30.67 -4.19
CA ASN C 149 -43.76 -30.18 -4.70
C ASN C 149 -43.64 -28.76 -5.22
N HIS C 150 -44.24 -28.51 -6.39
CA HIS C 150 -44.34 -27.19 -7.01
C HIS C 150 -42.99 -26.66 -7.49
N GLN C 151 -42.00 -27.54 -7.66
CA GLN C 151 -40.72 -27.15 -8.25
C GLN C 151 -40.62 -27.78 -9.63
N GLU C 152 -40.28 -26.97 -10.63
CA GLU C 152 -40.26 -27.42 -12.01
C GLU C 152 -38.98 -26.98 -12.68
N LEU C 153 -38.49 -27.83 -13.58
CA LEU C 153 -37.30 -27.58 -14.37
C LEU C 153 -37.65 -27.75 -15.84
N ASN C 154 -37.46 -26.70 -16.62
CA ASN C 154 -37.85 -26.69 -18.04
C ASN C 154 -36.76 -25.97 -18.81
N ILE C 155 -35.96 -26.72 -19.57
CA ILE C 155 -34.77 -26.21 -20.23
C ILE C 155 -34.71 -26.76 -21.64
N ARG C 156 -33.93 -26.08 -22.48
CA ARG C 156 -33.67 -26.52 -23.85
C ARG C 156 -32.18 -26.41 -24.10
N CYS C 157 -31.55 -27.55 -24.40
CA CYS C 157 -30.11 -27.64 -24.52
C CYS C 157 -29.69 -27.90 -25.96
N ILE C 158 -28.55 -27.34 -26.34
CA ILE C 158 -28.01 -27.47 -27.69
C ILE C 158 -26.63 -28.11 -27.60
N ALA C 159 -26.41 -29.18 -28.35
CA ALA C 159 -25.18 -29.93 -28.32
C ALA C 159 -24.36 -29.62 -29.57
N LYS C 160 -23.06 -29.40 -29.38
CA LYS C 160 -22.17 -29.06 -30.48
C LYS C 160 -20.97 -30.02 -30.47
N LYS C 161 -20.21 -29.98 -31.55
CA LYS C 161 -19.05 -30.84 -31.72
C LYS C 161 -17.79 -30.09 -31.31
N GLY C 162 -16.93 -30.76 -30.54
CA GLY C 162 -15.70 -30.13 -30.09
C GLY C 162 -14.71 -31.16 -29.60
N ILE C 163 -13.56 -30.68 -29.14
CA ILE C 163 -12.49 -31.54 -28.67
C ILE C 163 -12.18 -31.18 -27.22
N ALA C 164 -11.46 -32.09 -26.56
CA ALA C 164 -11.19 -31.93 -25.14
C ALA C 164 -10.14 -30.86 -24.85
N LYS C 165 -9.46 -30.35 -25.87
CA LYS C 165 -8.59 -29.21 -25.66
C LYS C 165 -9.38 -27.99 -25.20
N GLU C 166 -10.55 -27.79 -25.80
CA GLU C 166 -11.37 -26.63 -25.48
C GLU C 166 -12.01 -26.76 -24.10
N HIS C 167 -12.53 -27.94 -23.78
CA HIS C 167 -13.14 -28.18 -22.48
C HIS C 167 -13.16 -29.68 -22.25
N ALA C 168 -12.99 -30.08 -20.99
CA ALA C 168 -12.86 -31.49 -20.66
C ALA C 168 -14.14 -32.28 -20.89
N LYS C 169 -15.27 -31.62 -21.13
CA LYS C 169 -16.52 -32.32 -21.33
C LYS C 169 -16.58 -33.03 -22.67
N TRP C 170 -15.71 -32.69 -23.60
CA TRP C 170 -15.68 -33.34 -24.91
C TRP C 170 -14.69 -34.49 -24.98
N SER C 171 -14.12 -34.89 -23.86
CA SER C 171 -13.14 -35.97 -23.87
C SER C 171 -13.85 -37.31 -23.93
N PRO C 172 -13.52 -38.17 -24.88
CA PRO C 172 -14.20 -39.47 -24.96
C PRO C 172 -13.66 -40.49 -23.98
N CYS C 173 -12.38 -40.36 -23.64
CA CYS C 173 -11.71 -41.29 -22.74
C CYS C 173 -11.79 -40.79 -21.30
N SER C 174 -11.74 -41.74 -20.36
CA SER C 174 -11.63 -41.37 -18.95
C SER C 174 -10.17 -41.39 -18.50
N ALA C 175 -9.54 -42.56 -18.51
CA ALA C 175 -8.15 -42.66 -18.10
C ALA C 175 -7.47 -43.72 -18.95
N ILE C 176 -6.36 -43.36 -19.55
CA ILE C 176 -5.61 -44.27 -20.42
C ILE C 176 -4.41 -44.76 -19.64
N ALA C 177 -4.50 -45.99 -19.13
CA ALA C 177 -3.34 -46.62 -18.52
C ALA C 177 -2.28 -46.87 -19.58
N PHE C 178 -1.03 -46.56 -19.25
CA PHE C 178 0.06 -46.66 -20.20
C PHE C 178 1.27 -47.19 -19.45
N GLU C 179 2.01 -48.11 -20.06
CA GLU C 179 3.04 -48.82 -19.33
C GLU C 179 3.97 -49.51 -20.32
N TYR C 180 5.25 -49.56 -19.97
CA TYR C 180 6.22 -50.30 -20.75
C TYR C 180 7.37 -50.73 -19.85
N ASP C 181 8.08 -51.77 -20.30
CA ASP C 181 9.25 -52.29 -19.61
C ASP C 181 8.97 -52.62 -18.16
N PRO C 182 8.16 -53.65 -17.88
CA PRO C 182 7.83 -53.95 -16.48
C PRO C 182 9.02 -54.31 -15.61
N HIS C 183 10.06 -54.92 -16.17
CA HIS C 183 11.17 -55.42 -15.39
C HIS C 183 12.36 -54.46 -15.34
N ASN C 184 12.23 -53.28 -15.92
CA ASN C 184 13.25 -52.24 -15.83
C ASN C 184 14.59 -52.70 -16.39
N LYS C 185 14.56 -53.35 -17.55
CA LYS C 185 15.81 -53.74 -18.20
C LYS C 185 16.51 -52.54 -18.81
N LEU C 186 15.76 -51.52 -19.20
CA LEU C 186 16.35 -50.33 -19.81
C LEU C 186 16.91 -49.37 -18.78
N LYS C 187 16.66 -49.62 -17.50
CA LYS C 187 17.09 -48.73 -16.42
C LYS C 187 16.62 -47.30 -16.65
N HIS C 188 15.36 -47.16 -17.06
CA HIS C 188 14.78 -45.83 -17.24
C HIS C 188 14.35 -45.22 -15.93
N THR C 189 14.24 -46.01 -14.86
CA THR C 189 13.91 -45.49 -13.55
C THR C 189 14.86 -46.11 -12.53
N ASP C 190 15.13 -45.36 -11.47
CA ASP C 190 16.01 -45.79 -10.39
C ASP C 190 15.17 -45.92 -9.13
N PHE C 191 15.22 -47.10 -8.51
CA PHE C 191 14.22 -47.48 -7.51
C PHE C 191 14.67 -47.06 -6.11
N TRP C 192 13.90 -46.17 -5.50
CA TRP C 192 14.10 -45.80 -4.10
C TRP C 192 13.86 -47.00 -3.21
N PHE C 193 14.68 -47.14 -2.17
CA PHE C 193 14.55 -48.28 -1.28
C PHE C 193 15.15 -47.95 0.07
N GLU C 194 14.82 -48.78 1.05
CA GLU C 194 15.39 -48.71 2.39
C GLU C 194 16.38 -49.83 2.68
N VAL C 195 16.01 -51.07 2.34
CA VAL C 195 16.87 -52.21 2.59
C VAL C 195 17.20 -52.89 1.26
N ASP C 196 16.18 -53.38 0.57
CA ASP C 196 16.35 -54.04 -0.72
C ASP C 196 15.28 -53.52 -1.67
N ALA C 197 15.71 -53.10 -2.87
CA ALA C 197 14.77 -52.50 -3.81
C ALA C 197 13.92 -53.54 -4.51
N LYS C 198 14.35 -54.80 -4.52
CA LYS C 198 13.62 -55.82 -5.26
C LYS C 198 12.35 -56.24 -4.53
N LYS C 199 12.43 -56.42 -3.22
CA LYS C 199 11.30 -56.92 -2.45
C LYS C 199 10.45 -55.80 -1.85
N GLU C 200 10.83 -54.54 -2.03
CA GLU C 200 10.06 -53.43 -1.50
C GLU C 200 9.12 -52.82 -2.55
N TRP C 201 9.22 -53.25 -3.80
CA TRP C 201 8.43 -52.67 -4.88
C TRP C 201 7.48 -53.71 -5.45
N PRO C 202 6.19 -53.42 -5.56
CA PRO C 202 5.26 -54.40 -6.11
C PRO C 202 5.55 -54.70 -7.56
N ASP C 203 5.28 -55.94 -7.97
CA ASP C 203 5.45 -56.32 -9.35
C ASP C 203 4.41 -55.65 -10.23
N SER C 204 4.79 -55.33 -11.46
CA SER C 204 3.84 -54.77 -12.40
C SER C 204 2.84 -55.86 -12.82
N LYS C 205 1.65 -55.40 -13.22
CA LYS C 205 0.62 -56.34 -13.63
C LYS C 205 0.94 -57.07 -14.93
N TYR C 206 1.94 -56.61 -15.68
CA TYR C 206 2.39 -57.26 -16.90
C TYR C 206 3.77 -57.91 -16.71
N ALA C 207 4.18 -58.15 -15.47
CA ALA C 207 5.51 -58.68 -15.23
C ALA C 207 5.66 -60.08 -15.80
N THR C 208 4.58 -60.84 -15.89
CA THR C 208 4.64 -62.19 -16.42
C THR C 208 4.72 -62.22 -17.94
N TRP C 209 4.50 -61.09 -18.60
CA TRP C 209 4.54 -61.05 -20.05
C TRP C 209 5.95 -60.91 -20.60
N GLU C 210 6.94 -60.67 -19.75
CA GLU C 210 8.32 -60.50 -20.18
C GLU C 210 9.23 -61.31 -19.27
N GLU C 211 10.27 -61.89 -19.85
CA GLU C 211 11.18 -62.73 -19.08
C GLU C 211 12.03 -61.87 -18.16
N PRO C 212 12.10 -62.17 -16.87
CA PRO C 212 12.94 -61.37 -15.98
C PRO C 212 14.39 -61.52 -16.36
N PRO C 213 15.20 -60.48 -16.11
CA PRO C 213 16.61 -60.55 -16.50
C PRO C 213 17.37 -61.62 -15.72
N LYS C 214 18.32 -62.24 -16.40
CA LYS C 214 19.12 -63.28 -15.79
C LYS C 214 20.07 -62.69 -14.75
N PRO C 215 20.40 -63.45 -13.70
CA PRO C 215 21.31 -62.91 -12.68
C PRO C 215 22.66 -62.51 -13.22
N GLY C 216 23.21 -63.26 -14.17
CA GLY C 216 24.50 -62.95 -14.75
C GLY C 216 24.47 -62.04 -15.95
N GLU C 217 23.28 -61.55 -16.33
CA GLU C 217 23.15 -60.71 -17.51
C GLU C 217 23.81 -59.35 -17.28
N VAL C 218 24.47 -58.85 -18.31
CA VAL C 218 25.04 -57.50 -18.29
C VAL C 218 24.02 -56.52 -18.83
N PHE C 219 24.25 -55.24 -18.54
CA PHE C 219 23.37 -54.20 -19.06
C PHE C 219 23.50 -54.10 -20.57
N ASP C 220 22.37 -53.93 -21.25
CA ASP C 220 22.32 -53.80 -22.70
C ASP C 220 22.08 -52.33 -23.04
N TYR C 221 23.10 -51.66 -23.55
CA TYR C 221 22.99 -50.26 -23.90
C TYR C 221 22.41 -50.02 -25.28
N LYS C 222 22.20 -51.08 -26.06
CA LYS C 222 21.65 -50.95 -27.40
C LYS C 222 20.15 -51.11 -27.45
N ALA C 223 19.50 -51.35 -26.32
CA ALA C 223 18.08 -51.64 -26.30
C ALA C 223 17.24 -50.36 -26.22
N LYS C 224 16.04 -50.42 -26.77
CA LYS C 224 15.07 -49.35 -26.74
C LYS C 224 13.72 -49.93 -26.33
N PRO C 225 12.84 -49.11 -25.76
CA PRO C 225 11.49 -49.60 -25.44
C PRO C 225 10.77 -50.04 -26.71
N ASN C 226 10.19 -51.24 -26.66
CA ASN C 226 9.69 -51.85 -27.89
C ASN C 226 8.24 -52.30 -27.75
N ARG C 227 7.82 -52.69 -26.55
CA ARG C 227 6.46 -53.17 -26.32
C ARG C 227 5.78 -52.27 -25.31
N PHE C 228 4.58 -51.79 -25.65
CA PHE C 228 3.83 -50.87 -24.81
C PHE C 228 2.47 -51.48 -24.52
N TYR C 229 2.08 -51.45 -23.25
CA TYR C 229 0.80 -51.96 -22.78
C TYR C 229 -0.08 -50.79 -22.41
N MET C 230 -1.24 -50.67 -23.05
CA MET C 230 -2.11 -49.54 -22.77
C MET C 230 -3.56 -49.96 -22.77
N THR C 231 -4.32 -49.41 -21.83
CA THR C 231 -5.74 -49.68 -21.68
C THR C 231 -6.52 -48.39 -21.92
N VAL C 232 -7.49 -48.46 -22.82
CA VAL C 232 -8.29 -47.29 -23.20
C VAL C 232 -9.69 -47.48 -22.63
N GLU C 233 -10.07 -46.61 -21.69
CA GLU C 233 -11.41 -46.59 -21.13
C GLU C 233 -12.17 -45.39 -21.67
N THR C 234 -13.44 -45.61 -22.02
CA THR C 234 -14.27 -44.55 -22.58
C THR C 234 -15.44 -44.28 -21.66
N THR C 235 -16.10 -43.14 -21.90
CA THR C 235 -17.25 -42.73 -21.11
C THR C 235 -18.56 -43.27 -21.67
N GLY C 236 -18.52 -43.99 -22.78
CA GLY C 236 -19.71 -44.53 -23.40
C GLY C 236 -20.16 -43.77 -24.63
N SER C 237 -19.71 -42.53 -24.81
CA SER C 237 -20.05 -41.79 -26.02
C SER C 237 -19.49 -42.48 -27.25
N LEU C 238 -18.27 -43.01 -27.15
CA LEU C 238 -17.64 -43.75 -28.23
C LEU C 238 -17.16 -45.10 -27.72
N LYS C 239 -17.25 -46.11 -28.58
CA LYS C 239 -16.70 -47.40 -28.23
C LYS C 239 -15.18 -47.35 -28.23
N ALA C 240 -14.55 -48.33 -27.58
CA ALA C 240 -13.11 -48.32 -27.44
C ALA C 240 -12.42 -48.41 -28.80
N ASN C 241 -12.89 -49.31 -29.66
CA ASN C 241 -12.29 -49.44 -30.99
C ASN C 241 -12.47 -48.15 -31.79
N GLN C 242 -13.64 -47.52 -31.67
CA GLN C 242 -13.87 -46.25 -32.35
C GLN C 242 -12.91 -45.18 -31.85
N VAL C 243 -12.67 -45.15 -30.54
CA VAL C 243 -11.74 -44.17 -29.99
C VAL C 243 -10.34 -44.39 -30.55
N PHE C 244 -9.88 -45.64 -30.55
CA PHE C 244 -8.55 -45.93 -31.05
C PHE C 244 -8.41 -45.57 -32.52
N SER C 245 -9.37 -46.01 -33.34
CA SER C 245 -9.30 -45.75 -34.77
C SER C 245 -9.39 -44.26 -35.07
N ARG C 246 -10.25 -43.54 -34.36
CA ARG C 246 -10.37 -42.11 -34.63
C ARG C 246 -9.18 -41.33 -34.12
N GLY C 247 -8.52 -41.78 -33.05
CA GLY C 247 -7.28 -41.16 -32.67
C GLY C 247 -6.21 -41.34 -33.72
N ILE C 248 -6.10 -42.54 -34.28
CA ILE C 248 -5.15 -42.76 -35.37
C ILE C 248 -5.48 -41.86 -36.56
N LYS C 249 -6.76 -41.77 -36.91
CA LYS C 249 -7.16 -40.95 -38.05
C LYS C 249 -6.88 -39.47 -37.80
N THR C 250 -7.12 -39.00 -36.58
CA THR C 250 -6.83 -37.60 -36.25
C THR C 250 -5.34 -37.31 -36.36
N LEU C 251 -4.50 -38.22 -35.86
CA LEU C 251 -3.06 -38.03 -36.00
C LEU C 251 -2.65 -37.99 -37.47
N GLN C 252 -3.22 -38.88 -38.28
CA GLN C 252 -2.93 -38.87 -39.70
C GLN C 252 -3.35 -37.56 -40.35
N GLU C 253 -4.52 -37.05 -39.99
CA GLU C 253 -4.99 -35.79 -40.56
C GLU C 253 -4.07 -34.65 -40.19
N LYS C 254 -3.61 -34.61 -38.95
CA LYS C 254 -2.69 -33.55 -38.52
C LYS C 254 -1.39 -33.60 -39.32
N LEU C 255 -0.82 -34.80 -39.47
CA LEU C 255 0.41 -34.92 -40.24
C LEU C 255 0.20 -34.56 -41.71
N ALA C 256 -0.94 -34.96 -42.26
CA ALA C 256 -1.23 -34.62 -43.66
C ALA C 256 -1.38 -33.13 -43.84
N ASN C 257 -1.97 -32.44 -42.86
CA ASN C 257 -2.08 -30.99 -42.92
C ASN C 257 -0.70 -30.34 -42.90
N VAL C 258 0.19 -30.85 -42.05
CA VAL C 258 1.56 -30.31 -42.02
C VAL C 258 2.24 -30.53 -43.37
N LEU C 259 2.07 -31.72 -43.95
CA LEU C 259 2.68 -32.01 -45.24
C LEU C 259 2.15 -31.11 -46.33
N PHE C 260 0.84 -30.86 -46.34
CA PHE C 260 0.24 -29.96 -47.32
C PHE C 260 0.77 -28.54 -47.15
N GLU C 261 0.92 -28.08 -45.91
CA GLU C 261 1.48 -26.75 -45.69
C GLU C 261 2.89 -26.65 -46.22
N LEU C 262 3.71 -27.68 -45.97
CA LEU C 262 5.07 -27.67 -46.50
C LEU C 262 5.09 -27.62 -48.01
N GLU C 263 4.26 -28.46 -48.65
CA GLU C 263 4.28 -28.54 -50.11
C GLU C 263 3.73 -27.27 -50.75
N ASN C 264 2.77 -26.61 -50.11
CA ASN C 264 2.22 -25.36 -50.63
C ASN C 264 3.08 -24.15 -50.27
N SER C 265 4.01 -24.28 -49.33
CA SER C 265 4.84 -23.15 -48.94
C SER C 265 5.70 -22.66 -50.09
N ARG C 266 6.29 -23.58 -50.85
CA ARG C 266 7.15 -23.21 -51.98
C ARG C 266 6.37 -22.49 -53.06
N VAL D 3 8.72 42.52 -17.79
CA VAL D 3 9.42 41.49 -18.56
C VAL D 3 10.92 41.60 -18.33
N SER D 4 11.53 42.63 -18.90
CA SER D 4 12.94 42.87 -18.70
C SER D 4 13.22 43.26 -17.25
N THR D 5 14.32 42.74 -16.71
CA THR D 5 14.68 42.93 -15.32
C THR D 5 15.92 43.81 -15.23
N SER D 6 15.90 44.77 -14.30
CA SER D 6 17.04 45.64 -14.09
C SER D 6 18.15 44.91 -13.36
N THR D 7 19.35 45.49 -13.42
CA THR D 7 20.49 44.93 -12.71
C THR D 7 20.35 45.05 -11.19
N VAL D 8 19.42 45.86 -10.71
CA VAL D 8 19.18 46.03 -9.28
C VAL D 8 18.16 44.99 -8.84
N GLY D 9 18.52 44.20 -7.83
CA GLY D 9 17.64 43.15 -7.36
C GLY D 9 17.29 43.27 -5.89
N ALA D 10 17.11 42.12 -5.22
CA ALA D 10 16.77 42.05 -3.81
C ALA D 10 15.53 42.88 -3.49
N ARG D 11 15.70 43.91 -2.65
CA ARG D 11 14.61 44.77 -2.21
C ARG D 11 13.49 43.95 -1.55
N ARG D 12 13.84 43.35 -0.42
CA ARG D 12 12.89 42.51 0.30
C ARG D 12 12.10 43.35 1.30
N ARG D 13 11.29 42.68 2.10
CA ARG D 13 10.35 43.37 2.98
C ARG D 13 11.09 44.01 4.15
N ARG D 14 10.57 45.18 4.56
CA ARG D 14 11.05 45.89 5.75
C ARG D 14 9.85 46.48 6.46
N ALA D 15 10.10 47.33 7.45
CA ALA D 15 9.05 48.00 8.19
C ALA D 15 9.03 49.51 8.02
N LYS D 16 10.19 50.14 7.84
CA LYS D 16 10.24 51.58 7.63
C LYS D 16 9.70 51.95 6.27
N GLN D 17 9.03 53.11 6.21
CA GLN D 17 8.55 53.69 4.97
C GLN D 17 9.16 55.07 4.80
N GLN D 18 9.61 55.37 3.59
CA GLN D 18 10.33 56.60 3.29
C GLN D 18 9.51 57.47 2.34
N VAL D 19 9.78 58.78 2.39
CA VAL D 19 9.09 59.71 1.50
C VAL D 19 9.82 59.87 0.17
N ASP D 20 11.09 59.49 0.09
CA ASP D 20 11.83 59.53 -1.17
C ASP D 20 11.65 58.24 -1.97
N ASP D 21 10.39 57.88 -2.22
CA ASP D 21 10.06 56.68 -2.97
C ASP D 21 9.18 57.03 -4.16
N GLU D 22 8.41 58.11 -4.03
CA GLU D 22 7.49 58.53 -5.08
C GLU D 22 8.24 59.30 -6.16
N GLU D 23 7.85 59.05 -7.41
CA GLU D 23 8.45 59.75 -8.55
C GLU D 23 8.09 61.22 -8.51
N ASN D 24 9.09 62.08 -8.70
CA ASN D 24 8.85 63.52 -8.76
C ASN D 24 10.04 64.18 -9.44
N ALA D 25 9.79 64.79 -10.59
CA ALA D 25 10.88 65.46 -11.32
C ALA D 25 11.37 66.70 -10.59
N THR D 26 10.45 67.45 -9.98
CA THR D 26 10.83 68.68 -9.28
C THR D 26 11.74 68.39 -8.10
N LEU D 27 11.43 67.34 -7.34
CA LEU D 27 12.22 66.96 -6.18
C LEU D 27 13.44 66.12 -6.54
N LEU D 28 13.62 65.79 -7.83
CA LEU D 28 14.72 64.96 -8.30
C LEU D 28 14.73 63.61 -7.59
N ARG D 29 13.55 63.03 -7.41
CA ARG D 29 13.39 61.70 -6.85
C ARG D 29 12.90 60.79 -7.97
N LEU D 30 13.84 60.08 -8.60
CA LEU D 30 13.56 59.27 -9.77
C LEU D 30 13.36 57.79 -9.47
N GLY D 31 13.33 57.42 -8.19
CA GLY D 31 13.11 56.04 -7.80
C GLY D 31 14.38 55.22 -7.81
N PRO D 32 14.30 53.97 -7.34
CA PRO D 32 15.49 53.14 -7.22
C PRO D 32 16.12 52.77 -8.56
N GLU D 33 15.28 52.41 -9.54
CA GLU D 33 15.79 51.99 -10.83
C GLU D 33 16.42 53.12 -11.62
N PHE D 34 16.20 54.37 -11.22
CA PHE D 34 16.80 55.53 -11.87
C PHE D 34 17.63 56.33 -10.87
N ALA D 35 18.24 55.64 -9.91
CA ALA D 35 19.03 56.30 -8.90
C ALA D 35 20.32 56.85 -9.51
N LEU D 36 20.97 57.74 -8.77
CA LEU D 36 22.18 58.39 -9.27
C LEU D 36 23.31 57.40 -9.44
N LYS D 37 23.33 56.32 -8.65
CA LYS D 37 24.39 55.32 -8.73
C LYS D 37 23.82 54.03 -9.32
N GLN D 38 24.46 53.52 -10.37
CA GLN D 38 24.04 52.30 -11.05
C GLN D 38 25.23 51.35 -11.11
N TYR D 39 24.96 50.12 -11.53
CA TYR D 39 25.98 49.09 -11.68
C TYR D 39 25.87 48.47 -13.06
N ASP D 40 27.01 48.24 -13.70
CA ASP D 40 27.06 47.65 -15.03
C ASP D 40 27.03 46.12 -14.90
N HIS D 41 27.28 45.44 -16.02
CA HIS D 41 27.31 43.98 -16.00
C HIS D 41 28.45 43.43 -15.16
N ASP D 42 29.51 44.21 -14.95
CA ASP D 42 30.62 43.81 -14.10
C ASP D 42 30.45 44.23 -12.65
N GLY D 43 29.35 44.92 -12.32
CA GLY D 43 29.10 45.35 -10.96
C GLY D 43 29.85 46.58 -10.53
N ASN D 44 30.62 47.21 -11.41
CA ASN D 44 31.38 48.39 -11.05
C ASN D 44 30.47 49.61 -10.94
N GLU D 45 30.99 50.65 -10.31
CA GLU D 45 30.23 51.88 -10.12
C GLU D 45 29.88 52.51 -11.47
N HIS D 46 28.67 53.06 -11.55
CA HIS D 46 28.19 53.66 -12.78
C HIS D 46 27.22 54.78 -12.43
N ASP D 47 27.26 55.85 -13.22
CA ASP D 47 26.40 57.00 -13.00
C ASP D 47 25.17 56.91 -13.89
N LEU D 48 24.07 57.50 -13.43
CA LEU D 48 22.85 57.56 -14.22
C LEU D 48 23.11 58.31 -15.52
N ILE D 49 22.69 57.73 -16.64
CA ILE D 49 22.99 58.27 -17.96
C ILE D 49 21.70 58.87 -18.50
N ALA D 50 21.56 60.18 -18.36
CA ALA D 50 20.49 60.90 -19.03
C ALA D 50 20.88 61.21 -20.46
N LEU D 51 19.88 61.53 -21.28
CA LEU D 51 20.11 61.84 -22.69
C LEU D 51 19.22 62.99 -23.12
N SER D 52 19.84 64.05 -23.64
CA SER D 52 19.10 65.12 -24.27
C SER D 52 18.60 64.68 -25.65
N LEU D 53 17.66 65.44 -26.20
CA LEU D 53 17.08 65.08 -27.49
C LEU D 53 18.15 65.03 -28.58
N SER D 54 19.16 65.91 -28.49
CA SER D 54 20.25 65.85 -29.45
C SER D 54 21.05 64.56 -29.32
N GLU D 55 21.46 64.23 -28.08
CA GLU D 55 22.20 63.00 -27.87
C GLU D 55 21.37 61.77 -28.21
N SER D 56 20.09 61.78 -27.80
CA SER D 56 19.23 60.64 -28.11
C SER D 56 19.05 60.47 -29.62
N ARG D 57 18.85 61.57 -30.34
CA ARG D 57 18.71 61.49 -31.79
C ARG D 57 19.98 60.98 -32.44
N LEU D 58 21.14 61.47 -31.99
CA LEU D 58 22.40 60.99 -32.55
C LEU D 58 22.57 59.49 -32.32
N LEU D 59 22.31 59.04 -31.09
CA LEU D 59 22.48 57.62 -30.78
C LEU D 59 21.51 56.74 -31.56
N ILE D 60 20.24 57.14 -31.63
CA ILE D 60 19.27 56.32 -32.33
C ILE D 60 19.57 56.28 -33.83
N ARG D 61 19.96 57.41 -34.42
CA ARG D 61 20.30 57.42 -35.83
C ARG D 61 21.52 56.55 -36.10
N GLU D 62 22.54 56.66 -35.27
CA GLU D 62 23.75 55.86 -35.46
C GLU D 62 23.44 54.37 -35.36
N ALA D 63 22.71 53.96 -34.31
CA ALA D 63 22.42 52.55 -34.13
C ALA D 63 21.53 52.03 -35.25
N LEU D 64 20.52 52.78 -35.65
CA LEU D 64 19.63 52.32 -36.72
C LEU D 64 20.36 52.20 -38.05
N LYS D 65 21.20 53.18 -38.38
CA LYS D 65 21.93 53.08 -39.64
C LYS D 65 22.98 51.97 -39.60
N ALA D 66 23.58 51.72 -38.43
CA ALA D 66 24.50 50.60 -38.30
C ALA D 66 23.77 49.28 -38.53
N ARG D 67 22.59 49.12 -37.93
CA ARG D 67 21.83 47.90 -38.13
C ARG D 67 21.39 47.74 -39.58
N SER D 68 20.97 48.84 -40.22
CA SER D 68 20.57 48.78 -41.62
C SER D 68 21.74 48.39 -42.51
N ARG D 69 22.93 48.94 -42.24
CA ARG D 69 24.11 48.57 -43.01
C ARG D 69 24.48 47.11 -42.79
N ALA D 70 24.39 46.64 -41.54
CA ALA D 70 24.72 45.25 -41.24
C ALA D 70 23.75 44.29 -41.94
N ARG D 71 22.46 44.59 -41.92
CA ARG D 71 21.47 43.70 -42.51
C ARG D 71 21.60 43.62 -44.03
N ASN D 72 22.27 44.59 -44.66
CA ASN D 72 22.47 44.58 -46.10
C ASN D 72 23.86 44.11 -46.49
N GLY D 73 24.60 43.51 -45.56
CA GLY D 73 25.93 43.04 -45.85
C GLY D 73 27.01 44.09 -45.86
N GLY D 74 26.83 45.18 -45.13
CA GLY D 74 27.84 46.22 -45.08
C GLY D 74 28.05 46.96 -46.37
N VAL D 75 26.98 47.22 -47.12
CA VAL D 75 27.09 47.93 -48.39
C VAL D 75 27.43 49.40 -48.15
N ILE D 84 19.66 56.85 -44.71
CA ILE D 84 19.67 58.26 -44.37
C ILE D 84 18.24 58.76 -44.15
N ASP D 85 17.33 58.29 -44.99
CA ASP D 85 15.92 58.67 -44.88
C ASP D 85 15.33 58.10 -43.59
N ASP D 86 14.63 58.95 -42.84
CA ASP D 86 14.05 58.53 -41.58
C ASP D 86 12.94 57.49 -41.79
N ASP D 87 12.15 57.66 -42.85
CA ASP D 87 11.09 56.69 -43.13
C ASP D 87 11.67 55.31 -43.45
N GLU D 88 12.67 55.26 -44.33
CA GLU D 88 13.32 53.99 -44.65
C GLU D 88 14.00 53.41 -43.41
N LEU D 89 14.66 54.26 -42.63
CA LEU D 89 15.34 53.81 -41.43
C LEU D 89 14.36 53.19 -40.44
N ALA D 90 13.19 53.80 -40.28
CA ALA D 90 12.16 53.21 -39.44
C ALA D 90 11.65 51.90 -40.03
N LYS D 91 11.48 51.86 -41.36
CA LYS D 91 11.03 50.63 -42.01
C LYS D 91 12.05 49.50 -41.88
N VAL D 92 13.30 49.81 -41.57
CA VAL D 92 14.31 48.77 -41.40
C VAL D 92 13.94 47.84 -40.25
N THR D 93 13.45 48.40 -39.14
CA THR D 93 13.13 47.60 -37.97
C THR D 93 11.97 46.66 -38.26
N SER D 94 11.85 45.62 -37.42
CA SER D 94 10.83 44.61 -37.55
C SER D 94 9.76 44.83 -36.49
N GLY D 95 8.51 44.52 -36.85
CA GLY D 95 7.40 44.70 -35.95
C GLY D 95 6.59 45.95 -36.27
N ALA D 96 5.31 45.76 -36.63
CA ALA D 96 4.48 46.90 -37.02
C ALA D 96 4.33 47.89 -35.88
N VAL D 97 4.08 47.39 -34.66
CA VAL D 97 4.00 48.28 -33.50
C VAL D 97 5.35 48.91 -33.21
N ALA D 98 6.43 48.13 -33.33
CA ALA D 98 7.76 48.69 -33.16
C ALA D 98 8.06 49.72 -34.24
N ASN D 99 7.65 49.45 -35.47
CA ASN D 99 7.83 50.42 -36.55
C ASN D 99 7.10 51.72 -36.24
N GLY D 100 5.86 51.63 -35.77
CA GLY D 100 5.13 52.83 -35.41
C GLY D 100 5.76 53.59 -34.28
N VAL D 101 6.23 52.88 -33.25
CA VAL D 101 6.84 53.54 -32.10
C VAL D 101 8.11 54.26 -32.51
N VAL D 102 8.96 53.59 -33.29
CA VAL D 102 10.20 54.25 -33.72
C VAL D 102 9.88 55.40 -34.67
N LYS D 103 8.83 55.28 -35.48
CA LYS D 103 8.43 56.39 -36.33
C LYS D 103 8.03 57.60 -35.50
N LYS D 104 7.24 57.37 -34.44
CA LYS D 104 6.80 58.48 -33.59
C LYS D 104 7.98 59.12 -32.87
N THR D 105 8.90 58.29 -32.35
CA THR D 105 10.07 58.84 -31.68
C THR D 105 10.94 59.63 -32.64
N LEU D 106 11.14 59.13 -33.85
CA LEU D 106 11.92 59.85 -34.84
C LEU D 106 11.27 61.16 -35.22
N ASP D 107 9.94 61.15 -35.39
CA ASP D 107 9.23 62.39 -35.71
C ASP D 107 9.39 63.41 -34.60
N TYR D 108 9.22 62.98 -33.35
CA TYR D 108 9.40 63.89 -32.21
C TYR D 108 10.80 64.47 -32.20
N LEU D 109 11.82 63.61 -32.33
CA LEU D 109 13.19 64.07 -32.28
C LEU D 109 13.50 65.04 -33.42
N ASN D 110 13.02 64.72 -34.63
CA ASN D 110 13.29 65.58 -35.77
C ASN D 110 12.59 66.93 -35.64
N THR D 111 11.33 66.92 -35.22
CA THR D 111 10.58 68.17 -35.10
C THR D 111 10.95 68.97 -33.86
N PHE D 112 11.77 68.42 -32.97
CA PHE D 112 12.25 69.22 -31.85
C PHE D 112 13.76 69.12 -31.66
N ALA D 113 14.51 68.82 -32.73
CA ALA D 113 15.95 68.68 -32.62
C ALA D 113 16.61 70.05 -32.49
N ARG D 114 17.11 70.35 -31.30
CA ARG D 114 17.85 71.60 -31.12
C ARG D 114 19.21 71.55 -31.78
N PHE D 115 19.83 70.38 -31.86
CA PHE D 115 21.17 70.23 -32.40
C PHE D 115 21.19 68.98 -33.28
N LYS D 116 21.21 69.18 -34.59
CA LYS D 116 21.24 68.07 -35.55
C LYS D 116 22.66 67.73 -36.01
N ASP D 117 23.68 68.40 -35.45
CA ASP D 117 25.06 68.16 -35.84
C ASP D 117 25.82 67.52 -34.69
N GLU D 118 26.71 66.57 -35.05
CA GLU D 118 27.47 65.86 -34.03
C GLU D 118 28.39 66.79 -33.26
N GLU D 119 29.05 67.71 -33.96
CA GLU D 119 30.01 68.60 -33.30
C GLU D 119 29.32 69.62 -32.40
N THR D 120 28.16 70.12 -32.80
CA THR D 120 27.40 71.03 -31.93
C THR D 120 27.00 70.32 -30.64
N CYS D 121 26.49 69.10 -30.75
CA CYS D 121 26.13 68.34 -29.56
C CYS D 121 27.35 68.03 -28.70
N THR D 122 28.48 67.73 -29.33
CA THR D 122 29.71 67.46 -28.59
C THR D 122 30.14 68.69 -27.81
N ALA D 123 30.11 69.87 -28.45
CA ALA D 123 30.47 71.10 -27.76
C ALA D 123 29.50 71.40 -26.62
N VAL D 124 28.19 71.17 -26.85
CA VAL D 124 27.20 71.42 -25.81
C VAL D 124 27.44 70.51 -24.61
N ASP D 125 27.71 69.23 -24.87
CA ASP D 125 27.99 68.28 -23.79
C ASP D 125 29.26 68.66 -23.03
N GLN D 126 30.30 69.08 -23.78
CA GLN D 126 31.54 69.50 -23.13
C GLN D 126 31.29 70.71 -22.22
N LEU D 127 30.51 71.68 -22.71
CA LEU D 127 30.20 72.85 -21.90
C LEU D 127 29.39 72.48 -20.66
N LEU D 128 28.41 71.59 -20.81
CA LEU D 128 27.54 71.23 -19.71
C LEU D 128 28.18 70.23 -18.74
N HIS D 129 29.31 69.61 -19.11
CA HIS D 129 29.97 68.65 -18.24
C HIS D 129 31.24 69.21 -17.62
N ASN D 130 32.15 69.76 -18.42
CA ASN D 130 33.44 70.21 -17.92
C ASN D 130 33.37 71.52 -17.15
N SER D 131 32.23 72.19 -17.16
CA SER D 131 32.10 73.46 -16.44
C SER D 131 32.22 73.22 -14.93
N SER D 132 32.90 74.15 -14.25
CA SER D 132 33.06 74.04 -12.80
C SER D 132 31.71 74.15 -12.10
N ASP D 133 30.84 75.06 -12.55
CA ASP D 133 29.51 75.15 -11.98
C ASP D 133 28.68 73.90 -12.26
N CYS D 134 28.83 73.32 -13.46
CA CYS D 134 28.06 72.15 -13.85
C CYS D 134 28.60 70.85 -13.28
N SER D 135 29.74 70.88 -12.58
CA SER D 135 30.27 69.67 -11.95
C SER D 135 29.35 69.15 -10.85
N VAL D 136 28.44 69.98 -10.34
CA VAL D 136 27.47 69.55 -9.36
C VAL D 136 26.08 69.32 -9.98
N LEU D 137 25.82 69.87 -11.16
CA LEU D 137 24.51 69.76 -11.79
C LEU D 137 24.13 68.30 -12.01
N HIS D 138 22.89 67.96 -11.66
CA HIS D 138 22.40 66.63 -11.88
C HIS D 138 22.27 66.35 -13.37
N PRO D 139 22.55 65.13 -13.83
CA PRO D 139 22.40 64.83 -15.26
C PRO D 139 21.00 65.07 -15.79
N PHE D 140 19.97 64.84 -14.96
CA PHE D 140 18.61 65.17 -15.38
C PHE D 140 18.45 66.66 -15.63
N GLU D 141 19.04 67.48 -14.76
CA GLU D 141 19.00 68.93 -14.97
C GLU D 141 19.70 69.31 -16.26
N ILE D 142 20.85 68.68 -16.54
CA ILE D 142 21.60 68.97 -17.76
C ILE D 142 20.77 68.60 -18.98
N ALA D 143 20.14 67.43 -18.96
CA ALA D 143 19.31 67.00 -20.07
C ALA D 143 18.14 67.95 -20.28
N GLN D 144 17.49 68.36 -19.18
CA GLN D 144 16.37 69.29 -19.30
C GLN D 144 16.83 70.62 -19.88
N LEU D 145 17.98 71.13 -19.44
CA LEU D 145 18.49 72.39 -19.97
C LEU D 145 18.80 72.29 -21.45
N SER D 146 19.44 71.20 -21.87
CA SER D 146 19.77 71.05 -23.28
C SER D 146 18.55 70.73 -24.14
N SER D 147 17.46 70.26 -23.52
CA SER D 147 16.29 69.82 -24.27
C SER D 147 15.25 70.93 -24.43
N LEU D 148 14.82 71.52 -23.31
CA LEU D 148 13.74 72.51 -23.36
C LEU D 148 14.13 73.78 -24.10
N GLY D 149 15.42 74.06 -24.22
CA GLY D 149 15.87 75.25 -24.92
C GLY D 149 15.40 76.54 -24.30
N CYS D 150 15.46 76.62 -22.98
CA CYS D 150 15.02 77.82 -22.27
C CYS D 150 15.91 79.00 -22.62
N GLU D 151 15.37 80.20 -22.46
CA GLU D 151 16.07 81.43 -22.81
C GLU D 151 16.38 82.33 -21.62
N ASP D 152 15.69 82.18 -20.50
CA ASP D 152 15.80 83.10 -19.39
C ASP D 152 16.08 82.35 -18.10
N VAL D 153 16.79 83.01 -17.19
CA VAL D 153 17.05 82.42 -15.88
C VAL D 153 15.75 82.18 -15.12
N ASP D 154 14.87 83.18 -15.12
CA ASP D 154 13.57 83.02 -14.46
C ASP D 154 12.74 81.94 -15.13
N GLU D 155 12.74 81.91 -16.47
CA GLU D 155 12.00 80.86 -17.17
C GLU D 155 12.56 79.48 -16.86
N ALA D 156 13.89 79.35 -16.87
CA ALA D 156 14.51 78.07 -16.57
C ALA D 156 14.20 77.62 -15.14
N ILE D 157 14.25 78.55 -14.19
CA ILE D 157 13.97 78.22 -12.80
C ILE D 157 12.51 77.79 -12.65
N THR D 158 11.59 78.50 -13.31
CA THR D 158 10.19 78.11 -13.24
C THR D 158 9.96 76.74 -13.86
N LEU D 159 10.57 76.47 -15.01
CA LEU D 159 10.42 75.16 -15.65
C LEU D 159 11.17 74.08 -14.88
N ILE D 160 12.34 74.42 -14.32
CA ILE D 160 13.16 73.47 -13.58
C ILE D 160 13.31 73.95 -12.14
N PRO D 161 12.44 73.51 -11.23
CA PRO D 161 12.53 73.98 -9.84
C PRO D 161 13.84 73.60 -9.16
N SER D 162 14.51 72.55 -9.62
CA SER D 162 15.74 72.12 -8.98
C SER D 162 16.85 73.16 -9.10
N LEU D 163 16.93 73.85 -10.24
CA LEU D 163 17.97 74.86 -10.44
C LEU D 163 17.78 76.08 -9.55
N ALA D 164 16.60 76.25 -8.95
CA ALA D 164 16.40 77.38 -8.04
C ALA D 164 17.30 77.28 -6.81
N ALA D 165 17.48 76.08 -6.26
CA ALA D 165 18.34 75.91 -5.10
C ALA D 165 19.82 75.91 -5.45
N LYS D 166 20.15 75.79 -6.74
CA LYS D 166 21.54 75.86 -7.19
C LYS D 166 21.79 77.24 -7.78
N LYS D 167 22.11 78.18 -6.90
CA LYS D 167 22.38 79.56 -7.30
C LYS D 167 23.85 79.82 -7.57
N GLU D 168 24.70 78.79 -7.47
CA GLU D 168 26.11 78.90 -7.81
C GLU D 168 26.39 78.56 -9.27
N VAL D 169 25.41 78.76 -10.14
CA VAL D 169 25.51 78.39 -11.54
C VAL D 169 25.42 79.66 -12.39
N ASN D 170 26.34 79.79 -13.34
CA ASN D 170 26.32 80.90 -14.30
C ASN D 170 25.21 80.67 -15.34
N LEU D 171 23.96 80.71 -14.83
CA LEU D 171 22.83 80.24 -15.63
C LEU D 171 22.62 81.09 -16.88
N GLN D 172 22.68 82.42 -16.74
CA GLN D 172 22.34 83.29 -17.87
C GLN D 172 23.36 83.18 -18.99
N ARG D 173 24.66 83.22 -18.66
CA ARG D 173 25.67 83.12 -19.71
C ARG D 173 25.69 81.73 -20.32
N ILE D 174 25.42 80.69 -19.54
CA ILE D 174 25.31 79.35 -20.11
C ILE D 174 24.14 79.27 -21.07
N LEU D 175 23.01 79.89 -20.71
CA LEU D 175 21.86 79.93 -21.61
C LEU D 175 22.20 80.66 -22.89
N ASP D 176 22.92 81.78 -22.79
CA ASP D 176 23.32 82.51 -23.99
C ASP D 176 24.29 81.70 -24.84
N GLU D 177 25.19 80.94 -24.20
CA GLU D 177 26.09 80.07 -24.94
C GLU D 177 25.30 78.99 -25.69
N LEU D 178 24.29 78.41 -25.04
CA LEU D 178 23.46 77.42 -25.70
C LEU D 178 22.70 78.03 -26.88
N ASN D 179 22.17 79.24 -26.69
CA ASN D 179 21.47 79.92 -27.77
C ASN D 179 22.39 80.19 -28.95
N ARG D 180 23.63 80.60 -28.66
CA ARG D 180 24.62 80.77 -29.71
C ARG D 180 24.89 79.46 -30.44
N LEU D 181 25.11 78.39 -29.68
CA LEU D 181 25.37 77.09 -30.29
C LEU D 181 24.16 76.58 -31.04
N GLU D 182 22.96 76.93 -30.58
CA GLU D 182 21.74 76.58 -31.31
C GLU D 182 21.76 77.20 -32.70
N ASP D 183 21.53 76.36 -33.71
CA ASP D 183 21.54 76.84 -35.08
C ASP D 183 20.27 77.61 -35.37
N PRO D 184 20.37 78.89 -35.79
CA PRO D 184 19.20 79.73 -36.06
C PRO D 184 18.50 79.37 -37.37
N GLU E 2 55.11 0.56 51.68
CA GLU E 2 53.77 0.79 52.20
C GLU E 2 53.03 1.84 51.37
N ASP E 3 52.03 2.48 51.99
CA ASP E 3 51.28 3.51 51.28
C ASP E 3 52.17 4.68 50.88
N ASN E 4 53.22 4.94 51.65
CA ASN E 4 54.19 5.96 51.24
C ASN E 4 54.84 5.59 49.92
N ASN E 5 55.20 4.32 49.75
CA ASN E 5 55.82 3.87 48.52
C ASN E 5 54.88 4.05 47.33
N ARG E 6 53.60 3.69 47.49
CA ARG E 6 52.66 3.84 46.39
C ARG E 6 52.40 5.30 46.07
N ILE E 7 52.34 6.16 47.09
CA ILE E 7 52.17 7.59 46.86
C ILE E 7 53.35 8.14 46.07
N ILE E 8 54.57 7.75 46.47
CA ILE E 8 55.76 8.21 45.76
C ILE E 8 55.75 7.69 44.32
N SER E 9 55.34 6.45 44.12
CA SER E 9 55.32 5.89 42.77
C SER E 9 54.33 6.64 41.89
N ARG E 10 53.13 6.92 42.42
CA ARG E 10 52.15 7.66 41.63
C ARG E 10 52.65 9.07 41.32
N LEU E 11 53.29 9.72 42.29
CA LEU E 11 53.84 11.05 42.05
C LEU E 11 54.92 11.01 40.98
N TRP E 12 55.77 9.98 41.01
CA TRP E 12 56.81 9.84 39.99
C TRP E 12 56.20 9.64 38.61
N ARG E 13 55.15 8.81 38.53
CA ARG E 13 54.49 8.60 37.25
C ARG E 13 53.87 9.88 36.72
N SER E 14 53.26 10.67 37.60
CA SER E 14 52.70 11.96 37.17
C SER E 14 53.79 12.90 36.69
N PHE E 15 54.94 12.92 37.38
CA PHE E 15 56.05 13.75 36.95
C PHE E 15 56.53 13.33 35.56
N ARG E 16 56.66 12.03 35.33
CA ARG E 16 57.09 11.54 34.03
C ARG E 16 56.08 11.93 32.95
N THR E 17 54.79 11.80 33.25
CA THR E 17 53.77 12.18 32.28
C THR E 17 53.83 13.67 31.96
N VAL E 18 54.03 14.51 32.97
CA VAL E 18 54.13 15.94 32.73
C VAL E 18 55.34 16.26 31.85
N LYS E 19 56.46 15.60 32.11
CA LYS E 19 57.64 15.84 31.28
C LYS E 19 57.40 15.40 29.84
N GLU E 20 56.75 14.26 29.65
CA GLU E 20 56.42 13.82 28.29
C GLU E 20 55.49 14.80 27.61
N MET E 21 54.50 15.31 28.33
CA MET E 21 53.57 16.28 27.77
C MET E 21 54.30 17.55 27.34
N ALA E 22 55.20 18.04 28.19
CA ALA E 22 55.98 19.22 27.84
C ALA E 22 56.84 18.97 26.62
N ALA E 23 57.41 17.76 26.51
CA ALA E 23 58.20 17.44 25.32
C ALA E 23 57.34 17.43 24.07
N ASP E 24 56.12 16.89 24.17
CA ASP E 24 55.25 16.79 23.00
C ASP E 24 54.82 18.16 22.52
N ARG E 25 54.57 19.10 23.43
CA ARG E 25 54.09 20.43 23.06
C ARG E 25 55.17 21.29 22.42
N GLY E 26 56.40 20.82 22.36
CA GLY E 26 57.47 21.51 21.65
C GLY E 26 58.64 21.94 22.51
N TYR E 27 58.51 21.93 23.83
CA TYR E 27 59.59 22.38 24.69
C TYR E 27 60.68 21.32 24.76
N PHE E 28 61.86 21.74 25.22
CA PHE E 28 63.02 20.87 25.27
C PHE E 28 63.19 20.31 26.67
N ILE E 29 63.23 18.98 26.77
CA ILE E 29 63.49 18.28 28.03
C ILE E 29 64.70 17.39 27.80
N SER E 30 65.68 17.51 28.69
CA SER E 30 66.92 16.76 28.52
C SER E 30 66.67 15.26 28.60
N GLN E 31 67.42 14.51 27.78
CA GLN E 31 67.20 13.07 27.71
C GLN E 31 67.45 12.39 29.05
N GLU E 32 68.46 12.86 29.78
CA GLU E 32 68.72 12.30 31.11
C GLU E 32 67.55 12.57 32.05
N GLU E 33 66.93 13.75 31.94
CA GLU E 33 65.78 14.05 32.78
C GLU E 33 64.55 13.25 32.36
N MET E 34 64.46 12.89 31.09
CA MET E 34 63.33 12.09 30.62
C MET E 34 63.34 10.70 31.25
N ASP E 35 64.50 10.07 31.33
CA ASP E 35 64.64 8.74 31.89
C ASP E 35 64.96 8.76 33.37
N GLN E 36 64.64 9.84 34.06
CA GLN E 36 64.93 10.00 35.47
C GLN E 36 64.14 8.99 36.29
N SER E 37 64.82 7.96 36.80
CA SER E 37 64.16 6.77 37.33
C SER E 37 63.51 7.04 38.68
N LEU E 38 62.88 6.00 39.23
CA LEU E 38 62.11 6.15 40.46
C LEU E 38 63.02 6.29 41.67
N GLU E 39 64.10 5.51 41.72
CA GLU E 39 65.01 5.60 42.86
C GLU E 39 65.66 6.97 42.93
N GLU E 40 66.03 7.53 41.79
CA GLU E 40 66.56 8.89 41.75
C GLU E 40 65.51 9.89 42.23
N PHE E 41 64.25 9.66 41.87
CA PHE E 41 63.17 10.54 42.32
C PHE E 41 63.03 10.50 43.83
N ARG E 42 63.08 9.31 44.41
CA ARG E 42 63.01 9.19 45.86
C ARG E 42 64.21 9.86 46.52
N SER E 43 65.39 9.70 45.91
CA SER E 43 66.58 10.34 46.46
C SER E 43 66.46 11.86 46.46
N LYS E 44 65.91 12.43 45.38
CA LYS E 44 65.91 13.87 45.23
C LYS E 44 64.75 14.55 45.94
N ILE E 45 63.61 13.87 46.09
CA ILE E 45 62.40 14.48 46.62
C ILE E 45 62.13 14.05 48.06
N CYS E 46 62.18 12.75 48.33
CA CYS E 46 61.83 12.25 49.64
C CYS E 46 62.84 12.71 50.70
N ASP E 47 62.31 13.02 51.88
CA ASP E 47 63.14 13.47 52.99
C ASP E 47 63.61 12.26 53.81
N SER E 48 64.13 12.53 55.01
CA SER E 48 64.57 11.45 55.89
C SER E 48 63.41 10.53 56.24
N MET E 49 62.22 11.09 56.46
CA MET E 49 61.04 10.29 56.70
C MET E 49 60.36 9.84 55.41
N GLY E 50 60.90 10.21 54.25
CA GLY E 50 60.35 9.80 52.98
C GLY E 50 59.25 10.68 52.43
N ASN E 51 58.83 11.70 53.16
CA ASN E 51 57.79 12.59 52.65
C ASN E 51 58.34 13.41 51.48
N PRO E 52 57.52 13.65 50.46
CA PRO E 52 57.98 14.42 49.31
C PRO E 52 57.63 15.89 49.42
N GLN E 53 58.43 16.71 48.73
CA GLN E 53 58.15 18.14 48.57
C GLN E 53 57.78 18.41 47.12
N ARG E 54 56.55 18.86 46.90
CA ARG E 54 56.14 19.24 45.56
C ARG E 54 56.88 20.48 45.07
N LYS E 55 57.40 21.29 45.99
CA LYS E 55 58.06 22.53 45.58
C LYS E 55 59.40 22.26 44.91
N LEU E 56 59.99 21.09 45.13
CA LEU E 56 61.26 20.77 44.50
C LEU E 56 61.12 20.19 43.11
N MET E 57 59.90 19.96 42.63
CA MET E 57 59.67 19.37 41.33
C MET E 57 59.42 20.39 40.23
N SER E 58 59.16 21.65 40.58
CA SER E 58 58.93 22.66 39.57
C SER E 58 60.15 22.81 38.67
N PHE E 59 59.91 23.00 37.38
CA PHE E 59 60.99 23.12 36.42
C PHE E 59 60.62 24.17 35.37
N LEU E 60 61.56 24.45 34.48
CA LEU E 60 61.39 25.39 33.40
C LEU E 60 61.86 24.76 32.11
N ALA E 61 61.28 25.21 30.99
CA ALA E 61 61.67 24.68 29.70
C ALA E 61 61.53 25.77 28.65
N ASN E 62 62.34 25.65 27.60
CA ASN E 62 62.31 26.56 26.47
C ASN E 62 62.06 25.79 25.19
N PRO E 63 61.39 26.39 24.21
CA PRO E 63 61.11 25.67 22.98
C PRO E 63 62.38 25.30 22.23
N THR E 64 62.35 24.14 21.60
CA THR E 64 63.42 23.74 20.72
C THR E 64 63.44 24.62 19.49
N PRO E 65 64.57 24.73 18.80
CA PRO E 65 64.60 25.56 17.58
C PRO E 65 63.59 25.11 16.54
N GLU E 66 63.34 23.80 16.43
CA GLU E 66 62.35 23.32 15.47
C GLU E 66 60.95 23.78 15.84
N ALA E 67 60.57 23.61 17.11
CA ALA E 67 59.24 24.03 17.55
C ALA E 67 59.11 25.55 17.47
N LEU E 68 60.17 26.27 17.82
CA LEU E 68 60.12 27.73 17.74
C LEU E 68 59.95 28.20 16.30
N GLU E 69 60.66 27.56 15.36
CA GLU E 69 60.51 27.90 13.96
C GLU E 69 59.10 27.58 13.46
N LYS E 70 58.60 26.40 13.80
CA LYS E 70 57.28 25.99 13.31
C LYS E 70 56.18 26.83 13.94
N TYR E 71 56.19 26.95 15.26
CA TYR E 71 55.20 27.73 15.99
C TYR E 71 55.88 28.97 16.54
N SER E 72 55.49 30.14 16.04
CA SER E 72 56.12 31.39 16.46
C SER E 72 55.58 31.92 17.76
N ASP E 73 54.53 31.33 18.32
CA ASP E 73 53.91 31.81 19.54
C ASP E 73 54.38 31.05 20.77
N LEU E 74 55.42 30.24 20.65
CA LEU E 74 55.85 29.35 21.72
C LEU E 74 56.88 30.07 22.58
N GLY E 75 56.52 30.35 23.83
CA GLY E 75 57.38 31.03 24.77
C GLY E 75 58.00 30.07 25.77
N THR E 76 58.24 30.57 26.98
CA THR E 76 58.78 29.75 28.05
C THR E 76 57.66 29.15 28.88
N LEU E 77 57.90 27.95 29.40
CA LEU E 77 56.90 27.18 30.12
C LEU E 77 57.34 26.99 31.56
N TRP E 78 56.42 27.23 32.50
CA TRP E 78 56.67 27.05 33.92
C TRP E 78 55.68 26.03 34.47
N VAL E 79 56.20 24.95 35.05
CA VAL E 79 55.38 23.88 35.60
C VAL E 79 55.64 23.82 37.09
N GLU E 80 54.57 23.91 37.88
CA GLU E 80 54.68 23.92 39.33
C GLU E 80 53.66 22.97 39.93
N PHE E 81 54.11 22.17 40.89
CA PHE E 81 53.22 21.32 41.68
C PHE E 81 52.89 22.03 42.98
N CYS E 82 51.64 21.89 43.42
CA CYS E 82 51.14 22.60 44.58
C CYS E 82 51.14 21.69 45.81
N ASP E 83 51.72 22.17 46.91
CA ASP E 83 51.72 21.41 48.15
C ASP E 83 50.32 21.35 48.76
N GLU E 84 49.55 22.41 48.62
CA GLU E 84 48.23 22.46 49.25
C GLU E 84 47.30 21.44 48.62
N PRO E 85 46.70 20.54 49.40
CA PRO E 85 45.76 19.58 48.81
C PRO E 85 44.57 20.24 48.14
N SER E 86 44.08 21.35 48.71
CA SER E 86 42.99 22.12 48.12
C SER E 86 43.51 23.52 47.82
N VAL E 87 43.24 24.00 46.62
CA VAL E 87 43.73 25.30 46.16
C VAL E 87 42.55 26.28 46.16
N GLY E 88 42.81 27.50 46.65
CA GLY E 88 41.79 28.52 46.71
C GLY E 88 42.15 29.76 45.93
N ILE E 89 41.50 30.89 46.25
CA ILE E 89 41.75 32.12 45.52
C ILE E 89 43.14 32.68 45.83
N LYS E 90 43.60 32.52 47.08
CA LYS E 90 44.90 33.05 47.47
C LYS E 90 46.03 32.38 46.69
N THR E 91 46.00 31.05 46.63
CA THR E 91 47.09 30.33 45.96
C THR E 91 47.09 30.61 44.47
N MET E 92 45.92 30.65 43.84
CA MET E 92 45.86 30.97 42.42
C MET E 92 46.33 32.39 42.17
N ARG E 93 45.99 33.32 43.06
CA ARG E 93 46.44 34.70 42.91
C ARG E 93 47.96 34.80 43.00
N ASN E 94 48.57 34.11 43.96
CA ASN E 94 50.02 34.20 44.07
C ASN E 94 50.72 33.48 42.93
N PHE E 95 50.13 32.40 42.41
CA PHE E 95 50.67 31.76 41.22
C PHE E 95 50.62 32.71 40.02
N CYS E 96 49.50 33.42 39.87
CA CYS E 96 49.39 34.41 38.80
C CYS E 96 50.43 35.51 38.98
N LEU E 97 50.65 35.96 40.21
CA LEU E 97 51.67 36.97 40.46
C LEU E 97 53.05 36.44 40.08
N ARG E 98 53.36 35.20 40.43
CA ARG E 98 54.66 34.63 40.08
C ARG E 98 54.83 34.54 38.57
N ILE E 99 53.77 34.15 37.85
CA ILE E 99 53.86 34.08 36.40
C ILE E 99 54.07 35.46 35.80
N GLN E 100 53.31 36.46 36.27
CA GLN E 100 53.41 37.80 35.71
C GLN E 100 54.78 38.42 35.97
N GLU E 101 55.32 38.23 37.18
CA GLU E 101 56.59 38.86 37.52
C GLU E 101 57.74 38.26 36.74
N LYS E 102 57.63 37.00 36.33
CA LYS E 102 58.68 36.31 35.59
C LYS E 102 58.30 36.08 34.14
N ASN E 103 57.32 36.83 33.64
CA ASN E 103 56.91 36.91 32.23
C ASN E 103 57.02 35.57 31.50
N PHE E 104 56.44 34.53 32.12
CA PHE E 104 56.32 33.24 31.46
C PHE E 104 55.14 33.24 30.50
N SER E 105 55.34 32.63 29.33
CA SER E 105 54.26 32.59 28.35
C SER E 105 53.16 31.64 28.78
N THR E 106 53.52 30.47 29.31
CA THR E 106 52.56 29.44 29.67
C THR E 106 52.91 28.89 31.04
N GLY E 107 51.89 28.73 31.89
CA GLY E 107 52.11 28.12 33.19
C GLY E 107 51.16 26.97 33.46
N ILE E 108 51.71 25.83 33.86
CA ILE E 108 50.92 24.64 34.17
C ILE E 108 50.94 24.45 35.67
N PHE E 109 49.76 24.35 36.28
CA PHE E 109 49.61 24.28 37.72
C PHE E 109 48.88 22.99 38.07
N ILE E 110 49.61 22.04 38.64
CA ILE E 110 49.06 20.73 38.98
C ILE E 110 48.71 20.72 40.46
N TYR E 111 47.43 20.52 40.77
CA TYR E 111 46.95 20.42 42.14
C TYR E 111 46.66 18.97 42.48
N GLN E 112 46.24 18.76 43.73
CA GLN E 112 46.12 17.40 44.24
C GLN E 112 44.66 16.90 44.25
N ASN E 113 43.78 17.60 44.95
CA ASN E 113 42.43 17.11 45.18
C ASN E 113 41.39 17.83 44.33
N ASN E 114 41.28 19.15 44.47
CA ASN E 114 40.24 19.89 43.77
C ASN E 114 40.60 21.37 43.77
N ILE E 115 39.90 22.13 42.94
CA ILE E 115 40.11 23.55 42.80
C ILE E 115 38.78 24.25 43.03
N THR E 116 38.79 25.28 43.88
CA THR E 116 37.57 26.00 44.20
C THR E 116 37.08 26.78 42.98
N PRO E 117 35.76 26.97 42.84
CA PRO E 117 35.25 27.73 41.70
C PRO E 117 35.79 29.15 41.62
N SER E 118 36.04 29.80 42.76
CA SER E 118 36.60 31.14 42.75
C SER E 118 37.97 31.15 42.09
N ALA E 119 38.79 30.14 42.37
CA ALA E 119 40.07 30.01 41.70
C ALA E 119 39.90 29.76 40.21
N ASN E 120 38.86 29.00 39.82
CA ASN E 120 38.57 28.80 38.41
C ASN E 120 38.20 30.11 37.73
N LYS E 121 37.56 31.03 38.47
CA LYS E 121 37.09 32.28 37.87
C LYS E 121 38.24 33.16 37.38
N MET E 122 39.37 33.15 38.07
CA MET E 122 40.47 34.05 37.74
C MET E 122 41.44 33.48 36.73
N ILE E 123 41.21 32.25 36.25
CA ILE E 123 42.06 31.70 35.19
C ILE E 123 41.97 32.48 33.89
N PRO E 124 40.78 32.81 33.37
CA PRO E 124 40.73 33.52 32.07
C PRO E 124 41.28 34.94 32.10
N THR E 125 41.45 35.55 33.28
CA THR E 125 41.90 36.93 33.38
C THR E 125 43.41 37.04 33.66
N VAL E 126 44.18 36.02 33.29
CA VAL E 126 45.62 36.02 33.50
C VAL E 126 46.37 36.43 32.23
N SER E 127 45.68 37.07 31.29
CA SER E 127 46.29 37.44 30.02
C SER E 127 47.49 38.35 30.24
N PRO E 128 48.50 38.31 29.36
CA PRO E 128 48.55 37.48 28.15
C PRO E 128 49.08 36.07 28.39
N ALA E 129 49.61 35.82 29.59
CA ALA E 129 50.07 34.48 29.93
C ALA E 129 48.89 33.53 30.03
N ILE E 130 49.18 32.25 29.81
CA ILE E 130 48.16 31.20 29.81
C ILE E 130 48.39 30.30 31.01
N ILE E 131 47.34 30.04 31.78
CA ILE E 131 47.42 29.19 32.95
C ILE E 131 46.52 27.99 32.72
N GLU E 132 47.10 26.79 32.75
CA GLU E 132 46.36 25.54 32.60
C GLU E 132 46.55 24.71 33.87
N THR E 133 45.46 24.14 34.35
CA THR E 133 45.47 23.37 35.58
C THR E 133 45.16 21.91 35.29
N PHE E 134 45.92 21.02 35.91
CA PHE E 134 45.70 19.58 35.81
C PHE E 134 45.61 19.00 37.20
N GLN E 135 44.81 17.95 37.34
CA GLN E 135 44.74 17.20 38.58
C GLN E 135 45.84 16.15 38.59
N GLU E 136 46.26 15.76 39.80
CA GLU E 136 47.30 14.74 39.91
C GLU E 136 46.77 13.37 39.51
N SER E 137 45.50 13.09 39.78
CA SER E 137 44.97 11.75 39.56
C SER E 137 44.95 11.39 38.08
N ASP E 138 44.57 12.32 37.21
CA ASP E 138 44.40 11.98 35.81
C ASP E 138 45.71 12.02 35.02
N LEU E 139 46.82 12.41 35.65
CA LEU E 139 48.11 12.43 34.98
C LEU E 139 48.95 11.19 35.26
N VAL E 140 48.42 10.23 36.02
CA VAL E 140 49.20 9.04 36.34
C VAL E 140 49.49 8.23 35.09
N VAL E 141 48.51 8.14 34.19
CA VAL E 141 48.64 7.41 32.93
C VAL E 141 48.66 8.41 31.80
N ASN E 142 49.60 8.24 30.87
CA ASN E 142 49.68 9.08 29.69
C ASN E 142 48.71 8.54 28.65
N ILE E 143 47.61 9.25 28.43
CA ILE E 143 46.57 8.73 27.55
C ILE E 143 47.05 8.66 26.11
N THR E 144 47.97 9.53 25.71
CA THR E 144 48.42 9.52 24.33
C THR E 144 49.23 8.28 23.99
N HIS E 145 49.62 7.48 24.99
CA HIS E 145 50.26 6.20 24.74
C HIS E 145 49.27 5.06 24.65
N HIS E 146 47.97 5.34 24.73
CA HIS E 146 46.96 4.30 24.60
C HIS E 146 46.90 3.80 23.16
N GLU E 147 46.44 2.56 23.01
CA GLU E 147 46.28 2.00 21.67
C GLU E 147 45.22 2.74 20.87
N LEU E 148 44.09 3.08 21.51
CA LEU E 148 42.98 3.67 20.80
C LEU E 148 43.21 5.14 20.45
N VAL E 149 44.23 5.78 21.00
CA VAL E 149 44.46 7.20 20.81
C VAL E 149 45.51 7.36 19.71
N PRO E 150 45.15 7.85 18.52
CA PRO E 150 46.16 8.09 17.49
C PRO E 150 47.01 9.30 17.81
N LYS E 151 47.93 9.64 16.91
CA LYS E 151 48.85 10.75 17.14
C LYS E 151 48.23 12.05 16.67
N HIS E 152 48.15 13.03 17.56
CA HIS E 152 47.63 14.35 17.25
C HIS E 152 48.78 15.33 17.11
N ILE E 153 48.79 16.09 16.02
CA ILE E 153 49.83 17.07 15.76
C ILE E 153 49.17 18.41 15.48
N ARG E 154 49.52 19.42 16.26
CA ARG E 154 48.93 20.74 16.09
C ARG E 154 49.47 21.40 14.83
N LEU E 155 48.56 21.92 14.01
CA LEU E 155 48.95 22.56 12.77
C LEU E 155 49.34 24.01 12.98
N SER E 156 50.39 24.45 12.29
CA SER E 156 50.77 25.84 12.31
C SER E 156 49.76 26.67 11.50
N ASP E 157 49.86 27.99 11.63
CA ASP E 157 48.89 28.87 10.98
C ASP E 157 48.96 28.74 9.46
N GLY E 158 50.18 28.67 8.91
CA GLY E 158 50.31 28.52 7.47
C GLY E 158 49.71 27.22 6.97
N GLU E 159 49.92 26.13 7.71
CA GLU E 159 49.35 24.85 7.33
C GLU E 159 47.83 24.88 7.40
N LYS E 160 47.27 25.54 8.42
CA LYS E 160 45.82 25.66 8.52
C LYS E 160 45.26 26.45 7.34
N SER E 161 45.94 27.54 6.96
CA SER E 161 45.50 28.31 5.80
C SER E 161 45.56 27.46 4.53
N GLN E 162 46.64 26.70 4.36
CA GLN E 162 46.76 25.85 3.18
C GLN E 162 45.66 24.80 3.15
N LEU E 163 45.33 24.23 4.30
CA LEU E 163 44.24 23.26 4.38
C LEU E 163 42.91 23.87 3.96
N LEU E 164 42.57 25.02 4.54
CA LEU E 164 41.29 25.65 4.23
C LEU E 164 41.23 26.05 2.77
N GLN E 165 42.36 26.46 2.18
CA GLN E 165 42.36 26.79 0.77
C GLN E 165 42.21 25.55 -0.10
N ARG E 166 42.86 24.44 0.30
CA ARG E 166 42.77 23.23 -0.50
C ARG E 166 41.35 22.68 -0.53
N TYR E 167 40.67 22.67 0.61
CA TYR E 167 39.31 22.13 0.63
C TYR E 167 38.25 23.19 0.35
N LYS E 168 38.65 24.45 0.20
CA LYS E 168 37.71 25.55 0.01
C LYS E 168 36.65 25.55 1.11
N LEU E 169 37.12 25.66 2.34
CA LEU E 169 36.32 25.47 3.53
C LEU E 169 36.15 26.77 4.29
N LYS E 170 35.24 26.71 5.26
CA LYS E 170 35.15 27.68 6.34
C LYS E 170 35.42 26.95 7.64
N GLU E 171 35.94 27.69 8.63
CA GLU E 171 36.36 27.04 9.87
C GLU E 171 35.25 26.28 10.54
N SER E 172 34.00 26.69 10.34
CA SER E 172 32.87 25.99 10.95
C SER E 172 32.52 24.70 10.24
N GLN E 173 33.15 24.40 9.11
CA GLN E 173 32.83 23.21 8.34
C GLN E 173 33.80 22.07 8.56
N LEU E 174 34.79 22.24 9.42
CA LEU E 174 35.67 21.15 9.79
C LEU E 174 35.07 20.35 10.94
N PRO E 175 35.44 19.07 11.07
CA PRO E 175 35.07 18.34 12.27
C PRO E 175 35.68 19.00 13.50
N ARG E 176 34.96 18.95 14.61
CA ARG E 176 35.33 19.70 15.80
C ARG E 176 35.89 18.79 16.88
N ILE E 177 36.71 19.37 17.74
CA ILE E 177 37.20 18.71 18.94
C ILE E 177 37.00 19.69 20.09
N GLN E 178 36.48 19.20 21.22
CA GLN E 178 36.15 20.08 22.32
C GLN E 178 37.41 20.62 22.98
N ARG E 179 37.27 21.78 23.63
CA ARG E 179 38.42 22.38 24.32
C ARG E 179 38.77 21.61 25.58
N GLU E 180 37.80 20.97 26.21
CA GLU E 180 38.02 20.17 27.41
C GLU E 180 38.30 18.70 27.07
N ASP E 181 38.45 18.38 25.80
CA ASP E 181 38.81 17.03 25.41
C ASP E 181 40.17 16.67 25.99
N PRO E 182 40.33 15.46 26.54
CA PRO E 182 41.59 15.14 27.24
C PRO E 182 42.83 15.33 26.39
N VAL E 183 42.78 14.94 25.11
CA VAL E 183 43.93 15.14 24.24
C VAL E 183 44.11 16.62 23.92
N ALA E 184 43.01 17.36 23.82
CA ALA E 184 43.11 18.80 23.59
C ALA E 184 43.80 19.49 24.76
N ARG E 185 43.44 19.12 25.99
CA ARG E 185 44.13 19.69 27.15
C ARG E 185 45.55 19.19 27.25
N TYR E 186 45.82 17.97 26.81
CA TYR E 186 47.20 17.47 26.78
C TYR E 186 48.05 18.32 25.85
N LEU E 187 47.52 18.68 24.69
CA LEU E 187 48.28 19.47 23.73
C LEU E 187 48.19 20.97 23.98
N GLY E 188 47.38 21.40 24.94
CA GLY E 188 47.21 22.82 25.18
C GLY E 188 46.60 23.53 23.98
N LEU E 189 45.55 22.95 23.43
CA LEU E 189 44.89 23.55 22.27
C LEU E 189 44.10 24.78 22.67
N LYS E 190 44.25 25.84 21.89
CA LYS E 190 43.46 27.06 22.06
C LYS E 190 42.43 27.14 20.95
N ARG E 191 41.34 27.83 21.23
CA ARG E 191 40.21 27.88 20.30
C ARG E 191 40.65 28.39 18.95
N GLY E 192 40.24 27.69 17.89
CA GLY E 192 40.60 28.05 16.54
C GLY E 192 41.81 27.34 15.98
N GLN E 193 42.41 26.43 16.73
CA GLN E 193 43.59 25.71 16.27
C GLN E 193 43.19 24.32 15.76
N VAL E 194 43.94 23.85 14.78
CA VAL E 194 43.62 22.61 14.06
C VAL E 194 44.68 21.57 14.37
N VAL E 195 44.25 20.36 14.69
CA VAL E 195 45.13 19.23 14.89
C VAL E 195 44.96 18.26 13.73
N LYS E 196 46.08 17.73 13.24
CA LYS E 196 46.06 16.70 12.21
C LYS E 196 46.25 15.34 12.86
N ILE E 197 45.34 14.43 12.59
CA ILE E 197 45.33 13.10 13.19
C ILE E 197 45.58 12.08 12.11
N ILE E 198 46.71 11.40 12.17
CA ILE E 198 47.05 10.33 11.24
C ILE E 198 46.65 9.02 11.89
N ARG E 199 45.80 8.26 11.20
CA ARG E 199 45.05 7.18 11.83
C ARG E 199 45.19 5.90 11.03
N ARG E 200 45.16 4.78 11.74
CA ARG E 200 45.13 3.48 11.09
C ARG E 200 43.80 3.27 10.38
N SER E 201 43.87 2.74 9.16
CA SER E 201 42.67 2.45 8.37
C SER E 201 42.80 1.07 7.75
N GLU E 202 41.75 0.28 7.85
CA GLU E 202 41.77 -1.08 7.32
C GLU E 202 41.39 -1.14 5.85
N THR E 203 41.03 -0.02 5.23
CA THR E 203 40.75 0.05 3.82
C THR E 203 41.86 0.68 2.99
N SER E 204 42.67 1.55 3.60
CA SER E 204 43.75 2.21 2.88
C SER E 204 45.06 2.21 3.65
N GLY E 205 45.12 1.63 4.84
CA GLY E 205 46.35 1.62 5.59
C GLY E 205 46.50 2.84 6.49
N ARG E 206 46.55 4.01 5.88
CA ARG E 206 46.79 5.26 6.59
C ARG E 206 45.78 6.30 6.14
N TYR E 207 45.20 7.02 7.09
CA TYR E 207 44.19 8.03 6.79
C TYR E 207 44.40 9.22 7.71
N ALA E 208 44.52 10.41 7.11
CA ALA E 208 44.80 11.63 7.85
C ALA E 208 43.52 12.45 7.98
N SER E 209 43.12 12.73 9.21
CA SER E 209 41.92 13.49 9.51
C SER E 209 42.31 14.77 10.25
N TYR E 210 41.44 15.76 10.17
CA TYR E 210 41.68 17.05 10.79
C TYR E 210 40.50 17.43 11.66
N ARG E 211 40.78 18.09 12.78
CA ARG E 211 39.75 18.58 13.68
C ARG E 211 40.14 19.97 14.15
N ILE E 212 39.12 20.77 14.47
CA ILE E 212 39.32 22.15 14.89
C ILE E 212 38.82 22.29 16.32
N CYS E 213 39.55 23.06 17.13
CA CYS E 213 39.17 23.23 18.52
C CYS E 213 38.04 24.23 18.65
N LEU E 214 37.44 24.26 19.84
CA LEU E 214 36.30 25.12 20.09
C LEU E 214 36.53 26.02 21.31
N GLU F 71 34.55 34.57 -12.17
CA GLU F 71 34.67 34.52 -10.72
C GLU F 71 34.42 33.10 -10.21
N LEU F 72 33.16 32.66 -10.30
CA LEU F 72 32.82 31.33 -9.85
C LEU F 72 33.29 30.25 -10.82
N ALA F 73 33.34 30.56 -12.10
CA ALA F 73 33.78 29.59 -13.09
C ALA F 73 35.25 29.24 -12.87
N ILE F 74 35.60 27.98 -13.12
CA ILE F 74 36.96 27.49 -12.95
C ILE F 74 37.57 27.29 -14.33
N LEU F 75 38.79 27.80 -14.51
CA LEU F 75 39.44 27.77 -15.81
C LEU F 75 39.70 26.33 -16.25
N LYS F 76 39.75 26.13 -17.58
CA LYS F 76 39.93 24.79 -18.12
C LYS F 76 41.27 24.20 -17.71
N GLU F 77 42.28 25.02 -17.47
CA GLU F 77 43.60 24.50 -17.13
C GLU F 77 43.64 23.96 -15.71
N GLU F 78 42.81 24.49 -14.82
CA GLU F 78 42.83 24.13 -13.41
C GLU F 78 41.66 23.25 -13.01
N ARG F 79 41.09 22.51 -13.94
CA ARG F 79 39.98 21.62 -13.62
C ARG F 79 40.51 20.35 -12.94
N THR F 80 39.99 20.06 -11.75
CA THR F 80 40.50 18.97 -10.93
C THR F 80 39.50 17.86 -10.68
N THR F 81 38.30 17.92 -11.27
CA THR F 81 37.36 16.84 -11.11
C THR F 81 37.75 15.66 -11.98
N THR F 82 37.03 14.56 -11.82
CA THR F 82 37.35 13.36 -12.57
C THR F 82 37.10 13.58 -14.06
N PRO F 83 37.95 13.03 -14.93
CA PRO F 83 37.75 13.17 -16.38
C PRO F 83 36.81 12.15 -16.99
N TYR F 84 36.03 11.44 -16.19
CA TYR F 84 35.14 10.39 -16.66
C TYR F 84 33.70 10.80 -16.46
N LEU F 85 32.81 10.23 -17.28
CA LEU F 85 31.39 10.49 -17.18
C LEU F 85 30.81 9.57 -16.11
N THR F 86 30.36 10.14 -15.00
CA THR F 86 29.76 9.33 -13.95
C THR F 86 28.42 8.78 -14.41
N LYS F 87 27.94 7.76 -13.71
CA LYS F 87 26.73 7.08 -14.18
C LYS F 87 25.52 8.00 -14.07
N TYR F 88 25.48 8.87 -13.06
CA TYR F 88 24.40 9.83 -12.95
C TYR F 88 24.44 10.83 -14.10
N GLU F 89 25.62 11.32 -14.44
CA GLU F 89 25.74 12.23 -15.57
C GLU F 89 25.37 11.54 -16.87
N ARG F 90 25.78 10.29 -17.03
CA ARG F 90 25.43 9.55 -18.24
C ARG F 90 23.92 9.38 -18.36
N ALA F 91 23.26 9.00 -17.26
CA ALA F 91 21.81 8.80 -17.29
C ALA F 91 21.09 10.11 -17.59
N ARG F 92 21.49 11.20 -16.93
CA ARG F 92 20.84 12.48 -17.16
C ARG F 92 21.06 12.97 -18.58
N ILE F 93 22.28 12.81 -19.10
CA ILE F 93 22.57 13.25 -20.46
C ILE F 93 21.75 12.45 -21.46
N LEU F 94 21.67 11.13 -21.27
CA LEU F 94 20.88 10.31 -22.19
C LEU F 94 19.41 10.70 -22.14
N GLY F 95 18.88 10.93 -20.93
CA GLY F 95 17.48 11.32 -20.82
C GLY F 95 17.19 12.66 -21.48
N THR F 96 18.04 13.65 -21.23
CA THR F 96 17.84 14.97 -21.84
C THR F 96 17.95 14.90 -23.35
N ARG F 97 18.95 14.18 -23.86
CA ARG F 97 19.10 14.08 -25.31
C ARG F 97 17.94 13.34 -25.94
N ALA F 98 17.45 12.28 -25.29
CA ALA F 98 16.30 11.56 -25.82
C ALA F 98 15.07 12.45 -25.86
N LEU F 99 14.85 13.23 -24.81
CA LEU F 99 13.72 14.14 -24.79
C LEU F 99 13.84 15.18 -25.89
N GLN F 100 15.04 15.74 -26.07
CA GLN F 100 15.23 16.76 -27.11
C GLN F 100 15.00 16.18 -28.49
N ILE F 101 15.49 14.97 -28.74
CA ILE F 101 15.26 14.33 -30.04
C ILE F 101 13.78 14.07 -30.25
N SER F 102 13.09 13.62 -29.21
CA SER F 102 11.65 13.44 -29.30
C SER F 102 10.91 14.74 -29.53
N MET F 103 11.54 15.88 -29.20
CA MET F 103 10.98 17.19 -29.53
C MET F 103 11.58 17.78 -30.80
N ASN F 104 11.99 16.91 -31.73
CA ASN F 104 12.37 17.32 -33.09
C ASN F 104 13.64 18.18 -33.08
N ALA F 105 14.60 17.82 -32.27
CA ALA F 105 15.89 18.47 -32.39
C ALA F 105 16.71 17.82 -33.49
N PRO F 106 17.63 18.56 -34.11
CA PRO F 106 18.50 17.96 -35.13
C PRO F 106 19.35 16.86 -34.54
N VAL F 107 19.55 15.80 -35.33
CA VAL F 107 20.36 14.66 -34.93
C VAL F 107 21.73 14.79 -35.60
N LEU F 108 22.78 14.64 -34.81
CA LEU F 108 24.13 14.89 -35.27
C LEU F 108 24.85 13.65 -35.77
N VAL F 109 24.17 12.50 -35.79
CA VAL F 109 24.75 11.27 -36.31
C VAL F 109 23.79 10.67 -37.32
N ASP F 110 24.34 9.88 -38.23
CA ASP F 110 23.51 9.20 -39.22
C ASP F 110 22.77 8.04 -38.58
N ILE F 111 21.48 7.95 -38.86
CA ILE F 111 20.61 6.90 -38.31
C ILE F 111 20.41 5.86 -39.41
N GLU F 112 20.80 4.63 -39.12
CA GLU F 112 20.61 3.56 -40.09
C GLU F 112 19.14 3.14 -40.17
N GLY F 113 18.63 2.54 -39.11
CA GLY F 113 17.26 2.10 -39.08
C GLY F 113 16.63 2.32 -37.72
N GLU F 114 17.33 3.05 -36.86
CA GLU F 114 16.88 3.26 -35.50
C GLU F 114 15.71 4.25 -35.46
N THR F 115 14.80 4.03 -34.52
CA THR F 115 13.65 4.89 -34.33
C THR F 115 13.42 5.32 -32.89
N ASP F 116 13.99 4.64 -31.92
CA ASP F 116 13.78 4.99 -30.52
C ASP F 116 14.66 6.18 -30.15
N PRO F 117 14.09 7.25 -29.59
CA PRO F 117 14.93 8.39 -29.19
C PRO F 117 16.05 8.02 -28.24
N LEU F 118 15.81 7.11 -27.30
CA LEU F 118 16.87 6.71 -26.38
C LEU F 118 18.01 6.02 -27.11
N GLN F 119 17.67 5.17 -28.09
CA GLN F 119 18.71 4.49 -28.85
C GLN F 119 19.52 5.47 -29.69
N ILE F 120 18.85 6.46 -30.29
CA ILE F 120 19.57 7.49 -31.03
C ILE F 120 20.49 8.27 -30.10
N ALA F 121 20.01 8.57 -28.89
CA ALA F 121 20.85 9.29 -27.92
C ALA F 121 22.07 8.47 -27.54
N MET F 122 21.89 7.17 -27.32
CA MET F 122 23.02 6.32 -26.99
C MET F 122 24.01 6.26 -28.14
N LYS F 123 23.51 6.17 -29.37
CA LYS F 123 24.39 6.18 -30.54
C LYS F 123 25.16 7.48 -30.63
N GLU F 124 24.51 8.61 -30.36
CA GLU F 124 25.20 9.89 -30.34
C GLU F 124 26.27 9.93 -29.27
N LEU F 125 25.95 9.42 -28.08
CA LEU F 125 26.91 9.45 -26.98
C LEU F 125 28.13 8.60 -27.28
N SER F 126 27.93 7.43 -27.88
CA SER F 126 29.06 6.56 -28.17
C SER F 126 30.05 7.22 -29.13
N GLN F 127 29.56 8.08 -30.03
CA GLN F 127 30.41 8.75 -31.00
C GLN F 127 30.87 10.12 -30.55
N ARG F 128 30.57 10.51 -29.31
CA ARG F 128 30.98 11.80 -28.76
C ARG F 128 30.43 12.95 -29.59
N LYS F 129 29.13 12.90 -29.87
CA LYS F 129 28.47 13.90 -30.71
C LYS F 129 27.35 14.63 -29.99
N ILE F 130 27.18 14.42 -28.69
CA ILE F 130 26.10 15.08 -27.96
C ILE F 130 26.49 16.53 -27.68
N PRO F 131 25.67 17.49 -28.08
CA PRO F 131 26.02 18.92 -27.92
C PRO F 131 25.57 19.50 -26.59
N LEU F 132 25.97 18.85 -25.50
CA LEU F 132 25.59 19.29 -24.16
C LEU F 132 26.85 19.47 -23.32
N VAL F 133 26.71 20.30 -22.28
CA VAL F 133 27.80 20.63 -21.38
C VAL F 133 27.37 20.28 -19.97
N ILE F 134 28.23 19.57 -19.25
CA ILE F 134 28.01 19.27 -17.84
C ILE F 134 28.64 20.36 -17.00
N ARG F 135 27.88 20.88 -16.04
CA ARG F 135 28.38 21.89 -15.12
C ARG F 135 28.39 21.27 -13.73
N ARG F 136 29.58 20.96 -13.22
CA ARG F 136 29.74 20.25 -11.97
C ARG F 136 29.90 21.25 -10.83
N TYR F 137 29.00 21.22 -9.86
CA TYR F 137 28.96 22.20 -8.80
C TYR F 137 29.81 21.74 -7.62
N LEU F 138 30.84 22.50 -7.29
CA LEU F 138 31.65 22.25 -6.13
C LEU F 138 30.90 22.71 -4.88
N PRO F 139 31.26 22.21 -3.69
CA PRO F 139 30.50 22.55 -2.49
C PRO F 139 30.48 24.03 -2.17
N ASP F 140 31.54 24.78 -2.50
CA ASP F 140 31.59 26.19 -2.16
C ASP F 140 30.79 27.07 -3.11
N GLY F 141 30.26 26.51 -4.20
CA GLY F 141 29.50 27.26 -5.17
C GLY F 141 30.18 27.42 -6.51
N SER F 142 31.50 27.29 -6.56
CA SER F 142 32.19 27.33 -7.84
C SER F 142 31.86 26.08 -8.65
N TYR F 143 32.11 26.14 -9.95
CA TYR F 143 31.71 25.06 -10.84
C TYR F 143 32.75 24.88 -11.94
N GLU F 144 32.71 23.69 -12.54
CA GLU F 144 33.52 23.36 -13.70
C GLU F 144 32.61 22.96 -14.85
N ASP F 145 32.89 23.49 -16.03
CA ASP F 145 32.11 23.18 -17.22
C ASP F 145 32.88 22.17 -18.06
N TRP F 146 32.31 20.98 -18.23
CA TRP F 146 32.91 19.92 -19.03
C TRP F 146 32.00 19.63 -20.21
N GLY F 147 32.58 19.61 -21.41
CA GLY F 147 31.82 19.19 -22.57
C GLY F 147 31.69 17.68 -22.61
N CYS F 148 30.52 17.21 -23.06
CA CYS F 148 30.32 15.77 -23.16
C CYS F 148 31.20 15.14 -24.23
N ASP F 149 31.81 15.94 -25.09
CA ASP F 149 32.74 15.41 -26.08
C ASP F 149 34.14 15.23 -25.53
N GLU F 150 34.45 15.77 -24.35
CA GLU F 150 35.76 15.63 -23.74
C GLU F 150 35.75 14.81 -22.47
N LEU F 151 34.60 14.30 -22.06
CA LEU F 151 34.50 13.38 -20.93
C LEU F 151 34.57 11.95 -21.43
N ILE F 152 35.41 11.14 -20.78
CA ILE F 152 35.59 9.77 -21.19
C ILE F 152 34.41 8.93 -20.73
N VAL F 153 33.85 8.15 -21.64
CA VAL F 153 32.70 7.30 -21.35
C VAL F 153 33.09 5.84 -21.52
N ASP F 154 32.66 5.00 -20.59
CA ASP F 154 32.97 3.59 -20.64
C ASP F 154 32.01 2.85 -21.56
N MET G 1 11.73 61.52 -20.52
CA MET G 1 13.16 61.78 -20.63
C MET G 1 13.90 60.52 -21.04
N PHE G 2 14.85 60.65 -21.96
CA PHE G 2 15.57 59.51 -22.48
C PHE G 2 16.74 59.15 -21.57
N PHE G 3 17.05 57.85 -21.52
CA PHE G 3 18.12 57.35 -20.67
C PHE G 3 18.79 56.17 -21.34
N LEU G 4 19.98 55.84 -20.84
CA LEU G 4 20.66 54.59 -21.16
C LEU G 4 20.60 53.68 -19.94
N LYS G 5 20.12 52.46 -20.15
CA LYS G 5 19.96 51.50 -19.07
C LYS G 5 20.53 50.15 -19.50
N ASP G 6 21.06 49.41 -18.53
CA ASP G 6 21.53 48.05 -18.75
C ASP G 6 20.42 47.10 -18.30
N LEU G 7 19.76 46.47 -19.27
CA LEU G 7 18.64 45.60 -19.00
C LEU G 7 19.02 44.15 -19.30
N SER G 8 18.22 43.23 -18.76
CA SER G 8 18.42 41.80 -18.95
C SER G 8 17.10 41.15 -19.31
N LEU G 9 17.17 40.10 -20.14
CA LEU G 9 16.00 39.39 -20.59
C LEU G 9 16.23 37.89 -20.49
N ILE G 10 15.18 37.17 -20.10
CA ILE G 10 15.20 35.72 -20.04
C ILE G 10 14.54 35.19 -21.30
N LEU G 11 15.29 34.43 -22.10
CA LEU G 11 14.82 33.94 -23.38
C LEU G 11 14.82 32.42 -23.37
N THR G 12 13.69 31.82 -23.71
CA THR G 12 13.54 30.37 -23.75
C THR G 12 13.49 29.93 -25.21
N LEU G 13 14.28 28.91 -25.54
CA LEU G 13 14.42 28.44 -26.92
C LEU G 13 13.94 26.99 -27.02
N HIS G 14 13.13 26.71 -28.03
CA HIS G 14 12.66 25.36 -28.24
C HIS G 14 13.77 24.50 -28.85
N PRO G 15 13.82 23.20 -28.53
CA PRO G 15 14.90 22.35 -29.04
C PRO G 15 14.95 22.27 -30.56
N SER G 16 13.86 22.57 -31.26
CA SER G 16 13.88 22.49 -32.71
C SER G 16 14.80 23.52 -33.35
N TYR G 17 15.24 24.52 -32.58
CA TYR G 17 16.13 25.56 -33.09
C TYR G 17 17.57 25.35 -32.66
N PHE G 18 17.91 24.18 -32.14
CA PHE G 18 19.27 23.91 -31.67
C PHE G 18 20.17 23.63 -32.88
N GLY G 19 20.52 24.70 -33.57
CA GLY G 19 21.36 24.62 -34.73
C GLY G 19 22.54 25.57 -34.66
N PRO G 20 23.36 25.58 -35.70
CA PRO G 20 24.50 26.52 -35.72
C PRO G 20 24.08 27.98 -35.68
N GLN G 21 22.92 28.33 -36.24
CA GLN G 21 22.44 29.70 -36.26
C GLN G 21 21.66 30.07 -35.00
N MET G 22 21.92 29.37 -33.89
CA MET G 22 21.18 29.63 -32.65
C MET G 22 21.38 31.04 -32.14
N ASN G 23 22.63 31.52 -32.15
CA ASN G 23 22.93 32.82 -31.54
C ASN G 23 22.28 33.95 -32.31
N GLN G 24 22.40 33.95 -33.64
CA GLN G 24 21.81 35.02 -34.41
C GLN G 24 20.29 35.01 -34.28
N TYR G 25 19.70 33.81 -34.26
CA TYR G 25 18.25 33.71 -34.09
C TYR G 25 17.81 34.28 -32.75
N LEU G 26 18.58 33.99 -31.69
CA LEU G 26 18.28 34.60 -30.40
C LEU G 26 18.38 36.11 -30.47
N ARG G 27 19.35 36.63 -31.22
CA ARG G 27 19.49 38.08 -31.36
C ARG G 27 18.25 38.70 -32.01
N GLU G 28 17.80 38.13 -33.13
CA GLU G 28 16.62 38.72 -33.77
C GLU G 28 15.37 38.53 -32.92
N LYS G 29 15.27 37.41 -32.19
CA LYS G 29 14.12 37.23 -31.31
C LYS G 29 14.11 38.29 -30.22
N LEU G 30 15.27 38.58 -29.63
CA LEU G 30 15.36 39.64 -28.63
C LEU G 30 14.97 40.98 -29.22
N LEU G 31 15.46 41.29 -30.42
CA LEU G 31 15.15 42.56 -31.04
C LEU G 31 13.66 42.69 -31.30
N THR G 32 13.03 41.64 -31.82
CA THR G 32 11.60 41.70 -32.09
C THR G 32 10.78 41.79 -30.81
N ASP G 33 11.26 41.18 -29.72
CA ASP G 33 10.47 41.15 -28.50
C ASP G 33 10.75 42.31 -27.55
N VAL G 34 11.75 43.15 -27.83
CA VAL G 34 12.10 44.27 -26.95
C VAL G 34 11.88 45.62 -27.65
N GLU G 35 12.26 45.73 -28.92
CA GLU G 35 12.10 46.98 -29.65
C GLU G 35 10.64 47.38 -29.70
N GLY G 36 10.32 48.57 -29.17
CA GLY G 36 8.99 49.12 -29.26
C GLY G 36 8.05 48.73 -28.15
N THR G 37 8.45 47.84 -27.25
CA THR G 37 7.57 47.44 -26.16
C THR G 37 7.47 48.56 -25.13
N CYS G 38 6.46 48.43 -24.26
CA CYS G 38 6.18 49.45 -23.25
C CYS G 38 6.00 48.76 -21.90
N THR G 39 6.93 48.98 -20.98
CA THR G 39 6.86 48.45 -19.63
C THR G 39 6.66 49.59 -18.66
N GLY G 40 5.70 49.44 -17.75
CA GLY G 40 5.41 50.50 -16.81
C GLY G 40 6.59 50.83 -15.90
N GLN G 41 7.38 49.81 -15.53
CA GLN G 41 8.52 50.06 -14.66
C GLN G 41 9.57 50.94 -15.33
N PHE G 42 9.82 50.72 -16.62
CA PHE G 42 10.87 51.44 -17.33
C PHE G 42 10.36 52.48 -18.30
N GLY G 43 9.17 52.28 -18.87
CA GLY G 43 8.66 53.21 -19.86
C GLY G 43 8.58 52.58 -21.24
N TYR G 44 9.28 53.18 -22.19
CA TYR G 44 9.30 52.69 -23.57
C TYR G 44 10.74 52.41 -23.97
N ILE G 45 10.99 51.21 -24.47
CA ILE G 45 12.29 50.85 -25.03
C ILE G 45 12.23 51.13 -26.53
N VAL G 46 13.08 52.04 -26.99
CA VAL G 46 13.02 52.50 -28.37
C VAL G 46 14.04 51.79 -29.25
N THR G 47 15.28 51.65 -28.78
CA THR G 47 16.32 50.96 -29.54
C THR G 47 17.24 50.21 -28.60
N VAL G 48 17.94 49.23 -29.15
CA VAL G 48 18.94 48.45 -28.43
C VAL G 48 20.29 48.73 -29.08
N LEU G 49 21.24 49.23 -28.30
CA LEU G 49 22.55 49.54 -28.82
C LEU G 49 23.36 48.27 -29.04
N ASP G 50 24.17 48.28 -30.09
CA ASP G 50 25.02 47.14 -30.46
C ASP G 50 24.19 45.87 -30.62
N GLY G 51 23.12 45.98 -31.40
CA GLY G 51 22.14 44.91 -31.49
C GLY G 51 22.65 43.63 -32.12
N MET G 52 23.76 43.69 -32.85
CA MET G 52 24.31 42.52 -33.53
C MET G 52 25.49 41.91 -32.80
N ASN G 53 25.89 42.45 -31.65
CA ASN G 53 27.02 41.94 -30.88
C ASN G 53 26.64 41.81 -29.42
N ILE G 54 25.46 41.27 -29.14
CA ILE G 54 25.01 41.08 -27.77
C ILE G 54 25.44 39.70 -27.29
N ASP G 55 26.05 39.64 -26.12
CA ASP G 55 26.42 38.37 -25.54
C ASP G 55 25.20 37.67 -24.97
N VAL G 56 25.09 36.37 -25.24
CA VAL G 56 23.98 35.57 -24.75
C VAL G 56 24.40 34.51 -23.74
N GLY G 57 25.69 34.20 -23.63
CA GLY G 57 26.12 33.24 -22.65
C GLY G 57 25.75 31.82 -23.03
N LYS G 58 25.69 30.96 -22.02
CA LYS G 58 25.37 29.56 -22.19
C LYS G 58 23.96 29.31 -21.66
N GLY G 59 23.12 28.69 -22.47
CA GLY G 59 21.78 28.40 -22.06
C GLY G 59 21.70 27.15 -21.21
N ARG G 60 20.79 27.18 -20.24
CA ARG G 60 20.60 26.09 -19.30
C ARG G 60 19.37 25.28 -19.71
N ILE G 61 19.53 23.96 -19.75
CA ILE G 61 18.44 23.09 -20.14
C ILE G 61 17.46 22.97 -18.97
N ILE G 62 16.21 23.30 -19.22
CA ILE G 62 15.20 23.19 -18.16
C ILE G 62 14.90 21.72 -17.90
N PRO G 63 15.09 21.22 -16.68
CA PRO G 63 14.83 19.81 -16.42
C PRO G 63 13.36 19.47 -16.61
N GLY G 64 13.11 18.44 -17.41
CA GLY G 64 11.77 17.96 -17.65
C GLY G 64 11.05 18.59 -18.82
N SER G 65 11.63 19.61 -19.46
CA SER G 65 10.99 20.24 -20.61
C SER G 65 11.92 20.44 -21.80
N GLY G 66 13.22 20.20 -21.67
CA GLY G 66 14.10 20.18 -22.82
C GLY G 66 14.53 21.54 -23.33
N SER G 67 13.65 22.53 -23.21
CA SER G 67 13.95 23.86 -23.73
C SER G 67 15.08 24.49 -22.94
N ALA G 68 15.92 25.24 -23.65
CA ALA G 68 17.03 25.95 -23.04
C ALA G 68 16.63 27.36 -22.65
N GLU G 69 17.16 27.83 -21.52
CA GLU G 69 16.87 29.15 -21.00
C GLU G 69 18.12 30.01 -21.07
N PHE G 70 18.02 31.16 -21.73
CA PHE G 70 19.15 32.04 -21.94
C PHE G 70 18.95 33.35 -21.19
N GLU G 71 20.04 33.85 -20.61
CA GLU G 71 20.04 35.13 -19.91
C GLU G 71 20.79 36.14 -20.77
N VAL G 72 20.07 37.11 -21.32
CA VAL G 72 20.62 38.06 -22.28
C VAL G 72 20.69 39.43 -21.62
N LYS G 73 21.88 39.99 -21.54
CA LYS G 73 22.11 41.32 -20.99
C LYS G 73 22.45 42.28 -22.12
N TYR G 74 21.81 43.45 -22.11
CA TYR G 74 21.97 44.41 -23.19
C TYR G 74 21.75 45.82 -22.69
N ARG G 75 22.23 46.78 -23.46
CA ARG G 75 22.08 48.20 -23.18
C ARG G 75 21.10 48.80 -24.19
N ALA G 76 20.10 49.53 -23.69
CA ALA G 76 19.05 50.04 -24.55
C ALA G 76 18.71 51.48 -24.15
N VAL G 77 18.15 52.21 -25.11
CA VAL G 77 17.69 53.57 -24.89
C VAL G 77 16.23 53.49 -24.42
N VAL G 78 15.95 54.13 -23.29
CA VAL G 78 14.63 54.06 -22.70
C VAL G 78 14.13 55.49 -22.41
N TRP G 79 12.86 55.71 -22.71
CA TRP G 79 12.19 56.98 -22.45
C TRP G 79 11.07 56.77 -21.44
N LYS G 80 11.05 57.61 -20.41
CA LYS G 80 9.98 57.53 -19.41
C LYS G 80 9.64 58.92 -18.89
N PRO G 81 8.35 59.30 -18.93
CA PRO G 81 7.94 60.57 -18.34
C PRO G 81 7.95 60.50 -16.82
N PHE G 82 8.11 61.67 -16.20
CA PHE G 82 8.12 61.80 -14.75
C PHE G 82 7.10 62.83 -14.31
N LYS G 83 6.56 62.62 -13.10
CA LYS G 83 5.61 63.57 -12.54
C LYS G 83 6.26 64.93 -12.34
N GLY G 84 5.56 65.98 -12.76
CA GLY G 84 6.07 67.33 -12.61
C GLY G 84 7.14 67.72 -13.60
N GLU G 85 7.11 67.17 -14.80
CA GLU G 85 8.10 67.48 -15.82
C GLU G 85 7.44 68.22 -16.99
N VAL G 86 8.12 69.23 -17.50
CA VAL G 86 7.64 70.06 -18.60
C VAL G 86 8.36 69.63 -19.87
N VAL G 87 7.59 69.23 -20.89
CA VAL G 87 8.14 68.75 -22.14
C VAL G 87 7.36 69.34 -23.31
N ASP G 88 7.96 69.27 -24.48
CA ASP G 88 7.31 69.71 -25.72
C ASP G 88 6.36 68.64 -26.20
N ALA G 89 5.41 69.05 -27.06
CA ALA G 89 4.38 68.14 -27.54
C ALA G 89 3.81 68.67 -28.84
N ILE G 90 3.04 67.83 -29.51
CA ILE G 90 2.29 68.18 -30.71
C ILE G 90 0.86 67.71 -30.53
N VAL G 91 -0.09 68.63 -30.69
CA VAL G 91 -1.49 68.29 -30.47
C VAL G 91 -1.97 67.35 -31.57
N SER G 92 -2.61 66.25 -31.16
CA SER G 92 -3.11 65.25 -32.09
C SER G 92 -4.62 65.31 -32.29
N ASN G 93 -5.37 65.82 -31.33
CA ASN G 93 -6.82 65.87 -31.46
C ASN G 93 -7.36 66.97 -30.55
N VAL G 94 -8.49 67.54 -30.95
CA VAL G 94 -9.18 68.57 -30.19
C VAL G 94 -10.60 68.09 -29.93
N SER G 95 -11.03 68.19 -28.67
CA SER G 95 -12.33 67.68 -28.26
C SER G 95 -12.87 68.59 -27.16
N PRO G 96 -14.20 68.64 -26.98
CA PRO G 96 -14.75 69.49 -25.91
C PRO G 96 -14.26 69.12 -24.52
N ILE G 97 -14.03 67.83 -24.24
CA ILE G 97 -13.53 67.43 -22.93
C ILE G 97 -12.06 67.77 -22.74
N GLY G 98 -11.36 68.10 -23.80
CA GLY G 98 -9.95 68.43 -23.75
C GLY G 98 -9.27 68.05 -25.05
N PHE G 99 -7.95 68.20 -25.08
CA PHE G 99 -7.17 67.93 -26.27
C PHE G 99 -6.11 66.89 -25.96
N PHE G 100 -5.78 66.09 -26.98
CA PHE G 100 -4.79 65.02 -26.85
C PHE G 100 -3.54 65.41 -27.62
N ALA G 101 -2.40 65.34 -26.93
CA ALA G 101 -1.10 65.63 -27.52
C ALA G 101 -0.25 64.37 -27.54
N ASP G 102 0.86 64.43 -28.28
CA ASP G 102 1.76 63.30 -28.43
C ASP G 102 3.16 63.73 -28.04
N VAL G 103 3.77 63.01 -27.10
CA VAL G 103 5.16 63.22 -26.69
C VAL G 103 5.89 61.95 -27.03
N GLY G 104 6.48 61.88 -28.23
CA GLY G 104 7.05 60.66 -28.73
C GLY G 104 5.99 59.59 -28.87
N PRO G 105 6.26 58.40 -28.32
CA PRO G 105 5.26 57.34 -28.35
C PRO G 105 4.12 57.54 -27.36
N LEU G 106 4.30 58.39 -26.37
CA LEU G 106 3.27 58.61 -25.35
C LEU G 106 2.23 59.60 -25.85
N ASN G 107 0.96 59.28 -25.61
CA ASN G 107 -0.15 60.16 -25.93
C ASN G 107 -0.71 60.73 -24.62
N VAL G 108 -0.75 62.05 -24.52
CA VAL G 108 -1.10 62.74 -23.28
C VAL G 108 -2.44 63.43 -23.48
N PHE G 109 -3.34 63.27 -22.52
CA PHE G 109 -4.66 63.90 -22.54
C PHE G 109 -4.69 65.01 -21.50
N VAL G 110 -5.11 66.19 -21.93
CA VAL G 110 -5.22 67.35 -21.05
C VAL G 110 -6.69 67.75 -20.98
N SER G 111 -7.24 67.75 -19.78
CA SER G 111 -8.64 68.10 -19.60
C SER G 111 -8.81 69.63 -19.56
N THR G 112 -10.06 70.06 -19.77
CA THR G 112 -10.35 71.49 -19.77
C THR G 112 -10.07 72.11 -18.40
N ARG G 113 -10.24 71.33 -17.34
CA ARG G 113 -9.98 71.82 -15.99
C ARG G 113 -8.51 72.10 -15.73
N LEU G 114 -7.62 71.65 -16.61
CA LEU G 114 -6.19 71.96 -16.54
C LEU G 114 -5.76 72.92 -17.64
N ILE G 115 -6.70 73.59 -18.29
CA ILE G 115 -6.42 74.53 -19.38
C ILE G 115 -6.80 75.93 -18.91
N PRO G 116 -6.02 76.96 -19.24
CA PRO G 116 -6.43 78.32 -18.88
C PRO G 116 -7.79 78.68 -19.46
N ASP G 117 -8.55 79.47 -18.70
CA ASP G 117 -9.95 79.73 -19.03
C ASP G 117 -10.08 80.56 -20.30
N ASN G 118 -9.13 81.46 -20.58
CA ASN G 118 -9.23 82.30 -21.77
C ASN G 118 -9.14 81.51 -23.05
N LEU G 119 -8.59 80.28 -23.01
CA LEU G 119 -8.50 79.44 -24.19
C LEU G 119 -9.81 78.66 -24.35
N VAL G 120 -10.87 79.40 -24.68
CA VAL G 120 -12.18 78.81 -24.85
C VAL G 120 -12.19 77.92 -26.09
N TYR G 121 -12.76 76.73 -25.95
CA TYR G 121 -12.85 75.80 -27.08
C TYR G 121 -13.78 76.37 -28.15
N ASN G 122 -13.29 76.44 -29.38
CA ASN G 122 -14.07 76.94 -30.50
C ASN G 122 -14.40 75.79 -31.44
N PRO G 123 -15.62 75.25 -31.41
CA PRO G 123 -15.97 74.18 -32.35
C PRO G 123 -16.29 74.68 -33.75
N SER G 124 -16.61 75.97 -33.91
CA SER G 124 -16.91 76.49 -35.24
C SER G 124 -15.66 76.68 -36.07
N ASN G 125 -14.51 76.87 -35.42
CA ASN G 125 -13.26 77.07 -36.14
C ASN G 125 -12.90 75.83 -36.94
N SER G 126 -12.16 76.04 -38.03
CA SER G 126 -11.77 74.96 -38.93
C SER G 126 -10.25 74.86 -38.99
N PRO G 127 -9.63 73.87 -38.31
CA PRO G 127 -10.30 72.87 -37.49
C PRO G 127 -10.62 73.37 -36.09
N PRO G 128 -11.55 72.72 -35.39
CA PRO G 128 -11.92 73.18 -34.04
C PRO G 128 -10.71 73.22 -33.12
N ALA G 129 -10.67 74.22 -32.25
CA ALA G 129 -9.48 74.50 -31.46
C ALA G 129 -9.88 75.12 -30.14
N TYR G 130 -8.92 75.17 -29.22
CA TYR G 130 -9.03 75.90 -27.96
C TYR G 130 -8.26 77.20 -28.15
N MET G 131 -8.97 78.30 -28.32
CA MET G 131 -8.32 79.54 -28.75
C MET G 131 -8.62 80.66 -27.76
N SER G 132 -7.68 81.61 -27.70
CA SER G 132 -7.86 82.85 -26.94
C SER G 132 -7.63 84.01 -27.89
N ASN G 133 -7.53 85.23 -27.34
CA ASN G 133 -7.30 86.40 -28.19
C ASN G 133 -5.97 86.30 -28.92
N ASP G 134 -4.90 85.97 -28.20
CA ASP G 134 -3.57 85.88 -28.78
C ASP G 134 -3.07 84.44 -28.93
N GLU G 135 -3.84 83.45 -28.51
CA GLU G 135 -3.41 82.07 -28.58
C GLU G 135 -4.46 81.24 -29.31
N LEU G 136 -3.98 80.29 -30.12
CA LEU G 136 -4.84 79.38 -30.87
C LEU G 136 -4.12 78.06 -30.97
N ILE G 137 -4.63 77.04 -30.28
CA ILE G 137 -4.02 75.72 -30.24
C ILE G 137 -4.96 74.73 -30.90
N THR G 138 -4.53 74.14 -32.01
CA THR G 138 -5.33 73.21 -32.78
C THR G 138 -4.50 71.99 -33.09
N LYS G 139 -5.04 71.12 -33.94
CA LYS G 139 -4.31 69.92 -34.37
C LYS G 139 -3.01 70.32 -35.07
N GLY G 140 -1.91 69.68 -34.68
CA GLY G 140 -0.62 69.96 -35.26
C GLY G 140 0.12 71.14 -34.66
N SER G 141 -0.44 71.79 -33.64
CA SER G 141 0.19 72.95 -33.05
C SER G 141 1.16 72.54 -31.95
N LYS G 142 2.33 73.17 -31.93
CA LYS G 142 3.31 72.92 -30.87
C LYS G 142 2.80 73.47 -29.55
N VAL G 143 2.87 72.64 -28.51
CA VAL G 143 2.44 73.04 -27.17
C VAL G 143 3.49 72.59 -26.16
N ARG G 144 3.71 73.41 -25.15
CA ARG G 144 4.61 73.10 -24.04
C ARG G 144 3.75 72.82 -22.82
N LEU G 145 3.78 71.59 -22.32
CA LEU G 145 2.92 71.16 -21.23
C LEU G 145 3.74 70.48 -20.15
N LYS G 146 3.20 70.47 -18.94
CA LYS G 146 3.82 69.84 -17.78
C LYS G 146 3.02 68.59 -17.41
N VAL G 147 3.71 67.45 -17.35
CA VAL G 147 3.06 66.20 -17.00
C VAL G 147 2.80 66.18 -15.50
N VAL G 148 1.54 65.97 -15.12
CA VAL G 148 1.14 65.95 -13.72
C VAL G 148 1.02 64.54 -13.18
N GLY G 149 0.33 63.66 -13.91
CA GLY G 149 0.13 62.31 -13.44
C GLY G 149 0.36 61.32 -14.56
N THR G 150 0.81 60.12 -14.17
CA THR G 150 1.05 59.03 -15.09
C THR G 150 0.29 57.80 -14.61
N ARG G 151 -0.43 57.16 -15.52
CA ARG G 151 -1.21 55.95 -15.21
C ARG G 151 -0.54 54.74 -15.82
N THR G 152 -0.36 53.70 -15.01
CA THR G 152 0.31 52.48 -15.44
C THR G 152 -0.72 51.44 -15.85
N ASP G 153 -0.54 50.88 -17.04
CA ASP G 153 -1.40 49.84 -17.58
C ASP G 153 -0.57 48.57 -17.78
N VAL G 154 -1.20 47.56 -18.40
CA VAL G 154 -0.52 46.28 -18.62
C VAL G 154 0.75 46.50 -19.45
N ASN G 155 0.59 47.02 -20.66
CA ASN G 155 1.73 47.36 -21.50
C ASN G 155 1.56 48.75 -22.12
N GLU G 156 0.96 49.67 -21.36
CA GLU G 156 0.71 51.02 -21.85
C GLU G 156 0.88 51.99 -20.69
N ILE G 157 1.15 53.25 -21.03
CA ILE G 157 1.30 54.32 -20.05
C ILE G 157 0.40 55.47 -20.46
N TYR G 158 -0.41 55.95 -19.53
CA TYR G 158 -1.30 57.09 -19.75
C TYR G 158 -0.84 58.25 -18.88
N ALA G 159 -0.58 59.38 -19.51
CA ALA G 159 -0.10 60.57 -18.82
C ALA G 159 -1.13 61.70 -18.96
N ILE G 160 -1.14 62.59 -17.97
CA ILE G 160 -2.01 63.75 -17.94
C ILE G 160 -1.15 65.00 -17.88
N GLY G 161 -1.39 65.93 -18.81
CA GLY G 161 -0.64 67.16 -18.88
C GLY G 161 -1.48 68.36 -18.46
N SER G 162 -0.78 69.50 -18.32
CA SER G 162 -1.44 70.74 -17.94
C SER G 162 -0.67 71.91 -18.55
N ILE G 163 -1.41 72.97 -18.84
CA ILE G 163 -0.84 74.18 -19.45
C ILE G 163 -1.28 75.40 -18.67
N LYS G 164 -1.80 75.17 -17.46
CA LYS G 164 -2.38 76.24 -16.66
C LYS G 164 -1.34 77.12 -15.97
N GLU G 165 -0.07 76.76 -15.95
CA GLU G 165 0.96 77.57 -15.30
C GLU G 165 1.72 78.37 -16.37
N ASP G 166 2.67 79.17 -15.90
CA ASP G 166 3.39 80.07 -16.77
C ASP G 166 4.36 79.31 -17.68
N PHE G 167 4.71 79.96 -18.79
CA PHE G 167 5.62 79.41 -19.80
C PHE G 167 5.08 78.12 -20.41
N LEU G 168 3.76 77.96 -20.38
CA LEU G 168 3.09 76.78 -20.92
C LEU G 168 2.16 77.21 -22.05
N GLY G 169 1.36 76.27 -22.53
CA GLY G 169 0.43 76.57 -23.61
C GLY G 169 1.11 76.52 -24.97
N ALA G 170 0.64 77.38 -25.87
CA ALA G 170 1.16 77.41 -27.23
C ALA G 170 2.62 77.84 -27.24
N ILE G 171 3.40 77.24 -28.14
CA ILE G 171 4.78 77.63 -28.36
C ILE G 171 5.07 77.65 -29.85
N SER H 3 50.67 -40.65 -34.72
CA SER H 3 49.24 -40.86 -34.53
C SER H 3 48.90 -41.00 -33.05
N ALA H 4 49.43 -42.04 -32.41
CA ALA H 4 49.21 -42.29 -30.99
C ALA H 4 50.35 -41.68 -30.19
N LEU H 5 49.99 -40.99 -29.10
CA LEU H 5 50.98 -40.27 -28.31
C LEU H 5 51.50 -41.05 -27.12
N PHE H 6 50.81 -42.13 -26.74
CA PHE H 6 51.22 -42.95 -25.61
C PHE H 6 50.57 -44.31 -25.76
N ASP H 7 51.29 -45.36 -25.35
CA ASP H 7 50.76 -46.71 -25.46
C ASP H 7 51.42 -47.57 -24.39
N ASP H 8 50.62 -48.41 -23.75
CA ASP H 8 51.12 -49.27 -22.68
C ASP H 8 50.03 -50.28 -22.34
N ILE H 9 50.37 -51.21 -21.46
CA ILE H 9 49.44 -52.23 -20.97
C ILE H 9 49.44 -52.18 -19.45
N PHE H 10 48.26 -52.09 -18.86
CA PHE H 10 48.12 -51.89 -17.43
C PHE H 10 47.39 -53.06 -16.80
N THR H 11 47.75 -53.38 -15.56
CA THR H 11 47.05 -54.38 -14.77
C THR H 11 46.32 -53.67 -13.63
N VAL H 12 45.03 -53.92 -13.51
CA VAL H 12 44.21 -53.21 -12.54
C VAL H 12 44.49 -53.75 -11.14
N GLN H 13 44.92 -52.86 -10.25
CA GLN H 13 45.16 -53.25 -8.87
C GLN H 13 43.90 -53.16 -8.02
N THR H 14 43.23 -52.01 -8.06
CA THR H 14 42.06 -51.75 -7.23
C THR H 14 40.95 -51.19 -8.08
N VAL H 15 39.72 -51.57 -7.76
CA VAL H 15 38.52 -51.01 -8.37
C VAL H 15 37.63 -50.50 -7.25
N ASP H 16 37.36 -49.21 -7.25
CA ASP H 16 36.59 -48.57 -6.18
C ASP H 16 35.29 -48.02 -6.75
N ASN H 17 34.17 -48.60 -6.34
CA ASN H 17 32.88 -48.05 -6.72
C ASN H 17 32.51 -46.87 -5.83
N GLY H 18 32.55 -47.07 -4.51
CA GLY H 18 32.32 -46.01 -3.57
C GLY H 18 30.93 -45.41 -3.62
N ARG H 19 30.86 -44.08 -3.72
CA ARG H 19 29.58 -43.39 -3.63
C ARG H 19 28.69 -43.73 -4.82
N TYR H 20 29.26 -43.84 -6.00
CA TYR H 20 28.51 -43.88 -7.24
C TYR H 20 28.12 -45.31 -7.62
N ASN H 21 27.23 -45.40 -8.60
CA ASN H 21 26.78 -46.67 -9.15
C ASN H 21 27.30 -46.94 -10.55
N LYS H 22 27.44 -45.90 -11.37
CA LYS H 22 27.85 -46.05 -12.76
C LYS H 22 29.30 -45.68 -13.01
N VAL H 23 30.05 -45.33 -11.97
CA VAL H 23 31.41 -44.84 -12.14
C VAL H 23 32.32 -45.60 -11.19
N SER H 24 33.47 -46.03 -11.70
CA SER H 24 34.45 -46.76 -10.91
C SER H 24 35.82 -46.12 -11.08
N ARG H 25 36.56 -46.03 -9.97
CA ARG H 25 37.97 -45.67 -9.99
C ARG H 25 38.81 -46.94 -10.12
N ILE H 26 39.68 -46.98 -11.11
CA ILE H 26 40.61 -48.09 -11.28
C ILE H 26 42.03 -47.55 -11.21
N ILE H 27 42.91 -48.32 -10.56
CA ILE H 27 44.32 -47.98 -10.42
C ILE H 27 45.13 -49.08 -11.07
N GLY H 28 46.04 -48.70 -11.96
CA GLY H 28 46.83 -49.66 -12.69
C GLY H 28 48.28 -49.23 -12.79
N ILE H 29 49.16 -50.21 -12.90
CA ILE H 29 50.58 -49.98 -13.10
C ILE H 29 51.00 -50.71 -14.37
N SER H 30 51.88 -50.07 -15.13
CA SER H 30 52.31 -50.65 -16.40
C SER H 30 53.11 -51.92 -16.16
N THR H 31 52.86 -52.92 -16.99
CA THR H 31 53.59 -54.19 -16.87
C THR H 31 55.02 -54.04 -17.36
N THR H 32 55.23 -53.33 -18.47
CA THR H 32 56.56 -53.19 -19.03
C THR H 32 57.44 -52.21 -18.26
N ASN H 33 56.84 -51.37 -17.42
CA ASN H 33 57.60 -50.32 -16.75
C ASN H 33 56.85 -49.92 -15.48
N SER H 34 57.41 -50.25 -14.33
CA SER H 34 56.83 -49.77 -13.09
C SER H 34 57.03 -48.26 -12.98
N ALA H 35 56.58 -47.69 -11.87
CA ALA H 35 56.59 -46.25 -11.62
C ALA H 35 55.72 -45.47 -12.61
N ILE H 36 54.92 -46.16 -13.42
CA ILE H 36 53.90 -45.54 -14.25
C ILE H 36 52.55 -45.96 -13.68
N LYS H 37 51.79 -44.99 -13.19
CA LYS H 37 50.51 -45.24 -12.56
C LYS H 37 49.40 -44.65 -13.41
N LEU H 38 48.21 -45.23 -13.30
CA LEU H 38 47.02 -44.73 -14.00
C LEU H 38 45.84 -44.79 -13.04
N THR H 39 45.34 -43.63 -12.65
CA THR H 39 44.07 -43.52 -11.93
C THR H 39 43.04 -43.00 -12.92
N LEU H 40 41.89 -43.66 -12.98
CA LEU H 40 40.93 -43.36 -14.04
C LEU H 40 39.51 -43.57 -13.57
N ASP H 41 38.60 -42.72 -14.05
CA ASP H 41 37.17 -42.95 -13.94
C ASP H 41 36.65 -43.60 -15.20
N ILE H 42 35.84 -44.65 -15.05
CA ILE H 42 35.21 -45.32 -16.18
C ILE H 42 33.73 -45.51 -15.89
N ASN H 43 32.98 -45.76 -16.95
CA ASN H 43 31.56 -46.05 -16.84
C ASN H 43 31.38 -47.54 -16.69
N ASN H 44 30.81 -47.98 -15.56
CA ASN H 44 30.69 -49.40 -15.28
C ASN H 44 29.79 -50.09 -16.29
N GLU H 45 28.66 -49.47 -16.62
CA GLU H 45 27.65 -50.12 -17.43
C GLU H 45 28.10 -50.36 -18.87
N MET H 46 29.06 -49.58 -19.35
CA MET H 46 29.53 -49.72 -20.73
C MET H 46 30.83 -50.50 -20.85
N PHE H 47 31.78 -50.26 -19.93
CA PHE H 47 33.05 -50.97 -19.92
C PHE H 47 33.32 -51.48 -18.52
N PRO H 48 32.62 -52.53 -18.10
CA PRO H 48 32.87 -53.09 -16.77
C PRO H 48 34.24 -53.75 -16.70
N VAL H 49 34.93 -53.55 -15.59
CA VAL H 49 36.25 -54.13 -15.36
C VAL H 49 36.26 -54.82 -14.02
N SER H 50 37.23 -55.73 -13.87
CA SER H 50 37.42 -56.48 -12.64
C SER H 50 38.88 -56.36 -12.22
N GLN H 51 39.14 -56.73 -10.97
CA GLN H 51 40.50 -56.67 -10.45
C GLN H 51 41.42 -57.60 -11.22
N ASP H 52 42.68 -57.20 -11.35
CA ASP H 52 43.73 -57.97 -12.02
C ASP H 52 43.48 -58.14 -13.51
N ASP H 53 42.62 -57.31 -14.10
CA ASP H 53 42.44 -57.32 -15.53
C ASP H 53 43.63 -56.67 -16.22
N SER H 54 43.79 -56.98 -17.51
CA SER H 54 44.83 -56.38 -18.33
C SER H 54 44.17 -55.47 -19.36
N LEU H 55 44.57 -54.20 -19.36
CA LEU H 55 43.98 -53.20 -20.24
C LEU H 55 45.06 -52.61 -21.13
N THR H 56 44.76 -52.46 -22.41
CA THR H 56 45.64 -51.78 -23.34
C THR H 56 45.16 -50.34 -23.45
N VAL H 57 45.95 -49.41 -22.92
CA VAL H 57 45.59 -48.00 -22.86
C VAL H 57 46.42 -47.26 -23.90
N THR H 58 45.75 -46.45 -24.71
CA THR H 58 46.40 -45.64 -25.74
C THR H 58 45.87 -44.22 -25.64
N LEU H 59 46.76 -43.25 -25.76
CA LEU H 59 46.39 -41.84 -25.75
C LEU H 59 46.75 -41.22 -27.09
N ALA H 60 45.78 -40.56 -27.70
CA ALA H 60 46.00 -39.94 -29.00
C ALA H 60 45.45 -38.52 -28.98
N ASN H 61 46.01 -37.68 -29.83
CA ASN H 61 45.53 -36.32 -29.99
C ASN H 61 44.52 -36.19 -31.11
N SER H 62 44.27 -37.26 -31.87
CA SER H 62 43.29 -37.24 -32.93
C SER H 62 42.95 -38.68 -33.29
N LEU H 63 41.72 -38.89 -33.74
CA LEU H 63 41.28 -40.22 -34.14
C LEU H 63 41.42 -40.49 -35.62
N SER H 64 41.92 -39.53 -36.39
CA SER H 64 42.04 -39.70 -37.83
C SER H 64 43.15 -40.69 -38.17
N LEU H 65 43.12 -41.18 -39.40
CA LEU H 65 44.11 -42.14 -39.87
C LEU H 65 44.88 -41.59 -41.07
N LYS H 76 33.42 -28.29 -36.89
CA LYS H 76 33.80 -28.65 -35.54
C LYS H 76 32.63 -29.31 -34.80
N SER H 77 31.42 -29.08 -35.29
CA SER H 77 30.24 -29.66 -34.66
C SER H 77 30.28 -31.17 -34.78
N TRP H 78 30.05 -31.84 -33.66
CA TRP H 78 30.01 -33.30 -33.65
C TRP H 78 28.81 -33.81 -34.42
N ARG H 79 29.00 -34.94 -35.11
CA ARG H 79 27.94 -35.59 -35.85
C ARG H 79 28.01 -37.09 -35.56
N PRO H 80 26.88 -37.77 -35.59
CA PRO H 80 26.91 -39.23 -35.45
C PRO H 80 27.77 -39.84 -36.54
N PRO H 81 28.62 -40.80 -36.19
CA PRO H 81 29.57 -41.32 -37.19
C PRO H 81 28.85 -42.16 -38.24
N LYS H 82 29.16 -41.88 -39.50
CA LYS H 82 28.64 -42.70 -40.58
C LYS H 82 29.24 -44.10 -40.52
N PRO H 83 28.47 -45.13 -40.84
CA PRO H 83 29.04 -46.49 -40.84
C PRO H 83 30.15 -46.68 -41.87
N THR H 84 30.17 -45.86 -42.92
CA THR H 84 31.16 -46.04 -43.98
C THR H 84 32.55 -45.56 -43.57
N ASP H 85 32.66 -44.50 -42.79
CA ASP H 85 33.97 -43.96 -42.45
C ASP H 85 34.64 -44.84 -41.40
N LYS H 86 35.97 -44.80 -41.39
CA LYS H 86 36.78 -45.56 -40.46
C LYS H 86 37.73 -44.61 -39.73
N SER H 87 37.93 -44.88 -38.44
CA SER H 87 38.78 -44.04 -37.61
C SER H 87 39.57 -44.94 -36.68
N LEU H 88 40.45 -44.31 -35.88
CA LEU H 88 41.29 -45.07 -34.97
C LEU H 88 40.48 -45.81 -33.92
N ALA H 89 39.27 -45.32 -33.61
CA ALA H 89 38.47 -45.92 -32.56
C ALA H 89 37.90 -47.28 -32.93
N ASP H 90 38.04 -47.71 -34.19
CA ASP H 90 37.48 -48.98 -34.61
C ASP H 90 38.19 -50.18 -33.98
N ASP H 91 39.35 -49.98 -33.38
CA ASP H 91 40.15 -51.08 -32.84
C ASP H 91 39.99 -51.25 -31.33
N TYR H 92 39.20 -50.41 -30.68
CA TYR H 92 39.15 -50.37 -29.23
C TYR H 92 37.71 -50.49 -28.74
N ASP H 93 37.58 -50.77 -27.44
CA ASP H 93 36.29 -51.05 -26.84
C ASP H 93 35.72 -49.88 -26.06
N TYR H 94 36.51 -48.84 -25.81
CA TYR H 94 36.08 -47.76 -24.93
C TYR H 94 36.92 -46.53 -25.25
N VAL H 95 36.29 -45.50 -25.81
CA VAL H 95 36.98 -44.28 -26.22
C VAL H 95 36.36 -43.11 -25.48
N MET H 96 37.21 -42.26 -24.90
CA MET H 96 36.76 -41.05 -24.23
C MET H 96 37.56 -39.87 -24.77
N PHE H 97 36.99 -38.67 -24.60
CA PHE H 97 37.63 -37.45 -25.05
C PHE H 97 37.60 -36.45 -23.92
N GLY H 98 38.75 -35.85 -23.61
CA GLY H 98 38.84 -34.95 -22.48
C GLY H 98 39.86 -33.85 -22.72
N THR H 99 39.94 -32.95 -21.76
CA THR H 99 40.85 -31.81 -21.80
C THR H 99 41.90 -31.96 -20.71
N VAL H 100 43.14 -31.63 -21.06
CA VAL H 100 44.24 -31.67 -20.09
C VAL H 100 44.25 -30.36 -19.32
N TYR H 101 44.03 -30.43 -18.02
CA TYR H 101 43.95 -29.23 -17.20
C TYR H 101 45.13 -29.07 -16.25
N LYS H 102 46.13 -29.93 -16.33
CA LYS H 102 47.31 -29.79 -15.47
C LYS H 102 48.41 -30.68 -16.02
N PHE H 103 49.60 -30.11 -16.19
CA PHE H 103 50.79 -30.85 -16.63
C PHE H 103 51.90 -30.54 -15.63
N GLU H 104 51.97 -31.33 -14.57
CA GLU H 104 52.88 -31.04 -13.45
C GLU H 104 54.29 -31.47 -13.82
N GLU H 105 55.12 -30.51 -14.24
CA GLU H 105 56.55 -30.74 -14.43
C GLU H 105 57.19 -30.79 -13.04
N GLY H 106 57.12 -31.97 -12.43
CA GLY H 106 57.49 -32.13 -11.04
C GLY H 106 58.97 -32.32 -10.82
N ASP H 107 59.33 -33.40 -10.13
CA ASP H 107 60.72 -33.65 -9.74
C ASP H 107 61.52 -34.10 -10.96
N GLU H 108 62.70 -34.66 -10.71
CA GLU H 108 63.64 -34.99 -11.77
C GLU H 108 62.99 -35.78 -12.90
N ASP H 109 62.23 -36.83 -12.55
CA ASP H 109 61.55 -37.61 -13.57
C ASP H 109 60.13 -37.97 -13.15
N LYS H 110 59.48 -37.16 -12.32
CA LYS H 110 58.12 -37.41 -11.88
C LYS H 110 57.21 -36.41 -12.58
N ILE H 111 56.44 -36.87 -13.56
CA ILE H 111 55.53 -36.03 -14.33
C ILE H 111 54.12 -36.55 -14.12
N LYS H 112 53.20 -35.64 -13.80
CA LYS H 112 51.80 -35.96 -13.62
C LYS H 112 50.98 -35.21 -14.65
N VAL H 113 50.07 -35.93 -15.32
CA VAL H 113 49.15 -35.34 -16.29
C VAL H 113 47.74 -35.58 -15.80
N TYR H 114 46.99 -34.50 -15.60
CA TYR H 114 45.60 -34.57 -15.17
C TYR H 114 44.71 -34.28 -16.37
N VAL H 115 43.78 -35.19 -16.64
CA VAL H 115 42.86 -35.07 -17.76
C VAL H 115 41.45 -35.30 -17.24
N SER H 116 40.51 -34.47 -17.70
CA SER H 116 39.11 -34.54 -17.27
C SER H 116 38.25 -34.83 -18.48
N PHE H 117 37.62 -36.01 -18.49
CA PHE H 117 36.71 -36.39 -19.57
C PHE H 117 35.29 -36.02 -19.15
N GLY H 118 35.02 -34.71 -19.22
CA GLY H 118 33.70 -34.22 -18.84
C GLY H 118 33.33 -34.47 -17.40
N GLY H 119 34.29 -34.35 -16.49
CA GLY H 119 34.07 -34.62 -15.09
C GLY H 119 34.60 -35.95 -14.60
N LEU H 120 34.92 -36.86 -15.51
CA LEU H 120 35.53 -38.14 -15.16
C LEU H 120 37.04 -37.98 -15.26
N LEU H 121 37.73 -38.11 -14.13
CA LEU H 121 39.10 -37.65 -14.00
C LEU H 121 40.10 -38.77 -14.22
N MET H 122 41.25 -38.41 -14.78
CA MET H 122 42.36 -39.34 -14.98
C MET H 122 43.66 -38.65 -14.59
N CYS H 123 44.52 -39.39 -13.89
CA CYS H 123 45.86 -38.91 -13.55
C CYS H 123 46.87 -39.95 -14.00
N LEU H 124 47.91 -39.50 -14.69
CA LEU H 124 48.92 -40.39 -15.25
C LEU H 124 50.29 -39.97 -14.73
N GLU H 125 50.87 -40.81 -13.87
CA GLU H 125 52.20 -40.60 -13.33
C GLU H 125 53.21 -41.38 -14.15
N GLY H 126 54.35 -40.76 -14.44
CA GLY H 126 55.37 -41.45 -15.21
C GLY H 126 56.59 -40.58 -15.40
N GLY H 127 57.58 -41.15 -16.07
CA GLY H 127 58.79 -40.42 -16.36
C GLY H 127 58.60 -39.40 -17.45
N TYR H 128 59.56 -38.47 -17.54
CA TYR H 128 59.45 -37.39 -18.51
C TYR H 128 59.53 -37.92 -19.94
N LYS H 129 60.38 -38.92 -20.18
CA LYS H 129 60.57 -39.40 -21.54
C LYS H 129 59.29 -40.00 -22.10
N SER H 130 58.55 -40.74 -21.27
CA SER H 130 57.32 -41.38 -21.74
C SER H 130 56.21 -40.35 -21.99
N LEU H 131 56.06 -39.39 -21.09
CA LEU H 131 54.93 -38.47 -21.14
C LEU H 131 55.29 -37.09 -21.68
N ALA H 132 56.43 -36.96 -22.37
CA ALA H 132 56.80 -35.66 -22.92
C ALA H 132 55.80 -35.19 -23.95
N SER H 133 55.33 -36.08 -24.82
CA SER H 133 54.45 -35.71 -25.91
C SER H 133 53.02 -35.42 -25.46
N LEU H 134 52.69 -35.69 -24.20
CA LEU H 134 51.32 -35.51 -23.71
C LEU H 134 51.01 -34.09 -23.31
N LYS H 135 51.74 -33.11 -23.82
CA LYS H 135 51.48 -31.71 -23.51
C LYS H 135 50.57 -31.11 -24.58
N GLN H 136 49.33 -31.60 -24.58
CA GLN H 136 48.32 -31.17 -25.54
C GLN H 136 47.13 -30.60 -24.80
N ASP H 137 46.31 -29.84 -25.53
CA ASP H 137 45.09 -29.30 -24.94
C ASP H 137 44.06 -30.39 -24.69
N ASN H 138 43.82 -31.24 -25.68
CA ASN H 138 42.80 -32.29 -25.58
C ASN H 138 43.40 -33.63 -25.96
N LEU H 139 42.93 -34.68 -25.32
CA LEU H 139 43.43 -36.03 -25.53
C LEU H 139 42.28 -37.01 -25.63
N TYR H 140 42.42 -37.98 -26.53
CA TYR H 140 41.57 -39.15 -26.55
C TYR H 140 42.26 -40.27 -25.79
N ILE H 141 41.50 -41.03 -25.00
CA ILE H 141 42.01 -42.23 -24.36
C ILE H 141 41.26 -43.42 -24.94
N LEU H 142 42.00 -44.42 -25.38
CA LEU H 142 41.42 -45.57 -26.04
C LEU H 142 41.80 -46.82 -25.25
N ILE H 143 40.79 -47.54 -24.77
CA ILE H 143 40.99 -48.67 -23.87
C ILE H 143 40.49 -49.93 -24.57
N ARG H 144 41.31 -50.97 -24.56
CA ARG H 144 40.98 -52.23 -25.19
C ARG H 144 41.12 -53.36 -24.17
N ARG H 145 40.18 -54.29 -24.21
CA ARG H 145 40.25 -55.49 -23.38
C ARG H 145 39.46 -56.63 -24.00
N SER I 3 12.43 -12.01 70.06
CA SER I 3 11.29 -11.89 70.95
C SER I 3 11.51 -10.78 71.97
N PHE I 4 10.63 -9.78 71.94
CA PHE I 4 10.70 -8.64 72.85
C PHE I 4 9.45 -8.60 73.72
N ARG I 5 9.60 -8.07 74.92
CA ARG I 5 8.51 -8.03 75.90
C ARG I 5 7.76 -6.72 75.83
N PHE I 6 6.62 -6.70 76.52
CA PHE I 6 5.74 -5.54 76.59
C PHE I 6 5.38 -5.27 78.04
N CYS I 7 4.86 -4.06 78.28
CA CYS I 7 4.44 -3.68 79.63
C CYS I 7 3.31 -4.59 80.10
N LEU I 8 3.37 -5.01 81.35
CA LEU I 8 2.38 -5.94 81.88
C LEU I 8 1.09 -5.25 82.28
N GLU I 9 1.07 -3.92 82.35
CA GLU I 9 -0.14 -3.18 82.68
C GLU I 9 -0.57 -2.18 81.61
N CYS I 10 0.32 -1.80 80.70
CA CYS I 10 -0.03 -0.89 79.61
C CYS I 10 -0.02 -1.59 78.25
N ASN I 11 0.55 -2.79 78.15
CA ASN I 11 0.67 -3.60 76.95
C ASN I 11 1.53 -2.94 75.87
N ASN I 12 2.05 -1.74 76.11
CA ASN I 12 2.89 -1.11 75.11
C ASN I 12 4.29 -1.70 75.15
N MET I 13 5.07 -1.38 74.12
CA MET I 13 6.40 -1.94 74.00
C MET I 13 7.36 -1.31 75.01
N LEU I 14 8.17 -2.16 75.64
CA LEU I 14 9.16 -1.69 76.60
C LEU I 14 10.48 -1.42 75.90
N TYR I 15 11.03 -0.23 76.10
CA TYR I 15 12.27 0.15 75.46
C TYR I 15 13.43 0.04 76.43
N PRO I 16 14.61 -0.37 75.96
CA PRO I 16 15.77 -0.47 76.86
C PRO I 16 16.19 0.89 77.38
N LYS I 17 16.70 0.90 78.61
CA LYS I 17 17.17 2.12 79.24
C LYS I 17 18.29 1.76 80.20
N GLU I 18 19.14 2.76 80.47
CA GLU I 18 20.29 2.60 81.34
C GLU I 18 20.15 3.57 82.51
N ASP I 19 20.37 3.07 83.72
CA ASP I 19 20.36 3.89 84.93
C ASP I 19 21.76 4.41 85.17
N LYS I 20 21.93 5.74 85.12
CA LYS I 20 23.25 6.33 85.31
C LYS I 20 23.80 6.04 86.69
N GLU I 21 22.96 6.16 87.73
CA GLU I 21 23.44 5.97 89.09
C GLU I 21 23.68 4.51 89.42
N ASN I 22 22.92 3.59 88.78
CA ASN I 22 23.03 2.18 89.10
C ASN I 22 23.86 1.39 88.10
N GLN I 23 24.10 1.95 86.91
CA GLN I 23 24.85 1.26 85.85
C GLN I 23 24.23 -0.10 85.52
N ARG I 24 22.91 -0.10 85.35
CA ARG I 24 22.16 -1.30 85.03
C ARG I 24 21.24 -1.06 83.85
N LEU I 25 20.99 -2.11 83.08
CA LEU I 25 20.09 -2.03 81.94
C LEU I 25 18.67 -2.35 82.35
N LEU I 26 17.73 -1.50 81.92
CA LEU I 26 16.34 -1.65 82.27
C LEU I 26 15.47 -1.46 81.03
N TYR I 27 14.29 -2.05 81.07
CA TYR I 27 13.29 -1.90 80.03
C TYR I 27 12.15 -1.06 80.59
N SER I 28 11.93 0.11 79.99
CA SER I 28 10.95 1.07 80.51
C SER I 28 9.93 1.40 79.45
N CYS I 29 8.66 1.37 79.84
CA CYS I 29 7.59 1.86 78.97
C CYS I 29 7.68 3.37 78.86
N ARG I 30 7.05 3.90 77.80
CA ARG I 30 7.06 5.34 77.56
C ARG I 30 5.77 6.03 77.95
N ASN I 31 4.64 5.32 77.92
CA ASN I 31 3.37 5.87 78.35
C ASN I 31 3.07 5.60 79.82
N CYS I 32 4.00 4.96 80.53
CA CYS I 32 3.79 4.60 81.92
C CYS I 32 5.14 4.51 82.61
N ASP I 33 5.11 4.55 83.94
CA ASP I 33 6.32 4.53 84.74
C ASP I 33 6.84 3.12 85.01
N TYR I 34 6.19 2.10 84.46
CA TYR I 34 6.62 0.73 84.68
C TYR I 34 8.03 0.52 84.15
N THR I 35 8.85 -0.18 84.93
CA THR I 35 10.22 -0.49 84.54
C THR I 35 10.58 -1.85 85.12
N GLU I 36 11.22 -2.68 84.31
CA GLU I 36 11.61 -4.02 84.70
C GLU I 36 13.07 -4.25 84.39
N LEU I 37 13.73 -5.06 85.23
CA LEU I 37 15.15 -5.30 85.07
C LEU I 37 15.43 -6.15 83.83
N ALA I 38 16.50 -5.82 83.13
CA ALA I 38 16.91 -6.57 81.95
C ALA I 38 17.77 -7.75 82.36
N GLU I 39 17.48 -8.92 81.79
CA GLU I 39 18.24 -10.13 82.11
C GLU I 39 19.43 -10.31 81.18
N ASP I 40 19.25 -10.06 79.88
CA ASP I 40 20.30 -10.32 78.92
C ASP I 40 20.92 -9.01 78.43
N PRO I 41 22.23 -9.00 78.14
CA PRO I 41 22.86 -7.78 77.63
C PRO I 41 22.70 -7.56 76.14
N LYS I 42 22.18 -8.54 75.40
CA LYS I 42 22.04 -8.44 73.95
C LYS I 42 20.86 -7.52 73.65
N VAL I 43 21.13 -6.22 73.57
CA VAL I 43 20.07 -5.25 73.30
C VAL I 43 19.54 -5.40 71.90
N TYR I 44 20.43 -5.57 70.91
CA TYR I 44 20.03 -5.59 69.52
C TYR I 44 20.96 -6.53 68.76
N ARG I 45 20.39 -7.26 67.79
CA ARG I 45 21.15 -8.17 66.97
C ARG I 45 20.63 -8.10 65.53
N HIS I 46 21.56 -8.01 64.58
CA HIS I 46 21.23 -7.98 63.16
C HIS I 46 22.09 -9.00 62.45
N GLU I 47 21.46 -9.88 61.68
CA GLU I 47 22.15 -10.94 60.96
C GLU I 47 22.32 -10.54 59.51
N LEU I 48 23.58 -10.42 59.06
CA LEU I 48 23.83 -10.12 57.66
C LEU I 48 23.53 -11.31 56.77
N ILE I 49 23.90 -12.50 57.21
CA ILE I 49 23.59 -13.76 56.51
C ILE I 49 22.79 -14.62 57.46
N THR I 50 21.60 -15.03 57.02
CA THR I 50 20.66 -15.74 57.88
C THR I 50 20.25 -17.07 57.24
N ASN I 51 19.85 -18.01 58.09
CA ASN I 51 19.41 -19.32 57.65
C ASN I 51 17.99 -19.67 58.08
N ILE I 52 17.33 -18.79 58.84
CA ILE I 52 15.96 -19.07 59.27
C ILE I 52 15.03 -19.02 58.06
N GLY I 53 13.95 -19.79 58.13
CA GLY I 53 13.06 -19.97 57.01
C GLY I 53 13.46 -21.08 56.06
N GLU I 54 14.55 -21.79 56.34
CA GLU I 54 15.00 -22.88 55.50
C GLU I 54 14.33 -24.20 55.89
N THR I 55 14.43 -24.56 57.17
CA THR I 55 13.81 -25.78 57.68
C THR I 55 12.60 -25.50 58.56
N ALA I 56 12.33 -24.25 58.89
CA ALA I 56 11.19 -23.91 59.73
C ALA I 56 9.86 -24.16 59.05
N GLY I 57 9.84 -24.22 57.71
CA GLY I 57 8.61 -24.46 56.99
C GLY I 57 8.16 -25.90 57.05
N ILE I 58 7.73 -26.33 58.23
CA ILE I 58 7.28 -27.71 58.46
C ILE I 58 5.87 -27.67 59.05
N VAL I 59 5.03 -28.58 58.57
CA VAL I 59 3.70 -28.77 59.11
C VAL I 59 3.50 -30.26 59.37
N ASP I 60 2.61 -30.57 60.31
CA ASP I 60 2.41 -31.96 60.72
C ASP I 60 1.72 -32.76 59.63
N ASP I 61 0.86 -32.14 58.83
CA ASP I 61 0.09 -32.83 57.81
C ASP I 61 0.66 -32.67 56.41
N ILE I 62 1.99 -32.49 56.30
CA ILE I 62 2.62 -32.42 55.00
C ILE I 62 2.61 -33.76 54.28
N GLY I 63 2.35 -34.85 55.01
CA GLY I 63 2.27 -36.16 54.39
C GLY I 63 0.97 -36.45 53.67
N GLN I 64 0.02 -35.52 53.74
CA GLN I 64 -1.27 -35.67 53.08
C GLN I 64 -1.30 -35.02 51.70
N ASP I 65 -0.19 -34.40 51.28
CA ASP I 65 -0.13 -33.78 49.96
C ASP I 65 0.12 -34.85 48.90
N PRO I 66 -0.76 -35.02 47.91
CA PRO I 66 -0.52 -36.03 46.88
C PRO I 66 0.48 -35.61 45.82
N THR I 67 0.74 -34.30 45.68
CA THR I 67 1.64 -33.82 44.64
C THR I 67 3.11 -33.93 45.02
N LEU I 68 3.42 -34.34 46.25
CA LEU I 68 4.78 -34.43 46.74
C LEU I 68 5.38 -35.80 46.43
N PRO I 69 6.62 -35.83 45.95
CA PRO I 69 7.24 -37.13 45.64
C PRO I 69 7.49 -37.94 46.90
N ARG I 70 7.41 -39.27 46.74
CA ARG I 70 7.60 -40.20 47.83
C ARG I 70 8.86 -41.03 47.59
N SER I 71 9.75 -41.08 48.57
CA SER I 71 11.02 -41.77 48.46
C SER I 71 11.08 -42.91 49.48
N ASP I 72 12.23 -43.59 49.52
CA ASP I 72 12.45 -44.71 50.42
C ASP I 72 13.66 -44.50 51.31
N LYS I 73 14.02 -43.26 51.61
CA LYS I 73 15.12 -42.98 52.52
C LYS I 73 14.76 -43.44 53.94
N GLU I 74 15.78 -43.88 54.66
CA GLU I 74 15.58 -44.43 56.00
C GLU I 74 15.47 -43.32 57.03
N CYS I 75 14.41 -43.36 57.83
CA CYS I 75 14.19 -42.37 58.87
C CYS I 75 15.09 -42.66 60.07
N PRO I 76 15.87 -41.68 60.54
CA PRO I 76 16.68 -41.91 61.75
C PRO I 76 15.87 -42.25 62.98
N GLU I 77 14.65 -41.72 63.11
CA GLU I 77 13.84 -41.94 64.29
C GLU I 77 12.95 -43.17 64.16
N CYS I 78 12.08 -43.20 63.15
CA CYS I 78 11.11 -44.28 63.01
C CYS I 78 11.63 -45.44 62.17
N HIS I 79 12.62 -45.21 61.32
CA HIS I 79 13.16 -46.23 60.41
C HIS I 79 12.05 -46.79 59.52
N SER I 80 11.16 -45.91 59.06
CA SER I 80 10.09 -46.31 58.15
C SER I 80 10.62 -46.45 56.73
N ARG I 81 9.89 -47.21 55.93
CA ARG I 81 10.25 -47.42 54.53
C ARG I 81 9.66 -46.37 53.60
N ASP I 82 8.77 -45.52 54.09
CA ASP I 82 8.10 -44.52 53.27
C ASP I 82 8.43 -43.14 53.81
N CYS I 83 8.81 -42.23 52.92
CA CYS I 83 9.15 -40.87 53.31
C CYS I 83 8.81 -39.91 52.18
N VAL I 84 8.65 -38.65 52.54
CA VAL I 84 8.34 -37.58 51.59
C VAL I 84 9.43 -36.52 51.71
N PHE I 85 9.98 -36.10 50.57
CA PHE I 85 11.07 -35.16 50.56
C PHE I 85 10.72 -33.93 49.73
N PHE I 86 11.34 -32.80 50.07
CA PHE I 86 11.17 -31.56 49.36
C PHE I 86 12.42 -30.70 49.55
N GLN I 87 12.60 -29.74 48.65
CA GLN I 87 13.73 -28.85 48.75
C GLN I 87 13.40 -27.67 49.67
N SER I 88 14.35 -26.75 49.82
CA SER I 88 14.21 -25.67 50.79
C SER I 88 13.03 -24.77 50.45
N GLN I 89 12.25 -24.43 51.48
CA GLN I 89 11.13 -23.52 51.29
C GLN I 89 11.62 -22.09 51.04
N GLN I 90 12.70 -21.70 51.70
CA GLN I 90 13.31 -20.41 51.40
C GLN I 90 13.76 -20.39 49.95
N ARG I 91 13.39 -19.34 49.22
CA ARG I 91 13.58 -19.28 47.78
C ARG I 91 14.29 -18.01 47.37
N ARG I 92 15.40 -17.72 48.04
CA ARG I 92 16.30 -16.69 47.56
C ARG I 92 17.03 -17.18 46.31
N LYS I 93 17.59 -16.21 45.56
CA LYS I 93 18.24 -16.54 44.30
C LYS I 93 19.48 -17.41 44.49
N ASP I 94 20.12 -17.38 45.66
CA ASP I 94 21.32 -18.15 45.93
C ASP I 94 21.04 -19.32 46.88
N THR I 95 19.81 -19.82 46.89
CA THR I 95 19.44 -20.89 47.79
C THR I 95 20.03 -22.22 47.32
N ASN I 96 20.49 -23.02 48.28
CA ASN I 96 20.97 -24.35 47.98
C ASN I 96 19.79 -25.26 47.62
N MET I 97 20.11 -26.36 46.92
CA MET I 97 19.10 -27.30 46.45
C MET I 97 19.00 -28.55 47.31
N THR I 98 19.46 -28.47 48.57
CA THR I 98 19.43 -29.64 49.44
C THR I 98 18.00 -30.05 49.75
N LEU I 99 17.80 -31.36 49.91
CA LEU I 99 16.49 -31.93 50.17
C LEU I 99 16.26 -32.13 51.65
N PHE I 100 15.00 -31.99 52.06
CA PHE I 100 14.57 -32.24 53.43
C PHE I 100 13.57 -33.37 53.42
N TYR I 101 13.87 -34.44 54.16
CA TYR I 101 13.08 -35.65 54.15
C TYR I 101 12.23 -35.73 55.41
N VAL I 102 10.95 -36.00 55.22
CA VAL I 102 9.99 -36.06 56.32
C VAL I 102 9.34 -37.43 56.33
N CYS I 103 9.40 -38.11 57.47
CA CYS I 103 8.74 -39.40 57.64
C CYS I 103 7.28 -39.20 58.00
N LEU I 104 6.50 -40.27 57.85
CA LEU I 104 5.07 -40.19 58.09
C LEU I 104 4.68 -40.43 59.54
N ASN I 105 5.61 -40.89 60.37
CA ASN I 105 5.32 -41.13 61.79
C ASN I 105 5.88 -40.04 62.69
N CYS I 106 7.19 -39.80 62.62
CA CYS I 106 7.84 -38.84 63.50
C CYS I 106 7.98 -37.45 62.87
N LYS I 107 7.93 -37.36 61.54
CA LYS I 107 7.95 -36.08 60.82
C LYS I 107 9.25 -35.32 61.05
N LYS I 108 10.31 -36.01 61.43
CA LYS I 108 11.60 -35.36 61.63
C LYS I 108 12.20 -34.95 60.29
N THR I 109 12.72 -33.72 60.24
CA THR I 109 13.35 -33.19 59.05
C THR I 109 14.85 -33.46 59.11
N PHE I 110 15.39 -34.09 58.07
CA PHE I 110 16.80 -34.43 58.01
C PHE I 110 17.25 -34.36 56.55
N ARG I 111 18.56 -34.50 56.35
CA ARG I 111 19.15 -34.41 55.03
C ARG I 111 20.01 -35.64 54.76
N ASP I 112 20.42 -35.78 53.50
CA ASP I 112 21.30 -36.87 53.08
C ASP I 112 22.77 -36.50 53.18
N GLU I 113 23.11 -35.29 53.63
CA GLU I 113 24.49 -34.85 53.73
C GLU I 113 25.27 -35.68 54.74
N MET J 1 -22.88 -31.21 -2.58
CA MET J 1 -24.26 -30.79 -2.70
C MET J 1 -25.08 -31.89 -3.37
N ILE J 2 -24.54 -32.41 -4.47
CA ILE J 2 -25.14 -33.52 -5.18
C ILE J 2 -24.02 -34.22 -5.93
N ILE J 3 -24.17 -35.52 -6.14
CA ILE J 3 -23.05 -36.36 -6.58
C ILE J 3 -22.50 -35.82 -7.91
N PRO J 4 -21.20 -35.58 -8.02
CA PRO J 4 -20.66 -35.04 -9.26
C PRO J 4 -20.82 -36.00 -10.43
N VAL J 5 -20.98 -35.44 -11.62
CA VAL J 5 -21.21 -36.25 -12.80
C VAL J 5 -19.96 -37.06 -13.14
N ARG J 6 -18.81 -36.41 -13.17
CA ARG J 6 -17.55 -37.04 -13.55
C ARG J 6 -16.57 -37.00 -12.39
N CYS J 7 -15.73 -38.03 -12.31
CA CYS J 7 -14.61 -38.00 -11.38
C CYS J 7 -13.66 -36.87 -11.75
N PHE J 8 -13.23 -36.12 -10.74
CA PHE J 8 -12.39 -34.95 -11.01
C PHE J 8 -11.08 -35.33 -11.68
N SER J 9 -10.43 -36.39 -11.18
CA SER J 9 -9.08 -36.69 -11.60
C SER J 9 -9.03 -37.24 -13.01
N CYS J 10 -9.72 -38.35 -13.26
CA CYS J 10 -9.64 -39.03 -14.55
C CYS J 10 -10.79 -38.67 -15.47
N GLY J 11 -12.02 -38.64 -14.97
CA GLY J 11 -13.16 -38.30 -15.78
C GLY J 11 -14.18 -39.41 -15.93
N LYS J 12 -14.05 -40.50 -15.20
CA LYS J 12 -15.06 -41.54 -15.23
C LYS J 12 -16.38 -40.99 -14.72
N VAL J 13 -17.47 -41.46 -15.32
CA VAL J 13 -18.80 -41.01 -14.93
C VAL J 13 -19.21 -41.76 -13.67
N VAL J 14 -19.29 -41.05 -12.55
CA VAL J 14 -19.73 -41.63 -11.29
C VAL J 14 -21.08 -41.11 -10.84
N GLY J 15 -21.70 -40.23 -11.63
CA GLY J 15 -22.96 -39.65 -11.22
C GLY J 15 -24.16 -40.56 -11.28
N ASP J 16 -24.03 -41.71 -11.94
CA ASP J 16 -25.13 -42.65 -12.07
C ASP J 16 -25.02 -43.81 -11.09
N LYS J 17 -24.10 -43.74 -10.14
CA LYS J 17 -23.86 -44.83 -9.21
C LYS J 17 -24.20 -44.48 -7.77
N TRP J 18 -24.76 -43.30 -7.51
CA TRP J 18 -25.08 -42.93 -6.14
C TRP J 18 -26.22 -43.78 -5.60
N ASP J 19 -27.29 -43.92 -6.37
CA ASP J 19 -28.43 -44.72 -5.91
C ASP J 19 -28.05 -46.18 -5.72
N ALA J 20 -27.28 -46.74 -6.66
CA ALA J 20 -26.84 -48.12 -6.52
C ALA J 20 -25.94 -48.28 -5.31
N TYR J 21 -25.08 -47.30 -5.06
CA TYR J 21 -24.21 -47.36 -3.89
C TYR J 21 -25.02 -47.36 -2.60
N LEU J 22 -26.04 -46.51 -2.51
CA LEU J 22 -26.88 -46.48 -1.32
C LEU J 22 -27.66 -47.78 -1.17
N ARG J 23 -28.16 -48.34 -2.27
CA ARG J 23 -28.85 -49.62 -2.21
C ARG J 23 -27.94 -50.72 -1.69
N LEU J 24 -26.70 -50.75 -2.18
CA LEU J 24 -25.76 -51.77 -1.72
C LEU J 24 -25.44 -51.60 -0.24
N LEU J 25 -25.21 -50.36 0.20
CA LEU J 25 -24.95 -50.15 1.62
C LEU J 25 -26.15 -50.53 2.47
N GLU J 26 -27.36 -50.38 1.93
CA GLU J 26 -28.56 -50.75 2.68
C GLU J 26 -28.58 -52.24 2.99
N GLU J 27 -28.13 -53.07 2.05
CA GLU J 27 -28.12 -54.52 2.21
C GLU J 27 -27.03 -55.01 3.14
N GLY J 28 -26.24 -54.16 3.78
CA GLY J 28 -25.24 -54.62 4.71
C GLY J 28 -23.84 -54.80 4.14
N LYS J 29 -23.65 -54.56 2.85
CA LYS J 29 -22.32 -54.65 2.27
C LYS J 29 -21.42 -53.56 2.85
N GLN J 30 -20.14 -53.88 2.98
CA GLN J 30 -19.17 -52.90 3.44
C GLN J 30 -18.89 -51.88 2.33
N GLU J 31 -18.35 -50.73 2.72
CA GLU J 31 -18.13 -49.66 1.75
C GLU J 31 -17.13 -50.08 0.68
N GLY J 32 -16.05 -50.75 1.07
CA GLY J 32 -15.10 -51.22 0.08
C GLY J 32 -15.71 -52.22 -0.87
N ASP J 33 -16.49 -53.16 -0.35
CA ASP J 33 -17.14 -54.14 -1.21
C ASP J 33 -18.17 -53.49 -2.10
N ALA J 34 -18.91 -52.51 -1.59
CA ALA J 34 -19.88 -51.80 -2.41
C ALA J 34 -19.18 -51.06 -3.55
N LEU J 35 -18.06 -50.40 -3.26
CA LEU J 35 -17.33 -49.69 -4.31
C LEU J 35 -16.74 -50.65 -5.32
N ASP J 36 -16.30 -51.82 -4.86
CA ASP J 36 -15.76 -52.82 -5.78
C ASP J 36 -16.86 -53.38 -6.68
N GLU J 37 -18.06 -53.56 -6.14
CA GLU J 37 -19.15 -54.13 -6.93
C GLU J 37 -19.60 -53.19 -8.03
N LEU J 38 -19.39 -51.89 -7.86
CA LEU J 38 -19.72 -50.90 -8.87
C LEU J 38 -18.62 -50.73 -9.90
N LYS J 39 -17.54 -51.50 -9.79
CA LYS J 39 -16.41 -51.44 -10.73
C LYS J 39 -15.73 -50.08 -10.68
N LEU J 40 -15.41 -49.63 -9.46
CA LEU J 40 -14.60 -48.44 -9.24
C LEU J 40 -13.24 -48.92 -8.74
N LYS J 41 -12.28 -49.05 -9.65
CA LYS J 41 -10.97 -49.60 -9.32
C LYS J 41 -10.02 -48.53 -8.80
N ARG J 42 -9.81 -47.48 -9.57
CA ARG J 42 -8.87 -46.42 -9.20
C ARG J 42 -9.37 -45.70 -7.96
N TYR J 43 -8.45 -45.40 -7.04
CA TYR J 43 -8.86 -44.75 -5.79
C TYR J 43 -9.28 -43.30 -6.02
N CYS J 44 -8.86 -42.71 -7.14
CA CYS J 44 -9.34 -41.38 -7.48
C CYS J 44 -10.84 -41.38 -7.68
N CYS J 45 -11.38 -42.44 -8.28
CA CYS J 45 -12.83 -42.57 -8.40
C CYS J 45 -13.47 -42.94 -7.08
N ARG J 46 -12.81 -43.79 -6.30
CA ARG J 46 -13.39 -44.26 -5.05
C ARG J 46 -13.58 -43.12 -4.07
N ARG J 47 -12.67 -42.15 -4.05
CA ARG J 47 -12.84 -41.03 -3.13
C ARG J 47 -14.04 -40.17 -3.50
N MET J 48 -14.47 -40.17 -4.76
CA MET J 48 -15.60 -39.35 -5.16
C MET J 48 -16.88 -39.84 -4.52
N VAL J 49 -17.10 -41.15 -4.52
CA VAL J 49 -18.32 -41.69 -3.93
C VAL J 49 -18.16 -41.86 -2.43
N LEU J 50 -16.95 -42.15 -1.97
CA LEU J 50 -16.74 -42.43 -0.56
C LEU J 50 -16.89 -41.17 0.29
N THR J 51 -16.39 -40.04 -0.19
CA THR J 51 -16.35 -38.82 0.59
C THR J 51 -17.40 -37.80 0.20
N HIS J 52 -18.38 -38.19 -0.60
CA HIS J 52 -19.44 -37.27 -0.98
C HIS J 52 -20.42 -37.07 0.16
N VAL J 53 -20.75 -35.82 0.44
CA VAL J 53 -21.77 -35.46 1.42
C VAL J 53 -22.96 -34.90 0.67
N ASP J 54 -24.14 -35.44 0.96
CA ASP J 54 -25.37 -35.15 0.20
C ASP J 54 -26.11 -34.04 0.92
N LEU J 55 -25.90 -32.81 0.48
CA LEU J 55 -26.51 -31.66 1.12
C LEU J 55 -27.85 -31.26 0.51
N ILE J 56 -28.16 -31.74 -0.69
CA ILE J 56 -29.42 -31.35 -1.31
C ILE J 56 -30.60 -31.88 -0.51
N GLU J 57 -30.42 -32.98 0.22
CA GLU J 57 -31.49 -33.47 1.07
C GLU J 57 -31.80 -32.51 2.21
N LYS J 58 -30.87 -31.61 2.53
CA LYS J 58 -31.13 -30.58 3.52
C LYS J 58 -31.70 -29.31 2.89
N PHE J 59 -31.30 -28.98 1.66
CA PHE J 59 -31.88 -27.83 0.98
C PHE J 59 -33.33 -28.08 0.59
N LEU J 60 -33.68 -29.33 0.30
CA LEU J 60 -35.04 -29.63 -0.13
C LEU J 60 -36.04 -29.55 1.01
N ARG J 61 -35.57 -29.54 2.26
CA ARG J 61 -36.51 -29.48 3.38
C ARG J 61 -37.10 -28.09 3.58
N TYR J 62 -36.59 -27.08 2.88
CA TYR J 62 -37.16 -25.75 2.97
C TYR J 62 -38.32 -25.59 2.00
N ASN J 63 -39.36 -24.91 2.46
CA ASN J 63 -40.57 -24.77 1.69
C ASN J 63 -40.27 -24.03 0.39
N PRO J 64 -40.71 -24.53 -0.77
CA PRO J 64 -40.41 -23.85 -2.03
C PRO J 64 -40.96 -22.43 -2.06
N LEU J 65 -40.20 -21.55 -2.72
CA LEU J 65 -40.51 -20.13 -2.73
C LEU J 65 -41.64 -19.77 -3.67
N GLU J 66 -42.09 -20.68 -4.53
CA GLU J 66 -43.16 -20.42 -5.47
C GLU J 66 -44.13 -21.59 -5.48
N LYS J 67 -45.29 -21.36 -6.10
CA LYS J 67 -46.29 -22.41 -6.25
C LYS J 67 -47.27 -22.07 -7.37
N MET K 1 -11.18 -13.02 -16.11
CA MET K 1 -11.06 -11.63 -16.54
C MET K 1 -10.02 -11.47 -17.63
N ASN K 2 -8.81 -11.93 -17.37
CA ASN K 2 -7.73 -11.92 -18.37
C ASN K 2 -7.50 -13.29 -18.98
N ALA K 3 -8.34 -14.26 -18.67
CA ALA K 3 -8.15 -15.61 -19.19
C ALA K 3 -8.44 -15.64 -20.69
N PRO K 4 -7.54 -16.18 -21.51
CA PRO K 4 -7.80 -16.23 -22.94
C PRO K 4 -8.83 -17.28 -23.29
N ASP K 5 -9.38 -17.17 -24.49
CA ASP K 5 -10.36 -18.14 -24.97
C ASP K 5 -9.69 -19.48 -25.22
N ARG K 6 -10.41 -20.55 -24.88
CA ARG K 6 -9.81 -21.89 -24.98
C ARG K 6 -9.61 -22.31 -26.43
N PHE K 7 -10.44 -21.81 -27.34
CA PHE K 7 -10.29 -22.22 -28.73
C PHE K 7 -9.04 -21.64 -29.37
N GLU K 8 -8.38 -20.68 -28.73
CA GLU K 8 -7.14 -20.14 -29.26
C GLU K 8 -5.99 -21.14 -29.19
N LEU K 9 -6.18 -22.27 -28.51
CA LEU K 9 -5.14 -23.29 -28.47
C LEU K 9 -5.00 -23.99 -29.81
N PHE K 10 -6.09 -24.11 -30.58
CA PHE K 10 -6.06 -24.86 -31.82
C PHE K 10 -6.65 -24.15 -33.02
N ILE K 11 -7.36 -23.04 -32.84
CA ILE K 11 -7.95 -22.32 -33.96
C ILE K 11 -6.95 -21.28 -34.45
N LEU K 12 -6.61 -21.36 -35.70
CA LEU K 12 -5.56 -20.54 -36.30
C LEU K 12 -6.14 -19.24 -36.85
N PRO K 13 -5.61 -18.08 -36.46
CA PRO K 13 -6.05 -16.83 -37.08
C PRO K 13 -5.67 -16.78 -38.55
N ASP K 14 -6.44 -15.99 -39.31
CA ASP K 14 -6.24 -15.94 -40.76
C ASP K 14 -4.88 -15.35 -41.12
N ASP K 15 -4.44 -14.32 -40.40
CA ASP K 15 -3.19 -13.64 -40.72
C ASP K 15 -1.96 -14.38 -40.22
N VAL K 16 -2.12 -15.40 -39.39
CA VAL K 16 -1.01 -16.15 -38.81
C VAL K 16 -0.78 -17.39 -39.66
N PRO K 17 0.40 -17.57 -40.26
CA PRO K 17 0.65 -18.78 -41.01
C PRO K 17 0.85 -19.98 -40.10
N LYS K 18 0.37 -21.13 -40.55
CA LYS K 18 0.52 -22.36 -39.77
C LYS K 18 1.97 -22.78 -39.61
N LEU K 19 2.84 -22.38 -40.53
CA LEU K 19 4.16 -22.98 -40.62
C LEU K 19 5.11 -22.00 -41.26
N LYS K 20 6.02 -21.43 -40.48
CA LYS K 20 6.97 -20.43 -40.95
C LYS K 20 8.37 -21.01 -40.87
N ILE K 21 9.11 -20.94 -41.97
CA ILE K 21 10.44 -21.53 -42.08
C ILE K 21 11.44 -20.42 -42.34
N THR K 22 12.49 -20.37 -41.52
CA THR K 22 13.58 -19.41 -41.68
C THR K 22 14.91 -20.13 -41.57
N PRO K 23 15.85 -19.85 -42.46
CA PRO K 23 17.15 -20.54 -42.40
C PRO K 23 17.96 -20.12 -41.19
N ASP K 24 18.81 -21.03 -40.75
CA ASP K 24 19.75 -20.79 -39.66
C ASP K 24 21.15 -20.76 -40.28
N SER K 25 21.71 -19.55 -40.42
CA SER K 25 22.95 -19.38 -41.16
C SER K 25 24.20 -19.68 -40.34
N ARG K 26 24.07 -19.87 -39.03
CA ARG K 26 25.25 -20.15 -38.21
C ARG K 26 25.91 -21.46 -38.60
N VAL K 27 25.12 -22.45 -39.02
CA VAL K 27 25.66 -23.74 -39.44
C VAL K 27 25.10 -24.06 -40.83
N PRO K 28 25.81 -24.85 -41.64
CA PRO K 28 25.35 -25.07 -43.02
C PRO K 28 24.15 -26.00 -43.07
N ASN K 29 23.22 -25.68 -43.98
CA ASN K 29 22.11 -26.56 -44.32
C ASN K 29 21.21 -26.82 -43.11
N CYS K 30 20.80 -25.73 -42.46
CA CYS K 30 19.98 -25.79 -41.26
C CYS K 30 18.82 -24.82 -41.40
N ILE K 31 17.65 -25.20 -40.91
CA ILE K 31 16.46 -24.36 -40.95
C ILE K 31 15.78 -24.38 -39.59
N ILE K 32 15.03 -23.33 -39.31
CA ILE K 32 14.27 -23.17 -38.09
C ILE K 32 12.80 -23.10 -38.49
N ILE K 33 11.99 -23.99 -37.94
CA ILE K 33 10.59 -24.10 -38.33
C ILE K 33 9.73 -23.72 -37.12
N LYS K 34 8.76 -22.84 -37.34
CA LYS K 34 7.88 -22.36 -36.29
C LYS K 34 6.48 -22.88 -36.54
N PHE K 35 6.00 -23.80 -35.71
CA PHE K 35 4.67 -24.36 -35.83
C PHE K 35 3.71 -23.58 -34.94
N GLU K 36 2.58 -23.18 -35.48
CA GLU K 36 1.57 -22.43 -34.74
C GLU K 36 0.39 -23.33 -34.40
N ARG K 37 -0.14 -23.16 -33.20
CA ARG K 37 -1.27 -23.94 -32.71
C ARG K 37 -0.95 -25.43 -32.71
N GLU K 38 0.23 -25.77 -32.20
CA GLU K 38 0.66 -27.15 -32.04
C GLU K 38 1.39 -27.29 -30.72
N ASP K 39 1.62 -28.53 -30.30
CA ASP K 39 2.21 -28.80 -28.99
C ASP K 39 3.04 -30.07 -29.10
N HIS K 40 3.32 -30.68 -27.94
CA HIS K 40 4.21 -31.84 -27.89
C HIS K 40 3.70 -33.02 -28.71
N THR K 41 2.39 -33.09 -28.97
CA THR K 41 1.83 -34.25 -29.67
C THR K 41 2.45 -34.42 -31.04
N LEU K 42 2.49 -33.35 -31.83
CA LEU K 42 3.10 -33.42 -33.15
C LEU K 42 4.62 -33.31 -33.07
N ALA K 43 5.10 -32.47 -32.15
CA ALA K 43 6.53 -32.16 -32.10
C ALA K 43 7.35 -33.38 -31.73
N ASN K 44 6.96 -34.08 -30.66
CA ASN K 44 7.73 -35.24 -30.22
C ASN K 44 7.70 -36.35 -31.27
N LEU K 45 6.55 -36.55 -31.89
CA LEU K 45 6.43 -37.53 -32.96
C LEU K 45 7.40 -37.23 -34.08
N LEU K 46 7.39 -35.99 -34.58
CA LEU K 46 8.28 -35.61 -35.67
C LEU K 46 9.74 -35.73 -35.25
N ARG K 47 10.07 -35.28 -34.04
CA ARG K 47 11.46 -35.28 -33.60
C ARG K 47 12.01 -36.70 -33.52
N GLU K 48 11.26 -37.60 -32.89
CA GLU K 48 11.77 -38.96 -32.73
C GLU K 48 11.75 -39.72 -34.05
N GLU K 49 10.88 -39.34 -34.99
CA GLU K 49 10.97 -39.96 -36.31
C GLU K 49 12.19 -39.48 -37.06
N LEU K 50 12.48 -38.18 -37.01
CA LEU K 50 13.61 -37.64 -37.77
C LEU K 50 14.94 -38.03 -37.16
N ALA K 51 14.99 -38.28 -35.85
CA ALA K 51 16.25 -38.62 -35.21
C ALA K 51 16.84 -39.92 -35.74
N LEU K 52 16.05 -40.77 -36.36
CA LEU K 52 16.53 -42.06 -36.85
C LEU K 52 17.04 -42.02 -38.28
N TYR K 53 16.88 -40.91 -38.97
CA TYR K 53 17.31 -40.83 -40.36
C TYR K 53 18.82 -40.61 -40.42
N PRO K 54 19.55 -41.42 -41.20
CA PRO K 54 21.01 -41.25 -41.26
C PRO K 54 21.46 -39.91 -41.81
N ASP K 55 20.63 -39.22 -42.59
CA ASP K 55 21.02 -37.97 -43.20
C ASP K 55 20.63 -36.75 -42.38
N VAL K 56 20.04 -36.94 -41.21
CA VAL K 56 19.69 -35.84 -40.31
C VAL K 56 20.68 -35.82 -39.17
N THR K 57 21.44 -34.74 -39.06
CA THR K 57 22.51 -34.66 -38.07
C THR K 57 22.11 -33.90 -36.81
N PHE K 58 21.06 -33.10 -36.85
CA PHE K 58 20.59 -32.40 -35.66
C PHE K 58 19.11 -32.13 -35.81
N VAL K 59 18.32 -32.55 -34.81
CA VAL K 59 16.91 -32.22 -34.75
C VAL K 59 16.54 -31.99 -33.30
N ALA K 60 15.79 -30.92 -33.04
CA ALA K 60 15.38 -30.59 -31.69
C ALA K 60 14.16 -29.68 -31.77
N TYR K 61 13.47 -29.55 -30.65
CA TYR K 61 12.32 -28.67 -30.58
C TYR K 61 12.17 -28.16 -29.15
N LYS K 62 11.45 -27.06 -29.01
CA LYS K 62 11.17 -26.54 -27.69
C LYS K 62 9.86 -25.77 -27.71
N VAL K 63 9.14 -25.82 -26.60
CA VAL K 63 7.95 -25.01 -26.39
C VAL K 63 8.36 -23.86 -25.48
N GLU K 64 8.36 -22.65 -26.03
CA GLU K 64 8.89 -21.50 -25.31
C GLU K 64 8.15 -21.26 -24.00
N HIS K 65 6.81 -21.34 -24.03
CA HIS K 65 6.01 -21.02 -22.89
C HIS K 65 4.75 -21.88 -22.92
N PRO K 66 4.38 -22.51 -21.81
CA PRO K 66 3.16 -23.32 -21.80
C PRO K 66 1.90 -22.53 -22.06
N LEU K 67 1.89 -21.23 -21.82
CA LEU K 67 0.68 -20.44 -22.01
C LEU K 67 0.45 -20.02 -23.44
N PHE K 68 1.37 -20.32 -24.35
CA PHE K 68 1.22 -20.04 -25.77
C PHE K 68 1.33 -21.35 -26.54
N ALA K 69 0.40 -21.57 -27.46
CA ALA K 69 0.30 -22.85 -28.17
C ALA K 69 1.08 -22.75 -29.47
N ASN K 70 2.39 -22.99 -29.37
CA ASN K 70 3.26 -23.07 -30.54
C ASN K 70 4.57 -23.70 -30.09
N PHE K 71 5.35 -24.18 -31.06
CA PHE K 71 6.67 -24.70 -30.77
C PHE K 71 7.56 -24.41 -31.96
N VAL K 72 8.87 -24.43 -31.71
CA VAL K 72 9.86 -24.12 -32.73
C VAL K 72 10.84 -25.28 -32.82
N MET K 73 11.14 -25.69 -34.05
CA MET K 73 11.94 -26.88 -34.30
C MET K 73 13.17 -26.52 -35.12
N ARG K 74 14.30 -27.08 -34.75
CA ARG K 74 15.56 -26.88 -35.45
C ARG K 74 15.96 -28.17 -36.13
N LEU K 75 16.22 -28.10 -37.42
CA LEU K 75 16.57 -29.27 -38.22
C LEU K 75 17.80 -28.96 -39.06
N GLN K 76 18.67 -29.95 -39.22
CA GLN K 76 19.94 -29.72 -39.88
C GLN K 76 20.43 -31.05 -40.45
N THR K 77 20.50 -31.14 -41.77
CA THR K 77 20.77 -32.39 -42.46
C THR K 77 22.17 -32.38 -43.05
N GLU K 78 22.50 -33.45 -43.78
CA GLU K 78 23.77 -33.56 -44.45
C GLU K 78 23.82 -32.63 -45.65
N GLU K 79 24.95 -32.65 -46.35
CA GLU K 79 25.13 -31.74 -47.49
C GLU K 79 24.22 -32.11 -48.65
N GLY K 80 24.04 -33.41 -48.90
CA GLY K 80 23.24 -33.83 -50.04
C GLY K 80 21.78 -33.49 -49.91
N THR K 81 21.24 -33.57 -48.70
CA THR K 81 19.80 -33.53 -48.47
C THR K 81 19.36 -32.14 -48.02
N ARG K 82 18.34 -31.61 -48.66
CA ARG K 82 17.68 -30.40 -48.19
C ARG K 82 16.79 -30.75 -47.00
N PRO K 83 16.81 -29.94 -45.93
CA PRO K 83 16.05 -30.31 -44.72
C PRO K 83 14.57 -30.46 -44.93
N LYS K 84 13.97 -29.65 -45.80
CA LYS K 84 12.52 -29.72 -45.99
C LYS K 84 12.11 -31.05 -46.59
N GLN K 85 12.94 -31.61 -47.48
CA GLN K 85 12.67 -32.94 -47.99
C GLN K 85 12.69 -33.98 -46.88
N ALA K 86 13.63 -33.86 -45.94
CA ALA K 86 13.67 -34.76 -44.81
C ALA K 86 12.41 -34.65 -43.96
N LEU K 87 11.94 -33.43 -43.75
CA LEU K 87 10.70 -33.25 -42.99
C LEU K 87 9.52 -33.90 -43.68
N GLU K 88 9.44 -33.73 -45.01
CA GLU K 88 8.35 -34.37 -45.77
C GLU K 88 8.44 -35.90 -45.69
N ARG K 89 9.65 -36.44 -45.79
CA ARG K 89 9.82 -37.88 -45.68
C ARG K 89 9.39 -38.38 -44.31
N ALA K 90 9.73 -37.64 -43.26
CA ALA K 90 9.29 -38.03 -41.92
C ALA K 90 7.77 -38.04 -41.82
N CYS K 91 7.12 -37.00 -42.33
CA CYS K 91 5.66 -36.96 -42.26
C CYS K 91 5.04 -38.13 -42.99
N ALA K 92 5.51 -38.42 -44.21
CA ALA K 92 4.95 -39.52 -44.98
C ALA K 92 5.19 -40.86 -44.30
N SER K 93 6.39 -41.05 -43.73
CA SER K 93 6.70 -42.32 -43.08
C SER K 93 5.82 -42.54 -41.86
N ILE K 94 5.60 -41.49 -41.05
CA ILE K 94 4.73 -41.67 -39.90
C ILE K 94 3.30 -41.94 -40.35
N ILE K 95 2.88 -41.32 -41.46
CA ILE K 95 1.53 -41.59 -41.95
C ILE K 95 1.38 -43.05 -42.34
N ASN K 96 2.38 -43.60 -43.03
CA ASN K 96 2.31 -45.01 -43.40
C ASN K 96 2.31 -45.91 -42.18
N LYS K 97 3.12 -45.59 -41.18
CA LYS K 97 3.13 -46.37 -39.94
C LYS K 97 1.75 -46.37 -39.29
N LEU K 98 1.12 -45.20 -39.20
CA LEU K 98 -0.20 -45.12 -38.60
C LEU K 98 -1.22 -45.91 -39.42
N LYS K 99 -1.10 -45.86 -40.74
CA LYS K 99 -2.04 -46.58 -41.59
C LYS K 99 -1.96 -48.08 -41.37
N THR K 100 -0.75 -48.63 -41.37
CA THR K 100 -0.62 -50.07 -41.13
C THR K 100 -1.04 -50.43 -39.71
N LEU K 101 -0.79 -49.55 -38.74
CA LEU K 101 -1.25 -49.81 -37.37
C LEU K 101 -2.76 -49.90 -37.31
N ASP K 102 -3.45 -48.97 -37.99
CA ASP K 102 -4.91 -49.02 -38.02
C ASP K 102 -5.43 -50.29 -38.67
N HIS K 103 -4.81 -50.68 -39.79
CA HIS K 103 -5.24 -51.90 -40.46
C HIS K 103 -5.10 -53.11 -39.56
N LYS K 104 -3.94 -53.23 -38.90
CA LYS K 104 -3.72 -54.38 -38.02
C LYS K 104 -4.67 -54.38 -36.83
N PHE K 105 -4.94 -53.21 -36.25
CA PHE K 105 -5.89 -53.16 -35.14
C PHE K 105 -7.28 -53.58 -35.59
N ASN K 106 -7.70 -53.15 -36.78
CA ASN K 106 -9.02 -53.55 -37.27
C ASN K 106 -9.08 -55.06 -37.46
N GLU K 107 -8.03 -55.64 -38.03
CA GLU K 107 -8.00 -57.10 -38.20
C GLU K 107 -8.11 -57.80 -36.86
N GLU K 108 -7.32 -57.38 -35.88
CA GLU K 108 -7.33 -58.03 -34.57
C GLU K 108 -8.67 -57.88 -33.89
N TRP K 109 -9.28 -56.69 -33.98
CA TRP K 109 -10.57 -56.46 -33.35
C TRP K 109 -11.65 -57.34 -33.98
N ASN K 110 -11.62 -57.47 -35.30
CA ASN K 110 -12.59 -58.36 -35.95
C ASN K 110 -12.39 -59.81 -35.54
N ILE K 111 -11.13 -60.23 -35.41
CA ILE K 111 -10.85 -61.59 -34.98
C ILE K 111 -11.38 -61.84 -33.57
N LYS K 112 -11.14 -60.91 -32.67
CA LYS K 112 -11.50 -61.07 -31.27
C LYS K 112 -12.89 -60.54 -30.94
N ASN K 113 -13.66 -60.13 -31.94
CA ASN K 113 -15.00 -59.60 -31.68
C ASN K 113 -15.95 -60.72 -31.28
N GLY L 28 -48.64 -3.79 -12.36
CA GLY L 28 -47.89 -3.83 -13.60
C GLY L 28 -46.76 -4.84 -13.58
N VAL L 29 -46.20 -5.06 -12.39
CA VAL L 29 -45.11 -6.01 -12.20
C VAL L 29 -45.53 -7.00 -11.12
N LYS L 30 -45.27 -8.28 -11.37
CA LYS L 30 -45.71 -9.32 -10.44
C LYS L 30 -44.86 -9.33 -9.18
N TYR L 31 -45.41 -9.96 -8.13
CA TYR L 31 -44.70 -10.14 -6.88
C TYR L 31 -45.14 -11.46 -6.27
N THR L 32 -44.32 -11.96 -5.35
CA THR L 32 -44.58 -13.22 -4.69
C THR L 32 -44.42 -13.04 -3.18
N CYS L 33 -45.37 -13.54 -2.42
CA CYS L 33 -45.29 -13.44 -0.97
C CYS L 33 -44.18 -14.33 -0.43
N GLY L 34 -43.64 -13.93 0.72
CA GLY L 34 -42.55 -14.67 1.33
C GLY L 34 -42.95 -15.84 2.19
N ALA L 35 -44.24 -15.99 2.49
CA ALA L 35 -44.70 -17.09 3.33
C ALA L 35 -45.63 -18.05 2.60
N CYS L 36 -46.69 -17.55 1.97
CA CYS L 36 -47.66 -18.39 1.30
C CYS L 36 -47.40 -18.53 -0.19
N ALA L 37 -46.40 -17.83 -0.72
CA ALA L 37 -46.03 -17.93 -2.14
C ALA L 37 -47.21 -17.64 -3.05
N HIS L 38 -47.92 -16.55 -2.77
CA HIS L 38 -49.07 -16.12 -3.56
C HIS L 38 -48.67 -15.01 -4.51
N ASN L 39 -48.95 -15.20 -5.80
CA ASN L 39 -48.64 -14.21 -6.82
C ASN L 39 -49.68 -13.09 -6.81
N PHE L 40 -49.22 -11.86 -7.00
CA PHE L 40 -50.11 -10.71 -7.14
C PHE L 40 -49.35 -9.61 -7.86
N SER L 41 -49.90 -8.40 -7.83
CA SER L 41 -49.28 -7.26 -8.49
C SER L 41 -49.57 -6.01 -7.67
N LEU L 42 -48.73 -5.00 -7.88
CA LEU L 42 -48.84 -3.73 -7.18
C LEU L 42 -48.78 -2.59 -8.19
N ASN L 43 -49.32 -1.44 -7.79
CA ASN L 43 -49.44 -0.28 -8.67
C ASN L 43 -48.63 0.92 -8.16
N LYS L 44 -47.53 0.65 -7.45
CA LYS L 44 -46.63 1.66 -6.91
C LYS L 44 -47.31 2.58 -5.90
N SER L 45 -48.53 2.25 -5.46
CA SER L 45 -49.23 3.02 -4.45
C SER L 45 -49.85 2.18 -3.35
N ASP L 46 -50.03 0.88 -3.56
CA ASP L 46 -50.55 0.02 -2.51
C ASP L 46 -49.49 -0.16 -1.43
N PRO L 47 -49.90 -0.43 -0.19
CA PRO L 47 -48.94 -0.79 0.84
C PRO L 47 -48.24 -2.10 0.50
N VAL L 48 -46.98 -2.20 0.89
CA VAL L 48 -46.19 -3.39 0.60
C VAL L 48 -46.68 -4.50 1.54
N ARG L 49 -47.52 -5.37 1.02
CA ARG L 49 -48.18 -6.38 1.85
C ARG L 49 -48.77 -7.44 0.95
N CYS L 50 -48.74 -8.69 1.42
CA CYS L 50 -49.45 -9.76 0.73
C CYS L 50 -50.94 -9.59 0.95
N LYS L 51 -51.72 -9.76 -0.13
CA LYS L 51 -53.15 -9.49 -0.06
C LYS L 51 -53.89 -10.49 0.80
N GLU L 52 -53.40 -11.72 0.94
CA GLU L 52 -54.17 -12.78 1.56
C GLU L 52 -53.66 -13.21 2.94
N CYS L 53 -52.38 -13.08 3.22
CA CYS L 53 -51.87 -13.42 4.54
C CYS L 53 -51.23 -12.24 5.27
N GLY L 54 -51.13 -11.08 4.62
CA GLY L 54 -50.63 -9.90 5.30
C GLY L 54 -49.16 -9.94 5.68
N HIS L 55 -48.36 -10.71 4.95
CA HIS L 55 -46.92 -10.71 5.21
C HIS L 55 -46.30 -9.41 4.71
N ARG L 56 -45.26 -8.98 5.41
CA ARG L 56 -44.59 -7.71 5.11
C ARG L 56 -43.43 -7.85 4.15
N VAL L 57 -43.06 -9.07 3.74
CA VAL L 57 -41.91 -9.32 2.89
C VAL L 57 -42.39 -9.98 1.61
N ILE L 58 -42.11 -9.35 0.47
CA ILE L 58 -42.49 -9.88 -0.83
C ILE L 58 -41.27 -9.85 -1.74
N TYR L 59 -41.32 -10.69 -2.78
CA TYR L 59 -40.22 -10.84 -3.72
C TYR L 59 -40.71 -10.58 -5.13
N LYS L 60 -39.83 -10.02 -5.96
CA LYS L 60 -40.15 -9.85 -7.37
C LYS L 60 -40.11 -11.20 -8.07
N ALA L 61 -40.81 -11.26 -9.20
CA ALA L 61 -40.83 -12.46 -10.02
C ALA L 61 -39.72 -12.42 -11.06
N ARG L 62 -39.38 -13.59 -11.58
CA ARG L 62 -38.30 -13.70 -12.55
C ARG L 62 -38.64 -12.95 -13.84
N THR L 63 -37.60 -12.45 -14.49
CA THR L 63 -37.78 -11.74 -15.75
C THR L 63 -38.26 -12.69 -16.84
N LYS L 64 -38.91 -12.12 -17.85
CA LYS L 64 -39.39 -12.88 -18.99
C LYS L 64 -38.37 -12.98 -20.11
N ARG L 65 -37.22 -12.34 -19.98
CA ARG L 65 -36.20 -12.40 -21.01
C ARG L 65 -35.64 -13.82 -21.12
N MET L 66 -34.88 -14.05 -22.18
CA MET L 66 -34.21 -15.34 -22.37
C MET L 66 -32.93 -15.38 -21.54
N ILE L 67 -32.72 -16.50 -20.87
CA ILE L 67 -31.53 -16.72 -20.07
C ILE L 67 -30.77 -17.89 -20.68
N GLN L 68 -29.51 -17.65 -21.05
CA GLN L 68 -28.70 -18.64 -21.73
C GLN L 68 -27.37 -18.78 -21.00
N PHE L 69 -26.90 -20.03 -20.89
CA PHE L 69 -25.66 -20.33 -20.20
C PHE L 69 -24.76 -21.17 -21.10
N ASP L 70 -23.46 -21.07 -20.87
CA ASP L 70 -22.49 -21.70 -21.75
C ASP L 70 -22.22 -23.17 -21.41
N ALA L 71 -22.80 -23.69 -20.33
CA ALA L 71 -22.62 -25.09 -19.95
C ALA L 71 -21.15 -25.46 -19.82
N ARG L 72 -20.38 -24.60 -19.17
CA ARG L 72 -18.97 -24.85 -18.96
C ARG L 72 -18.58 -24.58 -17.51
N ILE M 18 13.69 24.15 61.65
CA ILE M 18 13.53 25.06 60.53
C ILE M 18 12.07 25.50 60.40
N LYS M 19 11.85 26.80 60.55
CA LYS M 19 10.51 27.35 60.36
C LYS M 19 10.10 27.23 58.90
N GLN M 20 8.84 26.84 58.69
CA GLN M 20 8.29 26.68 57.34
C GLN M 20 7.07 27.57 57.19
N LYS M 21 7.11 28.45 56.18
CA LYS M 21 6.04 29.41 55.93
C LYS M 21 5.30 28.98 54.67
N LEU M 22 3.99 28.79 54.80
CA LEU M 22 3.15 28.30 53.71
C LEU M 22 1.88 29.12 53.62
N GLU M 23 1.48 29.45 52.39
CA GLU M 23 0.23 30.15 52.16
C GLU M 23 -0.91 29.13 52.06
N THR M 24 -1.95 29.33 52.86
CA THR M 24 -3.08 28.41 52.92
C THR M 24 -4.36 29.14 52.52
N GLN M 25 -5.34 28.35 52.08
CA GLN M 25 -6.61 28.88 51.60
C GLN M 25 -7.70 28.85 52.66
N PHE M 26 -7.33 28.92 53.94
CA PHE M 26 -8.30 28.89 55.02
C PHE M 26 -8.95 30.26 55.17
N THR M 27 -10.04 30.29 55.94
CA THR M 27 -10.86 31.49 56.13
C THR M 27 -10.71 32.00 57.55
N CYS M 28 -10.37 33.27 57.68
CA CYS M 28 -10.30 33.90 58.99
C CYS M 28 -11.71 34.10 59.55
N LEU M 29 -11.89 33.78 60.84
CA LEU M 29 -13.19 33.87 61.48
C LEU M 29 -13.44 35.23 62.13
N PHE M 30 -12.49 36.15 62.07
CA PHE M 30 -12.66 37.50 62.57
C PHE M 30 -12.85 38.54 61.48
N CYS M 31 -12.09 38.44 60.39
CA CYS M 31 -12.20 39.37 59.28
C CYS M 31 -13.05 38.85 58.12
N ASN M 32 -13.27 37.53 58.05
CA ASN M 32 -14.04 36.84 57.02
C ASN M 32 -13.40 36.90 55.64
N HIS M 33 -12.23 37.52 55.49
CA HIS M 33 -11.53 37.46 54.22
C HIS M 33 -10.96 36.06 54.01
N ASP M 34 -11.09 35.55 52.80
CA ASP M 34 -10.59 34.23 52.44
C ASP M 34 -9.27 34.35 51.71
N ASN M 35 -8.51 33.26 51.74
CA ASN M 35 -7.19 33.19 51.10
C ASN M 35 -6.24 34.24 51.65
N SER M 36 -6.37 34.52 52.95
CA SER M 36 -5.50 35.47 53.64
C SER M 36 -4.94 34.85 54.92
N VAL M 37 -4.66 33.55 54.87
CA VAL M 37 -4.15 32.80 56.01
C VAL M 37 -2.83 32.17 55.62
N VAL M 38 -1.81 32.37 56.46
CA VAL M 38 -0.48 31.80 56.25
C VAL M 38 -0.10 30.99 57.49
N CYS M 39 0.34 29.77 57.27
CA CYS M 39 0.69 28.86 58.35
C CYS M 39 2.21 28.81 58.52
N THR M 40 2.68 29.09 59.73
CA THR M 40 4.10 29.05 60.06
C THR M 40 4.31 28.01 61.15
N LEU M 41 4.95 26.91 60.79
CA LEU M 41 5.27 25.83 61.73
C LEU M 41 6.77 25.70 61.88
N ASP M 42 7.23 25.58 63.13
CA ASP M 42 8.64 25.41 63.44
C ASP M 42 8.83 24.04 64.06
N LYS M 43 9.39 23.11 63.28
CA LYS M 43 9.57 21.75 63.77
C LYS M 43 10.64 21.66 64.85
N LYS M 44 11.62 22.59 64.83
CA LYS M 44 12.68 22.55 65.83
C LYS M 44 12.13 22.79 67.23
N ASN M 45 11.24 23.78 67.39
CA ASN M 45 10.63 24.09 68.67
C ASN M 45 9.24 23.48 68.82
N SER M 46 8.77 22.75 67.81
CA SER M 46 7.48 22.06 67.86
C SER M 46 6.34 23.04 68.12
N ILE M 47 6.23 24.03 67.23
CA ILE M 47 5.19 25.04 67.31
C ILE M 47 4.68 25.36 65.90
N GLY M 48 3.45 25.84 65.84
CA GLY M 48 2.85 26.24 64.58
C GLY M 48 2.02 27.50 64.73
N LEU M 49 2.26 28.49 63.87
CA LEU M 49 1.63 29.79 63.99
C LEU M 49 0.74 30.04 62.78
N LEU M 50 -0.52 30.37 63.03
CA LEU M 50 -1.45 30.80 61.99
C LEU M 50 -1.63 32.30 62.12
N GLU M 51 -1.31 33.03 61.05
CA GLU M 51 -1.42 34.48 61.04
C GLU M 51 -2.31 34.93 59.88
N CYS M 52 -3.18 35.88 60.16
CA CYS M 52 -4.07 36.45 59.16
C CYS M 52 -3.37 37.63 58.50
N LYS M 53 -3.20 37.57 57.19
CA LYS M 53 -2.49 38.61 56.48
C LYS M 53 -3.19 39.96 56.56
N LYS M 54 -4.47 39.97 56.89
CA LYS M 54 -5.24 41.21 57.03
C LYS M 54 -5.55 41.55 58.48
N CYS M 55 -6.00 40.56 59.26
CA CYS M 55 -6.34 40.81 60.66
C CYS M 55 -5.12 40.91 61.55
N ASN M 56 -3.98 40.40 61.12
CA ASN M 56 -2.73 40.35 61.90
C ASN M 56 -2.87 39.55 63.19
N LEU M 57 -3.91 38.74 63.31
CA LEU M 57 -4.06 37.89 64.48
C LEU M 57 -3.15 36.68 64.37
N SER M 58 -2.67 36.22 65.53
CA SER M 58 -1.72 35.11 65.59
C SER M 58 -2.28 34.01 66.49
N PHE M 59 -2.29 32.79 65.97
CA PHE M 59 -2.71 31.61 66.72
C PHE M 59 -1.54 30.66 66.86
N GLN M 60 -1.26 30.24 68.09
CA GLN M 60 -0.16 29.34 68.39
C GLN M 60 -0.71 28.03 68.94
N ALA M 61 -0.14 26.91 68.48
CA ALA M 61 -0.54 25.59 68.94
C ALA M 61 0.64 24.65 68.85
N PRO M 62 0.76 23.69 69.77
CA PRO M 62 1.83 22.69 69.64
C PRO M 62 1.60 21.78 68.45
N ILE M 63 2.72 21.27 67.91
CA ILE M 63 2.69 20.36 66.78
C ILE M 63 3.52 19.13 67.11
N ASN M 64 3.21 18.04 66.41
CA ASN M 64 3.93 16.78 66.55
C ASN M 64 4.78 16.53 65.30
N SER M 65 5.39 15.35 65.23
CA SER M 65 6.23 15.02 64.08
C SER M 65 5.43 14.83 62.80
N LEU M 66 4.18 14.40 62.91
CA LEU M 66 3.33 14.19 61.74
C LEU M 66 2.38 15.35 61.48
N SER M 67 2.56 16.47 62.16
CA SER M 67 1.64 17.59 62.02
C SER M 67 1.68 18.17 60.62
N GLN M 68 0.53 18.65 60.17
CA GLN M 68 0.35 19.29 58.87
C GLN M 68 -0.50 20.52 59.06
N PRO M 69 -0.47 21.46 58.11
CA PRO M 69 -1.27 22.69 58.26
C PRO M 69 -2.74 22.43 58.55
N ILE M 70 -3.28 21.30 58.08
CA ILE M 70 -4.66 20.96 58.40
C ILE M 70 -4.81 20.70 59.90
N ASP M 71 -3.78 20.13 60.53
CA ASP M 71 -3.84 19.89 61.96
C ASP M 71 -3.93 21.21 62.74
N ILE M 72 -3.07 22.17 62.39
CA ILE M 72 -3.10 23.46 63.08
C ILE M 72 -4.40 24.20 62.78
N TYR M 73 -4.89 24.07 61.54
CA TYR M 73 -6.16 24.70 61.20
C TYR M 73 -7.31 24.11 62.02
N SER M 74 -7.34 22.80 62.19
CA SER M 74 -8.37 22.17 63.00
C SER M 74 -8.24 22.58 64.46
N ASP M 75 -7.00 22.68 64.96
CA ASP M 75 -6.80 23.15 66.33
C ASP M 75 -7.31 24.57 66.51
N TRP M 76 -7.06 25.43 65.52
CA TRP M 76 -7.57 26.80 65.58
C TRP M 76 -9.09 26.82 65.56
N ILE M 77 -9.70 25.95 64.74
CA ILE M 77 -11.15 25.88 64.67
C ILE M 77 -11.71 25.46 66.01
N ASP M 78 -11.12 24.44 66.63
CA ASP M 78 -11.59 23.98 67.94
C ASP M 78 -11.42 25.07 69.00
N ALA M 79 -10.28 25.78 68.97
CA ALA M 79 -10.06 26.85 69.93
C ALA M 79 -11.08 27.96 69.74
N CYS M 80 -11.42 28.27 68.50
CA CYS M 80 -12.40 29.31 68.21
C CYS M 80 -13.78 28.98 68.77
N GLU M 81 -14.10 27.70 68.93
CA GLU M 81 -15.40 27.28 69.43
C GLU M 81 -15.25 26.37 70.63
N ARG Q 2 -48.90 38.40 33.57
CA ARG Q 2 -48.93 39.82 33.25
C ARG Q 2 -48.55 40.66 34.47
N GLU Q 3 -47.46 41.40 34.36
CA GLU Q 3 -47.00 42.26 35.44
C GLU Q 3 -46.56 43.61 34.88
N ARG Q 4 -46.80 44.67 35.64
CA ARG Q 4 -46.44 46.02 35.26
C ARG Q 4 -45.67 46.70 36.39
N ALA Q 5 -44.81 47.65 36.03
CA ALA Q 5 -43.96 48.35 36.97
C ALA Q 5 -44.49 49.77 37.16
N CYS Q 6 -44.87 50.10 38.41
CA CYS Q 6 -45.34 51.44 38.71
C CYS Q 6 -44.21 52.43 38.52
N MET Q 7 -44.43 53.43 37.66
CA MET Q 7 -43.34 54.32 37.25
C MET Q 7 -42.80 55.13 38.43
N LEU Q 8 -43.68 55.61 39.30
CA LEU Q 8 -43.25 56.54 40.35
C LEU Q 8 -42.41 55.84 41.40
N CYS Q 9 -42.99 54.86 42.10
CA CYS Q 9 -42.25 54.18 43.17
C CYS Q 9 -41.32 53.10 42.66
N GLY Q 10 -41.57 52.57 41.46
CA GLY Q 10 -40.74 51.50 40.92
C GLY Q 10 -41.20 50.09 41.24
N ILE Q 11 -42.30 49.93 41.99
CA ILE Q 11 -42.76 48.60 42.33
C ILE Q 11 -43.33 47.92 41.09
N VAL Q 12 -43.30 46.60 41.08
CA VAL Q 12 -43.80 45.78 39.97
C VAL Q 12 -44.89 44.87 40.51
N LEU Q 13 -46.10 45.01 39.94
CA LEU Q 13 -47.23 44.17 40.32
C LEU Q 13 -48.06 43.93 39.07
N PRO Q 14 -48.90 42.90 39.07
CA PRO Q 14 -49.76 42.65 37.90
C PRO Q 14 -50.63 43.86 37.59
N GLY Q 15 -50.83 44.10 36.30
CA GLY Q 15 -51.60 45.27 35.88
C GLY Q 15 -53.03 45.24 36.40
N ARG Q 16 -53.64 44.05 36.43
CA ARG Q 16 -54.97 43.94 37.01
C ARG Q 16 -54.95 44.23 38.50
N VAL Q 17 -53.86 43.88 39.18
CA VAL Q 17 -53.73 44.25 40.59
C VAL Q 17 -53.66 45.76 40.75
N PHE Q 18 -52.90 46.43 39.88
CA PHE Q 18 -52.82 47.88 39.92
C PHE Q 18 -54.19 48.51 39.67
N MET Q 19 -54.94 47.97 38.72
CA MET Q 19 -56.25 48.51 38.42
C MET Q 19 -57.23 48.30 39.57
N GLN Q 20 -57.24 47.10 40.16
CA GLN Q 20 -58.23 46.77 41.19
C GLN Q 20 -57.92 47.42 42.53
N ASN Q 21 -56.64 47.43 42.93
CA ASN Q 21 -56.26 47.90 44.26
C ASN Q 21 -55.37 49.14 44.26
N GLY Q 22 -54.66 49.43 43.17
CA GLY Q 22 -53.77 50.57 43.12
C GLY Q 22 -52.43 50.29 43.77
N CYS Q 23 -51.54 51.27 43.64
CA CYS Q 23 -50.20 51.15 44.19
C CYS Q 23 -50.24 51.34 45.70
N PRO Q 24 -49.76 50.38 46.50
CA PRO Q 24 -49.82 50.54 47.96
C PRO Q 24 -48.96 51.68 48.48
N ASN Q 25 -47.98 52.15 47.72
CA ASN Q 25 -47.10 53.23 48.14
C ASN Q 25 -47.46 54.56 47.51
N CYS Q 26 -47.74 54.57 46.21
CA CYS Q 26 -47.99 55.82 45.48
C CYS Q 26 -49.44 56.29 45.56
N ASP Q 27 -50.31 55.56 46.26
CA ASP Q 27 -51.71 55.95 46.33
C ASP Q 27 -51.90 57.28 47.07
N SER Q 28 -50.91 57.71 47.85
CA SER Q 28 -51.01 58.99 48.54
C SER Q 28 -50.80 60.16 47.58
N VAL Q 29 -50.20 59.93 46.42
CA VAL Q 29 -49.99 61.00 45.44
C VAL Q 29 -50.48 60.65 44.05
N LEU Q 30 -50.68 59.37 43.71
CA LEU Q 30 -51.08 58.98 42.36
C LEU Q 30 -52.56 58.60 42.26
N ASN Q 31 -53.12 58.02 43.32
CA ASN Q 31 -54.50 57.52 43.30
C ASN Q 31 -54.70 56.55 42.13
N LEU Q 32 -53.78 55.58 42.02
CA LEU Q 32 -53.79 54.68 40.88
C LEU Q 32 -55.06 53.84 40.83
N ARG Q 33 -55.53 53.37 41.99
CA ARG Q 33 -56.79 52.64 42.04
C ARG Q 33 -57.95 53.55 41.60
N ASP Q 34 -57.93 54.81 42.02
CA ASP Q 34 -58.93 55.79 41.61
C ASP Q 34 -58.65 56.38 40.23
N SER Q 35 -57.77 55.76 39.45
CA SER Q 35 -57.39 56.24 38.13
C SER Q 35 -57.79 55.24 37.07
N ASP Q 36 -58.09 55.74 35.88
CA ASP Q 36 -58.52 54.92 34.76
C ASP Q 36 -57.33 54.17 34.16
N GLN Q 37 -57.63 53.30 33.19
CA GLN Q 37 -56.59 52.46 32.61
C GLN Q 37 -55.50 53.28 31.94
N ALA Q 38 -55.86 54.41 31.34
CA ALA Q 38 -54.85 55.28 30.73
C ALA Q 38 -53.88 55.81 31.77
N THR Q 39 -54.39 56.28 32.90
CA THR Q 39 -53.53 56.77 33.97
C THR Q 39 -52.72 55.65 34.59
N VAL Q 40 -53.31 54.45 34.71
CA VAL Q 40 -52.57 53.30 35.22
C VAL Q 40 -51.39 52.98 34.33
N ASN Q 41 -51.62 52.97 33.01
CA ASN Q 41 -50.51 52.75 32.07
C ASN Q 41 -49.48 53.87 32.16
N GLU Q 42 -49.94 55.12 32.28
CA GLU Q 42 -49.03 56.25 32.36
C GLU Q 42 -48.24 56.27 33.65
N CYS Q 43 -48.67 55.54 34.68
CA CYS Q 43 -47.93 55.43 35.92
C CYS Q 43 -47.43 54.01 36.21
N THR Q 44 -47.97 52.99 35.55
CA THR Q 44 -47.46 51.63 35.66
C THR Q 44 -47.20 51.11 34.25
N SER Q 45 -45.98 50.65 34.01
CA SER Q 45 -45.58 50.18 32.69
C SER Q 45 -45.21 48.70 32.76
N SER Q 46 -45.74 47.92 31.83
CA SER Q 46 -45.41 46.50 31.74
C SER Q 46 -44.05 46.25 31.09
N SER Q 47 -43.49 47.25 30.41
CA SER Q 47 -42.18 47.13 29.81
C SER Q 47 -41.14 47.72 30.76
N PHE Q 48 -40.28 46.86 31.28
CA PHE Q 48 -39.28 47.26 32.26
C PHE Q 48 -38.11 46.29 32.19
N GLU Q 49 -37.18 46.43 33.13
CA GLU Q 49 -35.98 45.60 33.15
C GLU Q 49 -35.40 45.63 34.56
N GLY Q 50 -34.75 44.52 34.94
CA GLY Q 50 -34.07 44.47 36.21
C GLY Q 50 -34.98 44.23 37.41
N LEU Q 51 -35.59 43.06 37.47
CA LEU Q 51 -36.40 42.70 38.63
C LEU Q 51 -35.57 42.77 39.90
N VAL Q 52 -36.11 43.43 40.92
CA VAL Q 52 -35.42 43.64 42.19
C VAL Q 52 -36.35 43.21 43.32
N ALA Q 53 -35.85 42.36 44.21
CA ALA Q 53 -36.55 41.96 45.41
C ALA Q 53 -35.84 42.55 46.62
N VAL Q 54 -36.59 43.30 47.42
CA VAL Q 54 -36.04 44.00 48.58
C VAL Q 54 -36.69 43.42 49.83
N GLY Q 55 -35.87 43.06 50.81
CA GLY Q 55 -36.37 42.50 52.06
C GLY Q 55 -36.47 43.51 53.18
N ASP Q 56 -35.43 44.34 53.35
CA ASP Q 56 -35.39 45.32 54.43
C ASP Q 56 -35.03 46.67 53.81
N ASN Q 57 -36.04 47.53 53.65
CA ASN Q 57 -35.81 48.83 53.02
C ASN Q 57 -34.86 49.69 53.84
N GLU Q 58 -34.96 49.62 55.16
CA GLU Q 58 -34.23 50.55 56.03
C GLU Q 58 -32.73 50.38 55.88
N HIS Q 59 -32.24 49.14 55.84
CA HIS Q 59 -30.80 48.88 55.87
C HIS Q 59 -30.22 48.47 54.52
N SER Q 60 -31.05 48.24 53.51
CA SER Q 60 -30.54 47.87 52.20
C SER Q 60 -29.97 49.09 51.49
N TRP Q 61 -28.67 49.06 51.21
CA TRP Q 61 -28.06 50.14 50.45
C TRP Q 61 -28.64 50.23 49.05
N VAL Q 62 -29.06 49.10 48.48
CA VAL Q 62 -29.65 49.11 47.15
C VAL Q 62 -30.93 49.94 47.15
N ALA Q 63 -31.76 49.76 48.18
CA ALA Q 63 -33.01 50.50 48.27
C ALA Q 63 -32.77 52.01 48.33
N LYS Q 64 -31.78 52.42 49.12
CA LYS Q 64 -31.40 53.83 49.14
C LYS Q 64 -30.89 54.29 47.78
N TRP Q 65 -30.10 53.44 47.12
CA TRP Q 65 -29.59 53.77 45.79
C TRP Q 65 -30.71 53.88 44.76
N LEU Q 66 -31.75 53.07 44.92
CA LEU Q 66 -32.91 53.11 44.04
C LEU Q 66 -34.03 53.98 44.60
N ARG Q 67 -33.81 54.62 45.75
CA ARG Q 67 -34.80 55.50 46.37
C ARG Q 67 -36.11 54.78 46.62
N VAL Q 68 -36.04 53.54 47.11
CA VAL Q 68 -37.22 52.76 47.41
C VAL Q 68 -37.17 52.29 48.86
N ASP Q 69 -36.30 52.90 49.65
CA ASP Q 69 -36.18 52.55 51.06
C ASP Q 69 -37.35 53.06 51.91
N ARG Q 70 -38.22 53.91 51.34
CA ARG Q 70 -39.41 54.38 52.04
C ARG Q 70 -40.69 53.74 51.50
N PHE Q 71 -40.58 52.61 50.80
CA PHE Q 71 -41.71 51.97 50.15
C PHE Q 71 -41.89 50.55 50.66
N GLN Q 72 -42.95 49.92 50.18
CA GLN Q 72 -43.25 48.55 50.58
C GLN Q 72 -42.26 47.59 49.92
N PRO Q 73 -41.69 46.65 50.67
CA PRO Q 73 -40.83 45.63 50.05
C PRO Q 73 -41.61 44.79 49.05
N GLY Q 74 -40.92 44.37 47.99
CA GLY Q 74 -41.56 43.58 46.96
C GLY Q 74 -40.76 43.62 45.67
N LEU Q 75 -41.48 43.40 44.57
CA LEU Q 75 -40.86 43.36 43.25
C LEU Q 75 -40.68 44.78 42.73
N TYR Q 76 -39.45 45.11 42.34
CA TYR Q 76 -39.11 46.42 41.79
C TYR Q 76 -38.24 46.25 40.55
N ALA Q 77 -38.25 47.26 39.71
CA ALA Q 77 -37.55 47.24 38.43
C ALA Q 77 -36.46 48.29 38.41
N VAL Q 78 -35.27 47.90 37.94
CA VAL Q 78 -34.16 48.84 37.84
C VAL Q 78 -34.50 49.94 36.83
N ARG Q 79 -35.00 49.56 35.66
CA ARG Q 79 -35.33 50.50 34.60
C ARG Q 79 -36.75 50.24 34.13
N VAL Q 80 -37.50 51.32 33.93
CA VAL Q 80 -38.89 51.26 33.50
C VAL Q 80 -39.03 52.06 32.21
N ASP Q 81 -39.61 51.44 31.19
CA ASP Q 81 -39.84 52.13 29.93
C ASP Q 81 -41.02 53.08 30.05
N GLY Q 82 -40.84 54.31 29.59
CA GLY Q 82 -41.88 55.31 29.67
C GLY Q 82 -41.70 56.22 30.86
N ARG Q 83 -42.18 57.46 30.71
CA ARG Q 83 -42.10 58.47 31.74
C ARG Q 83 -43.49 58.97 32.10
N LEU Q 84 -43.57 59.69 33.21
CA LEU Q 84 -44.83 60.27 33.64
C LEU Q 84 -45.24 61.39 32.69
N PRO Q 85 -46.54 61.55 32.45
CA PRO Q 85 -47.00 62.60 31.53
C PRO Q 85 -46.83 63.98 32.13
N SER Q 86 -46.84 64.98 31.25
CA SER Q 86 -46.62 66.36 31.68
C SER Q 86 -47.70 66.82 32.66
N ASP Q 87 -48.96 66.46 32.41
CA ASP Q 87 -50.03 66.85 33.33
C ASP Q 87 -49.87 66.18 34.69
N ILE Q 88 -49.49 64.90 34.70
CA ILE Q 88 -49.26 64.21 35.97
C ILE Q 88 -48.02 64.78 36.66
N VAL Q 89 -47.00 65.15 35.88
CA VAL Q 89 -45.82 65.78 36.46
C VAL Q 89 -46.20 67.09 37.14
N ALA Q 90 -47.03 67.90 36.49
CA ALA Q 90 -47.47 69.16 37.10
C ALA Q 90 -48.31 68.90 38.33
N ALA Q 91 -49.17 67.88 38.28
CA ALA Q 91 -50.00 67.56 39.45
C ALA Q 91 -49.14 67.15 40.64
N LEU Q 92 -48.11 66.34 40.39
CA LEU Q 92 -47.21 65.95 41.48
C LEU Q 92 -46.41 67.16 41.99
N GLU Q 93 -45.97 68.03 41.08
CA GLU Q 93 -45.26 69.24 41.51
C GLU Q 93 -46.16 70.15 42.33
N GLN Q 94 -47.47 70.10 42.10
CA GLN Q 94 -48.41 70.83 42.94
C GLN Q 94 -48.35 70.32 44.37
N TYR Q 95 -48.25 69.01 44.55
CA TYR Q 95 -48.17 68.40 45.87
C TYR Q 95 -46.84 68.65 46.57
N GLY Q 96 -45.86 69.21 45.86
CA GLY Q 96 -44.55 69.46 46.43
C GLY Q 96 -43.58 68.32 46.31
N VAL Q 97 -43.95 67.23 45.64
CA VAL Q 97 -43.10 66.06 45.50
C VAL Q 97 -42.36 66.14 44.16
N TYR Q 98 -41.05 65.99 44.19
CA TYR Q 98 -40.23 65.98 42.99
C TYR Q 98 -40.14 64.58 42.43
N TYR Q 99 -40.33 64.47 41.12
CA TYR Q 99 -40.32 63.18 40.42
C TYR Q 99 -38.98 63.01 39.71
N ARG Q 100 -38.27 61.94 40.07
CA ARG Q 100 -37.03 61.57 39.40
C ARG Q 100 -37.27 60.36 38.53
N PRO Q 101 -37.15 60.47 37.20
CA PRO Q 101 -37.44 59.33 36.33
C PRO Q 101 -36.53 58.16 36.60
N ARG Q 102 -37.09 56.96 36.52
CA ARG Q 102 -36.33 55.72 36.62
C ARG Q 102 -36.05 55.11 35.24
N ASP Q 103 -36.31 55.85 34.16
CA ASP Q 103 -36.10 55.35 32.81
C ASP Q 103 -34.62 55.20 32.46
N GLY Q 104 -33.71 55.73 33.27
CA GLY Q 104 -32.30 55.67 32.98
C GLY Q 104 -31.78 56.73 32.04
N SER Q 105 -32.64 57.25 31.15
CA SER Q 105 -32.22 58.33 30.27
C SER Q 105 -31.93 59.63 31.02
N VAL Q 106 -32.44 59.76 32.24
CA VAL Q 106 -32.18 60.92 33.08
C VAL Q 106 -31.34 60.44 34.27
N ILE Q 107 -30.18 61.06 34.44
CA ILE Q 107 -29.27 60.70 35.54
C ILE Q 107 -28.40 61.88 35.93
N PRO R 216 -30.47 63.16 46.98
CA PRO R 216 -29.32 63.23 46.07
C PRO R 216 -29.01 61.88 45.41
N GLN R 217 -28.00 61.86 44.55
CA GLN R 217 -27.57 60.65 43.88
C GLN R 217 -26.10 60.32 44.12
N ARG R 218 -25.25 61.34 44.20
CA ARG R 218 -23.82 61.11 44.39
C ARG R 218 -23.52 60.62 45.80
N LEU R 219 -24.24 61.10 46.80
CA LEU R 219 -23.92 60.78 48.19
C LEU R 219 -24.24 59.32 48.52
N LEU R 220 -25.10 58.68 47.74
CA LEU R 220 -25.56 57.32 48.02
C LEU R 220 -24.57 56.25 47.60
N ILE R 221 -23.39 56.61 47.14
CA ILE R 221 -22.39 55.63 46.70
C ILE R 221 -21.95 54.80 47.90
N PRO R 222 -21.60 53.53 47.73
CA PRO R 222 -21.43 52.64 48.88
C PRO R 222 -20.18 52.96 49.67
N THR R 223 -20.19 52.53 50.93
CA THR R 223 -19.08 52.66 51.86
C THR R 223 -18.61 51.28 52.29
N VAL R 224 -17.57 51.25 53.13
CA VAL R 224 -17.02 49.98 53.59
C VAL R 224 -18.00 49.26 54.50
N ASP R 225 -18.73 50.02 55.34
CA ASP R 225 -19.65 49.41 56.29
C ASP R 225 -21.01 49.06 55.67
N ASP R 226 -21.22 49.39 54.40
CA ASP R 226 -22.47 49.03 53.76
C ASP R 226 -22.56 47.52 53.55
N PRO R 227 -23.78 46.97 53.47
CA PRO R 227 -23.91 45.51 53.30
C PRO R 227 -23.26 45.02 52.02
N GLY R 228 -22.65 43.84 52.12
CA GLY R 228 -21.98 43.26 50.98
C GLY R 228 -22.95 42.72 49.94
N ILE R 229 -22.41 42.42 48.76
CA ILE R 229 -23.20 41.90 47.65
C ILE R 229 -22.52 40.64 47.14
N TRP R 230 -23.29 39.56 47.03
CA TRP R 230 -22.80 38.30 46.49
C TRP R 230 -23.52 37.96 45.20
N GLY R 231 -22.78 37.35 44.28
CA GLY R 231 -23.33 36.84 43.04
C GLY R 231 -23.22 35.33 42.99
N VAL R 232 -24.28 34.67 42.53
CA VAL R 232 -24.36 33.22 42.49
C VAL R 232 -24.80 32.79 41.10
N LYS R 233 -24.08 31.82 40.52
CA LYS R 233 -24.48 31.24 39.25
C LYS R 233 -25.70 30.37 39.44
N VAL R 234 -26.65 30.48 38.51
CA VAL R 234 -27.86 29.67 38.50
C VAL R 234 -28.09 29.17 37.08
N ARG R 235 -29.08 28.28 36.95
CA ARG R 235 -29.45 27.78 35.63
C ARG R 235 -30.03 28.91 34.79
N LEU R 236 -29.78 28.84 33.48
CA LEU R 236 -30.21 29.89 32.58
C LEU R 236 -31.73 29.94 32.49
N GLY R 237 -32.26 31.17 32.49
CA GLY R 237 -33.69 31.38 32.36
C GLY R 237 -34.49 31.29 33.66
N LYS R 238 -33.85 30.94 34.77
CA LYS R 238 -34.54 30.80 36.05
C LYS R 238 -34.21 31.92 37.01
N GLU R 239 -33.53 32.97 36.56
CA GLU R 239 -33.05 34.01 37.47
C GLU R 239 -34.21 34.74 38.13
N LYS R 240 -35.19 35.17 37.35
CA LYS R 240 -36.36 35.84 37.92
C LYS R 240 -37.14 34.89 38.82
N ASP R 241 -37.18 33.60 38.47
CA ASP R 241 -37.85 32.62 39.31
C ASP R 241 -37.15 32.51 40.66
N VAL R 242 -35.81 32.50 40.67
CA VAL R 242 -35.08 32.47 41.93
C VAL R 242 -35.33 33.73 42.73
N VAL R 243 -35.40 34.88 42.05
CA VAL R 243 -35.68 36.14 42.74
C VAL R 243 -37.03 36.09 43.44
N ARG R 244 -38.05 35.62 42.72
CA ARG R 244 -39.39 35.54 43.28
C ARG R 244 -39.44 34.54 44.44
N GLN R 245 -38.75 33.41 44.29
CA GLN R 245 -38.70 32.42 45.37
C GLN R 245 -38.02 33.01 46.61
N ILE R 246 -36.93 33.76 46.41
CA ILE R 246 -36.23 34.37 47.54
C ILE R 246 -37.13 35.38 48.24
N LEU R 247 -37.84 36.20 47.46
CA LEU R 247 -38.75 37.17 48.07
C LEU R 247 -39.86 36.48 48.85
N LYS R 248 -40.43 35.42 48.29
CA LYS R 248 -41.49 34.70 48.98
C LYS R 248 -40.99 34.07 50.26
N LYS R 249 -39.78 33.47 50.22
CA LYS R 249 -39.21 32.88 51.43
C LYS R 249 -38.96 33.95 52.49
N LYS R 250 -38.44 35.11 52.09
CA LYS R 250 -38.20 36.19 53.03
C LYS R 250 -39.50 36.66 53.66
N LEU R 251 -40.55 36.82 52.85
CA LEU R 251 -41.84 37.25 53.41
C LEU R 251 -42.42 36.20 54.36
N ALA R 252 -42.33 34.92 53.97
CA ALA R 252 -42.89 33.86 54.81
C ALA R 252 -42.16 33.76 56.14
N ARG R 253 -40.83 33.85 56.11
CA ARG R 253 -40.05 33.76 57.34
C ARG R 253 -39.93 35.08 58.07
N GLU R 254 -40.44 36.17 57.49
CA GLU R 254 -40.47 37.45 58.19
C GLU R 254 -41.42 37.37 59.38
N GLY R 255 -41.00 37.92 60.51
CA GLY R 255 -41.78 37.84 61.72
C GLY R 255 -41.68 36.53 62.47
N THR R 256 -40.73 35.67 62.11
CA THR R 256 -40.55 34.39 62.75
C THR R 256 -39.30 34.41 63.64
N LYS R 257 -39.04 33.26 64.28
CA LYS R 257 -37.88 33.15 65.16
C LYS R 257 -36.58 33.20 64.37
N ASN R 258 -36.58 32.71 63.13
CA ASN R 258 -35.38 32.67 62.29
C ASN R 258 -35.70 33.28 60.93
N PRO R 259 -35.84 34.60 60.88
CA PRO R 259 -36.11 35.25 59.59
C PRO R 259 -34.89 35.22 58.69
N LEU R 260 -35.15 35.31 57.38
CA LEU R 260 -34.08 35.33 56.39
C LEU R 260 -33.32 36.65 56.53
N GLU R 261 -32.12 36.59 57.09
CA GLU R 261 -31.35 37.79 57.39
C GLU R 261 -30.64 38.33 56.16
N ILE R 262 -31.41 38.76 55.16
CA ILE R 262 -30.86 39.42 53.97
C ILE R 262 -31.51 40.79 53.85
N TYR R 263 -31.12 41.55 52.83
CA TYR R 263 -31.65 42.89 52.63
C TYR R 263 -32.30 43.08 51.26
N SER R 264 -31.69 42.58 50.20
CA SER R 264 -32.25 42.70 48.87
C SER R 264 -31.61 41.66 47.96
N ALA R 265 -32.30 41.38 46.86
CA ALA R 265 -31.79 40.46 45.84
C ALA R 265 -32.40 40.85 44.50
N PHE R 266 -31.63 40.65 43.44
CA PHE R 266 -32.03 41.14 42.12
C PHE R 266 -31.22 40.40 41.06
N GLN R 267 -31.44 40.78 39.81
CA GLN R 267 -30.69 40.25 38.68
C GLN R 267 -30.81 41.24 37.53
N ARG R 268 -29.92 41.08 36.55
CA ARG R 268 -29.93 41.91 35.35
C ARG R 268 -30.01 41.02 34.12
N ASP R 269 -30.75 41.49 33.12
CA ASP R 269 -30.95 40.68 31.91
C ASP R 269 -29.64 40.45 31.18
N SER R 270 -28.79 41.48 31.08
CA SER R 270 -27.54 41.34 30.36
C SER R 270 -26.62 40.33 31.04
N PHE R 271 -26.54 40.36 32.37
CA PHE R 271 -25.66 39.47 33.11
C PHE R 271 -26.36 38.12 33.31
N LYS R 272 -26.38 37.34 32.25
CA LYS R 272 -27.10 36.08 32.24
C LYS R 272 -26.53 35.09 33.24
N GLY R 273 -27.41 34.32 33.86
CA GLY R 273 -27.00 33.28 34.78
C GLY R 273 -26.52 33.75 36.14
N HIS R 274 -26.68 35.03 36.45
CA HIS R 274 -26.22 35.58 37.72
C HIS R 274 -27.38 36.21 38.48
N VAL R 275 -27.44 35.95 39.77
CA VAL R 275 -28.39 36.57 40.68
C VAL R 275 -27.61 37.20 41.82
N TYR R 276 -27.86 38.48 42.07
CA TYR R 276 -27.09 39.24 43.04
C TYR R 276 -27.94 39.52 44.27
N ILE R 277 -27.40 39.19 45.44
CA ILE R 277 -28.09 39.34 46.71
C ILE R 277 -27.27 40.28 47.59
N GLU R 278 -27.94 41.25 48.18
CA GLU R 278 -27.30 42.17 49.13
C GLU R 278 -27.57 41.66 50.54
N ALA R 279 -26.51 41.28 51.26
CA ALA R 279 -26.63 40.75 52.60
C ALA R 279 -25.37 41.12 53.37
N ARG R 280 -25.14 40.46 54.50
CA ARG R 280 -23.95 40.69 55.30
C ARG R 280 -23.19 39.41 55.67
N LYS R 281 -23.79 38.24 55.50
CA LYS R 281 -23.18 37.00 55.95
C LYS R 281 -23.35 35.92 54.88
N ALA R 282 -22.34 35.06 54.75
CA ALA R 282 -22.43 33.94 53.83
C ALA R 282 -23.48 32.94 54.28
N GLU R 283 -23.65 32.76 55.58
CA GLU R 283 -24.70 31.87 56.08
C GLU R 283 -26.08 32.37 55.68
N ALA R 284 -26.28 33.69 55.62
CA ALA R 284 -27.54 34.22 55.13
C ALA R 284 -27.77 33.84 53.69
N ILE R 285 -26.72 33.91 52.86
CA ILE R 285 -26.85 33.51 51.46
C ILE R 285 -27.18 32.02 51.36
N ASN R 286 -26.51 31.18 52.16
CA ASN R 286 -26.79 29.75 52.13
C ASN R 286 -28.24 29.48 52.55
N ASP R 287 -28.71 30.17 53.58
CA ASP R 287 -30.09 30.00 54.04
C ASP R 287 -31.08 30.44 52.96
N ALA R 288 -30.80 31.54 52.27
CA ALA R 288 -31.67 31.98 51.20
C ALA R 288 -31.69 30.98 50.06
N LEU R 289 -30.53 30.42 49.71
CA LEU R 289 -30.45 29.47 48.62
C LEU R 289 -30.87 28.06 49.02
N LYS R 290 -30.95 27.78 50.32
CA LYS R 290 -31.37 26.46 50.76
C LYS R 290 -32.81 26.20 50.35
N GLY R 291 -33.06 24.99 49.83
CA GLY R 291 -34.38 24.62 49.38
C GLY R 291 -34.73 25.03 47.97
N ASN R 292 -33.75 25.46 47.17
CA ASN R 292 -33.96 25.84 45.78
C ASN R 292 -33.27 24.84 44.86
N VAL R 293 -33.90 24.58 43.72
CA VAL R 293 -33.38 23.60 42.76
C VAL R 293 -32.60 24.25 41.61
N ASN R 294 -32.81 25.54 41.34
CA ASN R 294 -32.09 26.20 40.26
C ASN R 294 -30.64 26.47 40.61
N VAL R 295 -30.28 26.49 41.89
CA VAL R 295 -28.90 26.68 42.29
C VAL R 295 -28.11 25.42 41.95
N PHE R 296 -26.95 25.61 41.34
CA PHE R 296 -26.13 24.48 40.97
C PHE R 296 -25.54 23.80 42.21
N SER R 297 -25.02 22.59 42.02
CA SER R 297 -24.54 21.79 43.13
C SER R 297 -23.42 22.49 43.89
N ASN R 298 -22.46 23.04 43.17
CA ASN R 298 -21.36 23.75 43.81
C ASN R 298 -21.79 25.15 44.24
N ASN R 299 -21.22 25.60 45.35
CA ASN R 299 -21.50 26.94 45.88
C ASN R 299 -20.70 27.98 45.08
N SER R 300 -21.23 28.28 43.89
CA SER R 300 -20.59 29.24 43.00
C SER R 300 -20.94 30.67 43.40
N LYS R 301 -20.48 31.09 44.58
CA LYS R 301 -20.73 32.43 45.09
C LYS R 301 -19.41 33.21 45.15
N PHE R 302 -19.49 34.50 44.85
CA PHE R 302 -18.32 35.37 44.89
C PHE R 302 -18.70 36.70 45.52
N LEU R 303 -17.70 37.35 46.10
CA LEU R 303 -17.88 38.65 46.73
C LEU R 303 -17.73 39.75 45.68
N VAL R 304 -18.78 40.53 45.47
CA VAL R 304 -18.73 41.61 44.51
C VAL R 304 -17.89 42.75 45.06
N GLY R 305 -16.97 43.26 44.24
CA GLY R 305 -16.17 44.39 44.65
C GLY R 305 -17.03 45.63 44.85
N ILE R 306 -16.64 46.46 45.82
CA ILE R 306 -17.47 47.61 46.19
C ILE R 306 -17.59 48.59 45.03
N VAL R 307 -16.55 48.71 44.22
CA VAL R 307 -16.60 49.58 43.06
C VAL R 307 -17.66 49.09 42.07
N GLU R 308 -17.83 47.77 41.96
CA GLU R 308 -18.83 47.21 41.05
C GLU R 308 -20.26 47.47 41.50
N TYR R 309 -20.45 47.95 42.74
CA TYR R 309 -21.80 48.13 43.26
C TYR R 309 -22.60 49.13 42.42
N LYS R 310 -21.96 50.23 42.03
CA LYS R 310 -22.64 51.20 41.18
C LYS R 310 -22.90 50.64 39.79
N ASP R 311 -21.95 49.86 39.25
CA ASP R 311 -22.08 49.36 37.89
C ASP R 311 -23.16 48.30 37.78
N LEU R 312 -23.36 47.49 38.83
CA LEU R 312 -24.36 46.43 38.77
C LEU R 312 -25.76 46.99 38.62
N LEU R 313 -25.99 48.22 39.06
CA LEU R 313 -27.32 48.82 39.01
C LEU R 313 -27.39 50.04 38.11
N ARG R 314 -26.32 50.35 37.37
CA ARG R 314 -26.38 51.45 36.42
C ARG R 314 -27.36 51.11 35.29
N PRO R 315 -28.05 52.10 34.75
CA PRO R 315 -29.04 51.82 33.71
C PRO R 315 -28.37 51.52 32.38
N VAL R 316 -29.20 51.06 31.44
CA VAL R 316 -28.74 50.68 30.10
C VAL R 316 -29.65 51.32 29.07
N LYS R 317 -29.25 51.20 27.80
CA LYS R 317 -30.01 51.71 26.67
C LYS R 317 -30.31 53.21 26.77
N SER R 318 -29.37 53.97 27.32
CA SER R 318 -29.54 55.42 27.45
C SER R 318 -28.96 56.19 26.27
N SER R 319 -28.72 55.53 25.13
CA SER R 319 -28.13 56.20 23.99
C SER R 319 -29.05 57.30 23.45
N ASP R 320 -30.35 57.02 23.36
CA ASP R 320 -31.32 57.98 22.84
C ASP R 320 -32.44 58.18 23.84
N VAL R 321 -32.93 59.41 23.93
CA VAL R 321 -33.98 59.71 24.90
C VAL R 321 -35.27 59.00 24.53
N LYS R 322 -35.69 59.13 23.27
CA LYS R 322 -36.94 58.55 22.82
C LYS R 322 -36.99 58.58 21.30
N LEU R 323 -37.98 57.87 20.75
CA LEU R 323 -38.28 57.99 19.34
C LEU R 323 -39.05 59.28 19.09
N THR R 324 -38.58 60.09 18.15
CA THR R 324 -39.12 61.42 17.91
C THR R 324 -40.15 61.36 16.79
N ARG R 325 -41.33 61.92 17.05
CA ARG R 325 -42.37 61.99 16.02
C ARG R 325 -41.92 62.88 14.88
N GLY R 326 -42.19 62.45 13.65
CA GLY R 326 -41.76 63.14 12.46
C GLY R 326 -40.43 62.67 11.90
N SER R 327 -39.67 61.88 12.67
CA SER R 327 -38.41 61.36 12.19
C SER R 327 -38.65 60.29 11.13
N TYR R 328 -37.65 60.11 10.27
CA TYR R 328 -37.69 59.10 9.21
C TYR R 328 -36.90 57.88 9.66
N VAL R 329 -37.54 56.71 9.57
CA VAL R 329 -36.94 55.47 10.05
C VAL R 329 -37.14 54.38 9.00
N ARG R 330 -36.39 53.30 9.17
CA ARG R 330 -36.48 52.12 8.32
C ARG R 330 -37.21 51.00 9.05
N VAL R 331 -37.89 50.15 8.29
CA VAL R 331 -38.73 49.10 8.84
C VAL R 331 -37.98 47.78 8.82
N LYS R 332 -37.99 47.07 9.95
CA LYS R 332 -37.21 45.84 10.06
C LYS R 332 -37.83 44.69 9.28
N ASN R 333 -39.15 44.52 9.35
CA ASN R 333 -39.81 43.40 8.70
C ASN R 333 -41.21 43.83 8.27
N GLY R 334 -42.02 42.87 7.83
CA GLY R 334 -43.34 43.17 7.32
C GLY R 334 -43.35 43.35 5.81
N LYS R 335 -44.53 43.72 5.31
CA LYS R 335 -44.70 43.91 3.88
C LYS R 335 -43.88 45.09 3.37
N PHE R 336 -43.58 46.06 4.21
CA PHE R 336 -42.74 47.21 3.86
C PHE R 336 -41.35 47.07 4.46
N LYS R 337 -40.82 45.84 4.48
CA LYS R 337 -39.50 45.56 5.01
C LYS R 337 -38.43 46.37 4.29
N GLY R 338 -37.83 47.33 4.99
CA GLY R 338 -36.79 48.18 4.45
C GLY R 338 -37.26 49.51 3.90
N ASP R 339 -38.56 49.71 3.75
CA ASP R 339 -39.07 50.98 3.25
C ASP R 339 -38.89 52.07 4.30
N LEU R 340 -38.45 53.25 3.85
CA LEU R 340 -38.34 54.39 4.75
C LEU R 340 -39.72 54.87 5.17
N ALA R 341 -39.88 55.14 6.47
CA ALA R 341 -41.16 55.51 7.02
C ALA R 341 -40.99 56.67 7.98
N GLN R 342 -41.94 57.61 7.94
CA GLN R 342 -41.95 58.73 8.86
C GLN R 342 -42.74 58.37 10.10
N VAL R 343 -42.22 58.76 11.26
CA VAL R 343 -42.88 58.47 12.53
C VAL R 343 -43.92 59.54 12.81
N ASP R 344 -45.14 59.35 12.29
CA ASP R 344 -46.21 60.31 12.56
C ASP R 344 -46.59 60.30 14.03
N GLU R 345 -46.68 59.12 14.64
CA GLU R 345 -47.12 59.01 16.03
C GLU R 345 -46.24 58.03 16.77
N VAL R 346 -45.90 58.36 18.01
CA VAL R 346 -45.20 57.46 18.92
C VAL R 346 -46.16 57.09 20.04
N LEU R 347 -46.46 55.79 20.14
CA LEU R 347 -47.33 55.33 21.21
C LEU R 347 -46.63 55.46 22.56
N GLU R 348 -47.37 55.90 23.58
CA GLU R 348 -46.80 56.09 24.89
C GLU R 348 -46.28 54.79 25.50
N ASN R 349 -46.79 53.65 25.07
CA ASN R 349 -46.28 52.38 25.57
C ASN R 349 -44.85 52.15 25.14
N GLY R 350 -44.46 52.63 23.96
CA GLY R 350 -43.11 52.48 23.47
C GLY R 350 -42.82 51.19 22.75
N LEU R 351 -43.75 50.23 22.75
CA LEU R 351 -43.57 48.98 22.05
C LEU R 351 -44.02 49.07 20.59
N GLU R 352 -44.93 50.00 20.28
CA GLU R 352 -45.44 50.19 18.93
C GLU R 352 -45.46 51.69 18.63
N ALA R 353 -45.74 52.02 17.37
CA ALA R 353 -45.81 53.41 16.94
C ALA R 353 -46.49 53.48 15.58
N ARG R 354 -47.35 54.48 15.41
CA ARG R 354 -48.02 54.69 14.13
C ARG R 354 -47.09 55.41 13.18
N LEU R 355 -47.00 54.90 11.95
CA LEU R 355 -46.01 55.37 10.99
C LEU R 355 -46.67 55.74 9.67
N LYS R 356 -46.02 56.65 8.95
CA LYS R 356 -46.47 57.09 7.64
C LYS R 356 -45.63 56.38 6.57
N LEU R 357 -46.31 55.61 5.72
CA LEU R 357 -45.63 54.76 4.75
C LEU R 357 -46.22 54.97 3.37
N VAL R 358 -45.50 54.46 2.36
CA VAL R 358 -45.99 54.44 0.99
C VAL R 358 -46.67 53.10 0.75
N PRO R 359 -47.94 53.09 0.34
CA PRO R 359 -48.67 51.82 0.21
C PRO R 359 -48.07 50.89 -0.82
N ARG R 360 -48.23 49.59 -0.60
CA ARG R 360 -47.80 48.54 -1.52
C ARG R 360 -49.03 47.68 -1.81
N LEU R 361 -49.77 48.03 -2.86
CA LEU R 361 -51.03 47.36 -3.18
C LEU R 361 -51.07 47.02 -4.66
N ASP R 362 -51.86 45.98 -4.98
CA ASP R 362 -52.20 45.65 -6.35
C ASP R 362 -53.67 45.90 -6.67
N TYR R 363 -54.49 46.16 -5.65
CA TYR R 363 -55.93 46.41 -5.78
C TYR R 363 -56.70 45.22 -6.33
N GLY R 364 -56.06 44.05 -6.44
CA GLY R 364 -56.72 42.87 -6.97
C GLY R 364 -56.74 42.82 -8.48
N PHE R 390 -42.48 38.40 -2.65
CA PHE R 390 -43.38 38.82 -3.71
C PHE R 390 -44.36 39.87 -3.21
N ARG R 391 -44.06 41.14 -3.45
CA ARG R 391 -44.90 42.23 -3.02
C ARG R 391 -44.93 43.30 -4.11
N PRO R 392 -46.03 44.02 -4.26
CA PRO R 392 -46.06 45.11 -5.25
C PRO R 392 -45.15 46.25 -4.84
N ALA R 393 -44.67 46.97 -5.85
CA ALA R 393 -43.82 48.12 -5.61
C ALA R 393 -44.59 49.21 -4.86
N GLN R 394 -43.87 49.95 -4.02
CA GLN R 394 -44.50 51.00 -3.23
C GLN R 394 -45.04 52.10 -4.14
N ARG R 395 -46.24 52.58 -3.83
CA ARG R 395 -46.91 53.57 -4.63
C ARG R 395 -48.00 54.23 -3.81
N LEU R 396 -48.18 55.53 -3.99
CA LEU R 396 -49.22 56.26 -3.28
C LEU R 396 -50.58 55.66 -3.58
N PHE R 397 -51.40 55.49 -2.54
CA PHE R 397 -52.70 54.86 -2.68
C PHE R 397 -53.59 55.70 -3.59
N SER R 398 -53.97 55.16 -4.73
CA SER R 398 -54.75 55.86 -5.74
C SER R 398 -56.22 55.47 -5.59
N GLU R 399 -57.05 56.44 -5.19
CA GLU R 399 -58.44 56.13 -4.87
C GLU R 399 -59.23 55.72 -6.10
N ALA R 400 -58.97 56.34 -7.25
CA ALA R 400 -59.71 56.01 -8.47
C ALA R 400 -59.42 54.59 -8.93
N GLU R 401 -58.13 54.23 -9.01
CA GLU R 401 -57.78 52.87 -9.40
C GLU R 401 -58.29 51.87 -8.38
N ALA R 402 -58.22 52.21 -7.09
CA ALA R 402 -58.72 51.31 -6.06
C ALA R 402 -60.22 51.07 -6.22
N ARG R 403 -60.99 52.12 -6.51
CA ARG R 403 -62.43 51.93 -6.71
C ARG R 403 -62.71 51.13 -7.97
N VAL R 404 -61.94 51.38 -9.04
CA VAL R 404 -62.18 50.64 -10.29
C VAL R 404 -61.90 49.15 -10.08
N HIS R 405 -60.79 48.83 -9.42
CA HIS R 405 -60.48 47.44 -9.13
C HIS R 405 -61.19 46.90 -7.90
N GLU R 406 -61.72 47.77 -7.05
CA GLU R 406 -62.42 47.32 -5.85
C GLU R 406 -63.36 48.43 -5.36
N PRO R 407 -64.65 48.37 -5.71
CA PRO R 407 -65.57 49.47 -5.36
C PRO R 407 -66.02 49.48 -3.91
N THR R 408 -65.38 48.72 -3.02
CA THR R 408 -65.77 48.65 -1.62
C THR R 408 -64.95 49.57 -0.72
N ILE R 409 -64.52 50.72 -1.24
CA ILE R 409 -63.74 51.65 -0.43
C ILE R 409 -64.64 52.31 0.62
N ARG R 410 -64.08 52.53 1.80
CA ARG R 410 -64.76 53.25 2.86
C ARG R 410 -64.23 54.68 2.99
N ARG R 411 -65.06 55.54 3.56
CA ARG R 411 -64.71 56.92 3.83
C ARG R 411 -65.10 57.27 5.26
N ASP R 412 -64.21 57.96 5.96
CA ASP R 412 -64.46 58.39 7.33
C ASP R 412 -64.33 59.88 7.55
N ARG R 413 -63.47 60.55 6.79
CA ARG R 413 -63.26 62.00 6.91
C ARG R 413 -62.94 62.55 5.53
N ASP R 414 -62.41 63.77 5.49
CA ASP R 414 -61.93 64.38 4.27
C ASP R 414 -60.42 64.23 4.22
N GLY R 415 -59.93 63.53 3.18
CA GLY R 415 -58.53 63.24 3.04
C GLY R 415 -58.07 61.98 3.75
N PHE R 416 -58.90 61.42 4.63
CA PHE R 416 -58.59 60.19 5.34
C PHE R 416 -59.49 59.08 4.78
N VAL R 417 -58.88 58.12 4.09
CA VAL R 417 -59.61 57.08 3.40
C VAL R 417 -59.16 55.72 3.93
N THR R 418 -60.14 54.83 4.15
CA THR R 418 -59.88 53.47 4.59
C THR R 418 -60.27 52.52 3.47
N TYR R 419 -59.29 51.82 2.92
CA TYR R 419 -59.50 50.88 1.83
C TYR R 419 -58.97 49.51 2.24
N GLY R 420 -59.83 48.49 2.17
CA GLY R 420 -59.43 47.15 2.52
C GLY R 420 -58.97 47.00 3.95
N GLY R 421 -59.55 47.78 4.86
CA GLY R 421 -59.13 47.75 6.25
C GLY R 421 -57.87 48.53 6.56
N GLU R 422 -57.28 49.18 5.56
CA GLU R 422 -56.06 49.96 5.75
C GLU R 422 -56.37 51.44 5.58
N GLU R 423 -55.87 52.24 6.52
CA GLU R 423 -56.18 53.66 6.57
C GLU R 423 -55.11 54.44 5.81
N TYR R 424 -55.51 55.09 4.73
CA TYR R 424 -54.62 55.91 3.92
C TYR R 424 -55.04 57.37 4.05
N TYR R 425 -54.09 58.22 4.43
CA TYR R 425 -54.34 59.63 4.67
C TYR R 425 -53.65 60.44 3.58
N GLU R 426 -54.46 61.04 2.70
CA GLU R 426 -53.97 61.89 1.61
C GLU R 426 -52.95 61.15 0.75
N GLY R 427 -53.22 59.88 0.46
CA GLY R 427 -52.36 59.08 -0.39
C GLY R 427 -51.24 58.34 0.32
N PHE R 428 -51.06 58.55 1.62
CA PHE R 428 -50.01 57.88 2.39
C PHE R 428 -50.65 56.96 3.41
N LEU R 429 -50.13 55.73 3.50
CA LEU R 429 -50.62 54.78 4.49
C LEU R 429 -50.18 55.20 5.88
N TYR R 430 -51.10 55.08 6.84
CA TYR R 430 -50.80 55.30 8.26
C TYR R 430 -51.11 54.01 9.00
N LYS R 431 -50.08 53.32 9.44
CA LYS R 431 -50.22 52.02 10.10
C LYS R 431 -49.28 51.94 11.29
N THR R 432 -49.78 51.43 12.40
CA THR R 432 -48.97 51.23 13.58
C THR R 432 -48.04 50.04 13.38
N PHE R 433 -46.78 50.21 13.81
CA PHE R 433 -45.78 49.15 13.71
C PHE R 433 -45.07 49.03 15.05
N ARG R 434 -44.68 47.80 15.38
CA ARG R 434 -44.02 47.54 16.65
C ARG R 434 -42.60 48.11 16.65
N LEU R 435 -42.08 48.36 17.86
CA LEU R 435 -40.72 48.85 18.00
C LEU R 435 -39.72 47.84 17.45
N GLN R 436 -40.01 46.55 17.56
CA GLN R 436 -39.19 45.48 17.02
C GLN R 436 -39.26 45.39 15.50
N ASN R 437 -39.97 46.32 14.86
CA ASN R 437 -40.06 46.37 13.40
C ASN R 437 -39.36 47.57 12.80
N LEU R 438 -38.54 48.28 13.58
CA LEU R 438 -37.96 49.55 13.12
C LEU R 438 -36.48 49.60 13.44
N ILE R 439 -35.75 50.30 12.56
CA ILE R 439 -34.35 50.65 12.77
C ILE R 439 -34.30 52.16 12.95
N VAL R 440 -33.90 52.62 14.13
CA VAL R 440 -33.88 54.04 14.45
C VAL R 440 -32.47 54.62 14.38
N ASN R 441 -31.49 53.87 13.91
CA ASN R 441 -30.12 54.35 13.79
C ASN R 441 -29.51 53.79 12.52
N SER R 442 -28.45 54.46 12.06
CA SER R 442 -27.76 54.10 10.81
C SER R 442 -28.75 54.06 9.64
N ILE R 443 -29.65 55.04 9.59
CA ILE R 443 -30.70 55.08 8.58
C ILE R 443 -30.13 55.69 7.32
N ASN R 444 -30.32 54.99 6.19
CA ASN R 444 -29.78 55.43 4.92
C ASN R 444 -30.89 55.96 4.03
N PRO R 445 -31.00 57.28 3.83
CA PRO R 445 -32.08 57.83 3.01
C PRO R 445 -31.70 57.96 1.54
N THR R 446 -32.72 57.89 0.70
CA THR R 446 -32.59 58.07 -0.74
C THR R 446 -33.39 59.29 -1.17
N LEU R 447 -32.84 60.05 -2.12
CA LEU R 447 -33.52 61.26 -2.57
C LEU R 447 -34.84 60.95 -3.27
N ASN R 448 -34.96 59.77 -3.88
CA ASN R 448 -36.23 59.39 -4.50
C ASN R 448 -37.34 59.28 -3.46
N GLU R 449 -37.09 58.50 -2.40
CA GLU R 449 -38.08 58.36 -1.34
C GLU R 449 -38.28 59.69 -0.61
N LEU R 450 -37.22 60.46 -0.42
CA LEU R 450 -37.34 61.77 0.21
C LEU R 450 -38.26 62.69 -0.59
N SER R 451 -38.09 62.72 -1.91
CA SER R 451 -38.98 63.53 -2.74
C SER R 451 -40.40 63.00 -2.71
N LEU R 452 -40.57 61.67 -2.78
CA LEU R 452 -41.91 61.11 -2.75
C LEU R 452 -42.63 61.39 -1.44
N PHE R 453 -41.87 61.52 -0.34
CA PHE R 453 -42.45 61.84 0.95
C PHE R 453 -42.71 63.33 1.14
N GLN R 454 -41.82 64.18 0.62
CA GLN R 454 -41.90 65.62 0.87
C GLN R 454 -42.65 66.37 -0.23
N SER R 455 -43.08 65.69 -1.29
CA SER R 455 -43.82 66.39 -2.34
C SER R 455 -45.14 66.95 -1.82
N ASN R 456 -45.81 66.21 -0.94
CA ASN R 456 -47.07 66.70 -0.37
C ASN R 456 -46.88 67.85 0.61
N GLU R 457 -45.64 68.16 0.99
CA GLU R 457 -45.35 69.27 1.90
C GLU R 457 -45.12 70.58 1.15
N GLU R 458 -45.47 70.63 -0.13
CA GLU R 458 -45.34 71.81 -0.99
C GLU R 458 -43.90 72.30 -1.13
N SER R 459 -42.92 71.47 -0.79
CA SER R 459 -41.53 71.84 -0.91
C SER R 459 -40.68 70.57 -0.90
N THR R 460 -39.68 70.54 -1.77
CA THR R 460 -38.82 69.36 -1.91
C THR R 460 -37.82 69.31 -0.78
N THR R 461 -38.00 68.35 0.14
CA THR R 461 -37.08 68.09 1.24
C THR R 461 -36.84 69.34 2.08
N ILE R 462 -37.94 69.89 2.61
CA ILE R 462 -37.84 71.07 3.48
C ILE R 462 -37.16 70.70 4.80
N ASP R 463 -37.47 69.52 5.33
CA ASP R 463 -36.87 69.07 6.59
C ASP R 463 -35.52 68.43 6.30
N LEU R 464 -34.46 68.97 6.92
CA LEU R 464 -33.11 68.46 6.65
C LEU R 464 -32.24 68.38 7.90
N SER R 465 -32.83 68.41 9.10
CA SER R 465 -32.01 68.31 10.32
C SER R 465 -31.61 66.86 10.58
N THR R 466 -32.60 65.96 10.64
CA THR R 466 -32.28 64.54 10.78
C THR R 466 -31.46 64.05 9.60
N ILE R 467 -31.74 64.56 8.40
CA ILE R 467 -30.93 64.20 7.23
C ILE R 467 -29.49 64.66 7.41
N ALA R 468 -29.29 65.88 7.94
CA ALA R 468 -27.94 66.36 8.19
C ALA R 468 -27.22 65.50 9.22
N ASP R 469 -27.93 65.09 10.27
CA ASP R 469 -27.34 64.21 11.26
C ASP R 469 -26.93 62.87 10.64
N SER R 470 -27.80 62.32 9.78
CA SER R 470 -27.46 61.09 9.07
C SER R 470 -26.24 61.28 8.17
N LEU R 471 -26.15 62.44 7.52
CA LEU R 471 -24.97 62.74 6.70
C LEU R 471 -23.70 62.76 7.55
N LYS R 472 -23.78 63.38 8.73
CA LYS R 472 -22.62 63.40 9.62
C LYS R 472 -22.23 61.99 10.04
N GLU R 473 -23.22 61.16 10.37
CA GLU R 473 -22.94 59.79 10.75
C GLU R 473 -22.27 59.02 9.61
N THR R 474 -22.81 59.17 8.39
CA THR R 474 -22.23 58.47 7.24
C THR R 474 -20.81 58.94 6.96
N ALA R 475 -20.57 60.25 7.08
CA ALA R 475 -19.21 60.76 6.86
C ALA R 475 -18.25 60.24 7.92
N LYS R 476 -18.69 60.18 9.18
CA LYS R 476 -17.80 59.77 10.26
C LYS R 476 -17.49 58.28 10.19
N ASN R 477 -18.52 57.44 9.98
CA ASN R 477 -18.31 56.00 10.01
C ASN R 477 -17.58 55.48 8.78
N LEU R 478 -17.73 56.12 7.63
CA LEU R 478 -17.14 55.60 6.40
C LEU R 478 -15.64 55.81 6.32
N VAL R 479 -15.06 56.63 7.20
CA VAL R 479 -13.62 56.88 7.12
C VAL R 479 -12.85 55.69 7.67
N SER R 480 -11.94 55.16 6.84
CA SER R 480 -11.04 54.10 7.24
C SER R 480 -9.63 54.47 6.81
N PHE R 481 -8.66 54.24 7.68
CA PHE R 481 -7.30 54.69 7.45
C PHE R 481 -6.36 53.50 7.25
N GLN R 482 -5.24 53.79 6.58
CA GLN R 482 -4.20 52.82 6.31
C GLN R 482 -2.86 53.49 6.53
N PRO R 483 -1.81 52.73 6.80
CA PRO R 483 -0.48 53.35 6.95
C PRO R 483 -0.05 54.08 5.68
N GLY R 484 0.61 55.21 5.87
CA GLY R 484 1.08 56.02 4.77
C GLY R 484 0.11 57.05 4.25
N ASP R 485 -1.10 57.11 4.80
CA ASP R 485 -2.07 58.10 4.36
C ASP R 485 -1.69 59.49 4.86
N ASN R 486 -1.77 60.47 3.97
CA ASN R 486 -1.54 61.87 4.32
C ASN R 486 -2.81 62.44 4.91
N VAL R 487 -2.74 62.89 6.17
CA VAL R 487 -3.92 63.33 6.90
C VAL R 487 -3.66 64.71 7.49
N GLU R 488 -4.75 65.39 7.82
CA GLU R 488 -4.69 66.70 8.46
C GLU R 488 -5.55 66.67 9.72
N ILE R 489 -5.15 67.47 10.71
CA ILE R 489 -5.74 67.46 12.04
C ILE R 489 -6.72 68.61 12.15
N ILE R 490 -7.92 68.33 12.66
CA ILE R 490 -9.00 69.31 12.71
C ILE R 490 -9.07 70.00 14.08
N ASN R 491 -8.82 69.26 15.16
CA ASN R 491 -8.97 69.79 16.51
C ASN R 491 -7.66 69.64 17.27
N GLY R 492 -7.72 69.90 18.57
CA GLY R 492 -6.57 69.74 19.44
C GLY R 492 -5.55 70.85 19.29
N GLU R 493 -4.52 70.77 20.14
CA GLU R 493 -3.44 71.74 20.06
C GLU R 493 -2.66 71.61 18.76
N LEU R 494 -2.67 70.42 18.15
CA LEU R 494 -1.98 70.16 16.90
C LEU R 494 -2.88 70.38 15.68
N ASN R 495 -3.89 71.24 15.81
CA ASN R 495 -4.82 71.49 14.72
C ASN R 495 -4.09 72.12 13.53
N HIS R 496 -4.58 71.79 12.33
CA HIS R 496 -4.00 72.28 11.08
C HIS R 496 -2.54 71.85 10.93
N LEU R 497 -2.29 70.57 11.17
CA LEU R 497 -0.98 69.98 10.96
C LEU R 497 -1.10 68.77 10.04
N THR R 498 -0.10 68.59 9.20
CA THR R 498 -0.06 67.48 8.26
C THR R 498 0.84 66.37 8.78
N GLY R 499 0.52 65.14 8.40
CA GLY R 499 1.29 63.99 8.85
C GLY R 499 0.90 62.76 8.06
N THR R 500 1.74 61.74 8.19
CA THR R 500 1.58 60.47 7.49
C THR R 500 1.31 59.38 8.52
N VAL R 501 0.31 58.55 8.25
CA VAL R 501 -0.05 57.47 9.16
C VAL R 501 1.06 56.43 9.15
N SER R 502 1.65 56.18 10.31
CA SER R 502 2.72 55.19 10.43
C SER R 502 2.18 53.80 10.71
N SER R 503 1.38 53.65 11.76
CA SER R 503 0.80 52.37 12.12
C SER R 503 -0.62 52.58 12.62
N VAL R 504 -1.43 51.53 12.51
CA VAL R 504 -2.83 51.55 12.91
C VAL R 504 -3.03 50.54 14.02
N ASN R 505 -3.61 50.98 15.13
CA ASN R 505 -3.94 50.12 16.26
C ASN R 505 -5.43 50.24 16.55
N GLN R 506 -6.11 49.10 16.64
CA GLN R 506 -7.57 49.03 16.79
C GLN R 506 -8.18 49.85 15.64
N SER R 507 -9.17 50.71 15.92
CA SER R 507 -9.76 51.56 14.90
C SER R 507 -9.94 52.99 15.37
N THR R 508 -9.39 53.34 16.54
CA THR R 508 -9.54 54.68 17.09
C THR R 508 -8.22 55.35 17.46
N ILE R 509 -7.11 54.63 17.49
CA ILE R 509 -5.80 55.19 17.80
C ILE R 509 -4.90 54.97 16.59
N VAL R 510 -4.35 56.05 16.06
CA VAL R 510 -3.51 56.01 14.87
C VAL R 510 -2.20 56.73 15.17
N SER R 511 -1.09 56.01 15.01
CA SER R 511 0.22 56.62 15.18
C SER R 511 0.60 57.38 13.92
N VAL R 512 0.91 58.66 14.07
CA VAL R 512 1.19 59.55 12.96
C VAL R 512 2.54 60.21 13.17
N ARG R 513 3.34 60.26 12.11
CA ARG R 513 4.58 61.03 12.09
C ARG R 513 4.30 62.35 11.36
N LEU R 514 4.52 63.46 12.05
CA LEU R 514 4.18 64.76 11.51
C LEU R 514 5.30 65.28 10.60
N HIS R 515 4.91 66.14 9.66
CA HIS R 515 5.83 66.76 8.73
C HIS R 515 5.83 68.27 8.97
N SER R 516 7.03 68.84 9.12
CA SER R 516 7.18 70.27 9.36
C SER R 516 8.58 70.69 8.93
N ASP R 517 8.78 72.00 8.84
CA ASP R 517 10.07 72.55 8.43
C ASP R 517 11.18 72.22 9.42
N ASP R 518 10.82 71.90 10.66
CA ASP R 518 11.83 71.54 11.67
C ASP R 518 12.12 70.06 11.60
N ASP R 519 13.41 69.72 11.47
CA ASP R 519 13.80 68.31 11.34
C ASP R 519 13.53 67.53 12.63
N THR R 520 13.79 68.15 13.79
CA THR R 520 13.58 67.45 15.05
C THR R 520 12.12 67.10 15.29
N ILE R 521 11.19 67.86 14.72
CA ILE R 521 9.78 67.54 14.87
C ILE R 521 9.36 66.41 13.93
N ASN R 522 9.96 66.33 12.75
CA ASN R 522 9.60 65.31 11.78
C ASN R 522 10.03 63.91 12.20
N SER R 523 10.86 63.78 13.23
CA SER R 523 11.34 62.49 13.71
C SER R 523 10.55 61.98 14.91
N GLU R 524 9.36 62.53 15.15
CA GLU R 524 8.52 62.16 16.27
C GLU R 524 7.24 61.51 15.76
N THR R 525 6.79 60.47 16.45
CA THR R 525 5.54 59.78 16.13
C THR R 525 4.51 60.08 17.21
N VAL R 526 3.32 60.49 16.78
CA VAL R 526 2.24 60.89 17.68
C VAL R 526 1.03 60.01 17.41
N GLU R 527 0.43 59.48 18.48
CA GLU R 527 -0.79 58.70 18.38
C GLU R 527 -1.98 59.65 18.51
N ILE R 528 -2.84 59.67 17.50
CA ILE R 528 -3.90 60.66 17.43
C ILE R 528 -5.24 59.97 17.19
N PRO R 529 -6.30 60.36 17.89
CA PRO R 529 -7.62 59.76 17.62
C PRO R 529 -8.07 60.02 16.19
N THR R 530 -8.77 59.04 15.62
CA THR R 530 -9.22 59.14 14.24
C THR R 530 -10.33 60.15 14.04
N SER R 531 -11.04 60.53 15.11
CA SER R 531 -12.14 61.48 14.98
C SER R 531 -11.68 62.88 14.62
N ASP R 532 -10.38 63.17 14.71
CA ASP R 532 -9.84 64.48 14.39
C ASP R 532 -8.79 64.39 13.29
N LEU R 533 -9.05 63.56 12.28
CA LEU R 533 -8.16 63.40 11.14
C LEU R 533 -8.96 63.55 9.86
N ARG R 534 -8.41 64.28 8.89
CA ARG R 534 -9.01 64.42 7.57
C ARG R 534 -7.97 64.08 6.52
N LYS R 535 -8.35 63.23 5.56
CA LYS R 535 -7.43 62.79 4.54
C LYS R 535 -7.00 63.95 3.64
N ILE R 536 -5.73 63.92 3.22
CA ILE R 536 -5.17 64.93 2.34
C ILE R 536 -4.96 64.29 0.98
N PHE R 537 -5.61 64.87 -0.04
CA PHE R 537 -5.58 64.33 -1.40
C PHE R 537 -4.86 65.31 -2.30
N ASN R 538 -3.70 64.92 -2.82
CA ASN R 538 -2.91 65.75 -3.70
C ASN R 538 -3.27 65.48 -5.16
N VAL R 539 -3.09 66.50 -6.00
CA VAL R 539 -3.49 66.41 -7.40
C VAL R 539 -2.54 65.47 -8.13
N GLY R 540 -3.10 64.52 -8.88
CA GLY R 540 -2.31 63.59 -9.67
C GLY R 540 -2.01 62.30 -8.96
N ASP R 541 -2.98 61.78 -8.20
CA ASP R 541 -2.82 60.55 -7.45
C ASP R 541 -3.94 59.58 -7.82
N HIS R 542 -3.58 58.30 -7.94
CA HIS R 542 -4.58 57.27 -8.21
C HIS R 542 -5.46 57.08 -6.98
N VAL R 543 -6.76 57.27 -7.15
CA VAL R 543 -7.72 57.16 -6.06
C VAL R 543 -8.90 56.30 -6.51
N ARG R 544 -9.38 55.45 -5.61
CA ARG R 544 -10.49 54.55 -5.88
C ARG R 544 -11.68 54.93 -5.01
N VAL R 545 -12.86 54.97 -5.62
CA VAL R 545 -14.07 55.34 -4.88
C VAL R 545 -14.44 54.22 -3.93
N ILE R 546 -14.69 54.58 -2.66
CA ILE R 546 -15.04 53.59 -1.66
C ILE R 546 -16.50 53.17 -1.78
N HIS R 547 -17.41 54.16 -1.77
CA HIS R 547 -18.83 53.88 -1.69
C HIS R 547 -19.59 54.96 -2.44
N GLY R 548 -20.74 54.56 -3.00
CA GLY R 548 -21.62 55.44 -3.74
C GLY R 548 -22.02 54.81 -5.05
N LYS R 549 -22.62 55.64 -5.92
CA LYS R 549 -22.99 55.16 -7.25
C LYS R 549 -21.76 54.79 -8.07
N HIS R 550 -20.65 55.51 -7.87
CA HIS R 550 -19.41 55.25 -8.59
C HIS R 550 -18.49 54.31 -7.84
N THR R 551 -19.04 53.38 -7.08
CA THR R 551 -18.23 52.42 -6.32
C THR R 551 -17.31 51.64 -7.26
N ASP R 552 -16.07 51.42 -6.81
CA ASP R 552 -15.02 50.71 -7.53
C ASP R 552 -14.53 51.47 -8.77
N ASP R 553 -14.81 52.77 -8.86
CA ASP R 553 -14.26 53.59 -9.93
C ASP R 553 -12.96 54.24 -9.46
N THR R 554 -11.96 54.24 -10.33
CA THR R 554 -10.65 54.78 -10.03
C THR R 554 -10.32 55.92 -10.99
N GLY R 555 -9.27 56.64 -10.66
CA GLY R 555 -8.84 57.74 -11.52
C GLY R 555 -7.71 58.53 -10.89
N LEU R 556 -7.41 59.66 -11.51
CA LEU R 556 -6.34 60.55 -11.07
C LEU R 556 -6.95 61.87 -10.61
N ILE R 557 -6.51 62.35 -9.45
CA ILE R 557 -7.06 63.59 -8.90
C ILE R 557 -6.69 64.75 -9.81
N VAL R 558 -7.66 65.61 -10.10
CA VAL R 558 -7.48 66.75 -10.97
C VAL R 558 -7.72 68.06 -10.23
N GLU R 559 -8.84 68.19 -9.52
CA GLU R 559 -9.20 69.40 -8.81
C GLU R 559 -9.63 69.04 -7.39
N VAL R 560 -9.14 69.80 -6.42
CA VAL R 560 -9.43 69.56 -5.01
C VAL R 560 -10.19 70.77 -4.49
N ASN R 561 -11.52 70.68 -4.48
CA ASN R 561 -12.37 71.75 -3.97
C ASN R 561 -12.75 71.50 -2.51
N GLY R 562 -11.76 71.37 -1.65
CA GLY R 562 -12.00 71.16 -0.23
C GLY R 562 -12.64 69.82 0.08
N ASP R 563 -13.89 69.86 0.53
CA ASP R 563 -14.59 68.62 0.86
C ASP R 563 -14.82 67.76 -0.37
N LYS R 564 -15.17 68.38 -1.49
CA LYS R 564 -15.44 67.66 -2.73
C LYS R 564 -14.20 67.66 -3.61
N VAL R 565 -13.83 66.48 -4.10
CA VAL R 565 -12.64 66.30 -4.92
C VAL R 565 -13.05 65.81 -6.29
N GLU R 566 -12.39 66.34 -7.32
CA GLU R 566 -12.68 65.98 -8.71
C GLU R 566 -11.53 65.16 -9.27
N PHE R 567 -11.87 64.13 -10.04
CA PHE R 567 -10.88 63.23 -10.61
C PHE R 567 -11.36 62.70 -11.95
N ILE R 568 -10.43 62.53 -12.88
CA ILE R 568 -10.75 61.96 -14.19
C ILE R 568 -10.83 60.45 -14.06
N SER R 569 -11.96 59.88 -14.49
CA SER R 569 -12.16 58.44 -14.35
C SER R 569 -11.28 57.68 -15.33
N ASN R 570 -11.10 56.39 -15.03
CA ASN R 570 -10.31 55.49 -15.86
C ASN R 570 -11.17 54.69 -16.84
N GLN R 571 -12.31 54.17 -16.38
CA GLN R 571 -13.18 53.39 -17.24
C GLN R 571 -14.00 54.29 -18.17
N THR R 572 -14.78 55.20 -17.59
CA THR R 572 -15.57 56.13 -18.39
C THR R 572 -14.72 57.22 -19.01
N LYS R 573 -13.50 57.45 -18.51
CA LYS R 573 -12.59 58.47 -19.02
C LYS R 573 -13.23 59.85 -19.01
N ARG R 574 -14.01 60.13 -17.96
CA ARG R 574 -14.66 61.43 -17.80
C ARG R 574 -14.52 61.88 -16.36
N THR R 575 -14.58 63.19 -16.16
CA THR R 575 -14.43 63.76 -14.83
C THR R 575 -15.65 63.44 -13.97
N VAL R 576 -15.41 63.04 -12.73
CA VAL R 576 -16.44 62.74 -11.76
C VAL R 576 -16.13 63.48 -10.47
N ILE R 577 -17.14 64.13 -9.89
CA ILE R 577 -16.99 64.90 -8.66
C ILE R 577 -17.65 64.11 -7.54
N VAL R 578 -16.84 63.64 -6.60
CA VAL R 578 -17.31 62.89 -5.43
C VAL R 578 -16.62 63.46 -4.20
N PHE R 579 -17.29 63.35 -3.06
CA PHE R 579 -16.74 63.87 -1.82
C PHE R 579 -15.45 63.13 -1.46
N SER R 580 -14.54 63.86 -0.80
CA SER R 580 -13.28 63.27 -0.37
C SER R 580 -13.48 62.14 0.63
N ASN R 581 -14.65 62.06 1.25
CA ASN R 581 -14.95 60.97 2.18
C ASN R 581 -15.09 59.63 1.49
N TYR R 582 -15.30 59.62 0.16
CA TYR R 582 -15.56 58.39 -0.58
C TYR R 582 -14.37 57.97 -1.44
N LEU R 583 -13.18 58.48 -1.14
CA LEU R 583 -12.00 58.22 -1.96
C LEU R 583 -10.89 57.65 -1.10
N ILE R 584 -10.18 56.66 -1.64
CA ILE R 584 -8.99 56.09 -1.01
C ILE R 584 -7.86 56.12 -2.03
N LYS R 585 -6.69 56.57 -1.58
CA LYS R 585 -5.52 56.60 -2.46
C LYS R 585 -5.04 55.19 -2.74
N SER R 586 -5.49 54.61 -3.85
CA SER R 586 -5.11 53.26 -4.26
C SER R 586 -4.34 53.37 -5.57
N THR R 587 -3.03 53.15 -5.49
CA THR R 587 -2.16 53.35 -6.65
C THR R 587 -2.43 52.36 -7.77
N ASP R 588 -3.14 51.27 -7.49
CA ASP R 588 -3.45 50.27 -8.51
C ASP R 588 -4.94 49.96 -8.47
N SER R 589 -5.55 49.87 -9.65
CA SER R 589 -6.99 49.59 -9.74
C SER R 589 -7.27 48.10 -9.63
N THR R 590 -6.82 47.32 -10.61
CA THR R 590 -7.06 45.89 -10.72
C THR R 590 -8.52 45.55 -10.40
N VAL R 591 -9.41 46.19 -11.15
CA VAL R 591 -10.85 46.04 -10.90
C VAL R 591 -11.33 44.73 -11.53
N SER R 592 -12.07 43.95 -10.75
CA SER R 592 -12.70 42.74 -11.23
C SER R 592 -14.16 43.02 -11.57
N ILE R 593 -14.58 42.60 -12.75
CA ILE R 593 -15.92 42.90 -13.26
C ILE R 593 -16.88 41.74 -13.05
N ASN R 594 -16.44 40.66 -12.40
CA ASN R 594 -17.30 39.52 -12.18
C ASN R 594 -18.50 39.90 -11.31
N GLU R 595 -19.58 39.14 -11.46
CA GLU R 595 -20.83 39.39 -10.77
C GLU R 595 -21.37 40.79 -11.10
N SER R 596 -21.52 41.05 -12.39
CA SER R 596 -22.02 42.33 -12.87
C SER R 596 -22.47 42.19 -14.31
N GLY R 597 -23.71 42.58 -14.58
CA GLY R 597 -24.24 42.50 -15.93
C GLY R 597 -24.55 41.07 -16.34
N ARG R 598 -24.57 40.87 -17.66
CA ARG R 598 -24.88 39.57 -18.23
C ARG R 598 -23.73 38.94 -18.99
N PHE R 599 -22.75 39.72 -19.44
CA PHE R 599 -21.70 39.23 -20.31
C PHE R 599 -20.35 39.31 -19.62
N GLU R 600 -19.50 38.33 -19.94
CA GLU R 600 -18.12 38.29 -19.48
C GLU R 600 -17.18 38.61 -20.63
N LEU R 601 -15.89 38.48 -20.37
CA LEU R 601 -14.88 38.72 -21.40
C LEU R 601 -14.98 37.66 -22.50
N HIS R 602 -14.62 38.07 -23.71
CA HIS R 602 -14.60 37.18 -24.88
C HIS R 602 -15.97 36.58 -25.16
N ASP R 603 -17.01 37.42 -25.06
CA ASP R 603 -18.38 37.02 -25.35
C ASP R 603 -18.81 37.61 -26.68
N LEU R 604 -19.25 36.76 -27.60
CA LEU R 604 -19.74 37.19 -28.90
C LEU R 604 -21.19 37.64 -28.76
N VAL R 605 -21.41 38.95 -28.75
CA VAL R 605 -22.73 39.52 -28.53
C VAL R 605 -23.15 40.31 -29.76
N GLN R 606 -24.46 40.57 -29.85
CA GLN R 606 -25.05 41.28 -30.97
C GLN R 606 -25.30 42.72 -30.55
N VAL R 607 -24.59 43.66 -31.18
CA VAL R 607 -24.71 45.07 -30.82
C VAL R 607 -26.11 45.59 -31.13
N ASN R 608 -26.59 45.34 -32.34
CA ASN R 608 -27.90 45.82 -32.77
C ASN R 608 -28.45 44.83 -33.79
N SER R 609 -29.41 45.29 -34.58
CA SER R 609 -29.99 44.45 -35.63
C SER R 609 -29.02 44.16 -36.76
N ASP R 610 -27.88 44.85 -36.82
CA ASP R 610 -26.96 44.70 -37.95
C ASP R 610 -25.54 44.37 -37.49
N LEU R 611 -25.12 44.91 -36.36
CA LEU R 611 -23.73 44.82 -35.93
C LEU R 611 -23.59 43.75 -34.86
N VAL R 612 -22.58 42.89 -35.02
CA VAL R 612 -22.27 41.82 -34.08
C VAL R 612 -20.81 41.94 -33.69
N GLY R 613 -20.53 41.88 -32.38
CA GLY R 613 -19.16 42.03 -31.91
C GLY R 613 -18.78 41.11 -30.77
N ILE R 614 -17.56 41.30 -30.25
CA ILE R 614 -17.04 40.51 -29.15
C ILE R 614 -16.50 41.45 -28.08
N VAL R 615 -16.51 40.98 -26.84
CA VAL R 615 -16.12 41.80 -25.71
C VAL R 615 -14.61 41.76 -25.54
N ILE R 616 -14.00 42.92 -25.44
CA ILE R 616 -12.55 43.03 -25.25
C ILE R 616 -12.20 43.46 -23.82
N ARG R 617 -13.02 44.34 -23.24
CA ARG R 617 -12.78 44.79 -21.88
C ARG R 617 -14.11 45.17 -21.24
N ALA R 618 -14.32 44.72 -20.01
CA ALA R 618 -15.55 44.95 -19.28
C ALA R 618 -15.35 46.03 -18.23
N GLN R 619 -16.41 46.81 -17.98
CA GLN R 619 -16.38 47.87 -17.00
C GLN R 619 -17.54 47.68 -16.03
N LYS R 620 -17.45 48.37 -14.89
CA LYS R 620 -18.54 48.34 -13.93
C LYS R 620 -19.80 49.02 -14.48
N ASP R 621 -19.64 49.91 -15.45
CA ASP R 621 -20.76 50.66 -16.00
C ASP R 621 -21.07 50.35 -17.45
N SER R 622 -20.12 49.80 -18.21
CA SER R 622 -20.33 49.54 -19.63
C SER R 622 -19.40 48.41 -20.06
N PHE R 623 -19.36 48.17 -21.37
CA PHE R 623 -18.50 47.17 -21.97
C PHE R 623 -17.82 47.74 -23.20
N ASP R 624 -16.66 47.18 -23.54
CA ASP R 624 -15.93 47.53 -24.74
C ASP R 624 -16.01 46.37 -25.72
N VAL R 625 -16.47 46.64 -26.93
CA VAL R 625 -16.78 45.60 -27.91
C VAL R 625 -16.01 45.87 -29.19
N LEU R 626 -15.28 44.87 -29.66
CA LEU R 626 -14.70 44.87 -30.99
C LEU R 626 -15.66 44.17 -31.94
N CYS R 627 -16.08 44.88 -33.00
CA CYS R 627 -17.05 44.34 -33.93
C CYS R 627 -16.35 43.64 -35.09
N SER R 628 -17.16 43.03 -35.96
CA SER R 628 -16.61 42.32 -37.12
C SER R 628 -15.92 43.28 -38.09
N ASP R 629 -16.30 44.56 -38.06
CA ASP R 629 -15.68 45.54 -38.95
C ASP R 629 -14.23 45.83 -38.58
N GLY R 630 -13.89 45.74 -37.30
CA GLY R 630 -12.57 46.10 -36.82
C GLY R 630 -12.50 47.35 -35.97
N LYS R 631 -13.64 47.91 -35.57
CA LYS R 631 -13.70 49.11 -34.76
C LYS R 631 -14.08 48.76 -33.32
N LEU R 632 -13.94 49.76 -32.45
CA LEU R 632 -14.23 49.61 -31.03
C LEU R 632 -15.41 50.51 -30.66
N LEU R 633 -16.28 49.98 -29.80
CA LEU R 633 -17.47 50.70 -29.34
C LEU R 633 -17.61 50.56 -27.84
N SER R 634 -18.28 51.53 -27.23
CA SER R 634 -18.60 51.49 -25.80
C SER R 634 -20.11 51.65 -25.65
N LEU R 635 -20.74 50.68 -25.00
CA LEU R 635 -22.18 50.65 -24.84
C LEU R 635 -22.54 50.17 -23.44
N PRO R 636 -23.67 50.62 -22.90
CA PRO R 636 -24.14 50.09 -21.61
C PRO R 636 -24.57 48.64 -21.75
N PRO R 637 -24.53 47.87 -20.66
CA PRO R 637 -24.97 46.47 -20.74
C PRO R 637 -26.41 46.31 -21.19
N VAL R 638 -27.27 47.28 -20.87
CA VAL R 638 -28.67 47.17 -21.26
C VAL R 638 -28.83 47.25 -22.76
N SER R 639 -28.06 48.13 -23.42
CA SER R 639 -28.25 48.37 -24.85
C SER R 639 -27.95 47.13 -25.69
N ILE R 640 -27.07 46.25 -25.21
CA ILE R 640 -26.69 45.07 -25.98
C ILE R 640 -27.90 44.14 -26.08
N TYR R 641 -28.11 43.59 -27.28
CA TYR R 641 -29.26 42.72 -27.53
C TYR R 641 -29.22 41.47 -26.66
N SER R 642 -28.27 40.58 -26.92
CA SER R 642 -28.12 39.34 -26.16
C SER R 642 -26.88 38.61 -26.67
N LYS R 643 -26.42 37.65 -25.89
CA LYS R 643 -25.32 36.80 -26.30
C LYS R 643 -25.77 35.88 -27.43
N LEU R 644 -24.89 35.68 -28.41
CA LEU R 644 -25.19 34.83 -29.57
C LEU R 644 -24.76 33.40 -29.25
N ASN R 645 -25.63 32.70 -28.53
CA ASN R 645 -25.36 31.30 -28.19
C ASN R 645 -25.44 30.45 -29.45
N LEU R 646 -24.31 29.88 -29.86
CA LEU R 646 -24.23 29.09 -31.07
C LEU R 646 -23.68 27.71 -30.75
N ASN R 647 -24.37 26.68 -31.23
CA ASN R 647 -23.92 25.31 -31.05
C ASN R 647 -22.77 25.03 -32.01
N PRO R 648 -22.00 23.97 -31.75
CA PRO R 648 -20.96 23.59 -32.72
C PRO R 648 -21.50 23.30 -34.11
N ASN R 649 -22.78 22.90 -34.22
CA ASN R 649 -23.42 22.76 -35.51
C ASN R 649 -23.67 24.10 -36.19
N GLN R 650 -23.53 25.21 -35.48
CA GLN R 650 -23.67 26.55 -36.05
C GLN R 650 -22.35 27.29 -36.19
N GLN R 651 -21.45 27.14 -35.22
CA GLN R 651 -20.16 27.82 -35.23
C GLN R 651 -19.15 26.93 -35.97
N ILE R 652 -19.13 27.09 -37.29
CA ILE R 652 -18.31 26.26 -38.17
C ILE R 652 -17.43 27.17 -39.02
N ALA R 653 -16.15 26.82 -39.15
CA ALA R 653 -15.18 27.58 -39.92
C ALA R 653 -14.52 26.67 -40.96
N ILE R 654 -14.37 27.20 -42.17
CA ILE R 654 -13.70 26.51 -43.26
C ILE R 654 -12.56 27.39 -43.75
N ASP R 655 -11.36 26.80 -43.88
CA ASP R 655 -10.18 27.56 -44.27
C ASP R 655 -10.18 27.78 -45.78
N SER R 656 -9.08 28.33 -46.30
CA SER R 656 -8.98 28.58 -47.74
C SER R 656 -8.99 27.29 -48.53
N ASN R 657 -8.29 26.25 -48.04
CA ASN R 657 -8.20 24.99 -48.75
C ASN R 657 -9.46 24.14 -48.63
N GLY R 658 -10.41 24.52 -47.78
CA GLY R 658 -11.63 23.78 -47.60
C GLY R 658 -11.63 22.82 -46.43
N VAL R 659 -10.51 22.69 -45.71
CA VAL R 659 -10.46 21.83 -44.54
C VAL R 659 -11.19 22.51 -43.38
N GLU R 660 -12.05 21.75 -42.71
CA GLU R 660 -12.79 22.31 -41.58
C GLU R 660 -11.83 22.65 -40.43
N VAL R 661 -12.04 23.80 -39.82
CA VAL R 661 -11.28 24.24 -38.67
C VAL R 661 -12.27 24.58 -37.56
N LYS R 662 -12.02 24.03 -36.37
CA LYS R 662 -12.95 24.16 -35.25
C LYS R 662 -12.45 25.23 -34.27
N VAL R 663 -13.19 25.35 -33.16
CA VAL R 663 -12.89 26.37 -32.17
C VAL R 663 -11.61 26.03 -31.42
N GLY R 664 -10.76 27.02 -31.20
CA GLY R 664 -9.53 26.85 -30.47
C GLY R 664 -8.34 26.42 -31.31
N ASP R 665 -8.54 26.11 -32.59
CA ASP R 665 -7.43 25.71 -33.43
C ASP R 665 -6.56 26.91 -33.80
N THR R 666 -5.31 26.61 -34.16
CA THR R 666 -4.35 27.64 -34.54
C THR R 666 -4.24 27.68 -36.06
N VAL R 667 -4.46 28.85 -36.64
CA VAL R 667 -4.32 29.07 -38.08
C VAL R 667 -3.44 30.30 -38.29
N ARG R 668 -2.85 30.37 -39.48
CA ARG R 668 -1.97 31.47 -39.85
C ARG R 668 -2.53 32.18 -41.06
N GLU R 669 -2.49 33.51 -41.03
CA GLU R 669 -2.98 34.31 -42.15
C GLU R 669 -2.19 33.98 -43.41
N PHE R 670 -2.90 33.76 -44.52
CA PHE R 670 -2.24 33.39 -45.76
C PHE R 670 -1.45 34.54 -46.34
N THR R 671 -1.95 35.76 -46.23
CA THR R 671 -1.28 36.94 -46.77
C THR R 671 -1.33 38.05 -45.72
N GLY R 672 -0.96 39.25 -46.14
CA GLY R 672 -0.96 40.37 -45.22
C GLY R 672 0.16 40.24 -44.20
N GLU R 673 -0.18 40.49 -42.93
CA GLU R 673 0.81 40.36 -41.87
C GLU R 673 1.18 38.90 -41.62
N ARG R 674 0.40 37.96 -42.15
CA ARG R 674 0.67 36.53 -41.99
C ARG R 674 0.73 36.12 -40.51
N ARG R 675 -0.10 36.76 -39.69
CA ARG R 675 -0.13 36.45 -38.28
C ARG R 675 -0.79 35.10 -38.03
N GLN R 676 -0.72 34.65 -36.78
CA GLN R 676 -1.34 33.40 -36.37
C GLN R 676 -1.90 33.56 -34.96
N GLY R 677 -2.85 32.69 -34.64
CA GLY R 677 -3.44 32.72 -33.31
C GLY R 677 -4.48 31.64 -33.19
N THR R 678 -5.05 31.54 -31.99
CA THR R 678 -6.08 30.57 -31.69
C THR R 678 -7.46 31.18 -31.93
N ILE R 679 -8.35 30.39 -32.53
CA ILE R 679 -9.68 30.87 -32.83
C ILE R 679 -10.49 31.00 -31.55
N LEU R 680 -11.09 32.17 -31.35
CA LEU R 680 -11.94 32.40 -30.20
C LEU R 680 -13.42 32.20 -30.53
N HIS R 681 -13.89 32.80 -31.63
CA HIS R 681 -15.27 32.62 -32.06
C HIS R 681 -15.34 32.73 -33.58
N VAL R 682 -16.29 32.02 -34.16
CA VAL R 682 -16.49 32.00 -35.61
C VAL R 682 -17.88 32.54 -35.91
N TYR R 683 -17.95 33.50 -36.82
CA TYR R 683 -19.22 34.12 -37.20
C TYR R 683 -19.17 34.44 -38.68
N ARG R 684 -20.07 33.84 -39.44
CA ARG R 684 -20.13 34.00 -40.91
C ARG R 684 -18.77 33.63 -41.46
N ASN R 685 -18.09 34.49 -42.22
CA ASN R 685 -16.75 34.24 -42.69
C ASN R 685 -15.69 34.90 -41.82
N PHE R 686 -16.09 35.45 -40.68
CA PHE R 686 -15.18 36.17 -39.78
C PHE R 686 -14.69 35.22 -38.69
N LEU R 687 -13.40 35.28 -38.41
CA LEU R 687 -12.79 34.52 -37.33
C LEU R 687 -12.14 35.47 -36.35
N PHE R 688 -12.26 35.17 -35.06
CA PHE R 688 -11.71 36.01 -34.00
C PHE R 688 -10.45 35.33 -33.47
N LEU R 689 -9.30 35.72 -34.01
CA LEU R 689 -8.03 35.16 -33.60
C LEU R 689 -7.47 35.96 -32.42
N ARG R 690 -6.94 35.24 -31.44
CA ARG R 690 -6.22 35.85 -30.32
C ARG R 690 -4.82 35.26 -30.24
N SER R 691 -3.83 36.14 -30.06
CA SER R 691 -2.44 35.72 -29.93
C SER R 691 -1.82 36.46 -28.76
N ARG R 692 -0.96 35.75 -28.02
CA ARG R 692 -0.31 36.36 -26.87
C ARG R 692 0.77 37.36 -27.28
N GLU R 693 1.34 37.20 -28.47
CA GLU R 693 2.34 38.15 -28.96
C GLU R 693 1.73 39.52 -29.18
N ILE R 694 0.53 39.57 -29.76
CA ILE R 694 -0.14 40.83 -30.06
C ILE R 694 -0.64 41.46 -28.78
N VAL R 695 -0.37 42.76 -28.61
CA VAL R 695 -0.76 43.47 -27.39
C VAL R 695 -2.04 44.26 -27.63
N GLU R 696 -2.25 44.69 -28.88
CA GLU R 696 -3.42 45.50 -29.19
C GLU R 696 -4.71 44.73 -28.96
N ASN R 697 -5.62 45.33 -28.19
CA ASN R 697 -6.91 44.71 -27.85
C ASN R 697 -6.70 43.33 -27.23
N GLN R 698 -5.66 43.22 -26.40
CA GLN R 698 -5.31 41.96 -25.73
C GLN R 698 -5.12 40.82 -26.73
N GLY R 699 -4.55 41.14 -27.88
CA GLY R 699 -4.24 40.15 -28.89
C GLY R 699 -5.40 39.75 -29.78
N VAL R 700 -6.59 40.32 -29.58
CA VAL R 700 -7.77 39.95 -30.35
C VAL R 700 -7.78 40.76 -31.64
N PHE R 701 -7.92 40.06 -32.77
CA PHE R 701 -8.03 40.71 -34.07
C PHE R 701 -8.90 39.85 -34.96
N VAL R 702 -9.72 40.50 -35.77
CA VAL R 702 -10.67 39.82 -36.64
C VAL R 702 -10.02 39.62 -38.01
N THR R 703 -10.12 38.40 -38.53
CA THR R 703 -9.56 38.06 -39.83
C THR R 703 -10.50 37.09 -40.52
N SER R 704 -10.72 37.32 -41.81
CA SER R 704 -11.64 36.50 -42.58
C SER R 704 -11.11 35.08 -42.74
N SER R 705 -12.02 34.11 -42.76
CA SER R 705 -11.64 32.71 -42.87
C SER R 705 -10.98 32.38 -44.20
N ASN R 706 -11.25 33.18 -45.24
CA ASN R 706 -10.68 32.93 -46.56
C ASN R 706 -9.22 33.33 -46.66
N ARG R 707 -8.67 34.02 -45.66
CA ARG R 707 -7.30 34.51 -45.72
C ARG R 707 -6.37 33.80 -44.75
N VAL R 708 -6.76 32.66 -44.22
CA VAL R 708 -5.96 31.92 -43.25
C VAL R 708 -5.82 30.48 -43.70
N LYS R 709 -4.76 29.82 -43.25
CA LYS R 709 -4.50 28.43 -43.54
C LYS R 709 -4.28 27.67 -42.23
N THR R 710 -4.67 26.40 -42.23
CA THR R 710 -4.53 25.56 -41.05
C THR R 710 -3.07 25.29 -40.76
N ILE R 711 -2.71 25.37 -39.48
CA ILE R 711 -1.35 25.07 -39.04
C ILE R 711 -1.28 23.62 -38.56
N ARG R 751 -29.87 7.72 -33.75
CA ARG R 751 -29.05 7.78 -32.54
C ARG R 751 -28.79 6.36 -32.04
N ASP R 752 -28.24 5.52 -32.92
CA ASP R 752 -27.89 4.14 -32.63
C ASP R 752 -29.10 3.39 -32.06
N PRO R 753 -30.11 3.09 -32.89
CA PRO R 753 -31.33 2.48 -32.35
C PRO R 753 -31.14 1.10 -31.77
N THR R 754 -30.04 0.42 -32.08
CA THR R 754 -29.80 -0.93 -31.58
C THR R 754 -29.10 -0.95 -30.23
N LEU R 755 -28.81 0.21 -29.64
CA LEU R 755 -28.20 0.25 -28.32
C LEU R 755 -29.15 -0.30 -27.27
N ASN R 756 -28.60 -1.02 -26.30
CA ASN R 756 -29.37 -1.59 -25.18
C ASN R 756 -30.49 -2.50 -25.68
N LYS R 757 -30.20 -3.27 -26.72
CA LYS R 757 -31.15 -4.22 -27.28
C LYS R 757 -30.54 -5.61 -27.29
N THR R 758 -31.37 -6.62 -26.99
CA THR R 758 -30.91 -7.99 -27.01
C THR R 758 -30.56 -8.41 -28.44
N VAL R 759 -29.42 -9.06 -28.58
CA VAL R 759 -28.90 -9.45 -29.89
C VAL R 759 -28.40 -10.89 -29.81
N LYS R 760 -28.35 -11.54 -30.97
CA LYS R 760 -27.83 -12.90 -31.09
C LYS R 760 -26.77 -12.92 -32.19
N ILE R 761 -25.72 -13.71 -31.94
CA ILE R 761 -24.59 -13.80 -32.85
C ILE R 761 -24.80 -15.00 -33.77
N ARG R 762 -24.60 -14.79 -35.08
CA ARG R 762 -24.89 -15.81 -36.08
C ARG R 762 -23.65 -16.40 -36.74
N GLN R 763 -22.47 -15.78 -36.58
CA GLN R 763 -21.26 -16.27 -37.21
C GLN R 763 -20.09 -16.11 -36.24
N GLY R 764 -18.96 -16.70 -36.62
CA GLY R 764 -17.77 -16.62 -35.81
C GLY R 764 -17.72 -17.66 -34.70
N GLY R 765 -16.86 -17.40 -33.73
CA GLY R 765 -16.65 -18.30 -32.62
C GLY R 765 -17.67 -18.20 -31.50
N TYR R 766 -18.67 -17.33 -31.64
CA TYR R 766 -19.71 -17.16 -30.64
C TYR R 766 -21.09 -17.35 -31.23
N LYS R 767 -21.24 -18.28 -32.18
CA LYS R 767 -22.52 -18.47 -32.85
C LYS R 767 -23.61 -18.87 -31.86
N GLY R 768 -24.74 -18.18 -31.94
CA GLY R 768 -25.89 -18.53 -31.14
C GLY R 768 -25.85 -18.11 -29.68
N LYS R 769 -25.08 -17.08 -29.34
CA LYS R 769 -25.00 -16.59 -27.98
C LYS R 769 -25.76 -15.28 -27.85
N ILE R 770 -26.58 -15.18 -26.81
CA ILE R 770 -27.40 -14.00 -26.57
C ILE R 770 -26.57 -12.95 -25.84
N GLY R 771 -26.72 -11.70 -26.26
CA GLY R 771 -26.00 -10.61 -25.64
C GLY R 771 -26.80 -9.32 -25.70
N ILE R 772 -26.21 -8.25 -25.17
CA ILE R 772 -26.79 -6.92 -25.18
C ILE R 772 -25.75 -5.95 -25.71
N VAL R 773 -26.15 -5.11 -26.66
CA VAL R 773 -25.23 -4.16 -27.28
C VAL R 773 -24.96 -3.02 -26.30
N LYS R 774 -23.69 -2.70 -26.10
CA LYS R 774 -23.27 -1.67 -25.16
C LYS R 774 -22.68 -0.46 -25.83
N GLU R 775 -21.84 -0.64 -26.85
CA GLU R 775 -21.22 0.46 -27.57
C GLU R 775 -21.54 0.33 -29.05
N ALA R 776 -21.90 1.45 -29.66
CA ALA R 776 -22.34 1.47 -31.06
C ALA R 776 -21.68 2.62 -31.81
N ASN R 777 -20.35 2.72 -31.69
CA ASN R 777 -19.62 3.75 -32.43
C ASN R 777 -19.85 3.59 -33.92
N GLY R 778 -19.37 2.48 -34.49
CA GLY R 778 -19.68 2.16 -35.87
C GLY R 778 -18.91 0.96 -36.41
N ASP R 779 -19.64 0.05 -37.05
CA ASP R 779 -19.09 -1.14 -37.71
C ASP R 779 -18.35 -2.05 -36.75
N ARG R 780 -18.32 -1.71 -35.46
CA ARG R 780 -17.68 -2.53 -34.43
C ARG R 780 -18.51 -2.36 -33.17
N PHE R 781 -19.39 -3.32 -32.90
CA PHE R 781 -20.32 -3.25 -31.79
C PHE R 781 -19.76 -4.00 -30.59
N ARG R 782 -19.83 -3.37 -29.42
CA ARG R 782 -19.43 -4.04 -28.19
C ARG R 782 -20.64 -4.69 -27.55
N VAL R 783 -20.62 -6.03 -27.46
CA VAL R 783 -21.74 -6.80 -26.96
C VAL R 783 -21.28 -7.57 -25.72
N GLU R 784 -21.96 -7.37 -24.60
CA GLU R 784 -21.70 -8.17 -23.42
C GLU R 784 -22.44 -9.50 -23.56
N LEU R 785 -21.78 -10.58 -23.17
CA LEU R 785 -22.35 -11.91 -23.30
C LEU R 785 -23.03 -12.30 -22.00
N HIS R 786 -24.21 -12.93 -22.12
CA HIS R 786 -24.89 -13.46 -20.96
C HIS R 786 -24.24 -14.75 -20.46
N ASN R 787 -23.55 -15.48 -21.36
CA ASN R 787 -23.08 -16.82 -20.99
C ASN R 787 -21.85 -16.75 -20.09
N PRO R 788 -20.69 -16.18 -20.52
CA PRO R 788 -19.65 -15.85 -19.54
C PRO R 788 -19.80 -14.41 -19.08
N ASN R 789 -18.94 -13.95 -18.17
CA ASN R 789 -18.97 -12.57 -17.71
C ASN R 789 -17.87 -11.80 -18.43
N LYS R 790 -18.16 -11.41 -19.67
CA LYS R 790 -17.20 -10.68 -20.48
C LYS R 790 -17.95 -9.94 -21.59
N THR R 791 -17.26 -8.95 -22.17
CA THR R 791 -17.78 -8.15 -23.26
C THR R 791 -16.82 -8.24 -24.43
N ILE R 792 -17.34 -8.40 -25.63
CA ILE R 792 -16.50 -8.64 -26.81
C ILE R 792 -16.87 -7.68 -27.93
N PRO R 793 -15.93 -7.27 -28.76
CA PRO R 793 -16.27 -6.55 -29.99
C PRO R 793 -16.79 -7.52 -31.05
N ILE R 794 -17.60 -6.98 -31.96
CA ILE R 794 -18.16 -7.79 -33.03
C ILE R 794 -18.61 -6.89 -34.17
N PRO R 795 -18.38 -7.26 -35.43
CA PRO R 795 -18.89 -6.47 -36.55
C PRO R 795 -20.41 -6.51 -36.63
N CYS R 796 -20.96 -5.47 -37.26
CA CYS R 796 -22.41 -5.36 -37.37
C CYS R 796 -23.00 -6.50 -38.18
N SER R 797 -22.26 -7.00 -39.17
CA SER R 797 -22.77 -8.06 -40.04
C SER R 797 -23.00 -9.36 -39.30
N PHE R 798 -22.44 -9.51 -38.10
CA PHE R 798 -22.48 -10.76 -37.36
C PHE R 798 -23.62 -10.81 -36.34
N LEU R 799 -24.54 -9.85 -36.38
CA LEU R 799 -25.54 -9.70 -35.34
C LEU R 799 -26.93 -9.97 -35.87
N LEU R 800 -27.81 -10.40 -34.96
CA LEU R 800 -29.22 -10.60 -35.24
C LEU R 800 -30.01 -9.90 -34.14
N ILE R 801 -30.57 -8.74 -34.45
CA ILE R 801 -31.24 -7.91 -33.46
C ILE R 801 -32.64 -8.43 -33.23
N GLU R 802 -33.00 -8.65 -31.96
CA GLU R 802 -34.33 -9.12 -31.63
C GLU R 802 -35.37 -8.06 -31.92
N SER R 803 -36.54 -8.50 -32.39
CA SER R 803 -37.66 -7.62 -32.66
C SER R 803 -38.94 -8.26 -32.13
N THR R 804 -40.08 -7.65 -32.47
CA THR R 804 -41.36 -8.18 -32.02
C THR R 804 -41.75 -9.46 -32.75
N HIS R 805 -41.08 -9.78 -33.87
CA HIS R 805 -41.39 -10.96 -34.66
C HIS R 805 -40.08 -11.70 -34.96
N GLY R 806 -39.65 -12.54 -34.02
CA GLY R 806 -38.47 -13.34 -34.24
C GLY R 806 -37.19 -12.52 -34.33
N TRP R 807 -36.19 -13.11 -34.97
CA TRP R 807 -34.88 -12.50 -35.13
C TRP R 807 -34.76 -11.84 -36.49
N VAL R 808 -34.19 -10.63 -36.50
CA VAL R 808 -34.04 -9.86 -37.73
C VAL R 808 -32.56 -9.55 -37.92
N PRO R 809 -32.03 -9.68 -39.14
CA PRO R 809 -30.63 -9.31 -39.38
C PRO R 809 -30.40 -7.82 -39.24
N TYR R 810 -29.19 -7.34 -39.56
CA TYR R 810 -28.87 -5.95 -39.33
C TYR R 810 -29.59 -5.04 -40.32
N GLU R 811 -30.92 -5.00 -40.21
CA GLU R 811 -31.74 -4.02 -40.89
C GLU R 811 -32.72 -3.34 -39.94
N ASP R 812 -32.54 -3.49 -38.64
CA ASP R 812 -33.41 -2.89 -37.63
C ASP R 812 -33.35 -1.37 -37.69
N LEU S 232 -24.09 62.94 53.55
CA LEU S 232 -22.85 62.89 54.32
C LEU S 232 -22.84 63.96 55.41
N GLN S 233 -21.65 64.38 55.80
CA GLN S 233 -21.50 65.42 56.82
C GLN S 233 -20.99 66.70 56.16
N GLY S 234 -21.42 67.83 56.72
CA GLY S 234 -21.28 69.09 56.02
C GLY S 234 -19.84 69.52 55.79
N GLU S 235 -18.99 69.36 56.82
CA GLU S 235 -17.62 69.88 56.70
C GLU S 235 -16.82 69.10 55.67
N GLN S 236 -16.91 67.77 55.71
CA GLN S 236 -16.27 66.96 54.68
C GLN S 236 -16.97 67.08 53.33
N TYR S 237 -18.26 67.45 53.32
CA TYR S 237 -18.87 67.82 52.05
C TYR S 237 -18.21 69.07 51.46
N GLN S 238 -17.90 70.04 52.32
CA GLN S 238 -17.14 71.22 51.89
C GLN S 238 -15.74 70.82 51.44
N GLU S 239 -15.11 69.89 52.15
CA GLU S 239 -13.78 69.41 51.74
C GLU S 239 -13.83 68.73 50.37
N ILE S 240 -14.88 67.95 50.12
CA ILE S 240 -15.07 67.29 48.82
C ILE S 240 -15.26 68.34 47.73
N ILE S 241 -16.03 69.39 48.04
CA ILE S 241 -16.20 70.48 47.09
C ILE S 241 -14.85 71.14 46.79
N GLU S 242 -14.05 71.38 47.84
CA GLU S 242 -12.75 71.99 47.65
C GLU S 242 -11.84 71.12 46.78
N ILE S 243 -11.84 69.81 47.02
CA ILE S 243 -10.97 68.92 46.25
C ILE S 243 -11.44 68.81 44.81
N PHE S 244 -12.74 68.60 44.60
CA PHE S 244 -13.28 68.29 43.28
C PHE S 244 -13.93 69.48 42.58
N GLY S 245 -14.22 70.57 43.30
CA GLY S 245 -14.82 71.73 42.68
C GLY S 245 -16.29 71.52 42.35
N ASP S 246 -17.01 72.63 42.17
CA ASP S 246 -18.40 72.57 41.71
C ASP S 246 -18.49 72.41 40.20
N GLY S 247 -17.37 72.47 39.48
CA GLY S 247 -17.35 72.41 38.04
C GLY S 247 -17.27 73.75 37.36
N THR S 248 -17.57 74.84 38.08
CA THR S 248 -17.58 76.17 37.48
C THR S 248 -16.21 76.59 36.97
N ASP S 249 -15.14 76.00 37.51
CA ASP S 249 -13.81 76.26 36.99
C ASP S 249 -13.69 75.79 35.54
N TYR S 250 -14.53 74.84 35.13
CA TYR S 250 -14.56 74.37 33.75
C TYR S 250 -15.98 74.21 33.22
N GLN S 251 -16.97 74.76 33.92
CA GLN S 251 -18.33 74.76 33.38
C GLN S 251 -18.41 75.57 32.10
N TRP S 252 -17.69 76.70 32.04
CA TRP S 252 -17.68 77.48 30.81
C TRP S 252 -16.97 76.73 29.68
N THR S 253 -15.92 75.96 30.01
CA THR S 253 -15.28 75.12 29.01
C THR S 253 -16.25 74.08 28.48
N LEU S 254 -17.02 73.45 29.38
CA LEU S 254 -18.03 72.47 28.95
C LEU S 254 -19.09 73.13 28.08
N ASP S 255 -19.52 74.33 28.45
CA ASP S 255 -20.51 75.05 27.65
C ASP S 255 -19.98 75.35 26.26
N ALA S 256 -18.73 75.80 26.17
CA ALA S 256 -18.13 76.06 24.86
C ALA S 256 -18.01 74.78 24.04
N GLU S 257 -17.65 73.67 24.70
CA GLU S 257 -17.56 72.39 24.00
C GLU S 257 -18.92 71.97 23.43
N GLU S 258 -19.96 72.11 24.24
CA GLU S 258 -21.30 71.75 23.76
C GLU S 258 -21.78 72.70 22.67
N GLU S 259 -21.40 73.98 22.76
CA GLU S 259 -21.73 74.94 21.71
C GLU S 259 -21.07 74.55 20.39
N MET S 260 -19.79 74.18 20.45
CA MET S 260 -19.08 73.79 19.23
C MET S 260 -19.53 72.43 18.72
N GLU S 261 -20.08 71.57 19.58
CA GLU S 261 -20.57 70.28 19.13
C GLU S 261 -21.75 70.45 18.18
N GLN S 262 -22.66 71.38 18.50
CA GLN S 262 -23.79 71.64 17.62
C GLN S 262 -23.34 72.44 16.40
N PRO S 263 -23.97 72.25 15.24
CA PRO S 263 -23.65 72.98 14.01
C PRO S 263 -23.76 74.49 14.16
N THR S 281 -28.06 71.32 5.08
CA THR S 281 -29.18 71.94 4.36
C THR S 281 -28.84 72.08 2.88
N SER S 282 -27.59 72.41 2.59
CA SER S 282 -27.12 72.52 1.20
C SER S 282 -27.18 71.14 0.55
N LEU S 283 -28.01 71.00 -0.48
CA LEU S 283 -28.21 69.71 -1.13
C LEU S 283 -26.92 69.19 -1.78
N ALA S 284 -25.95 70.07 -2.02
CA ALA S 284 -24.69 69.62 -2.59
C ALA S 284 -23.96 68.68 -1.64
N ASP S 285 -23.95 68.99 -0.34
CA ASP S 285 -23.32 68.12 0.64
C ASP S 285 -24.15 66.87 0.92
N VAL S 286 -25.47 66.93 0.73
CA VAL S 286 -26.33 65.81 1.11
C VAL S 286 -26.08 64.61 0.21
N PHE S 287 -26.03 64.81 -1.10
CA PHE S 287 -25.86 63.72 -2.05
C PHE S 287 -24.81 64.09 -3.08
N GLU S 288 -24.32 63.06 -3.77
CA GLU S 288 -23.26 63.25 -4.74
C GLU S 288 -23.74 64.15 -5.88
N PRO S 289 -22.88 65.03 -6.40
CA PRO S 289 -23.32 65.93 -7.48
C PRO S 289 -23.81 65.20 -8.71
N SER S 290 -23.24 64.03 -9.02
CA SER S 290 -23.74 63.25 -10.14
C SER S 290 -25.18 62.83 -9.93
N GLU S 291 -25.50 62.35 -8.72
CA GLU S 291 -26.87 61.96 -8.41
C GLU S 291 -27.80 63.17 -8.44
N LEU S 292 -27.35 64.31 -7.94
CA LEU S 292 -28.17 65.51 -7.97
C LEU S 292 -28.46 65.94 -9.40
N LYS S 293 -27.46 65.89 -10.27
CA LYS S 293 -27.66 66.25 -11.67
C LYS S 293 -28.59 65.23 -12.35
N GLU S 294 -28.48 63.95 -11.98
CA GLU S 294 -29.39 62.95 -12.52
C GLU S 294 -30.82 63.21 -12.09
N LYS S 295 -31.03 63.60 -10.84
CA LYS S 295 -32.35 63.86 -10.31
C LYS S 295 -32.85 65.27 -10.58
N MET S 296 -32.04 66.10 -11.25
CA MET S 296 -32.41 67.47 -11.61
C MET S 296 -32.71 68.33 -10.38
N LEU S 297 -31.68 68.55 -9.57
CA LEU S 297 -31.79 69.37 -8.36
C LEU S 297 -30.60 70.32 -8.24
N THR S 298 -30.23 71.00 -9.31
CA THR S 298 -29.09 71.91 -9.31
C THR S 298 -29.52 73.32 -9.72
N ASP S 299 -28.55 74.24 -9.72
CA ASP S 299 -28.85 75.64 -10.03
C ASP S 299 -29.17 75.83 -11.51
N GLU S 300 -28.48 75.09 -12.39
CA GLU S 300 -28.85 75.10 -13.80
C GLU S 300 -30.29 74.67 -14.00
N ASP S 301 -30.75 73.71 -13.19
CA ASP S 301 -32.12 73.22 -13.30
C ASP S 301 -33.14 74.31 -12.98
N ASN S 302 -32.92 75.02 -11.87
CA ASN S 302 -33.81 76.12 -11.49
C ASN S 302 -33.78 77.25 -12.50
N VAL S 303 -32.59 77.56 -13.03
CA VAL S 303 -32.50 78.61 -14.05
C VAL S 303 -33.28 78.20 -15.30
N ILE S 304 -33.14 76.95 -15.72
CA ILE S 304 -33.88 76.49 -16.91
C ILE S 304 -35.37 76.54 -16.67
N ARG S 305 -35.82 76.05 -15.50
CA ARG S 305 -37.25 76.03 -15.20
C ARG S 305 -37.82 77.45 -15.13
N VAL S 306 -37.08 78.38 -14.54
CA VAL S 306 -37.55 79.76 -14.43
C VAL S 306 -37.52 80.44 -15.81
N THR S 307 -36.50 80.17 -16.60
CA THR S 307 -36.30 80.87 -17.87
C THR S 307 -37.50 80.65 -18.80
N ASP S 308 -37.91 81.73 -19.46
CA ASP S 308 -39.02 81.70 -20.41
C ASP S 308 -38.48 81.48 -21.82
N LEU S 309 -38.05 80.24 -22.06
CA LEU S 309 -37.51 79.84 -23.36
C LEU S 309 -37.64 78.32 -23.48
N PRO S 310 -37.83 77.81 -24.69
CA PRO S 310 -37.78 76.36 -24.89
C PRO S 310 -36.42 75.82 -24.49
N GLU S 311 -36.42 74.63 -23.88
CA GLU S 311 -35.16 74.06 -23.39
C GLU S 311 -34.21 73.72 -24.54
N ARG S 312 -34.75 73.35 -25.70
CA ARG S 312 -33.90 73.09 -26.86
C ARG S 312 -33.16 74.35 -27.29
N PHE S 313 -33.85 75.48 -27.35
CA PHE S 313 -33.20 76.73 -27.71
C PHE S 313 -32.17 77.13 -26.66
N GLN S 314 -32.48 76.91 -25.38
CA GLN S 314 -31.52 77.20 -24.32
C GLN S 314 -30.26 76.35 -24.47
N ALA S 315 -30.43 75.06 -24.78
CA ALA S 315 -29.29 74.18 -25.00
C ALA S 315 -28.47 74.64 -26.20
N TYR S 316 -29.14 75.05 -27.28
CA TYR S 316 -28.43 75.55 -28.45
C TYR S 316 -27.64 76.82 -28.13
N ARG S 317 -28.22 77.70 -27.32
CA ARG S 317 -27.63 79.00 -27.03
C ARG S 317 -26.79 79.01 -25.76
N LYS S 318 -26.56 77.85 -25.13
CA LYS S 318 -25.77 77.82 -23.91
C LYS S 318 -24.34 78.32 -24.15
N SER S 319 -23.73 77.89 -25.26
CA SER S 319 -22.38 78.35 -25.57
C SER S 319 -22.36 79.78 -26.10
N ILE S 320 -23.49 80.28 -26.58
CA ILE S 320 -23.57 81.62 -27.17
C ILE S 320 -23.70 82.62 -26.02
N LYS S 321 -22.62 83.35 -25.72
CA LYS S 321 -22.66 84.33 -24.65
C LYS S 321 -23.49 85.55 -25.04
N ASN S 322 -23.26 86.07 -26.25
CA ASN S 322 -23.97 87.25 -26.75
C ASN S 322 -24.89 86.81 -27.88
N TYR S 323 -26.20 86.92 -27.65
CA TYR S 323 -27.20 86.47 -28.61
C TYR S 323 -27.98 87.60 -29.25
N LYS S 324 -28.45 88.58 -28.49
CA LYS S 324 -29.28 89.65 -29.03
C LYS S 324 -28.41 90.56 -29.89
N LEU S 325 -28.48 90.37 -31.20
CA LEU S 325 -27.71 91.18 -32.12
C LEU S 325 -28.39 92.53 -32.35
N SER S 326 -27.65 93.45 -32.96
CA SER S 326 -28.21 94.75 -33.33
C SER S 326 -29.04 94.58 -34.61
N ASP S 327 -29.78 95.65 -34.95
CA ASP S 327 -30.63 95.59 -36.13
C ASP S 327 -29.80 95.44 -37.41
N VAL S 328 -28.67 96.14 -37.49
CA VAL S 328 -27.77 95.98 -38.63
C VAL S 328 -27.23 94.55 -38.67
N ASP S 329 -26.78 94.05 -37.52
CA ASP S 329 -26.31 92.67 -37.44
C ASP S 329 -27.45 91.69 -37.73
N TYR S 330 -28.67 92.02 -37.32
CA TYR S 330 -29.82 91.17 -37.59
C TYR S 330 -30.08 91.06 -39.09
N SER S 331 -30.06 92.20 -39.79
CA SER S 331 -30.27 92.18 -41.23
C SER S 331 -29.13 91.45 -41.94
N ASN S 332 -27.90 91.64 -41.46
CA ASN S 332 -26.78 90.92 -42.05
C ASN S 332 -26.93 89.42 -41.85
N GLU S 333 -27.41 89.01 -40.68
CA GLU S 333 -27.66 87.58 -40.43
C GLU S 333 -28.72 87.05 -41.38
N ARG S 334 -29.80 87.82 -41.58
CA ARG S 334 -30.85 87.38 -42.50
C ARG S 334 -30.31 87.23 -43.92
N ASP S 335 -29.51 88.20 -44.37
CA ASP S 335 -28.94 88.12 -45.72
C ASP S 335 -28.00 86.93 -45.84
N TRP S 336 -27.16 86.69 -44.84
CA TRP S 336 -26.23 85.56 -44.89
C TRP S 336 -26.98 84.24 -44.89
N ILE S 337 -28.05 84.14 -44.10
CA ILE S 337 -28.85 82.92 -44.06
C ILE S 337 -29.51 82.68 -45.42
N VAL S 338 -30.06 83.73 -46.03
CA VAL S 338 -30.68 83.60 -47.34
C VAL S 338 -29.65 83.13 -48.36
N GLU S 339 -28.45 83.73 -48.34
CA GLU S 339 -27.41 83.34 -49.29
C GLU S 339 -26.97 81.90 -49.07
N GLN S 340 -26.85 81.48 -47.80
CA GLN S 340 -26.47 80.11 -47.49
C GLN S 340 -27.51 79.13 -48.02
N LEU S 341 -28.80 79.43 -47.80
CA LEU S 341 -29.84 78.55 -48.31
C LEU S 341 -29.83 78.51 -49.83
N LYS S 342 -29.63 79.67 -50.48
CA LYS S 342 -29.60 79.70 -51.93
C LYS S 342 -28.45 78.86 -52.47
N LEU S 343 -27.29 78.92 -51.80
CA LEU S 343 -26.18 78.06 -52.19
C LEU S 343 -26.50 76.59 -51.98
N GLU S 344 -27.12 76.25 -50.84
CA GLU S 344 -27.40 74.85 -50.53
C GLU S 344 -28.57 74.31 -51.35
N LYS S 345 -29.67 75.07 -51.41
CA LYS S 345 -30.86 74.63 -52.12
C LYS S 345 -30.90 75.12 -53.56
N ARG S 346 -29.73 75.30 -54.18
CA ARG S 346 -29.67 75.77 -55.55
C ARG S 346 -30.40 74.84 -56.50
N ASP S 347 -30.26 73.52 -56.30
CA ASP S 347 -30.96 72.57 -57.15
C ASP S 347 -32.47 72.68 -57.00
N PHE S 348 -32.95 72.80 -55.75
CA PHE S 348 -34.38 72.93 -55.51
C PHE S 348 -34.93 74.22 -56.10
N LEU S 349 -34.22 75.33 -55.89
CA LEU S 349 -34.66 76.60 -56.47
C LEU S 349 -34.66 76.55 -57.99
N GLN S 350 -33.65 75.91 -58.58
CA GLN S 350 -33.59 75.81 -60.03
C GLN S 350 -34.73 74.97 -60.58
N HIS S 351 -35.04 73.84 -59.93
CA HIS S 351 -36.15 73.02 -60.37
C HIS S 351 -37.47 73.75 -60.23
N LEU S 352 -37.65 74.47 -59.11
CA LEU S 352 -38.88 75.23 -58.91
C LEU S 352 -39.03 76.33 -59.97
N THR S 353 -37.95 77.04 -60.26
CA THR S 353 -38.01 78.09 -61.27
C THR S 353 -38.29 77.53 -62.66
N GLN S 354 -37.65 76.41 -63.00
CA GLN S 354 -37.84 75.82 -64.32
C GLN S 354 -39.26 75.30 -64.50
N ALA S 355 -39.76 74.53 -63.51
CA ALA S 355 -41.11 73.99 -63.61
C ALA S 355 -42.15 75.10 -63.55
N HIS S 356 -42.06 75.96 -62.55
CA HIS S 356 -42.98 77.09 -62.40
C HIS S 356 -42.34 78.38 -62.92
N SER S 357 -42.09 78.38 -64.24
CA SER S 357 -41.49 79.55 -64.87
C SER S 357 -42.50 80.68 -65.06
N SER S 358 -43.80 80.38 -65.04
CA SER S 358 -44.80 81.41 -65.26
C SER S 358 -44.78 82.47 -64.16
N VAL S 359 -44.62 82.03 -62.90
CA VAL S 359 -44.66 82.96 -61.78
C VAL S 359 -43.35 83.73 -61.70
N ALA S 360 -43.44 85.05 -61.61
CA ALA S 360 -42.26 85.89 -61.52
C ALA S 360 -41.83 86.06 -60.07
N HIS S 361 -40.51 86.00 -59.85
CA HIS S 361 -39.91 86.25 -58.54
C HIS S 361 -40.42 85.27 -57.48
N LEU S 362 -40.48 83.98 -57.83
CA LEU S 362 -40.75 82.97 -56.82
C LEU S 362 -39.64 82.93 -55.78
N GLU S 363 -38.39 83.09 -56.23
CA GLU S 363 -37.26 83.09 -55.30
C GLU S 363 -37.27 84.33 -54.42
N GLU S 364 -37.81 85.45 -54.90
CA GLU S 364 -37.96 86.62 -54.05
C GLU S 364 -38.93 86.36 -52.91
N LYS S 365 -40.06 85.71 -53.22
CA LYS S 365 -40.97 85.29 -52.15
C LYS S 365 -40.32 84.27 -51.24
N PHE S 366 -39.46 83.42 -51.78
CA PHE S 366 -38.71 82.48 -50.95
C PHE S 366 -37.81 83.22 -49.97
N GLU S 367 -37.11 84.25 -50.45
CA GLU S 367 -36.26 85.06 -49.57
C GLU S 367 -37.09 85.76 -48.51
N ALA S 368 -38.26 86.28 -48.89
CA ALA S 368 -39.14 86.93 -47.92
C ALA S 368 -39.59 85.93 -46.85
N SER S 369 -39.97 84.72 -47.27
CA SER S 369 -40.40 83.69 -46.32
C SER S 369 -39.26 83.28 -45.41
N VAL S 370 -38.04 83.16 -45.93
CA VAL S 370 -36.89 82.81 -45.11
C VAL S 370 -36.63 83.91 -44.09
N LYS S 371 -36.70 85.17 -44.52
CA LYS S 371 -36.54 86.28 -43.60
C LYS S 371 -37.59 86.26 -42.51
N LYS S 372 -38.85 85.97 -42.88
CA LYS S 372 -39.93 85.91 -41.90
C LYS S 372 -39.71 84.78 -40.91
N ILE S 373 -39.27 83.62 -41.39
CA ILE S 373 -39.01 82.49 -40.51
C ILE S 373 -37.87 82.79 -39.54
N VAL S 374 -36.82 83.42 -40.04
CA VAL S 374 -35.72 83.82 -39.16
C VAL S 374 -36.20 84.82 -38.12
N ASP S 375 -37.05 85.77 -38.54
CA ASP S 375 -37.64 86.71 -37.60
C ASP S 375 -38.40 85.98 -36.50
N PHE S 376 -39.27 85.04 -36.90
CA PHE S 376 -40.03 84.28 -35.92
C PHE S 376 -39.11 83.58 -34.93
N ILE S 377 -38.15 82.81 -35.45
CA ILE S 377 -37.30 81.98 -34.61
C ILE S 377 -36.48 82.83 -33.65
N ALA S 378 -35.90 83.92 -34.16
CA ALA S 378 -35.01 84.74 -33.32
C ALA S 378 -35.80 85.61 -32.36
N ILE S 379 -36.64 86.51 -32.90
CA ILE S 379 -37.32 87.48 -32.05
C ILE S 379 -38.37 86.80 -31.18
N GLU S 380 -39.27 86.03 -31.81
CA GLU S 380 -40.42 85.50 -31.09
C GLU S 380 -40.17 84.13 -30.47
N SER S 381 -39.01 83.53 -30.73
CA SER S 381 -38.60 82.28 -30.10
C SER S 381 -39.66 81.19 -30.28
N PHE S 382 -39.93 80.87 -31.54
CA PHE S 382 -40.94 79.88 -31.90
C PHE S 382 -40.24 78.59 -32.33
N GLU S 383 -40.65 77.48 -31.72
CA GLU S 383 -40.09 76.19 -32.07
C GLU S 383 -40.63 75.75 -33.44
N VAL S 384 -39.87 74.86 -34.09
CA VAL S 384 -40.18 74.49 -35.47
C VAL S 384 -41.56 73.89 -35.63
N PRO S 385 -41.98 72.89 -34.83
CA PRO S 385 -43.33 72.33 -35.04
C PRO S 385 -44.46 73.35 -34.89
N PHE S 386 -44.33 74.30 -33.97
CA PHE S 386 -45.35 75.34 -33.85
C PHE S 386 -45.45 76.17 -35.12
N ILE S 387 -44.31 76.54 -35.69
CA ILE S 387 -44.30 77.30 -36.94
C ILE S 387 -44.93 76.46 -38.06
N TRP S 388 -44.59 75.18 -38.12
CA TRP S 388 -45.09 74.35 -39.21
C TRP S 388 -46.58 74.08 -39.09
N ASN S 389 -47.11 74.05 -37.86
CA ASN S 389 -48.52 73.77 -37.65
C ASN S 389 -49.39 75.02 -37.62
N HIS S 390 -48.80 76.20 -37.41
CA HIS S 390 -49.60 77.41 -37.30
C HIS S 390 -49.08 78.58 -38.11
N ARG S 391 -47.93 78.44 -38.78
CA ARG S 391 -47.39 79.52 -39.61
C ARG S 391 -46.94 79.02 -40.97
N ARG S 392 -47.41 77.85 -41.41
CA ARG S 392 -47.02 77.32 -42.70
C ARG S 392 -47.60 78.10 -43.87
N ASP S 393 -48.53 79.02 -43.63
CA ASP S 393 -49.00 79.90 -44.69
C ASP S 393 -47.85 80.73 -45.26
N TYR S 394 -46.93 81.18 -44.39
CA TYR S 394 -45.76 81.90 -44.87
C TYR S 394 -44.84 81.00 -45.68
N ALA S 395 -44.76 79.72 -45.31
CA ALA S 395 -43.84 78.78 -45.94
C ALA S 395 -44.31 78.27 -47.29
N LEU S 396 -45.53 78.59 -47.71
CA LEU S 396 -46.05 78.16 -48.99
C LEU S 396 -46.73 79.33 -49.68
N HIS S 397 -46.51 79.46 -50.99
CA HIS S 397 -47.02 80.56 -51.78
C HIS S 397 -48.11 80.04 -52.71
N THR S 398 -49.33 80.50 -52.49
CA THR S 398 -50.49 80.05 -53.27
C THR S 398 -50.66 80.97 -54.47
N TYR S 399 -50.25 80.50 -55.64
CA TYR S 399 -50.43 81.23 -56.88
C TYR S 399 -51.52 80.58 -57.72
N ASN S 400 -52.13 81.38 -58.59
CA ASN S 400 -53.15 80.92 -59.51
C ASN S 400 -52.58 80.87 -60.93
N ASP S 401 -52.89 79.80 -61.65
CA ASP S 401 -52.40 79.60 -63.00
C ASP S 401 -53.26 80.40 -63.99
N ASP S 402 -53.06 80.14 -65.28
CA ASP S 402 -53.86 80.82 -66.30
C ASP S 402 -55.34 80.47 -66.18
N SER S 403 -55.66 79.33 -65.59
CA SER S 403 -57.03 78.94 -65.33
C SER S 403 -57.55 79.43 -63.99
N ASN S 404 -56.75 80.19 -63.25
CA ASN S 404 -57.08 80.71 -61.92
C ASN S 404 -57.29 79.60 -60.90
N ASN S 405 -56.74 78.41 -61.15
CA ASN S 405 -56.78 77.34 -60.17
C ASN S 405 -55.74 77.61 -59.07
N THR S 406 -56.16 77.51 -57.82
CA THR S 406 -55.27 77.76 -56.69
C THR S 406 -54.24 76.64 -56.60
N ILE S 407 -52.97 76.99 -56.83
CA ILE S 407 -51.87 76.03 -56.79
C ILE S 407 -51.00 76.37 -55.59
N ILE S 408 -50.79 75.39 -54.73
CA ILE S 408 -49.91 75.55 -53.58
C ILE S 408 -48.48 75.24 -54.01
N VAL S 409 -47.53 76.00 -53.47
CA VAL S 409 -46.11 75.83 -53.76
C VAL S 409 -45.39 75.69 -52.43
N LYS S 410 -45.00 74.47 -52.09
CA LYS S 410 -44.29 74.22 -50.84
C LYS S 410 -42.86 74.76 -50.93
N LEU S 411 -42.67 76.01 -50.50
CA LEU S 411 -41.35 76.63 -50.58
C LEU S 411 -40.35 76.01 -49.62
N LEU S 412 -40.81 75.53 -48.46
CA LEU S 412 -39.90 75.02 -47.44
C LEU S 412 -40.53 73.79 -46.79
N ASN S 413 -39.70 73.02 -46.09
CA ASN S 413 -40.14 71.90 -45.29
C ASN S 413 -39.52 72.01 -43.90
N GLU S 414 -39.90 71.09 -43.01
CA GLU S 414 -39.41 71.13 -41.63
C GLU S 414 -37.89 71.01 -41.58
N ASP S 415 -37.32 70.18 -42.45
CA ASP S 415 -35.87 70.07 -42.51
C ASP S 415 -35.22 71.40 -42.83
N ASP S 416 -35.88 72.22 -43.67
CA ASP S 416 -35.37 73.56 -43.95
C ASP S 416 -35.45 74.45 -42.71
N LEU S 417 -36.45 74.24 -41.85
CA LEU S 417 -36.49 75.02 -40.61
C LEU S 417 -35.36 74.61 -39.67
N TRP S 418 -35.06 73.31 -39.60
CA TRP S 418 -33.89 72.88 -38.84
C TRP S 418 -32.61 73.49 -39.42
N ARG S 419 -32.53 73.56 -40.75
CA ARG S 419 -31.40 74.21 -41.39
C ARG S 419 -31.35 75.69 -41.03
N ILE S 420 -32.51 76.34 -40.92
CA ILE S 420 -32.57 77.73 -40.48
C ILE S 420 -31.97 77.87 -39.09
N VAL S 421 -32.35 76.97 -38.17
CA VAL S 421 -31.84 77.04 -36.81
C VAL S 421 -30.32 76.85 -36.81
N GLN S 422 -29.84 75.86 -37.55
CA GLN S 422 -28.39 75.63 -37.59
C GLN S 422 -27.65 76.82 -38.19
N LEU S 423 -28.21 77.42 -39.25
CA LEU S 423 -27.55 78.54 -39.91
C LEU S 423 -27.54 79.77 -39.02
N ASP S 424 -28.63 80.00 -38.27
CA ASP S 424 -28.64 81.15 -37.37
C ASP S 424 -27.63 80.96 -36.24
N LEU S 425 -27.50 79.73 -35.73
CA LEU S 425 -26.44 79.46 -34.75
C LEU S 425 -25.07 79.71 -35.35
N ASP S 426 -24.85 79.27 -36.59
CA ASP S 426 -23.55 79.47 -37.24
C ASP S 426 -23.23 80.95 -37.39
N TYR S 427 -24.22 81.74 -37.82
CA TYR S 427 -23.95 83.17 -38.00
C TYR S 427 -23.77 83.87 -36.66
N HIS S 428 -24.52 83.45 -35.63
CA HIS S 428 -24.29 84.00 -34.30
C HIS S 428 -22.87 83.71 -33.83
N SER S 429 -22.34 82.53 -34.18
CA SER S 429 -20.95 82.22 -33.85
C SER S 429 -19.98 83.13 -34.61
N ILE S 430 -20.16 83.25 -35.92
CA ILE S 430 -19.21 84.02 -36.73
C ILE S 430 -19.33 85.52 -36.51
N HIS S 431 -20.45 85.98 -35.93
CA HIS S 431 -20.62 87.40 -35.65
C HIS S 431 -19.59 87.90 -34.65
N ASP S 432 -19.29 87.10 -33.63
CA ASP S 432 -18.27 87.48 -32.67
C ASP S 432 -16.91 87.59 -33.33
N LYS S 433 -16.59 86.66 -34.24
CA LYS S 433 -15.32 86.72 -34.94
C LYS S 433 -15.22 87.96 -35.83
N LYS S 434 -16.30 88.27 -36.55
CA LYS S 434 -16.27 89.46 -37.40
C LYS S 434 -16.16 90.73 -36.57
N ALA S 435 -16.82 90.77 -35.40
CA ALA S 435 -16.66 91.91 -34.51
C ALA S 435 -15.23 92.01 -33.99
N ALA S 436 -14.61 90.88 -33.69
CA ALA S 436 -13.22 90.89 -33.24
C ALA S 436 -12.29 91.44 -34.31
N LEU S 437 -12.49 91.02 -35.57
CA LEU S 437 -11.68 91.56 -36.66
C LEU S 437 -11.93 93.05 -36.84
N SER S 438 -13.18 93.49 -36.73
CA SER S 438 -13.47 94.92 -36.82
C SER S 438 -12.76 95.71 -35.73
N SER S 439 -12.80 95.20 -34.49
CA SER S 439 -12.12 95.86 -33.38
C SER S 439 -10.62 95.90 -33.60
N ILE S 440 -10.04 94.81 -34.09
CA ILE S 440 -8.61 94.78 -34.37
C ILE S 440 -8.25 95.84 -35.42
N TYR S 441 -9.03 95.90 -36.50
CA TYR S 441 -8.76 96.90 -37.53
C TYR S 441 -8.89 98.31 -36.97
N LYS S 442 -9.90 98.55 -36.12
CA LYS S 442 -10.06 99.87 -35.54
C LYS S 442 -8.87 100.22 -34.64
N GLN S 443 -8.33 99.23 -33.93
CA GLN S 443 -7.14 99.47 -33.11
C GLN S 443 -5.91 99.75 -33.98
N LEU S 444 -5.83 99.13 -35.16
CA LEU S 444 -4.77 99.48 -36.09
C LEU S 444 -4.82 100.96 -36.45
N ASP S 445 -6.01 101.48 -36.73
CA ASP S 445 -6.23 102.90 -36.99
C ASP S 445 -5.33 103.39 -38.12
N LEU S 446 -5.53 102.81 -39.30
CA LEU S 446 -4.71 103.15 -40.45
C LEU S 446 -4.99 104.58 -40.90
N ASP S 447 -3.92 105.29 -41.28
CA ASP S 447 -4.07 106.65 -41.78
C ASP S 447 -4.90 106.66 -43.06
N VAL S 448 -4.64 105.72 -43.96
CA VAL S 448 -5.42 105.53 -45.17
C VAL S 448 -6.10 104.18 -45.08
N VAL S 449 -7.42 104.16 -45.29
CA VAL S 449 -8.16 102.91 -45.23
C VAL S 449 -7.69 102.00 -46.34
N ASP S 450 -7.31 100.78 -46.00
CA ASP S 450 -6.80 99.84 -46.98
C ASP S 450 -7.93 99.38 -47.90
N PRO S 451 -7.82 99.62 -49.21
CA PRO S 451 -8.90 99.19 -50.11
C PRO S 451 -9.13 97.69 -50.12
N THR S 452 -8.06 96.89 -50.02
CA THR S 452 -8.22 95.45 -49.97
C THR S 452 -8.99 95.02 -48.74
N TYR S 453 -8.70 95.64 -47.59
CA TYR S 453 -9.42 95.32 -46.36
C TYR S 453 -10.92 95.55 -46.53
N GLU S 454 -11.31 96.73 -47.03
CA GLU S 454 -12.73 97.02 -47.21
C GLU S 454 -13.36 96.09 -48.23
N GLU S 455 -12.67 95.86 -49.36
CA GLU S 455 -13.25 95.04 -50.42
C GLU S 455 -13.49 93.62 -49.96
N PHE S 456 -12.57 93.05 -49.20
CA PHE S 456 -12.72 91.66 -48.76
C PHE S 456 -13.55 91.54 -47.49
N PHE S 457 -13.64 92.60 -46.69
CA PHE S 457 -14.49 92.57 -45.51
C PHE S 457 -15.96 92.72 -45.88
N GLY S 458 -16.25 93.53 -46.90
CA GLY S 458 -17.63 93.66 -47.35
C GLY S 458 -18.20 92.37 -47.90
N SER S 459 -17.35 91.58 -48.57
CA SER S 459 -17.76 90.32 -49.17
C SER S 459 -17.39 89.11 -48.29
N ALA S 460 -17.01 89.36 -47.05
CA ALA S 460 -16.64 88.27 -46.15
C ALA S 460 -17.88 87.52 -45.67
N ARG S 461 -17.95 86.24 -45.97
CA ARG S 461 -19.06 85.40 -45.55
C ARG S 461 -18.65 84.23 -44.68
N THR S 462 -17.53 83.58 -44.98
CA THR S 462 -17.06 82.43 -44.24
C THR S 462 -15.97 82.84 -43.25
N LEU S 463 -15.82 82.05 -42.19
CA LEU S 463 -14.76 82.29 -41.22
C LEU S 463 -13.38 82.09 -41.83
N SER S 464 -13.28 81.30 -42.90
CA SER S 464 -12.00 81.17 -43.61
C SER S 464 -11.57 82.50 -44.20
N GLU S 465 -12.51 83.25 -44.78
CA GLU S 465 -12.18 84.56 -45.31
C GLU S 465 -11.82 85.54 -44.20
N LEU S 466 -12.48 85.43 -43.04
CA LEU S 466 -12.10 86.26 -41.90
C LEU S 466 -10.68 85.93 -41.43
N GLN S 467 -10.33 84.64 -41.43
CA GLN S 467 -8.97 84.25 -41.07
C GLN S 467 -7.96 84.78 -42.10
N ASP S 468 -8.34 84.76 -43.38
CA ASP S 468 -7.48 85.34 -44.41
C ASP S 468 -7.28 86.83 -44.18
N ILE S 469 -8.35 87.53 -43.82
CA ILE S 469 -8.24 88.96 -43.50
C ILE S 469 -7.30 89.17 -42.33
N ASP S 470 -7.44 88.34 -41.28
CA ASP S 470 -6.57 88.46 -40.13
C ASP S 470 -5.11 88.23 -40.50
N ASP S 471 -4.85 87.20 -41.32
CA ASP S 471 -3.47 86.91 -41.73
C ASP S 471 -2.90 88.06 -42.55
N TYR S 472 -3.68 88.61 -43.47
CA TYR S 472 -3.21 89.72 -44.30
C TYR S 472 -2.89 90.94 -43.43
N LEU S 473 -3.80 91.27 -42.50
CA LEU S 473 -3.59 92.42 -41.64
C LEU S 473 -2.38 92.24 -40.74
N THR S 474 -2.22 91.05 -40.15
CA THR S 474 -1.07 90.82 -39.28
C THR S 474 0.23 90.83 -40.06
N PHE S 475 0.24 90.28 -41.28
CA PHE S 475 1.47 90.24 -42.05
C PHE S 475 1.89 91.64 -42.50
N ASN S 476 0.96 92.41 -43.07
CA ASN S 476 1.32 93.71 -43.60
C ASN S 476 1.42 94.79 -42.53
N TYR S 477 1.04 94.50 -41.29
CA TYR S 477 1.21 95.41 -40.17
C TYR S 477 1.78 94.67 -38.97
N SER S 478 2.81 93.86 -39.19
CA SER S 478 3.38 93.05 -38.12
C SER S 478 3.94 93.93 -37.01
N SER S 479 4.68 94.99 -37.39
CA SER S 479 5.19 95.91 -36.39
C SER S 479 4.05 96.60 -35.66
N GLN S 480 3.04 97.07 -36.39
CA GLN S 480 1.91 97.75 -35.77
C GLN S 480 1.11 96.81 -34.87
N VAL S 481 0.89 95.58 -35.32
CA VAL S 481 0.16 94.62 -34.49
C VAL S 481 0.95 94.28 -33.24
N LYS S 482 2.26 94.10 -33.37
CA LYS S 482 3.09 93.81 -32.20
C LYS S 482 3.06 94.98 -31.22
N ASN S 483 3.13 96.21 -31.72
CA ASN S 483 3.05 97.38 -30.85
C ASN S 483 1.70 97.44 -30.15
N LEU S 484 0.61 97.18 -30.88
CA LEU S 484 -0.72 97.21 -30.28
C LEU S 484 -0.86 96.14 -29.20
N THR S 485 -0.25 94.98 -29.43
CA THR S 485 -0.17 93.98 -28.36
C THR S 485 0.61 94.53 -27.17
N ALA S 486 1.70 95.23 -27.43
CA ALA S 486 2.46 95.85 -26.35
C ALA S 486 1.70 97.02 -25.73
N VAL S 487 0.96 97.78 -26.53
CA VAL S 487 0.17 98.89 -26.01
C VAL S 487 -0.95 98.37 -25.11
N MET S 514 7.12 89.63 -19.62
CA MET S 514 6.46 89.36 -20.90
C MET S 514 6.96 88.03 -21.46
N LYS S 515 6.02 87.11 -21.71
CA LYS S 515 6.35 85.79 -22.24
C LYS S 515 7.06 85.91 -23.58
N ARG S 516 8.33 85.48 -23.62
CA ARG S 516 9.17 85.66 -24.79
C ARG S 516 8.80 84.68 -25.91
N LYS S 517 7.55 84.80 -26.37
CA LYS S 517 7.14 84.08 -27.57
C LYS S 517 7.82 84.71 -28.78
N TYR S 518 8.38 83.86 -29.63
CA TYR S 518 9.10 84.35 -30.81
C TYR S 518 8.10 84.70 -31.90
N SER S 519 8.09 85.95 -32.32
CA SER S 519 7.24 86.39 -33.41
C SER S 519 7.74 85.76 -34.71
N LYS S 520 6.85 85.00 -35.39
CA LYS S 520 7.22 84.38 -36.65
C LYS S 520 7.51 85.41 -37.73
N TYR S 521 7.07 86.65 -37.55
CA TYR S 521 7.31 87.73 -38.49
C TYR S 521 8.49 88.61 -38.10
N ALA S 522 9.30 88.19 -37.13
CA ALA S 522 10.44 89.00 -36.71
C ALA S 522 11.46 89.16 -37.83
N ILE S 523 11.70 88.10 -38.60
CA ILE S 523 12.62 88.16 -39.72
C ILE S 523 12.13 89.17 -40.76
N TYR S 524 10.82 89.13 -41.04
CA TYR S 524 10.25 90.05 -42.02
C TYR S 524 10.28 91.49 -41.51
N ASP S 525 10.09 91.67 -40.20
CA ASP S 525 10.24 93.00 -39.61
C ASP S 525 11.67 93.50 -39.76
N ARG S 526 12.65 92.62 -39.53
CA ARG S 526 14.05 93.00 -39.75
C ARG S 526 14.30 93.38 -41.20
N ILE S 527 13.71 92.63 -42.14
CA ILE S 527 13.82 92.97 -43.55
C ILE S 527 13.22 94.36 -43.82
N ARG S 528 12.07 94.64 -43.20
CA ARG S 528 11.47 95.97 -43.33
C ARG S 528 12.39 97.05 -42.80
N GLN S 529 13.05 96.79 -41.68
CA GLN S 529 13.99 97.75 -41.10
C GLN S 529 15.30 97.82 -41.87
N ASP S 530 15.68 96.76 -42.56
CA ASP S 530 16.96 96.71 -43.24
C ASP S 530 16.92 97.53 -44.53
N ALA S 531 18.11 97.82 -45.06
CA ALA S 531 18.24 98.64 -46.27
C ALA S 531 17.82 97.89 -47.53
N ILE S 532 17.55 96.58 -47.45
CA ILE S 532 17.17 95.84 -48.64
C ILE S 532 15.68 95.94 -48.93
N TYR S 533 14.89 96.43 -47.97
CA TYR S 533 13.46 96.62 -48.18
C TYR S 533 13.14 97.53 -49.37
N PRO S 534 13.88 98.62 -49.63
CA PRO S 534 13.65 99.36 -50.89
C PRO S 534 13.77 98.51 -52.14
N VAL S 535 14.68 97.53 -52.17
CA VAL S 535 14.75 96.63 -53.32
C VAL S 535 13.47 95.83 -53.45
N VAL S 536 12.95 95.34 -52.32
CA VAL S 536 11.69 94.60 -52.34
C VAL S 536 10.57 95.47 -52.88
N GLN S 537 10.57 96.76 -52.52
CA GLN S 537 9.61 97.68 -53.13
C GLN S 537 9.82 97.77 -54.63
N SER S 538 11.08 97.91 -55.04
CA SER S 538 11.40 98.13 -56.46
C SER S 538 11.10 96.91 -57.32
N ILE S 539 10.94 95.72 -56.72
CA ILE S 539 10.54 94.56 -57.50
C ILE S 539 9.18 94.81 -58.16
N ALA S 540 8.21 95.27 -57.38
CA ALA S 540 6.87 95.57 -57.87
C ALA S 540 6.12 96.35 -56.80
N ASN S 541 5.28 97.28 -57.24
CA ASN S 541 4.52 98.12 -56.33
C ASN S 541 3.35 97.31 -55.76
N ILE S 542 3.21 97.34 -54.43
CA ILE S 542 2.18 96.54 -53.77
C ILE S 542 0.79 96.99 -54.20
N SER S 543 0.55 98.31 -54.20
CA SER S 543 -0.74 98.82 -54.61
C SER S 543 -1.03 98.51 -56.07
N GLN S 544 -0.02 98.68 -56.93
CA GLN S 544 -0.19 98.34 -58.34
C GLN S 544 -0.45 96.85 -58.53
N MET S 545 0.26 96.01 -57.78
CA MET S 545 0.03 94.57 -57.85
C MET S 545 -1.40 94.23 -57.44
N ARG S 546 -1.88 94.83 -56.36
CA ARG S 546 -3.24 94.55 -55.91
C ARG S 546 -4.26 95.02 -56.93
N GLU S 547 -4.05 96.20 -57.51
CA GLU S 547 -4.98 96.70 -58.53
C GLU S 547 -5.00 95.79 -59.74
N ASN S 548 -3.83 95.36 -60.21
CA ASN S 548 -3.76 94.47 -61.37
C ASN S 548 -4.43 93.14 -61.08
N LEU S 549 -4.20 92.58 -59.89
CA LEU S 549 -4.79 91.29 -59.55
C LEU S 549 -6.30 91.39 -59.42
N ALA S 550 -6.79 92.45 -58.77
CA ALA S 550 -8.23 92.62 -58.61
C ALA S 550 -8.90 92.84 -59.96
N GLN S 551 -8.30 93.63 -60.84
CA GLN S 551 -8.86 93.86 -62.15
C GLN S 551 -8.78 92.62 -63.03
N SER S 552 -7.87 91.69 -62.74
CA SER S 552 -7.60 90.49 -63.51
C SER S 552 -6.99 90.79 -64.87
N LYS S 553 -6.70 92.05 -65.15
CA LYS S 553 -6.04 92.44 -66.39
C LYS S 553 -5.04 93.55 -66.07
N ARG S 554 -4.13 93.78 -67.02
CA ARG S 554 -3.05 94.73 -66.79
C ARG S 554 -3.57 96.16 -66.78
N LEU S 555 -3.48 96.81 -65.62
CA LEU S 555 -3.71 98.24 -65.48
C LEU S 555 -2.42 99.03 -65.46
N HIS S 556 -1.35 98.46 -64.92
CA HIS S 556 -0.02 99.04 -64.93
C HIS S 556 0.98 97.98 -65.33
N GLN S 557 2.10 98.43 -65.90
CA GLN S 557 3.18 97.53 -66.28
C GLN S 557 4.22 97.48 -65.17
N VAL S 558 4.61 96.27 -64.78
CA VAL S 558 5.63 96.11 -63.75
C VAL S 558 6.95 96.62 -64.32
N GLU S 559 7.41 97.76 -63.82
CA GLU S 559 8.64 98.38 -64.32
C GLU S 559 9.85 97.63 -63.75
N ASP S 560 10.73 97.18 -64.64
CA ASP S 560 11.93 96.48 -64.23
C ASP S 560 12.99 97.49 -63.80
N PRO S 561 13.56 97.36 -62.61
CA PRO S 561 14.61 98.29 -62.19
C PRO S 561 15.81 98.26 -63.13
N ILE S 562 16.49 99.40 -63.21
CA ILE S 562 17.58 99.60 -64.17
C ILE S 562 18.75 98.66 -63.92
N GLU S 563 18.88 98.11 -62.72
CA GLU S 563 19.96 97.20 -62.39
C GLU S 563 19.41 95.86 -61.93
N SER S 564 20.21 94.81 -62.12
CA SER S 564 19.80 93.46 -61.80
C SER S 564 19.62 93.29 -60.29
N PRO S 565 18.81 92.31 -59.86
CA PRO S 565 18.65 92.09 -58.42
C PRO S 565 19.96 91.85 -57.69
N MET S 566 20.85 91.05 -58.28
CA MET S 566 22.16 90.83 -57.67
C MET S 566 22.97 92.12 -57.65
N ASP S 567 22.92 92.90 -58.73
CA ASP S 567 23.66 94.16 -58.78
C ASP S 567 23.21 95.09 -57.67
N MET S 568 21.90 95.32 -57.55
CA MET S 568 21.40 96.23 -56.53
C MET S 568 21.67 95.70 -55.13
N ILE S 569 21.48 94.40 -54.92
CA ILE S 569 21.71 93.83 -53.60
C ILE S 569 23.16 93.99 -53.18
N ALA S 570 24.09 93.66 -54.07
CA ALA S 570 25.51 93.78 -53.75
C ALA S 570 25.92 95.23 -53.55
N ASP S 571 25.39 96.14 -54.39
CA ASP S 571 25.74 97.55 -54.26
C ASP S 571 25.27 98.11 -52.92
N ILE S 572 24.03 97.79 -52.53
CA ILE S 572 23.51 98.30 -51.26
C ILE S 572 24.26 97.66 -50.09
N MET S 573 24.61 96.37 -50.21
CA MET S 573 25.37 95.71 -49.16
C MET S 573 26.73 96.36 -48.98
N SER S 574 27.40 96.68 -50.09
CA SER S 574 28.72 97.32 -50.01
C SER S 574 28.61 98.74 -49.47
N THR S 575 27.60 99.49 -49.89
CA THR S 575 27.45 100.88 -49.45
C THR S 575 26.79 101.00 -48.08
N GLU S 576 26.22 99.92 -47.55
CA GLU S 576 25.57 99.92 -46.25
C GLU S 576 25.99 98.70 -45.44
N LYS S 577 27.30 98.42 -45.41
CA LYS S 577 27.81 97.32 -44.61
C LYS S 577 27.46 97.48 -43.14
N ASP S 578 27.29 98.73 -42.69
CA ASP S 578 26.97 98.98 -41.29
C ASP S 578 25.57 98.48 -40.93
N LYS S 579 24.62 98.64 -41.84
CA LYS S 579 23.22 98.31 -41.57
C LYS S 579 22.77 97.00 -42.19
N THR S 580 23.38 96.57 -43.29
CA THR S 580 22.97 95.32 -43.94
C THR S 580 23.31 94.14 -43.04
N THR S 581 22.29 93.57 -42.39
CA THR S 581 22.49 92.45 -41.48
C THR S 581 22.85 91.16 -42.19
N PHE S 582 22.71 91.10 -43.52
CA PHE S 582 23.07 89.91 -44.26
C PHE S 582 24.59 89.74 -44.33
N ILE S 583 25.02 88.49 -44.51
CA ILE S 583 26.45 88.19 -44.58
C ILE S 583 26.89 88.20 -46.03
N SER S 584 26.22 87.44 -46.88
CA SER S 584 26.54 87.36 -48.29
C SER S 584 25.39 87.89 -49.13
N SER S 585 25.72 88.30 -50.36
CA SER S 585 24.68 88.80 -51.27
C SER S 585 23.67 87.72 -51.60
N GLU S 586 24.11 86.46 -51.67
CA GLU S 586 23.18 85.36 -51.94
C GLU S 586 22.18 85.21 -50.81
N LYS S 587 22.62 85.39 -49.57
CA LYS S 587 21.70 85.33 -48.43
C LYS S 587 20.65 86.43 -48.51
N ALA S 588 21.06 87.64 -48.85
CA ALA S 588 20.10 88.73 -49.03
C ALA S 588 19.15 88.43 -50.18
N TYR S 589 19.66 87.85 -51.26
CA TYR S 589 18.81 87.47 -52.38
C TYR S 589 17.74 86.47 -51.95
N GLN S 590 18.15 85.46 -51.18
CA GLN S 590 17.20 84.47 -50.70
C GLN S 590 16.18 85.08 -49.75
N ALA S 591 16.63 85.99 -48.88
CA ALA S 591 15.70 86.66 -47.97
C ALA S 591 14.69 87.51 -48.73
N VAL S 592 15.14 88.22 -49.77
CA VAL S 592 14.23 89.01 -50.58
C VAL S 592 13.22 88.10 -51.28
N LYS S 593 13.70 86.97 -51.83
CA LYS S 593 12.79 86.04 -52.50
C LYS S 593 11.76 85.48 -51.54
N GLN S 594 12.17 85.11 -50.33
CA GLN S 594 11.23 84.55 -49.38
C GLN S 594 10.26 85.61 -48.88
N PHE S 595 10.72 86.87 -48.74
CA PHE S 595 9.82 87.95 -48.35
C PHE S 595 8.78 88.20 -49.44
N PHE S 596 9.20 88.19 -50.71
CA PHE S 596 8.25 88.34 -51.80
C PHE S 596 7.26 87.18 -51.84
N SER S 597 7.75 85.96 -51.58
CA SER S 597 6.86 84.81 -51.53
C SER S 597 5.84 84.95 -50.40
N GLU S 598 6.27 85.44 -49.23
CA GLU S 598 5.34 85.66 -48.13
C GLU S 598 4.33 86.74 -48.47
N GLN S 599 4.77 87.80 -49.14
CA GLN S 599 3.85 88.86 -49.55
C GLN S 599 2.79 88.32 -50.51
N LEU S 600 3.22 87.51 -51.49
CA LEU S 600 2.26 86.93 -52.43
C LEU S 600 1.33 85.95 -51.74
N SER S 601 1.85 85.16 -50.79
CA SER S 601 1.03 84.16 -50.12
C SER S 601 -0.06 84.80 -49.27
N TYR S 602 0.26 85.90 -48.59
CA TYR S 602 -0.69 86.55 -47.70
C TYR S 602 -1.70 87.44 -48.44
N GLU S 603 -1.66 87.47 -49.76
CA GLU S 603 -2.63 88.25 -50.52
C GLU S 603 -3.98 87.56 -50.47
N PRO S 604 -5.02 88.21 -49.95
CA PRO S 604 -6.34 87.54 -49.86
C PRO S 604 -6.91 87.12 -51.21
N PHE S 605 -6.64 87.87 -52.27
CA PHE S 605 -7.25 87.57 -53.56
C PHE S 605 -6.75 86.25 -54.14
N ILE S 606 -5.45 85.99 -54.03
CA ILE S 606 -4.91 84.73 -54.53
C ILE S 606 -5.52 83.55 -53.79
N ARG S 607 -5.61 83.65 -52.46
CA ARG S 607 -6.21 82.59 -51.66
C ARG S 607 -7.68 82.39 -52.04
N LYS S 608 -8.42 83.48 -52.21
CA LYS S 608 -9.83 83.38 -52.55
C LYS S 608 -10.03 82.73 -53.92
N THR S 609 -9.20 83.13 -54.90
CA THR S 609 -9.31 82.54 -56.23
C THR S 609 -8.97 81.06 -56.22
N ILE S 610 -7.90 80.69 -55.51
CA ILE S 610 -7.52 79.28 -55.43
C ILE S 610 -8.62 78.47 -54.74
N ARG S 611 -9.19 79.02 -53.67
CA ARG S 611 -10.26 78.32 -52.95
C ARG S 611 -11.49 78.13 -53.83
N THR S 612 -11.87 79.18 -54.57
CA THR S 612 -13.01 79.05 -55.47
C THR S 612 -12.74 78.03 -56.56
N ALA S 613 -11.53 78.05 -57.14
CA ALA S 613 -11.19 77.10 -58.19
C ALA S 613 -11.23 75.66 -57.67
N PHE S 614 -10.67 75.44 -56.47
CA PHE S 614 -10.67 74.09 -55.91
C PHE S 614 -12.09 73.64 -55.58
N GLN S 615 -12.90 74.54 -55.02
CA GLN S 615 -14.27 74.18 -54.67
C GLN S 615 -15.13 73.93 -55.89
N SER S 616 -14.77 74.53 -57.03
CA SER S 616 -15.57 74.36 -58.24
C SER S 616 -15.13 73.17 -59.09
N PHE S 617 -13.84 73.08 -59.40
CA PHE S 617 -13.35 72.12 -60.37
C PHE S 617 -12.33 71.12 -59.82
N GLY S 618 -12.12 71.09 -58.51
CA GLY S 618 -11.16 70.16 -57.95
C GLY S 618 -11.66 68.72 -58.00
N VAL S 619 -10.71 67.80 -57.87
CA VAL S 619 -11.01 66.36 -57.84
C VAL S 619 -10.42 65.77 -56.57
N ILE S 620 -10.77 64.52 -56.30
CA ILE S 620 -10.36 63.81 -55.10
C ILE S 620 -9.50 62.62 -55.51
N ASN S 621 -8.30 62.55 -54.96
CA ASN S 621 -7.40 61.43 -55.16
C ASN S 621 -6.98 60.86 -53.82
N ILE S 622 -6.78 59.54 -53.78
CA ILE S 622 -6.48 58.83 -52.55
C ILE S 622 -5.15 58.10 -52.71
N GLU S 623 -4.24 58.32 -51.78
CA GLU S 623 -2.98 57.58 -51.72
C GLU S 623 -3.02 56.57 -50.58
N LEU S 624 -2.20 55.53 -50.70
CA LEU S 624 -2.17 54.44 -49.74
C LEU S 624 -0.81 54.39 -49.04
N THR S 625 -0.83 54.36 -47.71
CA THR S 625 0.37 54.08 -46.95
C THR S 625 0.63 52.58 -46.93
N GLU S 626 1.77 52.20 -46.34
CA GLU S 626 2.08 50.78 -46.18
C GLU S 626 1.00 50.09 -45.35
N ARG S 627 0.54 50.74 -44.29
CA ARG S 627 -0.62 50.25 -43.56
C ARG S 627 -1.83 50.14 -44.47
N GLY S 628 -2.05 51.14 -45.32
CA GLY S 628 -3.10 51.02 -46.32
C GLY S 628 -2.80 49.97 -47.36
N LYS S 629 -1.53 49.81 -47.73
CA LYS S 629 -1.16 48.79 -48.71
C LYS S 629 -1.42 47.38 -48.21
N LEU S 630 -1.40 47.17 -46.90
CA LEU S 630 -1.55 45.82 -46.34
C LEU S 630 -2.92 45.56 -45.73
N GLN S 631 -3.59 46.59 -45.21
CA GLN S 631 -4.79 46.37 -44.41
C GLN S 631 -6.09 46.48 -45.21
N ILE S 632 -6.06 47.10 -46.38
CA ILE S 632 -7.27 47.25 -47.19
C ILE S 632 -7.49 45.95 -47.96
N GLU S 633 -8.33 45.09 -47.42
CA GLU S 633 -8.61 43.77 -47.95
C GLU S 633 -9.87 43.80 -48.82
N PRO S 634 -10.04 42.82 -49.70
CA PRO S 634 -11.23 42.82 -50.57
C PRO S 634 -12.55 42.76 -49.82
N GLU S 635 -12.55 42.30 -48.57
CA GLU S 635 -13.78 42.27 -47.78
C GLU S 635 -13.95 43.49 -46.89
N SER S 636 -12.89 44.25 -46.63
CA SER S 636 -13.00 45.41 -45.77
C SER S 636 -13.83 46.49 -46.46
N PRO S 637 -14.61 47.27 -45.70
CA PRO S 637 -15.40 48.35 -46.32
C PRO S 637 -14.56 49.43 -46.98
N TYR S 638 -13.28 49.54 -46.63
CA TYR S 638 -12.40 50.52 -47.23
C TYR S 638 -11.93 50.13 -48.63
N PHE S 639 -12.24 48.90 -49.07
CA PHE S 639 -11.80 48.44 -50.38
C PHE S 639 -12.51 49.17 -51.52
N ASP S 640 -13.62 49.86 -51.24
CA ASP S 640 -14.35 50.56 -52.29
C ASP S 640 -13.56 51.70 -52.91
N PHE S 641 -12.61 52.27 -52.18
CA PHE S 641 -11.82 53.40 -52.67
C PHE S 641 -10.33 53.15 -52.49
N LYS S 642 -9.89 51.90 -52.65
CA LYS S 642 -8.49 51.59 -52.49
C LYS S 642 -7.63 52.27 -53.56
N TYR S 643 -8.21 52.50 -54.75
CA TYR S 643 -7.46 53.09 -55.86
C TYR S 643 -8.30 54.11 -56.61
N ALA S 644 -9.17 54.83 -55.91
CA ALA S 644 -9.99 55.86 -56.56
C ALA S 644 -9.10 57.01 -57.02
N LYS S 645 -9.56 57.70 -58.07
CA LYS S 645 -8.76 58.73 -58.70
C LYS S 645 -9.66 59.71 -59.43
N ASN S 646 -9.37 61.00 -59.28
CA ASN S 646 -10.07 62.07 -60.01
C ASN S 646 -11.57 62.02 -59.77
N ARG S 647 -11.95 61.75 -58.52
CA ARG S 647 -13.36 61.74 -58.17
C ARG S 647 -13.89 63.16 -58.06
N PRO S 648 -14.96 63.51 -58.79
CA PRO S 648 -15.49 64.88 -58.72
C PRO S 648 -15.97 65.23 -57.33
N ILE S 649 -15.69 66.47 -56.92
CA ILE S 649 -16.13 66.95 -55.61
C ILE S 649 -17.64 67.15 -55.60
N SER S 650 -18.20 67.70 -56.68
CA SER S 650 -19.62 68.05 -56.68
C SER S 650 -20.50 66.82 -56.49
N ALA S 651 -20.05 65.66 -56.98
CA ALA S 651 -20.81 64.43 -56.82
C ALA S 651 -20.68 63.82 -55.42
N LEU S 652 -19.72 64.30 -54.61
CA LEU S 652 -19.51 63.71 -53.30
C LEU S 652 -20.70 63.96 -52.37
N THR S 653 -21.31 65.14 -52.45
CA THR S 653 -22.41 65.49 -51.57
C THR S 653 -23.61 64.55 -51.74
N ALA S 654 -23.77 63.96 -52.93
CA ALA S 654 -24.86 63.01 -53.13
C ALA S 654 -24.57 61.67 -52.49
N THR S 655 -23.31 61.39 -52.19
CA THR S 655 -22.88 60.12 -51.58
C THR S 655 -21.99 60.46 -50.39
N PRO S 656 -22.57 60.98 -49.30
CA PRO S 656 -21.74 61.40 -48.17
C PRO S 656 -20.98 60.28 -47.50
N ASP S 657 -21.54 59.06 -47.48
CA ASP S 657 -20.93 57.97 -46.75
C ASP S 657 -19.58 57.59 -47.34
N LEU S 658 -19.41 57.72 -48.66
CA LEU S 658 -18.13 57.41 -49.28
C LEU S 658 -17.03 58.34 -48.76
N TYR S 659 -17.31 59.65 -48.72
CA TYR S 659 -16.33 60.60 -48.22
C TYR S 659 -16.08 60.42 -46.73
N LEU S 660 -17.15 60.14 -45.96
CA LEU S 660 -16.97 59.88 -44.54
C LEU S 660 -16.09 58.66 -44.30
N ARG S 661 -16.28 57.60 -45.08
CA ARG S 661 -15.47 56.40 -44.93
C ARG S 661 -14.03 56.65 -45.37
N MET S 662 -13.83 57.46 -46.42
CA MET S 662 -12.47 57.85 -46.79
C MET S 662 -11.79 58.60 -45.66
N ILE S 663 -12.50 59.53 -45.02
CA ILE S 663 -11.92 60.28 -43.90
C ILE S 663 -11.61 59.35 -42.74
N GLN S 664 -12.52 58.40 -42.45
CA GLN S 664 -12.28 57.45 -41.38
C GLN S 664 -11.05 56.60 -41.65
N ALA S 665 -10.89 56.15 -42.89
CA ALA S 665 -9.69 55.38 -43.25
C ALA S 665 -8.44 56.23 -43.13
N GLU S 666 -8.53 57.52 -43.52
CA GLU S 666 -7.40 58.41 -43.37
C GLU S 666 -7.01 58.57 -41.90
N ASN S 667 -8.00 58.70 -41.02
CA ASN S 667 -7.71 58.86 -39.60
C ASN S 667 -7.09 57.61 -38.99
N ASP S 668 -7.24 56.46 -39.64
CA ASP S 668 -6.64 55.22 -39.17
C ASP S 668 -5.18 55.07 -39.60
N GLY S 669 -4.63 56.03 -40.32
CA GLY S 669 -3.27 55.93 -40.79
C GLY S 669 -3.08 54.99 -41.96
N LEU S 670 -4.15 54.71 -42.70
CA LEU S 670 -4.08 53.80 -43.85
C LEU S 670 -3.96 54.53 -45.18
N VAL S 671 -4.76 55.56 -45.41
CA VAL S 671 -4.85 56.21 -46.71
C VAL S 671 -4.59 57.70 -46.54
N ASN S 672 -4.33 58.36 -47.66
CA ASN S 672 -4.11 59.81 -47.70
C ASN S 672 -4.98 60.39 -48.80
N ILE S 673 -5.81 61.37 -48.44
CA ILE S 673 -6.72 62.00 -49.39
C ILE S 673 -6.04 63.24 -49.96
N LYS S 674 -6.01 63.34 -51.29
CA LYS S 674 -5.37 64.45 -51.98
C LYS S 674 -6.38 65.14 -52.89
N VAL S 675 -6.40 66.47 -52.85
CA VAL S 675 -7.26 67.28 -53.71
C VAL S 675 -6.38 68.02 -54.69
N GLU S 676 -6.63 67.85 -55.99
CA GLU S 676 -5.82 68.48 -57.02
C GLU S 676 -6.71 69.01 -58.13
N LEU S 677 -6.21 70.04 -58.81
CA LEU S 677 -6.92 70.69 -59.91
C LEU S 677 -6.25 70.35 -61.24
N PRO S 678 -7.00 69.89 -62.24
CA PRO S 678 -6.39 69.65 -63.56
C PRO S 678 -5.78 70.90 -64.17
N MET S 679 -6.36 72.07 -63.95
CA MET S 679 -5.89 73.32 -64.53
C MET S 679 -5.14 74.20 -63.53
N LEU S 680 -4.40 73.58 -62.60
CA LEU S 680 -3.60 74.35 -61.67
C LEU S 680 -2.51 75.14 -62.40
N SER S 681 -1.88 74.52 -63.40
CA SER S 681 -0.88 75.22 -64.20
C SER S 681 -1.47 76.43 -64.90
N THR S 682 -2.74 76.34 -65.32
CA THR S 682 -3.39 77.47 -65.97
C THR S 682 -3.49 78.66 -65.03
N VAL S 683 -3.92 78.43 -63.80
CA VAL S 683 -4.02 79.51 -62.81
C VAL S 683 -2.65 80.07 -62.49
N VAL S 684 -1.66 79.19 -62.34
CA VAL S 684 -0.30 79.65 -62.03
C VAL S 684 0.22 80.54 -63.15
N ASP S 685 0.04 80.10 -64.40
CA ASP S 685 0.51 80.88 -65.54
C ASP S 685 -0.24 82.21 -65.66
N HIS S 686 -1.55 82.20 -65.41
CA HIS S 686 -2.32 83.44 -65.52
C HIS S 686 -1.88 84.45 -64.47
N PHE S 687 -1.70 83.99 -63.23
CA PHE S 687 -1.26 84.91 -62.18
C PHE S 687 0.17 85.37 -62.42
N TYR S 688 1.02 84.51 -62.99
CA TYR S 688 2.37 84.95 -63.37
C TYR S 688 2.31 86.02 -64.45
N ASN S 689 1.48 85.81 -65.47
CA ASN S 689 1.35 86.79 -66.55
C ASN S 689 0.85 88.13 -66.00
N ILE S 690 -0.06 88.09 -65.04
CA ILE S 690 -0.48 89.32 -64.38
C ILE S 690 0.70 89.94 -63.63
N LEU S 691 1.48 89.12 -62.92
CA LEU S 691 2.56 89.62 -62.08
C LEU S 691 3.84 89.90 -62.86
N LYS S 692 4.13 89.12 -63.90
CA LYS S 692 5.42 89.23 -64.57
C LYS S 692 5.56 90.58 -65.26
N SER S 693 6.80 91.03 -65.39
CA SER S 693 7.12 92.24 -66.13
C SER S 693 7.27 91.95 -67.61
N ASP S 694 7.16 93.00 -68.42
CA ASP S 694 7.23 92.86 -69.88
C ASP S 694 8.62 93.16 -70.42
N GLY S 695 9.60 93.42 -69.55
CA GLY S 695 10.94 93.70 -70.02
C GLY S 695 11.61 92.48 -70.63
N THR S 696 12.53 92.74 -71.56
CA THR S 696 13.24 91.69 -72.26
C THR S 696 14.73 91.68 -71.99
N SER S 697 15.27 92.70 -71.32
CA SER S 697 16.69 92.73 -71.02
C SER S 697 17.04 91.65 -69.98
N GLU S 698 18.33 91.28 -69.96
CA GLU S 698 18.78 90.26 -69.02
C GLU S 698 18.50 90.66 -67.58
N ILE S 699 18.56 91.96 -67.27
CA ILE S 699 18.13 92.44 -65.95
C ILE S 699 16.66 92.17 -65.74
N SER S 700 15.84 92.46 -66.75
CA SER S 700 14.42 92.14 -66.67
C SER S 700 14.20 90.63 -66.58
N GLU S 701 15.03 89.85 -67.26
CA GLU S 701 14.94 88.40 -67.16
C GLU S 701 15.21 87.94 -65.73
N LYS S 702 16.22 88.50 -65.09
CA LYS S 702 16.52 88.15 -63.70
C LYS S 702 15.39 88.57 -62.77
N TRP S 703 14.82 89.76 -63.00
CA TRP S 703 13.70 90.20 -62.17
C TRP S 703 12.50 89.27 -62.34
N ASN S 704 12.19 88.87 -63.57
CA ASN S 704 11.09 87.96 -63.82
C ASN S 704 11.34 86.60 -63.19
N ALA S 705 12.60 86.12 -63.26
CA ALA S 705 12.93 84.85 -62.63
C ALA S 705 12.74 84.91 -61.12
N LEU S 706 13.19 86.00 -60.48
CA LEU S 706 13.00 86.16 -59.05
C LEU S 706 11.52 86.19 -58.70
N ARG S 707 10.74 86.95 -59.48
CA ARG S 707 9.30 87.03 -59.23
C ARG S 707 8.63 85.67 -59.37
N ASN S 708 9.00 84.92 -60.41
CA ASN S 708 8.40 83.61 -60.65
C ASN S 708 8.78 82.62 -59.55
N ASP S 709 10.04 82.65 -59.10
CA ASP S 709 10.45 81.74 -58.04
C ASP S 709 9.73 82.07 -56.73
N ALA S 710 9.63 83.35 -56.39
CA ALA S 710 8.88 83.73 -55.20
C ALA S 710 7.41 83.33 -55.31
N TRP S 711 6.84 83.46 -56.51
CA TRP S 711 5.46 83.08 -56.73
C TRP S 711 5.27 81.58 -56.57
N LYS S 712 6.23 80.78 -57.04
CA LYS S 712 6.15 79.34 -56.84
C LYS S 712 6.25 78.97 -55.37
N GLN S 713 7.15 79.65 -54.63
CA GLN S 713 7.22 79.40 -53.19
C GLN S 713 5.92 79.77 -52.49
N SER S 714 5.31 80.89 -52.89
CA SER S 714 4.03 81.28 -52.32
C SER S 714 2.95 80.26 -52.61
N LEU S 715 2.92 79.71 -53.83
CA LEU S 715 1.99 78.65 -54.16
C LEU S 715 2.23 77.42 -53.29
N ASP S 716 3.51 77.05 -53.10
CA ASP S 716 3.82 75.90 -52.27
C ASP S 716 3.30 76.09 -50.85
N LYS S 717 3.47 77.29 -50.30
CA LYS S 717 2.95 77.56 -48.96
C LYS S 717 1.42 77.57 -48.94
N LEU S 718 0.79 78.09 -50.00
CA LEU S 718 -0.64 78.33 -49.97
C LEU S 718 -1.46 77.05 -50.19
N ILE S 719 -0.94 76.11 -50.98
CA ILE S 719 -1.73 74.95 -51.38
C ILE S 719 -2.28 74.17 -50.18
N PRO S 720 -1.48 73.78 -49.17
CA PRO S 720 -2.05 72.95 -48.08
C PRO S 720 -3.21 73.60 -47.35
N LEU S 721 -3.15 74.92 -47.12
CA LEU S 721 -4.23 75.59 -46.39
C LEU S 721 -5.54 75.53 -47.17
N VAL S 722 -5.46 75.77 -48.48
CA VAL S 722 -6.66 75.72 -49.32
C VAL S 722 -7.19 74.30 -49.38
N GLN S 723 -6.30 73.31 -49.49
CA GLN S 723 -6.73 71.92 -49.49
C GLN S 723 -7.47 71.59 -48.19
N LEU S 724 -6.92 72.03 -47.05
CA LEU S 724 -7.57 71.77 -45.77
C LEU S 724 -8.93 72.45 -45.67
N ASN S 725 -9.02 73.70 -46.15
CA ASN S 725 -10.30 74.41 -46.11
C ASN S 725 -11.35 73.70 -46.96
N VAL S 726 -10.97 73.27 -48.17
CA VAL S 726 -11.90 72.56 -49.04
C VAL S 726 -12.31 71.23 -48.41
N LYS S 727 -11.35 70.52 -47.81
CA LYS S 727 -11.66 69.26 -47.15
C LYS S 727 -12.65 69.47 -46.02
N GLU S 728 -12.45 70.49 -45.20
CA GLU S 728 -13.38 70.77 -44.11
C GLU S 728 -14.77 71.13 -44.64
N SER S 729 -14.82 71.92 -45.71
CA SER S 729 -16.12 72.28 -46.29
C SER S 729 -16.87 71.04 -46.77
N ILE S 730 -16.19 70.17 -47.51
CA ILE S 730 -16.85 68.95 -48.00
C ILE S 730 -17.23 68.06 -46.83
N ARG S 731 -16.40 67.99 -45.79
CA ARG S 731 -16.73 67.20 -44.62
C ARG S 731 -18.01 67.69 -43.97
N ARG S 732 -18.13 69.01 -43.80
CA ARG S 732 -19.33 69.57 -43.19
C ARG S 732 -20.55 69.31 -44.06
N ASP S 733 -20.42 69.45 -45.38
CA ASP S 733 -21.56 69.22 -46.27
C ASP S 733 -22.01 67.77 -46.20
N CYS S 734 -21.07 66.83 -46.27
CA CYS S 734 -21.43 65.41 -46.22
C CYS S 734 -22.02 65.04 -44.86
N GLU S 735 -21.47 65.60 -43.78
CA GLU S 735 -22.00 65.33 -42.45
C GLU S 735 -23.44 65.84 -42.33
N ARG S 736 -23.71 67.03 -42.85
CA ARG S 736 -25.07 67.56 -42.79
C ARG S 736 -26.03 66.72 -43.62
N VAL S 737 -25.58 66.27 -44.80
CA VAL S 737 -26.43 65.43 -45.65
C VAL S 737 -26.76 64.12 -44.93
N LEU S 738 -25.75 63.49 -44.33
CA LEU S 738 -25.99 62.22 -43.63
C LEU S 738 -26.84 62.43 -42.39
N TYR S 739 -26.68 63.58 -41.72
CA TYR S 739 -27.53 63.91 -40.57
C TYR S 739 -28.99 63.99 -40.98
N PHE S 740 -29.27 64.68 -42.10
CA PHE S 740 -30.65 64.78 -42.57
C PHE S 740 -31.17 63.40 -42.99
N GLN S 741 -30.32 62.59 -43.62
CA GLN S 741 -30.72 61.26 -44.04
C GLN S 741 -31.09 60.39 -42.84
N VAL S 742 -30.28 60.44 -41.78
CA VAL S 742 -30.55 59.68 -40.57
C VAL S 742 -31.83 60.19 -39.91
N LYS S 743 -32.04 61.51 -39.92
CA LYS S 743 -33.27 62.07 -39.38
C LYS S 743 -34.49 61.53 -40.11
N ASN S 744 -34.43 61.50 -41.45
CA ASN S 744 -35.56 60.98 -42.22
C ASN S 744 -35.76 59.50 -41.97
N SER S 745 -34.67 58.73 -41.87
CA SER S 745 -34.80 57.30 -41.62
C SER S 745 -35.45 57.04 -40.26
N PHE S 746 -35.02 57.77 -39.23
CA PHE S 746 -35.61 57.61 -37.91
C PHE S 746 -37.08 58.00 -37.90
N THR S 747 -37.42 59.11 -38.59
CA THR S 747 -38.81 59.52 -38.66
C THR S 747 -39.67 58.47 -39.34
N LYS S 748 -39.15 57.89 -40.43
CA LYS S 748 -39.87 56.81 -41.10
C LYS S 748 -40.02 55.61 -40.18
N LYS S 749 -38.99 55.32 -39.38
CA LYS S 749 -39.05 54.19 -38.46
C LYS S 749 -40.13 54.37 -37.41
N ILE S 750 -40.27 55.58 -36.86
CA ILE S 750 -41.15 55.79 -35.71
C ILE S 750 -42.51 56.35 -36.13
N ASP S 751 -42.79 56.42 -37.42
CA ASP S 751 -44.06 56.98 -37.91
C ASP S 751 -44.97 55.81 -38.27
N GLN S 752 -45.79 55.39 -37.31
CA GLN S 752 -46.78 54.34 -37.55
C GLN S 752 -47.84 54.41 -36.47
N ALA S 753 -49.09 54.60 -36.87
CA ALA S 753 -50.19 54.60 -35.93
C ALA S 753 -50.47 53.17 -35.45
N PRO S 754 -51.11 53.02 -34.28
CA PRO S 754 -51.45 51.68 -33.80
C PRO S 754 -52.35 50.95 -34.79
N TYR S 755 -52.27 49.62 -34.73
CA TYR S 755 -53.06 48.78 -35.62
C TYR S 755 -54.54 49.07 -35.45
N GLN S 756 -55.25 49.26 -36.56
CA GLN S 756 -56.65 49.60 -36.54
C GLN S 756 -57.49 48.35 -36.76
N PRO S 757 -58.23 47.88 -35.75
CA PRO S 757 -59.12 46.74 -35.98
C PRO S 757 -60.25 47.13 -36.92
N PRO S 758 -60.81 46.17 -37.66
CA PRO S 758 -61.89 46.51 -38.58
C PRO S 758 -63.14 46.94 -37.84
N THR S 759 -63.98 47.72 -38.55
CA THR S 759 -65.19 48.32 -38.01
C THR S 759 -64.89 49.24 -36.82
N TYR S 760 -63.74 49.91 -36.87
CA TYR S 760 -63.38 50.90 -35.87
C TYR S 760 -62.63 52.04 -36.53
N ALA S 761 -62.73 53.23 -35.92
CA ALA S 761 -62.03 54.39 -36.43
C ALA S 761 -60.53 54.30 -36.15
N LYS S 762 -59.76 55.03 -36.95
CA LYS S 762 -58.31 55.05 -36.77
C LYS S 762 -57.95 55.69 -35.44
N GLY S 763 -56.91 55.14 -34.79
CA GLY S 763 -56.47 55.61 -33.51
C GLY S 763 -57.03 54.86 -32.32
N THR S 764 -57.94 53.91 -32.55
CA THR S 764 -58.50 53.12 -31.47
C THR S 764 -57.49 52.06 -31.03
N ILE S 765 -57.29 51.96 -29.71
CA ILE S 765 -56.35 50.99 -29.15
C ILE S 765 -57.00 49.61 -29.16
N PRO S 766 -56.41 48.62 -29.83
CA PRO S 766 -57.00 47.28 -29.86
C PRO S 766 -56.49 46.37 -28.75
N ARG S 767 -57.36 45.44 -28.36
CA ARG S 767 -56.96 44.38 -27.43
C ARG S 767 -56.10 43.37 -28.17
N VAL S 768 -54.97 43.03 -27.58
CA VAL S 768 -53.95 42.25 -28.27
C VAL S 768 -53.56 41.04 -27.46
N LEU S 769 -53.17 39.97 -28.16
CA LEU S 769 -52.68 38.75 -27.54
C LEU S 769 -51.37 38.36 -28.21
N THR S 770 -50.34 38.10 -27.41
CA THR S 770 -49.03 37.74 -27.91
C THR S 770 -48.69 36.32 -27.50
N LEU S 771 -48.23 35.53 -28.47
CA LEU S 771 -47.81 34.15 -28.25
C LEU S 771 -46.39 33.99 -28.76
N SER S 772 -45.53 33.40 -27.93
CA SER S 772 -44.13 33.25 -28.27
C SER S 772 -43.53 32.10 -27.47
N PHE S 773 -42.49 31.49 -28.05
CA PHE S 773 -41.74 30.44 -27.38
C PHE S 773 -40.24 30.67 -27.44
N GLY S 774 -39.79 31.67 -28.20
CA GLY S 774 -38.38 32.02 -28.25
C GLY S 774 -37.56 31.29 -29.29
N GLU S 775 -37.25 30.01 -29.05
CA GLU S 775 -36.25 29.31 -29.85
C GLU S 775 -36.77 28.08 -30.56
N GLY S 776 -37.56 27.24 -29.89
CA GLY S 776 -38.10 26.05 -30.52
C GLY S 776 -37.29 24.79 -30.36
N ASN S 777 -36.26 24.81 -29.50
CA ASN S 777 -35.55 23.57 -29.20
C ASN S 777 -36.45 22.62 -28.42
N ARG S 778 -36.05 21.35 -28.38
CA ARG S 778 -36.81 20.38 -27.60
C ARG S 778 -36.81 20.78 -26.14
N GLY S 779 -37.96 21.24 -25.65
CA GLY S 779 -38.07 21.79 -24.32
C GLY S 779 -38.40 23.26 -24.33
N ASP S 780 -39.09 23.72 -25.38
CA ASP S 780 -39.45 25.13 -25.53
C ASP S 780 -40.97 25.26 -25.52
N ALA S 781 -41.52 25.56 -24.35
CA ALA S 781 -42.95 25.78 -24.22
C ALA S 781 -43.34 27.14 -24.81
N VAL S 782 -44.61 27.24 -25.21
CA VAL S 782 -45.14 28.46 -25.81
C VAL S 782 -45.82 29.28 -24.73
N LEU S 783 -45.44 30.54 -24.62
CA LEU S 783 -45.99 31.45 -23.63
C LEU S 783 -47.00 32.38 -24.28
N GLY S 784 -48.10 32.64 -23.58
CA GLY S 784 -49.13 33.54 -24.07
C GLY S 784 -49.42 34.63 -23.06
N VAL S 785 -49.46 35.86 -23.57
CA VAL S 785 -49.74 37.04 -22.75
C VAL S 785 -50.80 37.86 -23.46
N PHE S 786 -51.87 38.20 -22.75
CA PHE S 786 -52.97 38.98 -23.30
C PHE S 786 -53.05 40.31 -22.58
N MET S 787 -53.21 41.39 -23.34
CA MET S 787 -53.39 42.72 -22.80
C MET S 787 -54.61 43.36 -23.45
N ASP S 788 -55.39 44.08 -22.65
CA ASP S 788 -56.60 44.72 -23.13
C ASP S 788 -56.26 46.08 -23.73
N ASP S 789 -57.29 46.84 -24.13
CA ASP S 789 -57.07 48.18 -24.66
C ASP S 789 -56.56 49.14 -23.58
N SER S 790 -56.80 48.81 -22.31
CA SER S 790 -56.35 49.66 -21.22
C SER S 790 -54.83 49.65 -21.05
N GLY S 791 -54.14 48.68 -21.67
CA GLY S 791 -52.71 48.58 -21.53
C GLY S 791 -52.25 47.89 -20.27
N ASP S 792 -53.14 47.21 -19.56
CA ASP S 792 -52.80 46.47 -18.36
C ASP S 792 -52.93 44.97 -18.62
N VAL S 793 -51.96 44.21 -18.10
CA VAL S 793 -51.95 42.76 -18.31
C VAL S 793 -53.18 42.15 -17.65
N LYS S 794 -53.88 41.29 -18.39
CA LYS S 794 -55.09 40.65 -17.90
C LYS S 794 -54.87 39.20 -17.48
N SER S 795 -54.14 38.42 -18.27
CA SER S 795 -53.91 37.01 -17.93
C SER S 795 -52.74 36.49 -18.76
N GLN S 796 -51.92 35.65 -18.14
CA GLN S 796 -50.83 34.97 -18.81
C GLN S 796 -51.01 33.47 -18.66
N ILE S 797 -50.76 32.73 -19.73
CA ILE S 797 -50.99 31.29 -19.76
C ILE S 797 -49.76 30.58 -20.30
N LYS S 798 -49.56 29.34 -19.85
CA LYS S 798 -48.49 28.49 -20.34
C LYS S 798 -49.09 27.31 -21.10
N PHE S 799 -48.49 27.02 -22.25
CA PHE S 799 -48.81 25.82 -23.02
C PHE S 799 -47.62 24.87 -22.93
N ASP S 800 -47.75 23.82 -22.12
CA ASP S 800 -46.65 22.91 -21.85
C ASP S 800 -46.63 21.68 -22.73
N GLU S 801 -47.60 21.53 -23.64
CA GLU S 801 -47.59 20.44 -24.59
C GLU S 801 -46.89 20.86 -25.88
N ASP S 802 -46.62 19.89 -26.75
CA ASP S 802 -46.02 20.18 -28.04
C ASP S 802 -46.98 21.00 -28.89
N PHE S 803 -46.42 22.00 -29.60
CA PHE S 803 -47.23 22.90 -30.40
C PHE S 803 -47.83 22.23 -31.63
N GLN S 804 -47.34 21.05 -32.01
CA GLN S 804 -47.89 20.31 -33.14
C GLN S 804 -48.96 19.31 -32.73
N SER S 805 -49.19 19.14 -31.43
CA SER S 805 -50.19 18.20 -30.94
C SER S 805 -51.59 18.79 -31.03
N ARG S 806 -52.59 17.90 -31.07
CA ARG S 806 -53.98 18.33 -31.01
C ARG S 806 -54.29 19.01 -29.69
N ASP S 807 -53.59 18.60 -28.62
CA ASP S 807 -53.84 19.17 -27.31
C ASP S 807 -53.50 20.66 -27.29
N PHE S 808 -52.40 21.04 -27.95
CA PHE S 808 -52.04 22.45 -28.02
C PHE S 808 -53.12 23.27 -28.69
N SER S 809 -53.61 22.81 -29.83
CA SER S 809 -54.65 23.54 -30.56
C SER S 809 -55.93 23.63 -29.74
N ASP S 810 -56.32 22.52 -29.09
CA ASP S 810 -57.54 22.52 -28.29
C ASP S 810 -57.42 23.48 -27.11
N SER S 811 -56.27 23.47 -26.43
CA SER S 811 -56.08 24.36 -25.30
C SER S 811 -56.08 25.82 -25.74
N LEU S 812 -55.44 26.11 -26.88
CA LEU S 812 -55.44 27.48 -27.38
C LEU S 812 -56.85 27.93 -27.76
N THR S 813 -57.63 27.05 -28.39
CA THR S 813 -59.00 27.40 -28.73
C THR S 813 -59.83 27.65 -27.48
N ARG S 814 -59.66 26.81 -26.45
CA ARG S 814 -60.39 27.01 -25.21
C ARG S 814 -60.01 28.34 -24.57
N TYR S 815 -58.71 28.66 -24.53
CA TYR S 815 -58.27 29.93 -23.98
C TYR S 815 -58.85 31.10 -24.76
N ILE S 816 -58.88 30.99 -26.08
CA ILE S 816 -59.36 32.08 -26.92
C ILE S 816 -60.85 32.30 -26.71
N LYS S 817 -61.64 31.22 -26.70
CA LYS S 817 -63.09 31.36 -26.72
C LYS S 817 -63.70 31.42 -25.32
N SER S 818 -63.43 30.41 -24.48
CA SER S 818 -64.19 30.23 -23.25
C SER S 818 -64.00 31.42 -22.30
N ASN S 819 -62.78 31.92 -22.17
CA ASN S 819 -62.47 32.95 -21.20
C ASN S 819 -62.89 34.35 -21.63
N ASN S 820 -63.64 34.47 -22.73
CA ASN S 820 -64.14 35.74 -23.23
C ASN S 820 -63.02 36.75 -23.50
N ILE S 821 -61.82 36.26 -23.78
CA ILE S 821 -60.67 37.14 -24.00
C ILE S 821 -60.90 38.00 -25.24
N ASN S 822 -61.24 37.37 -26.36
CA ASN S 822 -61.56 38.04 -27.61
C ASN S 822 -60.51 39.08 -28.01
N PRO S 823 -59.26 38.66 -28.27
CA PRO S 823 -58.24 39.62 -28.69
C PRO S 823 -58.48 40.09 -30.13
N ASP S 824 -58.20 41.37 -30.37
CA ASP S 824 -58.45 41.93 -31.70
C ASP S 824 -57.39 41.52 -32.72
N ILE S 825 -56.14 41.35 -32.28
CA ILE S 825 -55.07 40.92 -33.17
C ILE S 825 -54.10 40.07 -32.36
N ILE S 826 -53.52 39.06 -33.01
CA ILE S 826 -52.60 38.14 -32.38
C ILE S 826 -51.22 38.34 -33.00
N GLY S 827 -50.22 38.54 -32.16
CA GLY S 827 -48.85 38.78 -32.61
C GLY S 827 -47.97 37.58 -32.29
N ILE S 828 -47.13 37.22 -33.25
CA ILE S 828 -46.21 36.09 -33.12
C ILE S 828 -44.81 36.56 -33.50
N SER S 829 -43.84 36.23 -32.65
CA SER S 829 -42.45 36.60 -32.90
C SER S 829 -41.54 35.61 -32.20
N GLY S 830 -40.28 35.61 -32.62
CA GLY S 830 -39.30 34.70 -32.06
C GLY S 830 -37.89 35.13 -32.41
N PHE S 831 -36.95 34.22 -32.19
CA PHE S 831 -35.54 34.49 -32.44
C PHE S 831 -34.98 33.75 -33.65
N ASN S 832 -35.71 32.78 -34.19
CA ASN S 832 -35.20 31.98 -35.30
C ASN S 832 -36.36 31.57 -36.20
N ILE S 833 -36.05 30.71 -37.17
CA ILE S 833 -37.04 30.29 -38.16
C ILE S 833 -38.06 29.32 -37.59
N HIS S 834 -37.80 28.76 -36.40
CA HIS S 834 -38.76 27.85 -35.80
C HIS S 834 -40.09 28.54 -35.53
N THR S 835 -40.05 29.87 -35.34
CA THR S 835 -41.28 30.61 -35.09
C THR S 835 -42.20 30.61 -36.31
N LYS S 836 -41.63 30.41 -37.51
CA LYS S 836 -42.45 30.39 -38.71
C LYS S 836 -43.45 29.25 -38.69
N LYS S 837 -43.03 28.08 -38.21
CA LYS S 837 -43.93 26.95 -38.11
C LYS S 837 -45.06 27.23 -37.12
N LEU S 838 -44.74 27.88 -36.00
CA LEU S 838 -45.78 28.28 -35.06
C LEU S 838 -46.76 29.24 -35.71
N PHE S 839 -46.24 30.20 -36.48
CA PHE S 839 -47.10 31.16 -37.16
C PHE S 839 -48.04 30.46 -38.13
N ASP S 840 -47.50 29.52 -38.90
CA ASP S 840 -48.32 28.77 -39.85
C ASP S 840 -49.38 27.94 -39.13
N LYS S 841 -49.00 27.29 -38.04
CA LYS S 841 -49.93 26.48 -37.28
C LYS S 841 -51.05 27.33 -36.70
N VAL S 842 -50.70 28.51 -36.17
CA VAL S 842 -51.69 29.42 -35.62
C VAL S 842 -52.63 29.92 -36.70
N ASN S 843 -52.08 30.26 -37.87
CA ASN S 843 -52.91 30.72 -38.98
C ASN S 843 -53.88 29.63 -39.42
N GLU S 844 -53.39 28.38 -39.50
CA GLU S 844 -54.27 27.27 -39.85
C GLU S 844 -55.36 27.08 -38.80
N LEU S 845 -55.01 27.21 -37.52
CA LEU S 845 -56.00 27.07 -36.46
C LEU S 845 -57.07 28.15 -36.57
N VAL S 846 -56.65 29.39 -36.85
CA VAL S 846 -57.60 30.49 -37.00
C VAL S 846 -58.51 30.25 -38.19
N ASN S 847 -57.93 29.82 -39.31
CA ASN S 847 -58.72 29.51 -40.50
C ASN S 847 -59.66 28.33 -40.29
N GLU S 848 -59.33 27.41 -39.38
CA GLU S 848 -60.13 26.22 -39.15
C GLU S 848 -61.28 26.47 -38.18
N GLU S 849 -61.01 27.14 -37.06
CA GLU S 849 -62.02 27.33 -36.03
C GLU S 849 -62.85 28.60 -36.20
N ARG S 850 -62.58 29.39 -37.24
CA ARG S 850 -63.37 30.58 -37.56
C ARG S 850 -63.48 31.51 -36.36
N LEU S 851 -62.34 31.75 -35.71
CA LEU S 851 -62.30 32.57 -34.49
C LEU S 851 -62.47 34.03 -34.87
N THR S 852 -63.71 34.41 -35.12
CA THR S 852 -64.03 35.78 -35.48
C THR S 852 -64.00 36.68 -34.23
N ILE S 853 -63.65 37.95 -34.47
CA ILE S 853 -63.59 38.91 -33.37
C ILE S 853 -64.99 39.23 -32.86
N GLU S 854 -65.11 39.34 -31.54
CA GLU S 854 -66.37 39.75 -30.93
C GLU S 854 -66.56 41.25 -31.13
N TYR S 855 -67.73 41.62 -31.68
CA TYR S 855 -68.05 43.01 -31.94
C TYR S 855 -69.22 43.43 -31.06
N ASP S 856 -69.03 44.49 -30.29
CA ASP S 856 -70.06 44.95 -29.36
C ASP S 856 -71.28 45.46 -30.12
N ASN S 857 -72.47 45.12 -29.62
CA ASN S 857 -73.71 45.53 -30.26
C ASN S 857 -74.16 46.90 -29.78
N SER S 869 -74.25 40.28 -41.38
CA SER S 869 -73.20 40.45 -40.39
C SER S 869 -72.03 39.51 -40.66
N ASP S 870 -71.12 39.94 -41.54
CA ASP S 870 -69.94 39.16 -41.88
C ASP S 870 -68.86 39.43 -40.84
N LYS S 871 -68.83 38.60 -39.80
CA LYS S 871 -67.82 38.75 -38.77
C LYS S 871 -66.43 38.47 -39.33
N HIS S 872 -65.47 39.32 -38.98
CA HIS S 872 -64.12 39.23 -39.51
C HIS S 872 -63.23 38.41 -38.59
N LEU S 873 -62.27 37.72 -39.19
CA LEU S 873 -61.35 36.87 -38.44
C LEU S 873 -60.31 37.71 -37.72
N ILE S 874 -59.76 37.13 -36.65
CA ILE S 874 -58.73 37.82 -35.88
C ILE S 874 -57.40 37.68 -36.59
N ARG S 875 -56.75 38.82 -36.86
CA ARG S 875 -55.54 38.83 -37.67
C ARG S 875 -54.35 38.28 -36.88
N VAL S 876 -53.46 37.58 -37.60
CA VAL S 876 -52.24 37.03 -37.03
C VAL S 876 -51.07 37.49 -37.90
N ILE S 877 -50.15 38.25 -37.31
CA ILE S 877 -49.03 38.83 -38.05
C ILE S 877 -47.76 38.69 -37.23
N TYR S 878 -46.63 38.86 -37.91
CA TYR S 878 -45.34 38.99 -37.23
C TYR S 878 -45.20 40.39 -36.63
N VAL S 879 -44.34 40.51 -35.63
CA VAL S 879 -44.15 41.75 -34.90
C VAL S 879 -42.66 42.05 -34.82
N ASN S 880 -42.28 43.28 -35.17
CA ASN S 880 -40.91 43.73 -34.97
C ASN S 880 -40.63 43.84 -33.48
N ASP S 881 -39.42 43.44 -33.06
CA ASP S 881 -39.19 43.18 -31.64
C ASP S 881 -37.86 43.73 -31.13
N GLU S 882 -37.35 44.81 -31.72
CA GLU S 882 -36.18 45.46 -31.12
C GLU S 882 -36.51 46.01 -29.75
N THR S 883 -37.63 46.73 -29.65
CA THR S 883 -38.06 47.27 -28.38
C THR S 883 -38.40 46.16 -27.39
N ALA S 884 -39.00 45.06 -27.88
CA ALA S 884 -39.30 43.94 -27.01
C ALA S 884 -38.03 43.28 -26.48
N ARG S 885 -37.04 43.09 -27.36
CA ARG S 885 -35.77 42.50 -26.94
C ARG S 885 -35.08 43.38 -25.89
N LEU S 886 -35.11 44.70 -26.10
CA LEU S 886 -34.50 45.59 -25.12
C LEU S 886 -35.31 45.66 -23.83
N TYR S 887 -36.62 45.47 -23.92
CA TYR S 887 -37.48 45.56 -22.74
C TYR S 887 -37.34 44.31 -21.87
N GLN S 888 -37.10 43.16 -22.49
CA GLN S 888 -36.94 41.93 -21.72
C GLN S 888 -35.69 41.96 -20.85
N HIS S 889 -34.74 42.84 -21.16
CA HIS S 889 -33.53 42.99 -20.37
C HIS S 889 -33.52 44.23 -19.48
N SER S 890 -34.46 45.16 -19.69
CA SER S 890 -34.49 46.39 -18.91
C SER S 890 -34.99 46.11 -17.49
N SER S 891 -34.37 46.78 -16.51
CA SER S 891 -34.81 46.64 -15.13
C SER S 891 -36.15 47.30 -14.88
N LYS S 892 -36.61 48.14 -15.81
CA LYS S 892 -37.95 48.73 -15.68
C LYS S 892 -39.02 47.64 -15.68
N SER S 893 -38.89 46.65 -16.57
CA SER S 893 -39.81 45.54 -16.57
C SER S 893 -39.72 44.74 -15.26
N SER S 894 -38.50 44.53 -14.77
CA SER S 894 -38.31 43.77 -13.54
C SER S 894 -39.00 44.47 -12.36
N ALA S 895 -38.86 45.78 -12.25
CA ALA S 895 -39.57 46.52 -11.21
C ALA S 895 -41.08 46.45 -11.45
N GLU S 896 -41.50 46.58 -12.71
CA GLU S 896 -42.93 46.50 -13.02
C GLU S 896 -43.48 45.11 -12.77
N TYR S 897 -42.73 44.07 -13.16
CA TYR S 897 -43.16 42.68 -13.04
C TYR S 897 -42.06 41.89 -12.33
N PRO S 898 -42.07 41.88 -10.99
CA PRO S 898 -41.01 41.18 -10.25
C PRO S 898 -41.15 39.66 -10.23
N ASN S 899 -42.33 39.13 -10.51
CA ASN S 899 -42.59 37.69 -10.44
C ASN S 899 -43.01 37.13 -11.80
N ARG S 900 -42.33 37.55 -12.85
CA ARG S 900 -42.68 37.10 -14.19
C ARG S 900 -41.43 36.65 -14.95
N PRO S 901 -41.58 35.68 -15.85
CA PRO S 901 -40.43 35.22 -16.63
C PRO S 901 -40.01 36.25 -17.67
N GLN S 902 -38.81 36.03 -18.22
CA GLN S 902 -38.29 36.92 -19.24
C GLN S 902 -39.12 36.85 -20.52
N LEU S 903 -39.59 35.66 -20.88
CA LEU S 903 -40.44 35.54 -22.06
C LEU S 903 -41.76 36.26 -21.87
N ALA S 904 -42.29 36.27 -20.65
CA ALA S 904 -43.49 37.07 -20.37
C ALA S 904 -43.21 38.56 -20.60
N LYS S 905 -42.04 39.03 -20.16
CA LYS S 905 -41.68 40.42 -20.40
C LYS S 905 -41.55 40.71 -21.89
N TYR S 906 -40.98 39.77 -22.63
CA TYR S 906 -40.85 39.93 -24.08
C TYR S 906 -42.22 40.02 -24.75
N CYS S 907 -43.15 39.14 -24.36
CA CYS S 907 -44.49 39.18 -24.92
C CYS S 907 -45.21 40.48 -24.54
N ILE S 908 -45.02 40.94 -23.30
CA ILE S 908 -45.61 42.21 -22.88
C ILE S 908 -45.06 43.36 -23.70
N GLY S 909 -43.76 43.34 -23.97
CA GLY S 909 -43.17 44.36 -24.82
C GLY S 909 -43.73 44.34 -26.23
N LEU S 910 -43.90 43.14 -26.79
CA LEU S 910 -44.51 43.03 -28.12
C LEU S 910 -45.93 43.60 -28.12
N ALA S 911 -46.72 43.25 -27.10
CA ALA S 911 -48.09 43.73 -27.02
C ALA S 911 -48.14 45.25 -26.88
N LYS S 912 -47.26 45.81 -26.06
CA LYS S 912 -47.23 47.26 -25.89
C LYS S 912 -46.77 47.95 -27.16
N TYR S 913 -45.83 47.34 -27.90
CA TYR S 913 -45.42 47.89 -29.18
C TYR S 913 -46.57 47.92 -30.17
N ILE S 914 -47.36 46.84 -30.21
CA ILE S 914 -48.53 46.82 -31.08
C ILE S 914 -49.53 47.89 -30.66
N GLN S 915 -49.77 48.02 -29.35
CA GLN S 915 -50.71 49.02 -28.86
C GLN S 915 -50.23 50.44 -29.17
N SER S 916 -48.94 50.71 -28.97
CA SER S 916 -48.42 52.05 -29.17
C SER S 916 -46.92 52.01 -29.45
N PRO S 917 -46.52 51.98 -30.73
CA PRO S 917 -45.09 51.95 -31.03
C PRO S 917 -44.33 53.16 -30.51
N LEU S 918 -44.96 54.35 -30.52
CA LEU S 918 -44.25 55.56 -30.12
C LEU S 918 -43.82 55.51 -28.66
N LEU S 919 -44.73 55.09 -27.78
CA LEU S 919 -44.40 55.03 -26.36
C LEU S 919 -43.32 54.00 -26.09
N GLU S 920 -43.35 52.87 -26.79
CA GLU S 920 -42.30 51.86 -26.63
C GLU S 920 -40.96 52.40 -27.10
N TYR S 921 -40.93 53.10 -28.23
CA TYR S 921 -39.68 53.72 -28.68
C TYR S 921 -39.20 54.76 -27.70
N LEU S 922 -40.12 55.45 -27.02
CA LEU S 922 -39.73 56.40 -25.98
C LEU S 922 -39.14 55.67 -24.78
N ALA S 923 -39.67 54.50 -24.44
CA ALA S 923 -39.22 53.77 -23.27
C ALA S 923 -37.76 53.33 -23.37
N LEU S 924 -37.20 53.32 -24.58
CA LEU S 924 -35.81 52.95 -24.74
C LEU S 924 -34.85 53.91 -24.06
N ASP S 925 -35.26 55.17 -23.88
CA ASP S 925 -34.44 56.19 -23.24
C ASP S 925 -33.11 56.35 -23.96
N GLU S 926 -32.05 55.75 -23.41
CA GLU S 926 -30.73 55.85 -24.01
C GLU S 926 -30.45 54.74 -25.01
N SER S 927 -31.05 53.56 -24.82
CA SER S 927 -30.78 52.44 -25.71
C SER S 927 -31.40 52.64 -27.08
N MET S 928 -32.27 53.63 -27.26
CA MET S 928 -32.81 53.91 -28.58
C MET S 928 -31.72 54.33 -29.56
N TYR S 929 -30.66 54.95 -29.06
CA TYR S 929 -29.55 55.38 -29.91
C TYR S 929 -28.76 54.21 -30.48
N SER S 930 -28.88 53.02 -29.88
CA SER S 930 -28.18 51.83 -30.36
C SER S 930 -28.99 51.04 -31.38
N LEU S 931 -30.22 51.47 -31.68
CA LEU S 931 -31.01 50.81 -32.70
C LEU S 931 -30.38 51.01 -34.07
N HIS S 932 -30.57 50.03 -34.94
CA HIS S 932 -30.09 50.14 -36.32
C HIS S 932 -31.04 51.06 -37.07
N ILE S 933 -30.67 52.34 -37.16
CA ILE S 933 -31.49 53.35 -37.81
C ILE S 933 -31.11 53.54 -39.27
N HIS S 934 -29.81 53.74 -39.52
CA HIS S 934 -29.31 53.95 -40.87
C HIS S 934 -28.08 53.08 -41.08
N LYS S 935 -27.80 52.79 -42.35
CA LYS S 935 -26.67 51.93 -42.69
C LYS S 935 -25.36 52.52 -42.20
N HIS S 936 -25.18 53.82 -42.36
CA HIS S 936 -23.98 54.53 -41.92
C HIS S 936 -24.27 55.41 -40.72
N GLN S 937 -25.12 54.93 -39.82
CA GLN S 937 -25.48 55.70 -38.64
C GLN S 937 -24.27 55.95 -37.74
N ASN S 938 -23.28 55.05 -37.75
CA ASN S 938 -22.11 55.19 -36.90
C ASN S 938 -21.09 56.17 -37.46
N LEU S 939 -21.23 56.57 -38.74
CA LEU S 939 -20.29 57.52 -39.31
C LEU S 939 -20.47 58.91 -38.71
N LEU S 940 -21.70 59.29 -38.39
CA LEU S 940 -21.95 60.58 -37.77
C LEU S 940 -21.43 60.59 -36.34
N PRO S 941 -21.02 61.77 -35.85
CA PRO S 941 -20.64 61.88 -34.43
C PRO S 941 -21.84 61.62 -33.53
N ARG S 942 -21.56 61.19 -32.31
CA ARG S 942 -22.63 60.82 -31.38
C ARG S 942 -23.55 62.00 -31.11
N GLU S 943 -22.98 63.20 -30.95
CA GLU S 943 -23.82 64.37 -30.69
C GLU S 943 -24.77 64.66 -31.85
N LYS S 944 -24.27 64.55 -33.09
CA LYS S 944 -25.13 64.79 -34.24
C LYS S 944 -26.23 63.76 -34.36
N LEU S 945 -25.92 62.48 -34.16
CA LEU S 945 -26.94 61.45 -34.21
C LEU S 945 -27.98 61.65 -33.10
N ILE S 946 -27.52 61.99 -31.90
CA ILE S 946 -28.44 62.24 -30.80
C ILE S 946 -29.35 63.42 -31.13
N ASP S 947 -28.79 64.49 -31.69
CA ASP S 947 -29.59 65.64 -32.06
C ASP S 947 -30.62 65.29 -33.14
N ALA S 948 -30.20 64.48 -34.12
CA ALA S 948 -31.15 64.06 -35.17
C ALA S 948 -32.29 63.25 -34.58
N VAL S 949 -31.97 62.33 -33.66
CA VAL S 949 -33.01 61.52 -33.02
C VAL S 949 -33.96 62.42 -32.22
N GLN S 950 -33.38 63.39 -31.49
CA GLN S 950 -34.21 64.30 -30.71
C GLN S 950 -35.15 65.10 -31.60
N THR S 951 -34.63 65.62 -32.72
CA THR S 951 -35.46 66.40 -33.63
C THR S 951 -36.57 65.54 -34.22
N SER S 952 -36.24 64.32 -34.65
CA SER S 952 -37.27 63.44 -35.23
C SER S 952 -38.36 63.13 -34.22
N ILE S 953 -37.97 62.77 -32.99
CA ILE S 953 -38.96 62.38 -32.00
C ILE S 953 -39.80 63.58 -31.57
N VAL S 954 -39.19 64.76 -31.46
CA VAL S 954 -39.96 65.96 -31.13
C VAL S 954 -40.97 66.26 -32.22
N ASP S 955 -40.55 66.17 -33.49
CA ASP S 955 -41.46 66.40 -34.60
C ASP S 955 -42.63 65.42 -34.54
N ILE S 956 -42.34 64.14 -34.34
CA ILE S 956 -43.39 63.13 -34.36
C ILE S 956 -44.36 63.33 -33.19
N VAL S 957 -43.82 63.54 -31.99
CA VAL S 957 -44.69 63.68 -30.82
C VAL S 957 -45.52 64.95 -30.89
N ASN S 958 -44.98 66.02 -31.50
CA ASN S 958 -45.77 67.23 -31.66
C ASN S 958 -46.83 67.04 -32.74
N LEU S 959 -46.54 66.25 -33.77
CA LEU S 959 -47.57 65.90 -34.74
C LEU S 959 -48.66 65.05 -34.10
N VAL S 960 -48.31 64.30 -33.06
CA VAL S 960 -49.29 63.42 -32.41
C VAL S 960 -50.12 64.19 -31.38
N GLY S 961 -49.47 64.77 -30.39
CA GLY S 961 -50.14 65.43 -29.30
C GLY S 961 -50.20 64.58 -28.04
N VAL S 962 -50.13 65.24 -26.89
CA VAL S 962 -50.02 64.57 -25.60
C VAL S 962 -51.13 65.05 -24.69
N ASP S 963 -51.81 64.10 -24.03
CA ASP S 963 -52.84 64.42 -23.05
C ASP S 963 -52.19 64.68 -21.71
N ILE S 964 -52.41 65.88 -21.16
CA ILE S 964 -51.79 66.24 -19.89
C ILE S 964 -52.38 65.42 -18.74
N ASN S 965 -53.70 65.22 -18.75
CA ASN S 965 -54.35 64.50 -17.65
C ASN S 965 -53.89 63.05 -17.60
N GLU S 966 -53.82 62.39 -18.75
CA GLU S 966 -53.34 61.00 -18.77
C GLU S 966 -51.86 60.94 -18.42
N ALA S 967 -51.09 61.92 -18.84
CA ALA S 967 -49.67 61.96 -18.49
C ALA S 967 -49.49 62.05 -16.98
N VAL S 968 -50.30 62.89 -16.32
CA VAL S 968 -50.26 62.97 -14.87
C VAL S 968 -50.72 61.64 -14.26
N ARG S 969 -51.76 61.04 -14.83
CA ARG S 969 -52.30 59.79 -14.28
C ARG S 969 -51.28 58.66 -14.38
N ALA S 970 -50.57 58.57 -15.48
CA ALA S 970 -49.62 57.48 -15.71
C ALA S 970 -48.31 58.02 -16.25
N PRO S 971 -47.19 57.73 -15.59
CA PRO S 971 -45.88 58.17 -16.11
C PRO S 971 -45.56 57.60 -17.49
N TYR S 972 -46.06 56.39 -17.79
CA TYR S 972 -45.80 55.78 -19.09
C TYR S 972 -46.28 56.67 -20.22
N HIS S 973 -47.47 57.24 -20.09
CA HIS S 973 -47.94 58.23 -21.05
C HIS S 973 -47.25 59.58 -20.86
N ALA S 974 -46.60 59.79 -19.71
CA ALA S 974 -45.89 61.03 -19.46
C ALA S 974 -44.48 61.04 -20.03
N LEU S 975 -43.99 59.89 -20.53
CA LEU S 975 -42.71 59.88 -21.22
C LEU S 975 -42.67 60.87 -22.39
N ALA S 976 -43.82 61.12 -23.02
CA ALA S 976 -43.85 62.00 -24.18
C ALA S 976 -43.88 63.48 -23.81
N LEU S 977 -44.07 63.81 -22.53
CA LEU S 977 -44.17 65.21 -22.14
C LEU S 977 -42.91 66.02 -22.43
N PRO S 978 -41.69 65.56 -22.10
CA PRO S 978 -40.50 66.39 -22.35
C PRO S 978 -40.25 66.71 -23.81
N TYR S 979 -40.74 65.91 -24.75
CA TYR S 979 -40.42 66.11 -26.16
C TYR S 979 -41.35 67.09 -26.85
N VAL S 980 -42.34 67.65 -26.15
CA VAL S 980 -43.20 68.67 -26.73
C VAL S 980 -42.39 69.95 -26.94
N CYS S 981 -42.74 70.70 -27.98
CA CYS S 981 -42.05 71.96 -28.26
C CYS S 981 -42.24 72.94 -27.12
N GLY S 982 -41.19 73.72 -26.86
CA GLY S 982 -41.22 74.67 -25.76
C GLY S 982 -40.88 74.01 -24.43
N LEU S 983 -41.35 72.78 -24.25
CA LEU S 983 -41.11 72.03 -23.03
C LEU S 983 -39.71 71.41 -23.05
N GLY S 984 -39.44 70.54 -22.08
CA GLY S 984 -38.20 69.85 -21.96
C GLY S 984 -38.23 68.98 -20.72
N PRO S 985 -37.20 68.12 -20.53
CA PRO S 985 -37.20 67.21 -19.38
C PRO S 985 -37.41 67.93 -18.05
N ARG S 986 -36.56 68.91 -17.78
CA ARG S 986 -36.71 69.68 -16.55
C ARG S 986 -38.04 70.41 -16.54
N LYS S 987 -38.39 71.06 -17.66
CA LYS S 987 -39.64 71.82 -17.73
C LYS S 987 -40.84 70.91 -17.59
N ALA S 988 -40.83 69.76 -18.27
CA ALA S 988 -41.95 68.83 -18.15
C ALA S 988 -42.09 68.29 -16.74
N ALA S 989 -40.96 67.98 -16.08
CA ALA S 989 -41.02 67.51 -14.70
C ALA S 989 -41.62 68.56 -13.79
N GLY S 990 -41.16 69.81 -13.91
CA GLY S 990 -41.73 70.88 -13.10
C GLY S 990 -43.20 71.10 -13.37
N LEU S 991 -43.59 71.05 -14.65
CA LEU S 991 -45.00 71.24 -15.01
C LEU S 991 -45.87 70.14 -14.43
N ILE S 992 -45.44 68.88 -14.54
CA ILE S 992 -46.24 67.79 -14.01
C ILE S 992 -46.30 67.84 -12.49
N GLN S 993 -45.20 68.24 -11.84
CA GLN S 993 -45.21 68.39 -10.39
C GLN S 993 -46.18 69.49 -9.96
N SER S 994 -46.17 70.62 -10.66
CA SER S 994 -47.10 71.70 -10.34
C SER S 994 -48.54 71.27 -10.56
N ILE S 995 -48.81 70.56 -11.65
CA ILE S 995 -50.17 70.09 -11.91
C ILE S 995 -50.62 69.14 -10.81
N GLN S 996 -49.74 68.21 -10.42
CA GLN S 996 -50.09 67.27 -9.35
C GLN S 996 -50.36 67.99 -8.03
N ARG S 997 -49.54 69.00 -7.71
CA ARG S 997 -49.75 69.74 -6.48
C ARG S 997 -51.06 70.51 -6.51
N ILE S 998 -51.40 71.11 -7.66
CA ILE S 998 -52.64 71.88 -7.77
C ILE S 998 -53.85 70.97 -7.63
N GLY S 999 -53.85 69.83 -8.32
CA GLY S 999 -55.00 68.95 -8.27
C GLY S 999 -54.79 67.72 -9.11
N SER S 1000 -55.87 66.97 -9.30
CA SER S 1000 -55.82 65.74 -10.08
C SER S 1000 -55.74 65.96 -11.57
N ASN S 1001 -56.26 67.09 -12.08
CA ASN S 1001 -56.28 67.34 -13.51
C ASN S 1001 -56.35 68.84 -13.77
N LEU S 1002 -56.04 69.21 -15.01
CA LEU S 1002 -56.15 70.59 -15.46
C LEU S 1002 -57.54 70.85 -16.02
N VAL S 1003 -58.08 72.02 -15.70
CA VAL S 1003 -59.44 72.34 -16.13
C VAL S 1003 -59.46 72.77 -17.60
N ASN S 1004 -58.64 73.76 -17.94
CA ASN S 1004 -58.62 74.27 -19.31
C ASN S 1004 -57.25 74.87 -19.60
N ARG S 1005 -57.00 75.14 -20.89
CA ARG S 1005 -55.68 75.60 -21.32
C ARG S 1005 -55.35 76.96 -20.72
N ALA S 1006 -56.35 77.82 -20.53
CA ALA S 1006 -56.10 79.14 -19.94
C ALA S 1006 -55.51 79.02 -18.55
N HIS S 1007 -55.84 77.96 -17.82
CA HIS S 1007 -55.31 77.79 -16.47
C HIS S 1007 -53.81 77.56 -16.47
N LEU S 1008 -53.23 77.12 -17.60
CA LEU S 1008 -51.78 77.04 -17.70
C LEU S 1008 -51.13 78.41 -17.52
N ILE S 1009 -51.86 79.48 -17.83
CA ILE S 1009 -51.38 80.84 -17.60
C ILE S 1009 -51.91 81.39 -16.28
N THR S 1010 -53.20 81.22 -16.00
CA THR S 1010 -53.77 81.79 -14.79
C THR S 1010 -53.17 81.18 -13.53
N GLU S 1011 -52.97 79.87 -13.51
CA GLU S 1011 -52.44 79.21 -12.32
C GLU S 1011 -50.92 79.32 -12.20
N GLN S 1012 -50.30 80.22 -12.97
CA GLN S 1012 -48.85 80.46 -12.92
C GLN S 1012 -48.07 79.17 -13.23
N LEU S 1013 -48.65 78.33 -14.09
CA LEU S 1013 -48.02 77.06 -14.41
C LEU S 1013 -46.87 77.19 -15.39
N THR S 1014 -46.82 78.29 -16.14
CA THR S 1014 -45.76 78.48 -17.13
C THR S 1014 -45.65 79.96 -17.45
N SER S 1015 -44.74 80.27 -18.36
CA SER S 1015 -44.55 81.63 -18.86
C SER S 1015 -45.37 81.82 -20.14
N LYS S 1016 -45.13 82.91 -20.85
CA LYS S 1016 -45.98 83.27 -22.00
C LYS S 1016 -45.53 82.58 -23.28
N THR S 1017 -44.25 82.71 -23.63
CA THR S 1017 -43.78 82.13 -24.89
C THR S 1017 -43.86 80.61 -24.87
N VAL S 1018 -43.51 80.01 -23.73
CA VAL S 1018 -43.60 78.55 -23.61
C VAL S 1018 -45.04 78.10 -23.80
N PHE S 1019 -45.98 78.80 -23.16
CA PHE S 1019 -47.39 78.47 -23.32
C PHE S 1019 -47.84 78.62 -24.76
N LEU S 1020 -47.42 79.71 -25.42
CA LEU S 1020 -47.82 79.93 -26.81
C LEU S 1020 -47.28 78.82 -27.71
N ASN S 1021 -46.06 78.37 -27.46
CA ASN S 1021 -45.49 77.30 -28.27
C ASN S 1021 -46.21 75.97 -28.02
N MET S 1022 -46.45 75.64 -26.76
CA MET S 1022 -47.00 74.34 -26.38
C MET S 1022 -48.52 74.32 -26.32
N ALA S 1023 -49.19 75.42 -26.66
CA ALA S 1023 -50.62 75.53 -26.41
C ALA S 1023 -51.42 74.50 -27.19
N SER S 1024 -51.21 74.41 -28.50
CA SER S 1024 -52.05 73.56 -29.34
C SER S 1024 -51.66 72.09 -29.24
N PHE S 1025 -50.45 71.78 -28.78
CA PHE S 1025 -49.97 70.40 -28.73
C PHE S 1025 -50.36 69.67 -27.45
N VAL S 1026 -50.97 70.36 -26.48
CA VAL S 1026 -51.46 69.74 -25.26
C VAL S 1026 -52.96 69.99 -25.18
N TYR S 1027 -53.70 68.99 -24.71
CA TYR S 1027 -55.15 69.03 -24.78
C TYR S 1027 -55.76 68.38 -23.54
N ILE S 1028 -57.05 68.66 -23.34
CA ILE S 1028 -57.86 68.01 -22.32
C ILE S 1028 -59.07 67.39 -23.01
N VAL S 1029 -59.35 66.13 -22.69
CA VAL S 1029 -60.43 65.39 -23.34
C VAL S 1029 -61.77 65.97 -22.89
N PHE S 1030 -62.51 66.53 -23.84
CA PHE S 1030 -63.85 67.04 -23.55
C PHE S 1030 -64.84 65.90 -23.41
N ASP S 1031 -65.85 66.13 -22.57
CA ASP S 1031 -66.88 65.12 -22.33
C ASP S 1031 -68.26 65.76 -22.37
N PRO S 1032 -69.15 65.31 -23.26
CA PRO S 1032 -70.50 65.87 -23.30
C PRO S 1032 -71.30 65.66 -22.03
N ASP S 1033 -70.93 64.67 -21.20
CA ASP S 1033 -71.63 64.47 -19.93
C ASP S 1033 -71.44 65.68 -19.01
N VAL S 1034 -70.22 66.23 -18.98
CA VAL S 1034 -69.95 67.41 -18.15
C VAL S 1034 -70.35 68.69 -18.88
N GLU S 1035 -70.69 68.61 -20.16
CA GLU S 1035 -71.07 69.78 -20.96
C GLU S 1035 -72.39 70.40 -20.52
N ARG S 1036 -73.16 69.72 -19.66
CA ARG S 1036 -74.52 70.13 -19.37
C ARG S 1036 -74.61 71.59 -18.92
N ASN S 1037 -73.67 72.04 -18.10
CA ASN S 1037 -73.67 73.43 -17.66
C ASN S 1037 -72.99 74.31 -18.71
N PRO S 1038 -73.65 75.35 -19.20
CA PRO S 1038 -72.96 76.27 -20.13
C PRO S 1038 -71.74 76.94 -19.51
N GLN S 1039 -71.75 77.18 -18.20
CA GLN S 1039 -70.62 77.82 -17.53
C GLN S 1039 -69.37 76.93 -17.46
N GLY S 1040 -69.37 75.79 -18.12
CA GLY S 1040 -68.24 74.89 -18.09
C GLY S 1040 -66.94 75.52 -18.53
N GLU S 1041 -65.98 75.61 -17.60
CA GLU S 1041 -64.68 76.18 -17.91
C GLU S 1041 -63.89 75.34 -18.91
N MET S 1042 -64.18 74.04 -18.98
CA MET S 1042 -63.48 73.15 -19.90
C MET S 1042 -63.93 73.42 -21.32
N ASP S 1043 -63.18 74.26 -22.04
CA ASP S 1043 -63.56 74.63 -23.40
C ASP S 1043 -63.46 73.43 -24.33
N LEU S 1044 -64.43 73.33 -25.24
CA LEU S 1044 -64.42 72.24 -26.22
C LEU S 1044 -63.24 72.39 -27.18
N LEU S 1045 -62.88 73.63 -27.52
CA LEU S 1045 -61.76 73.86 -28.42
C LEU S 1045 -60.43 73.42 -27.82
N ASP S 1046 -60.39 73.17 -26.52
CA ASP S 1046 -59.18 72.66 -25.88
C ASP S 1046 -58.86 71.23 -26.27
N SER S 1047 -59.79 70.53 -26.92
CA SER S 1047 -59.58 69.16 -27.40
C SER S 1047 -59.35 69.14 -28.90
N THR S 1048 -58.78 70.21 -29.45
CA THR S 1048 -58.54 70.33 -30.87
C THR S 1048 -57.14 70.89 -31.09
N ARG S 1049 -56.66 70.78 -32.33
CA ARG S 1049 -55.39 71.37 -32.73
C ARG S 1049 -55.47 72.89 -32.88
N ILE S 1050 -56.67 73.47 -32.76
CA ILE S 1050 -56.83 74.91 -32.91
C ILE S 1050 -56.10 75.62 -31.78
N HIS S 1051 -55.27 76.59 -32.12
CA HIS S 1051 -54.52 77.32 -31.11
C HIS S 1051 -55.47 78.16 -30.27
N PRO S 1052 -55.18 78.34 -28.98
CA PRO S 1052 -56.03 79.22 -28.15
C PRO S 1052 -56.13 80.64 -28.69
N GLU S 1053 -55.09 81.11 -29.38
CA GLU S 1053 -55.14 82.44 -30.00
C GLU S 1053 -56.14 82.51 -31.14
N ASP S 1054 -56.63 81.36 -31.64
CA ASP S 1054 -57.59 81.33 -32.72
C ASP S 1054 -58.96 80.80 -32.28
N TYR S 1055 -59.23 80.78 -30.97
CA TYR S 1055 -60.52 80.33 -30.49
C TYR S 1055 -61.65 81.26 -30.94
N SER S 1056 -61.38 82.56 -30.95
CA SER S 1056 -62.36 83.52 -31.45
C SER S 1056 -62.64 83.30 -32.94
N LEU S 1057 -61.60 83.03 -33.72
CA LEU S 1057 -61.77 82.76 -35.14
C LEU S 1057 -62.59 81.48 -35.36
N ALA S 1058 -62.31 80.45 -34.56
CA ALA S 1058 -63.09 79.21 -34.65
C ALA S 1058 -64.55 79.47 -34.30
N ARG S 1059 -64.80 80.27 -33.28
CA ARG S 1059 -66.17 80.62 -32.91
C ARG S 1059 -66.86 81.37 -34.05
N LYS S 1060 -66.13 82.29 -34.69
CA LYS S 1060 -66.69 83.04 -35.80
C LYS S 1060 -67.05 82.12 -36.97
N MET S 1061 -66.16 81.16 -37.27
CA MET S 1061 -66.45 80.20 -38.33
C MET S 1061 -67.67 79.34 -37.98
N ALA S 1062 -67.77 78.92 -36.72
CA ALA S 1062 -68.93 78.14 -36.30
C ALA S 1062 -70.22 78.94 -36.45
N ALA S 1063 -70.18 80.22 -36.07
CA ALA S 1063 -71.34 81.09 -36.28
C ALA S 1063 -71.65 81.26 -37.76
N ASP S 1064 -70.62 81.33 -38.61
CA ASP S 1064 -70.84 81.44 -40.04
C ASP S 1064 -71.54 80.20 -40.59
N ALA S 1065 -71.16 79.02 -40.12
CA ALA S 1065 -71.78 77.79 -40.60
C ALA S 1065 -73.23 77.68 -40.16
N LEU S 1066 -73.54 78.13 -38.95
CA LEU S 1066 -74.92 78.08 -38.46
C LEU S 1066 -75.84 79.06 -39.18
N ASP S 1067 -75.28 80.04 -39.89
CA ASP S 1067 -76.05 81.04 -40.65
C ASP S 1067 -76.98 81.86 -39.75
N ILE S 1068 -76.62 82.04 -38.49
CA ILE S 1068 -77.42 82.81 -37.54
C ILE S 1068 -76.82 84.20 -37.46
N GLU S 1069 -77.50 85.18 -38.04
CA GLU S 1069 -77.01 86.55 -38.08
C GLU S 1069 -77.39 87.37 -36.85
N ASP S 1070 -78.21 86.82 -35.94
CA ASP S 1070 -78.57 87.56 -34.74
C ASP S 1070 -77.34 87.81 -33.86
N ILE S 1071 -76.44 86.85 -33.77
CA ILE S 1071 -75.24 86.99 -32.96
C ILE S 1071 -74.23 87.87 -33.69
N ASP S 1072 -73.72 88.88 -32.99
CA ASP S 1072 -72.68 89.73 -33.52
C ASP S 1072 -71.31 89.09 -33.30
N ASP S 1073 -70.25 89.83 -33.60
CA ASP S 1073 -68.91 89.29 -33.52
C ASP S 1073 -68.29 89.42 -32.13
N ASP S 1074 -69.00 89.98 -31.15
CA ASP S 1074 -68.45 90.18 -29.82
C ASP S 1074 -69.20 89.44 -28.72
N ASP S 1075 -70.27 88.72 -29.04
CA ASP S 1075 -71.05 87.99 -28.03
C ASP S 1075 -70.44 86.61 -27.86
N GLU S 1076 -69.38 86.54 -27.04
CA GLU S 1076 -68.62 85.31 -26.90
C GLU S 1076 -69.43 84.20 -26.22
N SER S 1077 -70.36 84.56 -25.33
CA SER S 1077 -71.22 83.55 -24.74
C SER S 1077 -72.12 82.92 -25.79
N ALA S 1078 -72.65 83.73 -26.70
CA ALA S 1078 -73.43 83.20 -27.80
C ALA S 1078 -72.59 82.33 -28.72
N MET S 1079 -71.31 82.69 -28.93
CA MET S 1079 -70.43 81.84 -29.72
C MET S 1079 -70.19 80.50 -29.03
N ARG S 1080 -70.01 80.51 -27.71
CA ARG S 1080 -69.83 79.27 -26.97
C ARG S 1080 -71.08 78.39 -27.07
N ASN S 1081 -72.26 79.00 -26.96
CA ASN S 1081 -73.49 78.22 -27.12
C ASN S 1081 -73.63 77.71 -28.55
N ALA S 1082 -73.19 78.51 -29.53
CA ALA S 1082 -73.23 78.07 -30.92
C ALA S 1082 -72.35 76.85 -31.14
N ILE S 1083 -71.15 76.85 -30.56
CA ILE S 1083 -70.29 75.67 -30.66
C ILE S 1083 -70.92 74.49 -29.92
N TYR S 1084 -71.51 74.74 -28.75
CA TYR S 1084 -72.22 73.69 -28.02
C TYR S 1084 -73.26 73.02 -28.92
N GLU S 1085 -74.07 73.83 -29.60
CA GLU S 1085 -75.09 73.29 -30.49
C GLU S 1085 -74.47 72.58 -31.69
N MET S 1086 -73.42 73.17 -32.28
CA MET S 1086 -72.85 72.62 -33.50
C MET S 1086 -72.24 71.25 -33.29
N VAL S 1087 -71.43 71.10 -32.24
CA VAL S 1087 -70.70 69.85 -32.07
C VAL S 1087 -71.50 68.83 -31.25
N PHE S 1088 -72.22 69.29 -30.23
CA PHE S 1088 -73.04 68.42 -29.39
C PHE S 1088 -74.45 68.99 -29.28
N PRO S 1089 -75.23 68.91 -30.35
CA PRO S 1089 -76.61 69.42 -30.29
C PRO S 1089 -77.45 68.65 -29.29
N ARG S 1090 -78.33 69.37 -28.59
CA ARG S 1090 -79.24 68.71 -27.67
C ARG S 1090 -80.21 67.79 -28.41
N SER S 1091 -80.74 68.24 -29.54
CA SER S 1091 -81.56 67.41 -30.41
C SER S 1091 -80.70 66.87 -31.54
N PRO S 1092 -80.62 65.54 -31.69
CA PRO S 1092 -79.83 64.99 -32.79
C PRO S 1092 -80.42 65.42 -34.12
N PRO S 1093 -79.56 65.66 -35.11
CA PRO S 1093 -80.07 66.10 -36.42
C PRO S 1093 -80.97 65.06 -37.05
N LYS S 1094 -82.03 65.53 -37.72
CA LYS S 1094 -82.96 64.61 -38.37
C LYS S 1094 -82.27 63.81 -39.47
N ASP S 1095 -81.45 64.46 -40.28
CA ASP S 1095 -80.66 63.77 -41.29
C ASP S 1095 -79.34 63.31 -40.67
N GLU S 1096 -78.51 62.64 -41.46
CA GLU S 1096 -77.24 62.11 -40.98
C GLU S 1096 -76.10 63.12 -41.14
N ASP S 1097 -76.38 64.33 -41.61
CA ASP S 1097 -75.37 65.37 -41.78
C ASP S 1097 -75.35 66.21 -40.52
N ASP S 1098 -74.28 66.07 -39.73
CA ASP S 1098 -74.14 66.83 -38.51
C ASP S 1098 -73.91 68.31 -38.81
N LEU S 1099 -74.11 69.15 -37.79
CA LEU S 1099 -73.92 70.58 -37.96
C LEU S 1099 -72.48 70.92 -38.30
N THR S 1100 -71.52 70.06 -37.91
CA THR S 1100 -70.14 70.27 -38.29
C THR S 1100 -69.94 70.07 -39.79
N PHE S 1101 -70.79 69.27 -40.44
CA PHE S 1101 -70.68 69.06 -41.87
C PHE S 1101 -70.97 70.34 -42.65
N LYS S 1102 -71.86 71.18 -42.11
CA LYS S 1102 -72.24 72.42 -42.80
C LYS S 1102 -71.08 73.39 -42.95
N LEU S 1103 -69.99 73.18 -42.21
CA LEU S 1103 -68.80 74.01 -42.36
C LEU S 1103 -68.19 73.88 -43.75
N ASP S 1104 -68.49 72.81 -44.47
CA ASP S 1104 -67.95 72.64 -45.82
C ASP S 1104 -68.55 73.66 -46.79
N GLU S 1105 -69.76 74.13 -46.51
CA GLU S 1105 -70.40 75.12 -47.37
C GLU S 1105 -69.75 76.50 -47.25
N LEU S 1106 -69.03 76.75 -46.17
CA LEU S 1106 -68.36 78.04 -46.01
C LEU S 1106 -67.15 78.13 -46.94
N ILE S 1107 -66.95 79.30 -47.53
CA ILE S 1107 -65.84 79.54 -48.44
C ILE S 1107 -64.67 80.06 -47.62
N LEU S 1108 -63.60 79.25 -47.53
CA LEU S 1108 -62.45 79.65 -46.73
C LEU S 1108 -61.67 80.78 -47.36
N ASP S 1109 -61.65 80.87 -48.70
CA ASP S 1109 -60.89 81.91 -49.37
C ASP S 1109 -61.43 83.30 -49.04
N ASP S 1110 -62.76 83.44 -49.00
CA ASP S 1110 -63.35 84.72 -48.67
C ASP S 1110 -62.99 85.15 -47.25
N TYR S 1111 -63.07 84.21 -46.29
CA TYR S 1111 -62.73 84.53 -44.92
C TYR S 1111 -61.25 84.87 -44.77
N ALA S 1112 -60.39 84.15 -45.49
CA ALA S 1112 -58.96 84.45 -45.45
C ALA S 1112 -58.68 85.83 -46.02
N THR S 1113 -59.32 86.19 -47.13
CA THR S 1113 -59.13 87.52 -47.70
C THR S 1113 -59.63 88.60 -46.75
N GLU S 1114 -60.78 88.37 -46.12
CA GLU S 1114 -61.29 89.34 -45.15
C GLU S 1114 -60.35 89.51 -43.98
N LEU S 1115 -59.81 88.40 -43.45
CA LEU S 1115 -58.86 88.50 -42.35
C LEU S 1115 -57.60 89.22 -42.76
N GLU S 1116 -57.09 88.93 -43.95
CA GLU S 1116 -55.89 89.60 -44.44
C GLU S 1116 -56.11 91.08 -44.67
N ARG S 1117 -57.32 91.48 -45.04
CA ARG S 1117 -57.62 92.89 -45.20
C ARG S 1117 -57.78 93.58 -43.84
N LYS S 1118 -58.45 92.91 -42.89
CA LYS S 1118 -58.75 93.54 -41.62
C LYS S 1118 -57.50 93.67 -40.74
N HIS S 1119 -56.71 92.59 -40.65
CA HIS S 1119 -55.59 92.57 -39.72
C HIS S 1119 -54.28 92.07 -40.32
N GLN S 1120 -54.20 91.89 -41.65
CA GLN S 1120 -52.98 91.49 -42.33
C GLN S 1120 -52.45 90.15 -41.80
N LEU S 1121 -53.30 89.13 -41.93
CA LEU S 1121 -52.97 87.79 -41.44
C LEU S 1121 -53.20 86.77 -42.55
N LYS S 1122 -52.18 85.98 -42.84
CA LYS S 1122 -52.29 84.85 -43.76
C LYS S 1122 -52.68 83.63 -42.94
N LYS S 1123 -53.97 83.30 -42.92
CA LYS S 1123 -54.48 82.25 -42.04
C LYS S 1123 -55.38 81.27 -42.77
N ARG S 1124 -55.30 81.20 -44.10
CA ARG S 1124 -56.15 80.29 -44.86
C ARG S 1124 -55.87 78.83 -44.48
N SER S 1125 -54.59 78.47 -44.33
CA SER S 1125 -54.26 77.13 -43.88
C SER S 1125 -54.76 76.90 -42.46
N THR S 1126 -54.69 77.94 -41.62
CA THR S 1126 -55.22 77.84 -40.27
C THR S 1126 -56.73 77.61 -40.29
N LEU S 1127 -57.44 78.31 -41.18
CA LEU S 1127 -58.89 78.09 -41.30
C LEU S 1127 -59.19 76.68 -41.78
N GLN S 1128 -58.39 76.17 -42.73
CA GLN S 1128 -58.56 74.79 -43.17
C GLN S 1128 -58.36 73.81 -42.02
N ILE S 1129 -57.32 74.03 -41.21
CA ILE S 1129 -57.05 73.17 -40.07
C ILE S 1129 -58.18 73.24 -39.06
N ILE S 1130 -58.72 74.43 -38.83
CA ILE S 1130 -59.83 74.59 -37.90
C ILE S 1130 -61.05 73.81 -38.40
N LYS S 1131 -61.37 73.94 -39.69
CA LYS S 1131 -62.49 73.20 -40.25
C LYS S 1131 -62.28 71.70 -40.10
N GLU S 1132 -61.06 71.23 -40.36
CA GLU S 1132 -60.76 69.81 -40.21
C GLU S 1132 -60.94 69.35 -38.76
N GLU S 1133 -60.47 70.17 -37.80
CA GLU S 1133 -60.60 69.80 -36.39
C GLU S 1133 -62.06 69.75 -35.98
N LEU S 1134 -62.88 70.69 -36.44
CA LEU S 1134 -64.31 70.62 -36.15
C LEU S 1134 -64.95 69.39 -36.78
N GLN S 1135 -64.51 69.02 -37.99
CA GLN S 1135 -65.08 67.83 -38.62
C GLN S 1135 -64.69 66.55 -37.89
N SER S 1136 -63.55 66.53 -37.21
CA SER S 1136 -63.13 65.37 -36.43
C SER S 1136 -62.07 65.81 -35.44
N ARG S 1137 -62.32 65.58 -34.15
CA ARG S 1137 -61.42 66.03 -33.10
C ARG S 1137 -60.25 65.06 -32.98
N TYR S 1138 -59.05 65.54 -33.35
CA TYR S 1138 -57.82 64.75 -33.29
C TYR S 1138 -57.92 63.48 -34.15
N ARG S 1139 -58.07 63.70 -35.46
CA ARG S 1139 -57.92 62.63 -36.41
C ARG S 1139 -56.45 62.19 -36.44
N GLU S 1140 -56.23 60.88 -36.50
CA GLU S 1140 -54.87 60.35 -36.42
C GLU S 1140 -54.08 60.70 -37.67
N ILE S 1141 -52.87 61.20 -37.48
CA ILE S 1141 -52.05 61.70 -38.59
C ILE S 1141 -51.06 60.63 -39.03
N ARG S 1142 -50.61 59.81 -38.09
CA ARG S 1142 -49.59 58.80 -38.40
C ARG S 1142 -50.14 57.78 -39.39
N ARG S 1143 -49.23 57.20 -40.16
CA ARG S 1143 -49.61 56.13 -41.09
C ARG S 1143 -50.02 54.90 -40.31
N ASP S 1144 -50.84 54.06 -40.95
CA ASP S 1144 -51.33 52.85 -40.32
C ASP S 1144 -50.18 51.92 -39.96
N PHE S 1145 -50.51 50.88 -39.19
CA PHE S 1145 -49.50 49.92 -38.75
C PHE S 1145 -48.81 49.28 -39.95
N HIS S 1146 -47.48 49.16 -39.86
CA HIS S 1146 -46.68 48.65 -40.96
C HIS S 1146 -46.56 47.14 -40.85
N ILE S 1147 -47.00 46.43 -41.88
CA ILE S 1147 -46.96 44.98 -41.91
C ILE S 1147 -45.68 44.53 -42.60
N LEU S 1148 -44.95 43.62 -41.97
CA LEU S 1148 -43.71 43.13 -42.54
C LEU S 1148 -43.97 42.30 -43.79
N ASN S 1149 -43.10 42.45 -44.77
CA ASN S 1149 -43.19 41.70 -46.02
C ASN S 1149 -42.19 40.55 -46.00
N GLU S 1150 -42.07 39.85 -47.13
CA GLU S 1150 -41.24 38.65 -47.18
C GLU S 1150 -39.79 38.96 -46.86
N ALA S 1151 -39.25 40.04 -47.45
CA ALA S 1151 -37.86 40.41 -47.17
C ALA S 1151 -37.69 40.81 -45.71
N GLU S 1152 -38.62 41.59 -45.16
CA GLU S 1152 -38.50 42.00 -43.77
C GLU S 1152 -38.63 40.82 -42.82
N ILE S 1153 -39.55 39.89 -43.11
CA ILE S 1153 -39.69 38.70 -42.27
C ILE S 1153 -38.44 37.84 -42.32
N PHE S 1154 -37.87 37.68 -43.53
CA PHE S 1154 -36.64 36.91 -43.67
C PHE S 1154 -35.50 37.55 -42.88
N GLN S 1155 -35.34 38.87 -42.98
CA GLN S 1155 -34.28 39.55 -42.26
C GLN S 1155 -34.50 39.46 -40.76
N LEU S 1156 -35.75 39.56 -40.31
CA LEU S 1156 -36.05 39.48 -38.89
C LEU S 1156 -35.73 38.10 -38.34
N LEU S 1157 -36.09 37.05 -39.08
CA LEU S 1157 -35.93 35.69 -38.56
C LEU S 1157 -34.49 35.21 -38.67
N THR S 1158 -33.92 35.26 -39.87
CA THR S 1158 -32.58 34.71 -40.07
C THR S 1158 -31.47 35.67 -39.65
N ARG S 1159 -31.80 36.94 -39.36
CA ARG S 1159 -30.82 37.97 -39.06
C ARG S 1159 -29.80 38.13 -40.18
N GLU S 1160 -30.17 37.73 -41.40
CA GLU S 1160 -29.31 37.83 -42.57
C GLU S 1160 -30.00 38.70 -43.59
N THR S 1161 -29.30 39.71 -44.09
CA THR S 1161 -29.87 40.62 -45.07
C THR S 1161 -30.01 39.92 -46.42
N VAL S 1162 -30.94 40.45 -47.24
CA VAL S 1162 -31.13 39.91 -48.57
C VAL S 1162 -29.89 40.12 -49.43
N ASP S 1163 -29.16 41.21 -49.20
CA ASP S 1163 -27.95 41.47 -49.96
C ASP S 1163 -26.85 40.47 -49.63
N SER S 1164 -26.70 40.13 -48.35
CA SER S 1164 -25.65 39.22 -47.92
C SER S 1164 -25.98 37.76 -48.17
N PHE S 1165 -27.20 37.45 -48.60
CA PHE S 1165 -27.61 36.08 -48.87
C PHE S 1165 -28.44 36.11 -50.16
N ARG S 1166 -27.78 35.85 -51.28
CA ARG S 1166 -28.43 35.89 -52.58
C ARG S 1166 -27.64 35.03 -53.56
N LYS S 1167 -27.99 35.11 -54.84
CA LYS S 1167 -27.33 34.34 -55.87
C LYS S 1167 -25.86 34.75 -55.98
N GLY S 1168 -25.01 33.77 -56.27
CA GLY S 1168 -23.59 34.01 -56.43
C GLY S 1168 -22.86 34.32 -55.13
N MET S 1169 -23.14 33.58 -54.07
CA MET S 1169 -22.45 33.73 -52.80
C MET S 1169 -22.02 32.35 -52.31
N VAL S 1170 -20.88 32.30 -51.62
CA VAL S 1170 -20.29 31.07 -51.13
C VAL S 1170 -20.39 31.05 -49.60
N ILE S 1171 -20.99 30.00 -49.07
CA ILE S 1171 -21.17 29.87 -47.61
C ILE S 1171 -20.78 28.47 -47.17
N PRO S 1172 -20.20 28.37 -45.97
CA PRO S 1172 -19.83 27.04 -45.41
C PRO S 1172 -21.01 26.33 -44.75
N VAL S 1173 -21.83 25.68 -45.58
CA VAL S 1173 -22.99 24.97 -45.08
C VAL S 1173 -22.57 23.65 -44.42
N TYR S 1174 -23.47 23.11 -43.61
CA TYR S 1174 -23.20 21.91 -42.82
C TYR S 1174 -24.05 20.76 -43.35
N VAL S 1175 -23.41 19.65 -43.68
CA VAL S 1175 -24.12 18.49 -44.21
C VAL S 1175 -24.93 17.84 -43.10
N ARG S 1176 -26.22 17.61 -43.35
CA ARG S 1176 -27.10 17.03 -42.35
C ARG S 1176 -27.66 15.68 -42.75
N LYS S 1177 -27.76 15.39 -44.05
CA LYS S 1177 -28.25 14.10 -44.51
C LYS S 1177 -27.73 13.88 -45.93
N VAL S 1178 -27.20 12.67 -46.17
CA VAL S 1178 -26.60 12.31 -47.46
C VAL S 1178 -27.47 11.23 -48.09
N GLU S 1179 -27.88 11.47 -49.34
CA GLU S 1179 -28.65 10.50 -50.11
C GLU S 1179 -28.04 10.36 -51.49
N SER S 1180 -28.42 9.28 -52.17
CA SER S 1180 -27.85 8.99 -53.49
C SER S 1180 -28.23 10.05 -54.50
N SER S 1181 -29.48 10.52 -54.46
CA SER S 1181 -29.98 11.46 -55.46
C SER S 1181 -29.93 12.91 -55.01
N TYR S 1182 -29.68 13.18 -53.73
CA TYR S 1182 -29.57 14.54 -53.24
C TYR S 1182 -28.84 14.53 -51.90
N MET S 1183 -28.41 15.70 -51.47
CA MET S 1183 -27.83 15.89 -50.15
C MET S 1183 -28.55 17.04 -49.46
N SER S 1184 -28.97 16.81 -48.22
CA SER S 1184 -29.64 17.83 -47.41
C SER S 1184 -28.62 18.44 -46.45
N VAL S 1185 -28.47 19.77 -46.54
CA VAL S 1185 -27.48 20.49 -45.74
C VAL S 1185 -28.16 21.63 -45.02
N SER S 1186 -27.51 22.11 -43.97
CA SER S 1186 -27.99 23.22 -43.17
C SER S 1186 -26.94 24.33 -43.15
N THR S 1187 -27.40 25.56 -43.31
CA THR S 1187 -26.52 26.72 -43.27
C THR S 1187 -26.24 27.11 -41.83
N GLN S 1188 -25.49 28.21 -41.66
CA GLN S 1188 -25.23 28.71 -40.32
C GLN S 1188 -26.50 29.25 -39.67
N SER S 1189 -27.38 29.85 -40.48
CA SER S 1189 -28.59 30.51 -39.98
C SER S 1189 -29.81 29.60 -40.03
N LEU S 1190 -29.62 28.29 -39.84
CA LEU S 1190 -30.70 27.30 -39.76
C LEU S 1190 -31.47 27.15 -41.06
N ILE S 1191 -31.02 27.77 -42.15
CA ILE S 1191 -31.72 27.67 -43.42
C ILE S 1191 -31.42 26.30 -44.04
N ALA S 1192 -32.45 25.47 -44.15
CA ALA S 1192 -32.30 24.14 -44.72
C ALA S 1192 -32.09 24.24 -46.23
N GLY S 1193 -31.13 23.47 -46.74
CA GLY S 1193 -30.83 23.50 -48.16
C GLY S 1193 -30.73 22.09 -48.72
N ASN S 1194 -30.83 22.02 -50.04
CA ASN S 1194 -30.71 20.75 -50.75
C ASN S 1194 -29.99 20.97 -52.07
N ILE S 1195 -29.28 19.93 -52.52
CA ILE S 1195 -28.59 19.93 -53.79
C ILE S 1195 -28.98 18.67 -54.55
N GLN S 1196 -29.41 18.84 -55.80
CA GLN S 1196 -29.68 17.69 -56.65
C GLN S 1196 -28.37 17.00 -57.03
N ARG S 1197 -28.48 15.71 -57.37
CA ARG S 1197 -27.31 14.86 -57.52
C ARG S 1197 -26.34 15.38 -58.59
N GLN S 1198 -26.80 16.23 -59.50
CA GLN S 1198 -25.95 16.73 -60.57
C GLN S 1198 -24.81 17.61 -60.06
N ASP S 1199 -24.86 18.07 -58.80
CA ASP S 1199 -23.90 19.07 -58.34
C ASP S 1199 -23.09 18.67 -57.10
N ILE S 1200 -23.49 17.64 -56.34
CA ILE S 1200 -22.67 17.22 -55.21
C ILE S 1200 -21.31 16.75 -55.68
N LEU S 1201 -21.28 15.94 -56.75
CA LEU S 1201 -20.06 15.41 -57.29
C LEU S 1201 -19.77 16.06 -58.65
N GLU S 1202 -18.50 16.04 -59.03
CA GLU S 1202 -18.10 16.65 -60.28
C GLU S 1202 -18.70 15.89 -61.45
N PRO S 1203 -19.05 16.56 -62.55
CA PRO S 1203 -19.64 15.85 -63.70
C PRO S 1203 -18.76 14.77 -64.28
N ASN S 1204 -17.43 14.90 -64.17
CA ASN S 1204 -16.55 13.87 -64.70
C ASN S 1204 -16.49 12.65 -63.78
N ASP S 1205 -16.52 12.87 -62.47
CA ASP S 1205 -16.43 11.77 -61.52
C ASP S 1205 -17.68 10.91 -61.57
N ARG S 1206 -17.49 9.60 -61.35
CA ARG S 1206 -18.59 8.65 -61.32
C ARG S 1206 -18.76 7.98 -59.96
N ARG S 1207 -18.20 8.55 -58.91
CA ARG S 1207 -18.33 7.97 -57.58
C ARG S 1207 -19.75 8.18 -57.04
N ASP S 1208 -19.97 7.71 -55.82
CA ASP S 1208 -21.24 7.80 -55.09
C ASP S 1208 -21.20 8.99 -54.12
N PRO S 1209 -22.31 9.71 -53.96
CA PRO S 1209 -22.32 10.83 -53.01
C PRO S 1209 -21.98 10.43 -51.59
N ARG S 1210 -22.42 9.25 -51.14
CA ARG S 1210 -22.16 8.83 -49.77
C ARG S 1210 -20.68 8.55 -49.52
N GLU S 1211 -19.99 7.97 -50.50
CA GLU S 1211 -18.58 7.64 -50.30
C GLU S 1211 -17.74 8.90 -50.13
N VAL S 1212 -18.01 9.94 -50.92
CA VAL S 1212 -17.18 11.14 -50.88
C VAL S 1212 -17.54 12.02 -49.70
N TYR S 1213 -18.83 12.25 -49.46
CA TYR S 1213 -19.30 13.12 -48.40
C TYR S 1213 -20.15 12.34 -47.42
N SER S 1214 -19.98 12.65 -46.13
CA SER S 1214 -20.70 11.96 -45.06
C SER S 1214 -21.33 12.99 -44.14
N VAL S 1215 -22.16 12.50 -43.21
CA VAL S 1215 -22.81 13.37 -42.25
C VAL S 1215 -21.78 14.01 -41.34
N GLY S 1216 -21.95 15.30 -41.05
CA GLY S 1216 -21.03 16.04 -40.22
C GLY S 1216 -19.84 16.62 -40.95
N GLN S 1217 -19.69 16.35 -42.24
CA GLN S 1217 -18.59 16.89 -43.04
C GLN S 1217 -19.11 18.12 -43.77
N THR S 1218 -18.89 19.28 -43.17
CA THR S 1218 -19.31 20.53 -43.79
C THR S 1218 -18.43 20.85 -44.98
N VAL S 1219 -19.04 21.43 -46.03
CA VAL S 1219 -18.32 21.82 -47.24
C VAL S 1219 -18.82 23.19 -47.69
N ARG S 1220 -18.00 23.84 -48.50
CA ARG S 1220 -18.41 25.10 -49.11
C ARG S 1220 -19.46 24.86 -50.19
N ALA S 1221 -20.42 25.78 -50.29
CA ALA S 1221 -21.47 25.69 -51.29
C ALA S 1221 -21.78 27.08 -51.82
N CYS S 1222 -22.31 27.12 -53.03
CA CYS S 1222 -22.68 28.37 -53.69
C CYS S 1222 -24.19 28.43 -53.84
N ILE S 1223 -24.77 29.57 -53.49
CA ILE S 1223 -26.22 29.73 -53.54
C ILE S 1223 -26.68 29.85 -54.98
N LEU S 1224 -27.65 29.03 -55.36
CA LEU S 1224 -28.26 29.09 -56.69
C LEU S 1224 -29.63 29.74 -56.68
N ASP S 1225 -30.50 29.34 -55.77
CA ASP S 1225 -31.84 29.91 -55.66
C ASP S 1225 -32.18 30.06 -54.19
N VAL S 1226 -33.03 31.05 -53.90
CA VAL S 1226 -33.46 31.34 -52.53
C VAL S 1226 -34.98 31.43 -52.50
N ASP S 1227 -35.61 30.64 -51.64
CA ASP S 1227 -37.05 30.73 -51.39
C ASP S 1227 -37.20 31.53 -50.10
N TYR S 1228 -37.30 32.85 -50.25
CA TYR S 1228 -37.33 33.74 -49.09
C TYR S 1228 -38.56 33.48 -48.22
N TYR S 1229 -39.72 33.23 -48.86
CA TYR S 1229 -40.93 32.98 -48.11
C TYR S 1229 -40.83 31.70 -47.28
N ASN S 1230 -40.23 30.65 -47.86
CA ASN S 1230 -40.17 29.34 -47.22
C ASN S 1230 -38.80 29.03 -46.62
N PHE S 1231 -37.86 29.98 -46.68
CA PHE S 1231 -36.53 29.82 -46.11
C PHE S 1231 -35.85 28.55 -46.63
N LYS S 1232 -35.99 28.32 -47.94
CA LYS S 1232 -35.38 27.19 -48.62
C LYS S 1232 -34.43 27.70 -49.69
N CYS S 1233 -33.28 27.05 -49.83
CA CYS S 1233 -32.29 27.44 -50.81
C CYS S 1233 -31.70 26.20 -51.46
N GLN S 1234 -31.25 26.38 -52.70
CA GLN S 1234 -30.56 25.33 -53.45
C GLN S 1234 -29.11 25.76 -53.69
N LEU S 1235 -28.20 24.79 -53.59
CA LEU S 1235 -26.78 25.07 -53.57
C LEU S 1235 -26.09 24.26 -54.67
N SER S 1236 -24.85 24.65 -54.97
CA SER S 1236 -24.03 23.94 -55.94
C SER S 1236 -22.63 23.76 -55.36
N LEU S 1237 -22.08 22.55 -55.54
CA LEU S 1237 -20.72 22.23 -55.10
C LEU S 1237 -19.73 22.26 -56.25
N LEU S 1238 -20.15 22.71 -57.43
CA LEU S 1238 -19.25 22.75 -58.57
C LEU S 1238 -18.18 23.82 -58.35
N ARG S 1239 -16.93 23.46 -58.66
CA ARG S 1239 -15.81 24.37 -58.42
C ARG S 1239 -15.85 25.62 -59.29
N GLN S 1240 -16.67 25.63 -60.35
CA GLN S 1240 -16.79 26.84 -61.16
C GLN S 1240 -17.43 27.97 -60.37
N PHE S 1241 -18.18 27.66 -59.31
CA PHE S 1241 -18.75 28.66 -58.43
C PHE S 1241 -17.97 28.80 -57.13
N THR S 1242 -17.65 27.68 -56.47
CA THR S 1242 -17.01 27.75 -55.17
C THR S 1242 -15.59 28.29 -55.23
N GLU S 1243 -14.96 28.27 -56.39
CA GLU S 1243 -13.57 28.71 -56.52
C GLU S 1243 -13.38 29.93 -57.42
N ASN S 1244 -14.04 29.95 -58.58
CA ASN S 1244 -13.82 31.06 -59.51
C ASN S 1244 -14.40 32.37 -59.00
N GLN S 1245 -15.46 32.32 -58.21
CA GLN S 1245 -16.07 33.53 -57.66
C GLN S 1245 -15.13 34.10 -56.60
N VAL S 1246 -14.32 35.07 -57.00
CA VAL S 1246 -13.35 35.73 -56.13
C VAL S 1246 -13.63 37.21 -55.99
N ALA S 1247 -13.68 37.92 -57.12
CA ALA S 1247 -14.01 39.35 -57.12
C ALA S 1247 -15.53 39.51 -57.19
N GLY S 1248 -16.17 39.11 -56.08
CA GLY S 1248 -17.62 39.18 -56.00
C GLY S 1248 -18.18 40.57 -55.81
N LEU S 1249 -17.32 41.53 -55.49
CA LEU S 1249 -17.78 42.91 -55.34
C LEU S 1249 -18.08 43.51 -56.71
N ASN S 1250 -19.03 44.43 -56.74
CA ASN S 1250 -19.44 45.12 -57.97
C ASN S 1250 -18.85 46.52 -58.05
N VAL S 1251 -17.63 46.71 -57.52
CA VAL S 1251 -17.00 48.02 -57.52
C VAL S 1251 -16.63 48.40 -58.95
N ASN S 1252 -17.02 49.60 -59.37
CA ASN S 1252 -16.75 50.06 -60.72
C ASN S 1252 -15.26 50.29 -60.89
N ARG S 1253 -14.64 49.53 -61.79
CA ARG S 1253 -13.20 49.59 -62.03
C ARG S 1253 -12.86 50.41 -63.27
N ASN S 1254 -13.61 51.48 -63.53
CA ASN S 1254 -13.35 52.33 -64.68
C ASN S 1254 -11.97 52.96 -64.56
N PRO S 1255 -11.11 52.83 -65.57
CA PRO S 1255 -9.76 53.41 -65.46
C PRO S 1255 -9.74 54.92 -65.21
N LYS S 1256 -10.79 55.64 -65.62
CA LYS S 1256 -10.83 57.08 -65.38
C LYS S 1256 -10.87 57.38 -63.88
N PHE S 1257 -11.61 56.58 -63.11
CA PHE S 1257 -11.73 56.80 -61.67
C PHE S 1257 -11.13 55.68 -60.83
N TRP S 1258 -10.66 54.60 -61.44
CA TRP S 1258 -10.01 53.50 -60.72
C TRP S 1258 -8.62 53.29 -61.27
N ASP S 1259 -7.64 53.19 -60.38
CA ASP S 1259 -6.25 52.94 -60.77
C ASP S 1259 -6.05 51.44 -60.87
N ILE S 1260 -6.38 50.90 -62.05
CA ILE S 1260 -6.23 49.47 -62.28
C ILE S 1260 -4.76 49.08 -62.27
N GLU S 1261 -3.89 49.95 -62.79
CA GLU S 1261 -2.47 49.61 -62.87
C GLU S 1261 -1.86 49.43 -61.49
N SER S 1262 -2.22 50.29 -60.53
CA SER S 1262 -1.67 50.19 -59.18
C SER S 1262 -2.11 48.88 -58.52
N GLU S 1263 -3.40 48.53 -58.66
CA GLU S 1263 -3.90 47.29 -58.07
C GLU S 1263 -3.25 46.08 -58.70
N ASN S 1264 -3.04 46.10 -60.03
CA ASN S 1264 -2.35 45.01 -60.71
C ASN S 1264 -0.91 44.89 -60.21
N ARG S 1265 -0.21 46.02 -60.12
CA ARG S 1265 1.18 46.00 -59.67
C ARG S 1265 1.30 45.45 -58.26
N ASP S 1266 0.43 45.91 -57.36
CA ASP S 1266 0.37 45.34 -56.02
C ASP S 1266 0.06 43.85 -56.06
N ARG S 1267 -0.75 43.43 -57.03
CA ARG S 1267 -1.09 42.01 -57.14
C ARG S 1267 0.13 41.16 -57.51
N GLN S 1268 0.91 41.57 -58.53
CA GLN S 1268 2.14 40.81 -58.75
C GLN S 1268 3.13 40.95 -57.59
N GLU S 1269 3.14 42.09 -56.89
CA GLU S 1269 4.00 42.20 -55.71
C GLU S 1269 3.66 41.14 -54.69
N GLU S 1270 2.37 41.00 -54.34
CA GLU S 1270 1.97 40.02 -53.34
C GLU S 1270 2.13 38.59 -53.87
N ILE S 1271 1.94 38.37 -55.18
CA ILE S 1271 2.12 37.03 -55.72
C ILE S 1271 3.60 36.63 -55.68
N ASP S 1272 4.50 37.56 -55.99
CA ASP S 1272 5.92 37.28 -55.86
C ASP S 1272 6.30 37.04 -54.41
N LYS S 1273 5.68 37.79 -53.49
CA LYS S 1273 5.88 37.52 -52.06
C LYS S 1273 5.46 36.09 -51.72
N GLN S 1274 4.34 35.65 -52.28
CA GLN S 1274 3.90 34.27 -52.07
C GLN S 1274 4.90 33.27 -52.63
N ARG S 1275 5.46 33.57 -53.81
CA ARG S 1275 6.46 32.69 -54.40
C ARG S 1275 7.70 32.57 -53.54
N GLU S 1276 8.00 33.62 -52.75
CA GLU S 1276 9.19 33.63 -51.93
C GLU S 1276 9.11 32.55 -50.85
N GLU S 1277 10.21 31.82 -50.67
CA GLU S 1277 10.29 30.74 -49.69
C GLU S 1277 11.64 30.81 -48.99
N SER S 1278 11.96 29.77 -48.23
CA SER S 1278 13.21 29.70 -47.48
C SER S 1278 13.90 28.37 -47.74
N ARG S 1279 15.23 28.39 -47.67
CA ARG S 1279 16.04 27.20 -47.86
C ARG S 1279 17.16 27.19 -46.83
N GLU S 1280 17.63 25.98 -46.52
CA GLU S 1280 18.69 25.80 -45.52
C GLU S 1280 19.70 24.78 -46.03
N SER S 1281 20.80 24.66 -45.31
CA SER S 1281 21.90 23.79 -45.70
C SER S 1281 21.59 22.34 -45.35
N ARG S 1282 22.38 21.44 -45.94
CA ARG S 1282 22.25 20.01 -45.73
C ARG S 1282 23.45 19.49 -44.96
N VAL S 1283 23.19 18.60 -43.99
CA VAL S 1283 24.22 18.00 -43.16
C VAL S 1283 24.23 16.50 -43.39
N ILE S 1284 25.38 15.96 -43.76
CA ILE S 1284 25.55 14.54 -44.05
C ILE S 1284 26.74 14.04 -43.23
N LYS S 1285 26.61 12.83 -42.68
CA LYS S 1285 27.67 12.20 -41.90
C LYS S 1285 28.34 11.14 -42.75
N HIS S 1286 29.55 11.43 -43.22
CA HIS S 1286 30.33 10.50 -44.03
C HIS S 1286 31.79 10.88 -43.91
N PRO S 1287 32.72 9.91 -43.84
CA PRO S 1287 34.13 10.26 -43.69
C PRO S 1287 34.69 11.14 -44.79
N PHE S 1288 34.22 10.95 -46.03
CA PHE S 1288 34.71 11.71 -47.17
C PHE S 1288 33.75 12.81 -47.60
N PHE S 1289 32.80 13.18 -46.75
CA PHE S 1289 31.87 14.26 -47.04
C PHE S 1289 32.35 15.53 -46.37
N HIS S 1290 32.39 16.62 -47.13
CA HIS S 1290 32.83 17.91 -46.61
C HIS S 1290 31.96 19.01 -47.21
N ASN S 1291 31.47 19.90 -46.35
CA ASN S 1291 30.58 20.98 -46.78
C ASN S 1291 31.44 22.10 -47.35
N MET S 1292 31.80 21.97 -48.62
CA MET S 1292 32.66 22.93 -49.31
C MET S 1292 32.03 23.32 -50.64
N LYS S 1293 32.46 24.47 -51.15
CA LYS S 1293 32.07 24.91 -52.48
C LYS S 1293 32.83 24.10 -53.54
N SER S 1294 32.51 24.36 -54.81
CA SER S 1294 33.26 23.73 -55.89
C SER S 1294 34.73 24.16 -55.84
N LYS S 1295 34.99 25.46 -55.79
CA LYS S 1295 36.35 25.96 -55.67
C LYS S 1295 36.97 25.53 -54.34
N GLU S 1296 36.19 25.55 -53.27
CA GLU S 1296 36.69 25.11 -51.97
C GLU S 1296 37.09 23.63 -52.01
N ALA S 1297 36.27 22.79 -52.63
CA ALA S 1297 36.61 21.38 -52.76
C ALA S 1297 37.86 21.19 -53.60
N GLU S 1298 37.98 21.95 -54.70
CA GLU S 1298 39.16 21.83 -55.55
C GLU S 1298 40.42 22.25 -54.81
N ASP S 1299 40.34 23.33 -54.02
CA ASP S 1299 41.49 23.77 -53.24
C ASP S 1299 41.84 22.76 -52.14
N TYR S 1300 40.81 22.17 -51.51
CA TYR S 1300 41.07 21.14 -50.50
C TYR S 1300 41.75 19.93 -51.11
N LEU S 1301 41.33 19.53 -52.31
CA LEU S 1301 41.98 18.42 -52.99
C LEU S 1301 43.33 18.80 -53.59
N ALA S 1302 43.61 20.09 -53.71
CA ALA S 1302 44.89 20.53 -54.26
C ALA S 1302 46.06 20.08 -53.38
N ALA S 1303 45.91 20.21 -52.05
CA ALA S 1303 46.96 19.78 -51.14
C ALA S 1303 47.09 18.28 -51.05
N ARG S 1304 46.15 17.53 -51.62
CA ARG S 1304 46.13 16.08 -51.60
C ARG S 1304 46.63 15.50 -52.91
N PRO S 1305 47.19 14.28 -52.89
CA PRO S 1305 47.66 13.66 -54.14
C PRO S 1305 46.53 13.28 -55.08
N VAL S 1306 46.88 12.76 -56.25
CA VAL S 1306 45.89 12.43 -57.26
C VAL S 1306 45.06 11.24 -56.80
N GLY S 1307 43.74 11.34 -56.97
CA GLY S 1307 42.83 10.25 -56.68
C GLY S 1307 42.01 10.42 -55.42
N ASP S 1308 42.37 11.35 -54.54
CA ASP S 1308 41.59 11.56 -53.33
C ASP S 1308 40.23 12.16 -53.68
N VAL S 1309 39.23 11.81 -52.86
CA VAL S 1309 37.83 12.06 -53.18
C VAL S 1309 37.19 12.85 -52.05
N VAL S 1310 36.40 13.87 -52.42
CA VAL S 1310 35.63 14.65 -51.47
C VAL S 1310 34.18 14.68 -51.94
N ILE S 1311 33.26 14.83 -50.99
CA ILE S 1311 31.83 14.83 -51.27
C ILE S 1311 31.22 16.10 -50.69
N ARG S 1312 30.45 16.81 -51.50
CA ARG S 1312 29.84 18.07 -51.13
C ARG S 1312 28.41 18.12 -51.66
N PRO S 1313 27.55 18.95 -51.07
CA PRO S 1313 26.19 19.08 -51.59
C PRO S 1313 26.18 19.65 -53.01
N SER S 1314 25.20 19.21 -53.79
CA SER S 1314 25.07 19.62 -55.18
C SER S 1314 24.15 20.83 -55.30
N SER S 1315 24.36 21.62 -56.36
CA SER S 1315 23.54 22.79 -56.62
C SER S 1315 22.21 22.45 -57.28
N LYS S 1316 22.02 21.21 -57.75
CA LYS S 1316 20.78 20.82 -58.40
C LYS S 1316 19.67 20.45 -57.43
N GLY S 1317 19.96 20.42 -56.13
CA GLY S 1317 18.95 20.09 -55.14
C GLY S 1317 19.45 19.14 -54.07
N SER S 1318 18.67 18.97 -53.00
CA SER S 1318 19.05 18.06 -51.94
C SER S 1318 19.03 16.60 -52.40
N ASN S 1319 18.31 16.30 -53.48
CA ASN S 1319 18.30 14.96 -54.05
C ASN S 1319 19.49 14.69 -54.94
N HIS S 1320 20.44 15.63 -55.03
CA HIS S 1320 21.62 15.48 -55.85
C HIS S 1320 22.86 15.67 -54.98
N ILE S 1321 23.94 14.98 -55.35
CA ILE S 1321 25.20 15.03 -54.63
C ILE S 1321 26.32 15.23 -55.63
N THR S 1322 27.23 16.17 -55.34
CA THR S 1322 28.39 16.42 -56.18
C THR S 1322 29.61 15.76 -55.55
N ILE S 1323 30.30 14.93 -56.32
CA ILE S 1323 31.51 14.25 -55.88
C ILE S 1323 32.68 14.82 -56.69
N SER S 1324 33.69 15.33 -55.97
CA SER S 1324 34.86 15.91 -56.59
C SER S 1324 36.09 15.05 -56.31
N TRP S 1325 36.78 14.64 -57.37
CA TRP S 1325 37.99 13.84 -57.25
C TRP S 1325 39.07 14.43 -58.14
N LYS S 1326 40.32 14.30 -57.70
CA LYS S 1326 41.46 14.93 -58.38
C LYS S 1326 41.86 14.09 -59.58
N VAL S 1327 41.55 14.59 -60.78
CA VAL S 1327 41.97 13.91 -62.00
C VAL S 1327 43.47 14.04 -62.20
N ALA S 1328 44.00 15.24 -61.97
CA ALA S 1328 45.40 15.53 -62.21
C ALA S 1328 45.78 16.76 -61.38
N PRO S 1329 47.09 17.05 -61.23
CA PRO S 1329 47.48 18.29 -60.55
C PRO S 1329 46.79 19.52 -61.13
N GLN S 1330 46.05 20.24 -60.28
CA GLN S 1330 45.21 21.35 -60.70
C GLN S 1330 44.20 20.93 -61.76
N LEU S 1331 43.62 19.74 -61.61
CA LEU S 1331 42.58 19.24 -62.49
C LEU S 1331 41.64 18.37 -61.67
N TYR S 1332 40.37 18.77 -61.59
CA TYR S 1332 39.39 18.10 -60.74
C TYR S 1332 38.10 17.90 -61.52
N GLN S 1333 37.39 16.81 -61.22
CA GLN S 1333 36.12 16.48 -61.85
C GLN S 1333 35.01 16.45 -60.81
N HIS S 1334 33.94 17.20 -61.07
CA HIS S 1334 32.75 17.20 -60.24
C HIS S 1334 31.69 16.34 -60.93
N ILE S 1335 31.19 15.33 -60.24
CA ILE S 1335 30.23 14.39 -60.78
C ILE S 1335 28.96 14.47 -59.95
N ASP S 1336 27.83 14.69 -60.62
CA ASP S 1336 26.54 14.78 -59.95
C ASP S 1336 25.93 13.39 -59.81
N VAL S 1337 25.41 13.11 -58.61
CA VAL S 1337 24.79 11.83 -58.30
C VAL S 1337 23.34 12.08 -57.91
N LEU S 1338 22.41 11.43 -58.60
CA LEU S 1338 20.99 11.58 -58.30
C LEU S 1338 20.57 10.55 -57.26
N GLU S 1339 19.89 11.03 -56.22
CA GLU S 1339 19.45 10.19 -55.11
C GLU S 1339 18.01 9.76 -55.33
N GLU S 1340 17.72 8.50 -55.04
CA GLU S 1340 16.38 7.95 -55.14
C GLU S 1340 15.99 7.31 -53.82
N ASN S 1341 14.68 7.30 -53.54
CA ASN S 1341 14.13 6.70 -52.33
C ASN S 1341 14.74 7.31 -51.08
N LYS S 1342 14.78 8.64 -51.04
CA LYS S 1342 15.38 9.35 -49.92
C LYS S 1342 14.47 9.30 -48.70
N ASP S 1343 15.06 8.94 -47.55
CA ASP S 1343 14.31 8.94 -46.30
C ASP S 1343 14.11 10.34 -45.74
N ASP S 1344 15.08 11.22 -45.96
CA ASP S 1344 15.01 12.59 -45.48
C ASP S 1344 15.94 13.45 -46.32
N ALA S 1345 15.75 14.76 -46.23
CA ALA S 1345 16.59 15.69 -46.99
C ALA S 1345 18.06 15.56 -46.57
N ASN S 1346 18.31 15.47 -45.27
CA ASN S 1346 19.68 15.30 -44.79
C ASN S 1346 20.14 13.85 -44.88
N ALA S 1347 19.21 12.91 -45.04
CA ALA S 1347 19.56 11.50 -45.12
C ALA S 1347 20.11 11.16 -46.51
N ILE S 1348 20.76 10.00 -46.59
CA ILE S 1348 21.34 9.52 -47.84
C ILE S 1348 20.32 8.64 -48.56
N GLY S 1349 20.12 8.89 -49.85
CA GLY S 1349 19.15 8.12 -50.60
C GLY S 1349 19.56 6.66 -50.71
N ARG S 1350 18.55 5.79 -50.75
CA ARG S 1350 18.80 4.35 -50.80
C ARG S 1350 19.34 3.91 -52.16
N VAL S 1351 19.05 4.65 -53.22
CA VAL S 1351 19.52 4.32 -54.57
C VAL S 1351 20.26 5.53 -55.14
N LEU S 1352 21.45 5.29 -55.67
CA LEU S 1352 22.28 6.33 -56.26
C LEU S 1352 22.49 6.03 -57.73
N LEU S 1353 22.35 7.05 -58.57
CA LEU S 1353 22.49 6.91 -60.01
C LEU S 1353 23.58 7.85 -60.51
N VAL S 1354 24.50 7.29 -61.29
CA VAL S 1354 25.54 8.07 -61.97
C VAL S 1354 25.41 7.73 -63.45
N GLY S 1355 24.63 8.54 -64.18
CA GLY S 1355 24.28 8.16 -65.54
C GLY S 1355 23.47 6.89 -65.54
N LYS S 1356 23.86 5.94 -66.39
CA LYS S 1356 23.18 4.65 -66.43
C LYS S 1356 23.56 3.77 -65.24
N TYR S 1357 24.68 4.05 -64.59
CA TYR S 1357 25.13 3.24 -63.46
C TYR S 1357 24.21 3.44 -62.26
N ARG S 1358 23.93 2.35 -61.56
CA ARG S 1358 23.06 2.37 -60.39
C ARG S 1358 23.80 1.74 -59.22
N TYR S 1359 23.75 2.41 -58.07
CA TYR S 1359 24.41 1.94 -56.86
C TYR S 1359 23.45 2.07 -55.68
N HIS S 1360 23.81 1.43 -54.57
CA HIS S 1360 22.95 1.37 -53.40
C HIS S 1360 23.51 2.11 -52.18
N ASP S 1361 24.79 2.47 -52.16
CA ASP S 1361 25.36 3.17 -51.03
C ASP S 1361 26.58 3.96 -51.49
N LEU S 1362 27.03 4.87 -50.63
CA LEU S 1362 28.16 5.72 -50.98
C LEU S 1362 29.43 4.91 -51.19
N ASP S 1363 29.69 3.93 -50.32
CA ASP S 1363 30.90 3.13 -50.44
C ASP S 1363 30.88 2.29 -51.71
N GLU S 1364 29.73 1.68 -52.03
CA GLU S 1364 29.62 0.90 -53.25
C GLU S 1364 29.87 1.77 -54.48
N LEU S 1365 29.22 2.93 -54.53
CA LEU S 1365 29.42 3.87 -55.63
C LEU S 1365 30.89 4.24 -55.75
N LEU S 1366 31.51 4.62 -54.63
CA LEU S 1366 32.91 5.03 -54.63
C LEU S 1366 33.79 3.91 -55.19
N VAL S 1367 33.75 2.74 -54.57
CA VAL S 1367 34.65 1.66 -54.95
C VAL S 1367 34.43 1.24 -56.40
N GLU S 1368 33.17 1.10 -56.82
CA GLU S 1368 32.92 0.56 -58.15
C GLU S 1368 33.16 1.59 -59.26
N TYR S 1369 32.92 2.88 -59.00
CA TYR S 1369 33.03 3.89 -60.06
C TYR S 1369 34.34 4.67 -59.98
N VAL S 1370 34.60 5.32 -58.84
CA VAL S 1370 35.71 6.27 -58.77
C VAL S 1370 37.05 5.54 -58.83
N ASN S 1371 37.17 4.43 -58.11
CA ASN S 1371 38.44 3.68 -58.11
C ASN S 1371 38.74 3.14 -59.50
N ASN S 1372 37.73 2.60 -60.19
CA ASN S 1372 37.94 2.08 -61.54
C ASN S 1372 38.28 3.20 -62.50
N VAL S 1373 37.62 4.36 -62.38
CA VAL S 1373 37.95 5.49 -63.25
C VAL S 1373 39.38 5.95 -63.02
N ALA S 1374 39.80 6.02 -61.75
CA ALA S 1374 41.17 6.42 -61.44
C ALA S 1374 42.18 5.42 -61.97
N ASN S 1375 41.87 4.13 -61.86
CA ASN S 1375 42.77 3.11 -62.40
C ASN S 1375 42.90 3.24 -63.92
N LYS S 1376 41.78 3.47 -64.61
CA LYS S 1376 41.84 3.65 -66.06
C LYS S 1376 42.60 4.91 -66.43
N VAL S 1377 42.45 5.97 -65.64
CA VAL S 1377 43.20 7.20 -65.89
C VAL S 1377 44.69 6.97 -65.71
N GLU S 1378 45.07 6.24 -64.67
CA GLU S 1378 46.48 5.91 -64.47
C GLU S 1378 47.01 5.06 -65.62
N LEU S 1379 46.21 4.09 -66.08
CA LEU S 1379 46.62 3.26 -67.21
C LEU S 1379 46.82 4.11 -68.47
N MET S 1380 45.94 5.08 -68.70
CA MET S 1380 46.11 6.00 -69.82
C MET S 1380 47.38 6.83 -69.66
N VAL S 1381 47.64 7.32 -68.45
CA VAL S 1381 48.84 8.11 -68.19
C VAL S 1381 50.09 7.25 -68.36
N SER S 1382 50.08 6.03 -67.80
CA SER S 1382 51.21 5.14 -67.91
C SER S 1382 51.39 4.57 -69.31
N HIS S 1383 50.41 4.77 -70.19
CA HIS S 1383 50.52 4.30 -71.57
C HIS S 1383 51.61 5.05 -72.32
N ASP S 1384 52.21 4.37 -73.29
CA ASP S 1384 53.35 4.95 -74.01
C ASP S 1384 52.94 6.12 -74.89
N LYS S 1385 51.67 6.19 -75.29
CA LYS S 1385 51.19 7.22 -76.19
C LYS S 1385 50.44 8.34 -75.46
N PHE S 1386 50.92 8.72 -74.28
CA PHE S 1386 50.25 9.73 -73.46
C PHE S 1386 51.13 10.95 -73.30
N MET S 1387 50.50 12.12 -73.21
CA MET S 1387 51.18 13.38 -72.96
C MET S 1387 50.24 14.29 -72.18
N SER S 1388 50.63 14.66 -70.96
CA SER S 1388 49.77 15.46 -70.10
C SER S 1388 49.94 16.96 -70.30
N ASP S 1389 50.81 17.39 -71.21
CA ASP S 1389 51.07 18.82 -71.39
C ASP S 1389 49.88 19.50 -72.07
N SER S 1390 50.03 20.79 -72.33
CA SER S 1390 48.96 21.59 -72.90
C SER S 1390 48.62 21.13 -74.31
N LEU S 1391 47.38 21.42 -74.72
CA LEU S 1391 46.90 20.95 -76.02
C LEU S 1391 47.71 21.55 -77.17
N ASP S 1392 48.07 22.83 -77.07
CA ASP S 1392 48.87 23.45 -78.12
C ASP S 1392 50.24 22.80 -78.24
N TYR S 1393 50.87 22.50 -77.10
CA TYR S 1393 52.16 21.82 -77.12
C TYR S 1393 52.03 20.42 -77.69
N VAL S 1394 50.93 19.73 -77.36
CA VAL S 1394 50.67 18.41 -77.92
C VAL S 1394 50.54 18.49 -79.45
N LYS S 1395 49.82 19.49 -79.93
CA LYS S 1395 49.66 19.67 -81.38
C LYS S 1395 51.00 19.94 -82.04
N GLU S 1396 51.82 20.82 -81.42
CA GLU S 1396 53.13 21.11 -81.99
C GLU S 1396 54.02 19.87 -82.03
N TRP S 1397 54.02 19.09 -80.94
CA TRP S 1397 54.83 17.88 -80.91
C TRP S 1397 54.35 16.88 -81.96
N LEU S 1398 53.04 16.74 -82.11
CA LEU S 1398 52.51 15.83 -83.12
C LEU S 1398 52.88 16.28 -84.52
N GLU S 1399 52.81 17.58 -84.79
CA GLU S 1399 53.20 18.10 -86.09
C GLU S 1399 54.67 17.82 -86.37
N ARG S 1400 55.53 18.07 -85.38
CA ARG S 1400 56.96 17.82 -85.56
C ARG S 1400 57.26 16.34 -85.79
N TYR S 1401 56.63 15.47 -85.00
CA TYR S 1401 56.88 14.04 -85.13
C TYR S 1401 56.36 13.50 -86.46
N SER S 1402 55.20 14.00 -86.91
CA SER S 1402 54.68 13.57 -88.20
C SER S 1402 55.57 14.06 -89.34
N LYS S 1403 56.06 15.29 -89.25
CA LYS S 1403 56.97 15.79 -90.28
C LYS S 1403 58.26 14.99 -90.32
N ALA S 1404 58.80 14.63 -89.16
CA ALA S 1404 60.02 13.84 -89.12
C ALA S 1404 59.78 12.40 -89.56
N ASN S 1405 58.60 11.84 -89.29
CA ASN S 1405 58.30 10.45 -89.56
C ASN S 1405 57.12 10.30 -90.51
N GLY S 1406 57.10 11.06 -91.60
CA GLY S 1406 55.98 11.09 -92.51
C GLY S 1406 55.59 9.78 -93.16
N ASN S 1407 56.32 8.70 -92.86
CA ASN S 1407 56.02 7.38 -93.40
C ASN S 1407 54.97 6.64 -92.58
N ARG S 1408 54.54 7.16 -91.43
CA ARG S 1408 53.58 6.49 -90.58
C ARG S 1408 52.61 7.52 -89.99
N SER S 1409 51.46 7.02 -89.54
CA SER S 1409 50.47 7.83 -88.87
C SER S 1409 50.68 7.76 -87.37
N HIS S 1410 50.67 8.93 -86.71
CA HIS S 1410 50.99 9.03 -85.29
C HIS S 1410 49.77 9.54 -84.52
N TYR S 1411 49.47 8.88 -83.41
CA TYR S 1411 48.36 9.27 -82.54
C TYR S 1411 48.86 9.35 -81.10
N ILE S 1412 48.37 10.36 -80.38
CA ILE S 1412 48.74 10.57 -78.99
C ILE S 1412 47.50 10.97 -78.20
N PHE S 1413 47.58 10.77 -76.88
CA PHE S 1413 46.50 11.08 -75.96
C PHE S 1413 46.90 12.23 -75.05
N THR S 1414 45.93 13.04 -74.65
CA THR S 1414 46.20 14.16 -73.76
C THR S 1414 44.98 14.42 -72.89
N PHE S 1415 45.19 15.21 -71.84
CA PHE S 1415 44.12 15.56 -70.93
C PHE S 1415 43.10 16.48 -71.59
N ASN S 1416 41.83 16.29 -71.25
CA ASN S 1416 40.75 17.17 -71.67
C ASN S 1416 40.53 18.17 -70.54
N ARG S 1417 41.26 19.29 -70.60
CA ARG S 1417 41.21 20.26 -69.52
C ARG S 1417 39.87 20.96 -69.43
N LYS S 1418 39.18 21.13 -70.56
CA LYS S 1418 37.86 21.75 -70.55
C LYS S 1418 36.80 20.81 -69.99
N ALA S 1419 36.87 19.52 -70.31
CA ALA S 1419 35.90 18.52 -69.86
C ALA S 1419 36.60 17.51 -68.97
N PRO S 1420 36.52 17.67 -67.65
CA PRO S 1420 37.20 16.71 -66.75
C PRO S 1420 36.64 15.30 -66.92
N GLY S 1421 37.51 14.32 -66.72
CA GLY S 1421 37.14 12.93 -66.90
C GLY S 1421 37.19 12.45 -68.33
N TRP S 1422 37.67 13.26 -69.26
CA TRP S 1422 37.75 12.90 -70.67
C TRP S 1422 39.20 12.98 -71.14
N PHE S 1423 39.43 12.55 -72.37
CA PHE S 1423 40.75 12.61 -72.99
C PHE S 1423 40.59 12.97 -74.46
N PHE S 1424 41.57 13.70 -74.98
CA PHE S 1424 41.62 14.09 -76.38
C PHE S 1424 42.60 13.17 -77.11
N LEU S 1425 42.11 12.46 -78.13
CA LEU S 1425 42.93 11.61 -78.97
C LEU S 1425 43.24 12.36 -80.26
N LEU S 1426 44.48 12.84 -80.38
CA LEU S 1426 44.93 13.58 -81.55
C LEU S 1426 45.76 12.64 -82.42
N PHE S 1427 45.34 12.47 -83.67
CA PHE S 1427 46.05 11.64 -84.63
C PHE S 1427 46.25 12.40 -85.93
N LYS S 1428 47.42 12.20 -86.54
CA LYS S 1428 47.77 12.85 -87.81
C LYS S 1428 48.24 11.77 -88.77
N LEU S 1429 47.48 11.55 -89.84
CA LEU S 1429 47.80 10.49 -90.78
C LEU S 1429 49.13 10.73 -91.47
N ASN S 1430 49.39 11.97 -91.88
CA ASN S 1430 50.62 12.32 -92.58
C ASN S 1430 50.84 13.82 -92.38
N PRO S 1431 52.04 14.32 -92.71
CA PRO S 1431 52.27 15.77 -92.56
C PRO S 1431 51.27 16.62 -93.32
N THR S 1432 50.74 16.14 -94.44
CA THR S 1432 49.76 16.90 -95.20
C THR S 1432 48.34 16.76 -94.66
N SER S 1433 48.10 15.81 -93.76
CA SER S 1433 46.77 15.61 -93.19
C SER S 1433 46.59 16.45 -91.93
N GLU S 1434 45.41 17.03 -91.79
CA GLU S 1434 45.11 17.86 -90.62
C GLU S 1434 45.01 16.99 -89.36
N ILE S 1435 45.38 17.59 -88.23
CA ILE S 1435 45.30 16.90 -86.95
C ILE S 1435 43.83 16.80 -86.55
N LYS S 1436 43.36 15.58 -86.35
CA LYS S 1436 41.98 15.31 -85.97
C LYS S 1436 41.94 14.86 -84.52
N ILE S 1437 41.04 15.46 -83.73
CA ILE S 1437 40.95 15.22 -82.30
C ILE S 1437 39.65 14.48 -82.02
N TRP S 1438 39.76 13.37 -81.28
CA TRP S 1438 38.60 12.57 -80.90
C TRP S 1438 38.46 12.57 -79.38
N ASN S 1439 37.22 12.40 -78.93
CA ASN S 1439 36.88 12.49 -77.51
C ASN S 1439 36.80 11.09 -76.91
N VAL S 1440 37.50 10.89 -75.79
CA VAL S 1440 37.52 9.62 -75.08
C VAL S 1440 37.11 9.87 -73.64
N LYS S 1441 36.15 9.09 -73.15
CA LYS S 1441 35.62 9.23 -71.80
C LYS S 1441 36.18 8.12 -70.91
N ALA S 1442 36.62 8.50 -69.71
CA ALA S 1442 37.16 7.55 -68.74
C ALA S 1442 36.01 6.93 -67.96
N LEU S 1443 35.63 5.72 -68.34
CA LEU S 1443 34.55 4.97 -67.71
C LEU S 1443 35.13 3.90 -66.79
N PRO S 1444 34.34 3.42 -65.83
CA PRO S 1444 34.83 2.35 -64.94
C PRO S 1444 35.23 1.08 -65.68
N ASP S 1445 34.51 0.73 -66.74
CA ASP S 1445 34.80 -0.46 -67.52
C ASP S 1445 35.83 -0.24 -68.61
N GLY S 1446 36.30 0.99 -68.80
CA GLY S 1446 37.31 1.26 -69.80
C GLY S 1446 37.25 2.66 -70.38
N TYR S 1447 37.43 2.76 -71.70
CA TYR S 1447 37.49 4.04 -72.39
C TYR S 1447 36.45 4.03 -73.51
N LEU S 1448 35.64 5.08 -73.58
CA LEU S 1448 34.58 5.18 -74.58
C LEU S 1448 35.07 6.07 -75.72
N LEU S 1449 35.30 5.47 -76.88
CA LEU S 1449 35.68 6.20 -78.08
C LEU S 1449 34.81 5.74 -79.24
N ALA S 1450 34.19 6.69 -79.93
CA ALA S 1450 33.28 6.41 -81.05
C ALA S 1450 32.16 5.45 -80.62
N ASN S 1451 31.61 5.71 -79.43
CA ASN S 1451 30.54 4.90 -78.84
C ASN S 1451 30.95 3.43 -78.66
N ASN S 1452 32.25 3.18 -78.47
CA ASN S 1452 32.77 1.83 -78.27
C ASN S 1452 33.58 1.81 -76.98
N VAL S 1453 33.37 0.76 -76.17
CA VAL S 1453 34.03 0.62 -74.88
C VAL S 1453 35.23 -0.30 -75.05
N TYR S 1454 36.41 0.20 -74.71
CA TYR S 1454 37.65 -0.58 -74.82
C TYR S 1454 38.20 -0.84 -73.43
N PRO S 1455 38.39 -2.11 -73.05
CA PRO S 1455 38.78 -2.41 -71.66
C PRO S 1455 40.12 -1.81 -71.25
N ASP S 1456 41.08 -1.73 -72.17
CA ASP S 1456 42.42 -1.28 -71.83
C ASP S 1456 42.93 -0.31 -72.89
N THR S 1457 44.05 0.34 -72.59
CA THR S 1457 44.63 1.31 -73.52
C THR S 1457 45.09 0.65 -74.80
N ASN S 1458 45.69 -0.53 -74.71
CA ASN S 1458 46.13 -1.24 -75.92
C ASN S 1458 44.92 -1.65 -76.77
N SER S 1459 43.86 -2.11 -76.13
CA SER S 1459 42.63 -2.42 -76.87
C SER S 1459 42.06 -1.17 -77.51
N LEU S 1460 42.11 -0.03 -76.81
CA LEU S 1460 41.67 1.23 -77.37
C LEU S 1460 42.49 1.61 -78.60
N CYS S 1461 43.81 1.42 -78.54
CA CYS S 1461 44.67 1.72 -79.69
C CYS S 1461 44.36 0.81 -80.87
N ASN S 1462 44.17 -0.48 -80.60
CA ASN S 1462 43.83 -1.41 -81.68
C ASN S 1462 42.49 -1.06 -82.30
N GLY S 1463 41.50 -0.69 -81.47
CA GLY S 1463 40.22 -0.28 -82.00
C GLY S 1463 40.30 1.00 -82.82
N PHE S 1464 41.11 1.95 -82.37
CA PHE S 1464 41.30 3.18 -83.14
C PHE S 1464 41.94 2.89 -84.49
N LYS S 1465 42.96 2.02 -84.52
CA LYS S 1465 43.59 1.66 -85.79
C LYS S 1465 42.60 0.94 -86.71
N THR S 1466 41.79 0.03 -86.15
CA THR S 1466 40.80 -0.67 -86.96
C THR S 1466 39.74 0.28 -87.50
N LEU S 1467 39.31 1.24 -86.67
CA LEU S 1467 38.36 2.25 -87.14
C LEU S 1467 38.94 3.09 -88.27
N MET S 1468 40.20 3.49 -88.13
CA MET S 1468 40.85 4.25 -89.19
C MET S 1468 40.95 3.44 -90.47
N SER S 1469 41.30 2.15 -90.36
CA SER S 1469 41.40 1.30 -91.54
C SER S 1469 40.04 1.13 -92.21
N SER S 1470 38.99 0.92 -91.41
CA SER S 1470 37.65 0.72 -91.97
C SER S 1470 37.13 2.00 -92.63
N ARG S 1471 37.36 3.15 -92.00
CA ARG S 1471 36.89 4.41 -92.57
C ARG S 1471 37.72 4.83 -93.78
N ARG S 1472 38.95 4.32 -93.89
CA ARG S 1472 39.81 4.62 -95.03
C ARG S 1472 39.34 3.86 -96.27
N LEU T 155 20.78 63.39 48.63
CA LEU T 155 20.08 62.28 48.00
C LEU T 155 18.64 62.64 47.69
N GLU T 156 17.79 62.62 48.72
CA GLU T 156 16.40 63.02 48.53
C GLU T 156 16.30 64.50 48.19
N GLN T 157 17.17 65.33 48.77
CA GLN T 157 17.17 66.75 48.46
C GLN T 157 17.60 67.00 47.02
N MET T 158 18.55 66.21 46.51
CA MET T 158 18.93 66.32 45.10
C MET T 158 17.75 65.97 44.20
N GLN T 159 16.99 64.93 44.56
CA GLN T 159 15.81 64.57 43.78
C GLN T 159 14.77 65.68 43.84
N ASP T 160 14.60 66.31 45.01
CA ASP T 160 13.67 67.43 45.13
C ASP T 160 14.10 68.59 44.25
N GLU T 161 15.40 68.88 44.21
CA GLU T 161 15.90 69.97 43.35
C GLU T 161 15.65 69.65 41.88
N LEU T 162 15.93 68.41 41.48
CA LEU T 162 15.71 68.01 40.08
C LEU T 162 14.23 68.09 39.72
N ILE T 163 13.36 67.68 40.65
CA ILE T 163 11.93 67.73 40.39
C ILE T 163 11.43 69.17 40.32
N GLN T 164 11.99 70.05 41.14
CA GLN T 164 11.65 71.47 41.04
C GLN T 164 12.09 72.05 39.70
N GLN T 165 13.29 71.66 39.23
CA GLN T 165 13.73 72.09 37.91
C GLN T 165 12.78 71.59 36.82
N LEU T 166 12.34 70.33 36.94
CA LEU T 166 11.37 69.79 36.01
C LEU T 166 10.06 70.57 36.08
N LYS T 167 9.64 70.97 37.28
CA LYS T 167 8.43 71.77 37.43
C LYS T 167 8.55 73.10 36.70
N LEU T 168 9.70 73.76 36.87
CA LEU T 168 9.93 75.03 36.18
C LEU T 168 9.93 74.84 34.66
N GLN T 169 10.59 73.78 34.20
CA GLN T 169 10.61 73.50 32.76
C GLN T 169 9.21 73.23 32.23
N MET T 170 8.40 72.48 32.98
CA MET T 170 7.04 72.17 32.54
C MET T 170 6.18 73.43 32.47
N GLU T 171 6.28 74.30 33.49
CA GLU T 171 5.53 75.54 33.47
C GLU T 171 5.96 76.42 32.31
N GLU T 172 7.27 76.53 32.07
CA GLU T 172 7.76 77.33 30.96
C GLU T 172 7.30 76.78 29.63
N SER T 173 7.33 75.45 29.47
CA SER T 173 6.88 74.84 28.22
C SER T 173 5.39 75.06 28.01
N ALA T 174 4.59 74.97 29.07
CA ALA T 174 3.16 75.23 28.95
C ALA T 174 2.91 76.67 28.53
N ILE T 175 3.64 77.62 29.14
CA ILE T 175 3.48 79.02 28.76
C ILE T 175 3.87 79.25 27.31
N ARG T 176 4.99 78.64 26.89
CA ARG T 176 5.45 78.80 25.51
C ARG T 176 4.44 78.22 24.53
N ASP T 177 3.89 77.04 24.83
CA ASP T 177 2.91 76.43 23.94
C ASP T 177 1.63 77.25 23.89
N ALA T 178 1.18 77.79 25.03
CA ALA T 178 0.02 78.66 25.02
C ALA T 178 0.25 79.89 24.16
N ASN T 179 1.42 80.51 24.29
CA ASN T 179 1.73 81.66 23.45
C ASN T 179 1.78 81.28 21.98
N ASN T 180 2.40 80.15 21.65
CA ASN T 180 2.50 79.72 20.27
C ASN T 180 1.11 79.48 19.67
N ILE T 181 0.22 78.87 20.43
CA ILE T 181 -1.16 78.71 19.97
C ILE T 181 -1.82 80.08 19.79
N GLU T 182 -1.58 80.99 20.73
CA GLU T 182 -2.06 82.36 20.56
C GLU T 182 -1.37 83.07 19.39
N GLN T 183 -0.18 82.63 19.01
CA GLN T 183 0.52 83.19 17.87
C GLN T 183 0.26 82.42 16.58
N GLY T 184 -0.68 81.49 16.58
CA GLY T 184 -0.99 80.75 15.38
C GLY T 184 -0.03 79.61 15.07
N LYS T 185 0.58 79.04 16.11
CA LYS T 185 1.51 77.94 15.92
C LYS T 185 1.12 76.77 16.81
N PRO T 186 1.37 75.53 16.37
CA PRO T 186 0.98 74.37 17.16
C PRO T 186 1.79 74.24 18.44
N ALA T 187 1.20 73.56 19.42
CA ALA T 187 1.87 73.31 20.70
C ALA T 187 2.84 72.14 20.52
N ILE T 188 4.13 72.43 20.61
CA ILE T 188 5.16 71.44 20.33
C ILE T 188 6.04 71.24 21.55
N PHE T 189 6.16 72.29 22.38
CA PHE T 189 7.05 72.21 23.54
C PHE T 189 6.61 71.15 24.53
N LYS T 190 5.30 71.02 24.74
CA LYS T 190 4.80 69.97 25.62
C LYS T 190 5.18 68.59 25.09
N LEU T 191 5.05 68.38 23.78
CA LEU T 191 5.45 67.12 23.18
C LEU T 191 6.95 66.88 23.33
N LYS T 192 7.74 67.94 23.18
CA LYS T 192 9.18 67.81 23.35
C LYS T 192 9.54 67.40 24.77
N LEU T 193 8.88 67.99 25.76
CA LEU T 193 9.19 67.67 27.15
C LEU T 193 8.54 66.38 27.62
N LEU T 194 7.56 65.86 26.89
CA LEU T 194 6.86 64.65 27.31
C LEU T 194 7.77 63.46 27.60
N PRO T 195 8.79 63.12 26.79
CA PRO T 195 9.61 61.94 27.13
C PRO T 195 10.30 62.03 28.48
N LYS T 196 10.90 63.18 28.81
CA LYS T 196 11.58 63.30 30.09
C LYS T 196 10.60 63.23 31.25
N VAL T 197 9.44 63.87 31.11
CA VAL T 197 8.42 63.81 32.16
C VAL T 197 7.94 62.39 32.34
N LYS T 198 7.73 61.66 31.25
CA LYS T 198 7.32 60.26 31.33
C LYS T 198 8.38 59.42 32.04
N ASP T 199 9.65 59.61 31.69
CA ASP T 199 10.72 58.84 32.32
C ASP T 199 10.80 59.15 33.81
N ILE T 200 10.66 60.42 34.20
CA ILE T 200 10.69 60.77 35.60
C ILE T 200 9.50 60.17 36.35
N LEU T 201 8.31 60.27 35.77
CA LEU T 201 7.11 59.80 36.46
C LEU T 201 7.09 58.28 36.59
N LEU T 202 7.60 57.57 35.59
CA LEU T 202 7.62 56.11 35.65
C LEU T 202 8.52 55.59 36.76
N ARG T 203 9.47 56.39 37.24
CA ARG T 203 10.35 55.98 38.32
C ARG T 203 9.59 56.04 39.64
N ALA T 204 9.39 54.88 40.26
CA ALA T 204 8.52 54.80 41.43
C ALA T 204 9.13 55.47 42.65
N ASN T 205 10.43 55.28 42.88
CA ASN T 205 11.05 55.78 44.10
C ASN T 205 11.06 57.30 44.18
N LEU T 206 10.83 57.99 43.06
CA LEU T 206 10.76 59.45 43.06
C LEU T 206 9.36 59.97 43.39
N ALA T 207 8.39 59.10 43.62
CA ALA T 207 7.03 59.54 43.89
C ALA T 207 6.96 60.38 45.17
N ASP T 208 7.71 59.96 46.20
CA ASP T 208 7.71 60.70 47.45
C ASP T 208 8.24 62.11 47.26
N SER T 209 9.32 62.26 46.49
CA SER T 209 9.86 63.58 46.21
C SER T 209 8.90 64.41 45.35
N ILE T 210 8.22 63.75 44.41
CA ILE T 210 7.21 64.44 43.60
C ILE T 210 6.12 65.01 44.48
N LEU T 211 5.63 64.20 45.42
CA LEU T 211 4.61 64.66 46.35
C LEU T 211 5.14 65.73 47.30
N ASP T 212 6.43 65.67 47.63
CA ASP T 212 7.04 66.73 48.43
C ASP T 212 7.05 68.05 47.68
N ASN T 213 7.34 68.02 46.37
CA ASN T 213 7.43 69.22 45.57
C ASN T 213 6.10 69.62 44.93
N ASN T 214 5.05 68.82 45.10
CA ASN T 214 3.72 69.11 44.58
C ASN T 214 3.74 69.34 43.08
N LEU T 215 4.37 68.41 42.35
CA LEU T 215 4.41 68.49 40.90
C LEU T 215 3.04 68.30 40.29
N LEU T 216 2.08 67.78 41.06
CA LEU T 216 0.72 67.62 40.57
C LEU T 216 0.10 68.95 40.20
N ALA T 217 0.59 70.06 40.77
CA ALA T 217 0.11 71.38 40.36
C ALA T 217 0.44 71.63 38.89
N SER T 218 1.67 71.36 38.49
CA SER T 218 2.04 71.50 37.08
C SER T 218 1.35 70.45 36.21
N VAL T 219 1.12 69.25 36.76
CA VAL T 219 0.36 68.24 36.02
C VAL T 219 -1.03 68.76 35.69
N ARG T 220 -1.71 69.35 36.68
CA ARG T 220 -3.01 69.93 36.46
C ARG T 220 -2.94 71.12 35.50
N LEU T 221 -1.89 71.92 35.59
CA LEU T 221 -1.71 73.04 34.67
C LEU T 221 -1.63 72.54 33.23
N TRP T 222 -0.87 71.48 32.99
CA TRP T 222 -0.84 70.88 31.66
C TRP T 222 -2.20 70.31 31.27
N LEU T 223 -2.89 69.66 32.22
CA LEU T 223 -4.19 69.08 31.91
C LEU T 223 -5.27 70.15 31.75
N GLU T 224 -5.06 71.35 32.26
CA GLU T 224 -6.07 72.40 32.12
C GLU T 224 -6.20 72.80 30.66
N PRO T 225 -7.40 72.73 30.09
CA PRO T 225 -7.57 73.15 28.69
C PRO T 225 -7.22 74.61 28.50
N LEU T 226 -6.62 74.89 27.35
CA LEU T 226 -6.21 76.25 27.04
C LEU T 226 -7.42 77.12 26.74
N PRO T 227 -7.29 78.44 26.82
CA PRO T 227 -8.46 79.32 26.65
C PRO T 227 -9.13 79.21 25.28
N ASP T 228 -8.45 78.67 24.29
CA ASP T 228 -9.04 78.48 22.96
C ASP T 228 -10.02 77.32 22.91
N ALA T 229 -10.37 76.73 24.06
CA ALA T 229 -11.24 75.55 24.13
C ALA T 229 -10.67 74.39 23.32
N SER T 230 -9.35 74.21 23.37
CA SER T 230 -8.68 73.09 22.70
C SER T 230 -8.08 72.18 23.76
N LEU T 231 -8.38 70.89 23.66
CA LEU T 231 -7.89 69.93 24.63
C LEU T 231 -6.41 69.62 24.36
N PRO T 232 -5.67 69.21 25.39
CA PRO T 232 -4.27 68.85 25.19
C PRO T 232 -4.12 67.60 24.33
N ALA T 233 -2.89 67.37 23.88
CA ALA T 233 -2.61 66.24 23.01
C ALA T 233 -2.91 64.93 23.72
N TYR T 234 -3.41 63.96 22.96
CA TYR T 234 -3.85 62.70 23.55
C TYR T 234 -2.70 61.97 24.23
N GLN T 235 -1.48 62.10 23.71
CA GLN T 235 -0.33 61.49 24.36
C GLN T 235 -0.12 62.05 25.76
N ILE T 236 -0.24 63.38 25.90
CA ILE T 236 -0.05 64.00 27.20
C ILE T 236 -1.12 63.52 28.18
N GLN T 237 -2.37 63.47 27.74
CA GLN T 237 -3.46 63.02 28.61
C GLN T 237 -3.24 61.57 29.04
N LYS T 238 -2.88 60.71 28.08
CA LYS T 238 -2.67 59.30 28.41
C LYS T 238 -1.51 59.11 29.38
N VAL T 239 -0.39 59.81 29.14
CA VAL T 239 0.78 59.67 30.00
C VAL T 239 0.46 60.18 31.41
N LEU T 240 -0.22 61.32 31.49
CA LEU T 240 -0.55 61.87 32.81
C LEU T 240 -1.54 60.98 33.56
N PHE T 241 -2.52 60.41 32.85
CA PHE T 241 -3.43 59.48 33.50
C PHE T 241 -2.70 58.25 34.01
N ASP T 242 -1.79 57.70 33.21
CA ASP T 242 -1.01 56.54 33.65
C ASP T 242 -0.16 56.89 34.87
N ALA T 243 0.46 58.07 34.87
CA ALA T 243 1.26 58.48 36.01
C ALA T 243 0.40 58.66 37.25
N ILE T 244 -0.79 59.24 37.10
CA ILE T 244 -1.70 59.41 38.22
C ILE T 244 -2.10 58.06 38.80
N LYS T 245 -2.40 57.10 37.93
CA LYS T 245 -2.68 55.75 38.40
C LYS T 245 -1.48 55.15 39.12
N SER T 246 -0.27 55.38 38.60
CA SER T 246 0.93 54.77 39.13
C SER T 246 1.39 55.35 40.46
N LEU T 247 0.82 56.46 40.90
CA LEU T 247 1.30 57.03 42.15
C LEU T 247 0.22 56.98 43.22
N PRO T 248 0.60 56.82 44.50
CA PRO T 248 -0.37 56.80 45.61
C PRO T 248 -0.83 58.21 46.02
N ILE T 249 -1.83 58.71 45.29
CA ILE T 249 -2.36 60.04 45.55
C ILE T 249 -3.27 59.99 46.77
N LYS T 250 -3.04 60.89 47.72
CA LYS T 250 -3.83 60.99 48.92
C LYS T 250 -4.67 62.27 48.89
N THR T 251 -5.51 62.42 49.93
CA THR T 251 -6.36 63.60 50.03
C THR T 251 -5.55 64.87 50.20
N SER T 252 -4.44 64.79 50.96
CA SER T 252 -3.59 65.96 51.15
C SER T 252 -2.99 66.42 49.83
N HIS T 253 -2.53 65.48 49.01
CA HIS T 253 -1.96 65.84 47.71
C HIS T 253 -3.01 66.47 46.80
N LEU T 254 -4.23 65.93 46.80
CA LEU T 254 -5.30 66.54 46.01
C LEU T 254 -5.61 67.94 46.50
N ARG T 255 -5.63 68.14 47.82
CA ARG T 255 -5.85 69.47 48.37
C ARG T 255 -4.77 70.44 47.93
N GLU T 256 -3.51 69.99 47.96
CA GLU T 256 -2.40 70.84 47.51
C GLU T 256 -2.54 71.18 46.03
N SER T 257 -2.91 70.21 45.21
CA SER T 257 -2.94 70.40 43.77
C SER T 257 -4.29 70.85 43.24
N GLY T 258 -5.39 70.39 43.84
CA GLY T 258 -6.70 70.69 43.30
C GLY T 258 -6.98 70.04 41.96
N LEU T 259 -6.50 68.82 41.77
CA LEU T 259 -6.69 68.11 40.50
C LEU T 259 -8.11 67.57 40.34
N GLY T 260 -8.87 67.52 41.43
CA GLY T 260 -10.22 66.98 41.35
C GLY T 260 -11.11 67.76 40.40
N LYS T 261 -10.92 69.08 40.33
CA LYS T 261 -11.71 69.90 39.42
C LYS T 261 -11.47 69.51 37.96
N VAL T 262 -10.20 69.34 37.59
CA VAL T 262 -9.88 68.95 36.22
C VAL T 262 -10.35 67.51 35.96
N MET T 263 -10.25 66.65 36.97
CA MET T 263 -10.73 65.28 36.81
C MET T 263 -12.24 65.26 36.54
N VAL T 264 -12.99 66.08 37.29
CA VAL T 264 -14.43 66.15 37.08
C VAL T 264 -14.74 66.73 35.70
N PHE T 265 -13.97 67.74 35.27
CA PHE T 265 -14.16 68.29 33.93
C PHE T 265 -13.93 67.22 32.87
N TYR T 266 -12.86 66.43 33.02
CA TYR T 266 -12.60 65.35 32.07
C TYR T 266 -13.72 64.33 32.08
N GLN T 267 -14.24 64.01 33.27
CA GLN T 267 -15.32 63.04 33.37
C GLN T 267 -16.58 63.54 32.67
N LYS T 268 -16.90 64.83 32.85
CA LYS T 268 -18.13 65.37 32.26
C LYS T 268 -17.99 65.64 30.77
N SER T 269 -16.78 65.92 30.29
CA SER T 269 -16.59 66.27 28.89
C SER T 269 -16.83 65.06 28.00
N LYS T 270 -17.16 65.35 26.73
CA LYS T 270 -17.45 64.32 25.76
C LYS T 270 -16.41 64.16 24.66
N ARG T 271 -15.63 65.21 24.37
CA ARG T 271 -14.51 65.08 23.46
C ARG T 271 -13.42 64.19 24.04
N VAL T 272 -13.41 64.01 25.36
CA VAL T 272 -12.46 63.12 26.00
C VAL T 272 -12.71 61.68 25.58
N GLU T 273 -11.65 60.89 25.46
CA GLU T 273 -11.79 59.50 25.06
C GLU T 273 -12.62 58.74 26.09
N PRO T 274 -13.51 57.86 25.66
CA PRO T 274 -14.33 57.12 26.62
C PRO T 274 -13.53 56.29 27.61
N ASN T 275 -12.39 55.74 27.19
CA ASN T 275 -11.52 55.03 28.13
C ASN T 275 -11.00 55.98 29.19
N LEU T 276 -10.58 57.19 28.78
CA LEU T 276 -10.17 58.18 29.76
C LEU T 276 -11.33 58.60 30.65
N LYS T 277 -12.54 58.62 30.09
CA LYS T 277 -13.72 58.91 30.90
C LYS T 277 -13.91 57.87 32.01
N ARG T 278 -13.81 56.59 31.65
CA ARG T 278 -13.95 55.53 32.64
C ARG T 278 -12.84 55.60 33.68
N THR T 279 -11.61 55.85 33.24
CA THR T 279 -10.50 55.95 34.19
C THR T 279 -10.68 57.13 35.14
N ALA T 280 -11.20 58.25 34.62
CA ALA T 280 -11.47 59.40 35.47
C ALA T 280 -12.55 59.09 36.49
N GLU T 281 -13.62 58.40 36.08
CA GLU T 281 -14.64 58.00 37.03
C GLU T 281 -14.06 57.10 38.11
N LYS T 282 -13.24 56.13 37.70
CA LYS T 282 -12.62 55.21 38.67
C LYS T 282 -11.73 55.96 39.65
N LEU T 283 -10.91 56.89 39.15
CA LEU T 283 -10.00 57.63 40.02
C LEU T 283 -10.75 58.54 40.97
N ILE T 284 -11.82 59.19 40.48
CA ILE T 284 -12.62 60.05 41.34
C ILE T 284 -13.28 59.23 42.45
N SER T 285 -13.81 58.05 42.11
CA SER T 285 -14.40 57.19 43.12
C SER T 285 -13.35 56.75 44.14
N ASP T 286 -12.16 56.38 43.67
CA ASP T 286 -11.11 55.96 44.58
C ASP T 286 -10.69 57.10 45.52
N TRP T 287 -10.67 58.33 45.00
CA TRP T 287 -10.28 59.46 45.84
C TRP T 287 -11.38 59.87 46.80
N THR T 288 -12.64 59.64 46.43
CA THR T 288 -13.74 59.88 47.38
C THR T 288 -13.83 58.79 48.43
N ARG T 289 -13.26 57.61 48.16
CA ARG T 289 -13.33 56.51 49.12
C ARG T 289 -12.79 56.88 50.50
N PRO T 290 -11.59 57.45 50.65
CA PRO T 290 -11.09 57.69 52.02
C PRO T 290 -11.89 58.75 52.77
N ILE T 291 -12.48 59.72 52.09
CA ILE T 291 -13.21 60.79 52.78
C ILE T 291 -14.41 60.23 53.52
N MET T 292 -15.15 59.32 52.90
CA MET T 292 -16.36 58.76 53.48
C MET T 292 -16.09 57.51 54.31
N GLY T 293 -14.83 57.10 54.45
CA GLY T 293 -14.50 55.92 55.23
C GLY T 293 -13.26 55.19 54.75
N MET U 41 -11.31 -78.23 22.49
CA MET U 41 -12.07 -77.34 21.60
C MET U 41 -13.36 -78.01 21.14
N SER U 42 -14.15 -77.28 20.35
CA SER U 42 -15.37 -77.83 19.80
C SER U 42 -15.06 -78.86 18.73
N LEU U 43 -15.73 -80.02 18.81
CA LEU U 43 -15.47 -81.10 17.87
C LEU U 43 -15.92 -80.70 16.47
N LEU U 44 -15.06 -80.97 15.49
CA LEU U 44 -15.35 -80.69 14.07
C LEU U 44 -15.97 -81.94 13.46
N ASP U 45 -17.30 -81.93 13.35
CA ASP U 45 -18.04 -83.04 12.76
C ASP U 45 -19.32 -82.51 12.15
N GLN U 46 -20.15 -83.43 11.66
CA GLN U 46 -21.49 -83.05 11.20
C GLN U 46 -22.34 -82.52 12.35
N ASP U 47 -22.19 -83.11 13.53
CA ASP U 47 -22.98 -82.67 14.69
C ASP U 47 -22.66 -81.23 15.07
N TYR U 48 -21.45 -80.75 14.76
CA TYR U 48 -21.12 -79.36 15.07
C TYR U 48 -22.05 -78.40 14.34
N TYR U 49 -22.17 -78.55 13.02
CA TYR U 49 -23.06 -77.70 12.25
C TYR U 49 -24.52 -78.10 12.39
N LEU U 50 -24.79 -79.31 12.89
CA LEU U 50 -26.16 -79.64 13.31
C LEU U 50 -26.58 -78.78 14.49
N SER U 51 -25.75 -78.76 15.54
CA SER U 51 -26.04 -77.94 16.71
C SER U 51 -25.97 -76.46 16.39
N ALA U 52 -25.14 -76.06 15.42
CA ALA U 52 -25.11 -74.67 15.00
C ALA U 52 -26.47 -74.25 14.43
N LEU U 53 -27.08 -75.11 13.63
CA LEU U 53 -28.40 -74.85 13.08
C LEU U 53 -29.48 -75.09 14.15
N PRO U 54 -30.62 -74.44 14.03
CA PRO U 54 -31.73 -74.69 14.95
C PRO U 54 -32.27 -76.11 14.79
N GLU U 55 -32.91 -76.60 15.85
CA GLU U 55 -33.43 -77.97 15.85
C GLU U 55 -34.47 -78.20 14.77
N ASP U 56 -35.07 -77.13 14.23
CA ASP U 56 -35.98 -77.28 13.11
C ASP U 56 -35.26 -77.86 11.89
N LYS U 57 -34.04 -77.39 11.63
CA LYS U 57 -33.25 -77.87 10.51
C LYS U 57 -32.44 -79.12 10.83
N ARG U 58 -32.42 -79.56 12.09
CA ARG U 58 -31.65 -80.73 12.47
C ARG U 58 -32.40 -82.02 12.18
N ALA U 59 -33.57 -82.20 12.80
CA ALA U 59 -34.30 -83.45 12.74
C ALA U 59 -35.26 -83.52 11.56
N GLU U 60 -36.00 -82.44 11.28
CA GLU U 60 -37.01 -82.48 10.24
C GLU U 60 -36.39 -82.72 8.87
N LEU U 61 -35.27 -82.06 8.58
CA LEU U 61 -34.65 -82.16 7.25
C LEU U 61 -34.12 -83.56 6.96
N VAL U 62 -33.92 -84.39 7.98
CA VAL U 62 -33.34 -85.72 7.80
C VAL U 62 -34.35 -86.81 8.18
N THR U 63 -35.64 -86.48 8.25
CA THR U 63 -36.64 -87.48 8.61
C THR U 63 -36.70 -88.58 7.55
N LEU U 64 -36.70 -89.83 8.02
CA LEU U 64 -36.87 -90.99 7.16
C LEU U 64 -38.30 -91.49 7.15
N GLN U 65 -39.21 -90.81 7.84
CA GLN U 65 -40.62 -91.15 7.87
C GLN U 65 -41.43 -90.02 7.25
N LEU U 66 -42.33 -90.39 6.34
CA LEU U 66 -43.16 -89.43 5.62
C LEU U 66 -44.60 -89.57 6.08
N THR U 67 -45.21 -88.45 6.45
CA THR U 67 -46.60 -88.42 6.89
C THR U 67 -47.49 -88.00 5.74
N ILE U 68 -48.47 -88.84 5.41
CA ILE U 68 -49.34 -88.63 4.26
C ILE U 68 -50.78 -88.61 4.72
N PRO U 69 -51.48 -87.47 4.64
CA PRO U 69 -52.91 -87.45 4.99
C PRO U 69 -53.71 -88.30 4.01
N LEU U 70 -54.80 -88.88 4.53
CA LEU U 70 -55.68 -89.71 3.72
C LEU U 70 -56.85 -88.89 3.19
N LYS U 71 -57.45 -89.38 2.10
CA LYS U 71 -58.60 -88.72 1.51
C LYS U 71 -59.83 -88.81 2.41
N SER U 72 -59.85 -89.76 3.36
CA SER U 72 -61.00 -89.91 4.24
C SER U 72 -61.17 -88.74 5.19
N GLY U 73 -60.15 -87.89 5.35
CA GLY U 73 -60.25 -86.74 6.22
C GLY U 73 -59.04 -86.54 7.09
N ASP U 74 -59.23 -86.56 8.41
CA ASP U 74 -58.13 -86.34 9.35
C ASP U 74 -57.18 -87.53 9.43
N GLU U 75 -57.53 -88.67 8.84
CA GLU U 75 -56.67 -89.83 8.90
C GLU U 75 -55.37 -89.59 8.12
N VAL U 76 -54.25 -90.02 8.70
CA VAL U 76 -52.94 -89.89 8.06
C VAL U 76 -52.24 -91.23 8.17
N VAL U 77 -51.24 -91.42 7.31
CA VAL U 77 -50.41 -92.62 7.31
C VAL U 77 -48.95 -92.20 7.32
N THR U 78 -48.16 -92.84 8.18
CA THR U 78 -46.72 -92.59 8.28
C THR U 78 -45.98 -93.83 7.79
N ILE U 79 -45.13 -93.64 6.77
CA ILE U 79 -44.35 -94.72 6.20
C ILE U 79 -42.88 -94.38 6.36
N ASP U 80 -42.14 -95.26 7.02
CA ASP U 80 -40.72 -95.06 7.25
C ASP U 80 -39.93 -95.52 6.03
N PHE U 81 -39.01 -94.67 5.56
CA PHE U 81 -38.18 -95.04 4.42
C PHE U 81 -37.06 -95.99 4.78
N ASN U 82 -36.84 -96.27 6.08
CA ASN U 82 -35.89 -97.30 6.46
C ASN U 82 -36.35 -98.67 5.96
N GLU U 83 -37.65 -98.95 6.05
CA GLU U 83 -38.20 -100.18 5.51
C GLU U 83 -38.20 -100.15 3.99
N ASP U 84 -38.38 -101.32 3.39
CA ASP U 84 -38.42 -101.42 1.93
C ASP U 84 -39.74 -100.85 1.40
N VAL U 85 -39.72 -99.58 1.01
CA VAL U 85 -40.91 -98.92 0.51
C VAL U 85 -41.08 -99.24 -0.97
N ASP U 86 -42.23 -99.80 -1.32
CA ASP U 86 -42.53 -100.09 -2.72
C ASP U 86 -42.97 -98.82 -3.43
N VAL U 87 -42.42 -98.60 -4.62
CA VAL U 87 -42.76 -97.41 -5.39
C VAL U 87 -44.21 -97.46 -5.85
N SER U 88 -44.63 -98.60 -6.42
CA SER U 88 -45.95 -98.69 -7.02
C SER U 88 -47.05 -98.56 -5.97
N GLN U 89 -46.93 -99.29 -4.86
CA GLN U 89 -47.96 -99.23 -3.82
C GLN U 89 -48.03 -97.84 -3.19
N LEU U 90 -46.88 -97.23 -2.92
CA LEU U 90 -46.88 -95.89 -2.34
C LEU U 90 -47.49 -94.88 -3.30
N CYS U 91 -47.17 -94.97 -4.59
CA CYS U 91 -47.76 -94.06 -5.57
C CYS U 91 -49.26 -94.25 -5.68
N VAL U 92 -49.73 -95.51 -5.66
CA VAL U 92 -51.15 -95.78 -5.73
C VAL U 92 -51.87 -95.20 -4.51
N LEU U 93 -51.29 -95.39 -3.32
CA LEU U 93 -51.89 -94.84 -2.11
C LEU U 93 -51.92 -93.32 -2.15
N LEU U 94 -50.83 -92.70 -2.60
CA LEU U 94 -50.79 -91.24 -2.69
C LEU U 94 -51.83 -90.72 -3.68
N GLU U 95 -51.98 -91.40 -4.82
CA GLU U 95 -53.00 -91.00 -5.79
C GLU U 95 -54.40 -91.15 -5.23
N SER U 96 -54.64 -92.24 -4.49
CA SER U 96 -55.96 -92.44 -3.89
C SER U 96 -56.27 -91.36 -2.86
N GLU U 97 -55.30 -91.02 -2.01
CA GLU U 97 -55.52 -90.00 -1.01
C GLU U 97 -55.34 -88.59 -1.54
N ASN U 98 -54.73 -88.44 -2.72
CA ASN U 98 -54.50 -87.14 -3.34
C ASN U 98 -53.76 -86.20 -2.38
N ALA U 99 -52.60 -86.66 -1.93
CA ALA U 99 -51.80 -85.89 -0.99
C ALA U 99 -51.13 -84.70 -1.70
N ARG U 100 -50.57 -83.81 -0.90
CA ARG U 100 -49.92 -82.63 -1.43
C ARG U 100 -48.69 -83.03 -2.26
N PRO U 101 -48.38 -82.28 -3.32
CA PRO U 101 -47.23 -82.63 -4.16
C PRO U 101 -45.91 -82.63 -3.40
N ASP U 102 -45.82 -81.90 -2.29
CA ASP U 102 -44.60 -81.91 -1.50
C ASP U 102 -44.25 -83.32 -1.03
N LEU U 103 -45.26 -84.10 -0.62
CA LEU U 103 -45.01 -85.47 -0.20
C LEU U 103 -44.52 -86.33 -1.35
N TRP U 104 -45.12 -86.17 -2.53
CA TRP U 104 -44.67 -86.93 -3.70
C TRP U 104 -43.21 -86.63 -4.02
N LEU U 105 -42.85 -85.34 -4.06
CA LEU U 105 -41.49 -84.97 -4.42
C LEU U 105 -40.50 -85.33 -3.31
N SER U 106 -40.92 -85.29 -2.05
CA SER U 106 -40.03 -85.73 -0.97
C SER U 106 -39.77 -87.23 -1.05
N ALA U 107 -40.82 -88.01 -1.35
CA ALA U 107 -40.62 -89.45 -1.56
C ALA U 107 -39.70 -89.69 -2.75
N ALA U 108 -39.86 -88.91 -3.82
CA ALA U 108 -38.96 -89.03 -4.96
C ALA U 108 -37.52 -88.74 -4.57
N LYS U 109 -37.31 -87.69 -3.77
CA LYS U 109 -35.96 -87.36 -3.31
C LYS U 109 -35.36 -88.48 -2.48
N VAL U 110 -36.17 -89.05 -1.57
CA VAL U 110 -35.66 -90.13 -0.73
C VAL U 110 -35.31 -91.35 -1.57
N PHE U 111 -36.16 -91.69 -2.54
CA PHE U 111 -35.85 -92.81 -3.43
C PHE U 111 -34.63 -92.52 -4.29
N VAL U 112 -34.36 -91.25 -4.58
CA VAL U 112 -33.11 -90.86 -5.20
C VAL U 112 -31.94 -91.18 -4.27
N SER U 113 -32.09 -90.84 -2.99
CA SER U 113 -31.07 -91.20 -2.01
C SER U 113 -30.88 -92.70 -1.92
N LYS U 114 -31.97 -93.46 -2.11
CA LYS U 114 -31.89 -94.92 -2.16
C LYS U 114 -31.28 -95.42 -3.47
N GLY U 115 -31.07 -94.54 -4.44
CA GLY U 115 -30.56 -94.93 -5.74
C GLY U 115 -31.61 -95.39 -6.72
N ASN U 116 -32.89 -95.38 -6.32
CA ASN U 116 -33.99 -95.83 -7.19
C ASN U 116 -34.37 -94.71 -8.15
N ILE U 117 -33.48 -94.47 -9.11
CA ILE U 117 -33.74 -93.44 -10.12
C ILE U 117 -34.97 -93.79 -10.95
N ALA U 118 -35.10 -95.07 -11.34
CA ALA U 118 -36.30 -95.51 -12.02
C ALA U 118 -37.53 -95.36 -11.14
N GLY U 119 -37.40 -95.68 -9.86
CA GLY U 119 -38.51 -95.50 -8.94
C GLY U 119 -38.91 -94.04 -8.79
N SER U 120 -37.92 -93.16 -8.71
CA SER U 120 -38.22 -91.73 -8.62
C SER U 120 -38.89 -91.22 -9.90
N GLN U 121 -38.43 -91.69 -11.05
CA GLN U 121 -39.08 -91.32 -12.30
C GLN U 121 -40.52 -91.80 -12.34
N GLU U 122 -40.76 -93.02 -11.84
CA GLU U 122 -42.13 -93.54 -11.75
C GLU U 122 -42.97 -92.67 -10.83
N ILE U 123 -42.40 -92.25 -9.69
CA ILE U 123 -43.12 -91.36 -8.77
C ILE U 123 -43.50 -90.07 -9.48
N ILE U 124 -42.56 -89.48 -10.21
CA ILE U 124 -42.82 -88.22 -10.90
C ILE U 124 -43.91 -88.41 -11.94
N ARG U 125 -43.84 -89.49 -12.72
CA ARG U 125 -44.81 -89.72 -13.78
C ARG U 125 -46.21 -89.93 -13.22
N LYS U 126 -46.32 -90.77 -12.17
CA LYS U 126 -47.62 -91.03 -11.58
C LYS U 126 -48.15 -89.81 -10.84
N ALA U 127 -47.26 -88.95 -10.32
CA ALA U 127 -47.71 -87.67 -9.78
C ALA U 127 -48.29 -86.80 -10.88
N LEU U 128 -47.64 -86.76 -12.04
CA LEU U 128 -48.22 -86.07 -13.19
C LEU U 128 -49.56 -86.68 -13.58
N GLN U 129 -49.74 -87.98 -13.33
CA GLN U 129 -51.02 -88.62 -13.54
C GLN U 129 -51.99 -88.40 -12.38
N SER U 130 -51.52 -87.89 -11.26
CA SER U 130 -52.38 -87.70 -10.09
C SER U 130 -53.34 -86.54 -10.29
N ASN U 131 -54.44 -86.56 -9.53
CA ASN U 131 -55.45 -85.50 -9.63
C ASN U 131 -54.94 -84.18 -9.07
N VAL U 132 -54.06 -84.22 -8.08
CA VAL U 132 -53.61 -82.98 -7.44
C VAL U 132 -52.86 -82.10 -8.44
N ILE U 133 -51.90 -82.68 -9.16
CA ILE U 133 -51.10 -81.90 -10.09
C ILE U 133 -51.95 -81.44 -11.27
N LEU U 134 -52.88 -82.30 -11.73
CA LEU U 134 -53.77 -81.88 -12.81
C LEU U 134 -54.67 -80.73 -12.39
N ASP U 135 -55.09 -80.70 -11.13
CA ASP U 135 -55.92 -79.62 -10.63
C ASP U 135 -55.12 -78.45 -10.06
N SER U 136 -53.81 -78.62 -9.86
CA SER U 136 -52.97 -77.53 -9.40
C SER U 136 -52.60 -76.61 -10.55
N SER U 137 -51.83 -75.57 -10.23
CA SER U 137 -51.36 -74.65 -11.25
C SER U 137 -50.24 -75.30 -12.06
N ALA U 138 -49.84 -74.62 -13.13
CA ALA U 138 -48.74 -75.11 -13.96
C ALA U 138 -47.41 -75.06 -13.23
N SER U 139 -47.33 -74.32 -12.12
CA SER U 139 -46.08 -74.24 -11.37
C SER U 139 -45.69 -75.59 -10.79
N VAL U 140 -46.66 -76.34 -10.26
CA VAL U 140 -46.35 -77.65 -9.70
C VAL U 140 -45.89 -78.60 -10.79
N THR U 141 -46.56 -78.57 -11.95
CA THR U 141 -46.15 -79.43 -13.06
C THR U 141 -44.75 -79.06 -13.54
N SER U 142 -44.43 -77.76 -13.56
CA SER U 142 -43.09 -77.33 -13.94
C SER U 142 -42.05 -77.80 -12.92
N LEU U 143 -42.38 -77.75 -11.63
CA LEU U 143 -41.47 -78.23 -10.61
C LEU U 143 -41.22 -79.74 -10.77
N PHE U 144 -42.27 -80.50 -11.08
CA PHE U 144 -42.08 -81.94 -11.28
C PHE U 144 -41.31 -82.22 -12.58
N HIS U 145 -41.50 -81.39 -13.60
CA HIS U 145 -40.69 -81.52 -14.81
C HIS U 145 -39.21 -81.28 -14.51
N ASN U 146 -38.93 -80.27 -13.67
CA ASN U 146 -37.54 -80.02 -13.27
C ASN U 146 -37.00 -81.16 -12.41
N PHE U 147 -37.85 -81.77 -11.59
CA PHE U 147 -37.43 -82.95 -10.84
C PHE U 147 -37.06 -84.09 -11.78
N SER U 148 -37.86 -84.30 -12.83
CA SER U 148 -37.52 -85.31 -13.83
C SER U 148 -36.23 -84.95 -14.56
N PHE U 149 -35.99 -83.65 -14.78
CA PHE U 149 -34.73 -83.18 -15.33
C PHE U 149 -33.56 -83.59 -14.44
N TRP U 150 -33.70 -83.36 -13.14
CA TRP U 150 -32.66 -83.78 -12.20
C TRP U 150 -32.50 -85.29 -12.20
N LEU U 151 -33.61 -86.02 -12.38
CA LEU U 151 -33.54 -87.48 -12.45
C LEU U 151 -32.73 -87.93 -13.65
N SER U 152 -32.95 -87.30 -14.81
CA SER U 152 -32.15 -87.62 -15.99
C SER U 152 -30.68 -87.28 -15.77
N LEU U 153 -30.42 -86.14 -15.12
CA LEU U 153 -29.03 -85.78 -14.81
C LEU U 153 -28.37 -86.82 -13.93
N MET U 154 -29.09 -87.29 -12.90
CA MET U 154 -28.52 -88.30 -12.01
C MET U 154 -28.33 -89.63 -12.72
N GLU U 155 -29.27 -89.99 -13.60
CA GLU U 155 -29.13 -91.23 -14.37
C GLU U 155 -27.89 -91.17 -15.25
N TYR U 156 -27.65 -90.04 -15.90
CA TYR U 156 -26.42 -89.89 -16.69
C TYR U 156 -25.20 -89.94 -15.80
N VAL U 157 -25.24 -89.26 -14.65
CA VAL U 157 -24.07 -89.16 -13.77
C VAL U 157 -23.71 -90.53 -13.21
N SER U 158 -24.72 -91.28 -12.75
CA SER U 158 -24.44 -92.57 -12.11
C SER U 158 -23.90 -93.60 -13.09
N THR U 159 -24.01 -93.37 -14.40
CA THR U 159 -23.53 -94.31 -15.41
C THR U 159 -22.43 -93.75 -16.29
N ASN U 160 -22.38 -92.42 -16.48
CA ASN U 160 -21.42 -91.79 -17.38
C ASN U 160 -21.50 -92.38 -18.78
N SER U 161 -22.73 -92.62 -19.24
CA SER U 161 -22.97 -93.21 -20.55
C SER U 161 -24.35 -92.78 -21.02
N ARG U 162 -24.62 -93.01 -22.30
CA ARG U 162 -25.88 -92.60 -22.93
C ARG U 162 -26.13 -91.12 -22.72
N GLU U 163 -25.07 -90.32 -22.88
CA GLU U 163 -25.13 -88.90 -22.53
C GLU U 163 -26.14 -88.16 -23.38
N ASP U 164 -26.17 -88.43 -24.68
CA ASP U 164 -27.07 -87.71 -25.58
C ASP U 164 -28.53 -87.98 -25.26
N GLN U 165 -28.89 -89.24 -25.00
CA GLN U 165 -30.28 -89.58 -24.74
C GLN U 165 -30.78 -88.94 -23.45
N PHE U 166 -30.03 -89.09 -22.36
CA PHE U 166 -30.44 -88.48 -21.10
C PHE U 166 -30.42 -86.96 -21.17
N LEU U 167 -29.47 -86.40 -21.92
CA LEU U 167 -29.44 -84.94 -22.09
C LEU U 167 -30.69 -84.46 -22.83
N GLU U 168 -31.12 -85.20 -23.85
CA GLU U 168 -32.34 -84.83 -24.56
C GLU U 168 -33.57 -84.97 -23.67
N TYR U 169 -33.64 -86.04 -22.88
CA TYR U 169 -34.77 -86.19 -21.95
C TYR U 169 -34.82 -85.02 -20.97
N ALA U 170 -33.67 -84.68 -20.39
CA ALA U 170 -33.59 -83.58 -19.44
C ALA U 170 -33.94 -82.26 -20.11
N SER U 171 -33.48 -82.06 -21.34
CA SER U 171 -33.79 -80.82 -22.06
C SER U 171 -35.28 -80.70 -22.33
N ASN U 172 -35.93 -81.79 -22.74
CA ASN U 172 -37.36 -81.75 -22.97
C ASN U 172 -38.13 -81.46 -21.68
N SER U 173 -37.74 -82.11 -20.58
CA SER U 173 -38.41 -81.85 -19.31
C SER U 173 -38.21 -80.41 -18.86
N LEU U 174 -36.99 -79.88 -19.01
CA LEU U 174 -36.70 -78.52 -18.60
C LEU U 174 -37.44 -77.50 -19.48
N GLN U 175 -37.53 -77.77 -20.79
CA GLN U 175 -38.28 -76.90 -21.67
C GLN U 175 -39.76 -76.89 -21.32
N ALA U 176 -40.32 -78.06 -21.01
CA ALA U 176 -41.71 -78.12 -20.57
C ALA U 176 -41.90 -77.35 -19.28
N SER U 177 -40.97 -77.47 -18.33
CA SER U 177 -41.06 -76.73 -17.08
C SER U 177 -41.00 -75.23 -17.32
N ASN U 178 -40.08 -74.79 -18.18
CA ASN U 178 -39.96 -73.35 -18.46
C ASN U 178 -41.21 -72.81 -19.13
N SER U 179 -41.78 -73.58 -20.06
CA SER U 179 -43.03 -73.16 -20.70
C SER U 179 -44.16 -73.09 -19.67
N LEU U 180 -44.23 -74.05 -18.76
CA LEU U 180 -45.30 -74.06 -17.77
C LEU U 180 -45.08 -72.99 -16.71
N ASP U 181 -43.83 -72.78 -16.29
CA ASP U 181 -43.52 -71.75 -15.29
C ASP U 181 -42.10 -71.26 -15.54
N SER U 182 -41.98 -70.13 -16.23
CA SER U 182 -40.69 -69.55 -16.57
C SER U 182 -40.09 -68.69 -15.47
N GLY U 183 -40.86 -68.35 -14.44
CA GLY U 183 -40.35 -67.51 -13.38
C GLY U 183 -39.53 -68.21 -12.32
N LEU U 184 -39.39 -69.53 -12.42
CA LEU U 184 -38.67 -70.31 -11.43
C LEU U 184 -37.17 -70.25 -11.72
N ILE U 185 -36.39 -69.81 -10.74
CA ILE U 185 -34.93 -69.74 -10.91
C ILE U 185 -34.31 -71.11 -11.06
N LEU U 186 -34.99 -72.16 -10.58
CA LEU U 186 -34.48 -73.51 -10.76
C LEU U 186 -34.44 -73.89 -12.23
N ASN U 187 -35.37 -73.38 -13.03
CA ASN U 187 -35.30 -73.59 -14.48
C ASN U 187 -34.05 -72.94 -15.07
N GLY U 188 -33.70 -71.74 -14.59
CA GLY U 188 -32.48 -71.11 -15.04
C GLY U 188 -31.24 -71.89 -14.63
N ILE U 189 -31.24 -72.43 -13.42
CA ILE U 189 -30.11 -73.24 -12.96
C ILE U 189 -30.00 -74.50 -13.83
N GLY U 190 -31.13 -75.13 -14.13
CA GLY U 190 -31.11 -76.29 -15.02
C GLY U 190 -30.61 -75.95 -16.40
N ASN U 191 -31.01 -74.79 -16.93
CA ASN U 191 -30.50 -74.34 -18.22
C ASN U 191 -29.00 -74.16 -18.18
N GLY U 192 -28.48 -73.53 -17.13
CA GLY U 192 -27.04 -73.36 -17.00
C GLY U 192 -26.30 -74.68 -16.90
N VAL U 193 -26.86 -75.62 -16.14
CA VAL U 193 -26.23 -76.94 -16.02
C VAL U 193 -26.24 -77.66 -17.37
N LEU U 194 -27.34 -77.53 -18.12
CA LEU U 194 -27.41 -78.11 -19.46
C LEU U 194 -26.36 -77.51 -20.37
N TYR U 195 -26.16 -76.19 -20.29
CA TYR U 195 -25.12 -75.53 -21.07
C TYR U 195 -23.74 -76.05 -20.67
N ALA U 196 -23.50 -76.22 -19.37
CA ALA U 196 -22.22 -76.71 -18.90
C ALA U 196 -21.95 -78.13 -19.38
N LYS U 197 -22.97 -79.00 -19.35
CA LYS U 197 -22.78 -80.37 -19.81
C LYS U 197 -22.49 -80.41 -21.30
N SER U 198 -23.11 -79.53 -22.08
CA SER U 198 -22.81 -79.39 -23.50
C SER U 198 -21.66 -78.44 -23.76
N ARG U 199 -20.95 -78.01 -22.71
CA ARG U 199 -19.81 -77.11 -22.81
C ARG U 199 -20.18 -75.77 -23.43
N ARG U 200 -21.42 -75.33 -23.21
CA ARG U 200 -21.83 -73.98 -23.58
C ARG U 200 -21.62 -73.03 -22.40
N TYR U 201 -20.34 -72.85 -22.07
CA TYR U 201 -19.97 -72.16 -20.83
C TYR U 201 -20.43 -70.71 -20.82
N ASP U 202 -20.44 -70.04 -21.97
CA ASP U 202 -20.82 -68.63 -22.00
C ASP U 202 -22.28 -68.45 -21.60
N GLU U 203 -23.17 -69.29 -22.13
CA GLU U 203 -24.58 -69.18 -21.79
C GLU U 203 -24.84 -69.50 -20.32
N ALA U 204 -24.15 -70.52 -19.78
CA ALA U 204 -24.30 -70.84 -18.37
C ALA U 204 -23.79 -69.70 -17.50
N LEU U 205 -22.67 -69.07 -17.90
CA LEU U 205 -22.15 -67.94 -17.16
C LEU U 205 -23.13 -66.76 -17.19
N LYS U 206 -23.77 -66.53 -18.34
CA LYS U 206 -24.79 -65.49 -18.43
C LYS U 206 -25.97 -65.80 -17.52
N GLU U 207 -26.38 -67.08 -17.48
CA GLU U 207 -27.47 -67.47 -16.58
C GLU U 207 -27.11 -67.24 -15.12
N PHE U 208 -25.87 -67.56 -14.75
CA PHE U 208 -25.45 -67.32 -13.36
C PHE U 208 -25.29 -65.83 -13.06
N ASP U 209 -24.92 -65.03 -14.08
CA ASP U 209 -24.94 -63.58 -13.89
C ASP U 209 -26.36 -63.09 -13.63
N ASN U 210 -27.34 -63.61 -14.38
CA ASN U 210 -28.73 -63.25 -14.12
C ASN U 210 -29.17 -63.68 -12.73
N LEU U 211 -28.76 -64.87 -12.29
CA LEU U 211 -29.10 -65.33 -10.95
C LEU U 211 -28.47 -64.44 -9.88
N LEU U 212 -27.23 -64.02 -10.10
CA LEU U 212 -26.59 -63.08 -9.18
C LEU U 212 -27.32 -61.75 -9.15
N LYS U 213 -27.82 -61.31 -10.31
CA LYS U 213 -28.66 -60.11 -10.34
C LYS U 213 -29.92 -60.31 -9.50
N LYS U 214 -30.53 -61.49 -9.58
CA LYS U 214 -31.72 -61.78 -8.79
C LYS U 214 -31.40 -61.77 -7.29
N LYS U 215 -30.37 -62.50 -6.89
CA LYS U 215 -29.96 -62.56 -5.49
C LYS U 215 -28.54 -63.10 -5.41
N SER U 216 -27.77 -62.58 -4.46
CA SER U 216 -26.39 -63.01 -4.26
C SER U 216 -26.26 -64.14 -3.25
N THR U 217 -27.36 -64.57 -2.64
CA THR U 217 -27.33 -65.63 -1.65
C THR U 217 -27.56 -67.02 -2.23
N ASN U 218 -27.66 -67.13 -3.56
CA ASN U 218 -27.93 -68.42 -4.19
C ASN U 218 -26.66 -69.27 -4.14
N ILE U 219 -26.70 -70.32 -3.31
CA ILE U 219 -25.53 -71.18 -3.16
C ILE U 219 -25.31 -72.02 -4.42
N LEU U 220 -26.40 -72.51 -5.02
CA LEU U 220 -26.27 -73.34 -6.22
C LEU U 220 -25.67 -72.55 -7.38
N ALA U 221 -26.05 -71.27 -7.51
CA ALA U 221 -25.45 -70.42 -8.53
C ALA U 221 -23.95 -70.27 -8.30
N ILE U 222 -23.54 -70.08 -7.05
CA ILE U 222 -22.11 -69.97 -6.73
C ILE U 222 -21.39 -71.26 -7.10
N LEU U 223 -21.98 -72.41 -6.75
CA LEU U 223 -21.35 -73.69 -7.05
C LEU U 223 -21.21 -73.90 -8.56
N GLY U 224 -22.27 -73.58 -9.32
CA GLY U 224 -22.18 -73.73 -10.76
C GLY U 224 -21.16 -72.80 -11.38
N LYS U 225 -21.12 -71.54 -10.93
CA LYS U 225 -20.13 -70.60 -11.44
C LYS U 225 -18.72 -71.07 -11.14
N ALA U 226 -18.49 -71.56 -9.93
CA ALA U 226 -17.17 -72.06 -9.55
C ALA U 226 -16.79 -73.30 -10.37
N GLN U 227 -17.76 -74.17 -10.61
CA GLN U 227 -17.50 -75.34 -11.46
C GLN U 227 -17.10 -74.93 -12.87
N ILE U 228 -17.80 -73.94 -13.43
CA ILE U 228 -17.45 -73.47 -14.77
C ILE U 228 -16.07 -72.83 -14.78
N LEU U 229 -15.77 -72.02 -13.77
CA LEU U 229 -14.46 -71.37 -13.70
C LEU U 229 -13.34 -72.40 -13.58
N TYR U 230 -13.55 -73.44 -12.77
CA TYR U 230 -12.58 -74.53 -12.70
C TYR U 230 -12.44 -75.24 -14.04
N LYS U 231 -13.57 -75.46 -14.73
CA LYS U 231 -13.51 -76.03 -16.07
C LYS U 231 -12.75 -75.12 -17.03
N ARG U 232 -12.87 -73.81 -16.83
CA ARG U 232 -12.09 -72.83 -17.59
C ARG U 232 -10.73 -72.56 -16.96
N GLN U 233 -10.31 -73.39 -16.00
CA GLN U 233 -9.00 -73.30 -15.36
C GLN U 233 -8.82 -72.02 -14.55
N LYS U 234 -9.91 -71.35 -14.20
CA LYS U 234 -9.85 -70.18 -13.31
C LYS U 234 -9.89 -70.66 -11.86
N TYR U 235 -8.74 -71.20 -11.43
CA TYR U 235 -8.68 -71.87 -10.12
C TYR U 235 -8.91 -70.89 -8.99
N SER U 236 -8.27 -69.71 -9.05
CA SER U 236 -8.44 -68.73 -7.98
C SER U 236 -9.84 -68.13 -7.98
N GLN U 237 -10.36 -67.80 -9.16
CA GLN U 237 -11.70 -67.23 -9.26
C GLN U 237 -12.74 -68.21 -8.76
N ALA U 238 -12.59 -69.49 -9.11
CA ALA U 238 -13.44 -70.52 -8.51
C ALA U 238 -13.16 -70.68 -7.02
N LEU U 239 -11.96 -70.36 -6.56
CA LEU U 239 -11.63 -70.53 -5.14
C LEU U 239 -12.36 -69.51 -4.27
N GLU U 240 -12.48 -68.27 -4.73
CA GLU U 240 -13.27 -67.31 -3.95
C GLU U 240 -14.72 -67.76 -3.85
N LEU U 241 -15.28 -68.28 -4.95
CA LEU U 241 -16.65 -68.80 -4.89
C LEU U 241 -16.75 -70.00 -3.97
N TYR U 242 -15.74 -70.87 -3.98
CA TYR U 242 -15.72 -72.02 -3.08
C TYR U 242 -15.74 -71.56 -1.63
N GLN U 243 -14.89 -70.58 -1.30
CA GLN U 243 -14.85 -70.06 0.07
C GLN U 243 -16.17 -69.42 0.46
N LYS U 244 -16.77 -68.64 -0.45
CA LYS U 244 -18.04 -67.99 -0.15
C LYS U 244 -19.14 -69.03 0.08
N ALA U 245 -19.19 -70.07 -0.76
CA ALA U 245 -20.19 -71.11 -0.58
C ALA U 245 -19.97 -71.87 0.72
N LEU U 246 -18.71 -72.16 1.06
CA LEU U 246 -18.43 -72.86 2.31
C LEU U 246 -18.85 -72.02 3.52
N THR U 247 -18.57 -70.72 3.48
CA THR U 247 -18.98 -69.84 4.57
C THR U 247 -20.50 -69.75 4.66
N ILE U 248 -21.18 -69.67 3.52
CA ILE U 248 -22.64 -69.60 3.52
C ILE U 248 -23.24 -70.92 4.03
N ASN U 249 -22.75 -72.04 3.52
CA ASN U 249 -23.28 -73.35 3.87
C ASN U 249 -22.14 -74.35 4.04
N PRO U 250 -21.77 -74.67 5.28
CA PRO U 250 -20.78 -75.73 5.50
C PRO U 250 -21.34 -77.14 5.31
N LEU U 251 -22.65 -77.29 5.16
CA LEU U 251 -23.30 -78.59 5.00
C LEU U 251 -23.97 -78.69 3.64
N ILE U 252 -23.34 -78.12 2.61
CA ILE U 252 -23.91 -78.10 1.27
C ILE U 252 -23.28 -79.21 0.45
N VAL U 253 -24.10 -79.90 -0.33
CA VAL U 253 -23.66 -80.96 -1.23
C VAL U 253 -23.92 -80.48 -2.66
N PRO U 254 -22.93 -80.47 -3.55
CA PRO U 254 -21.57 -81.03 -3.39
C PRO U 254 -20.67 -80.24 -2.45
N ASP U 255 -19.60 -80.88 -2.00
CA ASP U 255 -18.72 -80.29 -1.00
C ASP U 255 -17.84 -79.21 -1.63
N PRO U 256 -17.91 -77.95 -1.15
CA PRO U 256 -16.96 -76.94 -1.62
C PRO U 256 -15.52 -77.25 -1.25
N ARG U 257 -15.30 -77.97 -0.14
CA ARG U 257 -13.94 -78.23 0.31
C ARG U 257 -13.16 -79.08 -0.69
N LEU U 258 -13.85 -79.89 -1.50
CA LEU U 258 -13.17 -80.61 -2.58
C LEU U 258 -12.53 -79.62 -3.56
N GLY U 259 -13.31 -78.63 -3.99
CA GLY U 259 -12.76 -77.61 -4.86
C GLY U 259 -11.70 -76.77 -4.18
N ILE U 260 -11.86 -76.51 -2.88
CA ILE U 260 -10.84 -75.75 -2.14
C ILE U 260 -9.53 -76.53 -2.09
N GLY U 261 -9.61 -77.84 -1.88
CA GLY U 261 -8.42 -78.66 -1.90
C GLY U 261 -7.78 -78.73 -3.28
N LEU U 262 -8.62 -78.78 -4.34
CA LEU U 262 -8.08 -78.73 -5.69
C LEU U 262 -7.35 -77.41 -5.94
N CYS U 263 -7.92 -76.30 -5.48
CA CYS U 263 -7.26 -75.00 -5.63
C CYS U 263 -5.96 -74.95 -4.84
N PHE U 264 -5.96 -75.48 -3.61
CA PHE U 264 -4.73 -75.52 -2.82
C PHE U 264 -3.67 -76.36 -3.52
N TRP U 265 -4.07 -77.45 -4.16
CA TRP U 265 -3.14 -78.22 -5.00
C TRP U 265 -2.61 -77.36 -6.14
N HIS U 266 -3.49 -76.56 -6.76
CA HIS U 266 -3.05 -75.66 -7.81
C HIS U 266 -2.20 -74.53 -7.25
N LEU U 267 -2.37 -74.17 -5.98
CA LEU U 267 -1.60 -73.13 -5.34
C LEU U 267 -0.49 -73.69 -4.45
N ASN U 268 -0.18 -74.99 -4.58
CA ASN U 268 0.91 -75.69 -3.90
C ASN U 268 0.69 -75.85 -2.40
N ASN U 269 -0.40 -75.32 -1.84
CA ASN U 269 -0.69 -75.47 -0.41
C ASN U 269 -1.44 -76.77 -0.15
N LYS U 270 -0.82 -77.89 -0.54
CA LYS U 270 -1.48 -79.19 -0.46
C LYS U 270 -1.71 -79.64 0.98
N GLN U 271 -0.97 -79.11 1.94
CA GLN U 271 -1.21 -79.44 3.34
C GLN U 271 -2.60 -78.97 3.78
N LEU U 272 -2.94 -77.72 3.45
CA LEU U 272 -4.28 -77.22 3.72
C LEU U 272 -5.33 -77.99 2.93
N ALA U 273 -5.00 -78.42 1.71
CA ALA U 273 -5.91 -79.25 0.94
C ALA U 273 -6.23 -80.55 1.66
N GLU U 274 -5.20 -81.22 2.18
CA GLU U 274 -5.41 -82.46 2.92
C GLU U 274 -6.20 -82.21 4.19
N GLN U 275 -5.91 -81.11 4.90
CA GLN U 275 -6.66 -80.81 6.11
C GLN U 275 -8.14 -80.58 5.82
N ALA U 276 -8.43 -79.81 4.77
CA ALA U 276 -9.81 -79.55 4.39
C ALA U 276 -10.51 -80.83 3.94
N TRP U 277 -9.77 -81.71 3.27
CA TRP U 277 -10.35 -82.99 2.86
C TRP U 277 -10.65 -83.88 4.05
N HIS U 278 -9.78 -83.85 5.07
CA HIS U 278 -10.07 -84.58 6.32
C HIS U 278 -11.32 -84.02 6.99
N ASN U 279 -11.45 -82.69 7.02
CA ASN U 279 -12.65 -82.08 7.60
C ASN U 279 -13.89 -82.49 6.83
N SER U 280 -13.80 -82.51 5.49
CA SER U 280 -14.93 -82.95 4.67
C SER U 280 -15.29 -84.40 4.95
N LEU U 281 -14.28 -85.27 5.08
CA LEU U 281 -14.56 -86.67 5.40
C LEU U 281 -15.22 -86.80 6.76
N LYS U 282 -14.81 -85.98 7.73
CA LYS U 282 -15.51 -85.96 9.01
C LYS U 282 -16.96 -85.53 8.83
N VAL U 283 -17.20 -84.51 8.00
CA VAL U 283 -18.56 -84.07 7.72
C VAL U 283 -19.28 -85.09 6.84
N HIS U 284 -18.58 -85.67 5.86
CA HIS U 284 -19.18 -86.59 4.89
C HIS U 284 -18.39 -87.90 4.92
N PRO U 285 -18.66 -88.78 5.89
CA PRO U 285 -17.95 -90.06 5.95
C PRO U 285 -18.46 -91.12 4.99
N GLN U 286 -19.53 -90.83 4.25
CA GLN U 286 -20.17 -91.82 3.40
C GLN U 286 -20.28 -91.29 1.97
N ASN U 287 -20.16 -92.21 1.01
CA ASN U 287 -20.32 -91.92 -0.42
C ASN U 287 -19.34 -90.86 -0.91
N ASN U 288 -18.16 -90.76 -0.29
CA ASN U 288 -17.18 -89.75 -0.65
C ASN U 288 -15.78 -90.37 -0.69
N LEU U 289 -15.68 -91.53 -1.34
CA LEU U 289 -14.39 -92.20 -1.47
C LEU U 289 -13.39 -91.41 -2.30
N ASN U 290 -13.87 -90.49 -3.13
CA ASN U 290 -12.97 -89.67 -3.93
C ASN U 290 -12.06 -88.83 -3.06
N THR U 291 -12.59 -88.34 -1.92
CA THR U 291 -11.76 -87.60 -0.98
C THR U 291 -10.64 -88.47 -0.43
N LYS U 292 -10.94 -89.72 -0.10
CA LYS U 292 -9.90 -90.64 0.36
C LYS U 292 -8.88 -90.91 -0.72
N ILE U 293 -9.32 -91.00 -1.98
CA ILE U 293 -8.39 -91.20 -3.09
C ILE U 293 -7.45 -90.00 -3.20
N LEU U 294 -8.00 -88.79 -3.10
CA LEU U 294 -7.17 -87.59 -3.15
C LEU U 294 -6.19 -87.55 -1.98
N ILE U 295 -6.64 -87.96 -0.80
CA ILE U 295 -5.75 -88.00 0.36
C ILE U 295 -4.61 -88.98 0.13
N CYS U 296 -4.91 -90.14 -0.43
CA CYS U 296 -3.88 -91.12 -0.73
C CYS U 296 -2.88 -90.59 -1.76
N LEU U 297 -3.39 -89.90 -2.79
CA LEU U 297 -2.49 -89.31 -3.79
C LEU U 297 -1.59 -88.25 -3.16
N ALA U 298 -2.15 -87.42 -2.27
CA ALA U 298 -1.34 -86.41 -1.59
C ALA U 298 -0.28 -87.05 -0.71
N LYS U 299 -0.64 -88.13 0.00
CA LYS U 299 0.34 -88.85 0.81
C LYS U 299 1.45 -89.43 -0.05
N PHE U 300 1.10 -90.01 -1.20
CA PHE U 300 2.10 -90.55 -2.09
C PHE U 300 3.03 -89.47 -2.61
N ASP U 301 2.47 -88.30 -2.98
CA ASP U 301 3.29 -87.19 -3.44
C ASP U 301 4.24 -86.71 -2.34
N TYR U 302 3.73 -86.60 -1.11
CA TYR U 302 4.57 -86.18 0.00
C TYR U 302 5.69 -87.19 0.26
N CYS U 303 5.37 -88.48 0.18
CA CYS U 303 6.40 -89.50 0.33
C CYS U 303 7.46 -89.40 -0.76
N PHE U 304 7.03 -89.15 -2.00
CA PHE U 304 7.99 -89.04 -3.10
C PHE U 304 8.91 -87.83 -2.94
N ASN U 305 8.34 -86.69 -2.54
CA ASN U 305 9.07 -85.43 -2.64
C ASN U 305 9.60 -84.91 -1.31
N GLU U 306 9.35 -85.60 -0.19
CA GLU U 306 9.76 -85.08 1.12
C GLU U 306 10.51 -86.07 1.99
N SER U 307 10.57 -87.35 1.64
CA SER U 307 11.19 -88.35 2.49
C SER U 307 12.68 -88.06 2.62
N LYS U 308 13.12 -87.78 3.85
CA LYS U 308 14.50 -87.40 4.11
C LYS U 308 15.46 -88.59 4.13
N ASP U 309 14.94 -89.82 4.17
CA ASP U 309 15.80 -90.99 4.22
C ASP U 309 15.06 -92.18 3.63
N ASP U 310 15.81 -93.23 3.33
CA ASP U 310 15.23 -94.42 2.72
C ASP U 310 14.23 -95.10 3.63
N ASP U 311 14.55 -95.19 4.93
CA ASP U 311 13.63 -95.83 5.88
C ASP U 311 12.33 -95.04 6.01
N GLU U 312 12.42 -93.71 6.08
CA GLU U 312 11.22 -92.88 6.12
C GLU U 312 10.42 -93.03 4.83
N PHE U 313 11.11 -93.11 3.69
CA PHE U 313 10.42 -93.33 2.42
C PHE U 313 9.67 -94.65 2.45
N THR U 314 10.31 -95.72 2.94
CA THR U 314 9.65 -97.01 3.00
C THR U 314 8.45 -96.97 3.93
N ALA U 315 8.58 -96.34 5.09
CA ALA U 315 7.46 -96.27 6.04
C ALA U 315 6.29 -95.51 5.43
N LEU U 316 6.55 -94.34 4.83
CA LEU U 316 5.47 -93.55 4.24
C LEU U 316 4.84 -94.28 3.06
N TYR U 317 5.66 -94.91 2.22
CA TYR U 317 5.13 -95.61 1.06
C TYR U 317 4.26 -96.79 1.48
N ARG U 318 4.68 -97.54 2.50
CA ARG U 318 3.87 -98.67 2.95
C ARG U 318 2.60 -98.19 3.64
N GLU U 319 2.67 -97.08 4.38
CA GLU U 319 1.46 -96.54 4.98
C GLU U 319 0.47 -96.09 3.90
N SER U 320 0.97 -95.46 2.84
CA SER U 320 0.09 -95.06 1.74
C SER U 320 -0.51 -96.28 1.05
N LEU U 321 0.29 -97.34 0.87
CA LEU U 321 -0.23 -98.57 0.28
C LEU U 321 -1.32 -99.18 1.15
N GLU U 322 -1.11 -99.20 2.47
CA GLU U 322 -2.11 -99.76 3.37
C GLU U 322 -3.40 -98.94 3.34
N PHE U 323 -3.28 -97.62 3.33
CA PHE U 323 -4.47 -96.78 3.25
C PHE U 323 -5.21 -97.00 1.93
N LEU U 324 -4.46 -97.10 0.84
CA LEU U 324 -5.07 -97.35 -0.47
C LEU U 324 -5.77 -98.70 -0.50
N HIS U 325 -5.16 -99.73 0.11
CA HIS U 325 -5.80 -101.03 0.18
C HIS U 325 -7.06 -100.99 1.04
N SER U 326 -7.01 -100.27 2.16
CA SER U 326 -8.19 -100.15 3.01
C SER U 326 -9.33 -99.48 2.26
N CYS U 327 -9.02 -98.44 1.47
CA CYS U 327 -10.03 -97.85 0.60
C CYS U 327 -10.47 -98.85 -0.47
N LEU U 328 -9.57 -99.73 -0.91
CA LEU U 328 -9.90 -100.69 -1.95
C LEU U 328 -10.82 -101.79 -1.43
N LYS U 329 -10.81 -102.04 -0.11
CA LYS U 329 -11.70 -103.04 0.45
C LYS U 329 -13.16 -102.64 0.34
N GLU U 330 -13.43 -101.36 0.05
CA GLU U 330 -14.79 -100.90 -0.24
C GLU U 330 -15.10 -101.01 -1.73
N ASP U 331 -14.21 -100.52 -2.57
CA ASP U 331 -14.35 -100.61 -4.02
C ASP U 331 -13.07 -101.22 -4.58
N ALA U 332 -13.20 -102.38 -5.24
CA ALA U 332 -12.06 -103.09 -5.80
C ALA U 332 -11.97 -102.99 -7.32
N LYS U 333 -12.87 -102.23 -7.96
CA LYS U 333 -12.88 -102.09 -9.40
C LYS U 333 -12.74 -100.64 -9.86
N HIS U 334 -12.31 -99.75 -8.98
CA HIS U 334 -12.18 -98.35 -9.36
C HIS U 334 -10.98 -98.19 -10.31
N PRO U 335 -11.19 -97.69 -11.52
CA PRO U 335 -10.09 -97.66 -12.51
C PRO U 335 -8.88 -96.86 -12.06
N LEU U 336 -9.09 -95.73 -11.38
CA LEU U 336 -7.95 -94.93 -10.94
C LEU U 336 -7.11 -95.67 -9.90
N LEU U 337 -7.75 -96.40 -8.99
CA LEU U 337 -7.00 -97.18 -8.02
C LEU U 337 -6.18 -98.26 -8.70
N LEU U 338 -6.74 -98.93 -9.70
CA LEU U 338 -5.97 -99.92 -10.46
C LEU U 338 -4.80 -99.27 -11.18
N MET U 339 -5.02 -98.09 -11.77
CA MET U 339 -3.93 -97.39 -12.46
C MET U 339 -2.82 -97.03 -11.48
N VAL U 340 -3.18 -96.57 -10.27
CA VAL U 340 -2.19 -96.22 -9.27
C VAL U 340 -1.42 -97.46 -8.83
N LEU U 341 -2.14 -98.56 -8.58
CA LEU U 341 -1.47 -99.79 -8.17
C LEU U 341 -0.60 -100.36 -9.29
N ALA U 342 -0.90 -100.01 -10.54
CA ALA U 342 -0.07 -100.46 -11.65
C ALA U 342 1.34 -99.93 -11.54
N SER U 343 1.52 -98.71 -11.04
CA SER U 343 2.86 -98.17 -10.85
C SER U 343 3.65 -99.00 -9.83
N TYR U 344 3.01 -99.33 -8.70
CA TYR U 344 3.69 -100.11 -7.68
C TYR U 344 4.04 -101.50 -8.20
N TYR U 345 3.12 -102.14 -8.93
CA TYR U 345 3.38 -103.49 -9.41
C TYR U 345 4.38 -103.51 -10.56
N PHE U 346 4.44 -102.43 -11.34
CA PHE U 346 5.51 -102.29 -12.33
C PHE U 346 6.86 -102.14 -11.62
N SER U 347 6.90 -101.37 -10.54
CA SER U 347 8.11 -101.28 -9.73
C SER U 347 8.43 -102.59 -9.04
N LYS U 348 7.44 -103.48 -8.90
CA LYS U 348 7.63 -104.80 -8.30
C LYS U 348 7.90 -105.88 -9.35
N GLU U 349 8.17 -105.48 -10.59
CA GLU U 349 8.42 -106.39 -11.70
C GLU U 349 7.23 -107.31 -11.98
N ASP U 350 6.04 -106.91 -11.57
CA ASP U 350 4.82 -107.67 -11.85
C ASP U 350 4.13 -107.12 -13.11
N TYR U 351 4.86 -107.23 -14.23
CA TYR U 351 4.40 -106.64 -15.48
C TYR U 351 3.14 -107.31 -15.99
N GLU U 352 2.98 -108.61 -15.75
CA GLU U 352 1.80 -109.33 -16.23
C GLU U 352 0.53 -108.78 -15.60
N LYS U 353 0.54 -108.61 -14.27
CA LYS U 353 -0.62 -108.04 -13.61
C LYS U 353 -0.83 -106.57 -13.99
N VAL U 354 0.24 -105.84 -14.27
CA VAL U 354 0.11 -104.48 -14.77
C VAL U 354 -0.65 -104.50 -16.10
N GLU U 355 -0.29 -105.42 -16.98
CA GLU U 355 -1.00 -105.55 -18.25
C GLU U 355 -2.46 -105.92 -18.04
N LYS U 356 -2.74 -106.83 -17.12
CA LYS U 356 -4.12 -107.22 -16.83
C LYS U 356 -4.94 -106.02 -16.38
N LEU U 357 -4.41 -105.27 -15.41
CA LEU U 357 -5.13 -104.10 -14.90
C LEU U 357 -5.31 -103.04 -15.98
N CYS U 358 -4.27 -102.81 -16.79
CA CYS U 358 -4.37 -101.82 -17.85
C CYS U 358 -5.43 -102.19 -18.87
N ASN U 359 -5.46 -103.47 -19.28
CA ASN U 359 -6.47 -103.92 -20.23
C ASN U 359 -7.87 -103.83 -19.64
N LEU U 360 -8.03 -104.18 -18.37
CA LEU U 360 -9.34 -104.08 -17.73
C LEU U 360 -9.81 -102.64 -17.69
N VAL U 361 -8.92 -101.71 -17.31
CA VAL U 361 -9.28 -100.30 -17.26
C VAL U 361 -9.63 -99.79 -18.66
N LEU U 362 -8.87 -100.20 -19.67
CA LEU U 362 -9.17 -99.80 -21.03
C LEU U 362 -10.55 -100.29 -21.45
N LYS U 363 -10.91 -101.52 -21.07
CA LYS U 363 -12.23 -102.05 -21.41
C LYS U 363 -13.33 -101.29 -20.69
N GLU U 364 -13.13 -100.96 -19.41
CA GLU U 364 -14.18 -100.27 -18.65
C GLU U 364 -14.27 -98.80 -19.04
N ASN U 365 -13.17 -98.07 -18.93
CA ASN U 365 -13.17 -96.61 -19.00
C ASN U 365 -12.55 -96.09 -20.30
N SER U 366 -12.86 -96.74 -21.42
CA SER U 366 -12.40 -96.25 -22.71
C SER U 366 -12.94 -94.85 -23.02
N ARG U 367 -14.03 -94.44 -22.37
CA ARG U 367 -14.55 -93.09 -22.55
C ARG U 367 -13.55 -92.05 -22.07
N ASN U 368 -12.92 -92.30 -20.92
CA ASN U 368 -11.92 -91.39 -20.37
C ASN U 368 -10.61 -91.61 -21.12
N ALA U 369 -10.13 -90.55 -21.79
CA ALA U 369 -8.91 -90.66 -22.58
C ALA U 369 -7.67 -90.68 -21.70
N ALA U 370 -7.73 -90.08 -20.51
CA ALA U 370 -6.57 -90.05 -19.62
C ALA U 370 -6.21 -91.47 -19.16
N PHE U 371 -7.21 -92.29 -18.84
CA PHE U 371 -6.95 -93.66 -18.45
C PHE U 371 -6.36 -94.46 -19.61
N VAL U 372 -6.84 -94.20 -20.84
CA VAL U 372 -6.25 -94.84 -22.01
C VAL U 372 -4.78 -94.45 -22.16
N SER U 373 -4.47 -93.17 -21.96
CA SER U 373 -3.09 -92.71 -22.04
C SER U 373 -2.23 -93.38 -20.98
N ALA U 374 -2.73 -93.45 -19.74
CA ALA U 374 -1.96 -94.06 -18.66
C ALA U 374 -1.72 -95.54 -18.94
N SER U 375 -2.74 -96.26 -19.40
CA SER U 375 -2.58 -97.67 -19.71
C SER U 375 -1.59 -97.88 -20.85
N HIS U 376 -1.67 -97.04 -21.90
CA HIS U 376 -0.71 -97.14 -22.99
C HIS U 376 0.70 -96.87 -22.51
N PHE U 377 0.86 -95.86 -21.65
CA PHE U 377 2.18 -95.55 -21.09
C PHE U 377 2.73 -96.74 -20.31
N TRP U 378 1.88 -97.39 -19.50
CA TRP U 378 2.36 -98.49 -18.69
C TRP U 378 2.66 -99.72 -19.54
N LEU U 379 1.88 -99.93 -20.60
CA LEU U 379 2.19 -101.02 -21.53
C LEU U 379 3.51 -100.76 -22.24
N ALA U 380 3.78 -99.51 -22.64
CA ALA U 380 5.05 -99.18 -23.25
C ALA U 380 6.20 -99.36 -22.26
N ARG U 381 6.00 -98.98 -21.00
CA ARG U 381 7.02 -99.17 -19.98
C ARG U 381 7.31 -100.66 -19.79
N VAL U 382 6.27 -101.49 -19.78
CA VAL U 382 6.47 -102.93 -19.65
C VAL U 382 7.24 -103.47 -20.85
N ALA U 383 6.83 -103.08 -22.06
CA ALA U 383 7.49 -103.54 -23.27
C ALA U 383 8.91 -103.03 -23.38
N TYR U 384 9.26 -101.96 -22.66
CA TYR U 384 10.63 -101.46 -22.69
C TYR U 384 11.60 -102.50 -22.14
N HIS U 385 11.21 -103.22 -21.09
CA HIS U 385 12.02 -104.34 -20.62
C HIS U 385 12.15 -105.39 -21.71
N LYS U 386 11.05 -105.67 -22.42
CA LYS U 386 11.10 -106.53 -23.59
C LYS U 386 11.77 -105.86 -24.77
N GLU U 387 12.03 -104.56 -24.69
CA GLU U 387 12.70 -103.78 -25.73
C GLU U 387 11.95 -103.82 -27.06
N ASP U 388 10.62 -103.91 -27.01
CA ASP U 388 9.80 -103.79 -28.21
C ASP U 388 9.75 -102.32 -28.61
N TYR U 389 10.87 -101.87 -29.19
CA TYR U 389 11.05 -100.43 -29.44
C TYR U 389 9.98 -99.89 -30.37
N VAL U 390 9.65 -100.63 -31.44
CA VAL U 390 8.58 -100.20 -32.33
C VAL U 390 7.25 -100.22 -31.59
N GLN U 391 6.97 -101.31 -30.86
CA GLN U 391 5.71 -101.42 -30.15
C GLN U 391 5.63 -100.41 -29.01
N ALA U 392 6.73 -100.22 -28.28
CA ALA U 392 6.72 -99.24 -27.19
C ALA U 392 6.54 -97.83 -27.73
N GLN U 393 7.19 -97.51 -28.86
CA GLN U 393 7.03 -96.19 -29.47
C GLN U 393 5.59 -95.98 -29.93
N LYS U 394 4.98 -97.01 -30.53
CA LYS U 394 3.58 -96.91 -30.93
C LYS U 394 2.68 -96.70 -29.72
N GLN U 395 2.94 -97.42 -28.63
CA GLN U 395 2.15 -97.26 -27.42
C GLN U 395 2.31 -95.85 -26.84
N PHE U 396 3.53 -95.32 -26.86
CA PHE U 396 3.76 -93.97 -26.37
C PHE U 396 3.02 -92.95 -27.23
N LYS U 397 3.04 -93.13 -28.56
CA LYS U 397 2.30 -92.24 -29.44
C LYS U 397 0.80 -92.31 -29.17
N GLN U 398 0.28 -93.52 -28.96
CA GLN U 398 -1.15 -93.66 -28.64
C GLN U 398 -1.48 -93.00 -27.32
N ALA U 399 -0.59 -93.12 -26.33
CA ALA U 399 -0.80 -92.44 -25.05
C ALA U 399 -0.82 -90.93 -25.22
N GLU U 400 0.10 -90.39 -26.04
CA GLU U 400 0.09 -88.97 -26.30
C GLU U 400 -1.19 -88.53 -26.99
N ASP U 401 -1.65 -89.31 -27.97
CA ASP U 401 -2.85 -88.95 -28.69
C ASP U 401 -4.09 -89.01 -27.81
N SER U 402 -4.14 -89.98 -26.88
CA SER U 402 -5.27 -90.06 -25.96
C SER U 402 -5.34 -88.83 -25.06
N GLN U 403 -4.23 -88.50 -24.39
CA GLN U 403 -4.17 -87.35 -23.50
C GLN U 403 -2.84 -86.63 -23.75
N ASN U 404 -2.92 -85.44 -24.35
CA ASN U 404 -1.72 -84.67 -24.68
C ASN U 404 -1.00 -84.12 -23.46
N SER U 405 -1.65 -84.11 -22.29
CA SER U 405 -1.01 -83.58 -21.10
C SER U 405 0.01 -84.54 -20.50
N ASN U 406 0.06 -85.78 -21.00
CA ASN U 406 1.00 -86.77 -20.48
C ASN U 406 2.40 -86.52 -21.03
N THR U 407 3.18 -85.69 -20.33
CA THR U 407 4.54 -85.42 -20.76
C THR U 407 5.40 -86.68 -20.69
N LEU U 408 5.15 -87.54 -19.70
CA LEU U 408 5.93 -88.75 -19.54
C LEU U 408 5.82 -89.65 -20.76
N ALA U 409 4.63 -89.71 -21.38
CA ALA U 409 4.47 -90.51 -22.59
C ALA U 409 5.33 -89.97 -23.73
N LYS U 410 5.37 -88.64 -23.89
CA LYS U 410 6.18 -88.06 -24.94
C LYS U 410 7.67 -88.29 -24.68
N LEU U 411 8.08 -88.20 -23.41
CA LEU U 411 9.47 -88.46 -23.07
C LEU U 411 9.85 -89.91 -23.34
N GLY U 412 8.95 -90.84 -23.04
CA GLY U 412 9.19 -92.23 -23.40
C GLY U 412 9.22 -92.44 -24.90
N TYR U 413 8.40 -91.68 -25.63
CA TYR U 413 8.45 -91.74 -27.09
C TYR U 413 9.81 -91.30 -27.62
N ALA U 414 10.35 -90.20 -27.06
CA ALA U 414 11.68 -89.75 -27.46
C ALA U 414 12.75 -90.76 -27.07
N GLN U 415 12.60 -91.38 -25.90
CA GLN U 415 13.56 -92.39 -25.47
C GLN U 415 13.52 -93.61 -26.41
N CYS U 416 12.33 -93.98 -26.86
CA CYS U 416 12.21 -95.08 -27.82
C CYS U 416 12.81 -94.71 -29.17
N LEU U 417 12.64 -93.44 -29.58
CA LEU U 417 13.31 -92.97 -30.79
C LEU U 417 14.83 -93.11 -30.65
N ILE U 418 15.36 -92.75 -29.48
CA ILE U 418 16.78 -92.94 -29.21
C ILE U 418 17.14 -94.41 -29.28
N ALA U 419 16.26 -95.28 -28.77
CA ALA U 419 16.52 -96.71 -28.78
C ALA U 419 16.63 -97.25 -30.21
N ARG U 420 15.78 -96.74 -31.11
CA ARG U 420 15.82 -97.15 -32.51
C ARG U 420 16.89 -96.41 -33.30
N ASN U 421 17.85 -95.78 -32.62
CA ASN U 421 18.97 -95.05 -33.23
C ASN U 421 18.49 -93.88 -34.09
N GLU U 422 17.28 -93.39 -33.84
CA GLU U 422 16.71 -92.27 -34.59
C GLU U 422 17.16 -90.96 -33.94
N VAL U 423 18.45 -90.65 -34.12
CA VAL U 423 19.02 -89.45 -33.51
C VAL U 423 18.36 -88.19 -34.07
N GLY U 424 18.28 -88.09 -35.39
CA GLY U 424 17.67 -86.92 -36.00
C GLY U 424 16.18 -86.83 -35.72
N ASP U 425 15.48 -87.97 -35.78
CA ASP U 425 14.04 -87.96 -35.52
C ASP U 425 13.75 -87.57 -34.07
N ALA U 426 14.52 -88.12 -33.13
CA ALA U 426 14.36 -87.74 -31.73
C ALA U 426 14.68 -86.27 -31.53
N THR U 427 15.72 -85.76 -32.21
CA THR U 427 16.05 -84.35 -32.09
C THR U 427 14.92 -83.46 -32.59
N ILE U 428 14.33 -83.82 -33.74
CA ILE U 428 13.23 -83.03 -34.29
C ILE U 428 12.02 -83.07 -33.35
N TYR U 429 11.67 -84.25 -32.85
CA TYR U 429 10.55 -84.36 -31.92
C TYR U 429 10.80 -83.53 -30.66
N LEU U 430 12.02 -83.59 -30.12
CA LEU U 430 12.34 -82.85 -28.91
C LEU U 430 12.30 -81.35 -29.15
N GLU U 431 12.80 -80.90 -30.31
CA GLU U 431 12.73 -79.48 -30.63
C GLU U 431 11.29 -79.03 -30.77
N LYS U 432 10.44 -79.83 -31.41
CA LYS U 432 9.03 -79.48 -31.53
C LYS U 432 8.38 -79.36 -30.16
N PHE U 433 8.64 -80.34 -29.28
CA PHE U 433 8.04 -80.31 -27.94
C PHE U 433 8.55 -79.13 -27.13
N PHE U 434 9.85 -78.84 -27.21
CA PHE U 434 10.40 -77.72 -26.45
C PHE U 434 9.87 -76.39 -26.94
N LYS U 435 9.81 -76.21 -28.27
CA LYS U 435 9.32 -74.95 -28.82
C LYS U 435 7.83 -74.76 -28.54
N GLU U 436 7.06 -75.86 -28.49
CA GLU U 436 5.67 -75.73 -28.09
C GLU U 436 5.50 -75.55 -26.59
N ASN U 437 6.45 -76.04 -25.80
CA ASN U 437 6.36 -76.05 -24.34
C ASN U 437 7.61 -75.46 -23.71
N GLN U 438 8.01 -74.27 -24.17
CA GLN U 438 9.19 -73.61 -23.65
C GLN U 438 9.10 -73.34 -22.15
N ASP U 439 7.89 -73.22 -21.61
CA ASP U 439 7.71 -72.97 -20.18
C ASP U 439 7.64 -74.23 -19.35
N SER U 440 7.61 -75.40 -19.97
CA SER U 440 7.52 -76.66 -19.23
C SER U 440 8.84 -76.94 -18.51
N LYS U 441 8.74 -77.37 -17.26
CA LYS U 441 9.92 -77.69 -16.46
C LYS U 441 10.22 -79.19 -16.52
N SER U 442 10.57 -79.64 -17.72
CA SER U 442 11.03 -81.01 -17.95
C SER U 442 12.55 -80.99 -17.93
N SER U 443 13.11 -81.17 -16.73
CA SER U 443 14.56 -81.08 -16.57
C SER U 443 15.28 -82.15 -17.37
N GLU U 444 14.76 -83.38 -17.35
CA GLU U 444 15.40 -84.47 -18.09
C GLU U 444 15.34 -84.24 -19.58
N MET U 445 14.24 -83.65 -20.08
CA MET U 445 14.16 -83.29 -21.48
C MET U 445 15.27 -82.32 -21.87
N MET U 446 15.50 -81.31 -21.03
CA MET U 446 16.54 -80.33 -21.31
C MET U 446 17.92 -80.96 -21.22
N LEU U 447 18.13 -81.86 -20.26
CA LEU U 447 19.39 -82.57 -20.19
C LEU U 447 19.65 -83.39 -21.46
N LEU U 448 18.62 -84.09 -21.94
CA LEU U 448 18.76 -84.87 -23.15
C LEU U 448 19.02 -83.97 -24.37
N LEU U 449 18.35 -82.81 -24.42
CA LEU U 449 18.61 -81.84 -25.48
C LEU U 449 20.07 -81.38 -25.45
N GLY U 450 20.58 -81.08 -24.25
CA GLY U 450 21.97 -80.65 -24.15
C GLY U 450 22.93 -81.74 -24.58
N ILE U 451 22.66 -82.99 -24.20
CA ILE U 451 23.53 -84.09 -24.60
C ILE U 451 23.50 -84.27 -26.11
N ILE U 452 22.30 -84.22 -26.71
CA ILE U 452 22.18 -84.38 -28.15
C ILE U 452 22.92 -83.27 -28.88
N TYR U 453 22.79 -82.02 -28.41
CA TYR U 453 23.46 -80.90 -29.06
C TYR U 453 24.97 -80.97 -28.89
N SER U 454 25.44 -81.46 -27.72
CA SER U 454 26.86 -81.66 -27.54
C SER U 454 27.40 -82.72 -28.49
N GLN U 455 26.64 -83.79 -28.69
CA GLN U 455 27.02 -84.78 -29.69
C GLN U 455 27.04 -84.17 -31.08
N SER U 456 26.07 -83.31 -31.38
CA SER U 456 26.07 -82.57 -32.64
C SER U 456 27.26 -81.62 -32.73
N GLY U 457 27.57 -80.94 -31.65
CA GLY U 457 28.71 -80.02 -31.61
C GLY U 457 28.44 -78.60 -32.05
N LYS U 458 27.83 -78.43 -33.23
CA LYS U 458 27.55 -77.10 -33.74
C LYS U 458 26.53 -76.34 -32.91
N SER U 459 25.67 -77.05 -32.17
CA SER U 459 24.61 -76.43 -31.37
C SER U 459 25.01 -76.32 -29.91
N TYR U 460 26.28 -76.00 -29.66
CA TYR U 460 26.79 -75.96 -28.30
C TYR U 460 26.06 -74.93 -27.45
N TYR U 461 25.59 -73.84 -28.05
CA TYR U 461 24.94 -72.79 -27.29
C TYR U 461 23.60 -73.25 -26.71
N LYS U 462 22.80 -73.95 -27.51
CA LYS U 462 21.59 -74.57 -26.96
C LYS U 462 21.92 -75.60 -25.89
N ALA U 463 23.01 -76.35 -26.09
CA ALA U 463 23.43 -77.32 -25.08
C ALA U 463 23.75 -76.64 -23.76
N ILE U 464 24.48 -75.52 -23.82
CA ILE U 464 24.79 -74.76 -22.61
C ILE U 464 23.52 -74.27 -21.94
N ILE U 465 22.59 -73.71 -22.73
CA ILE U 465 21.36 -73.17 -22.16
C ILE U 465 20.57 -74.28 -21.47
N PHE U 466 20.41 -75.42 -22.14
CA PHE U 466 19.63 -76.51 -21.59
C PHE U 466 20.27 -77.10 -20.35
N LEU U 467 21.60 -77.26 -20.37
CA LEU U 467 22.27 -77.81 -19.20
C LEU U 467 22.19 -76.85 -18.01
N GLU U 468 22.33 -75.55 -18.25
CA GLU U 468 22.17 -74.59 -17.16
C GLU U 468 20.75 -74.61 -16.63
N LYS U 469 19.75 -74.73 -17.51
CA LYS U 469 18.36 -74.81 -17.04
C LYS U 469 18.15 -76.08 -16.21
N TYR U 470 18.72 -77.20 -16.64
CA TYR U 470 18.61 -78.43 -15.87
C TYR U 470 19.26 -78.28 -14.50
N VAL U 471 20.43 -77.64 -14.46
CA VAL U 471 21.12 -77.42 -13.19
C VAL U 471 20.27 -76.55 -12.26
N ALA U 472 19.70 -75.47 -12.81
CA ALA U 472 18.86 -74.59 -12.00
C ALA U 472 17.63 -75.31 -11.47
N VAL U 473 16.98 -76.10 -12.34
CA VAL U 473 15.77 -76.81 -11.93
C VAL U 473 16.11 -77.83 -10.83
N CYS U 474 17.21 -78.55 -10.98
CA CYS U 474 17.61 -79.51 -9.96
C CYS U 474 17.94 -78.82 -8.64
N GLN U 475 18.62 -77.67 -8.71
CA GLN U 475 18.93 -76.93 -7.48
C GLN U 475 17.67 -76.46 -6.80
N GLU U 476 16.69 -75.98 -7.57
CA GLU U 476 15.42 -75.56 -7.00
C GLU U 476 14.65 -76.74 -6.41
N GLU U 477 14.78 -77.93 -7.01
CA GLU U 477 14.08 -79.11 -6.54
C GLU U 477 14.85 -79.88 -5.48
N ASN U 478 16.08 -79.47 -5.17
CA ASN U 478 16.94 -80.19 -4.22
C ASN U 478 17.14 -81.65 -4.66
N TYR U 479 17.42 -81.83 -5.94
CA TYR U 479 17.70 -83.14 -6.51
C TYR U 479 19.16 -83.24 -6.93
N PRO U 480 19.76 -84.43 -6.86
CA PRO U 480 21.19 -84.57 -7.16
C PRO U 480 21.48 -84.22 -8.62
N ILE U 481 22.30 -83.18 -8.80
CA ILE U 481 22.69 -82.77 -10.14
C ILE U 481 23.60 -83.83 -10.74
N LEU U 482 23.30 -84.27 -11.95
CA LEU U 482 24.11 -85.28 -12.60
C LEU U 482 25.46 -84.71 -12.97
N PRO U 483 26.58 -85.30 -12.54
CA PRO U 483 27.89 -84.78 -12.95
C PRO U 483 28.16 -84.90 -14.43
N GLU U 484 27.41 -85.76 -15.15
CA GLU U 484 27.58 -85.87 -16.59
C GLU U 484 27.25 -84.55 -17.29
N ALA U 485 26.23 -83.85 -16.81
CA ALA U 485 25.94 -82.51 -17.35
C ALA U 485 27.13 -81.57 -17.14
N TYR U 486 27.77 -81.66 -15.98
CA TYR U 486 28.95 -80.85 -15.72
C TYR U 486 30.08 -81.20 -16.67
N LEU U 487 30.30 -82.49 -16.92
CA LEU U 487 31.35 -82.90 -17.86
C LEU U 487 31.05 -82.39 -19.27
N VAL U 488 29.78 -82.48 -19.69
CA VAL U 488 29.41 -81.98 -21.01
C VAL U 488 29.62 -80.47 -21.09
N LEU U 489 29.25 -79.74 -20.04
CA LEU U 489 29.45 -78.30 -20.02
C LEU U 489 30.93 -77.95 -20.08
N SER U 490 31.77 -78.69 -19.36
CA SER U 490 33.21 -78.44 -19.40
C SER U 490 33.77 -78.75 -20.79
N ARG U 491 33.30 -79.83 -21.41
CA ARG U 491 33.73 -80.15 -22.77
C ARG U 491 33.36 -79.05 -23.74
N VAL U 492 32.16 -78.49 -23.60
CA VAL U 492 31.74 -77.39 -24.48
C VAL U 492 32.59 -76.15 -24.22
N TYR U 493 32.80 -75.81 -22.95
CA TYR U 493 33.54 -74.61 -22.59
C TYR U 493 35.03 -74.73 -22.85
N GLU U 494 35.53 -75.93 -23.14
CA GLU U 494 36.94 -76.09 -23.50
C GLU U 494 37.32 -75.15 -24.64
N ASN U 495 36.43 -74.98 -25.62
CA ASN U 495 36.70 -74.09 -26.74
C ASN U 495 36.22 -72.67 -26.51
N LYS U 496 35.53 -72.39 -25.40
CA LYS U 496 35.05 -71.05 -25.09
C LYS U 496 35.73 -70.45 -23.86
N ASP U 497 35.65 -71.13 -22.71
CA ASP U 497 36.17 -70.57 -21.47
C ASP U 497 36.78 -71.72 -20.67
N LEU U 498 38.11 -71.71 -20.53
CA LEU U 498 38.76 -72.71 -19.71
C LEU U 498 38.42 -72.55 -18.24
N ASN U 499 38.15 -71.31 -17.81
CA ASN U 499 37.84 -71.07 -16.40
C ASN U 499 36.51 -71.71 -16.02
N VAL U 500 35.47 -71.50 -16.83
CA VAL U 500 34.17 -72.08 -16.53
C VAL U 500 34.21 -73.60 -16.64
N ALA U 501 34.93 -74.12 -17.62
CA ALA U 501 35.07 -75.56 -17.77
C ALA U 501 35.76 -76.16 -16.55
N LEU U 502 36.83 -75.52 -16.07
CA LEU U 502 37.53 -76.01 -14.89
C LEU U 502 36.63 -75.94 -13.65
N ASP U 503 35.85 -74.87 -13.52
CA ASP U 503 34.94 -74.74 -12.39
C ASP U 503 33.88 -75.83 -12.41
N TYR U 504 33.32 -76.12 -13.59
CA TYR U 504 32.33 -77.19 -13.70
C TYR U 504 32.95 -78.56 -13.42
N LEU U 505 34.19 -78.77 -13.87
CA LEU U 505 34.87 -80.03 -13.57
C LEU U 505 35.10 -80.18 -12.08
N MET U 506 35.48 -79.08 -11.40
CA MET U 506 35.64 -79.12 -9.96
C MET U 506 34.31 -79.44 -9.26
N LYS U 507 33.22 -78.84 -9.74
CA LYS U 507 31.92 -79.14 -9.15
C LYS U 507 31.55 -80.61 -9.34
N ALA U 508 31.81 -81.14 -10.54
CA ALA U 508 31.52 -82.56 -10.79
C ALA U 508 32.36 -83.45 -9.90
N ASN U 509 33.64 -83.10 -9.70
CA ASN U 509 34.49 -83.90 -8.83
C ASN U 509 34.01 -83.83 -7.38
N ASP U 510 33.54 -82.66 -6.94
CA ASP U 510 33.01 -82.55 -5.59
C ASP U 510 31.74 -83.39 -5.42
N ILE U 511 30.90 -83.42 -6.44
CA ILE U 511 29.71 -84.28 -6.39
C ILE U 511 30.12 -85.74 -6.32
N LEU U 512 31.09 -86.14 -7.15
CA LEU U 512 31.52 -87.54 -7.17
C LEU U 512 32.15 -87.95 -5.84
N GLY U 513 32.97 -87.09 -5.24
CA GLY U 513 33.68 -87.46 -4.04
C GLY U 513 34.68 -88.56 -4.28
N ASP U 514 34.41 -89.75 -3.74
CA ASP U 514 35.28 -90.90 -3.99
C ASP U 514 35.07 -91.49 -5.38
N LYS U 515 34.01 -91.09 -6.08
CA LYS U 515 33.70 -91.58 -7.41
C LYS U 515 34.51 -90.87 -8.50
N ALA U 516 35.55 -90.13 -8.14
CA ALA U 516 36.40 -89.47 -9.13
C ALA U 516 37.10 -90.50 -10.00
N ASN U 517 37.15 -90.24 -11.30
CA ASN U 517 37.75 -91.15 -12.26
C ASN U 517 39.08 -90.59 -12.77
N VAL U 518 39.78 -91.42 -13.54
CA VAL U 518 41.09 -91.05 -14.05
C VAL U 518 40.99 -89.90 -15.05
N TYR U 519 39.95 -89.91 -15.89
CA TYR U 519 39.80 -88.85 -16.88
C TYR U 519 39.56 -87.50 -16.24
N VAL U 520 38.74 -87.46 -15.18
CA VAL U 520 38.44 -86.20 -14.51
C VAL U 520 39.72 -85.62 -13.90
N LEU U 521 40.51 -86.46 -13.21
CA LEU U 521 41.75 -85.99 -12.61
C LEU U 521 42.74 -85.54 -13.68
N ASN U 522 42.84 -86.28 -14.78
CA ASN U 522 43.74 -85.89 -15.86
C ASN U 522 43.35 -84.54 -16.45
N ASN U 523 42.04 -84.34 -16.67
CA ASN U 523 41.59 -83.07 -17.25
C ASN U 523 41.78 -81.92 -16.26
N LEU U 524 41.59 -82.17 -14.96
CA LEU U 524 41.87 -81.14 -13.97
C LEU U 524 43.35 -80.77 -13.96
N GLY U 525 44.22 -81.78 -14.04
CA GLY U 525 45.65 -81.50 -14.10
C GLY U 525 46.04 -80.73 -15.34
N ILE U 526 45.44 -81.07 -16.48
CA ILE U 526 45.73 -80.34 -17.71
C ILE U 526 45.21 -78.91 -17.63
N TYR U 527 44.05 -78.72 -17.00
CA TYR U 527 43.52 -77.37 -16.81
C TYR U 527 44.47 -76.53 -15.96
N HIS U 528 44.97 -77.11 -14.86
CA HIS U 528 45.89 -76.35 -14.01
C HIS U 528 47.23 -76.14 -14.68
N PHE U 529 47.65 -77.08 -15.52
CA PHE U 529 48.88 -76.89 -16.31
C PHE U 529 48.73 -75.74 -17.28
N PHE U 530 47.58 -75.65 -17.96
CA PHE U 530 47.31 -74.51 -18.82
C PHE U 530 47.15 -73.23 -18.02
N ARG U 531 46.67 -73.34 -16.78
CA ARG U 531 46.60 -72.20 -15.86
C ARG U 531 47.94 -71.93 -15.18
N ASN U 532 48.98 -72.70 -15.50
CA ASN U 532 50.31 -72.59 -14.89
C ASN U 532 50.28 -72.88 -13.40
N ASN U 533 49.25 -73.58 -12.92
CA ASN U 533 49.18 -74.02 -11.54
C ASN U 533 49.98 -75.31 -11.42
N VAL U 534 51.30 -75.15 -11.34
CA VAL U 534 52.21 -76.30 -11.37
C VAL U 534 51.93 -77.23 -10.19
N SER U 535 51.75 -76.66 -8.99
CA SER U 535 51.51 -77.50 -7.82
C SER U 535 50.20 -78.25 -7.94
N GLN U 536 49.12 -77.56 -8.29
CA GLN U 536 47.81 -78.21 -8.39
C GLN U 536 47.78 -79.21 -9.53
N SER U 537 48.40 -78.86 -10.67
CA SER U 537 48.47 -79.81 -11.78
C SER U 537 49.24 -81.06 -11.38
N SER U 538 50.35 -80.89 -10.66
CA SER U 538 51.13 -82.05 -10.22
C SER U 538 50.33 -82.90 -9.24
N ASP U 539 49.60 -82.27 -8.33
CA ASP U 539 48.78 -83.02 -7.38
C ASP U 539 47.68 -83.80 -8.11
N PHE U 540 47.03 -83.18 -9.08
CA PHE U 540 45.99 -83.87 -9.84
C PHE U 540 46.57 -85.03 -10.65
N PHE U 541 47.75 -84.83 -11.24
CA PHE U 541 48.39 -85.93 -11.97
C PHE U 541 48.78 -87.06 -11.04
N ALA U 542 49.24 -86.75 -9.84
CA ALA U 542 49.56 -87.78 -8.86
C ALA U 542 48.31 -88.54 -8.44
N GLN U 543 47.20 -87.84 -8.23
CA GLN U 543 45.95 -88.51 -7.92
C GLN U 543 45.49 -89.40 -9.07
N SER U 544 45.68 -88.94 -10.30
CA SER U 544 45.33 -89.75 -11.47
C SER U 544 46.18 -91.02 -11.52
N LEU U 545 47.48 -90.89 -11.26
CA LEU U 545 48.34 -92.07 -11.26
C LEU U 545 47.96 -93.02 -10.13
N GLU U 546 47.57 -92.48 -8.97
CA GLU U 546 47.11 -93.32 -7.87
C GLU U 546 45.84 -94.07 -8.25
N ALA U 547 44.91 -93.37 -8.90
CA ALA U 547 43.66 -94.01 -9.32
C ALA U 547 43.85 -94.96 -10.49
N LEU U 548 44.99 -94.87 -11.19
CA LEU U 548 45.26 -95.78 -12.29
C LEU U 548 45.24 -97.24 -11.85
N ASN U 549 45.52 -97.51 -10.57
CA ASN U 549 45.49 -98.87 -10.07
C ASN U 549 44.08 -99.47 -10.15
N ASN U 550 43.06 -98.63 -10.20
CA ASN U 550 41.67 -99.09 -10.27
C ASN U 550 41.14 -99.19 -11.69
N VAL U 551 41.97 -98.92 -12.69
CA VAL U 551 41.53 -98.92 -14.08
C VAL U 551 41.31 -100.35 -14.56
N SER U 552 40.33 -100.53 -15.44
CA SER U 552 40.09 -101.83 -16.04
C SER U 552 41.32 -102.28 -16.83
N PRO U 553 41.64 -103.58 -16.83
CA PRO U 553 42.88 -104.03 -17.50
C PRO U 553 42.93 -103.73 -18.98
N GLN U 554 41.78 -103.71 -19.66
CA GLN U 554 41.77 -103.51 -21.10
C GLN U 554 42.32 -102.14 -21.48
N ASN U 555 41.84 -101.09 -20.82
CA ASN U 555 42.30 -99.73 -21.08
C ASN U 555 43.47 -99.33 -20.18
N LYS U 556 43.92 -100.23 -19.29
CA LYS U 556 44.95 -99.88 -18.32
C LYS U 556 46.25 -99.50 -19.00
N GLU U 557 46.66 -100.27 -20.02
CA GLU U 557 47.92 -99.97 -20.72
C GLU U 557 47.86 -98.61 -21.40
N ALA U 558 46.77 -98.34 -22.12
CA ALA U 558 46.65 -97.07 -22.83
C ALA U 558 46.63 -95.90 -21.87
N LEU U 559 45.85 -96.02 -20.78
CA LEU U 559 45.78 -94.91 -19.83
C LEU U 559 47.09 -94.74 -19.08
N SER U 560 47.81 -95.82 -18.79
CA SER U 560 49.13 -95.70 -18.18
C SER U 560 50.11 -95.00 -19.10
N ILE U 561 50.07 -95.32 -20.40
CA ILE U 561 50.93 -94.65 -21.37
C ILE U 561 50.60 -93.17 -21.42
N THR U 562 49.30 -92.83 -21.45
CA THR U 562 48.90 -91.42 -21.50
C THR U 562 49.34 -90.67 -20.24
N LEU U 563 49.14 -91.28 -19.07
CA LEU U 563 49.50 -90.62 -17.82
C LEU U 563 51.01 -90.46 -17.70
N HIS U 564 51.77 -91.46 -18.13
CA HIS U 564 53.22 -91.35 -18.11
C HIS U 564 53.70 -90.27 -19.08
N TYR U 565 53.06 -90.15 -20.24
CA TYR U 565 53.40 -89.07 -21.16
C TYR U 565 53.11 -87.71 -20.55
N ASN U 566 51.97 -87.58 -19.87
CA ASN U 566 51.65 -86.31 -19.20
C ASN U 566 52.65 -85.99 -18.10
N LYS U 567 53.02 -86.99 -17.31
CA LYS U 567 54.01 -86.78 -16.25
C LYS U 567 55.36 -86.40 -16.84
N ALA U 568 55.73 -87.02 -17.97
CA ALA U 568 56.97 -86.66 -18.64
C ALA U 568 56.92 -85.23 -19.17
N ARG U 569 55.76 -84.78 -19.65
CA ARG U 569 55.62 -83.39 -20.05
C ARG U 569 55.80 -82.45 -18.86
N VAL U 570 55.20 -82.78 -17.72
CA VAL U 570 55.35 -81.96 -16.52
C VAL U 570 56.81 -81.93 -16.09
N GLU U 571 57.49 -83.06 -16.17
CA GLU U 571 58.92 -83.10 -15.86
C GLU U 571 59.72 -82.22 -16.82
N GLU U 572 59.42 -82.33 -18.12
CA GLU U 572 60.11 -81.52 -19.12
C GLU U 572 59.94 -80.03 -18.80
N VAL U 573 58.78 -79.66 -18.26
CA VAL U 573 58.62 -78.31 -17.73
C VAL U 573 59.54 -78.10 -16.53
N SER U 574 59.59 -79.09 -15.62
CA SER U 574 60.39 -78.94 -14.41
C SER U 574 61.85 -79.32 -14.64
N ASN U 575 62.10 -80.59 -14.99
CA ASN U 575 63.46 -81.11 -15.13
C ASN U 575 63.50 -82.04 -16.33
N GLN U 576 64.37 -81.73 -17.31
CA GLN U 576 64.38 -82.48 -18.55
C GLN U 576 64.92 -83.90 -18.39
N SER U 577 65.71 -84.17 -17.35
CA SER U 577 66.31 -85.49 -17.21
C SER U 577 65.25 -86.56 -16.95
N GLU U 578 64.36 -86.32 -15.98
CA GLU U 578 63.29 -87.28 -15.72
C GLU U 578 62.34 -87.38 -16.91
N ALA U 579 62.14 -86.27 -17.62
CA ALA U 579 61.32 -86.32 -18.84
C ALA U 579 61.93 -87.25 -19.87
N GLU U 580 63.25 -87.17 -20.08
CA GLU U 580 63.90 -88.04 -21.03
C GLU U 580 63.89 -89.49 -20.56
N LYS U 581 64.03 -89.71 -19.25
CA LYS U 581 63.94 -91.07 -18.71
C LYS U 581 62.58 -91.69 -18.98
N LEU U 582 61.50 -90.95 -18.66
CA LEU U 582 60.16 -91.46 -18.93
C LEU U 582 59.90 -91.57 -20.42
N TYR U 583 60.52 -90.71 -21.23
CA TYR U 583 60.40 -90.83 -22.68
C TYR U 583 60.98 -92.15 -23.17
N SER U 584 62.16 -92.51 -22.65
CA SER U 584 62.75 -93.80 -22.99
C SER U 584 61.88 -94.95 -22.50
N LYS U 585 61.34 -94.82 -21.29
CA LYS U 585 60.47 -95.85 -20.73
C LYS U 585 59.26 -96.10 -21.63
N LEU U 586 58.60 -95.02 -22.06
CA LEU U 586 57.42 -95.17 -22.91
C LEU U 586 57.79 -95.63 -24.31
N MET U 587 58.92 -95.17 -24.84
CA MET U 587 59.35 -95.62 -26.15
C MET U 587 59.63 -97.11 -26.17
N GLU U 588 60.26 -97.63 -25.12
CA GLU U 588 60.38 -99.08 -24.99
C GLU U 588 59.01 -99.72 -24.82
N LYS U 589 58.13 -99.07 -24.04
CA LYS U 589 56.78 -99.60 -23.85
C LYS U 589 55.97 -99.57 -25.15
N CYS U 590 56.08 -98.48 -25.90
CA CYS U 590 55.30 -98.32 -27.14
C CYS U 590 56.12 -97.52 -28.14
N PRO U 591 56.92 -98.21 -28.96
CA PRO U 591 57.73 -97.50 -29.97
C PRO U 591 56.90 -96.79 -31.03
N GLY U 592 55.65 -97.19 -31.24
CA GLY U 592 54.85 -96.62 -32.30
C GLY U 592 54.38 -95.20 -32.06
N TYR U 593 54.40 -94.76 -30.80
CA TYR U 593 53.94 -93.41 -30.48
C TYR U 593 54.90 -92.37 -31.06
N THR U 594 54.34 -91.28 -31.59
CA THR U 594 55.11 -90.26 -32.29
C THR U 594 55.48 -89.08 -31.40
N SER U 595 54.55 -88.59 -30.60
CA SER U 595 54.80 -87.41 -29.78
C SER U 595 55.94 -87.66 -28.79
N ASN U 596 55.98 -88.85 -28.19
CA ASN U 596 57.08 -89.20 -27.30
C ASN U 596 58.42 -89.13 -28.03
N LYS U 597 58.50 -89.76 -29.21
CA LYS U 597 59.75 -89.73 -29.98
C LYS U 597 60.09 -88.32 -30.42
N ILE U 598 59.07 -87.54 -30.83
CA ILE U 598 59.33 -86.17 -31.26
C ILE U 598 59.92 -85.36 -30.12
N ARG U 599 59.32 -85.44 -28.93
CA ARG U 599 59.82 -84.67 -27.79
C ARG U 599 61.21 -85.15 -27.37
N TYR U 600 61.44 -86.47 -27.38
CA TYR U 600 62.73 -87.00 -26.97
C TYR U 600 63.83 -86.54 -27.93
N ILE U 601 63.58 -86.64 -29.23
CA ILE U 601 64.56 -86.20 -30.21
C ILE U 601 64.76 -84.69 -30.15
N TYR U 602 63.69 -83.94 -29.86
CA TYR U 602 63.81 -82.49 -29.72
C TYR U 602 64.69 -82.13 -28.53
N LEU U 603 64.50 -82.81 -27.40
CA LEU U 603 65.35 -82.57 -26.23
C LEU U 603 66.79 -82.96 -26.53
N LEU U 604 67.00 -84.07 -27.24
CA LEU U 604 68.36 -84.45 -27.62
C LEU U 604 69.00 -83.40 -28.52
N ALA U 605 68.25 -82.88 -29.48
CA ALA U 605 68.77 -81.85 -30.37
C ALA U 605 69.11 -80.57 -29.59
N LEU U 606 68.28 -80.22 -28.61
CA LEU U 606 68.61 -79.11 -27.74
C LEU U 606 69.91 -79.37 -26.98
N LYS U 607 70.09 -80.58 -26.47
CA LYS U 607 71.30 -80.91 -25.73
C LYS U 607 72.49 -81.08 -26.66
N SER U 608 72.27 -81.62 -27.86
CA SER U 608 73.35 -81.88 -28.80
C SER U 608 73.55 -80.77 -29.83
N ASN U 609 72.80 -79.67 -29.71
CA ASN U 609 72.91 -78.54 -30.65
C ASN U 609 72.67 -78.98 -32.09
N GLY U 610 71.66 -79.83 -32.29
CA GLY U 610 71.33 -80.31 -33.61
C GLY U 610 72.39 -81.16 -34.26
N ASN U 611 72.99 -82.07 -33.48
CA ASN U 611 73.97 -83.02 -33.99
C ASN U 611 73.39 -84.39 -34.23
N ASN U 612 72.06 -84.53 -34.16
CA ASN U 612 71.37 -85.80 -34.39
C ASN U 612 70.46 -85.71 -35.61
N TYR U 613 70.96 -85.11 -36.69
CA TYR U 613 70.18 -85.00 -37.92
C TYR U 613 69.77 -86.37 -38.45
N ALA U 614 70.60 -87.39 -38.23
CA ALA U 614 70.25 -88.74 -38.66
C ALA U 614 68.99 -89.23 -37.94
N ASP U 615 68.87 -88.93 -36.64
CA ASP U 615 67.68 -89.33 -35.90
C ASP U 615 66.44 -88.62 -36.44
N VAL U 616 66.56 -87.33 -36.77
CA VAL U 616 65.42 -86.59 -37.31
C VAL U 616 65.01 -87.15 -38.66
N GLN U 617 65.99 -87.46 -39.51
CA GLN U 617 65.68 -88.05 -40.81
C GLN U 617 65.01 -89.41 -40.66
N GLN U 618 65.51 -90.23 -39.73
CA GLN U 618 64.90 -91.53 -39.49
C GLN U 618 63.46 -91.38 -38.99
N LEU U 619 63.23 -90.44 -38.08
CA LEU U 619 61.88 -90.21 -37.59
C LEU U 619 60.95 -89.74 -38.71
N LEU U 620 61.47 -88.88 -39.60
CA LEU U 620 60.69 -88.45 -40.75
C LEU U 620 60.33 -89.64 -41.65
N ASP U 621 61.30 -90.54 -41.85
CA ASP U 621 61.02 -91.75 -42.63
C ASP U 621 59.98 -92.64 -41.96
N ASP U 622 60.00 -92.69 -40.62
CA ASP U 622 59.04 -93.55 -39.91
C ASP U 622 57.61 -93.11 -40.15
N PHE U 623 57.34 -91.81 -40.09
CA PHE U 623 56.00 -91.26 -40.22
C PHE U 623 56.01 -90.13 -41.25
N PRO U 624 56.14 -90.45 -42.54
CA PRO U 624 56.09 -89.39 -43.56
C PRO U 624 54.74 -88.71 -43.65
N SER U 625 53.66 -89.35 -43.21
CA SER U 625 52.33 -88.76 -43.26
C SER U 625 51.96 -88.00 -41.99
N ASP U 626 52.77 -88.08 -40.94
CA ASP U 626 52.47 -87.36 -39.71
C ASP U 626 52.80 -85.88 -39.89
N LEU U 627 51.80 -85.02 -39.64
CA LEU U 627 52.02 -83.59 -39.76
C LEU U 627 52.98 -83.09 -38.67
N GLU U 628 52.87 -83.64 -37.46
CA GLU U 628 53.76 -83.22 -36.38
C GLU U 628 55.21 -83.60 -36.68
N VAL U 629 55.44 -84.82 -37.18
CA VAL U 629 56.79 -85.25 -37.49
C VAL U 629 57.38 -84.38 -38.59
N ARG U 630 56.59 -84.11 -39.63
CA ARG U 630 57.07 -83.27 -40.73
C ARG U 630 57.37 -81.86 -40.27
N SER U 631 56.50 -81.30 -39.42
CA SER U 631 56.71 -79.95 -38.92
C SER U 631 57.96 -79.87 -38.05
N PHE U 632 58.18 -80.87 -37.19
CA PHE U 632 59.39 -80.90 -36.38
C PHE U 632 60.63 -81.03 -37.25
N TYR U 633 60.57 -81.88 -38.28
CA TYR U 633 61.71 -82.04 -39.18
C TYR U 633 62.00 -80.74 -39.93
N GLY U 634 60.95 -80.04 -40.37
CA GLY U 634 61.16 -78.77 -41.03
C GLY U 634 61.70 -77.70 -40.11
N TRP U 635 61.27 -77.70 -38.84
CA TRP U 635 61.83 -76.78 -37.86
C TRP U 635 63.31 -77.06 -37.64
N PHE U 636 63.68 -78.34 -37.53
CA PHE U 636 65.09 -78.69 -37.37
C PHE U 636 65.90 -78.29 -38.59
N LEU U 637 65.31 -78.44 -39.79
CA LEU U 637 65.99 -77.99 -41.01
C LEU U 637 66.19 -76.48 -40.99
N LYS U 638 65.14 -75.73 -40.68
CA LYS U 638 65.27 -74.28 -40.62
C LYS U 638 66.31 -73.86 -39.58
N ARG U 639 66.45 -74.64 -38.51
CA ARG U 639 67.42 -74.30 -37.48
C ARG U 639 68.86 -74.60 -37.92
N TYR U 640 69.11 -75.76 -38.55
CA TYR U 640 70.49 -76.17 -38.76
C TYR U 640 70.78 -76.61 -40.20
N GLY U 641 70.13 -76.00 -41.18
CA GLY U 641 70.43 -76.34 -42.57
C GLY U 641 71.83 -75.93 -42.98
N ARG U 642 72.24 -74.72 -42.60
CA ARG U 642 73.59 -74.27 -42.92
C ARG U 642 74.64 -75.04 -42.12
N LYS U 643 74.31 -75.41 -40.88
CA LYS U 643 75.22 -76.25 -40.11
C LYS U 643 75.39 -77.62 -40.77
N ASN U 644 74.31 -78.21 -41.25
CA ASN U 644 74.36 -79.52 -41.89
C ASN U 644 74.69 -79.43 -43.37
N GLY U 645 74.76 -78.23 -43.94
CA GLY U 645 75.12 -78.08 -45.34
C GLY U 645 74.11 -78.62 -46.32
N LEU U 646 72.86 -78.76 -45.90
CA LEU U 646 71.83 -79.30 -46.78
C LEU U 646 71.39 -78.27 -47.82
N LYS U 647 70.61 -78.73 -48.79
CA LYS U 647 70.12 -77.86 -49.84
C LYS U 647 69.20 -76.79 -49.28
N GLN U 648 69.32 -75.58 -49.80
CA GLN U 648 68.46 -74.49 -49.35
C GLN U 648 67.00 -74.77 -49.70
N ASP U 649 66.75 -75.32 -50.89
CA ASP U 649 65.40 -75.60 -51.34
C ASP U 649 64.88 -76.96 -50.90
N LEU U 650 65.70 -77.75 -50.21
CA LEU U 650 65.28 -79.09 -49.81
C LEU U 650 64.07 -79.03 -48.88
N GLU U 651 64.11 -78.13 -47.89
CA GLU U 651 62.95 -77.94 -47.02
C GLU U 651 61.77 -77.39 -47.80
N SER U 652 62.05 -76.56 -48.81
CA SER U 652 60.97 -76.04 -49.66
C SER U 652 60.28 -77.17 -50.40
N GLN U 653 61.05 -78.11 -50.96
CA GLN U 653 60.46 -79.25 -51.64
C GLN U 653 59.70 -80.14 -50.66
N HIS U 654 60.24 -80.33 -49.46
CA HIS U 654 59.56 -81.14 -48.45
C HIS U 654 58.20 -80.53 -48.09
N HIS U 655 58.16 -79.22 -47.87
CA HIS U 655 56.89 -78.56 -47.53
C HIS U 655 55.94 -78.55 -48.71
N LYS U 656 56.47 -78.40 -49.94
CA LYS U 656 55.61 -78.46 -51.11
C LYS U 656 54.97 -79.84 -51.26
N ASP U 657 55.75 -80.90 -51.02
CA ASP U 657 55.17 -82.25 -51.05
C ASP U 657 54.15 -82.43 -49.95
N THR U 658 54.43 -81.90 -48.76
CA THR U 658 53.46 -81.98 -47.66
C THR U 658 52.16 -81.30 -48.03
N LEU U 659 52.23 -80.12 -48.66
CA LEU U 659 51.03 -79.38 -49.00
C LEU U 659 50.26 -80.06 -50.13
N ILE U 660 50.96 -80.50 -51.18
CA ILE U 660 50.28 -81.04 -52.35
C ILE U 660 49.68 -82.42 -52.03
N ASN U 661 50.45 -83.28 -51.37
CA ASN U 661 50.06 -84.68 -51.24
C ASN U 661 49.42 -85.03 -49.90
N TYR U 662 49.59 -84.20 -48.87
CA TYR U 662 49.05 -84.52 -47.55
C TYR U 662 48.00 -83.53 -47.08
N ASP U 663 48.30 -82.24 -47.06
CA ASP U 663 47.33 -81.24 -46.62
C ASP U 663 47.75 -79.88 -47.14
N LYS U 664 46.94 -79.29 -48.02
CA LYS U 664 47.22 -77.96 -48.56
C LYS U 664 46.71 -76.84 -47.66
N HIS U 665 46.09 -77.17 -46.52
CA HIS U 665 45.57 -76.19 -45.59
C HIS U 665 46.38 -76.14 -44.29
N ASP U 666 47.59 -76.71 -44.30
CA ASP U 666 48.45 -76.68 -43.12
C ASP U 666 49.19 -75.35 -43.09
N CYS U 667 48.92 -74.55 -42.05
CA CYS U 667 49.53 -73.22 -41.96
C CYS U 667 51.03 -73.29 -41.65
N TYR U 668 51.49 -74.36 -41.02
CA TYR U 668 52.91 -74.46 -40.65
C TYR U 668 53.78 -74.50 -41.91
N ALA U 669 53.48 -75.41 -42.83
CA ALA U 669 54.26 -75.51 -44.06
C ALA U 669 54.10 -74.27 -44.92
N LEU U 670 52.91 -73.68 -44.95
CA LEU U 670 52.70 -72.46 -45.72
C LEU U 670 53.56 -71.32 -45.17
N LEU U 671 53.61 -71.18 -43.84
CA LEU U 671 54.46 -70.15 -43.24
C LEU U 671 55.93 -70.42 -43.49
N SER U 672 56.35 -71.68 -43.42
CA SER U 672 57.75 -72.00 -43.71
C SER U 672 58.10 -71.65 -45.15
N LEU U 673 57.22 -71.99 -46.09
CA LEU U 673 57.46 -71.66 -47.49
C LEU U 673 57.48 -70.16 -47.71
N GLY U 674 56.58 -69.43 -47.05
CA GLY U 674 56.59 -67.99 -47.16
C GLY U 674 57.87 -67.37 -46.63
N ASN U 675 58.36 -67.86 -45.49
CA ASN U 675 59.63 -67.37 -44.95
C ASN U 675 60.78 -67.68 -45.90
N ILE U 676 60.79 -68.88 -46.48
CA ILE U 676 61.85 -69.24 -47.42
C ILE U 676 61.82 -68.33 -48.64
N TYR U 677 60.63 -68.08 -49.18
CA TYR U 677 60.51 -67.23 -50.36
C TYR U 677 60.90 -65.80 -50.04
N ALA U 678 60.51 -65.30 -48.87
CA ALA U 678 60.91 -63.96 -48.46
C ALA U 678 62.42 -63.85 -48.31
N THR U 679 63.05 -64.88 -47.73
CA THR U 679 64.51 -64.87 -47.61
C THR U 679 65.17 -64.87 -48.98
N ILE U 680 64.64 -65.67 -49.91
CA ILE U 680 65.20 -65.72 -51.26
C ILE U 680 65.08 -64.36 -51.94
N ALA U 681 63.92 -63.73 -51.80
CA ALA U 681 63.71 -62.41 -52.40
C ALA U 681 64.63 -61.37 -51.77
N ARG U 682 64.78 -61.41 -50.46
CA ARG U 682 65.64 -60.44 -49.78
C ARG U 682 67.10 -60.60 -50.19
N GLU U 683 67.58 -61.84 -50.28
CA GLU U 683 68.96 -62.08 -50.68
C GLU U 683 69.18 -61.83 -52.16
N MET U 684 68.12 -61.73 -52.96
CA MET U 684 68.27 -61.51 -54.40
C MET U 684 68.80 -60.11 -54.67
N LYS U 685 69.81 -60.01 -55.53
CA LYS U 685 70.38 -58.73 -55.88
C LYS U 685 69.46 -57.96 -56.80
N VAL U 686 69.38 -56.65 -56.60
CA VAL U 686 68.54 -55.77 -57.40
C VAL U 686 69.43 -55.00 -58.36
N THR U 687 69.17 -55.12 -59.66
CA THR U 687 69.99 -54.46 -60.67
C THR U 687 69.14 -53.60 -61.59
N ASP U 688 67.90 -54.02 -61.86
CA ASP U 688 67.03 -53.30 -62.78
C ASP U 688 65.58 -53.56 -62.38
N GLN U 689 64.66 -53.16 -63.26
CA GLN U 689 63.23 -53.35 -62.97
C GLN U 689 62.85 -54.82 -62.97
N LYS U 690 63.48 -55.62 -63.83
CA LYS U 690 63.13 -57.04 -63.93
C LYS U 690 63.44 -57.78 -62.64
N GLN U 691 64.63 -57.53 -62.07
CA GLN U 691 65.00 -58.22 -60.84
C GLN U 691 64.14 -57.78 -59.66
N ASN U 692 63.81 -56.49 -59.60
CA ASN U 692 62.90 -56.02 -58.57
C ASN U 692 61.51 -56.62 -58.73
N GLU U 693 61.06 -56.80 -59.98
CA GLU U 693 59.77 -57.44 -60.22
C GLU U 693 59.80 -58.91 -59.80
N ILE U 694 60.91 -59.61 -60.05
CA ILE U 694 61.03 -60.99 -59.61
C ILE U 694 61.03 -61.07 -58.08
N LYS U 695 61.72 -60.15 -57.42
CA LYS U 695 61.69 -60.08 -55.96
C LYS U 695 60.28 -59.83 -55.46
N ARG U 696 59.56 -58.92 -56.12
CA ARG U 696 58.18 -58.63 -55.76
C ARG U 696 57.28 -59.84 -56.00
N GLN U 697 57.57 -60.63 -57.04
CA GLN U 697 56.80 -61.84 -57.28
C GLN U 697 57.03 -62.89 -56.21
N GLN U 698 58.28 -63.04 -55.76
CA GLN U 698 58.56 -63.94 -54.65
C GLN U 698 57.87 -63.47 -53.37
N TYR U 699 57.91 -62.17 -53.11
CA TYR U 699 57.18 -61.63 -51.97
C TYR U 699 55.68 -61.84 -52.12
N LEU U 700 55.18 -61.78 -53.35
CA LEU U 700 53.77 -62.03 -53.61
C LEU U 700 53.41 -63.48 -53.35
N ARG U 701 54.31 -64.41 -53.68
CA ARG U 701 54.09 -65.82 -53.35
C ARG U 701 54.03 -66.01 -51.85
N ALA U 702 54.97 -65.39 -51.12
CA ALA U 702 54.94 -65.48 -49.66
C ALA U 702 53.66 -64.87 -49.10
N ALA U 703 53.23 -63.74 -49.66
CA ALA U 703 52.01 -63.09 -49.22
C ALA U 703 50.78 -63.94 -49.52
N GLN U 704 50.79 -64.67 -50.63
CA GLN U 704 49.69 -65.59 -50.93
C GLN U 704 49.67 -66.75 -49.95
N PHE U 705 50.85 -67.25 -49.55
CA PHE U 705 50.92 -68.25 -48.50
C PHE U 705 50.28 -67.72 -47.22
N TYR U 706 50.67 -66.50 -46.83
CA TYR U 706 50.12 -65.91 -45.61
C TYR U 706 48.63 -65.65 -45.72
N HIS U 707 48.16 -65.25 -46.90
CA HIS U 707 46.74 -64.98 -47.10
C HIS U 707 45.93 -66.27 -47.04
N LYS U 708 46.47 -67.36 -47.58
CA LYS U 708 45.81 -68.66 -47.42
C LYS U 708 45.79 -69.08 -45.96
N VAL U 709 46.87 -68.81 -45.22
CA VAL U 709 46.87 -69.11 -43.79
C VAL U 709 45.79 -68.31 -43.08
N LEU U 710 45.66 -67.03 -43.40
CA LEU U 710 44.64 -66.19 -42.79
C LEU U 710 43.23 -66.64 -43.17
N SER U 711 43.06 -67.10 -44.41
CA SER U 711 41.77 -67.67 -44.81
C SER U 711 41.46 -68.92 -43.98
N ILE U 712 42.48 -69.75 -43.74
CA ILE U 712 42.30 -70.87 -42.83
C ILE U 712 42.02 -70.38 -41.41
N ASP U 713 42.77 -69.38 -40.96
CA ASP U 713 42.59 -68.84 -39.62
C ASP U 713 43.01 -67.37 -39.58
N PRO U 714 42.05 -66.44 -39.44
CA PRO U 714 42.41 -65.01 -39.39
C PRO U 714 43.09 -64.59 -38.10
N LYS U 715 43.24 -65.49 -37.13
CA LYS U 715 43.87 -65.18 -35.85
C LYS U 715 45.33 -65.61 -35.81
N ASN U 716 46.02 -65.58 -36.95
CA ASN U 716 47.40 -66.02 -37.04
C ASN U 716 48.33 -64.81 -36.89
N ILE U 717 49.07 -64.78 -35.78
CA ILE U 717 50.00 -63.68 -35.54
C ILE U 717 51.17 -63.74 -36.50
N TYR U 718 51.66 -64.94 -36.80
CA TYR U 718 52.86 -65.07 -37.63
C TYR U 718 52.61 -64.65 -39.07
N ALA U 719 51.41 -64.92 -39.59
CA ALA U 719 51.08 -64.44 -40.93
C ALA U 719 51.11 -62.92 -41.00
N ALA U 720 50.53 -62.26 -39.99
CA ALA U 720 50.57 -60.80 -39.95
C ALA U 720 52.00 -60.29 -39.78
N GLN U 721 52.82 -61.01 -39.00
CA GLN U 721 54.21 -60.62 -38.82
C GLN U 721 54.98 -60.71 -40.13
N GLY U 722 54.76 -61.78 -40.90
CA GLY U 722 55.36 -61.87 -42.21
C GLY U 722 54.88 -60.79 -43.15
N ILE U 723 53.59 -60.45 -43.07
CA ILE U 723 53.04 -59.36 -43.88
C ILE U 723 53.74 -58.05 -43.53
N ALA U 724 53.94 -57.80 -42.23
CA ALA U 724 54.60 -56.58 -41.80
C ALA U 724 56.06 -56.56 -42.25
N ILE U 725 56.74 -57.70 -42.22
CA ILE U 725 58.11 -57.77 -42.70
C ILE U 725 58.17 -57.45 -44.19
N ILE U 726 57.24 -58.00 -44.97
CA ILE U 726 57.18 -57.71 -46.39
C ILE U 726 56.94 -56.22 -46.62
N PHE U 727 56.04 -55.63 -45.84
CA PHE U 727 55.78 -54.19 -45.95
C PHE U 727 57.03 -53.39 -45.60
N SER U 728 57.78 -53.85 -44.61
CA SER U 728 59.05 -53.20 -44.27
C SER U 728 60.02 -53.26 -45.45
N ASP U 729 60.07 -54.40 -46.13
CA ASP U 729 60.86 -54.49 -47.36
C ASP U 729 60.28 -53.59 -48.44
N LYS U 730 58.97 -53.41 -48.44
CA LYS U 730 58.28 -52.55 -49.40
C LYS U 730 58.11 -51.12 -48.89
N GLU U 731 58.66 -50.80 -47.71
CA GLU U 731 58.62 -49.48 -47.10
C GLU U 731 57.20 -49.02 -46.77
N ARG U 732 56.28 -49.94 -46.52
CA ARG U 732 54.95 -49.60 -46.01
C ARG U 732 55.04 -49.61 -44.47
N THR U 733 55.57 -48.51 -43.94
CA THR U 733 55.93 -48.48 -42.52
C THR U 733 54.70 -48.42 -41.62
N GLY U 734 53.66 -47.71 -42.04
CA GLY U 734 52.48 -47.55 -41.19
C GLY U 734 51.76 -48.86 -40.95
N LEU U 735 51.54 -49.64 -42.01
CA LEU U 735 50.87 -50.93 -41.87
C LEU U 735 51.69 -51.88 -41.00
N ALA U 736 53.01 -51.90 -41.19
CA ALA U 736 53.87 -52.74 -40.37
C ALA U 736 53.81 -52.31 -38.91
N LEU U 737 53.79 -50.99 -38.65
CA LEU U 737 53.71 -50.50 -37.29
C LEU U 737 52.40 -50.92 -36.63
N GLU U 738 51.28 -50.77 -37.36
CA GLU U 738 49.99 -51.19 -36.80
C GLU U 738 49.97 -52.68 -36.52
N ILE U 739 50.49 -53.49 -37.45
CA ILE U 739 50.51 -54.93 -37.26
C ILE U 739 51.38 -55.31 -36.06
N PHE U 740 52.53 -54.67 -35.93
CA PHE U 740 53.42 -54.99 -34.81
C PHE U 740 52.82 -54.57 -33.48
N LYS U 741 52.12 -53.43 -33.44
CA LYS U 741 51.44 -53.04 -32.22
C LYS U 741 50.35 -54.03 -31.84
N LYS U 742 49.57 -54.48 -32.83
CA LYS U 742 48.54 -55.48 -32.55
C LYS U 742 49.17 -56.79 -32.07
N VAL U 743 50.29 -57.18 -32.67
CA VAL U 743 50.97 -58.41 -32.27
C VAL U 743 51.46 -58.30 -30.84
N ARG U 744 52.06 -57.17 -30.49
CA ARG U 744 52.53 -56.96 -29.13
C ARG U 744 51.37 -57.00 -28.15
N ASP U 745 50.23 -56.40 -28.52
CA ASP U 745 49.04 -56.50 -27.69
C ASP U 745 48.61 -57.96 -27.55
N THR U 746 48.83 -58.76 -28.59
CA THR U 746 48.44 -60.17 -28.54
C THR U 746 49.45 -61.00 -27.76
N VAL U 747 50.71 -61.03 -28.21
CA VAL U 747 51.75 -61.84 -27.61
C VAL U 747 52.97 -60.98 -27.36
N GLN U 748 53.76 -61.36 -26.36
CA GLN U 748 54.95 -60.62 -25.96
C GLN U 748 56.15 -61.57 -25.96
N ASP U 749 56.98 -61.48 -27.01
CA ASP U 749 58.25 -62.18 -27.05
C ASP U 749 59.33 -61.18 -27.44
N LEU U 750 60.58 -61.68 -27.44
CA LEU U 750 61.72 -60.82 -27.79
C LEU U 750 61.61 -60.32 -29.21
N GLY U 751 61.19 -61.18 -30.14
CA GLY U 751 61.13 -60.78 -31.53
C GLY U 751 60.15 -59.65 -31.78
N THR U 752 59.01 -59.67 -31.09
CA THR U 752 58.02 -58.60 -31.27
C THR U 752 58.59 -57.25 -30.83
N PHE U 753 59.27 -57.22 -29.68
CA PHE U 753 59.87 -55.99 -29.21
C PHE U 753 60.97 -55.51 -30.15
N ILE U 754 61.79 -56.44 -30.64
CA ILE U 754 62.86 -56.05 -31.57
C ILE U 754 62.28 -55.47 -32.85
N ASN U 755 61.22 -56.10 -33.38
CA ASN U 755 60.59 -55.59 -34.59
C ASN U 755 59.92 -54.24 -34.34
N LEU U 756 59.34 -54.05 -33.16
CA LEU U 756 58.77 -52.75 -32.82
C LEU U 756 59.84 -51.68 -32.79
N GLY U 757 60.99 -51.98 -32.18
CA GLY U 757 62.09 -51.04 -32.18
C GLY U 757 62.59 -50.72 -33.58
N HIS U 758 62.70 -51.75 -34.43
CA HIS U 758 63.11 -51.54 -35.82
C HIS U 758 62.12 -50.63 -36.54
N CYS U 759 60.82 -50.87 -36.35
CA CYS U 759 59.81 -50.06 -37.02
C CYS U 759 59.86 -48.62 -36.52
N PHE U 760 60.04 -48.43 -35.21
CA PHE U 760 60.16 -47.08 -34.67
C PHE U 760 61.38 -46.37 -35.24
N MET U 761 62.48 -47.10 -35.40
CA MET U 761 63.65 -46.52 -36.06
C MET U 761 63.32 -46.13 -37.50
N GLU U 762 62.59 -46.99 -38.21
CA GLU U 762 62.12 -46.64 -39.54
C GLU U 762 61.06 -45.54 -39.50
N ALA U 763 60.31 -45.44 -38.42
CA ALA U 763 59.30 -44.39 -38.26
C ALA U 763 59.85 -43.13 -37.62
N LYS U 764 61.16 -43.07 -37.38
CA LYS U 764 61.86 -41.92 -36.80
C LYS U 764 61.41 -41.60 -35.39
N GLN U 765 60.67 -42.49 -34.74
CA GLN U 765 60.34 -42.36 -33.31
C GLN U 765 61.42 -43.06 -32.49
N PHE U 766 62.53 -42.34 -32.32
CA PHE U 766 63.72 -42.94 -31.72
C PHE U 766 63.54 -43.19 -30.24
N GLY U 767 62.80 -42.32 -29.54
CA GLY U 767 62.55 -42.55 -28.12
C GLY U 767 61.76 -43.82 -27.87
N LYS U 768 60.69 -44.04 -28.64
CA LYS U 768 59.92 -45.26 -28.50
C LYS U 768 60.75 -46.48 -28.90
N ALA U 769 61.63 -46.32 -29.89
CA ALA U 769 62.54 -47.41 -30.24
C ALA U 769 63.46 -47.74 -29.07
N ILE U 770 63.97 -46.71 -28.38
CA ILE U 770 64.83 -46.93 -27.22
C ILE U 770 64.05 -47.68 -26.14
N GLU U 771 62.81 -47.25 -25.88
CA GLU U 771 62.00 -47.93 -24.88
C GLU U 771 61.75 -49.39 -25.26
N SER U 772 61.41 -49.65 -26.52
CA SER U 772 61.14 -51.02 -26.95
C SER U 772 62.38 -51.88 -26.83
N TYR U 773 63.54 -51.36 -27.24
CA TYR U 773 64.77 -52.13 -27.13
C TYR U 773 65.14 -52.38 -25.67
N THR U 774 64.93 -51.39 -24.80
CA THR U 774 65.20 -51.59 -23.38
C THR U 774 64.31 -52.66 -22.79
N ILE U 775 63.02 -52.64 -23.13
CA ILE U 775 62.11 -53.67 -22.63
C ILE U 775 62.50 -55.04 -23.16
N ALA U 776 62.89 -55.12 -24.43
CA ALA U 776 63.35 -56.38 -25.00
C ALA U 776 64.58 -56.90 -24.27
N LEU U 777 65.52 -56.00 -23.98
CA LEU U 777 66.74 -56.40 -23.27
C LEU U 777 66.43 -56.90 -21.87
N GLU U 778 65.55 -56.20 -21.14
CA GLU U 778 65.30 -56.56 -19.75
C GLU U 778 64.45 -57.83 -19.64
N LYS U 779 63.42 -57.95 -20.47
CA LYS U 779 62.44 -59.02 -20.25
C LYS U 779 63.01 -60.39 -20.64
N PHE U 780 63.69 -60.48 -21.79
CA PHE U 780 64.10 -61.76 -22.33
C PHE U 780 65.61 -61.94 -22.36
N SER U 781 66.34 -61.04 -23.03
CA SER U 781 67.79 -61.19 -23.14
C SER U 781 68.49 -60.97 -21.81
N ASN U 782 67.85 -60.27 -20.87
CA ASN U 782 68.40 -60.03 -19.53
C ASN U 782 69.75 -59.32 -19.59
N GLY U 783 69.93 -58.45 -20.57
CA GLY U 783 71.15 -57.66 -20.66
C GLY U 783 72.39 -58.40 -21.10
N MET U 784 72.22 -59.52 -21.82
CA MET U 784 73.37 -60.33 -22.23
C MET U 784 73.67 -60.25 -23.71
N ASP U 785 72.65 -60.08 -24.57
CA ASP U 785 72.89 -60.07 -26.01
C ASP U 785 73.56 -58.77 -26.43
N SER U 786 74.57 -58.89 -27.28
CA SER U 786 75.27 -57.70 -27.78
C SER U 786 74.45 -56.97 -28.84
N LYS U 787 73.62 -57.68 -29.60
CA LYS U 787 72.88 -57.07 -30.69
C LYS U 787 71.88 -56.04 -30.17
N LEU U 788 71.20 -56.35 -29.07
CA LEU U 788 70.26 -55.38 -28.50
C LEU U 788 70.99 -54.13 -28.00
N LEU U 789 72.16 -54.32 -27.40
CA LEU U 789 72.97 -53.17 -26.99
C LEU U 789 73.39 -52.34 -28.19
N VAL U 790 73.74 -53.00 -29.30
CA VAL U 790 74.08 -52.29 -30.53
C VAL U 790 72.90 -51.47 -31.01
N LEU U 791 71.71 -52.07 -30.98
CA LEU U 791 70.51 -51.36 -31.40
C LEU U 791 70.22 -50.16 -30.51
N ILE U 792 70.40 -50.33 -29.20
CA ILE U 792 70.19 -49.22 -28.26
C ILE U 792 71.17 -48.10 -28.54
N GLY U 793 72.44 -48.44 -28.78
CA GLY U 793 73.42 -47.43 -29.10
C GLY U 793 73.10 -46.70 -30.40
N ARG U 794 72.66 -47.44 -31.42
CA ARG U 794 72.28 -46.81 -32.68
C ARG U 794 71.10 -45.86 -32.49
N ALA U 795 70.10 -46.29 -31.72
CA ALA U 795 68.94 -45.43 -31.47
C ALA U 795 69.35 -44.18 -30.71
N TRP U 796 70.22 -44.32 -29.70
CA TRP U 796 70.69 -43.16 -28.96
C TRP U 796 71.46 -42.21 -29.86
N TYR U 797 72.30 -42.75 -30.75
CA TYR U 797 73.04 -41.91 -31.68
C TYR U 797 72.09 -41.18 -32.62
N HIS U 798 71.06 -41.86 -33.11
CA HIS U 798 70.07 -41.21 -33.95
C HIS U 798 69.37 -40.08 -33.22
N ARG U 799 68.99 -40.32 -31.95
CA ARG U 799 68.35 -39.28 -31.17
C ARG U 799 69.27 -38.08 -30.98
N GLY U 800 70.54 -38.34 -30.64
CA GLY U 800 71.48 -37.25 -30.45
C GLY U 800 71.75 -36.47 -31.72
N PHE U 801 71.83 -37.16 -32.86
CA PHE U 801 72.10 -36.49 -34.12
C PHE U 801 70.91 -35.64 -34.56
N TYR U 802 69.71 -36.21 -34.54
CA TYR U 802 68.55 -35.49 -35.05
C TYR U 802 68.05 -34.43 -34.06
N GLU U 803 68.35 -34.58 -32.78
CA GLU U 803 67.86 -33.65 -31.77
C GLU U 803 68.96 -32.80 -31.16
N LYS U 804 70.22 -32.99 -31.57
CA LYS U 804 71.34 -32.20 -31.07
C LYS U 804 71.46 -32.28 -29.55
N SER U 805 71.41 -33.51 -29.04
CA SER U 805 71.47 -33.77 -27.60
C SER U 805 72.78 -34.46 -27.26
N MET U 806 73.52 -33.88 -26.32
CA MET U 806 74.80 -34.46 -25.92
C MET U 806 74.62 -35.65 -24.99
N ASP U 807 73.61 -35.62 -24.13
CA ASP U 807 73.38 -36.72 -23.21
C ASP U 807 73.06 -38.01 -23.94
N ALA U 808 72.36 -37.91 -25.09
CA ALA U 808 72.13 -39.08 -25.92
C ALA U 808 73.45 -39.66 -26.40
N TYR U 809 74.39 -38.79 -26.82
CA TYR U 809 75.70 -39.27 -27.23
C TYR U 809 76.44 -39.94 -26.08
N LYS U 810 76.36 -39.36 -24.88
CA LYS U 810 77.02 -39.95 -23.72
C LYS U 810 76.46 -41.35 -23.42
N LYS U 811 75.13 -41.47 -23.45
CA LYS U 811 74.53 -42.78 -23.18
C LYS U 811 74.87 -43.78 -24.27
N ALA U 812 74.87 -43.35 -25.53
CA ALA U 812 75.27 -44.25 -26.62
C ALA U 812 76.72 -44.70 -26.45
N LEU U 813 77.60 -43.78 -26.07
CA LEU U 813 79.00 -44.13 -25.85
C LEU U 813 79.14 -45.15 -24.71
N GLU U 814 78.41 -44.93 -23.62
CA GLU U 814 78.50 -45.87 -22.50
C GLU U 814 77.97 -47.24 -22.88
N VAL U 815 76.86 -47.28 -23.62
CA VAL U 815 76.29 -48.56 -24.05
C VAL U 815 77.26 -49.28 -24.98
N SER U 816 77.87 -48.56 -25.92
CA SER U 816 78.83 -49.17 -26.82
C SER U 816 80.05 -49.69 -26.05
N GLU U 817 80.50 -48.94 -25.04
CA GLU U 817 81.63 -49.38 -24.25
C GLU U 817 81.29 -50.66 -23.48
N GLN U 818 80.09 -50.73 -22.91
CA GLN U 818 79.69 -51.95 -22.21
C GLN U 818 79.61 -53.13 -23.18
N ALA U 819 79.04 -52.92 -24.36
CA ALA U 819 78.93 -54.00 -25.33
C ALA U 819 80.32 -54.47 -25.77
N TYR U 820 81.24 -53.54 -26.00
CA TYR U 820 82.59 -53.92 -26.39
C TYR U 820 83.29 -54.69 -25.28
N GLN U 821 83.18 -54.21 -24.04
CA GLN U 821 83.78 -54.93 -22.92
C GLN U 821 83.16 -56.33 -22.77
N LEU U 822 81.92 -56.49 -23.20
CA LEU U 822 81.34 -57.83 -23.23
C LEU U 822 81.88 -58.66 -24.39
N SER U 823 82.25 -58.02 -25.50
CA SER U 823 82.65 -58.75 -26.70
C SER U 823 84.08 -58.48 -27.14
N LYS U 824 84.48 -57.20 -27.21
CA LYS U 824 85.79 -56.80 -27.73
C LYS U 824 85.96 -57.25 -29.19
N LEU U 825 85.07 -56.75 -30.05
CA LEU U 825 85.09 -57.05 -31.47
C LEU U 825 85.45 -55.81 -32.27
N PRO U 826 86.04 -55.98 -33.46
CA PRO U 826 86.38 -54.80 -34.27
C PRO U 826 85.18 -53.94 -34.65
N ALA U 827 84.01 -54.54 -34.83
CA ALA U 827 82.82 -53.76 -35.17
C ALA U 827 82.48 -52.78 -34.06
N LEU U 828 82.50 -53.23 -32.81
CA LEU U 828 82.20 -52.34 -31.70
C LEU U 828 83.32 -51.35 -31.45
N ARG U 829 84.57 -51.72 -31.76
CA ARG U 829 85.66 -50.76 -31.71
C ARG U 829 85.41 -49.61 -32.69
N PHE U 830 85.01 -49.95 -33.93
CA PHE U 830 84.70 -48.92 -34.90
C PHE U 830 83.49 -48.10 -34.47
N ASN U 831 82.51 -48.75 -33.85
CA ASN U 831 81.34 -48.01 -33.35
C ASN U 831 81.75 -47.00 -32.28
N ILE U 832 82.63 -47.39 -31.37
CA ILE U 832 83.11 -46.47 -30.34
C ILE U 832 83.87 -45.32 -30.99
N VAL U 833 84.71 -45.62 -31.98
CA VAL U 833 85.47 -44.58 -32.66
C VAL U 833 84.54 -43.60 -33.35
N PHE U 834 83.53 -44.12 -34.04
CA PHE U 834 82.58 -43.25 -34.73
C PHE U 834 81.81 -42.38 -33.74
N ILE U 835 81.40 -42.96 -32.61
CA ILE U 835 80.69 -42.19 -31.60
C ILE U 835 81.57 -41.08 -31.06
N GLN U 836 82.84 -41.38 -30.78
CA GLN U 836 83.75 -40.38 -30.25
C GLN U 836 84.02 -39.27 -31.26
N PHE U 837 84.17 -39.64 -32.54
CA PHE U 837 84.37 -38.62 -33.57
C PHE U 837 83.15 -37.71 -33.70
N GLN U 838 81.95 -38.30 -33.69
CA GLN U 838 80.73 -37.50 -33.75
C GLN U 838 80.61 -36.60 -32.52
N ILE U 839 81.00 -37.13 -31.35
CA ILE U 839 80.95 -36.34 -30.12
C ILE U 839 81.88 -35.14 -30.23
N ALA U 840 83.10 -35.36 -30.70
CA ALA U 840 84.04 -34.26 -30.85
C ALA U 840 83.53 -33.22 -31.83
N ASP U 841 83.00 -33.68 -32.97
CA ASP U 841 82.47 -32.74 -33.97
C ASP U 841 81.31 -31.93 -33.41
N PHE U 842 80.39 -32.59 -32.70
CA PHE U 842 79.24 -31.88 -32.14
C PHE U 842 79.67 -30.89 -31.06
N VAL U 843 80.61 -31.28 -30.21
CA VAL U 843 81.08 -30.40 -29.16
C VAL U 843 81.79 -29.19 -29.75
N LYS U 844 82.60 -29.39 -30.79
CA LYS U 844 83.23 -28.26 -31.47
C LYS U 844 82.17 -27.35 -32.09
N SER U 845 81.13 -27.94 -32.68
CA SER U 845 80.05 -27.15 -33.26
C SER U 845 79.26 -26.38 -32.21
N LEU U 846 79.25 -26.85 -30.97
CA LEU U 846 78.47 -26.19 -29.93
C LEU U 846 79.08 -24.83 -29.59
N PRO U 847 78.25 -23.86 -29.20
CA PRO U 847 78.77 -22.59 -28.72
C PRO U 847 79.38 -22.72 -27.33
N ASN U 848 80.12 -21.68 -26.93
CA ASN U 848 80.75 -21.68 -25.62
C ASN U 848 79.71 -21.73 -24.50
N THR U 849 78.62 -20.99 -24.65
CA THR U 849 77.60 -20.93 -23.61
C THR U 849 76.88 -22.26 -23.42
N GLN U 850 76.94 -23.15 -24.42
CA GLN U 850 76.23 -24.42 -24.37
C GLN U 850 77.14 -25.59 -23.99
N ARG U 851 78.37 -25.32 -23.57
CA ARG U 851 79.31 -26.36 -23.23
C ARG U 851 80.18 -25.89 -22.08
N ASP U 852 81.05 -26.78 -21.61
CA ASP U 852 81.99 -26.47 -20.54
C ASP U 852 83.33 -27.11 -20.84
N LEU U 853 84.32 -26.79 -19.99
CA LEU U 853 85.67 -27.30 -20.20
C LEU U 853 85.74 -28.81 -20.05
N THR U 854 84.97 -29.38 -19.12
CA THR U 854 85.03 -30.81 -18.88
C THR U 854 84.61 -31.59 -20.12
N THR U 855 83.53 -31.16 -20.78
CA THR U 855 83.09 -31.82 -22.00
C THR U 855 84.13 -31.71 -23.09
N LEU U 856 84.78 -30.54 -23.20
CA LEU U 856 85.84 -30.37 -24.18
C LEU U 856 87.00 -31.32 -23.93
N GLU U 857 87.42 -31.44 -22.68
CA GLU U 857 88.52 -32.35 -22.35
C GLU U 857 88.15 -33.80 -22.63
N ASN U 858 86.93 -34.19 -22.27
CA ASN U 858 86.48 -35.55 -22.54
C ASN U 858 86.42 -35.83 -24.04
N ALA U 859 85.94 -34.85 -24.81
CA ALA U 859 85.89 -35.01 -26.26
C ALA U 859 87.28 -35.14 -26.85
N LEU U 860 88.24 -34.34 -26.35
CA LEU U 860 89.61 -34.43 -26.86
C LEU U 860 90.24 -35.78 -26.54
N SER U 861 90.05 -36.26 -25.31
CA SER U 861 90.58 -37.57 -24.94
C SER U 861 89.95 -38.67 -25.77
N GLY U 862 88.63 -38.60 -25.98
CA GLY U 862 87.97 -39.56 -26.84
C GLY U 862 88.44 -39.50 -28.27
N LEU U 863 88.75 -38.30 -28.77
CA LEU U 863 89.30 -38.17 -30.11
C LEU U 863 90.66 -38.83 -30.23
N ASN U 864 91.53 -38.63 -29.23
CA ASN U 864 92.84 -39.29 -29.25
C ASN U 864 92.69 -40.80 -29.23
N ASP U 865 91.85 -41.32 -28.33
CA ASP U 865 91.65 -42.76 -28.25
C ASP U 865 91.01 -43.31 -29.53
N ALA U 866 90.12 -42.53 -30.14
CA ALA U 866 89.48 -42.95 -31.37
C ALA U 866 90.47 -43.00 -32.53
N ILE U 867 91.40 -42.05 -32.59
CA ILE U 867 92.45 -42.10 -33.62
C ILE U 867 93.33 -43.32 -33.41
N LYS U 868 93.71 -43.59 -32.16
CA LYS U 868 94.54 -44.77 -31.89
C LYS U 868 93.81 -46.05 -32.28
N SER U 869 92.52 -46.15 -31.95
CA SER U 869 91.76 -47.33 -32.30
C SER U 869 91.52 -47.43 -33.80
N LEU U 870 91.42 -46.29 -34.50
CA LEU U 870 91.33 -46.32 -35.95
C LEU U 870 92.59 -46.89 -36.57
N LEU U 871 93.75 -46.49 -36.05
CA LEU U 871 95.00 -47.09 -36.50
C LEU U 871 95.03 -48.59 -36.20
N LYS U 872 94.56 -48.97 -35.01
CA LYS U 872 94.50 -50.39 -34.66
C LYS U 872 93.63 -51.18 -35.63
N LEU U 873 92.47 -50.63 -35.97
CA LEU U 873 91.57 -51.29 -36.92
C LEU U 873 92.20 -51.37 -38.30
N ALA U 874 92.88 -50.29 -38.73
CA ALA U 874 93.58 -50.32 -40.01
C ALA U 874 94.70 -51.35 -40.03
N GLU U 875 95.24 -51.71 -38.87
CA GLU U 875 96.25 -52.75 -38.80
C GLU U 875 95.67 -54.15 -38.72
N LEU U 876 94.34 -54.30 -38.73
CA LEU U 876 93.72 -55.61 -38.64
C LEU U 876 93.72 -56.30 -40.01
N GLU U 877 93.35 -57.59 -39.99
CA GLU U 877 93.31 -58.36 -41.22
C GLU U 877 92.11 -57.97 -42.08
N GLN U 878 90.90 -58.12 -41.53
CA GLN U 878 89.66 -57.79 -42.22
C GLN U 878 88.85 -56.84 -41.33
N PRO U 879 89.21 -55.56 -41.33
CA PRO U 879 88.44 -54.59 -40.55
C PRO U 879 87.05 -54.39 -41.13
N PRO U 880 86.10 -53.89 -40.32
CA PRO U 880 84.74 -53.69 -40.85
C PRO U 880 84.69 -52.74 -42.04
N TYR U 881 85.61 -51.80 -42.12
CA TYR U 881 85.75 -50.87 -43.23
C TYR U 881 87.17 -50.94 -43.74
N PRO U 882 87.41 -50.60 -45.01
CA PRO U 882 88.77 -50.72 -45.57
C PRO U 882 89.77 -49.90 -44.77
N SER U 883 90.97 -50.47 -44.59
CA SER U 883 91.98 -49.83 -43.75
C SER U 883 92.39 -48.47 -44.29
N GLU U 884 92.35 -48.29 -45.62
CA GLU U 884 92.63 -46.98 -46.18
C GLU U 884 91.64 -45.94 -45.69
N ASP U 885 90.36 -46.30 -45.65
CA ASP U 885 89.34 -45.37 -45.15
C ASP U 885 89.56 -45.06 -43.68
N LEU U 886 89.93 -46.07 -42.88
CA LEU U 886 90.18 -45.85 -41.47
C LEU U 886 91.35 -44.89 -41.26
N LYS U 887 92.45 -45.11 -41.98
CA LYS U 887 93.61 -44.24 -41.85
C LYS U 887 93.30 -42.84 -42.33
N ALA U 888 92.54 -42.71 -43.42
CA ALA U 888 92.17 -41.38 -43.93
C ALA U 888 91.31 -40.64 -42.91
N ARG U 889 90.34 -41.33 -42.30
CA ARG U 889 89.50 -40.69 -41.30
C ARG U 889 90.29 -40.28 -40.08
N ALA U 890 91.21 -41.14 -39.62
CA ALA U 890 92.04 -40.77 -38.48
C ALA U 890 92.90 -39.56 -38.79
N THR U 891 93.49 -39.52 -39.99
CA THR U 891 94.29 -38.37 -40.37
C THR U 891 93.45 -37.11 -40.46
N MET U 892 92.25 -37.20 -41.04
CA MET U 892 91.38 -36.03 -41.14
C MET U 892 90.97 -35.52 -39.77
N GLY U 893 90.68 -36.44 -38.85
CA GLY U 893 90.32 -36.02 -37.50
C GLY U 893 91.49 -35.38 -36.76
N SER U 894 92.69 -35.91 -36.94
CA SER U 894 93.85 -35.38 -36.23
C SER U 894 94.30 -34.03 -36.79
N ASN U 895 94.18 -33.85 -38.11
CA ASN U 895 94.73 -32.66 -38.75
C ASN U 895 93.98 -31.40 -38.37
N THR U 896 92.64 -31.43 -38.45
CA THR U 896 91.83 -30.23 -38.28
C THR U 896 90.99 -30.25 -37.01
N LEU U 897 90.27 -31.35 -36.76
CA LEU U 897 89.36 -31.39 -35.62
C LEU U 897 90.11 -31.26 -34.31
N ARG U 898 91.31 -31.84 -34.22
CA ARG U 898 92.09 -31.79 -32.99
C ARG U 898 92.48 -30.35 -32.64
N ASN U 899 92.89 -29.57 -33.64
CA ASN U 899 93.27 -28.18 -33.39
C ASN U 899 92.04 -27.32 -33.08
N GLN U 900 90.93 -27.57 -33.77
CA GLN U 900 89.71 -26.84 -33.48
C GLN U 900 89.22 -27.10 -32.07
N LEU U 901 89.41 -28.33 -31.57
CA LEU U 901 89.06 -28.62 -30.19
C LEU U 901 89.88 -27.78 -29.21
N GLU U 902 91.19 -27.63 -29.48
CA GLU U 902 92.03 -26.82 -28.60
C GLU U 902 91.65 -25.34 -28.68
N ARG U 903 91.29 -24.86 -29.88
CA ARG U 903 90.82 -23.49 -30.00
C ARG U 903 89.54 -23.28 -29.21
N ALA U 904 88.60 -24.24 -29.28
CA ALA U 904 87.39 -24.15 -28.49
C ALA U 904 87.70 -24.16 -26.99
N ILE U 905 88.68 -24.97 -26.57
CA ILE U 905 89.08 -25.02 -25.17
C ILE U 905 89.60 -23.67 -24.73
N GLN U 906 90.44 -23.04 -25.56
CA GLN U 906 90.98 -21.73 -25.22
C GLN U 906 89.88 -20.69 -25.13
N ASP U 907 88.92 -20.71 -26.07
CA ASP U 907 87.82 -19.77 -26.03
C ASP U 907 86.97 -19.97 -24.77
N GLN U 908 86.72 -21.23 -24.40
CA GLN U 908 85.95 -21.52 -23.19
C GLN U 908 86.68 -21.02 -21.95
N GLN U 909 88.00 -21.22 -21.90
CA GLN U 909 88.78 -20.72 -20.78
C GLN U 909 88.71 -19.20 -20.69
N ASP U 910 88.80 -18.53 -21.83
CA ASP U 910 88.67 -17.06 -21.84
C ASP U 910 87.31 -16.62 -21.33
N TYR U 911 86.25 -17.33 -21.74
CA TYR U 911 84.90 -17.00 -21.30
C TYR U 911 84.74 -17.18 -19.80
N GLU U 912 85.27 -18.28 -19.26
CA GLU U 912 85.22 -18.50 -17.82
C GLU U 912 86.01 -17.43 -17.07
N MET U 913 87.18 -17.06 -17.60
CA MET U 913 87.98 -16.03 -16.96
C MET U 913 87.25 -14.69 -16.94
N SER U 914 86.57 -14.34 -18.04
CA SER U 914 85.81 -13.11 -18.07
C SER U 914 84.67 -13.14 -17.05
N ILE U 915 83.98 -14.28 -16.94
CA ILE U 915 82.93 -14.42 -15.95
C ILE U 915 83.48 -14.18 -14.54
N GLN U 916 84.61 -14.82 -14.23
CA GLN U 916 85.17 -14.70 -12.90
C GLN U 916 85.65 -13.28 -12.64
N GLU U 917 86.19 -12.62 -13.66
CA GLU U 917 86.60 -11.22 -13.51
C GLU U 917 85.42 -10.33 -13.16
N LYS U 918 84.31 -10.50 -13.88
CA LYS U 918 83.11 -9.71 -13.55
C LYS U 918 82.64 -9.99 -12.13
N LEU U 919 82.60 -11.27 -11.75
CA LEU U 919 82.11 -11.63 -10.43
C LEU U 919 82.99 -11.05 -9.33
N ARG U 920 84.30 -11.05 -9.53
CA ARG U 920 85.19 -10.51 -8.51
C ARG U 920 85.18 -8.98 -8.50
N THR U 921 84.93 -8.36 -9.64
CA THR U 921 84.89 -6.89 -9.67
C THR U 921 83.61 -6.34 -9.06
N ALA U 922 82.49 -7.05 -9.19
CA ALA U 922 81.22 -6.52 -8.66
C ALA U 922 81.26 -6.37 -7.14
N ARG U 923 81.80 -7.37 -6.45
CA ARG U 923 81.73 -7.40 -4.99
C ARG U 923 82.55 -6.27 -4.37
N ARG U 924 83.70 -5.94 -4.97
CA ARG U 924 84.51 -4.85 -4.44
C ARG U 924 83.77 -3.53 -4.50
N LYS U 925 83.10 -3.25 -5.62
CA LYS U 925 82.35 -2.01 -5.74
C LYS U 925 81.16 -2.01 -4.78
N GLN U 926 80.52 -3.16 -4.58
CA GLN U 926 79.43 -3.22 -3.60
C GLN U 926 79.94 -2.88 -2.19
N GLN U 927 81.10 -3.44 -1.82
CA GLN U 927 81.65 -3.15 -0.50
C GLN U 927 82.03 -1.68 -0.38
N LEU U 928 82.57 -1.10 -1.44
CA LEU U 928 82.89 0.33 -1.42
C LEU U 928 81.63 1.18 -1.19
N ASP U 929 80.54 0.83 -1.88
CA ASP U 929 79.29 1.56 -1.68
C ASP U 929 78.78 1.41 -0.26
N GLU U 930 78.85 0.21 0.31
CA GLU U 930 78.41 0.02 1.69
C GLU U 930 79.26 0.84 2.65
N GLU U 931 80.57 0.91 2.42
CA GLU U 931 81.42 1.73 3.26
C GLU U 931 81.05 3.21 3.13
N LYS U 932 80.69 3.65 1.93
CA LYS U 932 80.25 5.04 1.76
C LYS U 932 78.99 5.32 2.58
N ARG U 933 78.03 4.40 2.54
CA ARG U 933 76.83 4.56 3.37
C ARG U 933 77.18 4.60 4.85
N LEU U 934 78.11 3.76 5.29
CA LEU U 934 78.51 3.76 6.70
C LEU U 934 79.14 5.10 7.08
N GLU U 935 79.98 5.66 6.20
CA GLU U 935 80.59 6.96 6.49
C GLU U 935 79.54 8.05 6.61
N GLN U 936 78.57 8.07 5.70
CA GLN U 936 77.51 9.08 5.79
C GLN U 936 76.71 8.92 7.08
N GLU U 937 76.41 7.67 7.46
CA GLU U 937 75.71 7.43 8.71
C GLU U 937 76.50 7.95 9.90
N GLN U 938 77.81 7.71 9.92
CA GLN U 938 78.63 8.21 11.01
C GLN U 938 78.64 9.73 11.07
N ARG U 939 78.70 10.38 9.91
CA ARG U 939 78.65 11.84 9.88
C ARG U 939 77.35 12.35 10.49
N ARG U 940 76.22 11.77 10.10
CA ARG U 940 74.94 12.22 10.65
C ARG U 940 74.85 11.96 12.14
N LEU U 941 75.36 10.82 12.60
CA LEU U 941 75.36 10.54 14.03
C LEU U 941 76.18 11.56 14.80
N GLU U 942 77.35 11.94 14.27
CA GLU U 942 78.17 12.94 14.94
C GLU U 942 77.47 14.29 14.98
N GLU U 943 76.80 14.66 13.89
CA GLU U 943 76.04 15.91 13.88
C GLU U 943 74.95 15.90 14.96
N ALA U 944 74.21 14.80 15.06
CA ALA U 944 73.16 14.69 16.06
C ALA U 944 73.75 14.77 17.48
N ARG U 945 74.90 14.12 17.68
CA ARG U 945 75.55 14.19 18.99
C ARG U 945 75.93 15.62 19.35
N LYS U 946 76.47 16.37 18.39
CA LYS U 946 76.83 17.76 18.65
C LYS U 946 75.61 18.59 19.00
N ARG U 947 74.51 18.39 18.25
CA ARG U 947 73.28 19.13 18.56
C ARG U 947 72.77 18.81 19.96
N GLN U 948 72.79 17.53 20.34
CA GLN U 948 72.34 17.14 21.67
C GLN U 948 73.22 17.77 22.75
N GLU U 949 74.53 17.79 22.53
CA GLU U 949 75.42 18.41 23.51
C GLU U 949 75.12 19.90 23.66
N ALA U 950 74.91 20.60 22.55
CA ALA U 950 74.60 22.03 22.63
C ALA U 950 73.28 22.27 23.37
N GLU U 951 72.27 21.45 23.08
CA GLU U 951 70.99 21.64 23.75
C GLU U 951 71.09 21.32 25.24
N LEU U 952 71.89 20.32 25.61
CA LEU U 952 72.12 20.05 27.03
C LEU U 952 72.81 21.22 27.72
N ILE U 953 73.79 21.82 27.04
CA ILE U 953 74.47 22.98 27.59
C ILE U 953 73.48 24.11 27.84
N LYS U 954 72.57 24.34 26.90
CA LYS U 954 71.52 25.34 27.12
C LYS U 954 70.60 24.94 28.25
N ARG U 955 70.29 23.65 28.38
CA ARG U 955 69.33 23.17 29.37
C ARG U 955 69.86 23.34 30.80
N GLN U 956 71.17 23.18 30.98
CA GLN U 956 71.73 23.26 32.33
C GLN U 956 71.53 24.63 32.96
N GLU U 957 71.58 25.70 32.15
CA GLU U 957 71.32 27.03 32.69
C GLU U 957 69.91 27.16 33.24
N LEU U 958 68.93 26.65 32.50
CA LEU U 958 67.55 26.67 32.98
C LEU U 958 67.41 25.83 34.25
N ILE U 959 68.09 24.69 34.30
CA ILE U 959 68.04 23.85 35.50
C ILE U 959 68.58 24.62 36.71
N LYS U 960 69.70 25.31 36.52
CA LYS U 960 70.28 26.09 37.61
C LYS U 960 69.33 27.22 38.05
N GLN U 961 68.73 27.92 37.10
CA GLN U 961 67.80 28.99 37.46
C GLN U 961 66.61 28.43 38.21
N ALA U 962 66.07 27.30 37.76
CA ALA U 962 64.93 26.69 38.44
C ALA U 962 65.29 26.27 39.86
N GLU U 963 66.46 25.68 40.04
CA GLU U 963 66.88 25.28 41.38
C GLU U 963 67.04 26.49 42.29
N GLU U 964 67.63 27.57 41.77
CA GLU U 964 67.79 28.78 42.58
C GLU U 964 66.43 29.35 42.97
N TRP U 965 65.48 29.40 42.02
CA TRP U 965 64.17 29.95 42.35
C TRP U 965 63.41 29.06 43.33
N ASN U 966 63.55 27.74 43.21
CA ASN U 966 62.91 26.84 44.16
C ASN U 966 63.51 27.01 45.55
N LYS U 967 64.83 27.24 45.63
CA LYS U 967 65.45 27.56 46.91
C LYS U 967 64.92 28.88 47.46
N MET U 968 64.71 29.86 46.59
CA MET U 968 64.14 31.14 47.02
C MET U 968 62.75 30.96 47.59
N ASP U 969 61.93 30.12 46.95
CA ASP U 969 60.58 29.89 47.45
C ASP U 969 60.60 29.22 48.82
N ILE U 970 61.55 28.32 49.05
CA ILE U 970 61.70 27.70 50.36
C ILE U 970 62.28 28.71 51.35
N SER V 223 -80.81 6.52 -21.28
CA SER V 223 -82.13 5.90 -21.20
C SER V 223 -82.30 4.87 -22.31
N LYS V 224 -81.34 4.84 -23.23
CA LYS V 224 -81.42 3.90 -24.34
C LYS V 224 -81.17 2.47 -23.87
N PRO V 225 -81.77 1.48 -24.52
CA PRO V 225 -81.50 0.09 -24.15
C PRO V 225 -80.05 -0.28 -24.40
N ALA V 226 -79.52 -1.17 -23.55
CA ALA V 226 -78.15 -1.60 -23.67
C ALA V 226 -78.00 -2.70 -24.72
N THR V 227 -76.97 -2.57 -25.55
CA THR V 227 -76.66 -3.56 -26.55
C THR V 227 -75.75 -4.65 -25.97
N LEU V 228 -75.33 -5.58 -26.83
CA LEU V 228 -74.47 -6.66 -26.38
C LEU V 228 -73.10 -6.14 -25.95
N SER V 229 -72.55 -5.18 -26.71
CA SER V 229 -71.23 -4.65 -26.41
C SER V 229 -71.20 -3.89 -25.09
N ASP V 230 -72.28 -3.16 -24.78
CA ASP V 230 -72.33 -2.42 -23.52
C ASP V 230 -72.29 -3.37 -22.32
N ILE V 231 -73.02 -4.49 -22.39
CA ILE V 231 -72.96 -5.48 -21.33
C ILE V 231 -71.60 -6.18 -21.31
N ASN V 232 -71.02 -6.43 -22.49
CA ASN V 232 -69.71 -7.06 -22.54
C ASN V 232 -68.63 -6.17 -21.93
N LYS V 233 -68.81 -4.85 -21.97
CA LYS V 233 -67.85 -3.95 -21.36
C LYS V 233 -67.75 -4.14 -19.85
N ILE V 234 -68.82 -4.60 -19.20
CA ILE V 234 -68.83 -4.78 -17.76
C ILE V 234 -68.72 -6.25 -17.37
N ILE V 235 -68.13 -7.07 -18.25
CA ILE V 235 -67.88 -8.47 -17.92
C ILE V 235 -66.96 -8.54 -16.71
N PHE V 236 -67.36 -9.31 -15.70
CA PHE V 236 -66.60 -9.50 -14.48
C PHE V 236 -66.37 -10.99 -14.31
N GLY V 237 -65.19 -11.46 -14.69
CA GLY V 237 -64.92 -12.89 -14.70
C GLY V 237 -64.81 -13.47 -13.30
N ARG V 238 -64.86 -14.81 -13.26
CA ARG V 238 -64.71 -15.51 -11.99
C ARG V 238 -63.34 -15.24 -11.38
N THR V 239 -62.30 -15.17 -12.21
CA THR V 239 -60.99 -14.76 -11.73
C THR V 239 -61.04 -13.35 -11.15
N ALA V 240 -61.73 -12.43 -11.84
CA ALA V 240 -61.91 -11.09 -11.31
C ALA V 240 -62.72 -11.11 -10.03
N MET V 241 -63.71 -12.01 -9.95
CA MET V 241 -64.49 -12.15 -8.72
C MET V 241 -63.59 -12.53 -7.55
N SER V 242 -62.74 -13.55 -7.75
CA SER V 242 -61.79 -13.93 -6.71
C SER V 242 -60.83 -12.78 -6.40
N LYS V 243 -60.48 -11.99 -7.41
CA LYS V 243 -59.58 -10.85 -7.21
C LYS V 243 -60.23 -9.73 -6.43
N TYR V 244 -61.56 -9.61 -6.44
CA TYR V 244 -62.20 -8.44 -5.86
C TYR V 244 -63.37 -8.74 -4.92
N TRP V 245 -63.64 -10.00 -4.59
CA TRP V 245 -64.85 -10.31 -3.83
C TRP V 245 -64.76 -9.84 -2.38
N TYR V 246 -63.56 -9.67 -1.83
CA TYR V 246 -63.40 -9.28 -0.44
C TYR V 246 -63.44 -7.77 -0.25
N TYR V 247 -63.58 -6.99 -1.32
CA TYR V 247 -63.69 -5.55 -1.19
C TYR V 247 -65.01 -5.19 -0.50
N PRO V 248 -64.99 -4.21 0.42
CA PRO V 248 -66.26 -3.77 1.04
C PRO V 248 -67.25 -3.22 0.03
N GLU V 249 -66.77 -2.55 -1.03
CA GLU V 249 -67.66 -2.00 -2.04
C GLU V 249 -68.12 -3.04 -3.05
N PHE V 250 -67.50 -4.22 -3.04
CA PHE V 250 -67.84 -5.25 -4.03
C PHE V 250 -69.29 -5.68 -3.91
N ASP V 251 -69.88 -5.57 -2.72
CA ASP V 251 -71.28 -5.92 -2.54
C ASP V 251 -72.18 -5.06 -3.42
N ASP V 252 -71.96 -3.75 -3.41
CA ASP V 252 -72.74 -2.86 -4.27
C ASP V 252 -72.27 -2.92 -5.72
N VAL V 253 -70.99 -3.24 -5.95
CA VAL V 253 -70.49 -3.35 -7.31
C VAL V 253 -71.18 -4.49 -8.05
N VAL V 254 -71.29 -5.65 -7.41
CA VAL V 254 -71.88 -6.81 -8.06
C VAL V 254 -73.39 -6.67 -8.19
N LYS V 255 -74.00 -5.76 -7.44
CA LYS V 255 -75.45 -5.57 -7.51
C LYS V 255 -75.88 -5.12 -8.90
N GLY V 256 -76.90 -5.78 -9.43
CA GLY V 256 -77.46 -5.43 -10.72
C GLY V 256 -76.68 -5.90 -11.93
N MET V 257 -75.57 -6.60 -11.73
CA MET V 257 -74.73 -7.01 -12.86
C MET V 257 -75.33 -8.24 -13.55
N TYR V 258 -74.97 -8.39 -14.82
CA TYR V 258 -75.39 -9.51 -15.64
C TYR V 258 -74.17 -10.34 -16.00
N LEU V 259 -74.24 -11.64 -15.70
CA LEU V 259 -73.09 -12.51 -15.93
C LEU V 259 -73.59 -13.89 -16.36
N ARG V 260 -72.72 -14.61 -17.06
CA ARG V 260 -73.02 -15.97 -17.50
C ARG V 260 -72.99 -16.92 -16.31
N LEU V 261 -74.02 -17.76 -16.21
CA LEU V 261 -74.17 -18.67 -15.09
C LEU V 261 -74.38 -20.09 -15.59
N ASN V 262 -73.76 -21.04 -14.91
CA ASN V 262 -73.93 -22.46 -15.21
C ASN V 262 -75.18 -22.96 -14.48
N THR V 263 -76.23 -23.27 -15.23
CA THR V 263 -77.46 -23.75 -14.62
C THR V 263 -77.26 -25.06 -13.90
N GLY V 264 -76.52 -25.99 -14.51
CA GLY V 264 -76.23 -27.26 -13.88
C GLY V 264 -77.32 -28.30 -14.07
N SER V 265 -78.58 -27.87 -13.98
CA SER V 265 -79.70 -28.79 -14.13
C SER V 265 -80.13 -28.91 -15.59
N SER V 271 -75.11 -28.49 -20.01
CA SER V 271 -75.83 -27.50 -19.22
C SER V 271 -75.89 -26.15 -19.95
N PRO V 272 -77.11 -25.66 -20.21
CA PRO V 272 -77.25 -24.39 -20.91
C PRO V 272 -76.90 -23.19 -20.03
N TYR V 273 -75.84 -22.48 -20.39
CA TYR V 273 -75.47 -21.27 -19.66
C TYR V 273 -76.53 -20.19 -19.88
N LYS V 274 -76.87 -19.47 -18.82
CA LYS V 274 -77.88 -18.42 -18.89
C LYS V 274 -77.43 -17.23 -18.06
N VAL V 275 -78.18 -16.14 -18.17
CA VAL V 275 -77.87 -14.89 -17.49
C VAL V 275 -78.82 -14.73 -16.30
N VAL V 276 -78.27 -14.26 -15.18
CA VAL V 276 -79.04 -14.01 -13.97
C VAL V 276 -78.78 -12.59 -13.49
N GLU V 277 -79.76 -12.05 -12.78
CA GLU V 277 -79.70 -10.69 -12.24
C GLU V 277 -79.44 -10.76 -10.74
N VAL V 278 -78.42 -10.02 -10.29
CA VAL V 278 -77.99 -10.07 -8.91
C VAL V 278 -78.93 -9.23 -8.06
N LEU V 279 -79.73 -9.89 -7.22
CA LEU V 279 -80.58 -9.18 -6.28
C LEU V 279 -79.85 -8.78 -5.00
N GLY V 280 -78.63 -9.27 -4.83
CA GLY V 280 -77.85 -8.94 -3.65
C GLY V 280 -76.86 -10.03 -3.33
N SER V 281 -76.14 -9.84 -2.23
CA SER V 281 -75.17 -10.79 -1.74
C SER V 281 -75.37 -11.01 -0.25
N GLN V 282 -74.98 -12.19 0.21
CA GLN V 282 -75.15 -12.55 1.61
C GLN V 282 -73.98 -13.43 2.03
N ARG V 283 -73.18 -12.95 2.98
CA ARG V 283 -72.11 -13.78 3.52
C ARG V 283 -72.68 -14.93 4.33
N ILE V 284 -72.14 -16.13 4.11
CA ILE V 284 -72.61 -17.34 4.78
C ILE V 284 -71.42 -17.96 5.49
N LYS V 285 -71.41 -17.85 6.82
CA LYS V 285 -70.37 -18.48 7.61
C LYS V 285 -70.54 -20.00 7.62
N GLY V 286 -69.42 -20.71 7.63
CA GLY V 286 -69.43 -22.15 7.62
C GLY V 286 -69.66 -22.78 6.27
N SER V 287 -69.84 -21.98 5.22
CA SER V 287 -70.04 -22.47 3.86
C SER V 287 -68.84 -22.14 2.98
N ALA V 288 -67.64 -22.21 3.56
CA ALA V 288 -66.42 -21.98 2.79
C ALA V 288 -66.29 -23.02 1.69
N TYR V 289 -65.98 -22.56 0.48
CA TYR V 289 -65.92 -23.42 -0.68
C TYR V 289 -64.71 -23.05 -1.52
N GLY V 290 -64.18 -24.04 -2.23
CA GLY V 290 -63.13 -23.78 -3.20
C GLY V 290 -63.65 -22.93 -4.34
N LEU V 291 -63.02 -21.77 -4.54
CA LEU V 291 -63.47 -20.84 -5.58
C LEU V 291 -62.83 -21.19 -6.93
N ASN V 292 -61.50 -21.17 -6.99
CA ASN V 292 -60.77 -21.56 -8.19
C ASN V 292 -59.86 -22.74 -7.94
N SER V 293 -59.10 -22.74 -6.86
CA SER V 293 -58.25 -23.85 -6.46
C SER V 293 -58.65 -24.32 -5.06
N LYS V 294 -57.86 -25.23 -4.51
CA LYS V 294 -58.11 -25.73 -3.16
C LYS V 294 -57.95 -24.62 -2.13
N GLU V 295 -56.94 -23.75 -2.31
CA GLU V 295 -56.70 -22.69 -1.35
C GLU V 295 -57.71 -21.55 -1.46
N ASN V 296 -58.43 -21.45 -2.57
CA ASN V 296 -59.37 -20.35 -2.78
C ASN V 296 -60.67 -20.61 -2.02
N ASN V 297 -60.58 -20.45 -0.70
CA ASN V 297 -61.76 -20.54 0.16
C ASN V 297 -62.53 -19.23 0.11
N CYS V 298 -63.85 -19.32 0.02
CA CYS V 298 -64.69 -18.14 -0.10
C CYS V 298 -65.95 -18.32 0.72
N ASP V 299 -66.38 -17.24 1.38
CA ASP V 299 -67.62 -17.22 2.14
C ASP V 299 -68.68 -16.32 1.52
N MET V 300 -68.31 -15.50 0.54
CA MET V 300 -69.28 -14.64 -0.12
C MET V 300 -70.23 -15.48 -0.97
N TYR V 301 -71.51 -15.12 -0.95
CA TYR V 301 -72.52 -15.75 -1.77
C TYR V 301 -73.33 -14.69 -2.49
N LEU V 302 -73.78 -15.01 -3.70
CA LEU V 302 -74.50 -14.09 -4.56
C LEU V 302 -75.95 -14.54 -4.67
N LYS V 303 -76.87 -13.66 -4.29
CA LYS V 303 -78.30 -13.92 -4.45
C LYS V 303 -78.74 -13.40 -5.81
N VAL V 304 -78.95 -14.31 -6.75
CA VAL V 304 -79.33 -13.98 -8.12
C VAL V 304 -80.69 -14.60 -8.40
N ALA V 305 -81.21 -14.34 -9.60
CA ALA V 305 -82.51 -14.86 -9.98
C ALA V 305 -82.66 -14.81 -11.49
N PHE V 306 -83.12 -15.92 -12.06
CA PHE V 306 -83.57 -15.90 -13.43
C PHE V 306 -84.87 -15.11 -13.53
N PRO V 307 -85.14 -14.46 -14.67
CA PRO V 307 -86.42 -13.77 -14.82
C PRO V 307 -87.58 -14.75 -14.76
N ASN V 308 -87.54 -15.77 -15.61
CA ASN V 308 -88.60 -16.79 -15.61
C ASN V 308 -88.62 -17.57 -14.31
N GLN V 309 -87.46 -17.95 -13.79
CA GLN V 309 -87.37 -18.73 -12.56
C GLN V 309 -87.40 -17.79 -11.36
N LYS V 310 -87.09 -18.33 -10.18
CA LYS V 310 -87.23 -17.60 -8.93
C LYS V 310 -85.87 -17.24 -8.36
N GLU V 311 -85.87 -16.65 -7.16
CA GLU V 311 -84.64 -16.19 -6.54
C GLU V 311 -83.76 -17.37 -6.13
N MET V 312 -82.44 -17.20 -6.28
CA MET V 312 -81.48 -18.25 -5.98
C MET V 312 -80.26 -17.66 -5.29
N VAL V 313 -79.75 -18.37 -4.29
CA VAL V 313 -78.48 -18.02 -3.66
C VAL V 313 -77.42 -18.96 -4.20
N ARG V 314 -76.40 -18.40 -4.86
CA ARG V 314 -75.40 -19.21 -5.53
C ARG V 314 -74.00 -18.80 -5.10
N PRO V 315 -73.06 -19.75 -5.08
CA PRO V 315 -71.66 -19.39 -4.85
C PRO V 315 -71.04 -18.73 -6.08
N LEU V 316 -69.84 -18.18 -5.89
CA LEU V 316 -69.21 -17.38 -6.93
C LEU V 316 -68.69 -18.24 -8.08
N PHE V 317 -68.19 -19.44 -7.79
CA PHE V 317 -67.55 -20.25 -8.81
C PHE V 317 -68.53 -20.77 -9.86
N VAL V 318 -69.83 -20.66 -9.62
CA VAL V 318 -70.80 -21.18 -10.58
C VAL V 318 -70.73 -20.41 -11.90
N PHE V 319 -70.47 -19.10 -11.83
CA PHE V 319 -70.34 -18.30 -13.03
C PHE V 319 -69.13 -18.76 -13.84
N SER V 320 -69.23 -18.61 -15.16
CA SER V 320 -68.18 -19.03 -16.08
C SER V 320 -67.51 -17.81 -16.69
N ASP V 321 -66.19 -17.90 -16.88
CA ASP V 321 -65.44 -16.80 -17.47
C ASP V 321 -65.79 -16.58 -18.94
N SER V 322 -66.42 -17.55 -19.58
CA SER V 322 -66.76 -17.41 -21.00
C SER V 322 -67.81 -16.32 -21.21
N SER V 323 -67.71 -15.66 -22.35
CA SER V 323 -68.60 -14.53 -22.65
C SER V 323 -70.02 -15.00 -22.93
N ILE V 324 -70.98 -14.11 -22.66
CA ILE V 324 -72.38 -14.41 -22.90
C ILE V 324 -72.64 -14.41 -24.40
N THR V 325 -73.25 -15.48 -24.90
CA THR V 325 -73.51 -15.62 -26.33
C THR V 325 -74.80 -14.92 -26.72
N HIS V 326 -74.97 -14.73 -28.03
CA HIS V 326 -76.18 -14.10 -28.56
C HIS V 326 -77.45 -14.84 -28.17
N PRO V 327 -77.56 -16.17 -28.33
CA PRO V 327 -78.78 -16.84 -27.87
C PRO V 327 -79.04 -16.70 -26.39
N GLU V 328 -77.97 -16.65 -25.57
CA GLU V 328 -78.14 -16.48 -24.13
C GLU V 328 -78.78 -15.14 -23.81
N PHE V 329 -78.25 -14.06 -24.38
CA PHE V 329 -78.83 -12.74 -24.16
C PHE V 329 -80.23 -12.64 -24.73
N ASP V 330 -80.47 -13.28 -25.88
CA ASP V 330 -81.81 -13.29 -26.45
C ASP V 330 -82.81 -13.99 -25.53
N LEU V 331 -82.42 -15.13 -24.96
CA LEU V 331 -83.29 -15.83 -24.01
C LEU V 331 -83.52 -15.01 -22.76
N PHE V 332 -82.48 -14.32 -22.26
CA PHE V 332 -82.67 -13.44 -21.11
C PHE V 332 -83.66 -12.33 -21.42
N LEU V 333 -83.55 -11.73 -22.61
CA LEU V 333 -84.51 -10.70 -23.01
C LEU V 333 -85.92 -11.26 -23.12
N ARG V 334 -86.07 -12.46 -23.68
CA ARG V 334 -87.39 -13.05 -23.80
C ARG V 334 -88.00 -13.35 -22.42
N GLU V 335 -87.18 -13.83 -21.48
CA GLU V 335 -87.67 -14.07 -20.14
C GLU V 335 -88.08 -12.76 -19.46
N LEU V 336 -87.29 -11.70 -19.67
CA LEU V 336 -87.65 -10.40 -19.10
C LEU V 336 -88.97 -9.90 -19.69
N ASP V 337 -89.16 -10.05 -21.00
CA ASP V 337 -90.41 -9.65 -21.63
C ASP V 337 -91.58 -10.47 -21.11
N ALA V 338 -91.37 -11.77 -20.91
CA ALA V 338 -92.42 -12.62 -20.36
C ALA V 338 -92.81 -12.16 -18.95
N GLU V 339 -91.81 -11.81 -18.13
CA GLU V 339 -92.11 -11.31 -16.79
C GLU V 339 -92.62 -9.88 -16.83
N GLY V 340 -92.25 -9.11 -17.85
CA GLY V 340 -92.64 -7.71 -17.93
C GLY V 340 -91.61 -6.80 -17.30
N LEU V 341 -90.34 -7.05 -17.56
CA LEU V 341 -89.23 -6.26 -17.04
C LEU V 341 -88.47 -5.62 -18.20
N SER V 342 -87.58 -4.71 -17.87
CA SER V 342 -86.82 -3.98 -18.89
C SER V 342 -85.33 -4.24 -18.75
N VAL V 343 -84.53 -3.64 -19.62
CA VAL V 343 -83.09 -3.81 -19.60
C VAL V 343 -82.47 -2.58 -18.94
N MET V 344 -81.27 -2.77 -18.41
CA MET V 344 -80.56 -1.67 -17.75
C MET V 344 -80.32 -0.54 -18.73
N ASP V 345 -80.52 0.69 -18.27
CA ASP V 345 -80.33 1.86 -19.10
C ASP V 345 -78.85 2.03 -19.46
N LEU V 346 -78.60 2.65 -20.62
CA LEU V 346 -77.23 2.90 -21.03
C LEU V 346 -76.50 3.83 -20.06
N ARG V 347 -77.22 4.80 -19.48
CA ARG V 347 -76.63 5.61 -18.42
C ARG V 347 -76.27 4.75 -17.22
N ASP V 348 -77.16 3.83 -16.84
CA ASP V 348 -76.86 2.92 -15.75
C ASP V 348 -75.75 1.94 -16.13
N VAL V 349 -75.67 1.55 -17.41
CA VAL V 349 -74.58 0.69 -17.86
C VAL V 349 -73.25 1.42 -17.69
N ASP V 350 -73.21 2.70 -18.08
CA ASP V 350 -72.00 3.50 -17.92
C ASP V 350 -71.65 3.67 -16.44
N TYR V 351 -72.67 3.85 -15.60
CA TYR V 351 -72.42 3.99 -14.16
C TYR V 351 -71.82 2.71 -13.58
N LYS V 352 -72.34 1.54 -13.99
CA LYS V 352 -71.75 0.27 -13.59
C LYS V 352 -70.31 0.15 -14.10
N TYR V 353 -70.06 0.52 -15.35
CA TYR V 353 -68.72 0.40 -15.90
C TYR V 353 -67.74 1.28 -15.12
N HIS V 354 -68.15 2.50 -14.81
CA HIS V 354 -67.30 3.40 -14.03
C HIS V 354 -67.08 2.85 -12.62
N GLN V 355 -68.11 2.26 -12.02
CA GLN V 355 -67.96 1.68 -10.69
C GLN V 355 -66.93 0.55 -10.70
N LEU V 356 -67.03 -0.35 -11.69
CA LEU V 356 -66.06 -1.44 -11.79
C LEU V 356 -64.66 -0.92 -12.07
N LYS V 357 -64.52 0.09 -12.93
CA LYS V 357 -63.19 0.63 -13.22
C LYS V 357 -62.58 1.29 -11.99
N GLU V 358 -63.39 2.02 -11.22
CA GLU V 358 -62.89 2.63 -9.99
C GLU V 358 -62.49 1.55 -8.98
N MET V 359 -63.31 0.50 -8.84
CA MET V 359 -63.02 -0.53 -7.86
C MET V 359 -61.79 -1.35 -8.22
N SER V 360 -61.59 -1.63 -9.51
CA SER V 360 -60.46 -2.47 -9.92
C SER V 360 -59.14 -1.72 -9.80
N SER V 361 -59.13 -0.42 -10.09
CA SER V 361 -57.93 0.39 -10.05
C SER V 361 -57.73 1.10 -8.72
N ARG V 362 -58.58 0.84 -7.74
CA ARG V 362 -58.45 1.48 -6.44
C ARG V 362 -57.20 0.96 -5.73
N SER V 363 -56.65 1.81 -4.86
CA SER V 363 -55.51 1.46 -4.02
C SER V 363 -56.00 1.26 -2.60
N LEU V 364 -55.78 0.06 -2.07
CA LEU V 364 -56.28 -0.28 -0.75
C LEU V 364 -55.48 0.44 0.33
N SER V 365 -56.13 0.69 1.47
CA SER V 365 -55.48 1.31 2.61
C SER V 365 -54.95 0.24 3.55
N ASN V 366 -54.16 0.68 4.53
CA ASN V 366 -53.62 -0.25 5.53
C ASN V 366 -54.73 -0.89 6.35
N ASP V 367 -55.71 -0.09 6.77
CA ASP V 367 -56.81 -0.63 7.57
C ASP V 367 -57.62 -1.63 6.76
N GLU V 368 -57.86 -1.34 5.48
CA GLU V 368 -58.58 -2.28 4.62
C GLU V 368 -57.80 -3.59 4.47
N VAL V 369 -56.47 -3.49 4.34
CA VAL V 369 -55.65 -4.69 4.24
C VAL V 369 -55.75 -5.50 5.52
N ASN V 370 -55.69 -4.85 6.67
CA ASN V 370 -55.84 -5.57 7.94
C ASN V 370 -57.20 -6.24 8.04
N SER V 371 -58.26 -5.55 7.62
CA SER V 371 -59.59 -6.14 7.67
C SER V 371 -59.70 -7.36 6.76
N ILE V 372 -59.15 -7.27 5.55
CA ILE V 372 -59.19 -8.40 4.63
C ILE V 372 -58.37 -9.57 5.18
N VAL V 373 -57.23 -9.28 5.79
CA VAL V 373 -56.39 -10.33 6.36
C VAL V 373 -57.11 -11.02 7.50
N LYS V 374 -57.78 -10.25 8.37
CA LYS V 374 -58.55 -10.85 9.46
C LYS V 374 -59.71 -11.68 8.92
N MET V 375 -60.38 -11.20 7.88
CA MET V 375 -61.47 -11.95 7.27
C MET V 375 -60.98 -13.29 6.71
N LYS V 376 -59.85 -13.26 6.02
CA LYS V 376 -59.31 -14.51 5.46
C LYS V 376 -58.77 -15.42 6.55
N GLN V 377 -58.26 -14.85 7.64
CA GLN V 377 -57.86 -15.65 8.79
C GLN V 377 -59.06 -16.37 9.40
N SER V 378 -60.19 -15.67 9.49
CA SER V 378 -61.43 -16.33 9.90
C SER V 378 -61.80 -17.44 8.91
N LEU V 379 -61.61 -17.17 7.62
CA LEU V 379 -61.81 -18.21 6.61
C LEU V 379 -60.67 -19.22 6.58
N SER V 380 -59.52 -18.90 7.18
CA SER V 380 -58.35 -19.76 7.09
C SER V 380 -58.55 -21.06 7.84
N SER V 381 -58.66 -22.18 7.11
CA SER V 381 -58.78 -23.47 7.75
C SER V 381 -57.46 -23.89 8.40
N ASN V 382 -56.36 -23.77 7.67
CA ASN V 382 -55.05 -24.18 8.17
C ASN V 382 -53.96 -23.66 7.24
N THR V 383 -52.81 -23.32 7.80
CA THR V 383 -51.64 -22.92 7.04
C THR V 383 -50.42 -23.16 7.91
N GLY V 384 -49.40 -23.82 7.35
CA GLY V 384 -48.26 -24.23 8.16
C GLY V 384 -47.60 -23.09 8.90
N PHE V 385 -47.38 -21.97 8.20
CA PHE V 385 -46.81 -20.79 8.84
C PHE V 385 -47.72 -20.30 9.96
N ASN V 386 -49.02 -20.23 9.69
CA ASN V 386 -49.97 -19.77 10.70
C ASN V 386 -50.09 -20.76 11.85
N THR V 387 -50.02 -22.06 11.56
CA THR V 387 -50.05 -23.05 12.63
C THR V 387 -48.83 -22.91 13.53
N VAL V 388 -47.64 -22.70 12.95
CA VAL V 388 -46.45 -22.51 13.75
C VAL V 388 -46.56 -21.25 14.60
N LEU V 389 -47.08 -20.17 14.02
CA LEU V 389 -47.27 -18.94 14.78
C LEU V 389 -48.25 -19.14 15.93
N LYS V 390 -49.36 -19.84 15.68
CA LYS V 390 -50.33 -20.12 16.72
C LYS V 390 -49.71 -20.95 17.83
N LYS V 391 -48.93 -21.96 17.48
CA LYS V 391 -48.29 -22.80 18.48
C LYS V 391 -47.29 -22.00 19.32
N ALA V 392 -46.54 -21.10 18.68
CA ALA V 392 -45.62 -20.26 19.43
C ALA V 392 -46.37 -19.33 20.38
N GLN V 393 -47.46 -18.74 19.92
CA GLN V 393 -48.27 -17.88 20.79
C GLN V 393 -48.84 -18.67 21.95
N LEU V 394 -49.28 -19.90 21.69
CA LEU V 394 -49.80 -20.75 22.77
C LEU V 394 -48.70 -21.08 23.77
N GLN V 395 -47.49 -21.36 23.31
CA GLN V 395 -46.40 -21.62 24.23
C GLN V 395 -46.09 -20.41 25.09
N GLU V 396 -46.10 -19.22 24.49
CA GLU V 396 -45.87 -17.99 25.26
C GLU V 396 -46.96 -17.79 26.31
N GLU V 397 -48.22 -18.01 25.91
CA GLU V 397 -49.32 -17.90 26.88
C GLU V 397 -49.17 -18.94 27.98
N LEU V 398 -48.71 -20.13 27.64
CA LEU V 398 -48.53 -21.18 28.64
C LEU V 398 -47.43 -20.81 29.64
N GLU V 399 -46.33 -20.23 29.18
CA GLU V 399 -45.30 -19.84 30.13
C GLU V 399 -45.79 -18.68 31.00
N GLU V 400 -46.60 -17.78 30.43
CA GLU V 400 -47.17 -16.71 31.24
C GLU V 400 -48.07 -17.27 32.32
N ALA V 401 -48.90 -18.26 31.98
CA ALA V 401 -49.76 -18.90 32.97
C ALA V 401 -48.94 -19.64 34.01
N ARG V 402 -47.86 -20.30 33.59
CA ARG V 402 -46.99 -21.00 34.53
C ARG V 402 -46.38 -20.04 35.53
N ASP V 403 -45.90 -18.88 35.07
CA ASP V 403 -45.31 -17.90 35.98
C ASP V 403 -46.34 -17.32 36.94
N ALA V 404 -47.63 -17.39 36.61
CA ALA V 404 -48.68 -16.91 37.48
C ALA V 404 -49.25 -17.99 38.39
N HIS V 405 -48.69 -19.21 38.33
CA HIS V 405 -49.13 -20.33 39.17
C HIS V 405 -50.62 -20.62 38.99
N ASP V 406 -51.10 -20.53 37.76
CA ASP V 406 -52.49 -20.84 37.43
C ASP V 406 -52.54 -22.28 36.92
N HIS V 407 -52.89 -23.21 37.82
CA HIS V 407 -52.89 -24.62 37.49
C HIS V 407 -54.10 -25.04 36.65
N GLU V 408 -55.08 -24.15 36.46
CA GLU V 408 -56.28 -24.47 35.71
C GLU V 408 -56.16 -24.09 34.24
N ARG V 409 -55.65 -22.87 33.98
CA ARG V 409 -55.45 -22.44 32.60
C ARG V 409 -54.39 -23.30 31.90
N VAL V 410 -53.32 -23.65 32.63
CA VAL V 410 -52.20 -24.36 32.02
C VAL V 410 -52.65 -25.72 31.49
N ALA V 411 -53.57 -26.37 32.19
CA ALA V 411 -54.08 -27.66 31.71
C ALA V 411 -54.79 -27.51 30.38
N ARG V 412 -55.64 -26.48 30.25
CA ARG V 412 -56.33 -26.23 28.99
C ARG V 412 -55.35 -25.91 27.88
N ILE V 413 -54.34 -25.10 28.17
CA ILE V 413 -53.36 -24.75 27.14
C ILE V 413 -52.56 -25.97 26.73
N GLU V 414 -52.21 -26.84 27.68
CA GLU V 414 -51.51 -28.07 27.34
C GLU V 414 -52.36 -28.97 26.47
N ALA V 415 -53.65 -29.10 26.79
CA ALA V 415 -54.54 -29.91 25.97
C ALA V 415 -54.64 -29.34 24.56
N GLU V 416 -54.76 -28.02 24.43
CA GLU V 416 -54.85 -27.41 23.11
C GLU V 416 -53.56 -27.63 22.32
N LEU V 417 -52.41 -27.48 22.99
CA LEU V 417 -51.13 -27.71 22.32
C LEU V 417 -50.99 -29.15 21.86
N LYS V 418 -51.43 -30.11 22.68
CA LYS V 418 -51.38 -31.50 22.29
C LYS V 418 -52.28 -31.77 21.09
N SER V 419 -53.48 -31.16 21.08
CA SER V 419 -54.38 -31.35 19.95
C SER V 419 -53.80 -30.77 18.67
N ILE V 420 -53.22 -29.57 18.75
CA ILE V 420 -52.71 -28.90 17.55
C ILE V 420 -51.47 -29.60 17.01
N GLY V 421 -50.63 -30.15 17.88
CA GLY V 421 -49.34 -30.68 17.47
C GLY V 421 -49.39 -32.00 16.72
N ALA V 422 -48.36 -32.83 16.94
CA ALA V 422 -48.22 -34.13 16.28
C ALA V 422 -48.09 -33.96 14.76
N GLU V 423 -47.01 -33.28 14.37
CA GLU V 423 -46.70 -33.05 12.96
C GLU V 423 -45.96 -34.25 12.38
N SER V 424 -45.70 -34.19 11.08
CA SER V 424 -45.05 -35.27 10.35
C SER V 424 -43.92 -34.73 9.49
N VAL V 425 -42.90 -35.57 9.27
CA VAL V 425 -41.76 -35.21 8.46
C VAL V 425 -41.83 -35.82 7.06
N VAL V 426 -42.21 -37.10 6.97
CA VAL V 426 -42.23 -37.86 5.72
C VAL V 426 -40.86 -37.73 5.06
N ALA V 427 -39.87 -38.40 5.65
CA ALA V 427 -38.52 -38.34 5.11
C ALA V 427 -38.41 -39.11 3.80
N SER V 428 -37.49 -38.66 2.94
CA SER V 428 -37.31 -39.32 1.66
C SER V 428 -36.65 -40.68 1.86
N LYS V 429 -36.71 -41.49 0.80
CA LYS V 429 -36.17 -42.84 0.86
C LYS V 429 -34.66 -42.83 1.07
N ALA V 430 -33.95 -41.92 0.38
CA ALA V 430 -32.51 -41.84 0.53
C ALA V 430 -32.11 -41.49 1.96
N SER V 431 -32.83 -40.55 2.58
CA SER V 431 -32.52 -40.17 3.95
C SER V 431 -32.75 -41.32 4.92
N SER V 432 -33.85 -42.07 4.73
CA SER V 432 -34.10 -43.21 5.60
C SER V 432 -33.03 -44.28 5.44
N SER V 433 -32.63 -44.56 4.20
CA SER V 433 -31.55 -45.51 3.97
C SER V 433 -30.26 -45.04 4.63
N MET V 434 -29.94 -43.75 4.52
CA MET V 434 -28.74 -43.22 5.14
C MET V 434 -28.81 -43.36 6.65
N LEU V 435 -29.98 -43.13 7.25
CA LEU V 435 -30.12 -43.30 8.69
C LEU V 435 -29.88 -44.75 9.11
N LYS V 436 -30.42 -45.69 8.35
CA LYS V 436 -30.20 -47.10 8.68
C LYS V 436 -28.73 -47.46 8.57
N ILE V 437 -28.08 -46.99 7.50
CA ILE V 437 -26.64 -47.25 7.32
C ILE V 437 -25.85 -46.66 8.47
N ASP V 438 -26.21 -45.45 8.90
CA ASP V 438 -25.50 -44.80 9.99
C ASP V 438 -25.65 -45.58 11.29
N GLN V 439 -26.86 -46.07 11.59
CA GLN V 439 -27.04 -46.85 12.80
C GLN V 439 -26.21 -48.13 12.77
N ARG V 440 -26.24 -48.84 11.64
CA ARG V 440 -25.46 -50.07 11.51
C ARG V 440 -23.98 -49.79 11.66
N ASN V 441 -23.49 -48.73 11.00
CA ASN V 441 -22.06 -48.42 11.05
C ASN V 441 -21.64 -48.00 12.45
N LYS V 442 -22.49 -47.25 13.15
CA LYS V 442 -22.17 -46.86 14.52
C LYS V 442 -22.03 -48.08 15.41
N LYS V 443 -22.97 -49.03 15.29
CA LYS V 443 -22.88 -50.24 16.10
C LYS V 443 -21.62 -51.03 15.77
N LEU V 444 -21.34 -51.21 14.48
CA LEU V 444 -20.19 -51.99 14.07
C LEU V 444 -18.88 -51.33 14.52
N ASN V 445 -18.80 -50.01 14.42
CA ASN V 445 -17.61 -49.31 14.89
C ASN V 445 -17.44 -49.47 16.40
N ASN V 446 -18.51 -49.22 17.15
CA ASN V 446 -18.43 -49.35 18.61
C ASN V 446 -18.00 -50.74 19.03
N ARG V 447 -18.36 -51.76 18.25
CA ARG V 447 -17.90 -53.10 18.59
C ARG V 447 -16.44 -53.31 18.19
N PHE V 448 -16.12 -53.09 16.92
CA PHE V 448 -14.83 -53.50 16.38
C PHE V 448 -13.68 -52.66 16.93
N ILE V 449 -13.87 -51.34 17.03
CA ILE V 449 -12.80 -50.49 17.55
C ILE V 449 -12.48 -50.85 18.99
N ARG V 450 -13.52 -51.07 19.79
CA ARG V 450 -13.30 -51.46 21.19
C ARG V 450 -12.59 -52.81 21.26
N LYS V 451 -12.99 -53.77 20.43
CA LYS V 451 -12.32 -55.06 20.44
C LYS V 451 -10.85 -54.94 20.07
N ALA V 452 -10.54 -54.15 19.04
CA ALA V 452 -9.16 -53.96 18.62
C ALA V 452 -8.34 -53.28 19.70
N GLU V 453 -8.91 -52.27 20.36
CA GLU V 453 -8.20 -51.59 21.44
C GLU V 453 -7.92 -52.55 22.60
N MET V 454 -8.91 -53.38 22.94
CA MET V 454 -8.70 -54.36 24.00
C MET V 454 -7.62 -55.36 23.61
N ALA V 455 -7.58 -55.76 22.34
CA ALA V 455 -6.54 -56.68 21.88
C ALA V 455 -5.16 -56.02 21.97
N ALA V 456 -5.08 -54.73 21.64
CA ALA V 456 -3.78 -54.07 21.63
C ALA V 456 -3.26 -53.76 23.03
N VAL V 457 -4.15 -53.41 23.96
CA VAL V 457 -3.68 -52.97 25.27
C VAL V 457 -3.08 -54.12 26.05
N GLU V 458 -3.65 -55.32 25.93
CA GLU V 458 -3.10 -56.47 26.64
C GLU V 458 -1.72 -56.83 26.11
N LYS V 459 -1.53 -56.75 24.78
CA LYS V 459 -0.21 -56.99 24.20
C LYS V 459 0.79 -55.95 24.68
N ARG V 460 0.38 -54.68 24.72
CA ARG V 460 1.29 -53.65 25.23
C ARG V 460 1.58 -53.85 26.71
N LYS V 461 0.65 -54.42 27.46
CA LYS V 461 0.88 -54.69 28.87
C LYS V 461 1.90 -55.82 29.06
N LEU V 462 1.74 -56.92 28.32
CA LEU V 462 2.62 -58.06 28.55
C LEU V 462 4.03 -57.83 28.01
N ARG V 463 4.22 -56.85 27.14
CA ARG V 463 5.57 -56.45 26.72
C ARG V 463 6.25 -55.62 27.80
N LYS V 515 21.66 -79.61 7.25
CA LYS V 515 22.15 -80.85 6.65
C LYS V 515 21.00 -81.66 6.05
N LEU V 516 19.77 -81.19 6.28
CA LEU V 516 18.61 -81.88 5.74
C LEU V 516 18.58 -81.81 4.22
N GLU V 517 19.17 -80.77 3.63
CA GLU V 517 19.23 -80.67 2.17
C GLU V 517 20.09 -81.80 1.59
N SER V 518 21.19 -82.13 2.26
CA SER V 518 22.03 -83.24 1.82
C SER V 518 21.54 -84.59 2.31
N MET V 519 20.86 -84.63 3.46
CA MET V 519 20.35 -85.90 3.98
C MET V 519 19.25 -86.46 3.09
N VAL V 520 18.38 -85.59 2.55
CA VAL V 520 17.29 -86.05 1.71
C VAL V 520 17.79 -86.72 0.44
N LYS V 521 18.99 -86.37 -0.02
CA LYS V 521 19.58 -87.00 -1.19
C LYS V 521 19.94 -88.45 -0.89
N SER V 522 19.22 -89.38 -1.51
CA SER V 522 19.43 -90.80 -1.24
C SER V 522 19.10 -91.58 -2.51
N ASN V 523 18.87 -92.88 -2.36
CA ASN V 523 18.79 -93.77 -3.52
C ASN V 523 17.64 -93.41 -4.44
N TYR V 524 16.47 -93.11 -3.90
CA TYR V 524 15.32 -92.83 -4.75
C TYR V 524 15.54 -91.57 -5.57
N ARG V 525 16.15 -90.54 -4.96
CA ARG V 525 16.52 -89.36 -5.73
C ARG V 525 17.64 -89.68 -6.72
N ASN V 526 18.57 -90.55 -6.33
CA ASN V 526 19.63 -90.98 -7.24
C ASN V 526 19.11 -91.90 -8.34
N GLY V 527 17.92 -92.46 -8.18
CA GLY V 527 17.34 -93.36 -9.17
C GLY V 527 17.07 -94.76 -8.68
N GLY V 528 17.42 -95.11 -7.44
CA GLY V 528 17.17 -96.44 -6.93
C GLY V 528 15.82 -96.60 -6.28
N LEU V 529 14.85 -95.79 -6.71
CA LEU V 529 13.51 -95.86 -6.15
C LEU V 529 12.84 -97.21 -6.42
N ASP V 530 13.01 -97.74 -7.63
CA ASP V 530 12.39 -99.00 -7.98
C ASP V 530 12.89 -100.14 -7.11
N ARG V 531 14.20 -100.15 -6.83
CA ARG V 531 14.75 -101.15 -5.93
C ARG V 531 14.16 -101.01 -4.52
N ILE V 532 13.96 -99.78 -4.07
CA ILE V 532 13.38 -99.54 -2.75
C ILE V 532 11.96 -100.10 -2.70
N ILE V 533 11.17 -99.84 -3.73
CA ILE V 533 9.81 -100.39 -3.78
C ILE V 533 9.86 -101.91 -3.82
N SER V 534 10.84 -102.47 -4.53
CA SER V 534 11.01 -103.93 -4.55
C SER V 534 11.33 -104.47 -3.17
N LYS V 535 12.03 -103.69 -2.35
CA LYS V 535 12.32 -104.09 -0.98
C LYS V 535 11.13 -103.93 -0.05
N ILE V 536 10.04 -103.30 -0.51
CA ILE V 536 8.81 -103.15 0.25
C ILE V 536 7.81 -104.16 -0.29
N ASP V 537 7.47 -105.16 0.51
CA ASP V 537 6.57 -106.23 0.10
C ASP V 537 5.23 -106.06 0.79
N PHE V 538 4.16 -106.24 0.01
CA PHE V 538 2.80 -106.15 0.54
C PHE V 538 1.90 -107.03 -0.31
N ASP V 539 0.91 -107.62 0.33
CA ASP V 539 -0.03 -108.53 -0.33
C ASP V 539 -1.37 -107.83 -0.48
N PHE V 540 -1.88 -107.80 -1.70
CA PHE V 540 -3.16 -107.19 -2.02
C PHE V 540 -4.20 -108.28 -2.30
N ASP V 541 -5.46 -107.89 -2.24
CA ASP V 541 -6.57 -108.76 -2.60
C ASP V 541 -6.98 -108.54 -4.06
N LEU V 542 -6.01 -108.78 -4.94
CA LEU V 542 -6.17 -108.46 -6.35
C LEU V 542 -7.21 -109.37 -7.02
N GLU V 543 -8.05 -108.76 -7.85
CA GLU V 543 -8.98 -109.55 -8.66
C GLU V 543 -8.28 -110.18 -9.86
N LEU V 544 -7.21 -109.55 -10.34
CA LEU V 544 -6.51 -110.04 -11.53
C LEU V 544 -5.14 -110.61 -11.16
N HIS W 105 5.10 2.13 90.26
CA HIS W 105 3.98 2.14 91.19
C HIS W 105 2.84 3.03 90.69
N THR W 106 1.87 2.42 90.03
CA THR W 106 0.67 3.13 89.60
C THR W 106 -0.25 3.28 90.81
N LYS W 107 -0.26 4.48 91.39
CA LYS W 107 -1.03 4.71 92.61
C LYS W 107 -2.52 4.53 92.34
N SER W 108 -3.23 4.01 93.34
CA SER W 108 -4.66 3.80 93.20
C SER W 108 -5.38 5.13 93.05
N VAL W 109 -6.22 5.21 92.01
CA VAL W 109 -6.92 6.47 91.73
C VAL W 109 -7.99 6.74 92.78
N TYR W 110 -8.71 5.70 93.20
CA TYR W 110 -9.85 5.87 94.10
C TYR W 110 -9.40 5.73 95.55
N ASP W 111 -9.57 6.80 96.33
CA ASP W 111 -9.25 6.77 97.75
C ASP W 111 -10.30 7.49 98.59
N ASN W 112 -11.47 7.81 98.02
CA ASN W 112 -12.52 8.47 98.80
C ASN W 112 -13.07 7.54 99.87
N GLY W 113 -13.18 6.26 99.58
CA GLY W 113 -13.71 5.29 100.52
C GLY W 113 -15.22 5.22 100.59
N GLU W 114 -15.92 5.95 99.72
CA GLU W 114 -17.38 5.93 99.74
C GLU W 114 -17.89 4.51 99.50
N THR W 115 -18.92 4.11 100.24
CA THR W 115 -19.40 2.74 100.23
C THR W 115 -20.92 2.73 100.14
N LEU W 116 -21.45 1.77 99.38
CA LEU W 116 -22.88 1.61 99.20
C LEU W 116 -23.38 0.45 100.05
N ASP W 117 -24.45 0.70 100.80
CA ASP W 117 -25.08 -0.34 101.63
C ASP W 117 -26.25 -0.94 100.86
N ILE W 118 -25.92 -1.69 99.81
CA ILE W 118 -26.89 -2.34 98.95
C ILE W 118 -26.96 -3.81 99.33
N SER W 119 -28.17 -4.31 99.52
CA SER W 119 -28.41 -5.70 99.86
C SER W 119 -29.18 -6.38 98.73
N LEU W 120 -28.65 -7.49 98.24
CA LEU W 120 -29.22 -8.18 97.09
C LEU W 120 -30.04 -9.39 97.52
N PRO W 121 -31.24 -9.56 96.97
CA PRO W 121 -32.03 -10.77 97.27
C PRO W 121 -31.56 -11.94 96.42
N ILE W 122 -31.26 -13.06 97.09
CA ILE W 122 -30.78 -14.26 96.42
C ILE W 122 -31.72 -15.41 96.76
N HIS W 123 -32.03 -16.25 95.75
CA HIS W 123 -32.92 -17.40 95.88
C HIS W 123 -32.13 -18.70 95.97
N PRO W 124 -32.64 -19.67 96.72
CA PRO W 124 -31.99 -20.98 96.78
C PRO W 124 -31.97 -21.66 95.41
N LYS W 125 -30.92 -22.45 95.19
CA LYS W 125 -30.71 -23.14 93.92
C LYS W 125 -31.23 -24.57 94.00
N SER W 126 -31.91 -25.00 92.93
CA SER W 126 -32.40 -26.38 92.87
C SER W 126 -31.27 -27.40 92.84
N HIS W 127 -30.08 -27.00 92.38
CA HIS W 127 -28.94 -27.90 92.32
C HIS W 127 -27.68 -27.09 92.62
N ILE W 128 -26.63 -27.81 93.03
CA ILE W 128 -25.36 -27.18 93.37
C ILE W 128 -24.23 -27.96 92.72
N PRO W 129 -23.35 -27.30 91.96
CA PRO W 129 -22.21 -28.01 91.37
C PRO W 129 -21.27 -28.53 92.45
N GLN W 130 -20.64 -29.67 92.17
CA GLN W 130 -19.74 -30.34 93.10
C GLN W 130 -18.32 -30.31 92.56
N GLY W 131 -17.38 -29.92 93.41
CA GLY W 131 -15.97 -29.98 93.09
C GLY W 131 -15.44 -28.89 92.18
N LYS W 132 -16.29 -28.30 91.33
CA LYS W 132 -15.84 -27.29 90.40
C LYS W 132 -17.04 -26.51 89.88
N GLN W 133 -16.94 -25.18 89.90
CA GLN W 133 -17.96 -24.31 89.34
C GLN W 133 -17.70 -24.07 87.86
N ASP W 134 -17.67 -25.16 87.10
CA ASP W 134 -17.35 -25.11 85.68
C ASP W 134 -18.60 -25.41 84.85
N ARG W 135 -18.74 -24.67 83.76
CA ARG W 135 -19.82 -24.87 82.82
C ARG W 135 -19.26 -24.79 81.41
N TRP W 136 -19.96 -25.45 80.48
CA TRP W 136 -19.56 -25.51 79.08
C TRP W 136 -20.57 -24.71 78.26
N VAL W 137 -20.08 -23.70 77.54
CA VAL W 137 -20.92 -22.95 76.62
C VAL W 137 -20.99 -23.69 75.29
N VAL W 138 -22.21 -23.90 74.80
CA VAL W 138 -22.44 -24.69 73.59
C VAL W 138 -23.25 -23.85 72.62
N LYS W 139 -22.73 -23.69 71.41
CA LYS W 139 -23.47 -23.00 70.37
C LYS W 139 -24.58 -23.89 69.84
N LEU W 140 -25.74 -23.30 69.59
CA LEU W 140 -26.90 -24.07 69.14
C LEU W 140 -26.91 -24.13 67.62
N PRO W 141 -26.84 -25.31 67.02
CA PRO W 141 -26.90 -25.41 65.57
C PRO W 141 -28.31 -25.12 65.05
N ASP W 142 -28.40 -24.90 63.74
CA ASP W 142 -29.69 -24.62 63.13
C ASP W 142 -30.60 -25.85 63.13
N PHE W 143 -30.03 -27.04 63.02
CA PHE W 143 -30.80 -28.27 62.97
C PHE W 143 -31.20 -28.77 64.35
N LEU W 144 -30.74 -28.11 65.41
CA LEU W 144 -31.08 -28.48 66.77
C LEU W 144 -31.74 -27.30 67.47
N ASP W 145 -32.80 -27.58 68.21
CA ASP W 145 -33.55 -26.55 68.91
C ASP W 145 -33.84 -27.00 70.34
N ILE W 146 -34.09 -26.01 71.19
CA ILE W 146 -34.40 -26.23 72.60
C ILE W 146 -35.82 -25.78 72.86
N ASN W 147 -36.63 -26.67 73.43
CA ASN W 147 -38.02 -26.36 73.82
C ASN W 147 -38.10 -26.49 75.33
N ALA W 148 -37.86 -25.38 76.04
CA ALA W 148 -37.90 -25.41 77.49
C ALA W 148 -39.31 -25.69 78.00
N GLU W 149 -40.33 -25.33 77.22
CA GLU W 149 -41.70 -25.53 77.66
C GLU W 149 -41.99 -27.02 77.79
N PRO W 150 -42.80 -27.43 78.77
CA PRO W 150 -43.20 -28.84 78.86
C PRO W 150 -43.96 -29.27 77.61
N PHE W 151 -43.72 -30.51 77.19
CA PHE W 151 -44.32 -30.99 75.96
C PHE W 151 -45.82 -31.17 76.13
N ASP W 152 -46.58 -30.52 75.26
CA ASP W 152 -48.04 -30.62 75.26
C ASP W 152 -48.47 -31.24 73.94
N PRO W 153 -48.77 -32.55 73.91
CA PRO W 153 -49.02 -33.21 72.62
C PRO W 153 -50.18 -32.62 71.83
N ARG W 154 -51.27 -32.24 72.49
CA ARG W 154 -52.43 -31.77 71.75
C ARG W 154 -52.20 -30.43 71.06
N PRO W 155 -51.69 -29.39 71.73
CA PRO W 155 -51.34 -28.16 70.99
C PRO W 155 -50.31 -28.40 69.89
N PHE W 156 -49.35 -29.30 70.13
CA PHE W 156 -48.34 -29.58 69.11
C PHE W 156 -48.98 -30.19 67.87
N GLU W 157 -49.89 -31.16 68.05
CA GLU W 157 -50.56 -31.76 66.91
C GLU W 157 -51.47 -30.77 66.21
N MET W 158 -52.15 -29.91 66.98
CA MET W 158 -53.08 -28.96 66.40
C MET W 158 -52.39 -27.75 65.77
N ASN W 159 -51.09 -27.55 66.02
CA ASN W 159 -50.37 -26.39 65.51
C ASN W 159 -49.32 -26.76 64.48
N VAL W 160 -49.36 -27.98 63.92
CA VAL W 160 -48.43 -28.35 62.86
C VAL W 160 -48.81 -27.61 61.59
N LYS W 161 -47.83 -26.96 60.97
CA LYS W 161 -48.05 -26.09 59.83
C LYS W 161 -47.57 -26.77 58.55
N THR W 162 -48.38 -26.67 57.49
CA THR W 162 -48.07 -27.24 56.19
C THR W 162 -47.87 -26.12 55.18
N HIS W 163 -46.72 -26.12 54.51
CA HIS W 163 -46.36 -25.07 53.56
C HIS W 163 -46.13 -25.67 52.18
N GLU W 164 -46.34 -24.85 51.16
CA GLU W 164 -46.08 -25.27 49.78
C GLU W 164 -44.59 -25.49 49.55
N ASP W 165 -43.75 -24.63 50.13
CA ASP W 165 -42.31 -24.74 49.96
C ASP W 165 -41.78 -26.01 50.60
N LYS W 166 -41.35 -26.97 49.79
CA LYS W 166 -40.91 -28.26 50.32
C LYS W 166 -39.68 -28.11 51.21
N ASN W 167 -38.75 -27.24 50.83
CA ASN W 167 -37.53 -27.06 51.61
C ASN W 167 -37.84 -26.54 53.01
N GLN W 168 -38.70 -25.52 53.10
CA GLN W 168 -39.05 -24.96 54.40
C GLN W 168 -39.79 -25.98 55.26
N GLU W 169 -40.71 -26.73 54.65
CA GLU W 169 -41.45 -27.74 55.40
C GLU W 169 -40.52 -28.84 55.91
N LEU W 170 -39.58 -29.29 55.09
CA LEU W 170 -38.63 -30.31 55.52
C LEU W 170 -37.73 -29.78 56.63
N LEU W 171 -37.27 -28.54 56.51
CA LEU W 171 -36.44 -27.96 57.57
C LEU W 171 -37.21 -27.87 58.88
N ASP W 172 -38.47 -27.43 58.81
CA ASP W 172 -39.29 -27.35 60.02
C ASP W 172 -39.53 -28.72 60.63
N LYS W 173 -39.79 -29.73 59.78
CA LYS W 173 -39.96 -31.08 60.30
C LYS W 173 -38.69 -31.58 60.99
N LEU W 174 -37.54 -31.33 60.38
CA LEU W 174 -36.28 -31.78 60.97
C LEU W 174 -36.01 -31.10 62.30
N ILE W 175 -36.20 -29.78 62.35
CA ILE W 175 -35.94 -29.05 63.59
C ILE W 175 -36.94 -29.45 64.67
N ALA W 176 -38.19 -29.75 64.29
CA ALA W 176 -39.19 -30.16 65.26
C ALA W 176 -38.88 -31.54 65.83
N VAL W 177 -38.51 -32.49 64.96
CA VAL W 177 -38.22 -33.84 65.44
C VAL W 177 -36.91 -33.86 66.22
N ASN W 178 -36.00 -32.93 65.93
CA ASN W 178 -34.72 -32.87 66.62
C ASN W 178 -34.75 -31.94 67.83
N THR W 179 -35.85 -31.23 68.07
CA THR W 179 -35.90 -30.28 69.18
C THR W 179 -35.84 -31.00 70.52
N VAL W 180 -35.03 -30.48 71.43
CA VAL W 180 -34.95 -31.00 72.77
C VAL W 180 -36.20 -30.60 73.55
N ARG W 181 -36.89 -31.57 74.13
CA ARG W 181 -38.14 -31.32 74.82
C ARG W 181 -38.14 -32.07 76.15
N TRP W 182 -39.19 -31.82 76.93
CA TRP W 182 -39.39 -32.51 78.20
C TRP W 182 -40.88 -32.50 78.53
N ARG W 183 -41.28 -33.42 79.40
CA ARG W 183 -42.67 -33.52 79.79
C ARG W 183 -42.76 -34.20 81.15
N TYR W 184 -43.91 -34.02 81.80
CA TYR W 184 -44.18 -34.62 83.09
C TYR W 184 -44.61 -36.07 82.90
N ALA W 185 -43.92 -36.99 83.58
CA ALA W 185 -44.22 -38.41 83.49
C ALA W 185 -44.83 -38.87 84.80
N LYS W 186 -46.03 -39.43 84.72
CA LYS W 186 -46.71 -39.95 85.89
C LYS W 186 -46.08 -41.28 86.30
N SER W 187 -45.49 -41.32 87.49
CA SER W 187 -44.84 -42.52 87.98
C SER W 187 -45.88 -43.60 88.27
N GLU W 188 -45.43 -44.85 88.24
CA GLU W 188 -46.32 -45.97 88.55
C GLU W 188 -46.79 -45.95 89.99
N THR W 189 -46.10 -45.21 90.86
CA THR W 189 -46.49 -45.09 92.26
C THR W 189 -47.43 -43.92 92.51
N GLY W 190 -47.85 -43.23 91.46
CA GLY W 190 -48.75 -42.10 91.59
C GLY W 190 -48.08 -40.74 91.64
N GLY W 191 -46.75 -40.69 91.78
CA GLY W 191 -46.06 -39.43 91.79
C GLY W 191 -45.82 -38.87 90.40
N ILE W 192 -45.32 -37.64 90.36
CA ILE W 192 -45.01 -36.93 89.12
C ILE W 192 -43.50 -36.73 89.05
N PHE W 193 -42.93 -37.00 87.88
CA PHE W 193 -41.50 -36.85 87.66
C PHE W 193 -41.25 -36.11 86.36
N LYS W 194 -40.13 -35.40 86.31
CA LYS W 194 -39.68 -34.73 85.10
C LYS W 194 -39.00 -35.74 84.19
N GLU W 195 -39.50 -35.87 82.97
CA GLU W 195 -38.97 -36.81 81.99
C GLU W 195 -38.52 -36.04 80.75
N THR W 196 -37.33 -36.38 80.26
CA THR W 196 -36.73 -35.69 79.12
C THR W 196 -36.41 -36.70 78.02
N ASN W 197 -36.31 -36.20 76.80
CA ASN W 197 -35.99 -37.03 75.64
C ASN W 197 -34.54 -36.87 75.20
N SER W 198 -33.71 -36.20 75.99
CA SER W 198 -32.33 -35.89 75.61
C SER W 198 -31.37 -36.38 76.68
N GLN W 199 -30.23 -36.90 76.23
CA GLN W 199 -29.22 -37.45 77.11
C GLN W 199 -27.84 -37.07 76.60
N ILE W 200 -26.85 -37.18 77.49
CA ILE W 200 -25.45 -36.93 77.17
C ILE W 200 -24.69 -38.23 77.34
N ILE W 201 -23.93 -38.62 76.32
CA ILE W 201 -23.21 -39.88 76.30
C ILE W 201 -21.72 -39.59 76.23
N GLN W 202 -20.96 -40.22 77.12
CA GLN W 202 -19.51 -40.13 77.11
C GLN W 202 -18.94 -41.48 76.67
N TRP W 203 -18.09 -41.45 75.66
CA TRP W 203 -17.52 -42.67 75.11
C TRP W 203 -16.25 -43.06 75.86
N GLU W 204 -15.62 -44.15 75.42
CA GLU W 204 -14.41 -44.63 76.09
C GLU W 204 -13.23 -43.70 75.85
N ASP W 205 -13.22 -42.99 74.71
CA ASP W 205 -12.13 -42.05 74.44
C ASP W 205 -12.23 -40.78 75.28
N GLY W 206 -13.34 -40.58 75.99
CA GLY W 206 -13.54 -39.39 76.77
C GLY W 206 -14.35 -38.30 76.10
N THR W 207 -14.64 -38.45 74.81
CA THR W 207 -15.44 -37.45 74.10
C THR W 207 -16.89 -37.52 74.56
N TYR W 208 -17.59 -36.40 74.38
CA TYR W 208 -18.98 -36.27 74.78
C TYR W 208 -19.85 -36.08 73.55
N SER W 209 -21.09 -36.56 73.63
CA SER W 209 -22.03 -36.47 72.53
C SER W 209 -23.42 -36.13 73.07
N LEU W 210 -24.12 -35.26 72.36
CA LEU W 210 -25.49 -34.89 72.70
C LEU W 210 -26.43 -35.81 71.92
N ARG W 211 -27.35 -36.45 72.63
CA ARG W 211 -28.25 -37.43 72.04
C ARG W 211 -29.69 -36.96 72.19
N VAL W 212 -30.41 -36.93 71.06
CA VAL W 212 -31.84 -36.70 71.04
C VAL W 212 -32.46 -37.87 70.29
N GLY W 213 -33.25 -38.67 70.99
CA GLY W 213 -33.79 -39.88 70.38
C GLY W 213 -32.66 -40.79 69.92
N SER W 214 -32.73 -41.20 68.66
CA SER W 214 -31.68 -42.02 68.07
C SER W 214 -30.57 -41.20 67.43
N GLU W 215 -30.72 -39.87 67.36
CA GLU W 215 -29.72 -39.02 66.75
C GLU W 215 -28.60 -38.74 67.75
N ILE W 216 -27.36 -38.75 67.26
CA ILE W 216 -26.18 -38.49 68.07
C ILE W 216 -25.37 -37.39 67.39
N PHE W 217 -25.05 -36.34 68.14
CA PHE W 217 -24.22 -35.24 67.65
C PHE W 217 -22.98 -35.14 68.51
N ASP W 218 -21.81 -35.17 67.87
CA ASP W 218 -20.55 -35.11 68.60
C ASP W 218 -20.30 -33.72 69.14
N MET W 219 -19.48 -33.63 70.18
CA MET W 219 -19.11 -32.37 70.81
C MET W 219 -17.62 -32.12 70.61
N PHE W 220 -17.28 -30.94 70.10
CA PHE W 220 -15.90 -30.53 69.94
C PHE W 220 -15.60 -29.41 70.93
N THR W 221 -14.67 -29.66 71.84
CA THR W 221 -14.41 -28.76 72.96
C THR W 221 -13.10 -28.01 72.72
N THR W 222 -13.15 -26.69 72.85
CA THR W 222 -11.97 -25.84 72.80
C THR W 222 -11.86 -25.07 74.11
N ASN W 223 -10.70 -25.17 74.76
CA ASN W 223 -10.51 -24.52 76.05
C ASN W 223 -10.45 -23.00 75.89
N THR W 224 -11.18 -22.30 76.75
CA THR W 224 -11.23 -20.84 76.72
C THR W 224 -10.90 -20.31 78.10
N ASP W 225 -9.99 -19.34 78.15
CA ASP W 225 -9.56 -18.74 79.40
C ASP W 225 -10.15 -17.35 79.56
N ASP W 226 -10.32 -16.95 80.83
CA ASP W 226 -10.90 -15.66 81.19
C ASP W 226 -12.29 -15.48 80.58
N ASN W 227 -13.09 -16.54 80.63
CA ASN W 227 -14.48 -16.51 80.18
C ASN W 227 -15.35 -17.00 81.33
N TYR W 228 -16.29 -16.15 81.77
CA TYR W 228 -17.11 -16.45 82.93
C TYR W 228 -18.58 -16.19 82.62
N LEU W 229 -19.44 -16.74 83.46
CA LEU W 229 -20.88 -16.54 83.38
C LEU W 229 -21.32 -15.65 84.54
N VAL W 230 -22.19 -14.67 84.25
CA VAL W 230 -22.67 -13.74 85.25
C VAL W 230 -24.20 -13.71 85.21
N SER W 231 -24.78 -13.23 86.30
CA SER W 231 -26.22 -13.04 86.42
C SER W 231 -26.52 -11.55 86.43
N GLU W 232 -27.44 -11.13 85.57
CA GLU W 232 -27.76 -9.72 85.43
C GLU W 232 -28.85 -9.31 86.40
N HIS W 233 -28.62 -8.20 87.11
CA HIS W 233 -29.57 -7.60 88.04
C HIS W 233 -29.89 -6.21 87.50
N ASN W 234 -30.87 -6.16 86.59
CA ASN W 234 -31.16 -4.90 85.90
C ASN W 234 -31.73 -3.84 86.84
N GLU W 235 -32.55 -4.24 87.80
CA GLU W 235 -33.17 -3.26 88.69
C GLU W 235 -32.15 -2.52 89.54
N GLU W 236 -31.01 -3.16 89.83
CA GLU W 236 -29.93 -2.50 90.55
C GLU W 236 -28.78 -2.07 89.65
N GLY W 237 -28.78 -2.49 88.39
CA GLY W 237 -27.74 -2.10 87.46
C GLY W 237 -26.36 -2.63 87.80
N ILE W 238 -26.27 -3.84 88.35
CA ILE W 238 -25.00 -4.48 88.63
C ILE W 238 -25.06 -5.91 88.12
N LEU W 239 -23.87 -6.47 87.87
CA LEU W 239 -23.74 -7.83 87.35
C LEU W 239 -23.11 -8.71 88.41
N MET W 240 -23.79 -9.81 88.73
CA MET W 240 -23.30 -10.78 89.71
C MET W 240 -22.80 -12.02 88.99
N THR W 241 -21.56 -12.39 89.25
CA THR W 241 -20.97 -13.57 88.61
C THR W 241 -21.67 -14.84 89.07
N GLU W 242 -21.67 -15.84 88.19
CA GLU W 242 -22.26 -17.15 88.48
C GLU W 242 -21.23 -18.26 88.53
N SER W 243 -20.46 -18.45 87.46
CA SER W 243 -19.46 -19.50 87.37
C SER W 243 -18.53 -19.18 86.21
N THR W 244 -17.67 -20.14 85.87
CA THR W 244 -16.67 -19.96 84.83
C THR W 244 -17.01 -20.83 83.63
N LEU W 245 -16.92 -20.24 82.43
CA LEU W 245 -17.12 -20.97 81.18
C LEU W 245 -15.75 -21.40 80.68
N SER W 246 -15.31 -22.59 81.07
CA SER W 246 -13.96 -23.04 80.75
C SER W 246 -13.83 -23.46 79.28
N LYS W 247 -14.82 -24.17 78.75
CA LYS W 247 -14.72 -24.75 77.41
C LYS W 247 -15.88 -24.30 76.55
N SER W 248 -15.58 -24.02 75.28
CA SER W 248 -16.59 -23.77 74.26
C SER W 248 -16.79 -25.05 73.46
N VAL W 249 -18.05 -25.47 73.30
CA VAL W 249 -18.39 -26.75 72.72
C VAL W 249 -19.19 -26.53 71.45
N LYS W 250 -18.77 -27.17 70.36
CA LYS W 250 -19.49 -27.17 69.10
C LYS W 250 -20.16 -28.51 68.88
N LEU W 251 -21.36 -28.48 68.31
CA LEU W 251 -22.12 -29.70 68.04
C LEU W 251 -22.03 -30.04 66.56
N VAL W 252 -21.61 -31.27 66.27
CA VAL W 252 -21.34 -31.71 64.90
C VAL W 252 -22.08 -33.02 64.65
N PRO W 253 -22.71 -33.20 63.50
CA PRO W 253 -23.34 -34.50 63.18
C PRO W 253 -22.30 -35.61 63.18
N ALA W 254 -22.73 -36.80 63.62
CA ALA W 254 -21.80 -37.90 63.81
C ALA W 254 -21.23 -38.40 62.49
N SER W 255 -22.08 -38.55 61.48
CA SER W 255 -21.64 -39.15 60.22
C SER W 255 -22.54 -38.66 59.09
N PHE W 256 -22.10 -38.96 57.85
CA PHE W 256 -22.90 -38.64 56.68
C PHE W 256 -24.23 -39.38 56.70
N GLN W 257 -24.21 -40.65 57.09
CA GLN W 257 -25.41 -41.49 57.02
C GLN W 257 -26.47 -41.09 58.03
N SER W 258 -26.14 -40.22 58.98
CA SER W 258 -27.14 -39.72 59.91
C SER W 258 -28.29 -39.04 59.17
N THR W 259 -29.51 -39.33 59.60
CA THR W 259 -30.68 -38.79 58.91
C THR W 259 -30.74 -37.27 58.98
N THR W 260 -30.27 -36.69 60.09
CA THR W 260 -30.26 -35.23 60.20
C THR W 260 -29.36 -34.61 59.14
N HIS W 261 -28.17 -35.17 58.95
CA HIS W 261 -27.25 -34.63 57.95
C HIS W 261 -27.83 -34.78 56.54
N GLN W 262 -28.45 -35.92 56.24
CA GLN W 262 -29.03 -36.12 54.92
C GLN W 262 -30.18 -35.16 54.68
N LYS W 263 -31.03 -34.93 55.68
CA LYS W 263 -32.12 -33.99 55.51
C LYS W 263 -31.60 -32.57 55.33
N LEU W 264 -30.56 -32.19 56.08
CA LEU W 264 -29.96 -30.87 55.90
C LEU W 264 -29.38 -30.72 54.50
N ALA W 265 -28.69 -31.76 54.02
CA ALA W 265 -28.11 -31.71 52.68
C ALA W 265 -29.20 -31.59 51.61
N LYS W 266 -30.28 -32.36 51.76
CA LYS W 266 -31.37 -32.28 50.80
C LYS W 266 -31.99 -30.88 50.80
N ALA W 267 -32.24 -30.33 51.99
CA ALA W 267 -32.86 -29.01 52.09
C ALA W 267 -31.98 -27.94 51.48
N LEU W 268 -30.67 -27.97 51.77
CA LEU W 268 -29.79 -26.94 51.25
C LEU W 268 -29.51 -27.11 49.76
N SER W 269 -29.51 -28.35 49.27
CA SER W 269 -29.30 -28.58 47.84
C SER W 269 -30.49 -28.13 47.03
N ALA W 270 -31.71 -28.44 47.49
CA ALA W 270 -32.90 -28.02 46.76
C ALA W 270 -33.27 -26.57 47.03
N LYS W 271 -32.71 -25.96 48.08
CA LYS W 271 -32.99 -24.55 48.34
C LYS W 271 -32.41 -23.65 47.27
N GLN W 272 -31.17 -23.93 46.85
CA GLN W 272 -30.50 -23.11 45.85
C GLN W 272 -30.86 -23.49 44.41
N LYS W 273 -31.68 -24.53 44.22
CA LYS W 273 -32.12 -24.89 42.88
C LYS W 273 -33.22 -23.95 42.37
N LYS W 274 -34.09 -23.48 43.26
CA LYS W 274 -35.21 -22.64 42.87
C LYS W 274 -34.75 -21.19 42.78
N GLU W 275 -34.70 -20.64 41.55
CA GLU W 275 -34.28 -19.27 41.34
C GLU W 275 -34.89 -18.78 40.03
N SER W 276 -36.00 -18.05 40.13
CA SER W 276 -36.65 -17.46 38.95
C SER W 276 -37.47 -16.27 39.44
N TYR W 277 -36.94 -15.07 39.23
CA TYR W 277 -37.55 -13.85 39.74
C TYR W 277 -38.44 -13.16 38.71
N ALA W 278 -37.96 -12.99 37.49
CA ALA W 278 -38.75 -12.32 36.46
C ALA W 278 -39.95 -13.18 36.08
N ARG W 279 -41.11 -12.54 35.95
CA ARG W 279 -42.35 -13.21 35.61
C ARG W 279 -42.76 -12.83 34.20
N SER W 280 -43.04 -13.84 33.37
CA SER W 280 -43.36 -13.60 31.98
C SER W 280 -44.77 -13.03 31.83
N VAL W 281 -44.98 -12.34 30.70
CA VAL W 281 -46.27 -11.72 30.41
C VAL W 281 -46.36 -11.59 28.90
N VAL W 282 -47.59 -11.40 28.39
CA VAL W 282 -47.84 -11.32 26.96
C VAL W 282 -48.26 -9.89 26.62
N THR W 283 -47.56 -9.28 25.66
CA THR W 283 -47.90 -7.94 25.21
C THR W 283 -48.90 -8.01 24.07
N LYS W 284 -50.03 -7.33 24.23
CA LYS W 284 -51.08 -7.32 23.21
C LYS W 284 -51.07 -6.07 22.36
N GLU W 285 -50.46 -4.98 22.83
CA GLU W 285 -50.46 -3.72 22.11
C GLU W 285 -49.08 -3.10 22.18
N ASP W 286 -48.94 -1.93 21.58
CA ASP W 286 -47.66 -1.23 21.58
C ASP W 286 -47.34 -0.75 23.00
N PRO W 287 -46.17 -1.11 23.54
CA PRO W 287 -45.81 -0.61 24.88
C PRO W 287 -45.65 0.89 24.96
N GLU W 288 -45.47 1.58 23.83
CA GLU W 288 -45.31 3.03 23.83
C GLU W 288 -46.62 3.77 23.67
N GLU W 289 -47.75 3.07 23.55
CA GLU W 289 -49.02 3.73 23.30
C GLU W 289 -49.45 4.61 24.46
N ARG W 290 -49.25 4.13 25.69
CA ARG W 290 -49.65 4.91 26.86
C ARG W 290 -48.92 6.23 26.91
N GLN W 291 -47.59 6.21 26.67
CA GLN W 291 -46.81 7.43 26.73
C GLN W 291 -47.30 8.46 25.71
N ARG W 292 -47.53 8.02 24.47
CA ARG W 292 -47.91 8.98 23.44
C ARG W 292 -49.31 9.52 23.66
N ARG W 293 -50.26 8.66 24.08
CA ARG W 293 -51.60 9.16 24.33
C ARG W 293 -51.63 10.12 25.52
N LEU W 294 -50.87 9.82 26.57
CA LEU W 294 -50.82 10.71 27.72
C LEU W 294 -50.10 12.01 27.39
N GLU W 295 -49.08 11.96 26.53
CA GLU W 295 -48.43 13.18 26.07
C GLU W 295 -49.39 14.04 25.27
N SER W 296 -50.21 13.42 24.41
CA SER W 296 -51.20 14.17 23.67
C SER W 296 -52.19 14.85 24.60
N GLN W 297 -52.69 14.11 25.61
CA GLN W 297 -53.61 14.71 26.56
C GLN W 297 -52.96 15.84 27.35
N GLU W 298 -51.70 15.64 27.75
CA GLU W 298 -51.00 16.68 28.49
C GLU W 298 -50.80 17.94 27.64
N ASN W 299 -50.46 17.77 26.37
CA ASN W 299 -50.33 18.93 25.48
C ASN W 299 -51.66 19.64 25.29
N GLU W 300 -52.75 18.86 25.17
CA GLU W 300 -54.07 19.46 25.05
C GLU W 300 -54.41 20.30 26.28
N ARG W 301 -54.17 19.75 27.46
CA ARG W 301 -54.50 20.52 28.66
C ARG W 301 -53.52 21.65 28.89
N TYR W 302 -52.29 21.52 28.38
CA TYR W 302 -51.37 22.67 28.37
C TYR W 302 -51.93 23.82 27.53
N ARG W 303 -52.43 23.50 26.33
CA ARG W 303 -53.01 24.54 25.49
C ARG W 303 -54.23 25.17 26.16
N LEU W 304 -55.10 24.34 26.74
CA LEU W 304 -56.27 24.86 27.43
C LEU W 304 -55.88 25.74 28.61
N GLU W 305 -54.90 25.31 29.40
CA GLU W 305 -54.44 26.08 30.56
C GLU W 305 -53.80 27.39 30.13
N ARG W 306 -53.02 27.38 29.06
CA ARG W 306 -52.42 28.61 28.56
C ARG W 306 -53.50 29.59 28.11
N ARG W 307 -54.51 29.10 27.40
CA ARG W 307 -55.61 29.96 26.99
C ARG W 307 -56.34 30.53 28.21
N ARG W 308 -56.61 29.69 29.20
CA ARG W 308 -57.31 30.15 30.40
C ARG W 308 -56.50 31.21 31.14
N LYS W 309 -55.19 30.98 31.28
CA LYS W 309 -54.34 31.94 31.98
C LYS W 309 -54.25 33.26 31.22
N GLN W 310 -54.17 33.20 29.89
CA GLN W 310 -54.18 34.44 29.11
C GLN W 310 -55.53 35.14 29.20
N ALA W 311 -56.61 34.38 29.39
CA ALA W 311 -57.93 34.98 29.58
C ALA W 311 -58.22 35.32 31.03
N GLU W 312 -57.38 34.89 31.97
CA GLU W 312 -57.57 35.19 33.38
C GLU W 312 -56.84 36.46 33.78
N ARG X 10 80.33 -45.27 -47.05
CA ARG X 10 79.64 -44.64 -45.94
C ARG X 10 80.13 -45.22 -44.61
N GLN X 11 81.16 -44.60 -44.04
CA GLN X 11 81.77 -45.07 -42.80
C GLN X 11 80.97 -44.49 -41.63
N ASP X 12 80.03 -45.28 -41.12
CA ASP X 12 79.20 -44.87 -40.00
C ASP X 12 78.97 -46.07 -39.08
N TYR X 13 78.00 -45.92 -38.18
CA TYR X 13 77.73 -46.93 -37.16
C TYR X 13 77.39 -48.27 -37.80
N ILE X 14 77.98 -49.33 -37.26
CA ILE X 14 77.74 -50.68 -37.78
C ILE X 14 76.59 -51.31 -37.01
N ALA X 15 75.55 -51.74 -37.74
CA ALA X 15 74.42 -52.41 -37.14
C ALA X 15 73.72 -53.25 -38.20
N LYS X 16 73.27 -54.44 -37.80
CA LYS X 16 72.60 -55.37 -38.69
C LYS X 16 71.14 -55.52 -38.26
N VAL X 17 70.25 -55.50 -39.24
CA VAL X 17 68.81 -55.59 -39.00
C VAL X 17 68.32 -56.92 -39.57
N ARG X 18 67.73 -57.75 -38.72
CA ARG X 18 67.17 -59.03 -39.13
C ARG X 18 65.88 -59.25 -38.34
N TYR X 19 64.74 -59.17 -39.03
CA TYR X 19 63.46 -59.41 -38.38
C TYR X 19 63.35 -60.86 -37.92
N GLN X 20 62.79 -61.06 -36.73
CA GLN X 20 62.63 -62.38 -36.14
C GLN X 20 61.17 -62.78 -36.23
N ASN X 21 60.88 -63.75 -37.10
CA ASN X 21 59.56 -64.33 -37.25
C ASN X 21 59.64 -65.85 -37.27
N ASP X 22 60.58 -66.40 -36.50
CA ASP X 22 60.83 -67.83 -36.52
C ASP X 22 59.73 -68.58 -35.80
N LEU X 23 59.21 -69.63 -36.43
CA LEU X 23 58.16 -70.42 -35.83
C LEU X 23 58.70 -71.25 -34.68
N PRO X 24 58.00 -71.34 -33.55
CA PRO X 24 58.47 -72.17 -32.45
C PRO X 24 58.30 -73.65 -32.75
N ALA X 25 59.02 -74.47 -32.00
CA ALA X 25 58.91 -75.91 -32.13
C ALA X 25 57.53 -76.37 -31.67
N PRO X 26 57.03 -77.49 -32.21
CA PRO X 26 55.73 -78.01 -31.78
C PRO X 26 55.70 -78.27 -30.29
N PRO X 27 54.58 -77.92 -29.63
CA PRO X 27 54.55 -78.03 -28.16
C PRO X 27 54.31 -79.45 -27.66
N CYS X 28 53.52 -80.23 -28.39
CA CYS X 28 53.11 -81.56 -27.98
C CYS X 28 52.55 -81.55 -26.56
N PRO X 29 51.46 -80.83 -26.31
CA PRO X 29 50.94 -80.71 -24.94
C PRO X 29 50.29 -82.00 -24.49
N PRO X 30 50.07 -82.16 -23.17
CA PRO X 30 49.37 -83.36 -22.70
C PRO X 30 47.97 -83.46 -23.30
N LYS X 31 47.57 -84.68 -23.63
CA LYS X 31 46.30 -84.92 -24.29
C LYS X 31 45.18 -85.15 -23.29
N LEU X 32 44.05 -84.50 -23.53
CA LEU X 32 42.86 -84.74 -22.73
C LEU X 32 42.34 -86.16 -22.96
N LEU X 33 41.70 -86.71 -21.95
CA LEU X 33 41.09 -88.03 -22.04
C LEU X 33 39.58 -87.90 -22.15
N LYS X 34 39.01 -88.51 -23.18
CA LYS X 34 37.57 -88.43 -23.40
C LYS X 34 36.82 -89.10 -22.27
N TYR X 35 35.70 -88.50 -21.87
CA TYR X 35 34.86 -89.07 -20.83
C TYR X 35 34.21 -90.36 -21.34
N GLU X 36 33.71 -91.14 -20.38
CA GLU X 36 32.94 -92.32 -20.76
C GLU X 36 31.68 -91.93 -21.53
N ILE X 37 31.07 -90.79 -21.19
CA ILE X 37 29.90 -90.31 -21.91
C ILE X 37 30.25 -89.64 -23.22
N GLU X 38 31.52 -89.61 -23.60
CA GLU X 38 31.92 -89.13 -24.92
C GLU X 38 31.90 -90.23 -25.98
N LYS X 39 31.59 -91.46 -25.60
CA LYS X 39 31.52 -92.58 -26.52
C LYS X 39 30.06 -92.92 -26.81
N GLU X 40 29.79 -93.34 -28.05
CA GLU X 40 28.41 -93.49 -28.50
C GLU X 40 27.68 -94.57 -27.71
N ALA X 41 28.32 -95.71 -27.46
CA ALA X 41 27.65 -96.80 -26.76
C ALA X 41 27.29 -96.44 -25.32
N PRO X 42 28.18 -95.87 -24.50
CA PRO X 42 27.75 -95.40 -23.17
C PRO X 42 26.67 -94.34 -23.23
N GLN X 43 26.70 -93.46 -24.23
CA GLN X 43 25.62 -92.48 -24.39
C GLN X 43 24.29 -93.18 -24.61
N LYS X 44 24.29 -94.20 -25.49
CA LYS X 44 23.07 -94.95 -25.74
C LYS X 44 22.58 -95.65 -24.48
N GLU X 45 23.49 -96.26 -23.73
CA GLU X 45 23.11 -96.95 -22.50
C GLU X 45 22.53 -95.97 -21.47
N PHE X 46 23.15 -94.79 -21.34
CA PHE X 46 22.68 -93.83 -20.34
C PHE X 46 21.35 -93.23 -20.72
N LEU X 47 21.17 -92.86 -21.99
CA LEU X 47 19.92 -92.22 -22.40
C LEU X 47 18.76 -93.21 -22.36
N LYS X 48 18.99 -94.47 -22.72
CA LYS X 48 17.94 -95.48 -22.74
C LYS X 48 17.61 -96.03 -21.36
N ASP X 49 18.05 -95.37 -20.30
CA ASP X 49 17.77 -95.84 -18.94
C ASP X 49 16.28 -95.74 -18.64
N SER X 50 15.78 -96.73 -17.91
CA SER X 50 14.39 -96.73 -17.45
C SER X 50 14.21 -96.00 -16.13
N ARG X 51 15.25 -95.93 -15.31
CA ARG X 51 15.15 -95.20 -14.04
C ARG X 51 14.95 -93.71 -14.28
N LEU X 52 15.37 -93.21 -15.44
CA LEU X 52 15.11 -91.81 -15.78
C LEU X 52 13.61 -91.55 -15.90
N LEU X 53 12.89 -92.46 -16.56
CA LEU X 53 11.44 -92.32 -16.64
C LEU X 53 10.79 -92.55 -15.28
N SER X 54 11.38 -93.38 -14.42
CA SER X 54 10.85 -93.52 -13.07
C SER X 54 10.98 -92.22 -12.27
N ALA X 55 12.13 -91.56 -12.39
CA ALA X 55 12.32 -90.27 -11.74
C ALA X 55 11.36 -89.23 -12.32
N LEU X 56 11.14 -89.27 -13.64
CA LEU X 56 10.19 -88.36 -14.25
C LEU X 56 8.78 -88.60 -13.74
N PHE X 57 8.40 -89.87 -13.58
CA PHE X 57 7.10 -90.19 -12.99
C PHE X 57 7.01 -89.68 -11.56
N SER X 58 8.07 -89.87 -10.77
CA SER X 58 8.05 -89.38 -9.38
C SER X 58 7.89 -87.87 -9.34
N LYS X 59 8.57 -87.16 -10.25
CA LYS X 59 8.38 -85.71 -10.34
C LYS X 59 6.93 -85.37 -10.71
N ASP X 60 6.39 -86.06 -11.72
CA ASP X 60 5.02 -85.79 -12.14
C ASP X 60 4.00 -86.41 -11.19
N ASN X 61 4.31 -87.58 -10.64
CA ASN X 61 3.39 -88.32 -9.76
C ASN X 61 2.05 -88.55 -10.46
N PHE X 62 1.01 -87.88 -9.97
CA PHE X 62 -0.34 -88.02 -10.51
C PHE X 62 -0.95 -86.64 -10.74
N ARG X 63 -0.18 -85.77 -11.40
CA ARG X 63 -0.65 -84.42 -11.68
C ARG X 63 -1.88 -84.42 -12.59
N TYR X 64 -1.74 -84.97 -13.79
CA TYR X 64 -2.80 -84.93 -14.79
C TYR X 64 -3.85 -86.02 -14.60
N LEU X 65 -3.77 -86.79 -13.52
CA LEU X 65 -4.80 -87.77 -13.20
C LEU X 65 -5.89 -87.22 -12.29
N MET X 66 -5.76 -85.98 -11.84
CA MET X 66 -6.80 -85.36 -11.02
C MET X 66 -7.95 -84.79 -11.83
N ASN X 67 -7.85 -84.81 -13.17
CA ASN X 67 -8.92 -84.26 -14.00
C ASN X 67 -10.21 -85.06 -13.83
N GLU X 68 -10.11 -86.39 -13.75
CA GLU X 68 -11.31 -87.20 -13.56
C GLU X 68 -11.88 -87.02 -12.16
N THR X 69 -11.03 -86.72 -11.17
CA THR X 69 -11.46 -86.58 -9.78
C THR X 69 -12.36 -85.37 -9.54
N SER X 70 -12.75 -84.65 -10.60
CA SER X 70 -13.65 -83.52 -10.51
C SER X 70 -15.11 -83.95 -10.34
N ASP X 71 -15.35 -85.20 -9.97
CA ASP X 71 -16.73 -85.67 -9.76
C ASP X 71 -17.43 -84.85 -8.68
N GLY X 72 -16.69 -84.24 -7.76
CA GLY X 72 -17.28 -83.41 -6.75
C GLY X 72 -17.77 -82.06 -7.24
N LEU X 73 -17.37 -81.67 -8.46
CA LEU X 73 -17.83 -80.39 -9.01
C LEU X 73 -19.29 -80.45 -9.44
N ASP X 74 -19.79 -81.62 -9.81
CA ASP X 74 -21.16 -81.73 -10.28
C ASP X 74 -22.13 -81.35 -9.18
N VAL X 75 -23.16 -80.57 -9.54
CA VAL X 75 -24.13 -80.04 -8.59
C VAL X 75 -25.50 -80.57 -8.97
N ASN X 76 -26.21 -81.15 -8.00
CA ASN X 76 -27.56 -81.64 -8.21
C ASN X 76 -28.44 -81.18 -7.05
N TYR X 77 -29.67 -80.79 -7.38
CA TYR X 77 -30.57 -80.22 -6.38
C TYR X 77 -30.98 -81.25 -5.34
N LEU X 78 -31.24 -82.50 -5.77
CA LEU X 78 -31.77 -83.53 -4.88
C LEU X 78 -30.77 -83.99 -3.83
N ARG X 79 -29.49 -83.62 -3.95
CA ARG X 79 -28.48 -84.10 -3.01
C ARG X 79 -28.76 -83.61 -1.59
N ILE X 80 -29.14 -82.34 -1.45
CA ILE X 80 -29.38 -81.78 -0.11
C ILE X 80 -30.64 -82.41 0.48
N PRO X 81 -30.59 -82.92 1.72
CA PRO X 81 -31.78 -83.58 2.28
C PRO X 81 -32.95 -82.64 2.49
N GLY X 82 -32.71 -81.48 3.11
CA GLY X 82 -33.78 -80.59 3.52
C GLY X 82 -34.11 -79.44 2.59
N ILE X 83 -33.48 -79.36 1.41
CA ILE X 83 -33.76 -78.25 0.51
C ILE X 83 -35.05 -78.44 -0.26
N ILE X 84 -35.62 -79.65 -0.24
CA ILE X 84 -36.75 -79.97 -1.11
C ILE X 84 -38.02 -80.31 -0.33
N GLU X 85 -37.92 -80.62 0.97
CA GLU X 85 -39.07 -81.14 1.70
C GLU X 85 -40.28 -80.21 1.61
N ASN X 86 -40.05 -78.91 1.47
CA ASN X 86 -41.09 -77.96 1.13
C ASN X 86 -40.67 -77.22 -0.13
N GLU X 87 -41.66 -76.73 -0.88
CA GLU X 87 -41.34 -75.99 -2.10
C GLU X 87 -40.44 -74.80 -1.81
N LYS X 88 -40.66 -74.13 -0.68
CA LYS X 88 -39.85 -72.99 -0.28
C LYS X 88 -38.76 -73.38 0.72
N SER X 89 -38.44 -74.67 0.85
CA SER X 89 -37.33 -75.08 1.70
C SER X 89 -36.01 -74.52 1.20
N LEU X 90 -35.89 -74.28 -0.11
CA LEU X 90 -34.69 -73.63 -0.63
C LEU X 90 -34.52 -72.24 -0.02
N GLY X 91 -35.58 -71.44 -0.01
CA GLY X 91 -35.51 -70.13 0.61
C GLY X 91 -35.32 -70.22 2.11
N LYS X 92 -35.96 -71.20 2.75
CA LYS X 92 -35.80 -71.36 4.20
C LYS X 92 -34.36 -71.69 4.57
N LEU X 93 -33.72 -72.60 3.83
CA LEU X 93 -32.33 -72.95 4.11
C LEU X 93 -31.38 -71.83 3.72
N PHE X 94 -31.67 -71.10 2.64
CA PHE X 94 -30.88 -69.92 2.33
C PHE X 94 -31.02 -68.86 3.41
N SER X 95 -32.20 -68.78 4.03
CA SER X 95 -32.43 -67.89 5.17
C SER X 95 -32.22 -68.58 6.51
N SER X 96 -31.92 -69.88 6.52
CA SER X 96 -31.57 -70.55 7.77
C SER X 96 -30.14 -70.24 8.19
N TYR X 97 -29.26 -69.94 7.24
CA TYR X 97 -27.86 -69.63 7.54
C TYR X 97 -27.63 -68.15 7.76
N LYS X 98 -28.66 -67.31 7.60
CA LYS X 98 -28.51 -65.89 7.96
C LYS X 98 -28.35 -65.73 9.47
N ASN X 99 -28.88 -66.66 10.25
CA ASN X 99 -28.62 -66.67 11.68
C ASN X 99 -27.16 -66.99 11.97
N LEU X 100 -26.52 -67.76 11.09
CA LEU X 100 -25.11 -68.10 11.22
C LEU X 100 -24.24 -67.05 10.52
N ALA X 101 -22.95 -67.12 10.80
CA ALA X 101 -21.99 -66.18 10.22
C ALA X 101 -20.61 -66.85 10.27
N ILE X 102 -19.56 -66.05 10.06
CA ILE X 102 -18.20 -66.58 10.13
C ILE X 102 -17.88 -67.04 11.54
N GLU X 103 -18.43 -66.37 12.56
CA GLU X 103 -18.16 -66.74 13.94
C GLU X 103 -18.66 -68.15 14.24
N ASN X 104 -19.85 -68.50 13.74
CA ASN X 104 -20.42 -69.82 13.97
C ASN X 104 -19.66 -70.92 13.25
N LEU X 105 -18.80 -70.59 12.30
CA LEU X 105 -17.97 -71.59 11.63
C LEU X 105 -16.98 -72.21 12.62
N HIS X 106 -16.65 -73.47 12.38
CA HIS X 106 -15.69 -74.15 13.24
C HIS X 106 -14.32 -73.48 13.12
N PRO X 107 -13.57 -73.38 14.22
CA PRO X 107 -12.24 -72.73 14.15
C PRO X 107 -11.33 -73.35 13.11
N ASP X 108 -11.34 -74.68 12.99
CA ASP X 108 -10.51 -75.32 11.96
C ASP X 108 -11.01 -74.96 10.56
N ASP X 109 -12.33 -74.91 10.38
CA ASP X 109 -12.87 -74.47 9.10
C ASP X 109 -12.59 -73.00 8.84
N ARG X 110 -12.56 -72.18 9.90
CA ARG X 110 -12.12 -70.80 9.76
C ARG X 110 -10.66 -70.74 9.30
N LEU X 111 -9.84 -71.67 9.80
CA LEU X 111 -8.45 -71.74 9.34
C LEU X 111 -8.36 -72.09 7.86
N LEU X 112 -9.38 -72.78 7.32
CA LEU X 112 -9.41 -73.05 5.89
C LEU X 112 -9.69 -71.81 5.05
N LEU X 113 -10.17 -70.73 5.67
CA LEU X 113 -10.42 -69.48 4.96
C LEU X 113 -9.12 -68.67 4.97
N VAL X 114 -8.28 -68.92 3.98
CA VAL X 114 -6.98 -68.28 3.85
C VAL X 114 -7.02 -67.34 2.65
N ASP X 115 -6.59 -66.10 2.87
CA ASP X 115 -6.61 -65.09 1.80
C ASP X 115 -5.62 -65.49 0.71
N PRO X 116 -6.06 -65.62 -0.54
CA PRO X 116 -5.18 -65.95 -1.67
C PRO X 116 -4.12 -64.88 -1.92
N SER X 126 -7.77 -58.97 10.17
CA SER X 126 -8.04 -58.41 11.49
C SER X 126 -8.28 -56.90 11.40
N PRO X 127 -9.26 -56.40 12.14
CA PRO X 127 -9.52 -54.96 12.14
C PRO X 127 -8.41 -54.19 12.82
N VAL X 128 -8.26 -52.94 12.40
CA VAL X 128 -7.32 -52.01 13.01
C VAL X 128 -8.11 -50.85 13.60
N PHE X 129 -7.63 -50.35 14.74
CA PHE X 129 -8.40 -49.39 15.51
C PHE X 129 -8.55 -48.03 14.84
N PHE X 130 -7.76 -47.74 13.81
CA PHE X 130 -7.74 -46.41 13.21
C PHE X 130 -8.43 -46.36 11.86
N LEU X 131 -9.21 -47.37 11.50
CA LEU X 131 -10.00 -47.36 10.27
C LEU X 131 -11.47 -47.46 10.66
N ARG X 132 -12.12 -46.30 10.79
CA ARG X 132 -13.53 -46.26 11.13
C ARG X 132 -14.39 -46.56 9.90
N ARG X 133 -15.62 -46.96 10.16
CA ARG X 133 -16.59 -47.10 9.08
C ARG X 133 -17.34 -45.79 8.89
N PRO X 134 -17.46 -45.28 7.68
CA PRO X 134 -17.99 -43.93 7.48
C PRO X 134 -19.43 -43.79 7.94
N GLN X 135 -19.77 -42.60 8.41
CA GLN X 135 -21.10 -42.25 8.86
C GLN X 135 -21.60 -41.03 8.11
N TYR X 136 -22.87 -40.69 8.33
CA TYR X 136 -23.47 -39.53 7.70
C TYR X 136 -24.14 -38.55 8.66
N VAL X 137 -24.57 -38.99 9.84
CA VAL X 137 -25.24 -38.10 10.78
C VAL X 137 -24.32 -37.64 11.90
N SER X 138 -23.23 -38.34 12.16
CA SER X 138 -22.28 -37.99 13.23
C SER X 138 -23.07 -38.00 14.54
N ASP X 139 -22.73 -37.13 15.49
CA ASP X 139 -23.42 -37.09 16.77
C ASP X 139 -23.17 -35.76 17.45
N GLY X 140 -23.94 -35.48 18.48
CA GLY X 140 -23.84 -34.23 19.21
C GLY X 140 -25.20 -33.63 19.54
N ASP X 159 -43.62 -37.99 55.81
CA ASP X 159 -44.06 -37.94 57.21
C ASP X 159 -44.42 -36.51 57.61
N THR X 160 -44.98 -35.76 56.65
CA THR X 160 -45.44 -34.40 56.93
C THR X 160 -46.75 -34.38 57.70
N ASN X 161 -47.39 -35.54 57.87
CA ASN X 161 -48.64 -35.62 58.60
C ASN X 161 -48.40 -35.23 60.06
N PRO X 162 -49.22 -34.34 60.63
CA PRO X 162 -49.06 -34.00 62.06
C PRO X 162 -49.12 -35.21 62.98
N ARG X 163 -49.96 -36.20 62.63
CA ARG X 163 -49.99 -37.42 63.42
C ARG X 163 -48.64 -38.13 63.38
N SER X 164 -48.00 -38.17 62.21
CA SER X 164 -46.68 -38.78 62.09
C SER X 164 -45.64 -38.03 62.93
N GLN X 165 -45.68 -36.70 62.91
CA GLN X 165 -44.75 -35.93 63.71
C GLN X 165 -44.96 -36.17 65.19
N LEU X 166 -46.21 -36.19 65.64
CA LEU X 166 -46.48 -36.48 67.05
C LEU X 166 -45.99 -37.88 67.42
N HIS X 167 -46.25 -38.86 66.56
CA HIS X 167 -45.81 -40.23 66.83
C HIS X 167 -44.29 -40.31 66.92
N SER X 168 -43.59 -39.57 66.05
CA SER X 168 -42.14 -39.50 66.15
C SER X 168 -41.72 -38.88 67.48
N VAL X 169 -42.46 -37.87 67.94
CA VAL X 169 -42.12 -37.23 69.22
C VAL X 169 -42.24 -38.22 70.37
N GLU X 170 -43.37 -38.95 70.44
CA GLU X 170 -43.49 -39.91 71.53
C GLU X 170 -42.51 -41.08 71.38
N ARG X 171 -42.19 -41.48 70.14
CA ARG X 171 -41.18 -42.52 69.96
C ARG X 171 -39.83 -42.06 70.48
N THR X 172 -39.43 -40.82 70.20
CA THR X 172 -38.19 -40.29 70.74
C THR X 172 -38.23 -40.22 72.26
N PHE X 173 -39.38 -39.82 72.82
CA PHE X 173 -39.51 -39.76 74.27
C PHE X 173 -39.36 -41.14 74.90
N ASP X 174 -39.93 -42.17 74.26
CA ASP X 174 -39.96 -43.49 74.87
C ASP X 174 -38.61 -44.20 74.80
N GLU X 175 -37.76 -43.85 73.84
CA GLU X 175 -36.50 -44.56 73.63
C GLU X 175 -35.34 -43.99 74.44
N VAL X 176 -35.62 -43.30 75.53
CA VAL X 176 -34.57 -42.74 76.38
C VAL X 176 -33.94 -43.86 77.18
N ILE X 177 -32.60 -43.91 77.18
CA ILE X 177 -31.87 -44.98 77.84
C ILE X 177 -31.69 -44.63 79.32
N ASP X 178 -32.01 -45.59 80.18
CA ASP X 178 -31.86 -45.41 81.61
C ASP X 178 -30.37 -45.32 81.96
N PRO X 179 -29.91 -44.24 82.59
CA PRO X 179 -28.47 -44.15 82.93
C PRO X 179 -27.99 -45.25 83.85
N ARG X 180 -28.86 -45.76 84.73
CA ARG X 180 -28.45 -46.85 85.61
C ARG X 180 -28.34 -48.18 84.87
N ASN X 181 -28.99 -48.32 83.72
CA ASN X 181 -28.92 -49.58 82.98
C ASN X 181 -27.57 -49.72 82.30
N LYS X 182 -26.64 -50.41 82.95
CA LYS X 182 -25.31 -50.58 82.39
C LYS X 182 -25.34 -51.41 81.11
N ASN X 183 -26.18 -52.46 81.07
CA ASN X 183 -26.22 -53.33 79.91
C ASN X 183 -26.73 -52.58 78.68
N ARG X 184 -27.83 -51.83 78.83
CA ARG X 184 -28.37 -51.08 77.72
C ARG X 184 -27.42 -49.95 77.31
N LEU X 185 -26.71 -49.36 78.26
CA LEU X 185 -25.72 -48.35 77.93
C LEU X 185 -24.59 -48.93 77.11
N GLN X 186 -24.11 -50.13 77.48
CA GLN X 186 -23.07 -50.79 76.69
C GLN X 186 -23.60 -51.25 75.34
N SER X 187 -24.92 -51.48 75.23
CA SER X 187 -25.50 -51.84 73.94
C SER X 187 -25.34 -50.71 72.93
N LEU X 188 -25.53 -49.47 73.36
CA LEU X 188 -25.34 -48.32 72.48
C LEU X 188 -23.89 -48.21 72.04
N ILE X 189 -23.69 -47.98 70.74
CA ILE X 189 -22.37 -47.91 70.13
C ILE X 189 -22.33 -46.68 69.23
N HIS X 190 -21.19 -45.99 69.23
CA HIS X 190 -21.01 -44.82 68.38
C HIS X 190 -21.15 -45.22 66.91
N PRO X 191 -21.94 -44.50 66.12
CA PRO X 191 -22.11 -44.89 64.70
C PRO X 191 -20.82 -44.92 63.91
N ARG X 192 -19.90 -43.98 64.17
CA ARG X 192 -18.64 -43.91 63.44
C ARG X 192 -17.46 -44.47 64.23
N LYS X 193 -17.32 -44.06 65.49
CA LYS X 193 -16.20 -44.53 66.31
C LYS X 193 -16.31 -46.02 66.63
N LYS X 194 -17.52 -46.58 66.61
CA LYS X 194 -17.75 -47.98 66.97
C LYS X 194 -17.24 -48.27 68.39
N ILE X 195 -17.52 -47.34 69.30
CA ILE X 195 -17.01 -47.38 70.67
C ILE X 195 -18.19 -47.41 71.63
N LYS X 196 -18.08 -48.26 72.65
CA LYS X 196 -19.14 -48.42 73.63
C LYS X 196 -19.30 -47.17 74.49
N ALA X 197 -20.48 -47.02 75.06
CA ALA X 197 -20.78 -45.91 75.96
C ALA X 197 -20.31 -46.24 77.37
N VAL X 198 -19.83 -45.21 78.08
CA VAL X 198 -19.33 -45.39 79.43
C VAL X 198 -20.32 -44.85 80.44
N LYS X 199 -20.61 -43.54 80.35
CA LYS X 199 -21.47 -42.87 81.30
C LYS X 199 -22.52 -42.04 80.55
N ALA X 200 -23.64 -41.79 81.23
CA ALA X 200 -24.75 -41.05 80.64
C ALA X 200 -25.27 -40.03 81.65
N TRP X 201 -25.91 -38.99 81.13
CA TRP X 201 -26.51 -37.94 81.95
C TRP X 201 -27.81 -37.48 81.31
N HIS X 202 -28.84 -37.30 82.14
CA HIS X 202 -30.07 -36.70 81.64
C HIS X 202 -29.86 -35.22 81.33
N PHE X 203 -30.57 -34.75 80.31
CA PHE X 203 -30.50 -33.36 79.87
C PHE X 203 -31.79 -32.66 80.26
N PHE X 204 -31.70 -31.76 81.24
CA PHE X 204 -32.87 -31.08 81.76
C PHE X 204 -32.62 -29.58 81.83
N PRO X 205 -33.67 -28.78 81.70
CA PRO X 205 -33.55 -27.34 81.96
C PRO X 205 -33.56 -27.05 83.45
N ASP X 206 -33.19 -25.82 83.79
CA ASP X 206 -33.08 -25.38 85.18
C ASP X 206 -34.27 -24.49 85.52
N THR X 207 -34.95 -24.79 86.63
CA THR X 207 -36.18 -24.10 86.97
C THR X 207 -35.91 -22.84 87.79
N SER X 208 -34.97 -22.92 88.74
CA SER X 208 -34.73 -21.81 89.66
C SER X 208 -33.95 -20.67 89.03
N THR X 209 -33.43 -20.84 87.81
CA THR X 209 -32.55 -19.84 87.22
C THR X 209 -33.12 -19.16 85.98
N PHE X 210 -34.29 -19.56 85.50
CA PHE X 210 -34.86 -18.93 84.32
C PHE X 210 -35.28 -17.49 84.58
N ASP X 211 -35.64 -17.16 85.82
CA ASP X 211 -36.02 -15.78 86.13
C ASP X 211 -34.84 -14.83 85.94
N GLN X 212 -33.64 -15.26 86.33
CA GLN X 212 -32.46 -14.43 86.20
C GLN X 212 -32.04 -14.31 84.74
N VAL X 213 -31.15 -13.36 84.48
CA VAL X 213 -30.62 -13.11 83.15
C VAL X 213 -29.12 -13.42 83.17
N PHE X 214 -28.69 -14.24 82.22
CA PHE X 214 -27.30 -14.69 82.16
C PHE X 214 -26.62 -14.11 80.94
N HIS X 215 -25.40 -13.62 81.13
CA HIS X 215 -24.58 -13.05 80.06
C HIS X 215 -23.19 -13.67 80.11
N SER X 216 -22.68 -14.04 78.93
CA SER X 216 -21.33 -14.57 78.81
C SER X 216 -20.35 -13.41 78.76
N LEU X 217 -19.50 -13.30 79.76
CA LEU X 217 -18.56 -12.19 79.89
C LEU X 217 -17.16 -12.68 79.58
N LYS X 218 -16.48 -11.98 78.68
CA LYS X 218 -15.15 -12.38 78.22
C LYS X 218 -14.23 -11.18 78.17
N PHE X 219 -12.94 -11.43 78.39
CA PHE X 219 -11.91 -10.41 78.30
C PHE X 219 -11.15 -10.57 76.99
N VAL X 220 -10.97 -9.45 76.28
CA VAL X 220 -10.44 -9.45 74.93
C VAL X 220 -9.01 -8.92 74.95
N GLY X 221 -8.09 -9.69 74.42
CA GLY X 221 -6.72 -9.21 74.24
C GLY X 221 -5.98 -9.09 75.55
N SER X 222 -5.30 -7.96 75.74
CA SER X 222 -4.47 -7.75 76.92
C SER X 222 -5.27 -7.68 78.21
N ALA X 223 -6.59 -7.51 78.12
CA ALA X 223 -7.43 -7.48 79.31
C ALA X 223 -7.51 -8.82 80.02
N SER X 224 -6.81 -9.84 79.53
CA SER X 224 -6.82 -11.15 80.18
C SER X 224 -6.28 -11.05 81.60
N LEU X 225 -7.02 -11.64 82.54
CA LEU X 225 -6.58 -11.62 83.94
C LEU X 225 -5.30 -12.44 84.14
N SER X 226 -5.15 -13.53 83.38
CA SER X 226 -3.91 -14.30 83.46
C SER X 226 -2.72 -13.49 82.95
N LYS X 227 -2.93 -12.69 81.89
CA LYS X 227 -1.84 -11.86 81.37
C LYS X 227 -1.42 -10.81 82.39
N ASP X 228 -2.39 -10.22 83.10
CA ASP X 228 -2.09 -9.22 84.12
C ASP X 228 -1.50 -9.89 85.34
N ARG X 229 -0.18 -10.05 85.37
CA ARG X 229 0.47 -10.76 86.48
C ARG X 229 0.29 -10.06 87.82
N PRO X 230 0.51 -8.75 87.98
CA PRO X 230 0.28 -8.14 89.30
C PRO X 230 -1.17 -8.26 89.76
N LEU X 231 -2.12 -8.15 88.84
CA LEU X 231 -3.53 -8.32 89.21
C LEU X 231 -3.80 -9.73 89.73
N ASN X 232 -3.26 -10.74 89.04
CA ASN X 232 -3.45 -12.12 89.48
C ASN X 232 -2.78 -12.37 90.82
N GLU X 233 -1.58 -11.81 91.01
CA GLU X 233 -0.90 -11.98 92.28
C GLU X 233 -1.67 -11.34 93.43
N GLN X 234 -2.21 -10.13 93.20
CA GLN X 234 -2.99 -9.46 94.22
C GLN X 234 -4.28 -10.23 94.54
N LEU X 235 -4.94 -10.74 93.51
CA LEU X 235 -6.22 -11.42 93.69
C LEU X 235 -6.07 -12.92 93.92
N GLY X 236 -4.84 -13.44 93.96
CA GLY X 236 -4.64 -14.85 94.18
C GLY X 236 -4.34 -15.61 92.90
N GLN X 237 -3.33 -16.48 92.94
CA GLN X 237 -2.92 -17.22 91.76
C GLN X 237 -3.97 -18.25 91.36
N VAL X 246 -9.25 -22.87 91.61
CA VAL X 246 -9.85 -21.61 91.19
C VAL X 246 -9.98 -20.66 92.37
N ASN X 247 -9.60 -19.41 92.16
CA ASN X 247 -9.66 -18.41 93.21
C ASN X 247 -11.11 -18.06 93.52
N ALA X 248 -11.46 -18.05 94.81
CA ALA X 248 -12.81 -17.66 95.20
C ALA X 248 -13.05 -16.17 94.98
N SER X 249 -12.00 -15.36 95.01
CA SER X 249 -12.16 -13.93 94.78
C SER X 249 -12.69 -13.66 93.37
N ILE X 250 -12.16 -14.37 92.37
CA ILE X 250 -12.67 -14.24 91.02
C ILE X 250 -14.10 -14.76 90.94
N LEU X 251 -14.38 -15.87 91.64
CA LEU X 251 -15.71 -16.48 91.61
C LEU X 251 -16.76 -15.67 92.35
N THR X 252 -16.37 -14.60 93.05
CA THR X 252 -17.31 -13.77 93.79
C THR X 252 -17.21 -12.30 93.39
N SER X 253 -16.63 -12.00 92.24
CA SER X 253 -16.43 -10.62 91.83
C SER X 253 -17.76 -9.97 91.43
N LEU X 254 -17.80 -8.64 91.53
CA LEU X 254 -18.97 -7.86 91.16
C LEU X 254 -18.62 -6.90 90.04
N PHE X 255 -19.59 -6.65 89.17
CA PHE X 255 -19.45 -5.75 88.04
C PHE X 255 -20.51 -4.67 88.10
N LYS X 256 -20.11 -3.43 87.85
CA LYS X 256 -21.01 -2.27 87.97
C LYS X 256 -20.95 -1.44 86.70
N PRO X 257 -21.89 -1.64 85.77
CA PRO X 257 -21.91 -0.82 84.54
C PRO X 257 -22.42 0.59 84.83
N ILE X 258 -21.60 1.58 84.52
CA ILE X 258 -21.94 2.99 84.69
C ILE X 258 -21.70 3.71 83.37
N GLU X 259 -22.67 4.54 82.97
CA GLU X 259 -22.61 5.27 81.71
C GLU X 259 -22.90 6.74 81.98
N ILE X 260 -21.87 7.58 81.85
CA ILE X 260 -22.07 9.02 81.98
C ILE X 260 -22.95 9.55 80.84
N ASN X 261 -22.65 9.14 79.62
CA ASN X 261 -23.36 9.60 78.44
C ASN X 261 -23.35 8.47 77.43
N PRO X 262 -24.11 8.60 76.33
CA PRO X 262 -24.04 7.56 75.28
C PRO X 262 -22.64 7.34 74.74
N HIS X 263 -21.82 8.38 74.66
CA HIS X 263 -20.47 8.23 74.10
C HIS X 263 -19.51 7.59 75.10
N ASN X 264 -19.63 7.90 76.38
CA ASN X 264 -18.68 7.46 77.40
C ASN X 264 -19.30 6.35 78.23
N LYS X 265 -18.63 5.20 78.28
CA LYS X 265 -19.13 4.04 78.99
C LYS X 265 -17.97 3.17 79.43
N TRP X 266 -18.14 2.47 80.55
CA TRP X 266 -17.11 1.60 81.10
C TRP X 266 -17.77 0.64 82.08
N ILE X 267 -16.97 -0.29 82.60
CA ILE X 267 -17.42 -1.27 83.58
C ILE X 267 -16.49 -1.21 84.78
N SER X 268 -17.07 -1.32 85.98
CA SER X 268 -16.32 -1.30 87.23
C SER X 268 -16.27 -2.70 87.82
N LEU X 269 -15.08 -3.13 88.22
CA LEU X 269 -14.86 -4.45 88.77
C LEU X 269 -14.54 -4.36 90.25
N TYR X 270 -15.17 -5.21 91.05
CA TYR X 270 -14.95 -5.28 92.48
C TYR X 270 -14.71 -6.72 92.89
N ALA X 271 -13.95 -6.90 93.97
CA ALA X 271 -13.61 -8.23 94.46
C ALA X 271 -13.28 -8.16 95.94
N VAL X 272 -13.21 -9.34 96.55
CA VAL X 272 -12.87 -9.46 97.97
C VAL X 272 -11.39 -9.79 98.06
N THR X 273 -10.61 -8.85 98.62
CA THR X 273 -9.17 -9.07 98.73
C THR X 273 -8.84 -10.19 99.70
N ASP X 274 -9.54 -10.26 100.83
CA ASP X 274 -9.28 -11.29 101.82
C ASP X 274 -9.73 -12.65 101.29
N LYS X 275 -8.90 -13.67 101.50
CA LYS X 275 -9.26 -15.01 101.04
C LYS X 275 -10.29 -15.65 101.97
N LEU X 276 -10.19 -15.39 103.28
CA LEU X 276 -11.12 -16.00 104.23
C LEU X 276 -12.53 -15.48 104.02
N SER X 277 -12.69 -14.16 103.87
CA SER X 277 -14.01 -13.59 103.65
C SER X 277 -14.61 -14.07 102.34
N ALA X 278 -13.80 -14.10 101.27
CA ALA X 278 -14.29 -14.58 99.99
C ALA X 278 -14.69 -16.05 100.06
N GLU X 279 -13.90 -16.87 100.75
CA GLU X 279 -14.22 -18.28 100.88
C GLU X 279 -15.52 -18.48 101.66
N SER X 280 -15.70 -17.73 102.75
CA SER X 280 -16.93 -17.84 103.53
C SER X 280 -18.13 -17.40 102.71
N PHE X 281 -17.99 -16.30 101.97
CA PHE X 281 -19.09 -15.84 101.13
C PHE X 281 -19.43 -16.85 100.04
N ARG X 282 -18.40 -17.43 99.41
CA ARG X 282 -18.65 -18.42 98.36
C ARG X 282 -19.33 -19.67 98.92
N LYS X 283 -18.89 -20.13 100.10
CA LYS X 283 -19.53 -21.29 100.71
C LYS X 283 -20.97 -20.99 101.06
N SER X 284 -21.24 -19.80 101.62
CA SER X 284 -22.61 -19.44 101.95
C SER X 284 -23.48 -19.35 100.70
N PHE X 285 -22.94 -18.78 99.62
CA PHE X 285 -23.72 -18.61 98.40
C PHE X 285 -24.00 -19.94 97.72
N ASN X 286 -23.01 -20.84 97.68
CA ASN X 286 -23.18 -22.12 97.02
C ASN X 286 -23.95 -23.13 97.87
N SER X 287 -24.25 -22.81 99.12
CA SER X 287 -24.99 -23.71 100.00
C SER X 287 -26.37 -23.17 100.34
N ILE X 288 -26.93 -22.31 99.49
CA ILE X 288 -28.26 -21.76 99.75
C ILE X 288 -29.30 -22.79 99.34
N LYS X 289 -29.70 -23.63 100.28
CA LYS X 289 -30.81 -24.55 100.08
C LYS X 289 -31.85 -24.46 101.20
N ASP X 290 -31.62 -23.62 102.20
CA ASP X 290 -32.53 -23.41 103.31
C ASP X 290 -32.99 -21.95 103.30
N ASP X 291 -33.72 -21.57 104.34
CA ASP X 291 -34.30 -20.24 104.46
C ASP X 291 -33.66 -19.42 105.56
N ASN X 292 -32.39 -19.66 105.84
CA ASN X 292 -31.65 -18.92 106.87
C ASN X 292 -30.33 -18.46 106.27
N ILE X 293 -30.17 -17.15 106.13
CA ILE X 293 -28.97 -16.55 105.55
C ILE X 293 -28.39 -15.57 106.56
N VAL X 294 -27.10 -15.73 106.84
CA VAL X 294 -26.41 -14.86 107.80
C VAL X 294 -26.10 -13.52 107.14
N ASN X 295 -26.16 -12.45 107.93
CA ASN X 295 -25.87 -11.12 107.42
C ASN X 295 -24.38 -10.95 107.19
N ARG X 296 -23.90 -11.32 106.00
CA ARG X 296 -22.47 -11.24 105.69
C ARG X 296 -22.20 -9.89 105.05
N HIS X 297 -21.86 -8.89 105.88
CA HIS X 297 -21.53 -7.55 105.40
C HIS X 297 -20.12 -7.59 104.82
N VAL X 298 -20.04 -8.01 103.56
CA VAL X 298 -18.77 -8.16 102.86
C VAL X 298 -18.48 -6.88 102.08
N ILE X 299 -17.26 -6.37 102.22
CA ILE X 299 -16.85 -5.13 101.58
C ILE X 299 -16.04 -5.48 100.34
N TYR X 300 -16.42 -4.91 99.20
CA TYR X 300 -15.77 -5.16 97.92
C TYR X 300 -14.89 -3.98 97.55
N ASP X 301 -13.67 -4.27 97.10
CA ASP X 301 -12.69 -3.27 96.74
C ASP X 301 -12.56 -3.17 95.22
N HIS X 302 -12.52 -1.94 94.71
CA HIS X 302 -12.34 -1.72 93.28
C HIS X 302 -10.97 -2.21 92.84
N ILE X 303 -10.92 -2.78 91.63
CA ILE X 303 -9.68 -3.35 91.12
C ILE X 303 -9.29 -2.66 89.82
N LYS X 304 -10.17 -2.74 88.81
CA LYS X 304 -9.85 -2.18 87.50
C LYS X 304 -11.13 -1.86 86.75
N ASP X 305 -10.99 -1.03 85.73
CA ASP X 305 -12.08 -0.65 84.84
C ASP X 305 -11.73 -1.02 83.41
N PHE X 306 -12.75 -1.43 82.64
CA PHE X 306 -12.54 -1.84 81.26
C PHE X 306 -13.61 -1.23 80.37
N ASP X 307 -13.26 -1.04 79.10
CA ASP X 307 -14.23 -0.64 78.09
C ASP X 307 -15.07 -1.83 77.68
N GLN X 308 -16.34 -1.60 77.39
CA GLN X 308 -17.29 -2.67 77.14
C GLN X 308 -17.99 -2.50 75.81
N MET X 309 -18.29 -3.63 75.18
CA MET X 309 -19.18 -3.71 74.04
C MET X 309 -20.07 -4.93 74.20
N PHE X 310 -21.27 -4.86 73.64
CA PHE X 310 -22.27 -5.90 73.83
C PHE X 310 -22.84 -6.34 72.50
N ARG X 311 -23.04 -7.64 72.34
CA ARG X 311 -23.72 -8.22 71.19
C ARG X 311 -24.87 -9.07 71.69
N GLY X 312 -26.06 -8.84 71.16
CA GLY X 312 -27.26 -9.51 71.61
C GLY X 312 -27.62 -10.67 70.70
N HIS X 313 -28.28 -11.68 71.29
CA HIS X 313 -28.72 -12.85 70.55
C HIS X 313 -30.13 -12.63 70.04
N LYS X 314 -30.32 -12.81 68.73
CA LYS X 314 -31.64 -12.64 68.14
C LYS X 314 -32.63 -13.66 68.70
N LYS X 315 -32.20 -14.91 68.81
CA LYS X 315 -33.01 -15.98 69.38
C LYS X 315 -32.75 -16.09 70.88
N LEU X 316 -33.75 -16.61 71.60
CA LEU X 316 -33.65 -16.73 73.05
C LEU X 316 -32.52 -17.68 73.43
N PHE X 317 -32.62 -18.94 73.04
CA PHE X 317 -31.63 -19.95 73.39
C PHE X 317 -30.58 -20.12 72.30
N GLU X 318 -29.97 -19.01 71.87
CA GLU X 318 -28.85 -19.13 70.93
C GLU X 318 -27.66 -19.81 71.57
N ASP X 319 -27.36 -19.48 72.83
CA ASP X 319 -26.29 -20.10 73.59
C ASP X 319 -26.86 -20.65 74.88
N PHE X 320 -26.27 -21.75 75.35
CA PHE X 320 -26.68 -22.34 76.61
C PHE X 320 -25.48 -22.98 77.28
N ALA X 321 -25.34 -22.73 78.59
CA ALA X 321 -24.26 -23.31 79.37
C ALA X 321 -24.77 -24.55 80.09
N ILE X 322 -23.93 -25.58 80.12
CA ILE X 322 -24.31 -26.89 80.66
C ILE X 322 -23.59 -27.10 81.98
N SER X 323 -24.37 -27.42 83.02
CA SER X 323 -23.83 -27.79 84.32
C SER X 323 -24.24 -29.22 84.62
N PHE X 324 -23.38 -29.92 85.34
CA PHE X 324 -23.57 -31.35 85.58
C PHE X 324 -23.90 -31.62 87.05
N ASP X 325 -24.47 -32.80 87.29
CA ASP X 325 -24.80 -33.25 88.65
C ASP X 325 -24.69 -34.76 88.64
N ASP X 326 -23.57 -35.28 89.14
CA ASP X 326 -23.29 -36.71 89.02
C ASP X 326 -24.20 -37.54 89.91
N ILE X 327 -24.56 -37.03 91.09
CA ILE X 327 -25.36 -37.81 92.03
C ILE X 327 -26.75 -38.08 91.45
N SER X 328 -27.32 -37.11 90.75
CA SER X 328 -28.62 -37.28 90.12
C SER X 328 -28.53 -37.74 88.67
N ASP X 329 -27.33 -37.84 88.11
CA ASP X 329 -27.13 -38.23 86.71
C ASP X 329 -27.91 -37.32 85.77
N ARG X 330 -27.86 -36.02 86.02
CA ARG X 330 -28.56 -35.03 85.22
C ARG X 330 -27.56 -34.01 84.69
N ALA X 331 -28.05 -33.17 83.77
CA ALA X 331 -27.28 -32.06 83.23
C ALA X 331 -28.21 -30.89 83.01
N PHE X 332 -28.00 -29.81 83.76
CA PHE X 332 -28.87 -28.64 83.71
C PHE X 332 -28.25 -27.58 82.82
N PHE X 333 -29.05 -27.06 81.90
CA PHE X 333 -28.62 -26.02 80.97
C PHE X 333 -29.41 -24.74 81.22
N VAL X 334 -28.75 -23.60 81.03
CA VAL X 334 -29.36 -22.29 81.26
C VAL X 334 -29.19 -21.44 80.01
N PRO X 335 -30.15 -20.59 79.68
CA PRO X 335 -30.01 -19.75 78.49
C PRO X 335 -28.97 -18.65 78.68
N ILE X 336 -28.43 -18.20 77.57
CA ILE X 336 -27.48 -17.08 77.53
C ILE X 336 -28.09 -15.98 76.68
N VAL X 337 -28.23 -14.79 77.27
CA VAL X 337 -28.92 -13.70 76.58
C VAL X 337 -27.98 -12.99 75.62
N GLY X 338 -26.79 -12.61 76.10
CA GLY X 338 -25.85 -11.88 75.26
C GLY X 338 -24.42 -12.11 75.71
N ARG X 339 -23.49 -11.55 74.94
CA ARG X 339 -22.07 -11.65 75.20
C ARG X 339 -21.50 -10.27 75.44
N LEU X 340 -20.77 -10.12 76.54
CA LEU X 340 -20.13 -8.85 76.92
C LEU X 340 -18.62 -9.00 76.84
N GLU X 341 -17.97 -8.10 76.10
CA GLU X 341 -16.53 -8.14 75.91
C GLU X 341 -15.90 -6.93 76.60
N LEU X 342 -14.78 -7.16 77.28
CA LEU X 342 -14.08 -6.12 78.02
C LEU X 342 -12.65 -6.00 77.51
N LYS X 343 -12.21 -4.75 77.34
CA LYS X 343 -10.85 -4.46 76.90
C LYS X 343 -10.23 -3.44 77.85
N LYS X 344 -8.91 -3.49 77.97
CA LYS X 344 -8.19 -2.57 78.84
C LYS X 344 -8.36 -1.13 78.35
N LYS X 345 -8.71 -0.24 79.28
CA LYS X 345 -8.97 1.15 78.98
C LYS X 345 -7.99 2.04 79.74
N ARG X 346 -7.27 2.90 79.03
CA ARG X 346 -6.35 3.84 79.64
C ARG X 346 -7.10 5.15 79.89
N ILE X 347 -7.24 5.51 81.16
CA ILE X 347 -7.99 6.71 81.52
C ILE X 347 -7.23 7.95 81.08
N VAL X 348 -7.92 8.86 80.42
CA VAL X 348 -7.31 10.12 79.97
C VAL X 348 -6.95 10.95 81.19
N PRO X 349 -5.74 11.53 81.25
CA PRO X 349 -5.36 12.33 82.42
C PRO X 349 -6.25 13.52 82.67
N GLY X 350 -6.91 14.05 81.63
CA GLY X 350 -7.77 15.20 81.79
C GLY X 350 -9.16 14.92 82.34
N LEU X 351 -9.50 13.66 82.58
CA LEU X 351 -10.82 13.30 83.08
C LEU X 351 -10.79 12.59 84.43
N VAL X 352 -9.62 12.47 85.05
CA VAL X 352 -9.51 11.80 86.35
C VAL X 352 -10.33 12.54 87.42
N ASP X 353 -10.50 13.85 87.25
CA ASP X 353 -11.29 14.62 88.21
C ASP X 353 -12.73 14.13 88.24
N MET X 354 -13.33 13.87 87.07
CA MET X 354 -14.66 13.29 87.04
C MET X 354 -14.64 11.80 87.33
N VAL X 355 -13.53 11.13 87.02
CA VAL X 355 -13.41 9.70 87.29
C VAL X 355 -13.53 9.44 88.80
N ASN X 356 -12.84 10.24 89.59
CA ASN X 356 -12.90 10.09 91.04
C ASN X 356 -14.31 10.29 91.58
N ARG X 357 -15.18 10.96 90.85
CA ARG X 357 -16.56 11.19 91.25
C ARG X 357 -17.53 10.15 90.70
N THR X 358 -17.04 9.18 89.92
CA THR X 358 -17.92 8.19 89.31
C THR X 358 -18.02 6.92 90.15
N ASN X 359 -16.90 6.24 90.36
CA ASN X 359 -16.90 4.97 91.07
C ASN X 359 -16.58 5.20 92.54
N TYR X 360 -16.37 4.11 93.29
CA TYR X 360 -16.14 4.18 94.71
C TYR X 360 -14.98 3.25 95.09
N ALA X 361 -14.34 3.56 96.21
CA ALA X 361 -13.24 2.72 96.68
C ALA X 361 -13.74 1.42 97.28
N HIS X 362 -14.92 1.41 97.88
CA HIS X 362 -15.47 0.23 98.52
C HIS X 362 -16.95 0.11 98.23
N ILE X 363 -17.45 -1.12 98.26
CA ILE X 363 -18.88 -1.42 98.17
C ILE X 363 -19.20 -2.51 99.19
N ARG X 364 -20.24 -2.28 99.99
CA ARG X 364 -20.63 -3.21 101.04
C ARG X 364 -21.85 -4.01 100.58
N MET X 365 -21.73 -5.33 100.63
CA MET X 365 -22.83 -6.23 100.29
C MET X 365 -23.39 -6.84 101.56
N ASP X 366 -24.70 -6.71 101.75
CA ASP X 366 -25.41 -7.29 102.88
C ASP X 366 -26.33 -8.39 102.38
N LEU X 367 -26.26 -9.55 103.01
CA LEU X 367 -27.07 -10.69 102.61
C LEU X 367 -28.37 -10.70 103.42
N ARG X 368 -29.50 -10.62 102.72
CA ARG X 368 -30.81 -10.67 103.33
C ARG X 368 -31.70 -11.62 102.55
N ASN X 369 -32.67 -12.19 103.25
CA ASN X 369 -33.62 -13.07 102.59
C ASN X 369 -34.47 -12.26 101.61
N PRO X 370 -34.76 -12.80 100.42
CA PRO X 370 -35.56 -12.05 99.45
C PRO X 370 -36.95 -11.75 99.99
N SER X 371 -37.48 -10.60 99.62
CA SER X 371 -38.81 -10.19 100.07
C SER X 371 -39.88 -11.08 99.46
N THR X 372 -41.02 -11.16 100.14
CA THR X 372 -42.11 -12.01 99.67
C THR X 372 -42.63 -11.54 98.31
N GLN X 373 -42.77 -10.23 98.13
CA GLN X 373 -43.28 -9.70 96.86
C GLN X 373 -42.31 -9.97 95.71
N GLU X 374 -41.01 -9.76 95.93
CA GLU X 374 -40.04 -10.05 94.87
C GLU X 374 -39.99 -11.53 94.56
N THR X 375 -40.09 -12.39 95.58
CA THR X 375 -40.12 -13.83 95.33
C THR X 375 -41.36 -14.22 94.55
N ALA X 376 -42.50 -13.60 94.85
CA ALA X 376 -43.72 -13.86 94.09
C ALA X 376 -43.58 -13.39 92.64
N ILE X 377 -42.92 -12.24 92.43
CA ILE X 377 -42.69 -11.76 91.07
C ILE X 377 -41.80 -12.74 90.30
N ARG X 378 -40.74 -13.23 90.94
CA ARG X 378 -39.86 -14.20 90.29
C ARG X 378 -40.60 -15.50 90.00
N ASP X 379 -41.48 -15.94 90.92
CA ASP X 379 -42.28 -17.13 90.67
C ASP X 379 -43.23 -16.92 89.49
N SER X 380 -43.83 -15.74 89.39
CA SER X 380 -44.69 -15.44 88.26
C SER X 380 -43.90 -15.45 86.95
N ARG X 381 -42.67 -14.95 86.98
CA ARG X 381 -41.82 -15.01 85.79
C ARG X 381 -41.50 -16.46 85.43
N ARG X 382 -41.20 -17.29 86.43
CA ARG X 382 -40.87 -18.70 86.19
C ARG X 382 -42.10 -19.51 85.79
N GLU X 383 -43.31 -19.01 86.05
CA GLU X 383 -44.52 -19.77 85.74
C GLU X 383 -44.64 -20.08 84.26
N GLN X 384 -43.97 -19.33 83.39
CA GLN X 384 -43.98 -19.64 81.96
C GLN X 384 -43.38 -21.02 81.70
N TYR X 385 -42.27 -21.35 82.38
CA TYR X 385 -41.60 -22.62 82.16
C TYR X 385 -42.30 -23.76 82.91
N ASP X 386 -42.36 -23.67 84.24
CA ASP X 386 -42.89 -24.74 85.07
C ASP X 386 -44.13 -24.27 85.81
N PRO X 387 -45.34 -24.61 85.34
CA PRO X 387 -46.56 -24.21 86.06
C PRO X 387 -47.06 -25.22 87.08
N VAL X 388 -46.57 -26.46 87.07
CA VAL X 388 -47.06 -27.46 88.01
C VAL X 388 -46.64 -27.12 89.43
N ASN X 389 -45.41 -26.65 89.62
CA ASN X 389 -44.87 -26.40 90.94
C ASN X 389 -44.80 -24.92 91.31
N TYR X 390 -45.22 -24.02 90.42
CA TYR X 390 -45.09 -22.59 90.70
C TYR X 390 -46.31 -21.75 90.35
N SER X 391 -47.38 -22.35 89.82
CA SER X 391 -48.56 -21.57 89.45
C SER X 391 -49.22 -20.96 90.67
N SER X 392 -49.64 -19.71 90.53
CA SER X 392 -50.34 -19.03 91.61
C SER X 392 -51.72 -19.64 91.82
N ILE X 393 -52.16 -19.68 93.08
CA ILE X 393 -53.48 -20.22 93.42
C ILE X 393 -54.34 -19.13 94.04
N ASP Y 165 48.58 -100.51 -37.07
CA ASP Y 165 47.92 -101.81 -37.05
C ASP Y 165 47.65 -102.26 -35.61
N ASP Y 166 48.26 -101.56 -34.66
CA ASP Y 166 48.10 -101.90 -33.25
C ASP Y 166 46.75 -101.41 -32.74
N PRO Y 167 45.90 -102.30 -32.21
CA PRO Y 167 44.66 -101.81 -31.57
C PRO Y 167 44.91 -100.90 -30.38
N LEU Y 168 46.05 -101.07 -29.71
CA LEU Y 168 46.39 -100.16 -28.62
C LEU Y 168 46.56 -98.73 -29.12
N LEU Y 169 47.25 -98.55 -30.25
CA LEU Y 169 47.43 -97.22 -30.80
C LEU Y 169 46.10 -96.62 -31.24
N LYS Y 170 45.23 -97.44 -31.85
CA LYS Y 170 43.91 -96.95 -32.24
C LYS Y 170 43.10 -96.52 -31.02
N GLU Y 171 43.15 -97.30 -29.95
CA GLU Y 171 42.44 -96.94 -28.73
C GLU Y 171 42.99 -95.67 -28.12
N ILE Y 172 44.32 -95.51 -28.15
CA ILE Y 172 44.93 -94.28 -27.65
C ILE Y 172 44.46 -93.08 -28.46
N ALA Y 173 44.47 -93.21 -29.77
CA ALA Y 173 44.04 -92.11 -30.64
C ALA Y 173 42.57 -91.77 -30.39
N SER Y 174 41.73 -92.79 -30.22
CA SER Y 174 40.31 -92.56 -29.95
C SER Y 174 40.12 -91.85 -28.61
N ASN Y 175 40.85 -92.26 -27.58
CA ASN Y 175 40.70 -91.64 -26.27
C ASN Y 175 41.41 -90.29 -26.18
N GLU Y 176 42.46 -90.09 -26.98
CA GLU Y 176 43.20 -88.84 -26.93
C GLU Y 176 42.34 -87.68 -27.41
N ARG Y 177 42.40 -86.57 -26.68
CA ARG Y 177 41.80 -85.31 -27.08
C ARG Y 177 42.80 -84.20 -26.81
N VAL Y 178 42.89 -83.25 -27.75
CA VAL Y 178 43.82 -82.13 -27.63
C VAL Y 178 43.00 -80.88 -27.37
N LEU Y 179 43.41 -80.11 -26.35
CA LEU Y 179 42.61 -78.97 -25.92
C LEU Y 179 42.50 -77.91 -27.00
N ILE Y 180 43.58 -77.62 -27.72
CA ILE Y 180 43.59 -76.58 -28.72
C ILE Y 180 43.99 -77.18 -30.07
N ASP Y 181 43.45 -76.62 -31.14
CA ASP Y 181 43.66 -77.14 -32.47
C ASP Y 181 44.99 -76.64 -33.04
N HIS Y 182 45.40 -77.24 -34.16
CA HIS Y 182 46.64 -76.85 -34.81
C HIS Y 182 46.59 -75.40 -35.29
N ASN Y 183 45.47 -75.01 -35.90
CA ASN Y 183 45.32 -73.62 -36.33
C ASN Y 183 44.99 -72.71 -35.16
N LYS Y 184 44.29 -73.21 -34.16
CA LYS Y 184 43.84 -72.40 -33.03
C LYS Y 184 44.91 -72.26 -31.95
N VAL Y 185 46.08 -72.88 -32.11
CA VAL Y 185 47.10 -72.84 -31.06
C VAL Y 185 47.57 -71.41 -30.81
N LEU Y 186 47.51 -70.55 -31.83
CA LEU Y 186 47.88 -69.15 -31.64
C LEU Y 186 46.81 -68.36 -30.90
N ARG Y 187 45.60 -68.91 -30.79
CA ARG Y 187 44.55 -68.24 -30.02
C ARG Y 187 44.72 -68.47 -28.53
N GLY Y 188 44.79 -69.75 -28.13
CA GLY Y 188 44.95 -70.07 -26.72
C GLY Y 188 43.80 -69.56 -25.90
N LEU Y 189 44.11 -68.93 -24.76
CA LEU Y 189 43.09 -68.38 -23.87
C LEU Y 189 42.58 -67.02 -24.32
N LYS Y 190 43.27 -66.35 -25.24
CA LYS Y 190 42.88 -65.00 -25.65
C LYS Y 190 43.07 -64.90 -27.16
N PRO Y 191 42.01 -65.07 -27.94
CA PRO Y 191 42.11 -64.92 -29.40
C PRO Y 191 41.84 -63.49 -29.83
N LYS Y 192 42.46 -63.11 -30.95
CA LYS Y 192 42.29 -61.80 -31.53
C LYS Y 192 42.10 -61.94 -33.04
N ASP Y 193 41.42 -60.98 -33.63
CA ASP Y 193 41.01 -61.05 -35.02
C ASP Y 193 41.84 -60.08 -35.86
N PHE Y 194 42.33 -60.58 -37.00
CA PHE Y 194 43.03 -59.76 -37.98
C PHE Y 194 42.31 -59.78 -39.32
N SER Y 195 40.97 -59.86 -39.29
CA SER Y 195 40.20 -59.86 -40.53
C SER Y 195 40.38 -58.55 -41.28
N SER Y 196 40.41 -57.42 -40.57
CA SER Y 196 40.72 -56.15 -41.21
C SER Y 196 42.12 -56.16 -41.80
N VAL Y 197 43.07 -56.78 -41.08
CA VAL Y 197 44.44 -56.90 -41.61
C VAL Y 197 44.44 -57.73 -42.88
N ALA Y 198 43.68 -58.82 -42.90
CA ALA Y 198 43.60 -59.66 -44.10
C ALA Y 198 42.98 -58.89 -45.27
N LYS Y 199 41.93 -58.12 -45.00
CA LYS Y 199 41.29 -57.33 -46.06
C LYS Y 199 42.26 -56.28 -46.60
N ASP Y 200 42.99 -55.61 -45.71
CA ASP Y 200 43.97 -54.62 -46.16
C ASP Y 200 45.08 -55.27 -46.97
N CYS Y 201 45.53 -56.45 -46.55
CA CYS Y 201 46.55 -57.16 -47.31
C CYS Y 201 46.04 -57.54 -48.70
N GLU Y 202 44.80 -58.01 -48.79
CA GLU Y 202 44.23 -58.35 -50.09
C GLU Y 202 44.12 -57.11 -50.98
N LEU Y 203 43.68 -55.99 -50.41
CA LEU Y 203 43.51 -54.78 -51.20
C LEU Y 203 44.82 -54.09 -51.53
N ARG Y 204 45.90 -54.39 -50.81
CA ARG Y 204 47.15 -53.65 -50.96
C ARG Y 204 48.35 -54.52 -51.32
N ILE Y 205 48.18 -55.84 -51.43
CA ILE Y 205 49.29 -56.69 -51.85
C ILE Y 205 48.86 -57.50 -53.08
N LEU Y 206 47.78 -58.28 -52.92
CA LEU Y 206 47.26 -59.04 -54.05
C LEU Y 206 46.67 -58.11 -55.11
N LYS Y 207 46.03 -57.03 -54.67
CA LYS Y 207 45.48 -56.02 -55.57
C LYS Y 207 46.41 -54.83 -55.73
N GLU Y 208 47.66 -54.94 -55.28
CA GLU Y 208 48.60 -53.84 -55.38
C GLU Y 208 48.91 -53.52 -56.84
N LYS Y 209 48.97 -52.24 -57.15
CA LYS Y 209 49.29 -51.79 -58.51
C LYS Y 209 50.63 -51.06 -58.54
N LYS Y 236 53.69 -21.42 -51.19
CA LYS Y 236 52.55 -20.56 -51.47
C LYS Y 236 52.01 -19.92 -50.19
N GLU Y 237 52.13 -18.60 -50.11
CA GLU Y 237 51.72 -17.88 -48.92
C GLU Y 237 50.20 -17.79 -48.85
N PRO Y 238 49.60 -17.87 -47.66
CA PRO Y 238 48.15 -17.72 -47.54
C PRO Y 238 47.72 -16.28 -47.79
N ILE Y 239 46.42 -16.11 -48.00
CA ILE Y 239 45.84 -14.83 -48.39
C ILE Y 239 44.85 -14.39 -47.31
N ILE Y 240 44.90 -13.11 -46.96
CA ILE Y 240 43.93 -12.49 -46.06
C ILE Y 240 43.21 -11.41 -46.85
N VAL Y 241 41.89 -11.46 -46.87
CA VAL Y 241 41.08 -10.57 -47.70
C VAL Y 241 40.48 -9.48 -46.82
N LEU Y 242 40.64 -8.23 -47.25
CA LEU Y 242 40.09 -7.07 -46.56
C LEU Y 242 38.99 -6.44 -47.40
N SER Y 243 38.07 -5.78 -46.71
CA SER Y 243 36.97 -5.09 -47.39
C SER Y 243 37.48 -3.76 -47.94
N PRO Y 244 37.28 -3.48 -49.23
CA PRO Y 244 37.68 -2.17 -49.77
C PRO Y 244 36.77 -1.02 -49.34
N ALA Y 245 35.79 -1.27 -48.48
CA ALA Y 245 34.89 -0.22 -48.03
C ALA Y 245 35.65 0.83 -47.22
N ALA Y 246 35.22 2.09 -47.37
CA ALA Y 246 35.88 3.17 -46.66
C ALA Y 246 35.53 3.21 -45.18
N SER Y 247 34.43 2.58 -44.77
CA SER Y 247 34.06 2.55 -43.37
C SER Y 247 34.75 1.44 -42.59
N SER Y 248 35.56 0.61 -43.25
CA SER Y 248 36.25 -0.47 -42.56
C SER Y 248 37.26 0.08 -41.57
N LEU Y 249 37.30 -0.54 -40.38
CA LEU Y 249 38.27 -0.14 -39.38
C LEU Y 249 39.68 -0.64 -39.70
N VAL Y 250 39.78 -1.68 -40.52
CA VAL Y 250 41.07 -2.22 -40.95
C VAL Y 250 41.15 -2.08 -42.47
N ARG Y 251 42.11 -1.28 -42.93
CA ARG Y 251 42.34 -1.07 -44.35
C ARG Y 251 43.82 -1.31 -44.64
N MET Y 252 44.16 -1.28 -45.93
CA MET Y 252 45.54 -1.55 -46.34
C MET Y 252 46.51 -0.55 -45.74
N SER Y 253 46.05 0.67 -45.46
CA SER Y 253 46.93 1.70 -44.91
C SER Y 253 47.44 1.32 -43.52
N ASN Y 254 46.58 0.77 -42.67
CA ASN Y 254 46.92 0.51 -41.28
C ASN Y 254 46.88 -0.97 -40.92
N VAL Y 255 46.77 -1.86 -41.90
CA VAL Y 255 46.69 -3.29 -41.59
C VAL Y 255 48.02 -3.80 -41.06
N LYS Y 256 49.14 -3.30 -41.59
CA LYS Y 256 50.44 -3.80 -41.18
C LYS Y 256 50.73 -3.45 -39.72
N GLU Y 257 50.47 -2.21 -39.32
CA GLU Y 257 50.74 -1.83 -37.94
C GLU Y 257 49.78 -2.51 -36.97
N PHE Y 258 48.59 -2.85 -37.43
CA PHE Y 258 47.60 -3.47 -36.54
C PHE Y 258 47.85 -4.96 -36.37
N LEU Y 259 47.79 -5.72 -37.47
CA LEU Y 259 47.89 -7.17 -37.37
C LEU Y 259 49.29 -7.61 -36.95
N GLN Y 260 50.32 -6.93 -37.43
CA GLN Y 260 51.70 -7.34 -37.16
C GLN Y 260 52.26 -6.67 -35.91
N GLU Y 261 52.31 -5.34 -35.90
CA GLU Y 261 52.90 -4.62 -34.78
C GLU Y 261 52.00 -4.58 -33.55
N GLY Y 262 50.70 -4.80 -33.73
CA GLY Y 262 49.78 -4.79 -32.60
C GLY Y 262 49.29 -3.44 -32.17
N LYS Y 263 49.58 -2.38 -32.93
CA LYS Y 263 49.15 -1.03 -32.59
C LYS Y 263 48.06 -0.60 -33.57
N PHE Y 264 46.94 -0.12 -33.04
CA PHE Y 264 45.80 0.28 -33.85
C PHE Y 264 45.81 1.79 -34.07
N LEU Y 265 45.71 2.19 -35.34
CA LEU Y 265 45.63 3.59 -35.72
C LEU Y 265 44.33 3.81 -36.48
N ASP Y 266 43.77 5.00 -36.36
CA ASP Y 266 42.50 5.29 -37.02
C ASP Y 266 42.74 5.38 -38.52
N PRO Y 267 42.09 4.53 -39.32
CA PRO Y 267 42.38 4.54 -40.77
C PRO Y 267 41.85 5.76 -41.49
N SER Y 268 40.88 6.48 -40.91
CA SER Y 268 40.37 7.68 -41.56
C SER Y 268 41.44 8.77 -41.65
N LYS Y 269 42.28 8.89 -40.62
CA LYS Y 269 43.35 9.88 -40.64
C LYS Y 269 44.55 9.43 -41.45
N GLU Y 270 44.78 8.12 -41.57
CA GLU Y 270 45.89 7.62 -42.34
C GLU Y 270 45.68 7.90 -43.83
N PRO Y 271 46.73 8.22 -44.57
CA PRO Y 271 46.59 8.41 -46.02
C PRO Y 271 46.27 7.09 -46.72
N ALA Y 272 45.53 7.20 -47.82
CA ALA Y 272 45.15 6.01 -48.58
C ALA Y 272 46.38 5.36 -49.21
N SER Y 273 46.37 4.03 -49.25
CA SER Y 273 47.48 3.26 -49.80
C SER Y 273 47.20 2.90 -51.24
N SER Y 274 48.17 3.18 -52.12
CA SER Y 274 48.01 2.90 -53.54
C SER Y 274 48.13 1.43 -53.88
N SER Y 275 48.89 0.66 -53.10
CA SER Y 275 49.13 -0.75 -53.39
C SER Y 275 48.04 -1.60 -52.74
N ASN Y 276 47.45 -2.51 -53.50
CA ASN Y 276 46.42 -3.40 -53.01
C ASN Y 276 46.97 -4.72 -52.50
N LEU Y 277 48.29 -4.90 -52.52
CA LEU Y 277 48.92 -6.11 -52.02
C LEU Y 277 49.96 -5.74 -50.96
N LEU Y 278 49.95 -6.47 -49.85
CA LEU Y 278 50.88 -6.24 -48.76
C LEU Y 278 51.27 -7.58 -48.14
N ALA Y 279 52.45 -7.61 -47.54
CA ALA Y 279 52.97 -8.81 -46.89
C ALA Y 279 53.27 -8.51 -45.44
N ILE Y 280 52.88 -9.42 -44.55
CA ILE Y 280 53.08 -9.26 -43.12
C ILE Y 280 53.73 -10.52 -42.56
N GLN Y 281 54.34 -10.37 -41.38
CA GLN Y 281 55.02 -11.45 -40.69
C GLN Y 281 54.35 -11.70 -39.35
N ARG Y 282 54.06 -12.96 -39.05
CA ARG Y 282 53.41 -13.36 -37.82
C ARG Y 282 54.35 -14.25 -37.00
N LYS Y 283 54.56 -13.88 -35.75
CA LYS Y 283 55.37 -14.66 -34.82
C LYS Y 283 54.43 -15.35 -33.84
N SER Y 284 54.53 -16.67 -33.75
CA SER Y 284 53.64 -17.45 -32.92
C SER Y 284 54.43 -18.50 -32.14
N SER Y 285 53.91 -18.87 -30.97
CA SER Y 285 54.50 -19.96 -30.22
C SER Y 285 54.20 -21.32 -30.84
N ARG Y 286 53.14 -21.39 -31.65
CA ARG Y 286 52.79 -22.65 -32.32
C ARG Y 286 53.79 -23.02 -33.42
N PHE Y 287 54.53 -22.06 -33.94
CA PHE Y 287 55.44 -22.27 -35.06
C PHE Y 287 56.84 -21.83 -34.69
N LYS Y 288 57.84 -22.61 -35.12
CA LYS Y 288 59.23 -22.26 -34.86
C LYS Y 288 59.62 -20.97 -35.57
N THR Y 289 59.17 -20.80 -36.82
CA THR Y 289 59.58 -19.68 -37.63
C THR Y 289 58.40 -18.74 -37.91
N PRO Y 290 58.66 -17.45 -38.09
CA PRO Y 290 57.58 -16.52 -38.48
C PRO Y 290 56.98 -16.90 -39.83
N ILE Y 291 55.68 -16.66 -39.95
CA ILE Y 291 54.91 -16.99 -41.14
C ILE Y 291 54.71 -15.73 -41.96
N LYS Y 292 54.96 -15.83 -43.27
CA LYS Y 292 54.74 -14.73 -44.19
C LYS Y 292 53.36 -14.89 -44.84
N LEU Y 293 52.55 -13.84 -44.77
CA LEU Y 293 51.20 -13.87 -45.31
C LEU Y 293 51.00 -12.68 -46.24
N LEU Y 294 50.12 -12.87 -47.22
CA LEU Y 294 49.80 -11.83 -48.20
C LEU Y 294 48.42 -11.27 -47.90
N VAL Y 295 48.32 -9.94 -47.85
CA VAL Y 295 47.06 -9.26 -47.58
C VAL Y 295 46.60 -8.62 -48.88
N VAL Y 296 45.37 -8.94 -49.29
CA VAL Y 296 44.83 -8.48 -50.56
C VAL Y 296 43.51 -7.77 -50.28
N ASP Y 297 43.36 -6.56 -50.84
CA ASP Y 297 42.13 -5.79 -50.66
C ASP Y 297 41.07 -6.13 -51.71
N ASN Y 298 41.48 -6.21 -52.98
CA ASN Y 298 40.56 -6.50 -54.08
C ASN Y 298 40.99 -7.79 -54.76
N VAL Y 299 40.04 -8.74 -54.87
CA VAL Y 299 40.34 -10.04 -55.48
C VAL Y 299 40.05 -10.07 -56.97
N GLU Y 300 39.51 -8.99 -57.54
CA GLU Y 300 39.19 -9.01 -58.97
C GLU Y 300 40.43 -9.19 -59.82
N LYS Y 301 41.52 -8.50 -59.47
CA LYS Y 301 42.74 -8.53 -60.27
C LYS Y 301 43.77 -9.53 -59.74
N LEU Y 302 43.52 -10.18 -58.61
CA LEU Y 302 44.46 -11.12 -58.04
C LEU Y 302 43.93 -12.54 -57.86
N PHE Y 303 42.66 -12.79 -58.20
CA PHE Y 303 42.07 -14.12 -58.06
C PHE Y 303 41.57 -14.64 -59.40
N THR Y 304 42.42 -14.53 -60.43
CA THR Y 304 42.08 -15.10 -61.73
C THR Y 304 42.01 -16.62 -61.67
N LYS Y 305 42.82 -17.25 -60.82
CA LYS Y 305 42.85 -18.69 -60.69
C LYS Y 305 42.02 -19.13 -59.48
N SER Y 306 41.40 -20.30 -59.60
CA SER Y 306 40.61 -20.83 -58.50
C SER Y 306 41.48 -21.37 -57.37
N GLU Y 307 42.70 -21.78 -57.68
CA GLU Y 307 43.59 -22.33 -56.66
C GLU Y 307 44.00 -21.29 -55.63
N TYR Y 308 43.88 -20.01 -55.95
CA TYR Y 308 44.18 -18.97 -54.96
C TYR Y 308 43.21 -19.03 -53.79
N TRP Y 309 41.95 -19.38 -54.07
CA TRP Y 309 40.95 -19.49 -53.00
C TRP Y 309 41.30 -20.54 -51.98
N ASP Y 310 42.13 -21.52 -52.34
CA ASP Y 310 42.58 -22.51 -51.37
C ASP Y 310 43.52 -21.90 -50.33
N ARG Y 311 44.12 -20.75 -50.63
CA ARG Y 311 45.05 -20.10 -49.73
C ARG Y 311 44.38 -19.10 -48.79
N VAL Y 312 43.09 -18.83 -48.97
CA VAL Y 312 42.41 -17.83 -48.15
C VAL Y 312 42.23 -18.39 -46.73
N VAL Y 313 42.68 -17.62 -45.74
CA VAL Y 313 42.58 -18.04 -44.35
C VAL Y 313 41.73 -17.10 -43.51
N ALA Y 314 41.39 -15.91 -44.00
CA ALA Y 314 40.55 -14.99 -43.24
C ALA Y 314 39.91 -14.00 -44.20
N ILE Y 315 38.68 -13.59 -43.87
CA ILE Y 315 37.95 -12.60 -44.66
C ILE Y 315 37.41 -11.55 -43.70
N VAL Y 316 37.67 -10.28 -44.02
CA VAL Y 316 37.20 -9.15 -43.23
C VAL Y 316 36.11 -8.44 -44.02
N THR Y 317 34.94 -8.29 -43.42
CA THR Y 317 33.79 -7.69 -44.07
C THR Y 317 33.22 -6.57 -43.21
N THR Y 318 32.54 -5.64 -43.88
CA THR Y 318 31.89 -4.52 -43.21
C THR Y 318 30.38 -4.72 -43.08
N GLY Y 319 29.89 -5.94 -43.28
CA GLY Y 319 28.46 -6.18 -43.25
C GLY Y 319 27.72 -5.76 -44.50
N LYS Y 320 28.43 -5.59 -45.60
CA LYS Y 320 27.84 -5.14 -46.86
C LYS Y 320 27.74 -6.30 -47.83
N ASP Y 321 26.58 -6.43 -48.48
CA ASP Y 321 26.36 -7.53 -49.41
C ASP Y 321 27.21 -7.37 -50.67
N TRP Y 322 27.41 -6.13 -51.12
CA TRP Y 322 28.04 -5.90 -52.42
C TRP Y 322 29.52 -6.28 -52.45
N GLN Y 323 30.12 -6.61 -51.31
CA GLN Y 323 31.50 -7.09 -51.32
C GLN Y 323 31.64 -8.39 -52.09
N PHE Y 324 30.56 -9.16 -52.21
CA PHE Y 324 30.63 -10.55 -52.64
C PHE Y 324 30.10 -10.76 -54.06
N LYS Y 325 30.07 -9.70 -54.87
CA LYS Y 325 29.58 -9.85 -56.24
C LYS Y 325 30.49 -10.76 -57.07
N ASN Y 326 31.80 -10.61 -56.92
CA ASN Y 326 32.77 -11.35 -57.71
C ASN Y 326 33.45 -12.47 -56.94
N TYR Y 327 32.98 -12.78 -55.74
CA TYR Y 327 33.65 -13.76 -54.91
C TYR Y 327 33.32 -15.18 -55.38
N LYS Y 328 34.02 -16.16 -54.80
CA LYS Y 328 33.81 -17.55 -55.17
C LYS Y 328 32.38 -17.99 -54.87
N TYR Y 329 31.86 -17.64 -53.70
CA TYR Y 329 30.48 -17.91 -53.31
C TYR Y 329 29.78 -16.58 -53.15
N LYS Y 330 29.00 -16.20 -54.15
CA LYS Y 330 28.36 -14.90 -54.16
C LYS Y 330 27.34 -14.74 -53.03
N ASP Y 331 26.91 -15.83 -52.43
CA ASP Y 331 26.07 -15.76 -51.24
C ASP Y 331 26.94 -15.66 -49.99
N PRO Y 332 26.69 -14.70 -49.10
CA PRO Y 332 27.56 -14.56 -47.92
C PRO Y 332 27.59 -15.77 -47.02
N GLN Y 333 26.46 -16.47 -46.87
CA GLN Y 333 26.36 -17.56 -45.90
C GLN Y 333 27.39 -18.65 -46.20
N ILE Y 334 27.33 -19.22 -47.41
CA ILE Y 334 28.21 -20.33 -47.79
C ILE Y 334 29.67 -19.90 -47.71
N LEU Y 335 29.97 -18.66 -48.10
CA LEU Y 335 31.32 -18.14 -47.96
C LEU Y 335 31.75 -18.16 -46.51
N PHE Y 336 30.85 -17.79 -45.59
CA PHE Y 336 31.23 -17.73 -44.20
C PHE Y 336 31.24 -19.08 -43.49
N GLN Y 337 30.55 -20.11 -44.00
CA GLN Y 337 30.86 -21.43 -43.47
C GLN Y 337 32.15 -22.01 -44.06
N LYS Y 338 32.50 -21.64 -45.29
CA LYS Y 338 33.70 -22.18 -45.91
C LYS Y 338 34.93 -21.33 -45.66
N PHE Y 339 34.80 -20.16 -45.04
CA PHE Y 339 35.95 -19.32 -44.75
C PHE Y 339 35.73 -18.60 -43.42
N ASN Y 340 36.84 -18.17 -42.81
CA ASN Y 340 36.77 -17.46 -41.54
C ASN Y 340 36.44 -16.00 -41.81
N GLY Y 341 35.35 -15.52 -41.23
CA GLY Y 341 34.90 -14.15 -41.38
C GLY Y 341 35.09 -13.38 -40.09
N PHE Y 342 35.68 -12.19 -40.20
CA PHE Y 342 35.92 -11.33 -39.04
C PHE Y 342 35.30 -9.96 -39.29
N TYR Y 343 34.68 -9.40 -38.26
CA TYR Y 343 34.11 -8.06 -38.32
C TYR Y 343 34.67 -7.26 -37.16
N PHE Y 344 35.27 -6.12 -37.47
CA PHE Y 344 35.89 -5.25 -36.48
C PHE Y 344 34.97 -4.07 -36.18
N LYS Y 345 34.64 -3.88 -34.91
CA LYS Y 345 33.81 -2.77 -34.49
C LYS Y 345 34.39 -2.15 -33.23
N TYR Y 346 34.11 -0.87 -33.03
CA TYR Y 346 34.51 -0.20 -31.80
C TYR Y 346 33.69 -0.72 -30.64
N LYS Y 347 34.31 -0.76 -29.46
CA LYS Y 347 33.62 -1.26 -28.28
C LYS Y 347 32.44 -0.36 -27.92
N GLY Y 348 31.28 -0.97 -27.74
CA GLY Y 348 30.06 -0.25 -27.42
C GLY Y 348 29.15 0.01 -28.60
N ASP Y 349 29.66 -0.09 -29.83
CA ASP Y 349 28.83 0.11 -31.00
C ASP Y 349 27.95 -1.10 -31.27
N ALA Y 350 26.80 -0.85 -31.88
CA ALA Y 350 25.85 -1.91 -32.18
C ALA Y 350 26.25 -2.65 -33.45
N VAL Y 351 26.08 -3.96 -33.44
CA VAL Y 351 26.45 -4.80 -34.59
C VAL Y 351 25.41 -4.61 -35.69
N PRO Y 352 25.81 -4.53 -36.96
CA PRO Y 352 24.83 -4.50 -38.04
C PRO Y 352 24.02 -5.78 -38.10
N ALA Y 353 22.79 -5.66 -38.64
CA ALA Y 353 21.88 -6.79 -38.66
C ALA Y 353 22.41 -7.94 -39.51
N SER Y 354 22.98 -7.63 -40.68
CA SER Y 354 23.48 -8.68 -41.56
C SER Y 354 24.63 -9.44 -40.90
N VAL Y 355 25.46 -8.74 -40.13
CA VAL Y 355 26.57 -9.39 -39.45
C VAL Y 355 26.05 -10.40 -38.44
N LYS Y 356 25.01 -10.05 -37.68
CA LYS Y 356 24.46 -10.97 -36.70
C LYS Y 356 23.84 -12.19 -37.38
N SER Y 357 23.41 -12.05 -38.63
CA SER Y 357 22.82 -13.15 -39.38
C SER Y 357 23.86 -14.00 -40.10
N TRP Y 358 25.14 -13.70 -39.92
CA TRP Y 358 26.21 -14.45 -40.57
C TRP Y 358 27.07 -15.13 -39.51
N ASN Y 359 27.85 -16.12 -39.96
CA ASN Y 359 28.75 -16.85 -39.08
C ASN Y 359 30.13 -16.20 -39.15
N VAL Y 360 30.27 -15.10 -38.43
CA VAL Y 360 31.53 -14.36 -38.36
C VAL Y 360 31.84 -14.03 -36.91
N LYS Y 361 33.13 -13.88 -36.61
CA LYS Y 361 33.56 -13.47 -35.29
C LYS Y 361 33.47 -11.96 -35.15
N VAL Y 362 33.26 -11.50 -33.92
CA VAL Y 362 33.15 -10.09 -33.60
C VAL Y 362 34.33 -9.70 -32.72
N LEU Y 363 35.11 -8.73 -33.18
CA LEU Y 363 36.29 -8.27 -32.47
C LEU Y 363 36.13 -6.78 -32.15
N ASP Y 364 36.30 -6.43 -30.88
CA ASP Y 364 36.04 -5.08 -30.40
C ASP Y 364 37.35 -4.36 -30.12
N ILE Y 365 37.47 -3.14 -30.64
CA ILE Y 365 38.62 -2.28 -30.39
C ILE Y 365 38.16 -1.08 -29.60
N ASP Y 366 38.82 -0.83 -28.47
CA ASP Y 366 38.46 0.31 -27.64
C ASP Y 366 38.87 1.62 -28.30
N ARG Y 367 38.06 2.65 -28.10
CA ARG Y 367 38.34 3.95 -28.71
C ARG Y 367 39.47 4.68 -28.01
N VAL Y 368 39.65 4.47 -26.70
CA VAL Y 368 40.60 5.24 -25.89
C VAL Y 368 41.80 4.39 -25.50
N GLU Y 369 41.58 3.32 -24.74
CA GLU Y 369 42.68 2.50 -24.25
C GLU Y 369 43.30 1.70 -25.40
N ARG Y 370 44.62 1.72 -25.50
CA ARG Y 370 45.33 1.11 -26.61
C ARG Y 370 46.08 -0.15 -26.23
N PHE Y 371 46.03 -0.58 -24.97
CA PHE Y 371 46.72 -1.79 -24.58
C PHE Y 371 45.97 -3.06 -25.00
N SER Y 372 44.67 -2.97 -25.27
CA SER Y 372 43.88 -4.13 -25.65
C SER Y 372 44.01 -4.48 -27.12
N ASP Y 373 44.69 -3.65 -27.91
CA ASP Y 373 44.89 -3.94 -29.32
C ASP Y 373 45.67 -5.23 -29.50
N ARG Y 374 46.70 -5.44 -28.68
CA ARG Y 374 47.47 -6.67 -28.75
C ARG Y 374 46.60 -7.88 -28.42
N GLN Y 375 45.71 -7.73 -27.44
CA GLN Y 375 44.82 -8.84 -27.08
C GLN Y 375 43.88 -9.19 -28.23
N VAL Y 376 43.30 -8.18 -28.88
CA VAL Y 376 42.39 -8.43 -30.00
C VAL Y 376 43.14 -9.09 -31.15
N VAL Y 377 44.35 -8.59 -31.44
CA VAL Y 377 45.17 -9.16 -32.49
C VAL Y 377 45.52 -10.61 -32.15
N GLU Y 378 45.75 -10.89 -30.87
CA GLU Y 378 46.06 -12.25 -30.45
C GLU Y 378 44.87 -13.18 -30.66
N GLN Y 379 43.66 -12.70 -30.39
CA GLN Y 379 42.47 -13.51 -30.66
C GLN Y 379 42.34 -13.81 -32.16
N PHE Y 380 42.49 -12.78 -32.99
CA PHE Y 380 42.42 -12.96 -34.43
C PHE Y 380 43.45 -13.98 -34.90
N TRP Y 381 44.69 -13.86 -34.41
CA TRP Y 381 45.74 -14.77 -34.83
C TRP Y 381 45.53 -16.16 -34.26
N ASP Y 382 44.88 -16.28 -33.10
CA ASP Y 382 44.55 -17.59 -32.58
C ASP Y 382 43.62 -18.33 -33.54
N THR Y 383 42.58 -17.63 -34.01
CA THR Y 383 41.68 -18.26 -34.97
C THR Y 383 42.41 -18.60 -36.27
N VAL Y 384 43.23 -17.66 -36.76
CA VAL Y 384 43.93 -17.87 -38.03
C VAL Y 384 44.92 -19.03 -37.91
N GLU Y 385 45.62 -19.12 -36.79
CA GLU Y 385 46.60 -20.19 -36.58
C GLU Y 385 45.91 -21.54 -36.42
N ASN Y 386 44.74 -21.55 -35.78
CA ASN Y 386 43.96 -22.79 -35.73
C ASN Y 386 43.61 -23.26 -37.13
N THR Y 387 43.16 -22.34 -37.98
CA THR Y 387 42.86 -22.71 -39.36
C THR Y 387 44.11 -23.19 -40.10
N LEU Y 388 45.24 -22.51 -39.89
CA LEU Y 388 46.48 -22.90 -40.58
C LEU Y 388 46.95 -24.28 -40.15
N VAL Y 389 46.87 -24.59 -38.86
CA VAL Y 389 47.27 -25.91 -38.38
C VAL Y 389 46.31 -26.98 -38.89
N ALA Y 390 45.00 -26.67 -38.92
CA ALA Y 390 44.04 -27.62 -39.45
C ALA Y 390 44.29 -27.91 -40.93
N LYS Y 391 44.83 -26.95 -41.67
CA LYS Y 391 45.14 -27.14 -43.08
C LYS Y 391 46.46 -27.85 -43.31
N ARG Y 392 47.22 -28.11 -42.26
CA ARG Y 392 48.53 -28.77 -42.37
C ARG Y 392 49.46 -28.00 -43.30
N TYR Y 393 49.46 -26.68 -43.18
CA TYR Y 393 50.33 -25.84 -44.00
C TYR Y 393 51.79 -26.05 -43.62
N LYS Y 394 52.66 -25.99 -44.62
CA LYS Y 394 54.09 -26.20 -44.43
C LYS Y 394 54.80 -24.86 -44.49
N SER Y 395 55.67 -24.62 -43.51
CA SER Y 395 56.43 -23.36 -43.45
C SER Y 395 57.90 -23.63 -43.15
ZN ZN Z . -9.80 33.40 -5.96
ZN ZN AA . 13.03 49.23 34.53
MG MG BA . 4.57 -15.11 1.60
ZN ZN CA . 4.08 41.22 -1.80
ZN ZN DA . -25.30 -24.94 -39.29
ZN ZN EA . 8.21 -43.03 61.02
ZN ZN FA . 2.58 1.85 79.03
ZN ZN GA . -11.29 -41.28 -11.36
ZN ZN HA . -48.79 -14.20 1.58
ZN ZN IA . -8.73 38.08 59.44
ZN ZN JA . -46.07 53.34 43.01
#